data_8SVM
#
_entry.id   8SVM
#
_cell.length_a   174.204
_cell.length_b   177.926
_cell.length_c   229.762
_cell.angle_alpha   90.00
_cell.angle_beta   90.00
_cell.angle_gamma   90.00
#
_symmetry.space_group_name_H-M   'P 21 21 21'
#
loop_
_entity.id
_entity.type
_entity.pdbx_description
1 polymer 'Leucine aminopeptidase'
2 non-polymer 'CARBONATE ION'
3 non-polymer 'ZINC ION'
4 non-polymer "N-[(1R)-2-(hydroxyamino)-2-oxo-1-(3',4',5'-trifluoro[1,1'-biphenyl]-4-yl)ethyl]-3,3-dimethylbutanamide"
5 non-polymer 'PENTAETHYLENE GLYCOL'
6 non-polymer 'SULFATE ION'
7 water water
#
_entity_poly.entity_id   1
_entity_poly.type   'polypeptide(L)'
_entity_poly.pdbx_seq_one_letter_code
;MASEVPQVVSLDPTSIPIEYNTPIHDIKVQVYDIKGGCNVEEGLTIFLVNNPGKENGPVKISSKVNDKQVSEFLKDENME
KFNVKLGTSKHFYMFNDNKNSVAVGYVGCGSVADLSEADMKRVVLSLVTMLHDNKLSKLTVVFEINVDKNLFRFFLETLF
YEYMTDERFKSTDKNVNMEYIKHLGVYINNADTYKEEVEKARVYYFGTYYASQLIAAPSNYCNPVSLSNAAVELAQKLNL
EYKILGVKELEELKMGAYLSVGKGSMYPNKFIHLTYKSKGDVKKKIALVGKGITFDSGGYNLKAAPGSMIDLMKFDMSGC
AAVLGCAYCVGTLKPENVEIHFLSAVCENMVSKNSYRPGDIITASNGKTIEVGNTDAEGRLTLADALVYAEKLGVDYIVD
IATLTGAMLYSLGTSYAGVFGNNEELINKILQSSKTSNEPVWWLPIINEYRATLNSKYADINQISSSVKASSIVASLFLK
EFVQNTAWAHIDIAGVSWNFKARKPKGFGVRLLTEFVLNDALHHHHHH
;
_entity_poly.pdbx_strand_id   A,B,C,D,E,F,G,H,I,J,K,L
#
loop_
_chem_comp.id
_chem_comp.type
_chem_comp.name
_chem_comp.formula
1PE non-polymer 'PENTAETHYLENE GLYCOL' 'C10 H22 O6'
CO3 non-polymer 'CARBONATE ION' 'C O3 -2'
SO4 non-polymer 'SULFATE ION' 'O4 S -2'
WRC non-polymer N-[(1R)-2-(hydroxyamino)-2-oxo-1-(3',4',5'-trifluoro[1,1'-biphenyl]-4-yl)ethyl]-3,3-dimethylbutanamide 'C20 H21 F3 N2 O3'
ZN non-polymer 'ZINC ION' 'Zn 2'
#
# COMPACT_ATOMS: atom_id res chain seq x y z
N ALA A 2 -44.65 -60.18 6.06
CA ALA A 2 -44.83 -58.74 5.94
C ALA A 2 -43.59 -57.99 6.46
N SER A 3 -42.93 -57.28 5.55
CA SER A 3 -41.73 -56.53 5.91
C SER A 3 -41.98 -55.03 5.86
N GLU A 4 -41.23 -54.29 6.67
CA GLU A 4 -41.34 -52.83 6.71
C GLU A 4 -40.73 -52.21 5.46
N VAL A 5 -41.42 -51.24 4.90
CA VAL A 5 -40.94 -50.53 3.71
C VAL A 5 -40.01 -49.39 4.10
N PRO A 6 -38.78 -49.38 3.55
CA PRO A 6 -37.84 -48.29 3.85
C PRO A 6 -38.29 -46.96 3.28
N GLN A 7 -38.02 -45.89 4.02
CA GLN A 7 -38.36 -44.54 3.58
C GLN A 7 -37.14 -43.63 3.58
N VAL A 8 -37.12 -42.67 2.66
CA VAL A 8 -36.11 -41.62 2.71
C VAL A 8 -36.63 -40.49 3.58
N VAL A 9 -37.88 -40.10 3.34
CA VAL A 9 -38.59 -39.15 4.18
C VAL A 9 -39.87 -39.78 4.70
N SER A 10 -40.45 -39.19 5.75
CA SER A 10 -41.64 -39.75 6.39
C SER A 10 -42.88 -39.64 5.50
N LEU A 11 -42.76 -38.87 4.42
CA LEU A 11 -43.87 -38.69 3.50
C LEU A 11 -43.88 -39.77 2.41
N ASP A 12 -42.83 -40.60 2.40
CA ASP A 12 -42.76 -41.73 1.48
C ASP A 12 -43.79 -42.78 1.88
N PRO A 13 -44.65 -43.18 0.91
CA PRO A 13 -45.68 -44.19 1.15
C PRO A 13 -45.09 -45.55 1.51
N THR A 14 -45.75 -46.26 2.43
CA THR A 14 -45.24 -47.54 2.90
C THR A 14 -46.13 -48.71 2.47
N SER A 15 -47.05 -48.45 1.54
CA SER A 15 -47.89 -49.50 1.00
C SER A 15 -48.63 -49.07 -0.27
N ILE A 16 -49.05 -50.06 -1.06
CA ILE A 16 -49.89 -49.82 -2.22
C ILE A 16 -51.35 -49.78 -1.80
N PRO A 17 -52.05 -48.68 -2.09
CA PRO A 17 -53.50 -48.67 -1.86
C PRO A 17 -54.20 -49.60 -2.84
N ILE A 18 -54.99 -50.54 -2.32
CA ILE A 18 -55.71 -51.48 -3.16
C ILE A 18 -57.21 -51.38 -2.90
N GLU A 19 -57.99 -51.31 -3.97
CA GLU A 19 -59.44 -51.30 -3.85
C GLU A 19 -59.98 -52.68 -4.21
N TYR A 20 -60.42 -53.42 -3.20
CA TYR A 20 -60.97 -54.76 -3.41
C TYR A 20 -62.47 -54.69 -3.69
N ASN A 21 -63.19 -53.97 -2.84
CA ASN A 21 -64.64 -53.84 -2.96
C ASN A 21 -65.04 -52.74 -3.94
N THR A 22 -64.86 -52.99 -5.22
CA THR A 22 -65.20 -52.03 -6.26
C THR A 22 -66.71 -51.94 -6.46
N PRO A 23 -67.19 -50.80 -6.97
CA PRO A 23 -68.62 -50.61 -7.28
C PRO A 23 -69.17 -51.70 -8.19
N ILE A 24 -68.33 -52.27 -9.04
CA ILE A 24 -68.73 -53.36 -9.93
C ILE A 24 -69.28 -54.54 -9.14
N HIS A 25 -68.70 -54.80 -7.98
CA HIS A 25 -69.13 -55.92 -7.14
C HIS A 25 -70.48 -55.68 -6.47
N ASP A 26 -70.94 -54.43 -6.52
CA ASP A 26 -72.25 -54.09 -5.97
C ASP A 26 -73.35 -54.23 -7.01
N ILE A 27 -72.95 -54.31 -8.27
CA ILE A 27 -73.90 -54.41 -9.38
C ILE A 27 -74.58 -55.78 -9.43
N LYS A 28 -75.90 -55.79 -9.26
CA LYS A 28 -76.68 -57.01 -9.43
C LYS A 28 -76.95 -57.28 -10.90
N VAL A 29 -76.55 -58.47 -11.36
CA VAL A 29 -76.71 -58.81 -12.77
C VAL A 29 -77.82 -59.84 -12.97
N GLN A 30 -78.77 -59.50 -13.84
CA GLN A 30 -79.86 -60.40 -14.19
C GLN A 30 -79.81 -60.73 -15.68
N VAL A 31 -79.96 -62.02 -16.00
CA VAL A 31 -79.94 -62.46 -17.39
C VAL A 31 -81.29 -63.04 -17.79
N TYR A 32 -81.95 -62.37 -18.73
CA TYR A 32 -83.26 -62.81 -19.20
C TYR A 32 -83.19 -63.42 -20.59
N ASP A 33 -84.04 -64.40 -20.86
CA ASP A 33 -84.15 -64.96 -22.20
C ASP A 33 -84.98 -64.03 -23.06
N ILE A 34 -84.44 -63.65 -24.21
CA ILE A 34 -85.04 -62.63 -25.06
C ILE A 34 -86.38 -63.07 -25.64
N LYS A 35 -86.66 -64.38 -25.61
CA LYS A 35 -87.91 -64.92 -26.13
C LYS A 35 -89.12 -64.40 -25.35
N GLY A 36 -88.91 -64.10 -24.07
CA GLY A 36 -89.98 -63.64 -23.21
C GLY A 36 -90.28 -62.17 -23.36
N GLY A 37 -89.59 -61.51 -24.27
CA GLY A 37 -89.79 -60.09 -24.50
C GLY A 37 -88.99 -59.23 -23.55
N CYS A 38 -88.79 -57.97 -23.92
CA CYS A 38 -88.00 -57.05 -23.10
C CYS A 38 -88.89 -56.09 -22.32
N ASN A 39 -88.66 -56.00 -21.01
CA ASN A 39 -89.29 -54.98 -20.19
C ASN A 39 -88.45 -53.72 -20.21
N VAL A 40 -89.07 -52.59 -20.53
CA VAL A 40 -88.36 -51.32 -20.60
C VAL A 40 -88.83 -50.38 -19.50
N GLU A 41 -88.15 -50.41 -18.37
CA GLU A 41 -88.53 -49.58 -17.22
C GLU A 41 -87.46 -48.52 -16.92
N GLU A 42 -87.10 -48.40 -15.65
CA GLU A 42 -86.16 -47.37 -15.22
C GLU A 42 -84.75 -47.62 -15.76
N GLY A 43 -83.94 -46.58 -15.76
CA GLY A 43 -82.56 -46.68 -16.20
C GLY A 43 -82.40 -46.44 -17.70
N LEU A 44 -81.51 -47.21 -18.31
CA LEU A 44 -81.24 -47.07 -19.74
C LEU A 44 -81.23 -48.43 -20.43
N THR A 45 -82.03 -48.56 -21.49
CA THR A 45 -82.11 -49.82 -22.23
C THR A 45 -81.44 -49.68 -23.58
N ILE A 46 -80.31 -50.38 -23.75
CA ILE A 46 -79.56 -50.31 -24.99
C ILE A 46 -79.66 -51.61 -25.78
N PHE A 47 -79.99 -51.49 -27.06
CA PHE A 47 -80.05 -52.63 -27.96
C PHE A 47 -78.75 -52.73 -28.76
N LEU A 48 -78.15 -53.91 -28.77
CA LEU A 48 -76.98 -54.15 -29.60
C LEU A 48 -77.39 -54.70 -30.95
N VAL A 49 -77.38 -53.85 -31.98
CA VAL A 49 -77.85 -54.25 -33.29
C VAL A 49 -76.76 -54.21 -34.36
N ASN A 50 -76.93 -55.05 -35.37
CA ASN A 50 -76.06 -55.03 -36.55
C ASN A 50 -76.90 -55.27 -37.80
N ASN A 51 -76.27 -55.19 -38.96
CA ASN A 51 -76.96 -55.45 -40.21
C ASN A 51 -76.03 -56.14 -41.19
N PRO A 52 -75.97 -57.48 -41.13
CA PRO A 52 -75.04 -58.30 -41.91
C PRO A 52 -75.07 -58.00 -43.41
N GLY A 53 -73.90 -57.78 -43.99
CA GLY A 53 -73.78 -57.52 -45.41
C GLY A 53 -73.95 -56.06 -45.79
N LYS A 54 -74.96 -55.41 -45.23
CA LYS A 54 -75.26 -54.02 -45.53
C LYS A 54 -74.43 -53.07 -44.68
N GLU A 55 -73.26 -52.69 -45.19
CA GLU A 55 -72.37 -51.77 -44.49
C GLU A 55 -73.08 -50.45 -44.17
N ASN A 56 -73.12 -50.11 -42.89
CA ASN A 56 -73.83 -48.93 -42.40
C ASN A 56 -75.31 -48.95 -42.79
N GLY A 57 -75.90 -50.14 -42.76
CA GLY A 57 -77.31 -50.31 -43.07
C GLY A 57 -78.19 -49.81 -41.93
N PRO A 58 -79.52 -49.79 -42.16
CA PRO A 58 -80.48 -49.25 -41.19
C PRO A 58 -80.63 -50.10 -39.93
N VAL A 59 -81.11 -49.48 -38.86
CA VAL A 59 -81.34 -50.17 -37.60
C VAL A 59 -82.72 -50.82 -37.59
N LYS A 60 -82.77 -52.08 -37.18
CA LYS A 60 -84.04 -52.79 -37.03
C LYS A 60 -84.07 -53.60 -35.74
N ILE A 61 -84.96 -53.22 -34.83
CA ILE A 61 -85.13 -53.97 -33.59
C ILE A 61 -85.99 -55.20 -33.85
N SER A 62 -85.48 -56.36 -33.44
CA SER A 62 -86.14 -57.63 -33.75
C SER A 62 -86.81 -58.27 -32.54
N SER A 63 -86.39 -57.85 -31.35
CA SER A 63 -86.90 -58.45 -30.11
C SER A 63 -88.32 -58.00 -29.82
N LYS A 64 -89.08 -58.86 -29.13
CA LYS A 64 -90.38 -58.45 -28.63
C LYS A 64 -90.16 -57.49 -27.47
N VAL A 65 -90.87 -56.36 -27.50
CA VAL A 65 -90.80 -55.39 -26.42
C VAL A 65 -92.15 -55.32 -25.73
N ASN A 66 -92.20 -55.81 -24.50
CA ASN A 66 -93.45 -55.91 -23.75
C ASN A 66 -94.02 -54.56 -23.32
N ASP A 67 -94.16 -53.66 -24.28
CA ASP A 67 -94.72 -52.33 -24.04
C ASP A 67 -95.23 -51.75 -25.34
N LYS A 68 -96.52 -51.43 -25.38
CA LYS A 68 -97.17 -50.94 -26.60
C LYS A 68 -96.55 -49.64 -27.11
N GLN A 69 -96.24 -48.74 -26.18
CA GLN A 69 -95.66 -47.45 -26.53
C GLN A 69 -94.26 -47.60 -27.11
N VAL A 70 -93.40 -48.33 -26.39
CA VAL A 70 -92.02 -48.49 -26.79
C VAL A 70 -91.90 -49.25 -28.11
N SER A 71 -92.78 -50.24 -28.30
CA SER A 71 -92.81 -51.01 -29.54
C SER A 71 -93.09 -50.10 -30.73
N GLU A 72 -94.02 -49.18 -30.56
CA GLU A 72 -94.39 -48.23 -31.61
C GLU A 72 -93.23 -47.29 -31.92
N PHE A 73 -92.54 -46.83 -30.89
CA PHE A 73 -91.38 -45.96 -31.06
C PHE A 73 -90.27 -46.68 -31.81
N LEU A 74 -90.06 -47.94 -31.48
CA LEU A 74 -88.94 -48.70 -32.02
C LEU A 74 -89.30 -49.51 -33.26
N LYS A 75 -90.40 -49.16 -33.92
CA LYS A 75 -90.79 -49.87 -35.14
C LYS A 75 -89.84 -49.50 -36.27
N ASP A 76 -89.78 -50.36 -37.28
CA ASP A 76 -88.79 -50.26 -38.35
C ASP A 76 -88.73 -48.90 -39.04
N GLU A 77 -89.90 -48.37 -39.39
CA GLU A 77 -89.97 -47.15 -40.19
C GLU A 77 -89.49 -45.91 -39.45
N ASN A 78 -89.46 -45.98 -38.12
CA ASN A 78 -88.89 -44.89 -37.32
C ASN A 78 -87.39 -45.04 -37.14
N MET A 79 -86.94 -46.29 -37.07
CA MET A 79 -85.54 -46.59 -36.79
C MET A 79 -84.64 -46.51 -38.03
N GLU A 80 -85.26 -46.47 -39.20
CA GLU A 80 -84.50 -46.59 -40.46
C GLU A 80 -83.62 -45.38 -40.75
N LYS A 81 -83.90 -44.25 -40.11
CA LYS A 81 -83.09 -43.05 -40.32
C LYS A 81 -81.73 -43.20 -39.62
N PHE A 82 -81.62 -44.19 -38.75
CA PHE A 82 -80.37 -44.48 -38.06
C PHE A 82 -79.67 -45.66 -38.72
N ASN A 83 -78.37 -45.80 -38.46
CA ASN A 83 -77.59 -46.88 -39.08
C ASN A 83 -76.77 -47.66 -38.06
N VAL A 84 -76.16 -48.76 -38.51
CA VAL A 84 -75.48 -49.68 -37.60
C VAL A 84 -73.96 -49.60 -37.67
N LYS A 85 -73.44 -48.46 -38.11
CA LYS A 85 -72.00 -48.25 -38.19
C LYS A 85 -71.34 -48.52 -36.85
N LEU A 86 -70.31 -49.37 -36.87
CA LEU A 86 -69.65 -49.83 -35.65
C LEU A 86 -69.16 -48.66 -34.80
N GLY A 87 -69.75 -48.52 -33.61
CA GLY A 87 -69.37 -47.46 -32.70
C GLY A 87 -70.44 -46.40 -32.55
N THR A 88 -71.41 -46.40 -33.47
CA THR A 88 -72.50 -45.43 -33.44
C THR A 88 -73.44 -45.71 -32.27
N SER A 89 -73.96 -44.64 -31.67
CA SER A 89 -74.94 -44.77 -30.60
C SER A 89 -75.97 -43.66 -30.70
N LYS A 90 -77.19 -43.94 -30.23
CA LYS A 90 -78.25 -42.94 -30.20
C LYS A 90 -79.07 -43.08 -28.92
N HIS A 91 -79.55 -41.95 -28.40
CA HIS A 91 -80.40 -41.95 -27.21
C HIS A 91 -81.85 -41.67 -27.58
N PHE A 92 -82.76 -42.46 -27.01
CA PHE A 92 -84.19 -42.25 -27.24
C PHE A 92 -84.90 -41.91 -25.93
N TYR A 93 -85.95 -41.08 -26.02
CA TYR A 93 -86.72 -40.69 -24.85
C TYR A 93 -88.21 -40.78 -25.17
N MET A 94 -88.95 -41.50 -24.31
CA MET A 94 -90.38 -41.72 -24.55
C MET A 94 -91.10 -42.11 -23.27
N PHE A 95 -92.42 -42.24 -23.36
CA PHE A 95 -93.24 -42.69 -22.23
C PHE A 95 -93.76 -44.10 -22.49
N ASN A 96 -93.68 -44.97 -21.49
CA ASN A 96 -94.18 -46.34 -21.65
C ASN A 96 -95.67 -46.44 -21.33
N ASP A 97 -96.17 -47.68 -21.28
CA ASP A 97 -97.60 -47.93 -21.10
C ASP A 97 -98.13 -47.52 -19.73
N ASN A 98 -97.25 -47.43 -18.74
CA ASN A 98 -97.64 -46.99 -17.42
C ASN A 98 -97.41 -45.49 -17.21
N LYS A 99 -97.32 -44.77 -18.33
CA LYS A 99 -97.11 -43.32 -18.32
C LYS A 99 -95.84 -42.93 -17.56
N ASN A 100 -94.80 -43.75 -17.69
CA ASN A 100 -93.51 -43.44 -17.10
C ASN A 100 -92.44 -43.26 -18.17
N SER A 101 -91.74 -42.13 -18.11
CA SER A 101 -90.72 -41.82 -19.10
C SER A 101 -89.55 -42.79 -19.01
N VAL A 102 -89.11 -43.28 -20.16
CA VAL A 102 -87.98 -44.21 -20.21
C VAL A 102 -86.90 -43.74 -21.18
N ALA A 103 -85.69 -44.19 -20.96
CA ALA A 103 -84.58 -43.89 -21.86
C ALA A 103 -84.14 -45.16 -22.58
N VAL A 104 -84.18 -45.11 -23.91
CA VAL A 104 -83.82 -46.26 -24.73
C VAL A 104 -82.73 -45.82 -25.72
N GLY A 105 -81.99 -46.78 -26.26
CA GLY A 105 -80.99 -46.48 -27.25
C GLY A 105 -80.39 -47.72 -27.88
N TYR A 106 -79.38 -47.52 -28.72
CA TYR A 106 -78.71 -48.65 -29.35
C TYR A 106 -77.24 -48.36 -29.58
N VAL A 107 -76.47 -49.43 -29.83
CA VAL A 107 -75.09 -49.29 -30.26
C VAL A 107 -74.89 -50.12 -31.54
N GLY A 108 -74.39 -49.47 -32.58
CA GLY A 108 -74.14 -50.16 -33.83
C GLY A 108 -73.03 -51.18 -33.70
N CYS A 109 -73.25 -52.37 -34.24
CA CYS A 109 -72.26 -53.44 -34.15
C CYS A 109 -71.78 -53.87 -35.54
N GLY A 110 -71.73 -52.91 -36.46
CA GLY A 110 -71.19 -53.15 -37.78
C GLY A 110 -72.10 -53.98 -38.67
N SER A 111 -71.50 -54.55 -39.72
CA SER A 111 -72.25 -55.36 -40.67
C SER A 111 -71.61 -56.74 -40.83
N VAL A 112 -70.81 -57.13 -39.84
CA VAL A 112 -70.15 -58.42 -39.85
C VAL A 112 -70.71 -59.32 -38.75
N ALA A 113 -71.04 -60.56 -39.11
CA ALA A 113 -71.71 -61.48 -38.20
C ALA A 113 -70.91 -61.74 -36.93
N ASP A 114 -69.64 -62.11 -37.09
CA ASP A 114 -68.79 -62.40 -35.95
C ASP A 114 -67.87 -61.23 -35.61
N LEU A 115 -68.14 -60.59 -34.47
CA LEU A 115 -67.30 -59.50 -33.99
C LEU A 115 -66.02 -60.05 -33.38
N SER A 116 -64.88 -59.51 -33.79
CA SER A 116 -63.61 -59.86 -33.17
C SER A 116 -63.52 -59.21 -31.80
N GLU A 117 -62.50 -59.56 -31.04
CA GLU A 117 -62.31 -59.03 -29.69
C GLU A 117 -62.13 -57.52 -29.72
N ALA A 118 -61.59 -57.01 -30.83
CA ALA A 118 -61.33 -55.59 -30.99
C ALA A 118 -62.61 -54.84 -31.30
N ASP A 119 -63.43 -55.44 -32.17
CA ASP A 119 -64.72 -54.86 -32.52
C ASP A 119 -65.64 -54.78 -31.31
N MET A 120 -65.64 -55.85 -30.52
CA MET A 120 -66.45 -55.91 -29.30
C MET A 120 -65.99 -54.86 -28.30
N LYS A 121 -64.69 -54.63 -28.25
CA LYS A 121 -64.13 -53.62 -27.36
C LYS A 121 -64.59 -52.22 -27.77
N ARG A 122 -64.74 -52.01 -29.07
CA ARG A 122 -65.27 -50.75 -29.58
C ARG A 122 -66.72 -50.56 -29.17
N VAL A 123 -67.48 -51.65 -29.20
CA VAL A 123 -68.88 -51.62 -28.81
C VAL A 123 -69.02 -51.30 -27.33
N VAL A 124 -68.17 -51.92 -26.52
CA VAL A 124 -68.16 -51.66 -25.08
C VAL A 124 -67.80 -50.22 -24.79
N LEU A 125 -66.79 -49.71 -25.48
CA LEU A 125 -66.35 -48.33 -25.30
C LEU A 125 -67.45 -47.33 -25.66
N SER A 126 -68.15 -47.60 -26.75
CA SER A 126 -69.29 -46.77 -27.14
C SER A 126 -70.38 -46.84 -26.07
N LEU A 127 -70.55 -48.03 -25.51
CA LEU A 127 -71.55 -48.26 -24.47
C LEU A 127 -71.17 -47.57 -23.17
N VAL A 128 -69.88 -47.53 -22.86
CA VAL A 128 -69.40 -46.93 -21.63
C VAL A 128 -69.59 -45.42 -21.62
N THR A 129 -69.41 -44.79 -22.79
CA THR A 129 -69.62 -43.34 -22.90
C THR A 129 -71.07 -42.97 -22.60
N MET A 130 -71.98 -43.91 -22.80
CA MET A 130 -73.39 -43.70 -22.48
C MET A 130 -73.62 -43.81 -20.97
N LEU A 131 -72.68 -44.46 -20.28
CA LEU A 131 -72.76 -44.61 -18.84
C LEU A 131 -72.08 -43.45 -18.12
N HIS A 132 -71.12 -42.81 -18.79
CA HIS A 132 -70.42 -41.66 -18.22
C HIS A 132 -71.26 -40.41 -18.35
N ASP A 133 -71.20 -39.57 -17.31
CA ASP A 133 -71.92 -38.30 -17.27
C ASP A 133 -73.44 -38.49 -17.35
N ASN A 134 -73.92 -39.64 -16.88
CA ASN A 134 -75.34 -39.91 -16.78
C ASN A 134 -75.63 -40.74 -15.53
N LYS A 135 -76.20 -40.10 -14.52
CA LYS A 135 -76.48 -40.78 -13.26
C LYS A 135 -77.60 -41.79 -13.41
N LEU A 136 -77.25 -43.00 -13.79
CA LEU A 136 -78.21 -44.07 -14.01
C LEU A 136 -78.24 -45.06 -12.85
N SER A 137 -79.41 -45.63 -12.60
CA SER A 137 -79.55 -46.62 -11.54
C SER A 137 -79.46 -48.02 -12.11
N LYS A 138 -79.82 -48.17 -13.38
CA LYS A 138 -79.85 -49.48 -14.03
C LYS A 138 -79.50 -49.38 -15.51
N LEU A 139 -78.73 -50.35 -16.00
CA LEU A 139 -78.48 -50.50 -17.43
C LEU A 139 -79.02 -51.82 -17.93
N THR A 140 -79.72 -51.78 -19.06
CA THR A 140 -80.24 -52.99 -19.68
C THR A 140 -79.65 -53.16 -21.07
N VAL A 141 -79.03 -54.31 -21.30
CA VAL A 141 -78.39 -54.59 -22.59
C VAL A 141 -79.13 -55.68 -23.35
N VAL A 142 -79.60 -55.34 -24.55
CA VAL A 142 -80.32 -56.30 -25.37
C VAL A 142 -79.46 -56.80 -26.52
N PHE A 143 -78.98 -58.03 -26.40
CA PHE A 143 -78.13 -58.63 -27.43
C PHE A 143 -78.94 -59.11 -28.63
N GLU A 144 -78.86 -58.36 -29.72
CA GLU A 144 -79.46 -58.77 -30.98
C GLU A 144 -78.37 -59.15 -31.97
N ILE A 145 -77.22 -59.56 -31.45
CA ILE A 145 -76.12 -60.06 -32.25
C ILE A 145 -75.71 -61.44 -31.75
N ASN A 146 -74.91 -62.16 -32.54
CA ASN A 146 -74.52 -63.52 -32.19
C ASN A 146 -73.17 -63.58 -31.47
N VAL A 147 -73.20 -64.05 -30.23
CA VAL A 147 -71.97 -64.26 -29.47
C VAL A 147 -71.95 -65.66 -28.85
N ASP A 148 -70.78 -66.28 -28.85
CA ASP A 148 -70.62 -67.54 -28.14
C ASP A 148 -70.32 -67.21 -26.68
N LYS A 149 -70.24 -68.24 -25.85
CA LYS A 149 -70.14 -68.05 -24.40
C LYS A 149 -68.89 -67.30 -23.98
N ASN A 150 -67.78 -67.50 -24.69
CA ASN A 150 -66.53 -66.84 -24.36
C ASN A 150 -66.54 -65.36 -24.70
N LEU A 151 -67.21 -65.00 -25.80
CA LEU A 151 -67.29 -63.61 -26.23
C LEU A 151 -68.29 -62.84 -25.38
N PHE A 152 -69.32 -63.53 -24.89
CA PHE A 152 -70.28 -62.91 -23.98
C PHE A 152 -69.62 -62.57 -22.66
N ARG A 153 -68.77 -63.48 -22.19
CA ARG A 153 -68.02 -63.25 -20.97
C ARG A 153 -67.06 -62.08 -21.17
N PHE A 154 -66.36 -62.09 -22.30
CA PHE A 154 -65.42 -61.03 -22.65
C PHE A 154 -66.10 -59.67 -22.66
N PHE A 155 -67.32 -59.63 -23.19
CA PHE A 155 -68.11 -58.41 -23.20
C PHE A 155 -68.30 -57.86 -21.80
N LEU A 156 -68.72 -58.72 -20.88
CA LEU A 156 -68.98 -58.33 -19.50
C LEU A 156 -67.70 -57.88 -18.78
N GLU A 157 -66.63 -58.66 -18.94
CA GLU A 157 -65.34 -58.33 -18.35
C GLU A 157 -64.85 -56.96 -18.79
N THR A 158 -64.93 -56.72 -20.10
CA THR A 158 -64.48 -55.48 -20.69
C THR A 158 -65.33 -54.32 -20.19
N LEU A 159 -66.64 -54.54 -20.14
CA LEU A 159 -67.57 -53.52 -19.65
C LEU A 159 -67.25 -53.15 -18.22
N PHE A 160 -67.05 -54.16 -17.38
CA PHE A 160 -66.73 -53.93 -15.97
C PHE A 160 -65.39 -53.20 -15.81
N TYR A 161 -64.42 -53.55 -16.67
CA TYR A 161 -63.09 -52.96 -16.60
C TYR A 161 -63.07 -51.51 -17.04
N GLU A 162 -63.65 -51.23 -18.21
CA GLU A 162 -63.63 -49.89 -18.78
C GLU A 162 -64.52 -48.92 -18.00
N TYR A 163 -65.60 -49.45 -17.43
CA TYR A 163 -66.53 -48.65 -16.64
C TYR A 163 -65.87 -48.17 -15.35
N MET A 164 -65.01 -49.00 -14.81
CA MET A 164 -64.34 -48.71 -13.55
C MET A 164 -63.34 -47.56 -13.67
N THR A 165 -63.32 -46.69 -12.66
CA THR A 165 -62.38 -45.57 -12.63
C THR A 165 -61.48 -45.65 -11.39
N ASP A 166 -60.17 -45.57 -11.61
CA ASP A 166 -59.20 -45.66 -10.53
C ASP A 166 -58.89 -44.28 -9.94
N GLU A 167 -59.50 -43.97 -8.80
CA GLU A 167 -59.31 -42.67 -8.16
C GLU A 167 -58.49 -42.75 -6.88
N ARG A 168 -57.64 -43.76 -6.78
CA ARG A 168 -56.84 -43.97 -5.57
C ARG A 168 -55.84 -42.84 -5.34
N PHE A 169 -55.38 -42.20 -6.40
CA PHE A 169 -54.35 -41.19 -6.29
C PHE A 169 -54.89 -39.78 -6.51
N LYS A 170 -56.20 -39.68 -6.71
CA LYS A 170 -56.87 -38.39 -6.74
C LYS A 170 -57.05 -37.88 -5.32
N SER A 171 -56.91 -36.57 -5.14
CA SER A 171 -57.04 -35.98 -3.80
C SER A 171 -57.99 -34.80 -3.82
N THR A 172 -57.63 -33.76 -4.57
CA THR A 172 -58.44 -32.56 -4.68
C THR A 172 -59.27 -32.57 -5.96
N ASP A 173 -58.99 -33.53 -6.83
CA ASP A 173 -59.61 -33.56 -8.14
C ASP A 173 -60.40 -34.85 -8.39
N LYS A 174 -61.27 -35.19 -7.45
CA LYS A 174 -62.15 -36.34 -7.63
C LYS A 174 -63.40 -35.92 -8.38
N ASN A 175 -63.92 -36.82 -9.20
CA ASN A 175 -65.15 -36.54 -9.94
C ASN A 175 -66.34 -36.47 -8.99
N VAL A 176 -66.90 -35.28 -8.84
CA VAL A 176 -68.02 -35.06 -7.92
C VAL A 176 -69.30 -35.73 -8.42
N ASN A 177 -69.29 -36.17 -9.67
CA ASN A 177 -70.46 -36.80 -10.27
C ASN A 177 -70.31 -38.32 -10.41
N MET A 178 -69.32 -38.88 -9.73
CA MET A 178 -69.04 -40.31 -9.82
C MET A 178 -70.17 -41.14 -9.20
N GLU A 179 -70.97 -41.77 -10.05
CA GLU A 179 -72.12 -42.53 -9.61
C GLU A 179 -72.34 -43.75 -10.50
N TYR A 180 -72.26 -44.94 -9.90
CA TYR A 180 -72.36 -46.19 -10.65
C TYR A 180 -73.77 -46.80 -10.60
N ILE A 181 -74.15 -47.48 -11.67
CA ILE A 181 -75.41 -48.20 -11.70
C ILE A 181 -75.41 -49.31 -10.67
N LYS A 182 -76.60 -49.72 -10.23
CA LYS A 182 -76.72 -50.76 -9.22
C LYS A 182 -77.26 -52.05 -9.82
N HIS A 183 -77.78 -51.97 -11.05
CA HIS A 183 -78.38 -53.13 -11.69
C HIS A 183 -78.00 -53.23 -13.16
N LEU A 184 -77.65 -54.44 -13.58
CA LEU A 184 -77.38 -54.71 -14.99
C LEU A 184 -78.29 -55.83 -15.49
N GLY A 185 -79.11 -55.51 -16.49
CA GLY A 185 -79.98 -56.50 -17.09
C GLY A 185 -79.47 -56.89 -18.46
N VAL A 186 -79.47 -58.19 -18.74
CA VAL A 186 -79.03 -58.68 -20.04
C VAL A 186 -80.10 -59.56 -20.69
N TYR A 187 -80.52 -59.16 -21.89
CA TYR A 187 -81.44 -59.97 -22.67
C TYR A 187 -80.69 -60.66 -23.81
N ILE A 188 -80.76 -61.99 -23.84
CA ILE A 188 -80.02 -62.76 -24.83
C ILE A 188 -80.72 -64.08 -25.11
N ASN A 189 -80.54 -64.59 -26.34
CA ASN A 189 -81.09 -65.89 -26.70
C ASN A 189 -80.46 -67.01 -25.87
N ASN A 190 -81.28 -67.97 -25.45
CA ASN A 190 -80.81 -69.12 -24.69
C ASN A 190 -80.03 -68.71 -23.44
N ALA A 191 -80.68 -67.91 -22.60
CA ALA A 191 -80.04 -67.26 -21.46
C ALA A 191 -79.46 -68.25 -20.44
N ASP A 192 -80.11 -69.39 -20.27
CA ASP A 192 -79.68 -70.38 -19.29
C ASP A 192 -78.25 -70.87 -19.53
N THR A 193 -77.79 -70.77 -20.78
CA THR A 193 -76.46 -71.23 -21.14
C THR A 193 -75.40 -70.16 -20.90
N TYR A 194 -75.82 -68.90 -20.87
CA TYR A 194 -74.89 -67.78 -20.71
C TYR A 194 -74.72 -67.34 -19.26
N LYS A 195 -75.65 -67.76 -18.40
CA LYS A 195 -75.66 -67.32 -17.01
C LYS A 195 -74.40 -67.73 -16.24
N GLU A 196 -73.79 -68.85 -16.64
CA GLU A 196 -72.59 -69.35 -15.98
C GLU A 196 -71.37 -68.47 -16.26
N GLU A 197 -71.51 -67.56 -17.21
CA GLU A 197 -70.41 -66.69 -17.61
C GLU A 197 -70.33 -65.42 -16.75
N VAL A 198 -71.44 -65.07 -16.11
CA VAL A 198 -71.55 -63.81 -15.37
C VAL A 198 -70.55 -63.72 -14.23
N GLU A 199 -70.56 -64.71 -13.33
CA GLU A 199 -69.66 -64.68 -12.18
C GLU A 199 -68.21 -64.89 -12.61
N LYS A 200 -68.00 -65.72 -13.62
CA LYS A 200 -66.66 -65.93 -14.16
C LYS A 200 -66.11 -64.62 -14.68
N ALA A 201 -66.98 -63.83 -15.31
CA ALA A 201 -66.62 -62.51 -15.82
C ALA A 201 -66.26 -61.57 -14.67
N ARG A 202 -67.04 -61.60 -13.61
CA ARG A 202 -66.81 -60.75 -12.45
C ARG A 202 -65.47 -61.11 -11.78
N VAL A 203 -65.16 -62.39 -11.76
CA VAL A 203 -63.88 -62.87 -11.21
C VAL A 203 -62.74 -62.46 -12.13
N TYR A 204 -62.93 -62.64 -13.44
CA TYR A 204 -61.90 -62.28 -14.42
C TYR A 204 -61.68 -60.77 -14.45
N TYR A 205 -62.76 -60.00 -14.32
CA TYR A 205 -62.66 -58.55 -14.30
C TYR A 205 -61.76 -58.06 -13.18
N PHE A 206 -61.99 -58.53 -11.96
CA PHE A 206 -61.24 -58.02 -10.82
C PHE A 206 -59.78 -58.45 -10.88
N GLY A 207 -59.55 -59.70 -11.21
CA GLY A 207 -58.20 -60.22 -11.37
C GLY A 207 -57.42 -59.36 -12.35
N THR A 208 -58.10 -58.94 -13.41
CA THR A 208 -57.52 -58.04 -14.39
C THR A 208 -57.37 -56.63 -13.80
N TYR A 209 -58.42 -56.16 -13.13
CA TYR A 209 -58.42 -54.83 -12.53
C TYR A 209 -57.46 -54.75 -11.34
N TYR A 210 -57.28 -55.87 -10.65
CA TYR A 210 -56.35 -55.93 -9.54
C TYR A 210 -54.91 -55.74 -10.03
N ALA A 211 -54.57 -56.43 -11.12
CA ALA A 211 -53.26 -56.29 -11.74
C ALA A 211 -53.10 -54.86 -12.26
N SER A 212 -54.19 -54.30 -12.76
CA SER A 212 -54.20 -52.93 -13.25
C SER A 212 -53.84 -51.94 -12.15
N GLN A 213 -54.43 -52.13 -10.97
CA GLN A 213 -54.15 -51.27 -9.82
C GLN A 213 -52.68 -51.36 -9.44
N LEU A 214 -52.11 -52.55 -9.50
CA LEU A 214 -50.71 -52.78 -9.18
C LEU A 214 -49.80 -52.08 -10.19
N ILE A 215 -50.12 -52.24 -11.47
CA ILE A 215 -49.33 -51.62 -12.53
C ILE A 215 -49.41 -50.10 -12.47
N ALA A 216 -50.63 -49.58 -12.38
CA ALA A 216 -50.87 -48.15 -12.35
C ALA A 216 -50.22 -47.48 -11.14
N ALA A 217 -50.00 -48.26 -10.08
CA ALA A 217 -49.35 -47.74 -8.89
C ALA A 217 -47.91 -47.32 -9.19
N PRO A 218 -47.60 -46.05 -8.94
CA PRO A 218 -46.28 -45.46 -9.20
C PRO A 218 -45.18 -46.14 -8.40
N SER A 219 -43.94 -45.96 -8.84
CA SER A 219 -42.82 -46.72 -8.28
C SER A 219 -42.44 -46.30 -6.86
N ASN A 220 -43.01 -45.21 -6.36
CA ASN A 220 -42.78 -44.83 -4.97
C ASN A 220 -43.78 -45.53 -4.05
N TYR A 221 -44.95 -45.85 -4.57
CA TYR A 221 -45.93 -46.65 -3.84
C TYR A 221 -45.63 -48.14 -4.05
N CYS A 222 -45.42 -48.51 -5.30
CA CYS A 222 -45.19 -49.91 -5.66
C CYS A 222 -43.70 -50.20 -5.83
N ASN A 223 -43.08 -50.63 -4.74
CA ASN A 223 -41.67 -51.00 -4.72
C ASN A 223 -41.55 -52.50 -4.44
N PRO A 224 -40.34 -53.08 -4.50
CA PRO A 224 -40.22 -54.52 -4.26
C PRO A 224 -40.80 -54.99 -2.93
N VAL A 225 -40.65 -54.20 -1.87
CA VAL A 225 -41.13 -54.59 -0.56
C VAL A 225 -42.65 -54.46 -0.46
N SER A 226 -43.18 -53.33 -0.92
CA SER A 226 -44.61 -53.06 -0.84
C SER A 226 -45.41 -53.99 -1.75
N LEU A 227 -44.82 -54.38 -2.87
CA LEU A 227 -45.48 -55.28 -3.80
C LEU A 227 -45.55 -56.69 -3.22
N SER A 228 -44.49 -57.10 -2.53
CA SER A 228 -44.47 -58.41 -1.89
C SER A 228 -45.41 -58.46 -0.69
N ASN A 229 -45.54 -57.34 0.00
CA ASN A 229 -46.51 -57.23 1.09
C ASN A 229 -47.94 -57.45 0.59
N ALA A 230 -48.24 -56.85 -0.56
CA ALA A 230 -49.57 -56.95 -1.16
C ALA A 230 -49.88 -58.37 -1.60
N ALA A 231 -48.85 -59.08 -2.06
CA ALA A 231 -49.00 -60.47 -2.45
C ALA A 231 -49.37 -61.32 -1.25
N VAL A 232 -48.79 -60.98 -0.10
CA VAL A 232 -49.05 -61.69 1.14
C VAL A 232 -50.51 -61.48 1.57
N GLU A 233 -50.95 -60.23 1.58
CA GLU A 233 -52.33 -59.90 1.93
C GLU A 233 -53.31 -60.63 1.02
N LEU A 234 -53.04 -60.59 -0.28
CA LEU A 234 -53.86 -61.26 -1.27
C LEU A 234 -53.96 -62.76 -0.99
N ALA A 235 -52.82 -63.36 -0.66
CA ALA A 235 -52.77 -64.79 -0.36
C ALA A 235 -53.53 -65.12 0.91
N GLN A 236 -53.51 -64.20 1.87
CA GLN A 236 -54.20 -64.39 3.14
C GLN A 236 -55.72 -64.28 2.96
N LYS A 237 -56.13 -63.53 1.94
CA LYS A 237 -57.55 -63.38 1.64
C LYS A 237 -58.08 -64.56 0.84
N LEU A 238 -57.16 -65.35 0.27
CA LEU A 238 -57.53 -66.42 -0.64
C LEU A 238 -57.09 -67.79 -0.13
N ASN A 239 -56.48 -67.82 1.05
CA ASN A 239 -55.92 -69.04 1.61
C ASN A 239 -54.95 -69.73 0.67
N LEU A 240 -54.10 -68.95 0.04
CA LEU A 240 -53.01 -69.49 -0.76
C LEU A 240 -51.76 -69.59 0.11
N GLU A 241 -51.06 -70.71 0.02
CA GLU A 241 -49.76 -70.81 0.68
C GLU A 241 -48.84 -69.75 0.09
N TYR A 242 -48.03 -69.12 0.93
CA TYR A 242 -47.10 -68.13 0.42
C TYR A 242 -45.76 -68.19 1.12
N LYS A 243 -44.72 -67.78 0.39
CA LYS A 243 -43.36 -67.69 0.91
C LYS A 243 -42.67 -66.50 0.25
N ILE A 244 -42.19 -65.57 1.06
CA ILE A 244 -41.50 -64.40 0.53
C ILE A 244 -40.02 -64.45 0.88
N LEU A 245 -39.20 -64.81 -0.10
CA LEU A 245 -37.78 -64.99 0.10
C LEU A 245 -37.03 -63.66 0.12
N GLY A 246 -36.28 -63.42 1.19
CA GLY A 246 -35.49 -62.21 1.32
C GLY A 246 -34.07 -62.41 0.82
N VAL A 247 -33.27 -61.34 0.88
CA VAL A 247 -31.90 -61.35 0.36
C VAL A 247 -31.06 -62.50 0.89
N LYS A 248 -31.19 -62.78 2.19
CA LYS A 248 -30.38 -63.82 2.85
C LYS A 248 -30.63 -65.21 2.26
N GLU A 249 -31.89 -65.59 2.12
CA GLU A 249 -32.25 -66.86 1.52
C GLU A 249 -31.82 -66.93 0.06
N LEU A 250 -31.93 -65.78 -0.62
CA LEU A 250 -31.55 -65.69 -2.02
C LEU A 250 -30.04 -65.87 -2.20
N GLU A 251 -29.27 -65.36 -1.24
CA GLU A 251 -27.83 -65.57 -1.23
C GLU A 251 -27.52 -67.05 -1.02
N GLU A 252 -28.25 -67.67 -0.10
CA GLU A 252 -28.07 -69.08 0.21
C GLU A 252 -28.41 -69.96 -1.00
N LEU A 253 -29.36 -69.50 -1.80
CA LEU A 253 -29.74 -70.21 -3.02
C LEU A 253 -28.87 -69.79 -4.21
N LYS A 254 -27.91 -68.91 -3.93
CA LYS A 254 -26.93 -68.44 -4.92
C LYS A 254 -27.57 -67.82 -6.16
N MET A 255 -28.67 -67.10 -5.97
CA MET A 255 -29.31 -66.39 -7.07
C MET A 255 -28.52 -65.12 -7.43
N GLY A 256 -27.35 -65.31 -8.03
CA GLY A 256 -26.46 -64.20 -8.32
C GLY A 256 -26.94 -63.25 -9.40
N ALA A 257 -27.64 -63.79 -10.40
CA ALA A 257 -28.16 -62.96 -11.48
C ALA A 257 -29.27 -62.05 -10.97
N TYR A 258 -30.19 -62.64 -10.21
CA TYR A 258 -31.30 -61.90 -9.60
C TYR A 258 -30.78 -60.82 -8.64
N LEU A 259 -29.89 -61.20 -7.74
CA LEU A 259 -29.42 -60.29 -6.70
C LEU A 259 -28.64 -59.10 -7.26
N SER A 260 -27.87 -59.33 -8.32
CA SER A 260 -27.07 -58.28 -8.93
C SER A 260 -27.93 -57.13 -9.43
N VAL A 261 -29.07 -57.48 -10.02
CA VAL A 261 -30.01 -56.49 -10.55
C VAL A 261 -30.50 -55.53 -9.46
N GLY A 262 -30.77 -56.06 -8.27
CA GLY A 262 -31.33 -55.27 -7.20
C GLY A 262 -30.30 -54.68 -6.24
N LYS A 263 -29.03 -54.90 -6.53
CA LYS A 263 -27.94 -54.40 -5.69
C LYS A 263 -27.97 -52.88 -5.53
N GLY A 264 -28.39 -52.17 -6.58
CA GLY A 264 -28.36 -50.73 -6.58
C GLY A 264 -29.62 -50.08 -6.05
N SER A 265 -30.49 -50.86 -5.44
CA SER A 265 -31.76 -50.34 -4.93
C SER A 265 -31.76 -50.19 -3.40
N MET A 266 -32.54 -49.25 -2.91
CA MET A 266 -32.71 -49.06 -1.47
C MET A 266 -33.65 -50.13 -0.92
N TYR A 267 -34.44 -50.72 -1.81
CA TYR A 267 -35.38 -51.77 -1.44
C TYR A 267 -34.76 -53.14 -1.64
N PRO A 268 -34.69 -53.94 -0.57
CA PRO A 268 -34.15 -55.30 -0.65
C PRO A 268 -35.00 -56.18 -1.55
N ASN A 269 -34.36 -57.05 -2.31
CA ASN A 269 -35.09 -57.99 -3.17
C ASN A 269 -36.03 -58.87 -2.37
N LYS A 270 -37.22 -59.07 -2.92
CA LYS A 270 -38.19 -60.00 -2.34
C LYS A 270 -38.70 -60.96 -3.41
N PHE A 271 -38.48 -62.24 -3.19
CA PHE A 271 -38.92 -63.27 -4.14
C PHE A 271 -40.28 -63.80 -3.70
N ILE A 272 -41.28 -63.64 -4.57
CA ILE A 272 -42.65 -64.02 -4.25
C ILE A 272 -42.99 -65.44 -4.70
N HIS A 273 -43.48 -66.25 -3.78
CA HIS A 273 -43.88 -67.61 -4.09
C HIS A 273 -45.27 -67.93 -3.52
N LEU A 274 -46.28 -67.83 -4.37
CA LEU A 274 -47.64 -68.23 -4.00
C LEU A 274 -47.91 -69.64 -4.49
N THR A 275 -48.72 -70.39 -3.75
CA THR A 275 -49.04 -71.76 -4.14
C THR A 275 -50.52 -72.08 -3.98
N TYR A 276 -51.17 -72.41 -5.09
CA TYR A 276 -52.51 -72.98 -5.03
C TYR A 276 -52.44 -74.48 -5.29
N LYS A 277 -53.00 -75.26 -4.38
CA LYS A 277 -53.09 -76.70 -4.55
C LYS A 277 -54.54 -77.14 -4.40
N SER A 278 -54.99 -78.00 -5.31
CA SER A 278 -56.34 -78.54 -5.23
C SER A 278 -56.45 -79.55 -4.10
N LYS A 279 -57.65 -79.68 -3.54
CA LYS A 279 -57.87 -80.59 -2.43
C LYS A 279 -57.82 -82.04 -2.88
N GLY A 280 -58.24 -82.29 -4.12
CA GLY A 280 -58.23 -83.63 -4.67
C GLY A 280 -56.84 -84.10 -5.05
N ASP A 281 -56.77 -85.20 -5.79
CA ASP A 281 -55.49 -85.72 -6.26
C ASP A 281 -54.95 -84.83 -7.39
N VAL A 282 -53.71 -84.37 -7.23
CA VAL A 282 -53.11 -83.45 -8.18
C VAL A 282 -52.53 -84.20 -9.39
N LYS A 283 -52.97 -83.81 -10.58
CA LYS A 283 -52.56 -84.46 -11.81
C LYS A 283 -51.68 -83.55 -12.66
N LYS A 284 -51.57 -82.28 -12.26
CA LYS A 284 -50.81 -81.31 -13.04
C LYS A 284 -50.15 -80.27 -12.12
N LYS A 285 -48.87 -80.02 -12.36
CA LYS A 285 -48.14 -79.01 -11.61
C LYS A 285 -47.64 -77.92 -12.55
N ILE A 286 -47.99 -76.68 -12.25
CA ILE A 286 -47.65 -75.55 -13.12
C ILE A 286 -47.01 -74.39 -12.36
N ALA A 287 -45.87 -73.91 -12.86
CA ALA A 287 -45.25 -72.72 -12.32
C ALA A 287 -45.48 -71.55 -13.27
N LEU A 288 -46.08 -70.48 -12.74
CA LEU A 288 -46.31 -69.26 -13.51
C LEU A 288 -45.37 -68.17 -13.04
N VAL A 289 -44.46 -67.75 -13.91
CA VAL A 289 -43.44 -66.78 -13.55
C VAL A 289 -43.74 -65.40 -14.13
N GLY A 290 -43.64 -64.38 -13.29
CA GLY A 290 -43.87 -63.02 -13.74
C GLY A 290 -42.67 -62.12 -13.47
N LYS A 291 -42.29 -61.32 -14.46
CA LYS A 291 -41.21 -60.36 -14.30
C LYS A 291 -41.64 -59.21 -13.42
N GLY A 292 -40.86 -58.93 -12.38
CA GLY A 292 -41.23 -57.92 -11.40
C GLY A 292 -40.19 -56.84 -11.16
N ILE A 293 -39.96 -56.01 -12.16
CA ILE A 293 -39.12 -54.83 -11.99
C ILE A 293 -40.03 -53.63 -11.70
N THR A 294 -40.08 -53.22 -10.44
CA THR A 294 -41.03 -52.19 -10.02
C THR A 294 -40.66 -50.81 -10.59
N PHE A 295 -39.38 -50.62 -10.89
CA PHE A 295 -38.97 -49.49 -11.72
C PHE A 295 -37.69 -49.82 -12.50
N ASP A 296 -37.70 -49.48 -13.78
CA ASP A 296 -36.58 -49.77 -14.64
C ASP A 296 -35.94 -48.49 -15.17
N SER A 297 -34.93 -48.02 -14.45
CA SER A 297 -34.18 -46.84 -14.89
C SER A 297 -33.22 -47.23 -16.00
N GLY A 298 -32.87 -48.50 -16.07
CA GLY A 298 -31.94 -49.00 -17.05
C GLY A 298 -30.58 -49.30 -16.46
N GLY A 299 -30.38 -48.93 -15.20
CA GLY A 299 -29.09 -49.07 -14.54
C GLY A 299 -28.10 -48.10 -15.15
N TYR A 300 -26.82 -48.45 -15.13
CA TYR A 300 -25.81 -47.57 -15.71
C TYR A 300 -25.99 -47.43 -17.22
N ASN A 301 -26.71 -48.38 -17.81
CA ASN A 301 -27.21 -48.22 -19.18
C ASN A 301 -28.52 -47.44 -19.14
N LEU A 302 -28.47 -46.26 -18.54
CA LEU A 302 -29.64 -45.44 -18.25
C LEU A 302 -30.49 -45.13 -19.49
N LYS A 303 -31.81 -45.20 -19.33
CA LYS A 303 -32.74 -44.85 -20.40
C LYS A 303 -32.74 -43.34 -20.64
N ALA A 304 -31.81 -42.86 -21.46
CA ALA A 304 -31.70 -41.43 -21.73
C ALA A 304 -31.81 -41.13 -23.22
N ALA A 305 -31.90 -42.17 -24.02
CA ALA A 305 -32.10 -42.00 -25.46
C ALA A 305 -33.50 -41.43 -25.71
N PRO A 306 -33.65 -40.64 -26.79
CA PRO A 306 -34.97 -40.10 -27.10
C PRO A 306 -36.00 -41.19 -27.36
N GLY A 307 -37.10 -41.17 -26.61
CA GLY A 307 -38.16 -42.15 -26.79
C GLY A 307 -37.99 -43.40 -25.93
N SER A 308 -37.13 -43.32 -24.93
CA SER A 308 -36.90 -44.46 -24.06
C SER A 308 -38.00 -44.60 -23.01
N MET A 309 -38.83 -43.57 -22.90
CA MET A 309 -40.01 -43.57 -22.04
C MET A 309 -39.72 -44.05 -20.61
N ILE A 310 -38.74 -43.43 -19.97
CA ILE A 310 -38.35 -43.82 -18.63
C ILE A 310 -39.48 -43.57 -17.62
N ASP A 311 -40.36 -42.63 -17.95
CA ASP A 311 -41.45 -42.24 -17.06
C ASP A 311 -42.58 -43.27 -17.03
N LEU A 312 -42.59 -44.16 -18.01
CA LEU A 312 -43.62 -45.19 -18.10
C LEU A 312 -43.16 -46.47 -17.41
N MET A 313 -41.90 -46.47 -16.98
CA MET A 313 -41.23 -47.70 -16.52
C MET A 313 -41.69 -48.24 -15.17
N LYS A 314 -42.79 -47.71 -14.65
CA LYS A 314 -43.42 -48.32 -13.48
C LYS A 314 -44.18 -49.57 -13.91
N PHE A 315 -44.26 -49.77 -15.23
CA PHE A 315 -45.04 -50.84 -15.83
C PHE A 315 -44.26 -52.15 -15.98
N ASP A 316 -43.02 -52.17 -15.49
CA ASP A 316 -42.14 -53.28 -15.77
C ASP A 316 -42.36 -54.47 -14.82
N MET A 317 -43.39 -54.39 -13.99
CA MET A 317 -43.77 -55.54 -13.17
CA MET A 317 -43.80 -55.50 -13.15
C MET A 317 -45.14 -56.05 -13.60
N SER A 318 -45.53 -55.71 -14.83
CA SER A 318 -46.80 -56.12 -15.41
C SER A 318 -46.94 -57.63 -15.46
N GLY A 319 -45.84 -58.32 -15.75
CA GLY A 319 -45.83 -59.76 -15.77
C GLY A 319 -46.16 -60.31 -14.39
N CYS A 320 -45.49 -59.75 -13.38
CA CYS A 320 -45.77 -60.10 -11.99
C CYS A 320 -47.22 -59.80 -11.64
N ALA A 321 -47.70 -58.65 -12.07
CA ALA A 321 -49.08 -58.24 -11.82
C ALA A 321 -50.06 -59.23 -12.43
N ALA A 322 -49.81 -59.62 -13.68
CA ALA A 322 -50.66 -60.57 -14.38
C ALA A 322 -50.68 -61.91 -13.66
N VAL A 323 -49.53 -62.32 -13.15
CA VAL A 323 -49.42 -63.57 -12.39
C VAL A 323 -50.22 -63.49 -11.09
N LEU A 324 -50.14 -62.35 -10.42
CA LEU A 324 -50.87 -62.16 -9.17
C LEU A 324 -52.37 -62.03 -9.41
N GLY A 325 -52.75 -61.42 -10.53
CA GLY A 325 -54.15 -61.33 -10.91
C GLY A 325 -54.70 -62.71 -11.22
N CYS A 326 -53.84 -63.57 -11.75
CA CYS A 326 -54.20 -64.96 -12.01
C CYS A 326 -54.38 -65.70 -10.70
N ALA A 327 -53.52 -65.41 -9.74
CA ALA A 327 -53.60 -66.02 -8.41
C ALA A 327 -54.94 -65.72 -7.76
N TYR A 328 -55.49 -64.55 -8.04
CA TYR A 328 -56.81 -64.21 -7.53
C TYR A 328 -57.88 -65.05 -8.19
N CYS A 329 -57.83 -65.12 -9.52
CA CYS A 329 -58.84 -65.85 -10.29
C CYS A 329 -58.83 -67.34 -9.97
N VAL A 330 -57.63 -67.90 -9.78
CA VAL A 330 -57.49 -69.31 -9.47
C VAL A 330 -57.89 -69.60 -8.03
N GLY A 331 -57.44 -68.75 -7.12
CA GLY A 331 -57.77 -68.90 -5.71
C GLY A 331 -59.25 -68.69 -5.41
N THR A 332 -59.95 -68.06 -6.34
CA THR A 332 -61.37 -67.78 -6.18
C THR A 332 -62.24 -68.87 -6.82
N LEU A 333 -61.95 -69.18 -8.08
CA LEU A 333 -62.72 -70.18 -8.81
C LEU A 333 -62.38 -71.60 -8.36
N LYS A 334 -61.17 -71.76 -7.84
CA LYS A 334 -60.71 -73.02 -7.25
C LYS A 334 -60.82 -74.21 -8.20
N PRO A 335 -59.89 -74.31 -9.16
CA PRO A 335 -59.86 -75.48 -10.06
C PRO A 335 -59.43 -76.75 -9.34
N GLU A 336 -59.76 -77.90 -9.90
CA GLU A 336 -59.43 -79.18 -9.28
C GLU A 336 -58.28 -79.86 -9.99
N ASN A 337 -57.68 -80.84 -9.31
CA ASN A 337 -56.63 -81.69 -9.88
C ASN A 337 -55.40 -80.93 -10.36
N VAL A 338 -55.10 -79.80 -9.73
CA VAL A 338 -54.01 -78.96 -10.20
C VAL A 338 -53.26 -78.29 -9.05
N GLU A 339 -51.97 -78.01 -9.28
CA GLU A 339 -51.15 -77.29 -8.32
C GLU A 339 -50.39 -76.18 -9.02
N ILE A 340 -50.68 -74.94 -8.65
CA ILE A 340 -50.07 -73.79 -9.33
C ILE A 340 -49.14 -73.00 -8.43
N HIS A 341 -47.91 -72.83 -8.90
CA HIS A 341 -46.94 -71.97 -8.22
C HIS A 341 -46.88 -70.62 -8.91
N PHE A 342 -47.16 -69.56 -8.17
CA PHE A 342 -47.06 -68.21 -8.71
C PHE A 342 -45.76 -67.57 -8.24
N LEU A 343 -44.87 -67.32 -9.19
CA LEU A 343 -43.51 -66.85 -8.87
C LEU A 343 -43.21 -65.48 -9.43
N SER A 344 -42.42 -64.70 -8.69
CA SER A 344 -41.96 -63.41 -9.15
C SER A 344 -40.73 -62.94 -8.38
N ALA A 345 -39.62 -62.78 -9.10
CA ALA A 345 -38.39 -62.26 -8.50
C ALA A 345 -38.41 -60.73 -8.54
N VAL A 346 -39.01 -60.12 -7.52
CA VAL A 346 -39.21 -58.68 -7.50
C VAL A 346 -37.96 -57.91 -7.06
N CYS A 347 -37.61 -56.90 -7.85
CA CYS A 347 -36.54 -55.98 -7.48
C CYS A 347 -36.68 -54.67 -8.25
N GLU A 348 -35.66 -53.83 -8.16
CA GLU A 348 -35.71 -52.50 -8.75
C GLU A 348 -34.36 -52.14 -9.39
N ASN A 349 -34.37 -51.90 -10.70
CA ASN A 349 -33.15 -51.57 -11.43
C ASN A 349 -32.80 -50.10 -11.32
N MET A 350 -31.83 -49.78 -10.47
CA MET A 350 -31.51 -48.39 -10.16
C MET A 350 -30.04 -48.04 -10.42
N VAL A 351 -29.76 -46.75 -10.41
CA VAL A 351 -28.39 -46.25 -10.56
C VAL A 351 -27.86 -45.81 -9.21
N SER A 352 -26.74 -46.41 -8.80
CA SER A 352 -26.19 -46.18 -7.47
C SER A 352 -24.72 -46.57 -7.41
N LYS A 353 -24.07 -46.26 -6.28
CA LYS A 353 -22.70 -46.69 -6.06
C LYS A 353 -22.65 -48.21 -5.91
N ASN A 354 -23.80 -48.80 -5.58
CA ASN A 354 -23.90 -50.23 -5.32
C ASN A 354 -24.47 -51.01 -6.51
N SER A 355 -24.73 -50.32 -7.61
CA SER A 355 -25.33 -50.96 -8.78
C SER A 355 -24.39 -51.97 -9.40
N TYR A 356 -24.91 -52.81 -10.27
CA TYR A 356 -24.14 -53.73 -11.05
C TYR A 356 -23.62 -52.96 -12.27
N ARG A 357 -22.46 -53.30 -12.77
CA ARG A 357 -21.88 -52.57 -13.88
C ARG A 357 -21.96 -53.32 -15.19
N PRO A 358 -21.99 -52.60 -16.31
CA PRO A 358 -21.83 -53.23 -17.62
C PRO A 358 -20.45 -53.86 -17.73
N GLY A 359 -20.39 -55.13 -18.13
CA GLY A 359 -19.12 -55.83 -18.21
C GLY A 359 -18.93 -56.77 -17.04
N ASP A 360 -19.74 -56.61 -15.99
CA ASP A 360 -19.67 -57.47 -14.82
C ASP A 360 -19.99 -58.91 -15.20
N ILE A 361 -19.29 -59.85 -14.57
CA ILE A 361 -19.58 -61.27 -14.76
C ILE A 361 -20.19 -61.85 -13.49
N ILE A 362 -21.42 -62.33 -13.61
CA ILE A 362 -22.18 -62.81 -12.45
C ILE A 362 -22.59 -64.27 -12.63
N THR A 363 -22.72 -64.99 -11.51
CA THR A 363 -23.04 -66.40 -11.54
C THR A 363 -24.49 -66.68 -11.17
N ALA A 364 -25.23 -67.30 -12.08
CA ALA A 364 -26.62 -67.68 -11.81
C ALA A 364 -26.68 -68.86 -10.85
N SER A 365 -27.87 -69.18 -10.38
CA SER A 365 -28.05 -70.22 -9.37
C SER A 365 -27.89 -71.63 -9.96
N ASN A 366 -27.77 -71.73 -11.28
CA ASN A 366 -27.50 -73.01 -11.91
C ASN A 366 -26.03 -73.17 -12.25
N GLY A 367 -25.22 -72.24 -11.75
CA GLY A 367 -23.77 -72.32 -11.89
C GLY A 367 -23.21 -71.54 -13.06
N LYS A 368 -24.06 -71.26 -14.05
CA LYS A 368 -23.61 -70.59 -15.27
C LYS A 368 -23.18 -69.15 -15.02
N THR A 369 -22.00 -68.81 -15.51
CA THR A 369 -21.49 -67.44 -15.40
C THR A 369 -22.02 -66.59 -16.56
N ILE A 370 -22.49 -65.39 -16.23
CA ILE A 370 -23.07 -64.50 -17.21
C ILE A 370 -22.30 -63.18 -17.29
N GLU A 371 -21.86 -62.82 -18.49
CA GLU A 371 -21.24 -61.52 -18.68
C GLU A 371 -22.30 -60.50 -19.07
N VAL A 372 -22.42 -59.45 -18.25
CA VAL A 372 -23.40 -58.39 -18.51
C VAL A 372 -22.89 -57.43 -19.58
N GLY A 373 -23.60 -57.38 -20.69
CA GLY A 373 -23.25 -56.44 -21.75
C GLY A 373 -24.13 -55.20 -21.72
N ASN A 374 -25.17 -55.25 -20.90
CA ASN A 374 -26.14 -54.17 -20.82
C ASN A 374 -27.02 -54.30 -19.57
N THR A 375 -26.94 -53.31 -18.68
CA THR A 375 -27.69 -53.35 -17.43
C THR A 375 -29.18 -53.08 -17.62
N ASP A 376 -29.57 -52.69 -18.84
CA ASP A 376 -30.96 -52.40 -19.12
C ASP A 376 -31.68 -53.65 -19.62
N ALA A 377 -30.93 -54.74 -19.76
CA ALA A 377 -31.54 -56.04 -20.07
C ALA A 377 -31.60 -56.86 -18.79
N GLU A 378 -32.18 -56.27 -17.75
CA GLU A 378 -32.15 -56.85 -16.42
C GLU A 378 -33.23 -57.90 -16.20
N GLY A 379 -34.28 -57.84 -17.02
CA GLY A 379 -35.39 -58.77 -16.91
C GLY A 379 -34.98 -60.22 -17.08
N ARG A 380 -34.18 -60.48 -18.11
CA ARG A 380 -33.75 -61.85 -18.42
C ARG A 380 -32.82 -62.40 -17.33
N LEU A 381 -32.18 -61.50 -16.59
CA LEU A 381 -31.32 -61.90 -15.48
C LEU A 381 -32.15 -62.37 -14.30
N THR A 382 -33.16 -61.60 -13.95
CA THR A 382 -34.06 -61.95 -12.85
C THR A 382 -34.85 -63.20 -13.21
N LEU A 383 -35.20 -63.33 -14.49
CA LEU A 383 -35.97 -64.48 -14.94
C LEU A 383 -35.13 -65.75 -14.93
N ALA A 384 -33.83 -65.62 -15.21
CA ALA A 384 -32.92 -66.76 -15.23
C ALA A 384 -32.93 -67.50 -13.90
N ASP A 385 -32.74 -66.76 -12.82
CA ASP A 385 -32.78 -67.34 -11.49
C ASP A 385 -34.18 -67.80 -11.13
N ALA A 386 -35.18 -67.08 -11.62
CA ALA A 386 -36.57 -67.44 -11.37
C ALA A 386 -36.95 -68.75 -12.06
N LEU A 387 -36.40 -68.96 -13.25
CA LEU A 387 -36.67 -70.17 -14.02
C LEU A 387 -36.00 -71.38 -13.39
N VAL A 388 -34.76 -71.21 -12.92
CA VAL A 388 -34.03 -72.28 -12.26
C VAL A 388 -34.76 -72.72 -10.99
N TYR A 389 -35.19 -71.73 -10.21
CA TYR A 389 -35.99 -71.97 -9.01
C TYR A 389 -37.26 -72.75 -9.35
N ALA A 390 -37.95 -72.29 -10.40
CA ALA A 390 -39.21 -72.89 -10.82
C ALA A 390 -39.06 -74.37 -11.19
N GLU A 391 -37.96 -74.71 -11.85
CA GLU A 391 -37.74 -76.06 -12.31
C GLU A 391 -37.42 -77.02 -11.15
N LYS A 392 -36.86 -76.46 -10.08
CA LYS A 392 -36.54 -77.28 -8.90
C LYS A 392 -37.80 -77.71 -8.16
N LEU A 393 -38.91 -77.05 -8.43
CA LEU A 393 -40.19 -77.37 -7.79
C LEU A 393 -40.78 -78.66 -8.35
N GLY A 394 -40.26 -79.10 -9.49
CA GLY A 394 -40.77 -80.30 -10.15
C GLY A 394 -42.17 -80.07 -10.69
N VAL A 395 -42.26 -79.35 -11.80
CA VAL A 395 -43.55 -79.06 -12.42
C VAL A 395 -43.60 -79.62 -13.84
N ASP A 396 -44.78 -79.58 -14.44
CA ASP A 396 -44.97 -80.06 -15.80
C ASP A 396 -44.82 -78.93 -16.81
N TYR A 397 -45.29 -77.75 -16.42
CA TYR A 397 -45.21 -76.57 -17.27
C TYR A 397 -44.62 -75.37 -16.54
N ILE A 398 -43.66 -74.71 -17.17
CA ILE A 398 -43.21 -73.40 -16.70
C ILE A 398 -43.58 -72.36 -17.75
N VAL A 399 -44.45 -71.44 -17.37
CA VAL A 399 -44.80 -70.33 -18.25
C VAL A 399 -44.41 -69.02 -17.59
N ASP A 400 -43.59 -68.24 -18.29
CA ASP A 400 -43.22 -66.93 -17.77
C ASP A 400 -43.88 -65.84 -18.60
N ILE A 401 -44.19 -64.73 -17.94
CA ILE A 401 -44.80 -63.60 -18.63
C ILE A 401 -44.04 -62.32 -18.23
N ALA A 402 -43.62 -61.54 -19.23
CA ALA A 402 -42.69 -60.46 -18.97
C ALA A 402 -42.77 -59.32 -19.99
N THR A 403 -42.64 -58.10 -19.48
CA THR A 403 -42.46 -56.92 -20.33
C THR A 403 -40.98 -56.79 -20.68
N LEU A 404 -40.49 -57.72 -21.49
CA LEU A 404 -39.05 -57.91 -21.66
C LEU A 404 -38.42 -56.94 -22.66
N THR A 405 -38.73 -57.13 -23.94
CA THR A 405 -38.04 -56.37 -24.99
C THR A 405 -38.96 -55.39 -25.71
N GLY A 406 -38.47 -54.16 -25.91
CA GLY A 406 -39.22 -53.14 -26.61
C GLY A 406 -39.38 -53.42 -28.09
N ALA A 407 -38.64 -54.41 -28.58
CA ALA A 407 -38.70 -54.80 -29.99
C ALA A 407 -40.05 -55.42 -30.36
N MET A 408 -40.86 -55.72 -29.36
CA MET A 408 -42.19 -56.28 -29.59
C MET A 408 -43.10 -55.26 -30.26
N LEU A 409 -42.90 -53.98 -29.92
CA LEU A 409 -43.65 -52.89 -30.54
C LEU A 409 -43.40 -52.83 -32.03
N TYR A 410 -42.23 -53.30 -32.45
CA TYR A 410 -41.83 -53.25 -33.84
C TYR A 410 -42.18 -54.54 -34.60
N SER A 411 -42.59 -55.57 -33.86
CA SER A 411 -42.85 -56.86 -34.47
C SER A 411 -44.33 -57.26 -34.42
N LEU A 412 -44.96 -57.05 -33.28
CA LEU A 412 -46.38 -57.39 -33.14
C LEU A 412 -47.23 -56.18 -32.78
N GLY A 413 -46.59 -55.16 -32.21
CA GLY A 413 -47.27 -53.92 -31.90
C GLY A 413 -47.92 -53.91 -30.52
N THR A 414 -49.08 -53.26 -30.45
CA THR A 414 -49.71 -52.98 -29.16
C THR A 414 -50.89 -53.90 -28.84
N SER A 415 -51.26 -54.77 -29.79
CA SER A 415 -52.44 -55.62 -29.62
C SER A 415 -52.09 -57.07 -29.33
N TYR A 416 -51.07 -57.59 -30.00
CA TYR A 416 -50.72 -59.00 -29.89
C TYR A 416 -49.44 -59.23 -29.10
N ALA A 417 -49.49 -60.15 -28.13
CA ALA A 417 -48.30 -60.57 -27.40
C ALA A 417 -47.58 -61.66 -28.18
N GLY A 418 -46.30 -61.85 -27.88
CA GLY A 418 -45.53 -62.88 -28.53
C GLY A 418 -45.24 -64.03 -27.57
N VAL A 419 -45.36 -65.26 -28.05
CA VAL A 419 -45.02 -66.41 -27.24
C VAL A 419 -43.89 -67.23 -27.88
N PHE A 420 -42.91 -67.56 -27.06
CA PHE A 420 -41.78 -68.39 -27.47
C PHE A 420 -41.77 -69.60 -26.55
N GLY A 421 -41.10 -70.69 -26.97
CA GLY A 421 -41.05 -71.87 -26.12
C GLY A 421 -40.18 -73.00 -26.63
N ASN A 422 -40.01 -74.01 -25.78
CA ASN A 422 -39.24 -75.20 -26.13
C ASN A 422 -40.13 -76.42 -26.33
N ASN A 423 -41.44 -76.21 -26.22
CA ASN A 423 -42.40 -77.29 -26.31
C ASN A 423 -43.64 -76.88 -27.10
N GLU A 424 -43.87 -77.55 -28.23
CA GLU A 424 -44.92 -77.15 -29.16
C GLU A 424 -46.32 -77.43 -28.63
N GLU A 425 -46.45 -78.46 -27.80
CA GLU A 425 -47.73 -78.78 -27.19
C GLU A 425 -48.15 -77.71 -26.19
N LEU A 426 -47.18 -77.25 -25.40
CA LEU A 426 -47.42 -76.17 -24.45
C LEU A 426 -47.78 -74.88 -25.16
N ILE A 427 -47.06 -74.58 -26.24
CA ILE A 427 -47.30 -73.38 -27.02
C ILE A 427 -48.71 -73.37 -27.59
N ASN A 428 -49.16 -74.51 -28.10
CA ASN A 428 -50.51 -74.64 -28.62
C ASN A 428 -51.58 -74.40 -27.56
N LYS A 429 -51.25 -74.76 -26.32
CA LYS A 429 -52.17 -74.54 -25.21
C LYS A 429 -52.29 -73.06 -24.87
N ILE A 430 -51.19 -72.33 -25.06
CA ILE A 430 -51.21 -70.87 -24.87
C ILE A 430 -52.08 -70.23 -25.93
N LEU A 431 -51.94 -70.71 -27.16
CA LEU A 431 -52.71 -70.19 -28.29
C LEU A 431 -54.19 -70.52 -28.13
N GLN A 432 -54.48 -71.68 -27.56
CA GLN A 432 -55.86 -72.07 -27.28
C GLN A 432 -56.42 -71.23 -26.14
N SER A 433 -55.59 -70.98 -25.13
CA SER A 433 -55.97 -70.13 -24.01
C SER A 433 -56.22 -68.70 -24.50
N SER A 434 -55.46 -68.30 -25.51
CA SER A 434 -55.61 -66.98 -26.10
C SER A 434 -56.99 -66.83 -26.74
N LYS A 435 -57.42 -67.87 -27.44
CA LYS A 435 -58.71 -67.84 -28.13
C LYS A 435 -59.89 -67.75 -27.16
N THR A 436 -59.82 -68.51 -26.08
CA THR A 436 -60.93 -68.59 -25.14
C THR A 436 -60.98 -67.42 -24.17
N SER A 437 -59.87 -66.70 -24.05
CA SER A 437 -59.81 -65.53 -23.18
C SER A 437 -59.90 -64.23 -23.99
N ASN A 438 -59.76 -64.38 -25.30
CA ASN A 438 -59.73 -63.25 -26.23
C ASN A 438 -58.62 -62.24 -25.89
N GLU A 439 -57.50 -62.76 -25.41
CA GLU A 439 -56.30 -61.96 -25.25
C GLU A 439 -55.27 -62.43 -26.29
N PRO A 440 -55.10 -61.64 -27.35
CA PRO A 440 -54.34 -61.98 -28.56
C PRO A 440 -52.86 -62.29 -28.32
N VAL A 441 -52.44 -63.48 -28.73
CA VAL A 441 -51.05 -63.92 -28.62
C VAL A 441 -50.61 -64.51 -29.96
N TRP A 442 -49.34 -64.34 -30.32
CA TRP A 442 -48.81 -64.90 -31.55
C TRP A 442 -47.52 -65.68 -31.30
N TRP A 443 -47.40 -66.83 -31.96
CA TRP A 443 -46.23 -67.69 -31.80
C TRP A 443 -45.05 -67.18 -32.63
N LEU A 444 -43.94 -66.91 -31.94
CA LEU A 444 -42.73 -66.42 -32.59
C LEU A 444 -41.59 -67.41 -32.40
N PRO A 445 -40.67 -67.51 -33.37
CA PRO A 445 -39.65 -68.56 -33.35
C PRO A 445 -38.47 -68.27 -32.42
N ILE A 446 -37.93 -69.33 -31.83
CA ILE A 446 -36.63 -69.27 -31.17
C ILE A 446 -35.59 -69.76 -32.18
N ILE A 447 -34.87 -68.83 -32.79
CA ILE A 447 -33.97 -69.14 -33.88
C ILE A 447 -32.57 -69.52 -33.39
N ASN A 448 -32.27 -70.81 -33.46
CA ASN A 448 -31.04 -71.35 -32.88
C ASN A 448 -29.76 -70.84 -33.54
N GLU A 449 -29.86 -70.35 -34.78
CA GLU A 449 -28.70 -69.84 -35.49
C GLU A 449 -28.10 -68.63 -34.78
N TYR A 450 -28.89 -67.99 -33.92
CA TYR A 450 -28.46 -66.78 -33.23
C TYR A 450 -27.75 -67.06 -31.91
N ARG A 451 -27.80 -68.31 -31.46
CA ARG A 451 -27.24 -68.71 -30.16
C ARG A 451 -25.74 -68.42 -30.06
N ALA A 452 -25.05 -68.49 -31.19
CA ALA A 452 -23.60 -68.30 -31.21
C ALA A 452 -23.18 -66.89 -30.80
N THR A 453 -24.08 -65.92 -31.01
CA THR A 453 -23.79 -64.53 -30.69
C THR A 453 -23.89 -64.26 -29.18
N LEU A 454 -24.19 -65.30 -28.42
CA LEU A 454 -24.24 -65.20 -26.97
C LEU A 454 -23.00 -65.84 -26.34
N ASN A 455 -22.11 -66.35 -27.18
CA ASN A 455 -20.85 -66.91 -26.70
C ASN A 455 -19.92 -65.82 -26.17
N SER A 456 -19.72 -65.81 -24.86
CA SER A 456 -18.77 -64.88 -24.26
C SER A 456 -17.35 -65.44 -24.35
N LYS A 457 -16.38 -64.54 -24.44
CA LYS A 457 -14.99 -64.95 -24.46
C LYS A 457 -14.55 -65.46 -23.09
N TYR A 458 -15.14 -64.90 -22.04
CA TYR A 458 -14.69 -65.18 -20.67
C TYR A 458 -15.73 -65.90 -19.82
N ALA A 459 -16.99 -65.49 -19.91
CA ALA A 459 -18.05 -66.13 -19.15
C ALA A 459 -18.65 -67.29 -19.92
N ASP A 460 -19.50 -68.08 -19.26
CA ASP A 460 -20.18 -69.20 -19.90
C ASP A 460 -21.14 -68.73 -20.99
N ILE A 461 -21.64 -67.50 -20.86
CA ILE A 461 -22.63 -66.97 -21.78
C ILE A 461 -22.76 -65.45 -21.71
N ASN A 462 -23.00 -64.82 -22.86
CA ASN A 462 -23.31 -63.39 -22.89
C ASN A 462 -24.76 -63.14 -22.52
N GLN A 463 -25.01 -62.02 -21.87
CA GLN A 463 -26.37 -61.61 -21.52
C GLN A 463 -27.12 -61.14 -22.76
N ILE A 464 -26.47 -60.29 -23.53
CA ILE A 464 -27.05 -59.76 -24.77
C ILE A 464 -26.17 -60.10 -25.97
N SER A 465 -26.78 -60.10 -27.15
CA SER A 465 -26.01 -60.15 -28.38
C SER A 465 -25.57 -58.73 -28.73
N SER A 466 -24.56 -58.60 -29.58
CA SER A 466 -24.09 -57.29 -30.00
C SER A 466 -24.21 -57.13 -31.51
N SER A 467 -24.55 -58.22 -32.20
CA SER A 467 -24.63 -58.21 -33.65
C SER A 467 -26.02 -58.56 -34.16
N VAL A 468 -26.95 -58.82 -33.25
CA VAL A 468 -28.32 -59.19 -33.63
C VAL A 468 -29.35 -58.23 -33.03
N LYS A 469 -30.18 -57.65 -33.90
CA LYS A 469 -31.21 -56.71 -33.49
C LYS A 469 -32.50 -57.43 -33.11
N ALA A 470 -32.52 -58.74 -33.29
CA ALA A 470 -33.68 -59.55 -32.93
C ALA A 470 -33.71 -59.83 -31.42
N SER A 471 -33.96 -58.79 -30.65
CA SER A 471 -33.84 -58.84 -29.20
C SER A 471 -34.78 -59.85 -28.54
N SER A 472 -36.02 -59.90 -29.01
CA SER A 472 -37.02 -60.79 -28.43
C SER A 472 -36.63 -62.26 -28.57
N ILE A 473 -36.00 -62.59 -29.69
CA ILE A 473 -35.57 -63.96 -29.95
C ILE A 473 -34.28 -64.28 -29.20
N VAL A 474 -33.34 -63.34 -29.20
CA VAL A 474 -32.08 -63.51 -28.47
C VAL A 474 -32.34 -63.71 -26.98
N ALA A 475 -33.23 -62.89 -26.41
CA ALA A 475 -33.57 -63.00 -25.00
C ALA A 475 -34.22 -64.36 -24.70
N SER A 476 -35.05 -64.83 -25.62
CA SER A 476 -35.68 -66.13 -25.48
C SER A 476 -34.62 -67.24 -25.53
N LEU A 477 -33.60 -67.04 -26.37
CA LEU A 477 -32.48 -67.97 -26.45
C LEU A 477 -31.71 -67.98 -25.14
N PHE A 478 -31.59 -66.81 -24.53
CA PHE A 478 -30.90 -66.68 -23.26
C PHE A 478 -31.64 -67.42 -22.15
N LEU A 479 -32.95 -67.18 -22.08
CA LEU A 479 -33.77 -67.79 -21.04
C LEU A 479 -33.89 -69.31 -21.22
N LYS A 480 -33.80 -69.76 -22.46
CA LYS A 480 -33.88 -71.20 -22.76
C LYS A 480 -32.69 -71.93 -22.14
N GLU A 481 -31.59 -71.22 -21.97
CA GLU A 481 -30.37 -71.78 -21.39
C GLU A 481 -30.50 -72.06 -19.90
N PHE A 482 -31.66 -71.72 -19.32
CA PHE A 482 -31.85 -71.87 -17.89
C PHE A 482 -33.01 -72.81 -17.56
N VAL A 483 -33.56 -73.45 -18.59
CA VAL A 483 -34.54 -74.51 -18.41
C VAL A 483 -34.00 -75.79 -19.04
N GLN A 484 -33.58 -76.73 -18.19
CA GLN A 484 -32.83 -77.90 -18.65
C GLN A 484 -33.71 -79.00 -19.24
N ASN A 485 -34.79 -79.35 -18.54
CA ASN A 485 -35.57 -80.53 -18.92
C ASN A 485 -37.07 -80.38 -18.68
N THR A 486 -37.61 -79.20 -18.94
CA THR A 486 -39.03 -78.95 -18.70
C THR A 486 -39.67 -78.17 -19.83
N ALA A 487 -40.91 -78.54 -20.18
CA ALA A 487 -41.71 -77.78 -21.13
C ALA A 487 -41.88 -76.36 -20.62
N TRP A 488 -41.43 -75.40 -21.43
CA TRP A 488 -41.41 -74.00 -20.99
C TRP A 488 -41.84 -73.05 -22.11
N ALA A 489 -42.64 -72.04 -21.74
CA ALA A 489 -43.08 -71.02 -22.70
C ALA A 489 -42.85 -69.62 -22.14
N HIS A 490 -42.61 -68.67 -23.03
CA HIS A 490 -42.28 -67.31 -22.65
C HIS A 490 -43.16 -66.30 -23.37
N ILE A 491 -43.92 -65.51 -22.61
CA ILE A 491 -44.81 -64.53 -23.19
C ILE A 491 -44.29 -63.11 -22.99
N ASP A 492 -43.92 -62.46 -24.10
CA ASP A 492 -43.41 -61.10 -24.06
C ASP A 492 -44.54 -60.09 -24.24
N ILE A 493 -44.88 -59.39 -23.16
CA ILE A 493 -46.00 -58.46 -23.17
C ILE A 493 -45.55 -56.99 -23.10
N ALA A 494 -44.29 -56.75 -23.49
CA ALA A 494 -43.73 -55.41 -23.41
C ALA A 494 -44.45 -54.42 -24.33
N GLY A 495 -45.12 -54.93 -25.35
CA GLY A 495 -45.79 -54.07 -26.31
C GLY A 495 -47.28 -53.90 -26.05
N VAL A 496 -47.86 -54.81 -25.28
CA VAL A 496 -49.32 -54.84 -25.13
C VAL A 496 -49.80 -54.52 -23.72
N SER A 497 -48.88 -54.34 -22.79
CA SER A 497 -49.25 -54.15 -21.40
C SER A 497 -49.91 -52.79 -21.12
N TRP A 498 -49.55 -51.78 -21.90
CA TRP A 498 -50.00 -50.43 -21.63
C TRP A 498 -50.93 -49.89 -22.71
N ASN A 499 -52.14 -49.51 -22.31
CA ASN A 499 -53.09 -48.85 -23.18
C ASN A 499 -52.69 -47.38 -23.34
N PHE A 500 -52.03 -47.06 -24.44
CA PHE A 500 -51.46 -45.73 -24.64
C PHE A 500 -52.51 -44.66 -24.89
N LYS A 501 -53.55 -44.98 -25.65
CA LYS A 501 -54.58 -44.00 -25.94
C LYS A 501 -55.37 -43.63 -24.70
N ALA A 502 -55.63 -44.61 -23.84
CA ALA A 502 -56.40 -44.38 -22.63
C ALA A 502 -55.50 -44.03 -21.44
N ARG A 503 -54.20 -44.10 -21.64
CA ARG A 503 -53.21 -43.79 -20.62
C ARG A 503 -53.41 -44.62 -19.35
N LYS A 504 -53.51 -45.93 -19.51
CA LYS A 504 -53.75 -46.82 -18.37
C LYS A 504 -53.30 -48.25 -18.66
N PRO A 505 -53.10 -49.06 -17.60
CA PRO A 505 -52.70 -50.46 -17.83
C PRO A 505 -53.84 -51.28 -18.44
N LYS A 506 -53.50 -52.39 -19.07
CA LYS A 506 -54.49 -53.31 -19.61
C LYS A 506 -54.79 -54.43 -18.64
N GLY A 507 -53.80 -54.77 -17.82
CA GLY A 507 -53.88 -55.94 -16.97
C GLY A 507 -53.78 -57.18 -17.82
N PHE A 508 -53.03 -57.06 -18.92
CA PHE A 508 -52.91 -58.13 -19.91
C PHE A 508 -52.26 -59.38 -19.34
N GLY A 509 -52.88 -60.52 -19.59
CA GLY A 509 -52.29 -61.79 -19.21
C GLY A 509 -53.05 -62.53 -18.11
N VAL A 510 -53.82 -61.79 -17.31
CA VAL A 510 -54.56 -62.40 -16.21
C VAL A 510 -55.54 -63.46 -16.71
N ARG A 511 -56.36 -63.07 -17.68
CA ARG A 511 -57.36 -63.99 -18.23
C ARG A 511 -56.71 -65.07 -19.07
N LEU A 512 -55.64 -64.71 -19.78
CA LEU A 512 -54.89 -65.66 -20.59
C LEU A 512 -54.32 -66.79 -19.74
N LEU A 513 -53.66 -66.41 -18.65
CA LEU A 513 -53.05 -67.39 -17.75
C LEU A 513 -54.08 -68.19 -17.00
N THR A 514 -55.22 -67.57 -16.69
CA THR A 514 -56.27 -68.25 -15.95
C THR A 514 -56.98 -69.29 -16.82
N GLU A 515 -57.26 -68.92 -18.06
CA GLU A 515 -57.84 -69.86 -19.02
C GLU A 515 -56.92 -71.05 -19.25
N PHE A 516 -55.62 -70.81 -19.07
CA PHE A 516 -54.62 -71.86 -19.18
C PHE A 516 -54.72 -72.85 -18.03
N VAL A 517 -54.83 -72.32 -16.81
CA VAL A 517 -54.94 -73.15 -15.62
C VAL A 517 -56.24 -73.96 -15.63
N LEU A 518 -57.33 -73.29 -15.99
CA LEU A 518 -58.65 -73.90 -15.94
C LEU A 518 -58.85 -75.01 -16.97
N ASN A 519 -58.55 -74.70 -18.24
CA ASN A 519 -58.79 -75.64 -19.33
C ASN A 519 -57.79 -76.79 -19.36
N ASP A 520 -56.98 -76.91 -18.31
CA ASP A 520 -56.00 -77.98 -18.22
C ASP A 520 -56.43 -79.04 -17.20
N SER B 3 -7.75 -53.28 2.64
CA SER B 3 -7.43 -54.65 2.29
C SER B 3 -8.69 -55.51 2.20
N GLU B 4 -9.67 -55.22 3.04
CA GLU B 4 -10.94 -55.96 3.03
C GLU B 4 -11.89 -55.37 1.99
N VAL B 5 -12.27 -56.19 1.01
CA VAL B 5 -13.12 -55.74 -0.09
C VAL B 5 -14.59 -55.68 0.32
N PRO B 6 -15.19 -54.49 0.26
CA PRO B 6 -16.61 -54.31 0.62
C PRO B 6 -17.55 -55.08 -0.31
N GLN B 7 -18.68 -55.53 0.21
CA GLN B 7 -19.65 -56.28 -0.55
C GLN B 7 -21.06 -55.72 -0.37
N VAL B 8 -21.82 -55.68 -1.46
CA VAL B 8 -23.24 -55.31 -1.37
C VAL B 8 -24.03 -56.53 -0.93
N VAL B 9 -23.74 -57.67 -1.55
CA VAL B 9 -24.29 -58.95 -1.13
C VAL B 9 -23.15 -59.96 -0.99
N SER B 10 -23.41 -61.07 -0.31
CA SER B 10 -22.37 -62.04 -0.02
C SER B 10 -21.84 -62.75 -1.27
N LEU B 11 -22.59 -62.64 -2.37
CA LEU B 11 -22.18 -63.28 -3.61
C LEU B 11 -21.21 -62.44 -4.42
N ASP B 12 -20.96 -61.22 -3.97
CA ASP B 12 -19.97 -60.36 -4.61
C ASP B 12 -18.55 -60.85 -4.32
N PRO B 13 -17.75 -61.07 -5.37
CA PRO B 13 -16.39 -61.60 -5.24
C PRO B 13 -15.46 -60.68 -4.45
N THR B 14 -14.46 -61.25 -3.79
CA THR B 14 -13.59 -60.48 -2.90
C THR B 14 -12.12 -60.54 -3.33
N SER B 15 -11.86 -61.07 -4.52
CA SER B 15 -10.49 -61.10 -5.04
C SER B 15 -10.46 -61.35 -6.54
N ILE B 16 -9.40 -60.90 -7.19
CA ILE B 16 -9.19 -61.16 -8.60
C ILE B 16 -8.54 -62.53 -8.78
N PRO B 17 -9.24 -63.45 -9.46
CA PRO B 17 -8.62 -64.74 -9.76
C PRO B 17 -7.42 -64.56 -10.68
N ILE B 18 -6.25 -64.99 -10.22
CA ILE B 18 -5.03 -64.83 -11.00
C ILE B 18 -4.30 -66.16 -11.14
N GLU B 19 -4.05 -66.56 -12.38
CA GLU B 19 -3.29 -67.77 -12.66
C GLU B 19 -1.81 -67.41 -12.85
N TYR B 20 -0.97 -67.88 -11.94
CA TYR B 20 0.45 -67.56 -11.99
C TYR B 20 1.22 -68.59 -12.80
N ASN B 21 1.03 -69.87 -12.48
CA ASN B 21 1.66 -70.95 -13.24
CA ASN B 21 1.66 -70.95 -13.23
C ASN B 21 0.78 -71.39 -14.39
N THR B 22 1.05 -70.83 -15.57
CA THR B 22 0.26 -71.13 -16.76
C THR B 22 0.82 -72.34 -17.51
N PRO B 23 -0.03 -73.01 -18.30
CA PRO B 23 0.40 -74.14 -19.14
C PRO B 23 1.62 -73.83 -20.02
N ILE B 24 1.80 -72.56 -20.38
CA ILE B 24 2.97 -72.14 -21.15
C ILE B 24 4.25 -72.40 -20.35
N HIS B 25 4.18 -72.19 -19.04
CA HIS B 25 5.34 -72.38 -18.16
C HIS B 25 5.77 -73.84 -18.07
N ASP B 26 4.83 -74.75 -18.35
CA ASP B 26 5.13 -76.18 -18.28
C ASP B 26 5.72 -76.71 -19.58
N ILE B 27 5.87 -75.83 -20.57
CA ILE B 27 6.44 -76.21 -21.85
C ILE B 27 7.96 -76.19 -21.83
N LYS B 28 8.57 -77.35 -22.01
CA LYS B 28 10.02 -77.44 -22.11
C LYS B 28 10.49 -76.99 -23.48
N VAL B 29 11.33 -75.95 -23.50
CA VAL B 29 11.81 -75.40 -24.76
C VAL B 29 13.28 -75.76 -24.99
N GLN B 30 13.61 -76.13 -26.23
CA GLN B 30 14.98 -76.46 -26.59
C GLN B 30 15.30 -75.89 -27.98
N VAL B 31 16.44 -75.20 -28.08
CA VAL B 31 16.85 -74.61 -29.34
C VAL B 31 18.03 -75.37 -29.95
N TYR B 32 17.90 -75.75 -31.21
CA TYR B 32 18.98 -76.43 -31.92
C TYR B 32 19.43 -75.59 -33.12
N ASP B 33 20.70 -75.73 -33.49
CA ASP B 33 21.19 -75.07 -34.69
C ASP B 33 20.73 -75.85 -35.91
N ILE B 34 20.40 -75.15 -36.99
CA ILE B 34 19.86 -75.79 -38.18
C ILE B 34 20.93 -76.60 -38.90
N LYS B 35 22.19 -76.32 -38.59
CA LYS B 35 23.30 -77.16 -39.03
C LYS B 35 23.38 -78.38 -38.13
N GLY B 36 23.28 -79.56 -38.71
CA GLY B 36 23.18 -80.79 -37.95
C GLY B 36 21.90 -81.51 -38.31
N GLY B 37 21.01 -80.79 -38.96
CA GLY B 37 19.78 -81.37 -39.47
C GLY B 37 18.63 -81.39 -38.50
N CYS B 38 17.43 -81.64 -39.01
CA CYS B 38 16.23 -81.71 -38.19
C CYS B 38 15.82 -83.15 -37.91
N ASN B 39 15.45 -83.43 -36.67
CA ASN B 39 14.91 -84.73 -36.31
C ASN B 39 13.39 -84.70 -36.28
N VAL B 40 12.76 -85.30 -37.29
CA VAL B 40 11.31 -85.39 -37.35
C VAL B 40 10.87 -86.73 -36.78
N GLU B 41 10.48 -86.73 -35.51
CA GLU B 41 10.23 -87.98 -34.80
C GLU B 41 8.89 -88.05 -34.09
N GLU B 42 8.38 -86.90 -33.64
CA GLU B 42 7.21 -86.90 -32.77
C GLU B 42 6.45 -85.58 -32.81
N GLY B 43 5.12 -85.67 -32.71
CA GLY B 43 4.28 -84.48 -32.66
C GLY B 43 4.12 -83.81 -34.02
N LEU B 44 4.15 -82.49 -34.02
CA LEU B 44 3.99 -81.71 -35.24
C LEU B 44 5.22 -80.86 -35.53
N THR B 45 5.71 -80.92 -36.77
CA THR B 45 6.89 -80.15 -37.16
C THR B 45 6.54 -79.14 -38.26
N ILE B 46 6.72 -77.86 -37.96
CA ILE B 46 6.34 -76.80 -38.88
C ILE B 46 7.53 -76.02 -39.41
N PHE B 47 7.64 -75.94 -40.73
CA PHE B 47 8.68 -75.14 -41.38
C PHE B 47 8.16 -73.74 -41.70
N LEU B 48 8.79 -72.72 -41.13
CA LEU B 48 8.47 -71.36 -41.49
C LEU B 48 9.21 -70.98 -42.76
N VAL B 49 8.53 -71.04 -43.90
CA VAL B 49 9.18 -70.85 -45.19
C VAL B 49 8.72 -69.58 -45.90
N ASN B 50 9.60 -69.06 -46.76
CA ASN B 50 9.29 -67.90 -47.57
C ASN B 50 9.91 -68.03 -48.96
N ASN B 51 9.61 -67.09 -49.84
CA ASN B 51 10.23 -67.05 -51.15
C ASN B 51 10.41 -65.60 -51.59
N PRO B 52 11.60 -65.05 -51.37
CA PRO B 52 11.93 -63.65 -51.69
C PRO B 52 11.68 -63.31 -53.15
N GLY B 53 11.04 -62.16 -53.38
CA GLY B 53 10.76 -61.71 -54.73
C GLY B 53 9.47 -62.27 -55.29
N LYS B 54 9.45 -63.57 -55.54
CA LYS B 54 8.28 -64.25 -56.11
C LYS B 54 7.05 -64.02 -55.25
N GLU B 55 6.02 -63.43 -55.86
CA GLU B 55 4.82 -63.05 -55.14
C GLU B 55 4.24 -64.22 -54.34
N ASN B 56 3.66 -65.24 -54.96
CA ASN B 56 3.28 -66.33 -54.06
C ASN B 56 4.04 -67.55 -54.55
N GLY B 57 5.35 -67.48 -54.38
CA GLY B 57 6.23 -68.50 -54.88
C GLY B 57 6.07 -69.83 -54.17
N PRO B 58 6.55 -70.92 -54.79
CA PRO B 58 6.44 -72.28 -54.24
C PRO B 58 7.25 -72.45 -52.96
N VAL B 59 6.77 -73.30 -52.06
CA VAL B 59 7.54 -73.58 -50.85
C VAL B 59 8.69 -74.52 -51.22
N LYS B 60 9.82 -74.35 -50.53
CA LYS B 60 10.99 -75.17 -50.78
C LYS B 60 11.81 -75.31 -49.51
N ILE B 61 11.75 -76.51 -48.91
CA ILE B 61 12.50 -76.78 -47.69
C ILE B 61 14.00 -76.85 -47.99
N SER B 62 14.75 -75.90 -47.44
CA SER B 62 16.18 -75.82 -47.71
C SER B 62 17.00 -76.52 -46.63
N SER B 63 16.40 -76.71 -45.46
CA SER B 63 17.10 -77.33 -44.34
C SER B 63 17.24 -78.83 -44.52
N LYS B 64 18.34 -79.37 -44.01
CA LYS B 64 18.57 -80.81 -44.05
C LYS B 64 17.74 -81.51 -42.97
N VAL B 65 17.14 -82.63 -43.33
CA VAL B 65 16.35 -83.40 -42.37
C VAL B 65 16.98 -84.77 -42.16
N ASN B 66 17.29 -85.09 -40.91
CA ASN B 66 17.97 -86.35 -40.59
C ASN B 66 17.04 -87.56 -40.67
N ASP B 67 16.39 -87.72 -41.81
CA ASP B 67 15.50 -88.84 -42.05
C ASP B 67 15.28 -89.02 -43.55
N LYS B 68 15.51 -90.23 -44.03
CA LYS B 68 15.44 -90.52 -45.46
C LYS B 68 14.05 -90.29 -46.04
N GLN B 69 13.03 -90.84 -45.38
CA GLN B 69 11.66 -90.74 -45.86
C GLN B 69 11.15 -89.30 -45.83
N VAL B 70 11.42 -88.59 -44.73
CA VAL B 70 10.96 -87.22 -44.57
C VAL B 70 11.61 -86.30 -45.60
N SER B 71 12.91 -86.48 -45.82
CA SER B 71 13.63 -85.71 -46.84
C SER B 71 13.04 -85.95 -48.22
N GLU B 72 12.64 -87.20 -48.48
CA GLU B 72 12.05 -87.57 -49.77
C GLU B 72 10.70 -86.88 -49.97
N PHE B 73 9.90 -86.84 -48.91
CA PHE B 73 8.58 -86.21 -48.98
C PHE B 73 8.71 -84.71 -49.23
N LEU B 74 9.69 -84.09 -48.59
CA LEU B 74 9.85 -82.64 -48.67
C LEU B 74 10.73 -82.21 -49.84
N LYS B 75 10.79 -83.05 -50.88
CA LYS B 75 11.54 -82.72 -52.08
C LYS B 75 10.88 -81.56 -52.83
N ASP B 76 11.67 -80.86 -53.65
CA ASP B 76 11.18 -79.69 -54.37
C ASP B 76 9.99 -80.01 -55.27
N GLU B 77 10.06 -81.16 -55.96
CA GLU B 77 9.00 -81.58 -56.85
C GLU B 77 7.68 -81.79 -56.11
N ASN B 78 7.76 -82.38 -54.93
CA ASN B 78 6.58 -82.66 -54.12
C ASN B 78 5.97 -81.43 -53.47
N MET B 79 6.76 -80.37 -53.35
CA MET B 79 6.33 -79.17 -52.64
C MET B 79 5.97 -78.02 -53.58
N GLU B 80 6.12 -78.24 -54.87
CA GLU B 80 5.85 -77.20 -55.86
C GLU B 80 4.38 -76.79 -55.87
N LYS B 81 3.51 -77.71 -55.47
CA LYS B 81 2.07 -77.48 -55.46
C LYS B 81 1.66 -76.38 -54.50
N PHE B 82 2.39 -76.26 -53.40
CA PHE B 82 2.06 -75.27 -52.36
C PHE B 82 2.82 -73.97 -52.56
N ASN B 83 2.26 -72.88 -52.05
CA ASN B 83 2.88 -71.56 -52.15
C ASN B 83 3.13 -70.93 -50.79
N VAL B 84 3.90 -69.84 -50.77
CA VAL B 84 4.36 -69.23 -49.52
C VAL B 84 3.60 -67.97 -49.14
N LYS B 85 2.37 -67.82 -49.65
CA LYS B 85 1.52 -66.68 -49.30
C LYS B 85 1.44 -66.51 -47.78
N LEU B 86 1.55 -65.26 -47.33
CA LEU B 86 1.54 -64.96 -45.90
C LEU B 86 0.26 -65.46 -45.22
N GLY B 87 0.43 -66.20 -44.13
CA GLY B 87 -0.69 -66.73 -43.38
C GLY B 87 -1.06 -68.16 -43.76
N THR B 88 -0.69 -68.55 -44.98
CA THR B 88 -1.01 -69.88 -45.50
C THR B 88 -0.31 -70.97 -44.68
N SER B 89 -1.02 -72.08 -44.47
CA SER B 89 -0.45 -73.23 -43.77
C SER B 89 -0.97 -74.54 -44.38
N LYS B 90 -0.19 -75.60 -44.24
CA LYS B 90 -0.58 -76.93 -44.72
C LYS B 90 -0.17 -78.03 -43.75
N HIS B 91 -0.93 -79.11 -43.74
CA HIS B 91 -0.63 -80.26 -42.89
C HIS B 91 -0.19 -81.46 -43.73
N PHE B 92 0.85 -82.16 -43.28
CA PHE B 92 1.34 -83.36 -43.97
C PHE B 92 1.33 -84.58 -43.05
N TYR B 93 1.11 -85.75 -43.64
CA TYR B 93 1.13 -87.00 -42.89
C TYR B 93 2.01 -88.04 -43.60
N MET B 94 2.84 -88.73 -42.84
CA MET B 94 3.81 -89.66 -43.40
C MET B 94 4.51 -90.52 -42.36
N PHE B 95 5.30 -91.49 -42.83
CA PHE B 95 6.09 -92.34 -41.95
C PHE B 95 7.59 -92.09 -42.14
N ASN B 96 8.33 -92.04 -41.05
CA ASN B 96 9.78 -91.86 -41.13
C ASN B 96 10.51 -93.20 -41.30
N ASP B 97 11.83 -93.18 -41.10
CA ASP B 97 12.64 -94.38 -41.27
C ASP B 97 12.33 -95.41 -40.20
N ASN B 98 11.87 -94.94 -39.04
CA ASN B 98 11.51 -95.81 -37.92
C ASN B 98 10.08 -96.32 -38.13
N LYS B 99 9.56 -96.09 -39.34
CA LYS B 99 8.21 -96.51 -39.72
C LYS B 99 7.15 -95.99 -38.76
N ASN B 100 7.45 -94.88 -38.08
CA ASN B 100 6.50 -94.22 -37.21
C ASN B 100 5.85 -93.04 -37.92
N SER B 101 4.55 -92.84 -37.67
CA SER B 101 3.82 -91.76 -38.31
C SER B 101 4.24 -90.41 -37.72
N VAL B 102 4.47 -89.44 -38.60
CA VAL B 102 4.81 -88.08 -38.18
C VAL B 102 3.97 -87.05 -38.93
N ALA B 103 3.66 -85.95 -38.25
CA ALA B 103 2.92 -84.86 -38.85
C ALA B 103 3.84 -83.68 -39.12
N VAL B 104 3.95 -83.30 -40.39
CA VAL B 104 4.81 -82.19 -40.78
C VAL B 104 3.95 -81.13 -41.49
N GLY B 105 4.49 -79.93 -41.65
CA GLY B 105 3.77 -78.88 -42.34
C GLY B 105 4.58 -77.61 -42.52
N TYR B 106 3.92 -76.52 -42.88
CA TYR B 106 4.59 -75.24 -43.04
C TYR B 106 3.64 -74.07 -42.80
N VAL B 107 4.22 -72.89 -42.59
CA VAL B 107 3.47 -71.65 -42.57
C VAL B 107 4.13 -70.66 -43.53
N GLY B 108 3.35 -70.13 -44.46
CA GLY B 108 3.86 -69.18 -45.43
C GLY B 108 4.23 -67.85 -44.82
N CYS B 109 5.47 -67.43 -45.00
CA CYS B 109 5.96 -66.19 -44.40
C CYS B 109 6.11 -65.08 -45.44
N GLY B 110 5.43 -65.21 -46.56
CA GLY B 110 5.39 -64.16 -47.57
C GLY B 110 6.61 -64.07 -48.46
N SER B 111 6.79 -62.91 -49.08
CA SER B 111 7.87 -62.72 -50.05
C SER B 111 8.89 -61.68 -49.58
N VAL B 112 8.50 -60.83 -48.64
CA VAL B 112 9.41 -59.81 -48.12
C VAL B 112 10.51 -60.45 -47.28
N ALA B 113 11.74 -59.99 -47.45
CA ALA B 113 12.90 -60.58 -46.80
C ALA B 113 12.89 -60.39 -45.28
N ASP B 114 12.31 -59.29 -44.82
CA ASP B 114 12.22 -59.00 -43.40
C ASP B 114 10.78 -58.83 -42.95
N LEU B 115 10.29 -59.76 -42.14
CA LEU B 115 8.92 -59.70 -41.64
C LEU B 115 8.77 -58.61 -40.60
N SER B 116 7.68 -57.86 -40.68
CA SER B 116 7.42 -56.77 -39.75
C SER B 116 6.63 -57.23 -38.54
N GLU B 117 6.41 -56.30 -37.61
CA GLU B 117 5.66 -56.57 -36.38
C GLU B 117 4.28 -57.14 -36.66
N ALA B 118 3.57 -56.54 -37.61
CA ALA B 118 2.23 -56.98 -37.97
C ALA B 118 2.25 -58.33 -38.67
N ASP B 119 3.24 -58.55 -39.53
CA ASP B 119 3.31 -59.76 -40.34
C ASP B 119 3.68 -61.00 -39.52
N MET B 120 4.59 -60.84 -38.57
CA MET B 120 5.00 -61.96 -37.72
C MET B 120 3.82 -62.45 -36.88
N LYS B 121 2.96 -61.51 -36.49
CA LYS B 121 1.76 -61.86 -35.74
C LYS B 121 0.82 -62.70 -36.60
N ARG B 122 0.79 -62.41 -37.90
CA ARG B 122 -0.02 -63.20 -38.83
C ARG B 122 0.54 -64.61 -38.98
N VAL B 123 1.86 -64.73 -38.94
CA VAL B 123 2.51 -66.02 -38.99
C VAL B 123 2.18 -66.83 -37.74
N VAL B 124 2.29 -66.18 -36.58
CA VAL B 124 2.03 -66.82 -35.30
C VAL B 124 0.58 -67.32 -35.21
N LEU B 125 -0.36 -66.45 -35.59
CA LEU B 125 -1.78 -66.80 -35.54
C LEU B 125 -2.11 -68.01 -36.41
N SER B 126 -1.39 -68.15 -37.52
CA SER B 126 -1.54 -69.32 -38.38
C SER B 126 -1.06 -70.56 -37.64
N LEU B 127 0.05 -70.42 -36.93
CA LEU B 127 0.64 -71.52 -36.16
C LEU B 127 -0.26 -71.93 -35.01
N VAL B 128 -0.90 -70.94 -34.37
CA VAL B 128 -1.78 -71.20 -33.23
C VAL B 128 -3.00 -72.00 -33.66
N THR B 129 -3.50 -71.74 -34.86
CA THR B 129 -4.65 -72.46 -35.41
C THR B 129 -4.32 -73.95 -35.56
N MET B 130 -3.06 -74.24 -35.87
CA MET B 130 -2.61 -75.62 -36.03
C MET B 130 -2.49 -76.32 -34.67
N LEU B 131 -2.31 -75.53 -33.62
CA LEU B 131 -2.24 -76.07 -32.27
C LEU B 131 -3.62 -76.27 -31.68
N HIS B 132 -4.54 -75.39 -32.03
CA HIS B 132 -5.92 -75.48 -31.56
C HIS B 132 -6.64 -76.67 -32.18
N ASP B 133 -7.47 -77.34 -31.39
CA ASP B 133 -8.27 -78.47 -31.83
C ASP B 133 -7.43 -79.63 -32.38
N ASN B 134 -6.19 -79.72 -31.93
CA ASN B 134 -5.35 -80.87 -32.22
C ASN B 134 -4.49 -81.21 -31.00
N LYS B 135 -4.77 -82.36 -30.40
CA LYS B 135 -4.08 -82.77 -29.18
C LYS B 135 -2.68 -83.27 -29.47
N LEU B 136 -1.70 -82.40 -29.20
CA LEU B 136 -0.30 -82.68 -29.49
C LEU B 136 0.55 -82.59 -28.24
N SER B 137 1.62 -83.38 -28.20
CA SER B 137 2.54 -83.35 -27.08
C SER B 137 3.71 -82.41 -27.37
N LYS B 138 4.02 -82.25 -28.65
CA LYS B 138 5.21 -81.51 -29.05
C LYS B 138 5.05 -80.73 -30.35
N LEU B 139 5.51 -79.48 -30.34
CA LEU B 139 5.59 -78.69 -31.56
C LEU B 139 7.06 -78.46 -31.90
N THR B 140 7.39 -78.55 -33.18
CA THR B 140 8.74 -78.24 -33.64
C THR B 140 8.69 -77.18 -34.72
N VAL B 141 9.42 -76.09 -34.50
CA VAL B 141 9.41 -74.97 -35.44
C VAL B 141 10.78 -74.76 -36.08
N VAL B 142 10.87 -75.01 -37.38
CA VAL B 142 12.11 -74.78 -38.11
C VAL B 142 12.08 -73.44 -38.82
N PHE B 143 13.03 -72.58 -38.49
CA PHE B 143 13.11 -71.25 -39.06
C PHE B 143 13.92 -71.24 -40.35
N GLU B 144 13.23 -71.25 -41.49
CA GLU B 144 13.89 -71.14 -42.78
C GLU B 144 13.84 -69.70 -43.28
N ILE B 145 13.75 -68.77 -42.34
CA ILE B 145 13.75 -67.34 -42.63
C ILE B 145 14.71 -66.63 -41.68
N ASN B 146 15.13 -65.42 -42.04
CA ASN B 146 16.02 -64.64 -41.20
C ASN B 146 15.24 -63.76 -40.22
N VAL B 147 15.53 -63.91 -38.94
CA VAL B 147 14.94 -63.08 -37.90
C VAL B 147 16.00 -62.65 -36.91
N ASP B 148 16.02 -61.37 -36.56
CA ASP B 148 16.98 -60.90 -35.56
C ASP B 148 16.48 -61.26 -34.17
N LYS B 149 17.38 -61.23 -33.20
CA LYS B 149 17.11 -61.72 -31.84
C LYS B 149 15.84 -61.12 -31.23
N ASN B 150 15.55 -59.87 -31.54
CA ASN B 150 14.35 -59.22 -31.04
C ASN B 150 13.08 -59.79 -31.66
N LEU B 151 13.10 -60.03 -32.97
CA LEU B 151 11.94 -60.57 -33.66
C LEU B 151 11.70 -62.02 -33.31
N PHE B 152 12.79 -62.77 -33.08
CA PHE B 152 12.68 -64.15 -32.64
C PHE B 152 12.01 -64.20 -31.27
N ARG B 153 12.37 -63.28 -30.40
CA ARG B 153 11.77 -63.20 -29.08
C ARG B 153 10.31 -62.78 -29.18
N PHE B 154 10.02 -61.88 -30.12
CA PHE B 154 8.64 -61.44 -30.35
C PHE B 154 7.77 -62.61 -30.80
N PHE B 155 8.35 -63.46 -31.66
CA PHE B 155 7.66 -64.66 -32.13
C PHE B 155 7.23 -65.54 -30.97
N LEU B 156 8.13 -65.75 -30.01
CA LEU B 156 7.86 -66.61 -28.87
C LEU B 156 6.80 -66.03 -27.94
N GLU B 157 6.99 -64.77 -27.55
CA GLU B 157 6.03 -64.06 -26.70
C GLU B 157 4.62 -64.13 -27.29
N THR B 158 4.52 -63.78 -28.56
CA THR B 158 3.24 -63.78 -29.27
C THR B 158 2.66 -65.18 -29.36
N LEU B 159 3.53 -66.16 -29.64
CA LEU B 159 3.11 -67.55 -29.64
C LEU B 159 2.56 -67.94 -28.28
N PHE B 160 3.36 -67.68 -27.24
CA PHE B 160 2.96 -68.01 -25.87
C PHE B 160 1.65 -67.33 -25.48
N TYR B 161 1.54 -66.05 -25.82
CA TYR B 161 0.38 -65.25 -25.42
C TYR B 161 -0.91 -65.68 -26.11
N GLU B 162 -0.85 -65.87 -27.43
CA GLU B 162 -2.05 -66.21 -28.20
C GLU B 162 -2.49 -67.64 -27.97
N TYR B 163 -1.51 -68.50 -27.65
CA TYR B 163 -1.76 -69.92 -27.39
C TYR B 163 -2.51 -70.09 -26.06
N MET B 164 -2.19 -69.23 -25.10
CA MET B 164 -2.77 -69.30 -23.76
C MET B 164 -4.22 -68.81 -23.75
N THR B 165 -5.12 -69.61 -23.21
CA THR B 165 -6.53 -69.28 -23.16
C THR B 165 -7.01 -69.07 -21.72
N ASP B 166 -7.67 -67.95 -21.48
CA ASP B 166 -8.15 -67.58 -20.15
C ASP B 166 -9.52 -68.17 -19.86
N GLU B 167 -9.59 -69.05 -18.86
CA GLU B 167 -10.85 -69.71 -18.51
C GLU B 167 -11.23 -69.48 -17.06
N ARG B 168 -10.70 -68.41 -16.46
CA ARG B 168 -10.94 -68.10 -15.06
C ARG B 168 -12.42 -67.91 -14.72
N PHE B 169 -13.20 -67.48 -15.70
CA PHE B 169 -14.60 -67.14 -15.44
C PHE B 169 -15.56 -68.10 -16.13
N LYS B 170 -15.00 -69.21 -16.61
CA LYS B 170 -15.81 -70.32 -17.12
C LYS B 170 -16.19 -71.23 -15.95
N SER B 171 -17.35 -71.87 -16.04
CA SER B 171 -17.77 -72.80 -15.00
C SER B 171 -18.42 -74.05 -15.60
N THR B 172 -19.61 -73.88 -16.20
CA THR B 172 -20.32 -74.99 -16.82
C THR B 172 -19.69 -75.36 -18.15
N LYS B 174 -16.41 -74.20 -20.32
CA LYS B 174 -15.01 -74.64 -20.29
C LYS B 174 -14.75 -75.71 -21.33
N ASN B 175 -13.65 -75.56 -22.06
CA ASN B 175 -13.29 -76.51 -23.11
C ASN B 175 -12.72 -77.80 -22.54
N VAL B 176 -13.44 -78.90 -22.73
CA VAL B 176 -13.01 -80.19 -22.21
C VAL B 176 -11.96 -80.84 -23.11
N ASN B 177 -11.77 -80.27 -24.31
CA ASN B 177 -10.82 -80.80 -25.28
C ASN B 177 -9.48 -80.07 -25.26
N MET B 178 -9.37 -79.06 -24.41
CA MET B 178 -8.19 -78.20 -24.41
C MET B 178 -7.00 -78.85 -23.71
N GLU B 179 -6.05 -79.32 -24.49
CA GLU B 179 -4.80 -79.88 -23.96
C GLU B 179 -3.61 -79.19 -24.61
N TYR B 180 -2.65 -78.78 -23.80
CA TYR B 180 -1.48 -78.05 -24.29
C TYR B 180 -0.33 -78.98 -24.65
N ILE B 181 0.54 -78.51 -25.54
CA ILE B 181 1.79 -79.21 -25.80
C ILE B 181 2.70 -79.08 -24.59
N LYS B 182 3.61 -80.03 -24.42
CA LYS B 182 4.51 -80.00 -23.27
C LYS B 182 5.96 -79.80 -23.71
N HIS B 183 6.20 -79.87 -25.01
CA HIS B 183 7.53 -79.68 -25.56
C HIS B 183 7.52 -78.73 -26.75
N LEU B 184 8.54 -77.90 -26.85
CA LEU B 184 8.70 -77.00 -27.99
C LEU B 184 10.15 -77.02 -28.48
N GLY B 185 10.35 -77.49 -29.70
CA GLY B 185 11.68 -77.52 -30.30
C GLY B 185 11.81 -76.47 -31.39
N VAL B 186 12.97 -75.81 -31.44
CA VAL B 186 13.20 -74.75 -32.41
C VAL B 186 14.53 -74.91 -33.13
N TYR B 187 14.48 -74.97 -34.46
CA TYR B 187 15.69 -75.00 -35.28
C TYR B 187 15.90 -73.66 -35.96
N ILE B 188 17.12 -73.14 -35.86
CA ILE B 188 17.41 -71.79 -36.33
C ILE B 188 18.92 -71.61 -36.54
N ASN B 189 19.30 -70.64 -37.38
CA ASN B 189 20.71 -70.31 -37.56
C ASN B 189 21.33 -69.82 -36.27
N ASN B 190 22.66 -69.95 -36.16
CA ASN B 190 23.43 -69.44 -35.03
C ASN B 190 22.69 -69.49 -33.71
N ALA B 191 22.21 -70.69 -33.38
CA ALA B 191 21.25 -70.91 -32.30
C ALA B 191 21.74 -70.42 -30.94
N ASP B 192 23.04 -70.53 -30.70
CA ASP B 192 23.62 -70.16 -29.41
C ASP B 192 23.32 -68.71 -29.03
N THR B 193 23.08 -67.88 -30.04
CA THR B 193 22.72 -66.48 -29.80
C THR B 193 21.25 -66.34 -29.41
N TYR B 194 20.41 -67.22 -29.94
CA TYR B 194 18.96 -67.13 -29.74
C TYR B 194 18.49 -67.79 -28.46
N LYS B 195 19.29 -68.69 -27.91
CA LYS B 195 18.90 -69.45 -26.72
C LYS B 195 18.59 -68.56 -25.51
N GLU B 196 19.22 -67.40 -25.48
CA GLU B 196 19.04 -66.47 -24.36
C GLU B 196 17.73 -65.70 -24.44
N GLU B 197 17.08 -65.77 -25.59
CA GLU B 197 15.82 -65.07 -25.79
C GLU B 197 14.63 -65.88 -25.26
N VAL B 198 14.86 -67.18 -25.08
CA VAL B 198 13.79 -68.10 -24.67
C VAL B 198 13.19 -67.73 -23.32
N GLU B 199 14.04 -67.59 -22.31
CA GLU B 199 13.55 -67.27 -20.97
C GLU B 199 13.20 -65.80 -20.82
N LYS B 200 13.77 -64.97 -21.68
CA LYS B 200 13.37 -63.57 -21.72
C LYS B 200 11.98 -63.46 -22.32
N ALA B 201 11.70 -64.30 -23.31
CA ALA B 201 10.40 -64.35 -23.94
C ALA B 201 9.34 -64.88 -22.99
N ARG B 202 9.71 -65.86 -22.17
CA ARG B 202 8.77 -66.47 -21.24
C ARG B 202 8.39 -65.48 -20.15
N VAL B 203 9.37 -64.68 -19.70
CA VAL B 203 9.11 -63.64 -18.71
C VAL B 203 8.22 -62.54 -19.28
N TYR B 204 8.60 -62.04 -20.46
CA TYR B 204 7.81 -61.02 -21.14
C TYR B 204 6.40 -61.51 -21.42
N TYR B 205 6.28 -62.80 -21.74
CA TYR B 205 4.98 -63.41 -21.98
C TYR B 205 4.06 -63.25 -20.78
N PHE B 206 4.54 -63.68 -19.60
CA PHE B 206 3.66 -63.69 -18.44
C PHE B 206 3.32 -62.29 -17.96
N GLY B 207 4.28 -61.38 -18.03
CA GLY B 207 4.05 -60.00 -17.64
C GLY B 207 2.92 -59.40 -18.46
N THR B 208 2.93 -59.69 -19.76
CA THR B 208 1.89 -59.25 -20.65
C THR B 208 0.56 -59.96 -20.35
N TYR B 209 0.64 -61.27 -20.14
CA TYR B 209 -0.55 -62.06 -19.85
C TYR B 209 -1.12 -61.73 -18.47
N TYR B 210 -0.24 -61.46 -17.51
CA TYR B 210 -0.65 -61.06 -16.18
C TYR B 210 -1.42 -59.75 -16.25
N ALA B 211 -0.90 -58.80 -17.03
CA ALA B 211 -1.59 -57.54 -17.24
C ALA B 211 -2.94 -57.78 -17.89
N SER B 212 -2.97 -58.71 -18.84
CA SER B 212 -4.19 -59.05 -19.55
C SER B 212 -5.23 -59.67 -18.62
N GLN B 213 -4.76 -60.45 -17.65
CA GLN B 213 -5.65 -61.08 -16.67
C GLN B 213 -6.37 -60.03 -15.82
N LEU B 214 -5.65 -58.98 -15.44
CA LEU B 214 -6.21 -57.92 -14.62
C LEU B 214 -7.24 -57.10 -15.40
N ILE B 215 -6.89 -56.75 -16.63
CA ILE B 215 -7.79 -55.98 -17.49
C ILE B 215 -9.07 -56.77 -17.79
N ALA B 216 -8.90 -57.99 -18.28
CA ALA B 216 -10.03 -58.85 -18.64
C ALA B 216 -10.97 -59.09 -17.46
N ALA B 217 -10.39 -59.14 -16.27
CA ALA B 217 -11.18 -59.26 -15.05
C ALA B 217 -12.18 -58.11 -14.95
N PRO B 218 -13.46 -58.45 -14.81
CA PRO B 218 -14.55 -57.47 -14.74
C PRO B 218 -14.44 -56.56 -13.54
N SER B 219 -15.23 -55.48 -13.53
CA SER B 219 -15.11 -54.45 -12.50
C SER B 219 -15.62 -54.91 -11.14
N ASN B 220 -16.53 -55.88 -11.13
CA ASN B 220 -17.02 -56.41 -9.86
C ASN B 220 -15.99 -57.34 -9.23
N TYR B 221 -15.13 -57.92 -10.06
CA TYR B 221 -14.00 -58.70 -9.58
C TYR B 221 -12.80 -57.79 -9.30
N CYS B 222 -12.52 -56.91 -10.26
CA CYS B 222 -11.38 -56.01 -10.15
C CYS B 222 -11.81 -54.59 -9.76
N ASN B 223 -11.74 -54.30 -8.47
CA ASN B 223 -12.09 -52.99 -7.94
C ASN B 223 -10.83 -52.37 -7.31
N PRO B 224 -10.91 -51.12 -6.84
CA PRO B 224 -9.73 -50.51 -6.19
C PRO B 224 -9.09 -51.36 -5.11
N VAL B 225 -9.90 -52.01 -4.28
CA VAL B 225 -9.37 -52.79 -3.16
C VAL B 225 -8.74 -54.10 -3.64
N SER B 226 -9.43 -54.83 -4.51
CA SER B 226 -8.95 -56.12 -4.99
C SER B 226 -7.70 -55.97 -5.87
N LEU B 227 -7.66 -54.90 -6.66
CA LEU B 227 -6.53 -54.65 -7.54
C LEU B 227 -5.28 -54.31 -6.74
N SER B 228 -5.45 -53.47 -5.72
CA SER B 228 -4.34 -53.11 -4.85
C SER B 228 -3.93 -54.31 -4.01
N ASN B 229 -4.87 -55.21 -3.76
CA ASN B 229 -4.57 -56.46 -3.06
C ASN B 229 -3.73 -57.39 -3.93
N ALA B 230 -4.01 -57.39 -5.23
CA ALA B 230 -3.27 -58.21 -6.18
C ALA B 230 -1.85 -57.68 -6.35
N ALA B 231 -1.70 -56.36 -6.26
CA ALA B 231 -0.40 -55.72 -6.40
C ALA B 231 0.51 -56.09 -5.22
N VAL B 232 -0.07 -56.07 -4.02
CA VAL B 232 0.66 -56.46 -2.82
C VAL B 232 1.15 -57.90 -2.93
N GLU B 233 0.28 -58.77 -3.43
CA GLU B 233 0.63 -60.17 -3.64
C GLU B 233 1.77 -60.32 -4.63
N LEU B 234 1.73 -59.52 -5.69
CA LEU B 234 2.77 -59.56 -6.72
C LEU B 234 4.12 -59.14 -6.16
N ALA B 235 4.12 -58.10 -5.33
CA ALA B 235 5.34 -57.56 -4.75
C ALA B 235 5.95 -58.53 -3.74
N GLN B 236 5.10 -59.22 -2.99
CA GLN B 236 5.57 -60.20 -2.02
C GLN B 236 6.23 -61.38 -2.72
N LYS B 237 5.76 -61.71 -3.92
CA LYS B 237 6.31 -62.82 -4.68
C LYS B 237 7.61 -62.43 -5.39
N LEU B 238 7.79 -61.14 -5.61
CA LEU B 238 8.96 -60.63 -6.34
C LEU B 238 9.93 -59.96 -5.36
N ASN B 239 9.58 -60.00 -4.06
CA ASN B 239 10.27 -59.25 -3.01
C ASN B 239 10.45 -57.78 -3.31
N LEU B 240 9.42 -57.12 -3.84
CA LEU B 240 9.47 -55.68 -4.04
C LEU B 240 8.97 -54.93 -2.81
N GLU B 241 9.58 -53.78 -2.55
CA GLU B 241 9.05 -52.87 -1.54
C GLU B 241 7.70 -52.38 -2.02
N TYR B 242 6.73 -52.30 -1.12
CA TYR B 242 5.39 -51.89 -1.51
C TYR B 242 4.70 -51.07 -0.43
N LYS B 243 3.93 -50.09 -0.86
CA LYS B 243 3.12 -49.29 0.04
C LYS B 243 1.81 -48.94 -0.62
N ILE B 244 0.71 -49.35 0.01
CA ILE B 244 -0.61 -48.98 -0.47
C ILE B 244 -1.15 -47.86 0.38
N LEU B 245 -1.41 -46.71 -0.24
CA LEU B 245 -1.90 -45.54 0.48
C LEU B 245 -3.43 -45.55 0.53
N GLY B 246 -3.97 -45.36 1.72
CA GLY B 246 -5.41 -45.32 1.92
C GLY B 246 -5.93 -43.90 2.00
N VAL B 247 -7.26 -43.76 2.03
CA VAL B 247 -7.92 -42.45 2.01
C VAL B 247 -7.35 -41.47 3.02
N LYS B 248 -7.25 -41.91 4.27
CA LYS B 248 -6.74 -41.05 5.34
C LYS B 248 -5.35 -40.52 5.01
N GLU B 249 -4.47 -41.40 4.52
CA GLU B 249 -3.13 -40.99 4.13
C GLU B 249 -3.16 -40.08 2.90
N LEU B 250 -4.05 -40.40 1.96
CA LEU B 250 -4.23 -39.59 0.76
C LEU B 250 -4.77 -38.21 1.12
N GLU B 251 -5.58 -38.16 2.17
CA GLU B 251 -6.14 -36.90 2.64
C GLU B 251 -5.06 -35.97 3.20
N GLU B 252 -4.09 -36.56 3.91
CA GLU B 252 -3.00 -35.77 4.48
C GLU B 252 -2.02 -35.31 3.40
N LEU B 253 -1.99 -36.03 2.28
CA LEU B 253 -1.15 -35.63 1.16
C LEU B 253 -1.89 -34.66 0.24
N LYS B 254 -3.14 -34.37 0.59
CA LYS B 254 -3.95 -33.38 -0.09
C LYS B 254 -4.21 -33.72 -1.57
N MET B 255 -4.36 -34.99 -1.88
CA MET B 255 -4.65 -35.41 -3.25
C MET B 255 -6.13 -35.21 -3.56
N GLY B 256 -6.52 -33.94 -3.71
CA GLY B 256 -7.92 -33.59 -3.88
C GLY B 256 -8.54 -33.99 -5.21
N ALA B 257 -7.74 -33.97 -6.27
CA ALA B 257 -8.24 -34.33 -7.58
C ALA B 257 -8.55 -35.83 -7.65
N TYR B 258 -7.61 -36.63 -7.17
CA TYR B 258 -7.73 -38.09 -7.22
C TYR B 258 -8.81 -38.62 -6.26
N LEU B 259 -8.91 -38.02 -5.08
CA LEU B 259 -9.94 -38.43 -4.12
C LEU B 259 -11.34 -38.09 -4.61
N SER B 260 -11.45 -36.97 -5.33
CA SER B 260 -12.74 -36.52 -5.86
C SER B 260 -13.32 -37.53 -6.84
N VAL B 261 -12.46 -38.05 -7.70
CA VAL B 261 -12.86 -39.01 -8.73
C VAL B 261 -13.50 -40.25 -8.10
N GLY B 262 -12.97 -40.69 -6.98
CA GLY B 262 -13.44 -41.89 -6.32
C GLY B 262 -14.51 -41.68 -5.25
N LYS B 263 -14.96 -40.43 -5.09
CA LYS B 263 -15.95 -40.10 -4.07
C LYS B 263 -17.24 -40.90 -4.18
N GLY B 264 -17.75 -41.04 -5.40
CA GLY B 264 -19.02 -41.70 -5.61
C GLY B 264 -18.93 -43.21 -5.75
N SER B 265 -17.83 -43.78 -5.30
CA SER B 265 -17.62 -45.22 -5.37
C SER B 265 -17.76 -45.86 -3.99
N MET B 266 -18.23 -47.10 -3.96
CA MET B 266 -18.34 -47.84 -2.70
C MET B 266 -16.98 -48.38 -2.29
N TYR B 267 -16.05 -48.40 -3.24
CA TYR B 267 -14.68 -48.85 -2.97
C TYR B 267 -13.77 -47.68 -2.67
N PRO B 268 -13.08 -47.73 -1.52
CA PRO B 268 -12.14 -46.68 -1.13
C PRO B 268 -10.99 -46.56 -2.13
N ASN B 269 -10.48 -45.34 -2.33
CA ASN B 269 -9.32 -45.15 -3.18
C ASN B 269 -8.10 -45.86 -2.61
N LYS B 270 -7.32 -46.49 -3.48
CA LYS B 270 -6.08 -47.14 -3.09
C LYS B 270 -4.95 -46.70 -3.99
N PHE B 271 -3.89 -46.16 -3.41
CA PHE B 271 -2.73 -45.74 -4.19
C PHE B 271 -1.64 -46.79 -4.12
N ILE B 272 -1.23 -47.28 -5.28
CA ILE B 272 -0.23 -48.33 -5.36
C ILE B 272 1.18 -47.76 -5.56
N HIS B 273 2.12 -48.19 -4.72
CA HIS B 273 3.50 -47.74 -4.79
C HIS B 273 4.46 -48.91 -4.60
N LEU B 274 4.92 -49.48 -5.71
CA LEU B 274 5.89 -50.57 -5.69
C LEU B 274 7.29 -50.05 -6.00
N THR B 275 8.31 -50.73 -5.51
CA THR B 275 9.68 -50.30 -5.76
C THR B 275 10.64 -51.46 -6.02
N TYR B 276 11.40 -51.34 -7.10
CA TYR B 276 12.54 -52.21 -7.34
C TYR B 276 13.82 -51.40 -7.18
N LYS B 277 14.77 -51.93 -6.42
CA LYS B 277 16.06 -51.28 -6.29
C LYS B 277 17.19 -52.26 -6.58
N SER B 278 18.11 -51.85 -7.45
CA SER B 278 19.25 -52.68 -7.80
C SER B 278 20.19 -52.82 -6.61
N LYS B 279 21.05 -53.84 -6.66
CA LYS B 279 21.98 -54.10 -5.57
C LYS B 279 23.06 -53.02 -5.46
N GLY B 280 23.75 -52.76 -6.58
CA GLY B 280 24.89 -51.86 -6.58
C GLY B 280 24.55 -50.38 -6.62
N ASP B 281 25.38 -49.62 -7.31
CA ASP B 281 25.20 -48.17 -7.43
C ASP B 281 24.06 -47.85 -8.39
N VAL B 282 23.19 -46.92 -7.99
CA VAL B 282 22.02 -46.55 -8.79
C VAL B 282 22.32 -45.37 -9.71
N LYS B 283 22.26 -45.61 -11.01
CA LYS B 283 22.57 -44.57 -11.99
C LYS B 283 21.33 -43.86 -12.51
N LYS B 284 20.17 -44.50 -12.38
CA LYS B 284 18.93 -43.93 -12.89
C LYS B 284 17.74 -44.21 -11.98
N LYS B 285 16.98 -43.17 -11.67
CA LYS B 285 15.74 -43.30 -10.91
C LYS B 285 14.55 -43.08 -11.84
N ILE B 286 13.68 -44.07 -11.93
CA ILE B 286 12.57 -44.03 -12.88
C ILE B 286 11.23 -44.24 -12.20
N ALA B 287 10.25 -43.39 -12.52
CA ALA B 287 8.90 -43.54 -12.03
C ALA B 287 7.95 -43.95 -13.15
N LEU B 288 7.26 -45.07 -12.97
CA LEU B 288 6.28 -45.54 -13.94
C LEU B 288 4.87 -45.37 -13.38
N VAL B 289 4.06 -44.56 -14.04
CA VAL B 289 2.71 -44.26 -13.56
C VAL B 289 1.64 -44.85 -14.48
N GLY B 290 0.67 -45.53 -13.88
CA GLY B 290 -0.39 -46.16 -14.65
C GLY B 290 -1.77 -45.69 -14.23
N LYS B 291 -2.61 -45.39 -15.22
CA LYS B 291 -3.99 -45.02 -14.95
C LYS B 291 -4.76 -46.23 -14.45
N GLY B 292 -5.36 -46.10 -13.27
CA GLY B 292 -6.05 -47.23 -12.65
C GLY B 292 -7.51 -46.97 -12.34
N ILE B 293 -8.31 -46.79 -13.39
CA ILE B 293 -9.75 -46.71 -13.21
C ILE B 293 -10.38 -48.07 -13.47
N THR B 294 -10.81 -48.73 -12.40
CA THR B 294 -11.33 -50.09 -12.50
C THR B 294 -12.67 -50.14 -13.22
N PHE B 295 -13.43 -49.04 -13.16
CA PHE B 295 -14.58 -48.88 -14.03
C PHE B 295 -14.88 -47.40 -14.26
N ASP B 296 -15.02 -47.03 -15.53
CA ASP B 296 -15.33 -45.65 -15.90
C ASP B 296 -16.75 -45.54 -16.40
N SER B 297 -17.68 -45.19 -15.52
CA SER B 297 -19.07 -45.00 -15.90
C SER B 297 -19.23 -43.66 -16.60
N GLY B 298 -18.30 -42.75 -16.32
CA GLY B 298 -18.35 -41.40 -16.85
C GLY B 298 -18.68 -40.38 -15.77
N GLY B 299 -19.30 -40.86 -14.69
CA GLY B 299 -19.79 -39.98 -13.64
C GLY B 299 -21.10 -39.37 -14.08
N TYR B 300 -21.40 -38.17 -13.60
CA TYR B 300 -22.64 -37.50 -14.00
C TYR B 300 -22.61 -37.11 -15.47
N ASN B 301 -21.40 -37.06 -16.04
CA ASN B 301 -21.25 -37.06 -17.49
C ASN B 301 -21.25 -38.52 -17.96
N LEU B 302 -22.34 -39.21 -17.67
CA LEU B 302 -22.49 -40.64 -17.90
C LEU B 302 -22.28 -41.01 -19.36
N LYS B 303 -21.63 -42.15 -19.59
CA LYS B 303 -21.40 -42.66 -20.93
C LYS B 303 -22.69 -43.22 -21.52
N ALA B 304 -23.60 -42.33 -21.89
CA ALA B 304 -24.90 -42.74 -22.41
C ALA B 304 -25.01 -42.48 -23.91
N ALA B 305 -24.02 -41.81 -24.48
CA ALA B 305 -24.00 -41.51 -25.90
C ALA B 305 -23.76 -42.76 -26.74
N PRO B 306 -24.39 -42.83 -27.91
CA PRO B 306 -24.19 -43.95 -28.85
C PRO B 306 -22.73 -44.11 -29.26
N GLY B 307 -22.16 -45.29 -29.00
CA GLY B 307 -20.79 -45.58 -29.39
C GLY B 307 -19.76 -45.32 -28.31
N SER B 308 -20.22 -45.00 -27.10
CA SER B 308 -19.32 -44.73 -25.99
C SER B 308 -18.88 -46.02 -25.32
N MET B 309 -19.53 -47.13 -25.68
CA MET B 309 -19.18 -48.47 -25.22
C MET B 309 -18.87 -48.57 -23.72
N ILE B 310 -19.89 -48.33 -22.91
CA ILE B 310 -19.73 -48.33 -21.45
C ILE B 310 -19.38 -49.72 -20.91
N ASP B 311 -19.72 -50.77 -21.67
CA ASP B 311 -19.55 -52.14 -21.19
C ASP B 311 -18.12 -52.64 -21.33
N LEU B 312 -17.29 -51.90 -22.03
CA LEU B 312 -15.89 -52.27 -22.20
C LEU B 312 -15.01 -51.53 -21.20
N MET B 313 -15.63 -50.70 -20.37
CA MET B 313 -14.90 -49.76 -19.52
C MET B 313 -14.19 -50.39 -18.32
N LYS B 314 -14.12 -51.71 -18.31
CA LYS B 314 -13.28 -52.40 -17.34
C LYS B 314 -11.82 -52.27 -17.78
N PHE B 315 -11.63 -51.82 -19.03
CA PHE B 315 -10.31 -51.71 -19.65
C PHE B 315 -9.59 -50.42 -19.26
N ASP B 316 -10.27 -49.56 -18.52
CA ASP B 316 -9.73 -48.24 -18.20
C ASP B 316 -8.62 -48.32 -17.14
N MET B 317 -8.21 -49.54 -16.85
CA MET B 317 -7.16 -49.82 -15.87
C MET B 317 -5.91 -50.33 -16.57
N SER B 318 -5.94 -50.34 -17.90
CA SER B 318 -4.88 -50.94 -18.70
C SER B 318 -3.50 -50.36 -18.39
N GLY B 319 -3.46 -49.07 -18.09
CA GLY B 319 -2.21 -48.42 -17.74
C GLY B 319 -1.62 -49.01 -16.47
N CYS B 320 -2.46 -49.19 -15.46
CA CYS B 320 -2.04 -49.80 -14.21
C CYS B 320 -1.60 -51.25 -14.41
N ALA B 321 -2.32 -51.95 -15.29
CA ALA B 321 -2.01 -53.34 -15.61
C ALA B 321 -0.61 -53.46 -16.23
N ALA B 322 -0.29 -52.53 -17.11
CA ALA B 322 1.01 -52.52 -17.77
C ALA B 322 2.16 -52.27 -16.79
N VAL B 323 1.95 -51.34 -15.87
CA VAL B 323 2.97 -51.00 -14.89
C VAL B 323 3.19 -52.15 -13.92
N LEU B 324 2.11 -52.85 -13.57
CA LEU B 324 2.21 -54.02 -12.72
C LEU B 324 2.85 -55.18 -13.48
N GLY B 325 2.51 -55.30 -14.76
CA GLY B 325 3.11 -56.32 -15.61
C GLY B 325 4.59 -56.08 -15.79
N CYS B 326 4.96 -54.81 -15.97
CA CYS B 326 6.36 -54.43 -16.08
C CYS B 326 7.10 -54.72 -14.79
N ALA B 327 6.40 -54.59 -13.66
CA ALA B 327 6.98 -54.84 -12.36
C ALA B 327 7.33 -56.32 -12.18
N TYR B 328 6.54 -57.19 -12.80
CA TYR B 328 6.84 -58.62 -12.79
C TYR B 328 8.11 -58.88 -13.60
N CYS B 329 8.17 -58.33 -14.80
CA CYS B 329 9.31 -58.49 -15.69
C CYS B 329 10.59 -57.97 -15.03
N VAL B 330 10.56 -56.71 -14.60
CA VAL B 330 11.69 -56.08 -13.94
C VAL B 330 12.08 -56.84 -12.68
N GLY B 331 11.08 -57.28 -11.92
CA GLY B 331 11.32 -58.06 -10.71
C GLY B 331 12.00 -59.38 -10.99
N THR B 332 11.60 -60.04 -12.06
CA THR B 332 12.15 -61.34 -12.42
C THR B 332 13.56 -61.25 -12.99
N LEU B 333 13.75 -60.31 -13.92
CA LEU B 333 15.01 -60.20 -14.64
C LEU B 333 16.10 -59.48 -13.83
N LYS B 334 15.66 -58.69 -12.84
CA LYS B 334 16.56 -58.00 -11.93
C LYS B 334 17.69 -57.22 -12.60
N PRO B 335 17.35 -56.12 -13.30
CA PRO B 335 18.40 -55.28 -13.88
C PRO B 335 19.17 -54.52 -12.79
N GLU B 336 20.38 -54.09 -13.10
CA GLU B 336 21.20 -53.40 -12.12
C GLU B 336 21.34 -51.91 -12.43
N ASN B 337 21.92 -51.18 -11.48
CA ASN B 337 22.19 -49.75 -11.60
C ASN B 337 20.93 -48.87 -11.73
N VAL B 338 19.79 -49.43 -11.36
CA VAL B 338 18.52 -48.73 -11.59
C VAL B 338 17.54 -48.90 -10.43
N GLU B 339 16.80 -47.83 -10.14
CA GLU B 339 15.73 -47.86 -9.14
C GLU B 339 14.40 -47.46 -9.79
N ILE B 340 13.36 -48.26 -9.57
CA ILE B 340 12.08 -48.03 -10.22
C ILE B 340 10.89 -47.98 -9.27
N HIS B 341 10.07 -46.95 -9.44
CA HIS B 341 8.82 -46.83 -8.70
C HIS B 341 7.63 -47.17 -9.62
N PHE B 342 6.79 -48.07 -9.17
CA PHE B 342 5.59 -48.47 -9.91
C PHE B 342 4.35 -47.87 -9.25
N LEU B 343 3.75 -46.89 -9.90
CA LEU B 343 2.68 -46.11 -9.28
C LEU B 343 1.36 -46.17 -10.04
N SER B 344 0.26 -46.20 -9.30
CA SER B 344 -1.07 -46.08 -9.86
C SER B 344 -2.07 -45.59 -8.84
N ALA B 345 -2.68 -44.45 -9.11
CA ALA B 345 -3.78 -43.95 -8.31
C ALA B 345 -5.06 -44.68 -8.72
N VAL B 346 -5.37 -45.77 -8.03
CA VAL B 346 -6.49 -46.62 -8.41
C VAL B 346 -7.80 -46.18 -7.76
N CYS B 347 -8.87 -46.15 -8.55
CA CYS B 347 -10.20 -45.82 -8.05
C CYS B 347 -11.29 -46.20 -9.05
N GLU B 348 -12.53 -45.87 -8.71
CA GLU B 348 -13.68 -46.18 -9.56
C GLU B 348 -14.51 -44.92 -9.82
N ASN B 349 -14.97 -44.76 -11.06
CA ASN B 349 -15.74 -43.57 -11.43
C ASN B 349 -17.22 -43.88 -11.57
N MET B 350 -17.99 -43.57 -10.53
CA MET B 350 -19.39 -43.98 -10.46
C MET B 350 -20.35 -42.81 -10.23
N VAL B 351 -21.63 -43.06 -10.49
CA VAL B 351 -22.68 -42.08 -10.22
C VAL B 351 -23.31 -42.37 -8.86
N SER B 352 -23.41 -41.34 -8.04
CA SER B 352 -23.89 -41.51 -6.67
C SER B 352 -24.31 -40.17 -6.08
N LYS B 353 -24.91 -40.22 -4.90
CA LYS B 353 -25.20 -39.01 -4.13
C LYS B 353 -23.89 -38.35 -3.70
N ASN B 354 -22.82 -39.14 -3.70
CA ASN B 354 -21.51 -38.68 -3.22
C ASN B 354 -20.56 -38.31 -4.34
N SER B 355 -20.96 -38.58 -5.58
CA SER B 355 -20.10 -38.35 -6.74
C SER B 355 -19.72 -36.88 -6.89
N TYR B 356 -18.57 -36.63 -7.48
CA TYR B 356 -18.11 -35.30 -7.80
C TYR B 356 -18.97 -34.75 -8.94
N ARG B 357 -19.22 -33.48 -8.95
CA ARG B 357 -20.13 -32.91 -9.94
C ARG B 357 -19.41 -32.16 -11.03
N PRO B 358 -20.01 -32.10 -12.23
CA PRO B 358 -19.53 -31.18 -13.27
C PRO B 358 -19.62 -29.74 -12.79
N GLY B 359 -18.51 -29.02 -12.81
CA GLY B 359 -18.49 -27.65 -12.33
C GLY B 359 -17.77 -27.53 -11.00
N ASP B 360 -17.57 -28.66 -10.32
CA ASP B 360 -16.83 -28.68 -9.07
C ASP B 360 -15.43 -28.12 -9.24
N ILE B 361 -15.02 -27.24 -8.34
CA ILE B 361 -13.63 -26.79 -8.30
C ILE B 361 -12.89 -27.55 -7.22
N ILE B 362 -11.92 -28.35 -7.64
CA ILE B 362 -11.16 -29.19 -6.72
C ILE B 362 -9.70 -28.73 -6.67
N THR B 363 -8.94 -29.26 -5.71
CA THR B 363 -7.59 -28.78 -5.46
C THR B 363 -6.57 -29.91 -5.45
N ALA B 364 -5.66 -29.91 -6.41
CA ALA B 364 -4.62 -30.93 -6.51
C ALA B 364 -3.61 -30.82 -5.37
N SER B 365 -2.74 -31.82 -5.25
CA SER B 365 -1.78 -31.87 -4.15
C SER B 365 -0.63 -30.88 -4.32
N ASN B 366 -0.53 -30.27 -5.49
CA ASN B 366 0.48 -29.23 -5.71
C ASN B 366 -0.10 -27.84 -5.57
N GLY B 367 -1.32 -27.77 -5.04
CA GLY B 367 -1.96 -26.51 -4.73
C GLY B 367 -2.79 -25.91 -5.85
N LYS B 368 -2.70 -26.49 -7.04
CA LYS B 368 -3.45 -25.97 -8.18
C LYS B 368 -4.92 -26.35 -8.09
N THR B 369 -5.79 -25.34 -8.20
CA THR B 369 -7.22 -25.57 -8.22
C THR B 369 -7.70 -25.90 -9.63
N ILE B 370 -8.55 -26.91 -9.74
CA ILE B 370 -9.00 -27.39 -11.03
C ILE B 370 -10.52 -27.28 -11.17
N GLU B 371 -10.97 -26.70 -12.28
CA GLU B 371 -12.40 -26.64 -12.56
C GLU B 371 -12.83 -27.83 -13.42
N VAL B 372 -13.70 -28.66 -12.88
CA VAL B 372 -14.18 -29.84 -13.60
C VAL B 372 -15.25 -29.44 -14.60
N GLY B 373 -15.01 -29.75 -15.88
CA GLY B 373 -15.98 -29.46 -16.92
C GLY B 373 -16.66 -30.73 -17.40
N ASN B 374 -16.04 -31.87 -17.08
CA ASN B 374 -16.52 -33.17 -17.53
C ASN B 374 -16.01 -34.26 -16.62
N THR B 375 -16.93 -34.93 -15.92
CA THR B 375 -16.56 -35.97 -14.96
C THR B 375 -16.02 -37.22 -15.67
N ASP B 376 -16.19 -37.29 -16.99
CA ASP B 376 -15.73 -38.44 -17.75
C ASP B 376 -14.28 -38.24 -18.21
N ALA B 377 -13.71 -37.08 -17.92
CA ALA B 377 -12.30 -36.85 -18.14
C ALA B 377 -11.56 -37.06 -16.82
N GLU B 378 -11.90 -38.17 -16.15
CA GLU B 378 -11.45 -38.42 -14.78
C GLU B 378 -10.00 -38.89 -14.72
N GLY B 379 -9.51 -39.46 -15.82
CA GLY B 379 -8.18 -40.02 -15.86
C GLY B 379 -7.07 -38.99 -15.59
N ARG B 380 -7.18 -37.83 -16.22
CA ARG B 380 -6.17 -36.79 -16.08
C ARG B 380 -6.18 -36.17 -14.67
N LEU B 381 -7.29 -36.35 -13.96
CA LEU B 381 -7.39 -35.87 -12.59
C LEU B 381 -6.60 -36.76 -11.64
N THR B 382 -6.69 -38.06 -11.85
CA THR B 382 -5.95 -39.02 -11.03
C THR B 382 -4.46 -38.98 -11.37
N LEU B 383 -4.16 -38.86 -12.66
CA LEU B 383 -2.78 -38.77 -13.12
C LEU B 383 -2.13 -37.49 -12.62
N ALA B 384 -2.94 -36.44 -12.47
CA ALA B 384 -2.46 -35.18 -11.93
C ALA B 384 -1.78 -35.39 -10.58
N ASP B 385 -2.54 -35.88 -9.61
CA ASP B 385 -2.01 -36.15 -8.28
C ASP B 385 -0.93 -37.23 -8.30
N ALA B 386 -1.03 -38.15 -9.26
CA ALA B 386 -0.05 -39.21 -9.41
C ALA B 386 1.29 -38.65 -9.88
N LEU B 387 1.25 -37.61 -10.70
CA LEU B 387 2.46 -37.02 -11.25
C LEU B 387 3.25 -36.19 -10.23
N VAL B 388 2.55 -35.50 -9.34
CA VAL B 388 3.24 -34.70 -8.32
C VAL B 388 3.80 -35.62 -7.24
N TYR B 389 3.13 -36.74 -7.01
CA TYR B 389 3.65 -37.76 -6.10
C TYR B 389 4.92 -38.35 -6.68
N ALA B 390 4.90 -38.59 -7.99
CA ALA B 390 6.04 -39.16 -8.69
C ALA B 390 7.24 -38.22 -8.67
N GLU B 391 6.98 -36.93 -8.86
CA GLU B 391 8.05 -35.94 -8.92
C GLU B 391 8.67 -35.70 -7.54
N LYS B 392 7.87 -35.89 -6.50
CA LYS B 392 8.36 -35.74 -5.13
C LYS B 392 9.37 -36.83 -4.77
N LEU B 393 9.33 -37.93 -5.52
CA LEU B 393 10.24 -39.05 -5.29
C LEU B 393 11.65 -38.73 -5.79
N GLY B 394 11.79 -37.62 -6.49
CA GLY B 394 13.08 -37.19 -7.01
C GLY B 394 13.67 -38.18 -8.00
N VAL B 395 13.09 -38.23 -9.20
CA VAL B 395 13.51 -39.19 -10.20
C VAL B 395 14.03 -38.51 -11.46
N ASP B 396 14.63 -39.30 -12.35
CA ASP B 396 15.15 -38.80 -13.61
C ASP B 396 14.07 -38.80 -14.70
N TYR B 397 13.29 -39.86 -14.74
CA TYR B 397 12.25 -40.03 -15.74
C TYR B 397 10.90 -40.36 -15.11
N ILE B 398 9.85 -39.66 -15.55
CA ILE B 398 8.50 -40.05 -15.22
C ILE B 398 7.75 -40.43 -16.49
N VAL B 399 7.31 -41.68 -16.57
CA VAL B 399 6.52 -42.13 -17.70
C VAL B 399 5.16 -42.63 -17.24
N ASP B 400 4.11 -41.95 -17.70
CA ASP B 400 2.76 -42.41 -17.41
C ASP B 400 2.19 -43.10 -18.64
N ILE B 401 1.36 -44.12 -18.41
CA ILE B 401 0.70 -44.83 -19.49
C ILE B 401 -0.78 -44.94 -19.14
N ALA B 402 -1.65 -44.59 -20.08
CA ALA B 402 -3.07 -44.42 -19.77
C ALA B 402 -3.99 -44.56 -20.97
N THR B 403 -5.11 -45.26 -20.77
CA THR B 403 -6.21 -45.22 -21.72
C THR B 403 -6.99 -43.93 -21.47
N LEU B 404 -6.47 -42.84 -22.01
CA LEU B 404 -6.92 -41.51 -21.60
C LEU B 404 -8.02 -40.92 -22.49
N THR B 405 -7.77 -40.86 -23.80
CA THR B 405 -8.67 -40.14 -24.69
C THR B 405 -9.13 -40.97 -25.89
N GLY B 406 -10.44 -40.92 -26.16
CA GLY B 406 -11.01 -41.65 -27.28
C GLY B 406 -10.57 -41.14 -28.64
N ALA B 407 -9.98 -39.96 -28.67
CA ALA B 407 -9.50 -39.36 -29.92
C ALA B 407 -8.36 -40.17 -30.53
N MET B 408 -7.70 -40.99 -29.72
CA MET B 408 -6.61 -41.83 -30.19
C MET B 408 -7.06 -42.75 -31.33
N LEU B 409 -8.34 -43.13 -31.30
CA LEU B 409 -8.90 -43.99 -32.33
C LEU B 409 -9.00 -43.30 -33.68
N TYR B 410 -9.03 -41.97 -33.67
CA TYR B 410 -9.17 -41.19 -34.90
C TYR B 410 -7.81 -40.69 -35.41
N SER B 411 -6.77 -40.82 -34.59
CA SER B 411 -5.45 -40.34 -34.97
C SER B 411 -4.54 -41.48 -35.42
N LEU B 412 -4.15 -42.33 -34.48
CA LEU B 412 -3.22 -43.42 -34.78
C LEU B 412 -3.96 -44.75 -34.97
N GLY B 413 -5.16 -44.85 -34.43
CA GLY B 413 -5.96 -46.04 -34.59
C GLY B 413 -5.76 -47.07 -33.50
N THR B 414 -5.79 -48.34 -33.87
CA THR B 414 -5.76 -49.42 -32.89
C THR B 414 -4.41 -50.13 -32.82
N SER B 415 -3.50 -49.80 -33.72
CA SER B 415 -2.19 -50.45 -33.75
C SER B 415 -1.13 -49.62 -33.04
N TYR B 416 -1.16 -48.31 -33.26
CA TYR B 416 -0.13 -47.43 -32.72
C TYR B 416 -0.61 -46.62 -31.52
N ALA B 417 0.11 -46.74 -30.41
CA ALA B 417 -0.11 -45.86 -29.27
C ALA B 417 0.63 -44.55 -29.52
N GLY B 418 0.19 -43.48 -28.87
CA GLY B 418 0.83 -42.20 -29.04
C GLY B 418 1.61 -41.79 -27.82
N VAL B 419 2.77 -41.15 -28.03
CA VAL B 419 3.56 -40.67 -26.91
C VAL B 419 3.73 -39.15 -26.98
N PHE B 420 3.48 -38.51 -25.85
CA PHE B 420 3.67 -37.07 -25.69
C PHE B 420 4.73 -36.88 -24.61
N GLY B 421 5.47 -35.76 -24.68
CA GLY B 421 6.50 -35.50 -23.68
C GLY B 421 6.99 -34.08 -23.64
N ASN B 422 7.74 -33.75 -22.60
CA ASN B 422 8.36 -32.44 -22.47
C ASN B 422 9.87 -32.52 -22.69
N ASN B 423 10.32 -33.71 -23.08
CA ASN B 423 11.75 -33.99 -23.14
C ASN B 423 12.09 -34.93 -24.31
N GLU B 424 12.81 -34.40 -25.29
CA GLU B 424 13.09 -35.14 -26.52
C GLU B 424 13.96 -36.38 -26.30
N GLU B 425 14.85 -36.33 -25.31
CA GLU B 425 15.69 -37.47 -25.00
C GLU B 425 14.86 -38.63 -24.48
N LEU B 426 13.97 -38.34 -23.54
CA LEU B 426 13.07 -39.35 -23.00
C LEU B 426 12.15 -39.88 -24.10
N ILE B 427 11.68 -38.98 -24.95
CA ILE B 427 10.83 -39.35 -26.08
C ILE B 427 11.54 -40.35 -26.99
N ASN B 428 12.81 -40.09 -27.29
CA ASN B 428 13.59 -40.97 -28.14
C ASN B 428 13.83 -42.33 -27.50
N LYS B 429 14.02 -42.35 -26.18
CA LYS B 429 14.21 -43.60 -25.46
C LYS B 429 12.97 -44.48 -25.55
N ILE B 430 11.81 -43.84 -25.50
CA ILE B 430 10.54 -44.56 -25.64
C ILE B 430 10.41 -45.10 -27.07
N LEU B 431 10.88 -44.33 -28.04
CA LEU B 431 10.83 -44.74 -29.44
C LEU B 431 11.78 -45.92 -29.70
N GLN B 432 12.96 -45.88 -29.10
CA GLN B 432 13.90 -46.99 -29.20
C GLN B 432 13.33 -48.24 -28.54
N SER B 433 12.71 -48.05 -27.39
CA SER B 433 12.09 -49.14 -26.64
C SER B 433 10.90 -49.70 -27.42
N SER B 434 10.30 -48.87 -28.25
CA SER B 434 9.19 -49.30 -29.10
C SER B 434 9.67 -50.24 -30.19
N LYS B 435 10.85 -49.94 -30.74
CA LYS B 435 11.41 -50.73 -31.82
C LYS B 435 11.90 -52.09 -31.35
N THR B 436 12.46 -52.15 -30.14
CA THR B 436 13.03 -53.39 -29.62
C THR B 436 11.99 -54.28 -28.94
N SER B 437 10.90 -53.70 -28.47
CA SER B 437 9.84 -54.47 -27.84
C SER B 437 8.75 -54.81 -28.86
N ASN B 438 8.85 -54.22 -30.04
CA ASN B 438 7.87 -54.39 -31.12
C ASN B 438 6.46 -54.00 -30.70
N GLU B 439 6.37 -53.07 -29.75
CA GLU B 439 5.08 -52.45 -29.42
C GLU B 439 5.09 -51.04 -29.99
N PRO B 440 4.41 -50.85 -31.13
CA PRO B 440 4.48 -49.63 -31.93
C PRO B 440 3.95 -48.38 -31.23
N VAL B 441 4.77 -47.34 -31.21
CA VAL B 441 4.40 -46.06 -30.64
C VAL B 441 4.77 -44.94 -31.63
N TRP B 442 3.97 -43.88 -31.66
CA TRP B 442 4.25 -42.76 -32.54
C TRP B 442 4.28 -41.44 -31.76
N TRP B 443 5.29 -40.62 -32.02
CA TRP B 443 5.46 -39.35 -31.32
C TRP B 443 4.41 -38.34 -31.77
N LEU B 444 3.59 -37.89 -30.83
CA LEU B 444 2.60 -36.86 -31.09
C LEU B 444 2.96 -35.58 -30.33
N PRO B 445 2.68 -34.42 -30.93
CA PRO B 445 3.16 -33.15 -30.36
C PRO B 445 2.26 -32.57 -29.28
N ILE B 446 2.87 -31.89 -28.30
CA ILE B 446 2.13 -31.12 -27.33
C ILE B 446 2.07 -29.68 -27.79
N ILE B 447 0.95 -29.30 -28.39
CA ILE B 447 0.80 -27.99 -29.01
C ILE B 447 0.43 -26.93 -27.98
N ASN B 448 1.37 -26.03 -27.71
CA ASN B 448 1.22 -25.05 -26.64
C ASN B 448 0.18 -23.97 -26.92
N GLU B 449 -0.22 -23.82 -28.17
CA GLU B 449 -1.21 -22.82 -28.54
C GLU B 449 -2.57 -23.14 -27.91
N TYR B 450 -2.82 -24.44 -27.68
CA TYR B 450 -4.09 -24.89 -27.12
C TYR B 450 -4.17 -24.66 -25.61
N ARG B 451 -3.07 -24.23 -25.01
CA ARG B 451 -3.00 -24.05 -23.56
C ARG B 451 -3.99 -23.01 -23.05
N ALA B 452 -4.26 -21.99 -23.87
CA ALA B 452 -5.17 -20.91 -23.48
C ALA B 452 -6.60 -21.41 -23.29
N THR B 453 -6.92 -22.56 -23.88
CA THR B 453 -8.27 -23.12 -23.77
C THR B 453 -8.48 -23.78 -22.41
N LEU B 454 -7.42 -23.84 -21.62
CA LEU B 454 -7.51 -24.42 -20.27
C LEU B 454 -7.55 -23.32 -19.22
N ASN B 455 -7.50 -22.07 -19.67
CA ASN B 455 -7.64 -20.93 -18.77
C ASN B 455 -9.04 -20.89 -18.16
N SER B 456 -9.11 -21.01 -16.84
CA SER B 456 -10.39 -20.97 -16.15
C SER B 456 -10.67 -19.57 -15.63
N LYS B 457 -11.95 -19.23 -15.53
CA LYS B 457 -12.36 -17.93 -15.01
C LYS B 457 -12.19 -17.86 -13.51
N TYR B 458 -12.39 -18.99 -12.83
CA TYR B 458 -12.41 -19.02 -11.38
C TYR B 458 -11.29 -19.87 -10.78
N ALA B 459 -10.97 -20.98 -11.41
CA ALA B 459 -9.91 -21.86 -10.91
C ALA B 459 -8.57 -21.55 -11.57
N ASP B 460 -7.52 -22.24 -11.13
CA ASP B 460 -6.19 -22.06 -11.70
C ASP B 460 -6.14 -22.54 -13.15
N ILE B 461 -6.95 -23.55 -13.45
CA ILE B 461 -6.93 -24.17 -14.76
C ILE B 461 -8.21 -24.97 -15.00
N ASN B 462 -8.60 -25.12 -16.26
CA ASN B 462 -9.72 -25.98 -16.63
C ASN B 462 -9.28 -27.43 -16.73
N GLN B 463 -10.19 -28.35 -16.37
CA GLN B 463 -9.94 -29.77 -16.58
C GLN B 463 -9.96 -30.07 -18.07
N ILE B 464 -10.94 -29.51 -18.76
CA ILE B 464 -11.12 -29.76 -20.19
C ILE B 464 -11.20 -28.46 -20.99
N SER B 465 -10.98 -28.58 -22.30
CA SER B 465 -11.13 -27.44 -23.20
C SER B 465 -12.57 -27.31 -23.66
N SER B 466 -12.94 -26.09 -24.07
CA SER B 466 -14.27 -25.86 -24.61
C SER B 466 -14.26 -25.98 -26.13
N SER B 467 -13.31 -25.30 -26.76
CA SER B 467 -13.25 -25.23 -28.22
C SER B 467 -12.53 -26.42 -28.85
N VAL B 468 -11.22 -26.52 -28.59
CA VAL B 468 -10.37 -27.51 -29.26
C VAL B 468 -10.82 -28.95 -29.05
N LYS B 469 -10.99 -29.67 -30.15
CA LYS B 469 -11.44 -31.05 -30.11
C LYS B 469 -10.28 -32.04 -30.13
N ALA B 470 -9.07 -31.51 -30.24
CA ALA B 470 -7.87 -32.35 -30.18
C ALA B 470 -7.59 -32.74 -28.74
N SER B 471 -8.44 -33.61 -28.20
CA SER B 471 -8.43 -33.92 -26.76
C SER B 471 -7.16 -34.61 -26.28
N SER B 472 -6.52 -35.38 -27.15
CA SER B 472 -5.29 -36.08 -26.78
C SER B 472 -4.17 -35.08 -26.48
N ILE B 473 -4.17 -33.97 -27.20
CA ILE B 473 -3.16 -32.93 -27.03
C ILE B 473 -3.51 -32.04 -25.83
N VAL B 474 -4.80 -31.72 -25.71
CA VAL B 474 -5.29 -30.91 -24.60
C VAL B 474 -5.03 -31.61 -23.26
N ALA B 475 -5.30 -32.90 -23.21
CA ALA B 475 -5.09 -33.68 -21.99
C ALA B 475 -3.62 -33.70 -21.59
N SER B 476 -2.74 -33.81 -22.59
CA SER B 476 -1.31 -33.80 -22.33
C SER B 476 -0.84 -32.45 -21.81
N LEU B 477 -1.47 -31.38 -22.30
CA LEU B 477 -1.20 -30.03 -21.82
C LEU B 477 -1.60 -29.90 -20.36
N PHE B 478 -2.68 -30.56 -19.98
CA PHE B 478 -3.15 -30.56 -18.60
C PHE B 478 -2.15 -31.26 -17.69
N LEU B 479 -1.74 -32.46 -18.08
CA LEU B 479 -0.79 -33.25 -17.31
C LEU B 479 0.54 -32.52 -17.15
N LYS B 480 0.96 -31.84 -18.21
CA LYS B 480 2.22 -31.10 -18.25
C LYS B 480 2.33 -30.07 -17.12
N GLU B 481 1.19 -29.59 -16.66
CA GLU B 481 1.12 -28.59 -15.60
C GLU B 481 1.38 -29.19 -14.22
N PHE B 482 1.50 -30.50 -14.16
CA PHE B 482 1.72 -31.19 -12.89
C PHE B 482 3.09 -31.85 -12.85
N VAL B 483 3.96 -31.43 -13.75
CA VAL B 483 5.36 -31.85 -13.77
C VAL B 483 6.23 -30.60 -13.92
N GLN B 484 6.90 -30.21 -12.84
CA GLN B 484 7.56 -28.91 -12.78
C GLN B 484 8.96 -28.88 -13.40
N ASN B 485 9.78 -29.88 -13.08
CA ASN B 485 11.17 -29.86 -13.54
C ASN B 485 11.76 -31.26 -13.68
N THR B 486 11.02 -32.15 -14.33
CA THR B 486 11.47 -33.52 -14.52
C THR B 486 11.12 -33.99 -15.93
N ALA B 487 12.04 -34.71 -16.55
CA ALA B 487 11.80 -35.31 -17.86
C ALA B 487 10.58 -36.22 -17.78
N TRP B 488 9.58 -35.94 -18.60
CA TRP B 488 8.31 -36.66 -18.50
C TRP B 488 7.75 -37.04 -19.86
N ALA B 489 7.24 -38.27 -19.96
CA ALA B 489 6.61 -38.75 -21.17
C ALA B 489 5.23 -39.32 -20.85
N HIS B 490 4.30 -39.16 -21.79
CA HIS B 490 2.93 -39.62 -21.60
C HIS B 490 2.51 -40.53 -22.76
N ILE B 491 2.19 -41.78 -22.43
CA ILE B 491 1.76 -42.74 -23.45
C ILE B 491 0.25 -42.98 -23.37
N ASP B 492 -0.45 -42.59 -24.42
CA ASP B 492 -1.90 -42.74 -24.47
C ASP B 492 -2.26 -44.02 -25.21
N ILE B 493 -2.76 -45.01 -24.49
CA ILE B 493 -3.03 -46.32 -25.06
C ILE B 493 -4.53 -46.62 -25.14
N ALA B 494 -5.33 -45.58 -25.26
CA ALA B 494 -6.79 -45.72 -25.33
C ALA B 494 -7.23 -46.50 -26.56
N GLY B 495 -6.48 -46.38 -27.65
CA GLY B 495 -6.84 -47.02 -28.90
C GLY B 495 -6.25 -48.40 -29.09
N VAL B 496 -5.17 -48.71 -28.40
CA VAL B 496 -4.44 -49.96 -28.65
C VAL B 496 -4.61 -51.00 -27.56
N SER B 497 -5.25 -50.63 -26.47
CA SER B 497 -5.35 -51.52 -25.31
C SER B 497 -6.18 -52.78 -25.61
N TRP B 498 -7.29 -52.61 -26.31
CA TRP B 498 -8.22 -53.70 -26.53
C TRP B 498 -8.16 -54.27 -27.94
N ASN B 499 -8.10 -55.60 -28.04
CA ASN B 499 -8.16 -56.28 -29.32
C ASN B 499 -9.61 -56.61 -29.66
N PHE B 500 -10.19 -55.82 -30.55
CA PHE B 500 -11.62 -55.94 -30.85
C PHE B 500 -11.93 -57.15 -31.73
N LYS B 501 -10.95 -57.60 -32.50
CA LYS B 501 -11.16 -58.77 -33.35
C LYS B 501 -11.15 -60.05 -32.53
N ALA B 502 -10.31 -60.09 -31.49
CA ALA B 502 -10.19 -61.27 -30.65
C ALA B 502 -10.96 -61.13 -29.33
N ARG B 503 -11.55 -59.96 -29.12
CA ARG B 503 -12.37 -59.69 -27.93
C ARG B 503 -11.60 -59.91 -26.63
N LYS B 504 -10.38 -59.39 -26.56
CA LYS B 504 -9.55 -59.57 -25.38
C LYS B 504 -8.50 -58.46 -25.27
N PRO B 505 -7.97 -58.23 -24.06
CA PRO B 505 -6.90 -57.24 -23.90
C PRO B 505 -5.63 -57.63 -24.65
N LYS B 506 -4.74 -56.66 -24.87
CA LYS B 506 -3.47 -56.94 -25.51
C LYS B 506 -2.34 -57.02 -24.49
N GLY B 507 -2.53 -56.34 -23.37
CA GLY B 507 -1.47 -56.21 -22.38
C GLY B 507 -0.43 -55.24 -22.89
N PHE B 508 -0.87 -54.30 -23.73
CA PHE B 508 0.03 -53.34 -24.37
C PHE B 508 0.75 -52.47 -23.35
N GLY B 509 2.06 -52.34 -23.52
CA GLY B 509 2.85 -51.46 -22.68
C GLY B 509 3.85 -52.19 -21.80
N VAL B 510 3.53 -53.43 -21.44
CA VAL B 510 4.39 -54.22 -20.56
C VAL B 510 5.80 -54.36 -21.13
N ARG B 511 5.89 -54.93 -22.34
CA ARG B 511 7.19 -55.16 -22.98
C ARG B 511 7.88 -53.84 -23.31
N LEU B 512 7.10 -52.84 -23.68
CA LEU B 512 7.63 -51.52 -23.98
C LEU B 512 8.32 -50.89 -22.77
N LEU B 513 7.64 -50.94 -21.62
CA LEU B 513 8.17 -50.34 -20.41
C LEU B 513 9.34 -51.13 -19.82
N THR B 514 9.33 -52.45 -20.03
CA THR B 514 10.40 -53.29 -19.54
C THR B 514 11.67 -53.06 -20.36
N GLU B 515 11.52 -52.99 -21.68
CA GLU B 515 12.63 -52.70 -22.57
C GLU B 515 13.23 -51.32 -22.25
N PHE B 516 12.35 -50.39 -21.89
CA PHE B 516 12.77 -49.05 -21.52
C PHE B 516 13.63 -49.09 -20.26
N VAL B 517 13.17 -49.86 -19.28
CA VAL B 517 13.91 -50.03 -18.03
C VAL B 517 15.25 -50.72 -18.24
N LEU B 518 15.23 -51.80 -19.02
CA LEU B 518 16.39 -52.66 -19.17
C LEU B 518 17.49 -52.06 -20.05
N ASN B 519 17.12 -51.19 -20.97
CA ASN B 519 18.10 -50.64 -21.90
C ASN B 519 18.66 -49.28 -21.46
N ASP B 520 17.90 -48.55 -20.66
CA ASP B 520 18.35 -47.25 -20.18
C ASP B 520 19.30 -47.42 -18.99
N SER C 3 -26.82 -27.05 9.84
CA SER C 3 -25.64 -26.23 10.11
C SER C 3 -24.35 -26.94 9.67
N GLU C 4 -24.14 -28.15 10.16
CA GLU C 4 -22.93 -28.90 9.82
C GLU C 4 -23.01 -29.50 8.43
N VAL C 5 -22.07 -29.09 7.57
CA VAL C 5 -22.01 -29.61 6.20
C VAL C 5 -21.36 -31.00 6.17
N PRO C 6 -22.09 -31.99 5.64
CA PRO C 6 -21.56 -33.34 5.51
C PRO C 6 -20.48 -33.44 4.43
N GLN C 7 -19.49 -34.30 4.64
CA GLN C 7 -18.41 -34.47 3.68
C GLN C 7 -18.17 -35.94 3.35
N VAL C 8 -17.79 -36.22 2.11
CA VAL C 8 -17.40 -37.57 1.72
C VAL C 8 -15.95 -37.80 2.11
N VAL C 9 -15.10 -36.82 1.82
CA VAL C 9 -13.72 -36.82 2.29
C VAL C 9 -13.43 -35.51 3.02
N SER C 10 -12.34 -35.48 3.77
CA SER C 10 -12.00 -34.31 4.60
C SER C 10 -11.67 -33.09 3.76
N LEU C 11 -11.27 -33.31 2.51
CA LEU C 11 -10.89 -32.21 1.63
C LEU C 11 -12.10 -31.47 1.07
N ASP C 12 -13.29 -32.02 1.28
CA ASP C 12 -14.52 -31.37 0.86
C ASP C 12 -14.76 -30.12 1.69
N PRO C 13 -15.00 -28.98 1.02
CA PRO C 13 -15.23 -27.70 1.70
C PRO C 13 -16.53 -27.69 2.49
N THR C 14 -16.54 -27.00 3.63
CA THR C 14 -17.69 -26.98 4.51
C THR C 14 -18.34 -25.60 4.58
N SER C 15 -17.92 -24.71 3.70
CA SER C 15 -18.51 -23.37 3.63
C SER C 15 -18.24 -22.74 2.28
N ILE C 16 -19.13 -21.82 1.90
CA ILE C 16 -18.92 -21.00 0.71
C ILE C 16 -18.03 -19.82 1.06
N PRO C 17 -16.86 -19.71 0.40
CA PRO C 17 -16.04 -18.53 0.60
C PRO C 17 -16.77 -17.28 0.10
N ILE C 18 -16.87 -16.26 0.95
CA ILE C 18 -17.60 -15.06 0.59
C ILE C 18 -16.81 -13.80 0.95
N GLU C 19 -16.64 -12.92 -0.02
CA GLU C 19 -15.95 -11.65 0.22
C GLU C 19 -16.96 -10.53 0.43
N TYR C 20 -17.01 -10.01 1.65
CA TYR C 20 -17.90 -8.90 1.98
C TYR C 20 -17.21 -7.57 1.74
N ASN C 21 -16.04 -7.40 2.33
CA ASN C 21 -15.28 -6.17 2.20
C ASN C 21 -14.45 -6.16 0.92
N THR C 22 -15.10 -5.86 -0.19
CA THR C 22 -14.45 -5.85 -1.49
C THR C 22 -13.63 -4.57 -1.67
N PRO C 23 -12.65 -4.61 -2.59
CA PRO C 23 -11.88 -3.41 -2.94
C PRO C 23 -12.75 -2.24 -3.38
N ILE C 24 -13.93 -2.54 -3.91
CA ILE C 24 -14.87 -1.50 -4.33
C ILE C 24 -15.32 -0.66 -3.14
N HIS C 25 -15.46 -1.29 -1.98
CA HIS C 25 -15.88 -0.59 -0.77
C HIS C 25 -14.78 0.29 -0.19
N ASP C 26 -13.57 0.16 -0.73
CA ASP C 26 -12.44 0.96 -0.28
C ASP C 26 -12.22 2.16 -1.21
N ILE C 27 -13.11 2.34 -2.17
CA ILE C 27 -13.02 3.44 -3.10
C ILE C 27 -13.75 4.67 -2.57
N LYS C 28 -13.00 5.77 -2.41
CA LYS C 28 -13.59 7.04 -2.00
C LYS C 28 -14.23 7.73 -3.20
N VAL C 29 -15.54 7.92 -3.15
CA VAL C 29 -16.26 8.50 -4.27
C VAL C 29 -16.65 9.95 -4.01
N GLN C 30 -16.13 10.85 -4.86
CA GLN C 30 -16.46 12.27 -4.78
C GLN C 30 -17.25 12.69 -6.03
N VAL C 31 -18.32 13.45 -5.82
CA VAL C 31 -19.10 13.98 -6.92
C VAL C 31 -19.06 15.49 -6.95
N TYR C 32 -18.61 16.05 -8.07
CA TYR C 32 -18.50 17.50 -8.21
C TYR C 32 -19.42 18.02 -9.30
N ASP C 33 -19.81 19.29 -9.19
CA ASP C 33 -20.62 19.92 -10.22
C ASP C 33 -19.70 20.40 -11.35
N ILE C 34 -20.08 20.08 -12.58
CA ILE C 34 -19.23 20.32 -13.75
C ILE C 34 -19.15 21.81 -14.11
N LYS C 35 -20.03 22.62 -13.51
CA LYS C 35 -20.08 24.04 -13.80
C LYS C 35 -18.84 24.76 -13.27
N GLY C 36 -18.20 24.17 -12.26
CA GLY C 36 -17.00 24.74 -11.68
C GLY C 36 -15.74 24.32 -12.41
N GLY C 37 -15.90 23.40 -13.37
CA GLY C 37 -14.78 22.92 -14.15
C GLY C 37 -14.09 21.73 -13.51
N CYS C 38 -13.29 21.02 -14.31
CA CYS C 38 -12.61 19.82 -13.84
C CYS C 38 -11.14 20.06 -13.55
N ASN C 39 -10.68 19.57 -12.40
CA ASN C 39 -9.26 19.56 -12.10
C ASN C 39 -8.63 18.27 -12.61
N VAL C 40 -7.49 18.39 -13.29
CA VAL C 40 -6.80 17.24 -13.84
C VAL C 40 -5.39 17.16 -13.26
N GLU C 41 -5.20 16.30 -12.27
CA GLU C 41 -3.94 16.28 -11.52
C GLU C 41 -3.30 14.90 -11.39
N GLU C 42 -4.10 13.87 -11.24
CA GLU C 42 -3.56 12.53 -10.98
C GLU C 42 -4.44 11.42 -11.52
N GLY C 43 -3.83 10.26 -11.73
CA GLY C 43 -4.53 9.10 -12.24
C GLY C 43 -5.00 9.29 -13.67
N LEU C 44 -6.20 8.80 -13.94
CA LEU C 44 -6.76 8.86 -15.29
C LEU C 44 -8.07 9.62 -15.30
N THR C 45 -8.23 10.51 -16.28
CA THR C 45 -9.44 11.31 -16.42
C THR C 45 -10.12 11.02 -17.75
N ILE C 46 -11.34 10.50 -17.68
CA ILE C 46 -12.06 10.08 -18.89
C ILE C 46 -13.31 10.92 -19.14
N PHE C 47 -13.43 11.43 -20.35
CA PHE C 47 -14.59 12.21 -20.75
C PHE C 47 -15.60 11.35 -21.49
N LEU C 48 -16.84 11.34 -21.01
CA LEU C 48 -17.91 10.64 -21.71
C LEU C 48 -18.54 11.59 -22.71
N VAL C 49 -18.19 11.42 -23.98
CA VAL C 49 -18.57 12.38 -25.01
C VAL C 49 -19.41 11.75 -26.11
N ASN C 50 -20.39 12.53 -26.60
CA ASN C 50 -21.19 12.12 -27.74
C ASN C 50 -21.22 13.22 -28.78
N ASN C 51 -21.91 12.95 -29.88
CA ASN C 51 -22.10 13.97 -30.92
C ASN C 51 -23.45 13.74 -31.59
N PRO C 52 -24.51 14.29 -30.99
CA PRO C 52 -25.89 14.13 -31.47
C PRO C 52 -26.06 14.46 -32.94
N GLY C 53 -26.60 13.51 -33.70
CA GLY C 53 -26.79 13.69 -35.13
C GLY C 53 -25.68 13.04 -35.94
N LYS C 54 -24.53 13.70 -36.01
CA LYS C 54 -23.41 13.23 -36.81
C LYS C 54 -22.91 11.86 -36.34
N GLU C 55 -23.21 10.83 -37.13
CA GLU C 55 -22.73 9.48 -36.85
C GLU C 55 -21.22 9.41 -37.01
N ASN C 56 -20.55 8.84 -36.02
CA ASN C 56 -19.09 8.79 -35.96
C ASN C 56 -18.50 10.20 -36.07
N GLY C 57 -19.17 11.17 -35.44
CA GLY C 57 -18.76 12.55 -35.49
C GLY C 57 -17.59 12.86 -34.58
N PRO C 58 -16.98 14.05 -34.73
CA PRO C 58 -15.79 14.46 -33.99
C PRO C 58 -16.01 14.58 -32.48
N VAL C 59 -14.93 14.38 -31.72
CA VAL C 59 -14.96 14.54 -30.27
C VAL C 59 -14.77 15.99 -29.89
N LYS C 60 -15.64 16.51 -29.04
CA LYS C 60 -15.52 17.88 -28.56
C LYS C 60 -15.72 17.95 -27.05
N ILE C 61 -14.67 18.32 -26.32
CA ILE C 61 -14.73 18.44 -24.88
C ILE C 61 -15.38 19.78 -24.50
N SER C 62 -16.63 19.73 -24.05
CA SER C 62 -17.39 20.94 -23.75
C SER C 62 -17.12 21.47 -22.34
N SER C 63 -16.73 20.58 -21.45
CA SER C 63 -16.47 20.95 -20.06
C SER C 63 -15.32 21.94 -19.94
N LYS C 64 -15.41 22.82 -18.95
CA LYS C 64 -14.30 23.72 -18.65
C LYS C 64 -13.23 22.95 -17.91
N VAL C 65 -11.98 23.10 -18.34
CA VAL C 65 -10.87 22.44 -17.67
C VAL C 65 -10.01 23.47 -16.96
N ASN C 66 -9.83 23.30 -15.65
CA ASN C 66 -9.09 24.26 -14.85
C ASN C 66 -7.58 24.08 -14.95
N ASP C 67 -7.10 23.87 -16.18
CA ASP C 67 -5.67 23.73 -16.43
C ASP C 67 -5.36 24.21 -17.85
N LYS C 68 -4.49 25.21 -17.95
CA LYS C 68 -4.17 25.81 -19.23
C LYS C 68 -3.58 24.81 -20.22
N GLN C 69 -2.63 24.01 -19.75
CA GLN C 69 -1.95 23.03 -20.61
C GLN C 69 -2.90 21.92 -21.07
N VAL C 70 -3.72 21.42 -20.15
CA VAL C 70 -4.66 20.36 -20.49
C VAL C 70 -5.77 20.89 -21.40
N SER C 71 -6.23 22.12 -21.13
CA SER C 71 -7.25 22.75 -21.96
C SER C 71 -6.75 22.96 -23.38
N GLU C 72 -5.47 23.32 -23.50
CA GLU C 72 -4.86 23.50 -24.81
C GLU C 72 -4.79 22.18 -25.57
N PHE C 73 -4.50 21.11 -24.85
CA PHE C 73 -4.42 19.78 -25.45
C PHE C 73 -5.79 19.35 -25.97
N LEU C 74 -6.83 19.64 -25.21
CA LEU C 74 -8.16 19.14 -25.52
C LEU C 74 -8.97 20.03 -26.46
N LYS C 75 -8.31 21.04 -27.05
CA LYS C 75 -8.98 21.93 -27.99
C LYS C 75 -9.50 21.15 -29.19
N ASP C 76 -10.57 21.66 -29.80
CA ASP C 76 -11.24 20.99 -30.92
C ASP C 76 -10.28 20.64 -32.05
N GLU C 77 -9.33 21.55 -32.30
CA GLU C 77 -8.34 21.34 -33.36
C GLU C 77 -7.58 20.04 -33.16
N ASN C 78 -7.20 19.77 -31.91
CA ASN C 78 -6.48 18.55 -31.58
C ASN C 78 -7.39 17.33 -31.54
N MET C 79 -8.66 17.55 -31.19
CA MET C 79 -9.58 16.45 -30.94
C MET C 79 -10.38 16.01 -32.16
N GLU C 80 -10.23 16.75 -33.25
CA GLU C 80 -11.01 16.48 -34.46
C GLU C 80 -10.69 15.12 -35.06
N LYS C 81 -9.47 14.63 -34.82
CA LYS C 81 -9.02 13.37 -35.40
C LYS C 81 -9.72 12.16 -34.76
N PHE C 82 -10.33 12.37 -33.61
CA PHE C 82 -11.02 11.28 -32.89
C PHE C 82 -12.53 11.39 -33.06
N ASN C 83 -13.22 10.25 -33.07
CA ASN C 83 -14.67 10.25 -33.20
C ASN C 83 -15.37 9.56 -32.03
N VAL C 84 -16.69 9.70 -31.98
CA VAL C 84 -17.47 9.31 -30.81
C VAL C 84 -18.23 7.98 -30.97
N LYS C 85 -17.73 7.11 -31.86
CA LYS C 85 -18.35 5.80 -32.05
C LYS C 85 -18.48 5.06 -30.73
N LEU C 86 -19.67 4.51 -30.48
CA LEU C 86 -19.97 3.83 -29.22
C LEU C 86 -18.97 2.71 -28.93
N GLY C 87 -18.22 2.86 -27.84
CA GLY C 87 -17.25 1.86 -27.44
C GLY C 87 -15.82 2.27 -27.73
N THR C 88 -15.64 3.34 -28.50
CA THR C 88 -14.31 3.85 -28.82
C THR C 88 -13.66 4.47 -27.58
N SER C 89 -12.38 4.20 -27.39
CA SER C 89 -11.63 4.84 -26.32
C SER C 89 -10.23 5.22 -26.78
N LYS C 90 -9.70 6.32 -26.24
CA LYS C 90 -8.35 6.76 -26.54
C LYS C 90 -7.67 7.24 -25.26
N HIS C 91 -6.36 7.02 -25.16
CA HIS C 91 -5.58 7.52 -24.04
C HIS C 91 -4.72 8.70 -24.48
N PHE C 92 -4.73 9.78 -23.69
CA PHE C 92 -3.86 10.92 -23.93
C PHE C 92 -2.84 11.04 -22.81
N TYR C 93 -1.64 11.52 -23.14
CA TYR C 93 -0.59 11.72 -22.14
C TYR C 93 -0.01 13.13 -22.25
N MET C 94 0.02 13.84 -21.13
CA MET C 94 0.43 15.24 -21.13
C MET C 94 0.89 15.73 -19.76
N PHE C 95 1.52 16.89 -19.74
CA PHE C 95 1.89 17.55 -18.48
C PHE C 95 0.93 18.69 -18.18
N ASN C 96 0.46 18.77 -16.94
CA ASN C 96 -0.45 19.84 -16.54
C ASN C 96 0.30 21.12 -16.18
N ASP C 97 -0.36 22.00 -15.45
CA ASP C 97 0.25 23.27 -15.06
C ASP C 97 1.35 23.08 -14.02
N ASN C 98 1.18 22.08 -13.15
CA ASN C 98 2.17 21.79 -12.13
C ASN C 98 3.37 21.02 -12.68
N LYS C 99 3.45 20.93 -14.00
CA LYS C 99 4.50 20.18 -14.70
C LYS C 99 4.50 18.71 -14.29
N ASN C 100 3.34 18.21 -13.88
CA ASN C 100 3.17 16.80 -13.59
C ASN C 100 2.54 16.08 -14.78
N SER C 101 3.09 14.91 -15.13
CA SER C 101 2.48 14.10 -16.16
C SER C 101 1.11 13.63 -15.70
N VAL C 102 0.18 13.50 -16.63
CA VAL C 102 -1.17 13.10 -16.26
C VAL C 102 -1.83 12.35 -17.41
N ALA C 103 -2.74 11.43 -17.08
CA ALA C 103 -3.42 10.63 -18.08
C ALA C 103 -4.85 11.12 -18.30
N VAL C 104 -5.17 11.39 -19.56
CA VAL C 104 -6.49 11.87 -19.95
C VAL C 104 -6.99 11.02 -21.10
N GLY C 105 -8.31 10.82 -21.18
CA GLY C 105 -8.87 10.06 -22.28
C GLY C 105 -10.36 10.28 -22.44
N TYR C 106 -10.99 9.46 -23.27
CA TYR C 106 -12.43 9.56 -23.47
C TYR C 106 -13.02 8.22 -23.92
N VAL C 107 -14.32 8.06 -23.69
CA VAL C 107 -15.07 6.95 -24.24
C VAL C 107 -16.25 7.48 -25.04
N GLY C 108 -16.30 7.15 -26.32
CA GLY C 108 -17.37 7.63 -27.19
C GLY C 108 -18.70 7.00 -26.86
N CYS C 109 -19.75 7.81 -26.85
CA CYS C 109 -21.08 7.35 -26.47
C CYS C 109 -22.09 7.49 -27.62
N GLY C 110 -21.61 7.36 -28.85
CA GLY C 110 -22.48 7.36 -30.01
C GLY C 110 -23.06 8.71 -30.39
N SER C 111 -24.09 8.69 -31.21
CA SER C 111 -24.72 9.92 -31.69
C SER C 111 -26.17 10.03 -31.22
N VAL C 112 -26.64 9.04 -30.49
CA VAL C 112 -27.99 9.07 -29.94
C VAL C 112 -27.99 9.75 -28.57
N ALA C 113 -28.92 10.67 -28.37
CA ALA C 113 -28.94 11.50 -27.17
C ALA C 113 -29.60 10.80 -25.98
N ASP C 114 -29.88 9.51 -26.11
CA ASP C 114 -30.48 8.75 -25.04
C ASP C 114 -29.94 7.32 -25.00
N LEU C 115 -28.86 7.13 -24.25
CA LEU C 115 -28.23 5.81 -24.14
C LEU C 115 -29.17 4.80 -23.47
N SER C 116 -29.26 3.62 -24.06
CA SER C 116 -30.09 2.57 -23.50
C SER C 116 -29.29 1.72 -22.50
N GLU C 117 -29.96 0.73 -21.93
CA GLU C 117 -29.34 -0.17 -20.96
C GLU C 117 -28.17 -0.93 -21.58
N ALA C 118 -28.31 -1.28 -22.85
CA ALA C 118 -27.25 -2.00 -23.56
C ALA C 118 -26.09 -1.08 -23.95
N ASP C 119 -26.43 0.14 -24.39
CA ASP C 119 -25.42 1.11 -24.79
C ASP C 119 -24.53 1.50 -23.64
N MET C 120 -25.14 1.77 -22.48
CA MET C 120 -24.40 2.18 -21.30
C MET C 120 -23.47 1.08 -20.82
N LYS C 121 -23.88 -0.17 -21.00
CA LYS C 121 -23.05 -1.29 -20.61
C LYS C 121 -21.81 -1.42 -21.49
N ARG C 122 -21.96 -1.06 -22.75
CA ARG C 122 -20.83 -1.05 -23.67
C ARG C 122 -19.85 0.05 -23.27
N VAL C 123 -20.39 1.22 -22.93
CA VAL C 123 -19.59 2.35 -22.49
C VAL C 123 -18.75 2.00 -21.27
N VAL C 124 -19.40 1.40 -20.27
CA VAL C 124 -18.71 0.99 -19.05
C VAL C 124 -17.64 -0.05 -19.34
N LEU C 125 -17.95 -1.02 -20.19
CA LEU C 125 -17.01 -2.08 -20.53
C LEU C 125 -15.73 -1.53 -21.15
N SER C 126 -15.88 -0.50 -22.00
CA SER C 126 -14.72 0.15 -22.60
C SER C 126 -13.90 0.87 -21.54
N LEU C 127 -14.60 1.53 -20.61
CA LEU C 127 -13.96 2.24 -19.52
C LEU C 127 -13.20 1.27 -18.61
N VAL C 128 -13.79 0.10 -18.38
CA VAL C 128 -13.16 -0.92 -17.55
C VAL C 128 -11.89 -1.45 -18.19
N THR C 129 -11.89 -1.57 -19.52
CA THR C 129 -10.70 -2.01 -20.24
C THR C 129 -9.56 -1.01 -20.10
N MET C 130 -9.90 0.23 -19.82
CA MET C 130 -8.89 1.27 -19.60
C MET C 130 -8.35 1.18 -18.18
N LEU C 131 -9.08 0.46 -17.32
CA LEU C 131 -8.68 0.29 -15.93
C LEU C 131 -7.84 -0.98 -15.75
N HIS C 132 -8.15 -2.01 -16.54
CA HIS C 132 -7.41 -3.25 -16.49
C HIS C 132 -6.02 -3.08 -17.08
N ASP C 133 -5.04 -3.76 -16.47
CA ASP C 133 -3.64 -3.74 -16.94
C ASP C 133 -3.04 -2.34 -16.93
N ASN C 134 -3.60 -1.47 -16.10
CA ASN C 134 -3.05 -0.13 -15.88
C ASN C 134 -3.17 0.22 -14.40
N LYS C 135 -2.05 0.09 -13.69
CA LYS C 135 -2.05 0.32 -12.25
C LYS C 135 -2.27 1.79 -11.91
N LEU C 136 -3.53 2.14 -11.68
CA LEU C 136 -3.93 3.51 -11.38
C LEU C 136 -4.42 3.62 -9.94
N SER C 137 -4.23 4.78 -9.33
CA SER C 137 -4.66 5.01 -7.96
C SER C 137 -5.96 5.79 -7.92
N LYS C 138 -6.30 6.44 -9.04
CA LYS C 138 -7.47 7.30 -9.08
C LYS C 138 -8.09 7.36 -10.48
N LEU C 139 -9.43 7.35 -10.51
CA LEU C 139 -10.16 7.54 -11.75
C LEU C 139 -11.20 8.65 -11.60
N THR C 140 -11.19 9.62 -12.51
CA THR C 140 -12.23 10.63 -12.54
C THR C 140 -12.99 10.54 -13.85
N VAL C 141 -14.32 10.60 -13.78
CA VAL C 141 -15.16 10.49 -14.96
C VAL C 141 -15.97 11.77 -15.16
N VAL C 142 -15.80 12.39 -16.33
CA VAL C 142 -16.51 13.62 -16.66
C VAL C 142 -17.68 13.32 -17.58
N PHE C 143 -18.89 13.64 -17.11
CA PHE C 143 -20.12 13.37 -17.86
C PHE C 143 -20.49 14.50 -18.80
N GLU C 144 -20.23 14.31 -20.09
CA GLU C 144 -20.65 15.28 -21.10
C GLU C 144 -21.81 14.72 -21.92
N ILE C 145 -22.54 13.79 -21.31
CA ILE C 145 -23.77 13.27 -21.89
C ILE C 145 -24.90 13.51 -20.91
N ASN C 146 -26.13 13.36 -21.36
CA ASN C 146 -27.29 13.56 -20.48
C ASN C 146 -27.84 12.23 -19.99
N VAL C 147 -27.78 12.02 -18.68
CA VAL C 147 -28.30 10.80 -18.06
C VAL C 147 -29.18 11.13 -16.87
N ASP C 148 -30.25 10.36 -16.69
CA ASP C 148 -31.13 10.56 -15.53
C ASP C 148 -30.53 9.87 -14.30
N LYS C 149 -31.14 10.10 -13.15
CA LYS C 149 -30.64 9.57 -11.88
C LYS C 149 -30.52 8.05 -11.91
N ASN C 150 -31.50 7.38 -12.49
CA ASN C 150 -31.50 5.93 -12.56
C ASN C 150 -30.45 5.39 -13.53
N LEU C 151 -30.09 6.19 -14.52
CA LEU C 151 -29.07 5.77 -15.49
C LEU C 151 -27.67 6.03 -14.96
N PHE C 152 -27.52 7.13 -14.23
CA PHE C 152 -26.25 7.44 -13.58
C PHE C 152 -25.92 6.38 -12.54
N ARG C 153 -26.95 5.92 -11.83
CA ARG C 153 -26.78 4.87 -10.84
C ARG C 153 -26.38 3.56 -11.52
N PHE C 154 -27.05 3.25 -12.63
CA PHE C 154 -26.75 2.05 -13.40
C PHE C 154 -25.31 2.06 -13.89
N PHE C 155 -24.81 3.25 -14.22
CA PHE C 155 -23.42 3.41 -14.64
C PHE C 155 -22.47 2.97 -13.53
N LEU C 156 -22.75 3.41 -12.30
CA LEU C 156 -21.89 3.11 -11.17
C LEU C 156 -21.95 1.64 -10.77
N GLU C 157 -23.17 1.12 -10.63
CA GLU C 157 -23.38 -0.30 -10.30
C GLU C 157 -22.61 -1.19 -11.26
N THR C 158 -22.75 -0.89 -12.55
CA THR C 158 -22.13 -1.69 -13.60
C THR C 158 -20.62 -1.49 -13.61
N LEU C 159 -20.17 -0.26 -13.39
CA LEU C 159 -18.74 0.03 -13.31
C LEU C 159 -18.11 -0.79 -12.19
N PHE C 160 -18.75 -0.76 -11.03
CA PHE C 160 -18.27 -1.50 -9.86
C PHE C 160 -18.29 -3.00 -10.11
N TYR C 161 -19.33 -3.49 -10.77
CA TYR C 161 -19.50 -4.91 -10.99
C TYR C 161 -18.49 -5.48 -11.98
N GLU C 162 -18.27 -4.76 -13.08
CA GLU C 162 -17.36 -5.23 -14.12
C GLU C 162 -15.91 -5.04 -13.70
N TYR C 163 -15.66 -4.05 -12.84
CA TYR C 163 -14.31 -3.76 -12.37
C TYR C 163 -13.78 -4.87 -11.46
N MET C 164 -14.66 -5.37 -10.60
CA MET C 164 -14.29 -6.36 -9.60
C MET C 164 -14.01 -7.73 -10.20
N THR C 165 -12.97 -8.40 -9.70
CA THR C 165 -12.59 -9.72 -10.18
C THR C 165 -12.68 -10.76 -9.07
N ASP C 166 -13.37 -11.86 -9.34
CA ASP C 166 -13.60 -12.92 -8.36
C ASP C 166 -12.43 -13.89 -8.29
N GLU C 167 -11.62 -13.79 -7.23
CA GLU C 167 -10.45 -14.65 -7.10
C GLU C 167 -10.51 -15.59 -5.91
N ARG C 168 -11.72 -15.89 -5.45
CA ARG C 168 -11.90 -16.76 -4.29
C ARG C 168 -11.35 -18.17 -4.51
N PHE C 169 -11.35 -18.63 -5.76
CA PHE C 169 -10.94 -19.99 -6.07
C PHE C 169 -9.61 -20.03 -6.83
N LYS C 170 -9.01 -18.86 -7.00
CA LYS C 170 -7.64 -18.78 -7.51
C LYS C 170 -6.68 -19.21 -6.41
N SER C 171 -5.58 -19.85 -6.79
CA SER C 171 -4.61 -20.31 -5.81
C SER C 171 -3.18 -20.02 -6.28
N THR C 172 -2.65 -20.88 -7.14
CA THR C 172 -1.33 -20.69 -7.70
C THR C 172 -1.39 -19.80 -8.94
N ASP C 173 -2.57 -19.24 -9.20
CA ASP C 173 -2.78 -18.46 -10.41
C ASP C 173 -3.48 -17.13 -10.12
N LYS C 174 -3.24 -16.56 -8.95
CA LYS C 174 -3.74 -15.23 -8.63
C LYS C 174 -3.02 -14.19 -9.48
N ASN C 175 -3.76 -13.17 -9.93
CA ASN C 175 -3.17 -12.12 -10.75
C ASN C 175 -2.19 -11.28 -9.94
N VAL C 176 -0.93 -11.31 -10.35
CA VAL C 176 0.13 -10.63 -9.61
C VAL C 176 0.05 -9.11 -9.77
N ASN C 177 -0.55 -8.65 -10.87
CA ASN C 177 -0.57 -7.23 -11.19
C ASN C 177 -1.88 -6.51 -10.86
N MET C 178 -2.80 -7.19 -10.18
CA MET C 178 -4.10 -6.59 -9.97
C MET C 178 -4.11 -5.55 -8.85
N GLU C 179 -4.27 -4.29 -9.25
CA GLU C 179 -4.40 -3.19 -8.31
C GLU C 179 -5.69 -2.43 -8.60
N TYR C 180 -6.41 -2.08 -7.54
CA TYR C 180 -7.64 -1.32 -7.68
C TYR C 180 -7.43 0.15 -7.37
N ILE C 181 -8.13 1.02 -8.08
CA ILE C 181 -8.09 2.45 -7.78
C ILE C 181 -8.61 2.68 -6.37
N LYS C 182 -8.10 3.71 -5.72
CA LYS C 182 -8.50 4.01 -4.35
C LYS C 182 -9.44 5.21 -4.31
N HIS C 183 -9.50 5.95 -5.41
CA HIS C 183 -10.32 7.15 -5.47
C HIS C 183 -11.09 7.26 -6.77
N LEU C 184 -12.34 7.69 -6.67
CA LEU C 184 -13.19 7.92 -7.83
C LEU C 184 -13.80 9.31 -7.79
N GLY C 185 -13.51 10.11 -8.82
CA GLY C 185 -14.10 11.42 -8.96
C GLY C 185 -15.15 11.43 -10.06
N VAL C 186 -16.22 12.19 -9.86
CA VAL C 186 -17.28 12.28 -10.85
C VAL C 186 -17.70 13.73 -11.11
N TYR C 187 -17.71 14.12 -12.38
CA TYR C 187 -18.16 15.44 -12.77
C TYR C 187 -19.45 15.34 -13.60
N ILE C 188 -20.46 16.11 -13.22
CA ILE C 188 -21.76 16.03 -13.87
C ILE C 188 -22.62 17.27 -13.58
N ASN C 189 -23.54 17.57 -14.49
CA ASN C 189 -24.47 18.67 -14.30
C ASN C 189 -25.44 18.41 -13.15
N ASN C 190 -25.75 19.45 -12.38
CA ASN C 190 -26.68 19.36 -11.25
C ASN C 190 -26.27 18.26 -10.27
N ALA C 191 -25.03 18.34 -9.80
CA ALA C 191 -24.39 17.25 -9.05
C ALA C 191 -25.08 16.90 -7.73
N ASP C 192 -25.65 17.91 -7.07
CA ASP C 192 -26.31 17.69 -5.77
C ASP C 192 -27.44 16.67 -5.90
N THR C 193 -28.04 16.60 -7.08
CA THR C 193 -29.11 15.65 -7.36
C THR C 193 -28.57 14.21 -7.40
N TYR C 194 -27.37 14.04 -7.93
CA TYR C 194 -26.82 12.71 -8.19
C TYR C 194 -26.07 12.11 -6.99
N LYS C 195 -25.81 12.92 -5.98
CA LYS C 195 -24.99 12.48 -4.84
C LYS C 195 -25.58 11.28 -4.11
N GLU C 196 -26.89 11.28 -3.92
CA GLU C 196 -27.55 10.20 -3.18
C GLU C 196 -27.48 8.87 -3.92
N GLU C 197 -27.31 8.92 -5.23
CA GLU C 197 -27.26 7.71 -6.06
C GLU C 197 -25.98 6.91 -5.81
N VAL C 198 -24.94 7.60 -5.36
CA VAL C 198 -23.63 6.99 -5.17
C VAL C 198 -23.65 5.81 -4.21
N GLU C 199 -24.13 6.03 -2.99
CA GLU C 199 -24.13 4.98 -1.99
C GLU C 199 -25.24 3.97 -2.24
N LYS C 200 -26.27 4.38 -2.97
CA LYS C 200 -27.30 3.44 -3.39
C LYS C 200 -26.70 2.46 -4.38
N ALA C 201 -25.82 2.96 -5.23
CA ALA C 201 -25.15 2.12 -6.23
C ALA C 201 -24.22 1.12 -5.56
N ARG C 202 -23.57 1.52 -4.49
CA ARG C 202 -22.65 0.63 -3.78
C ARG C 202 -23.41 -0.47 -3.05
N VAL C 203 -24.64 -0.16 -2.64
CA VAL C 203 -25.52 -1.15 -2.04
C VAL C 203 -26.01 -2.10 -3.12
N TYR C 204 -26.52 -1.53 -4.22
CA TYR C 204 -27.02 -2.31 -5.34
C TYR C 204 -25.93 -3.17 -5.96
N TYR C 205 -24.72 -2.63 -6.05
CA TYR C 205 -23.61 -3.37 -6.62
C TYR C 205 -23.28 -4.63 -5.82
N PHE C 206 -23.13 -4.48 -4.50
CA PHE C 206 -22.73 -5.60 -3.67
C PHE C 206 -23.79 -6.68 -3.62
N GLY C 207 -25.05 -6.29 -3.53
CA GLY C 207 -26.15 -7.23 -3.56
C GLY C 207 -26.09 -8.06 -4.83
N THR C 208 -25.77 -7.39 -5.94
CA THR C 208 -25.61 -8.07 -7.22
C THR C 208 -24.35 -8.92 -7.21
N TYR C 209 -23.29 -8.42 -6.58
CA TYR C 209 -22.04 -9.15 -6.50
C TYR C 209 -22.13 -10.29 -5.50
N TYR C 210 -22.89 -10.08 -4.44
CA TYR C 210 -23.11 -11.13 -3.45
C TYR C 210 -23.84 -12.31 -4.09
N ALA C 211 -24.87 -11.99 -4.87
CA ALA C 211 -25.59 -13.01 -5.63
C ALA C 211 -24.65 -13.68 -6.61
N SER C 212 -23.83 -12.87 -7.26
CA SER C 212 -22.83 -13.36 -8.21
C SER C 212 -21.89 -14.38 -7.57
N GLN C 213 -21.45 -14.11 -6.34
CA GLN C 213 -20.53 -15.00 -5.64
C GLN C 213 -21.16 -16.36 -5.32
N LEU C 214 -22.41 -16.33 -4.87
CA LEU C 214 -23.11 -17.56 -4.52
C LEU C 214 -23.32 -18.43 -5.75
N ILE C 215 -23.71 -17.81 -6.85
CA ILE C 215 -23.94 -18.52 -8.10
C ILE C 215 -22.65 -19.11 -8.66
N ALA C 216 -21.61 -18.27 -8.73
CA ALA C 216 -20.31 -18.72 -9.25
C ALA C 216 -19.73 -19.84 -8.40
N ALA C 217 -20.06 -19.82 -7.11
CA ALA C 217 -19.61 -20.87 -6.19
C ALA C 217 -20.09 -22.23 -6.65
N PRO C 218 -19.15 -23.13 -6.95
CA PRO C 218 -19.44 -24.47 -7.45
C PRO C 218 -20.27 -25.30 -6.47
N SER C 219 -20.90 -26.35 -6.97
CA SER C 219 -21.83 -27.14 -6.16
C SER C 219 -21.15 -27.89 -5.02
N ASN C 220 -19.85 -28.15 -5.15
CA ASN C 220 -19.12 -28.80 -4.07
C ASN C 220 -18.79 -27.80 -2.96
N TYR C 221 -18.86 -26.52 -3.30
CA TYR C 221 -18.73 -25.46 -2.30
C TYR C 221 -20.12 -24.99 -1.85
N CYS C 222 -20.98 -24.75 -2.83
CA CYS C 222 -22.33 -24.25 -2.56
C CYS C 222 -23.36 -25.37 -2.59
N ASN C 223 -23.57 -25.99 -1.44
CA ASN C 223 -24.59 -27.02 -1.27
C ASN C 223 -25.73 -26.45 -0.42
N PRO C 224 -26.87 -27.16 -0.32
CA PRO C 224 -28.01 -26.60 0.42
C PRO C 224 -27.70 -26.25 1.89
N VAL C 225 -26.76 -26.96 2.50
CA VAL C 225 -26.41 -26.69 3.88
C VAL C 225 -25.53 -25.45 3.98
N SER C 226 -24.52 -25.37 3.13
CA SER C 226 -23.60 -24.24 3.13
C SER C 226 -24.29 -22.96 2.67
N LEU C 227 -25.30 -23.11 1.81
CA LEU C 227 -26.04 -21.96 1.30
C LEU C 227 -26.98 -21.41 2.36
N SER C 228 -27.59 -22.30 3.14
CA SER C 228 -28.47 -21.88 4.22
C SER C 228 -27.68 -21.35 5.41
N ASN C 229 -26.45 -21.84 5.56
CA ASN C 229 -25.53 -21.28 6.55
C ASN C 229 -25.18 -19.85 6.21
N ALA C 230 -24.90 -19.62 4.93
CA ALA C 230 -24.53 -18.30 4.44
C ALA C 230 -25.68 -17.30 4.60
N ALA C 231 -26.89 -17.76 4.31
CA ALA C 231 -28.08 -16.92 4.43
C ALA C 231 -28.28 -16.47 5.88
N VAL C 232 -28.01 -17.38 6.82
CA VAL C 232 -28.06 -17.06 8.24
C VAL C 232 -27.03 -16.00 8.59
N GLU C 233 -25.81 -16.23 8.14
CA GLU C 233 -24.72 -15.28 8.34
C GLU C 233 -25.08 -13.90 7.78
N LEU C 234 -25.76 -13.90 6.63
CA LEU C 234 -26.24 -12.66 6.04
C LEU C 234 -27.28 -12.01 6.94
N ALA C 235 -28.21 -12.82 7.45
CA ALA C 235 -29.30 -12.33 8.29
C ALA C 235 -28.80 -11.76 9.61
N GLN C 236 -27.82 -12.43 10.21
CA GLN C 236 -27.26 -11.98 11.47
C GLN C 236 -26.54 -10.64 11.33
N LYS C 237 -25.95 -10.42 10.17
CA LYS C 237 -25.25 -9.16 9.88
C LYS C 237 -26.22 -8.01 9.70
N LEU C 238 -27.35 -8.29 9.07
CA LEU C 238 -28.31 -7.26 8.71
C LEU C 238 -29.40 -7.07 9.77
N ASN C 239 -29.29 -7.83 10.84
CA ASN C 239 -30.32 -7.86 11.89
C ASN C 239 -31.69 -8.21 11.33
N LEU C 240 -31.73 -9.22 10.46
CA LEU C 240 -32.99 -9.72 9.93
C LEU C 240 -33.43 -10.94 10.73
N GLU C 241 -34.73 -11.07 10.96
CA GLU C 241 -35.27 -12.29 11.54
C GLU C 241 -35.07 -13.43 10.55
N TYR C 242 -34.52 -14.54 11.02
CA TYR C 242 -34.28 -15.67 10.13
C TYR C 242 -34.77 -16.98 10.72
N LYS C 243 -35.10 -17.92 9.84
CA LYS C 243 -35.52 -19.25 10.24
C LYS C 243 -35.14 -20.24 9.15
N ILE C 244 -34.41 -21.29 9.53
CA ILE C 244 -34.05 -22.33 8.57
C ILE C 244 -34.80 -23.61 8.88
N LEU C 245 -35.76 -23.93 8.02
CA LEU C 245 -36.58 -25.12 8.22
C LEU C 245 -35.88 -26.36 7.69
N GLY C 246 -35.68 -27.34 8.58
CA GLY C 246 -35.04 -28.59 8.22
C GLY C 246 -36.06 -29.66 7.86
N VAL C 247 -35.55 -30.84 7.52
CA VAL C 247 -36.38 -31.93 6.99
C VAL C 247 -37.59 -32.29 7.85
N LYS C 248 -37.36 -32.54 9.14
CA LYS C 248 -38.44 -32.99 10.01
C LYS C 248 -39.52 -31.91 10.19
N GLU C 249 -39.12 -30.65 10.09
CA GLU C 249 -40.09 -29.56 10.13
C GLU C 249 -40.88 -29.50 8.83
N LEU C 250 -40.18 -29.75 7.73
CA LEU C 250 -40.80 -29.76 6.41
C LEU C 250 -41.76 -30.93 6.27
N GLU C 251 -41.41 -32.05 6.87
CA GLU C 251 -42.28 -33.22 6.90
C GLU C 251 -43.61 -32.89 7.58
N GLU C 252 -43.52 -32.17 8.69
CA GLU C 252 -44.71 -31.75 9.43
C GLU C 252 -45.58 -30.80 8.61
N LEU C 253 -44.94 -30.02 7.75
CA LEU C 253 -45.66 -29.08 6.88
C LEU C 253 -46.13 -29.77 5.60
N LYS C 254 -45.83 -31.06 5.50
CA LYS C 254 -46.30 -31.90 4.40
C LYS C 254 -45.80 -31.42 3.03
N MET C 255 -44.60 -30.87 3.00
CA MET C 255 -44.00 -30.43 1.74
C MET C 255 -43.42 -31.62 0.96
N GLY C 256 -44.30 -32.47 0.46
CA GLY C 256 -43.88 -33.70 -0.22
C GLY C 256 -43.22 -33.48 -1.56
N ALA C 257 -43.62 -32.43 -2.28
CA ALA C 257 -43.07 -32.13 -3.59
C ALA C 257 -41.62 -31.68 -3.47
N TYR C 258 -41.38 -30.73 -2.58
CA TYR C 258 -40.05 -30.17 -2.34
C TYR C 258 -39.11 -31.23 -1.74
N LEU C 259 -39.65 -32.07 -0.87
CA LEU C 259 -38.83 -33.10 -0.22
C LEU C 259 -38.45 -34.21 -1.19
N SER C 260 -39.30 -34.47 -2.17
CA SER C 260 -39.03 -35.54 -3.15
C SER C 260 -37.85 -35.19 -4.04
N VAL C 261 -37.76 -33.92 -4.43
CA VAL C 261 -36.66 -33.44 -5.25
C VAL C 261 -35.32 -33.67 -4.57
N GLY C 262 -35.27 -33.42 -3.26
CA GLY C 262 -34.04 -33.49 -2.51
C GLY C 262 -33.70 -34.86 -1.95
N LYS C 263 -34.60 -35.82 -2.11
CA LYS C 263 -34.43 -37.16 -1.56
C LYS C 263 -33.10 -37.82 -1.95
N GLY C 264 -32.64 -37.54 -3.15
CA GLY C 264 -31.45 -38.19 -3.68
C GLY C 264 -30.13 -37.63 -3.19
N SER C 265 -30.14 -36.38 -2.74
CA SER C 265 -28.91 -35.68 -2.38
C SER C 265 -28.35 -36.12 -1.03
N MET C 266 -27.03 -36.01 -0.88
CA MET C 266 -26.36 -36.31 0.37
C MET C 266 -26.50 -35.15 1.35
N TYR C 267 -27.02 -34.03 0.86
CA TYR C 267 -27.27 -32.87 1.69
C TYR C 267 -28.75 -32.75 2.03
N PRO C 268 -29.05 -32.54 3.32
CA PRO C 268 -30.45 -32.34 3.77
C PRO C 268 -31.07 -31.10 3.13
N ASN C 269 -32.36 -31.17 2.81
CA ASN C 269 -33.08 -30.00 2.33
C ASN C 269 -33.07 -28.89 3.37
N LYS C 270 -32.91 -27.66 2.92
CA LYS C 270 -32.92 -26.50 3.82
C LYS C 270 -33.80 -25.39 3.27
N PHE C 271 -34.84 -25.04 4.02
CA PHE C 271 -35.75 -23.98 3.61
C PHE C 271 -35.39 -22.66 4.29
N ILE C 272 -34.92 -21.70 3.50
CA ILE C 272 -34.52 -20.40 4.01
C ILE C 272 -35.72 -19.47 4.16
N HIS C 273 -35.84 -18.84 5.33
CA HIS C 273 -36.89 -17.87 5.57
C HIS C 273 -36.33 -16.63 6.29
N LEU C 274 -36.09 -15.58 5.52
CA LEU C 274 -35.63 -14.31 6.07
C LEU C 274 -36.80 -13.34 6.11
N THR C 275 -36.75 -12.39 7.05
CA THR C 275 -37.82 -11.40 7.17
C THR C 275 -37.30 -10.02 7.53
N TYR C 276 -37.61 -9.04 6.68
CA TYR C 276 -37.42 -7.64 7.03
C TYR C 276 -38.77 -7.05 7.38
N LYS C 277 -38.85 -6.38 8.52
CA LYS C 277 -40.08 -5.70 8.92
C LYS C 277 -39.78 -4.29 9.39
N SER C 278 -40.34 -3.31 8.69
CA SER C 278 -40.16 -1.91 9.05
C SER C 278 -40.71 -1.60 10.43
N LYS C 279 -40.10 -0.65 11.12
CA LYS C 279 -40.67 -0.13 12.35
C LYS C 279 -41.80 0.83 12.00
N GLY C 280 -42.97 0.59 12.56
CA GLY C 280 -44.12 1.44 12.30
C GLY C 280 -45.26 0.71 11.64
N ASP C 281 -45.99 1.40 10.77
CA ASP C 281 -47.18 0.85 10.12
C ASP C 281 -46.84 0.16 8.80
N VAL C 282 -47.03 -1.15 8.76
CA VAL C 282 -46.78 -1.93 7.55
C VAL C 282 -47.97 -1.87 6.61
N LYS C 283 -47.76 -1.31 5.42
CA LYS C 283 -48.82 -1.15 4.44
C LYS C 283 -48.80 -2.26 3.40
N LYS C 284 -47.62 -2.79 3.12
CA LYS C 284 -47.47 -3.84 2.13
C LYS C 284 -46.67 -5.03 2.65
N LYS C 285 -47.24 -6.22 2.53
CA LYS C 285 -46.55 -7.46 2.87
C LYS C 285 -46.19 -8.22 1.60
N ILE C 286 -44.90 -8.45 1.40
CA ILE C 286 -44.42 -9.08 0.17
C ILE C 286 -43.61 -10.34 0.45
N ALA C 287 -43.85 -11.38 -0.34
CA ALA C 287 -43.06 -12.60 -0.26
C ALA C 287 -42.27 -12.80 -1.54
N LEU C 288 -40.95 -12.88 -1.40
CA LEU C 288 -40.08 -13.13 -2.55
C LEU C 288 -39.53 -14.55 -2.51
N VAL C 289 -39.79 -15.31 -3.57
CA VAL C 289 -39.42 -16.72 -3.61
C VAL C 289 -38.37 -16.99 -4.68
N GLY C 290 -37.26 -17.60 -4.29
CA GLY C 290 -36.19 -17.88 -5.22
C GLY C 290 -35.91 -19.37 -5.35
N LYS C 291 -35.90 -19.87 -6.59
CA LYS C 291 -35.54 -21.25 -6.86
C LYS C 291 -34.11 -21.50 -6.41
N GLY C 292 -33.93 -22.46 -5.52
CA GLY C 292 -32.62 -22.73 -4.94
C GLY C 292 -32.13 -24.15 -5.14
N ILE C 293 -31.92 -24.54 -6.39
CA ILE C 293 -31.32 -25.82 -6.69
C ILE C 293 -29.81 -25.64 -6.82
N THR C 294 -29.08 -26.11 -5.82
CA THR C 294 -27.63 -25.89 -5.77
C THR C 294 -26.91 -26.62 -6.90
N PHE C 295 -27.49 -27.75 -7.32
CA PHE C 295 -27.03 -28.44 -8.52
C PHE C 295 -28.16 -29.22 -9.15
N ASP C 296 -28.28 -29.10 -10.47
CA ASP C 296 -29.31 -29.82 -11.20
C ASP C 296 -28.70 -30.82 -12.17
N SER C 297 -28.52 -32.05 -11.70
CA SER C 297 -28.02 -33.12 -12.55
C SER C 297 -29.09 -33.53 -13.56
N GLY C 298 -30.34 -33.27 -13.20
CA GLY C 298 -31.47 -33.68 -14.02
C GLY C 298 -32.24 -34.80 -13.34
N GLY C 299 -31.59 -35.47 -12.40
CA GLY C 299 -32.18 -36.62 -11.74
C GLY C 299 -32.09 -37.82 -12.66
N TYR C 300 -33.00 -38.78 -12.51
CA TYR C 300 -32.99 -39.96 -13.35
C TYR C 300 -33.29 -39.62 -14.81
N ASN C 301 -33.89 -38.45 -15.03
CA ASN C 301 -33.89 -37.84 -16.37
C ASN C 301 -32.61 -37.02 -16.53
N LEU C 302 -31.48 -37.71 -16.51
CA LEU C 302 -30.17 -37.07 -16.50
C LEU C 302 -29.95 -36.11 -17.66
N LYS C 303 -29.33 -34.98 -17.39
CA LYS C 303 -28.92 -34.05 -18.43
C LYS C 303 -27.77 -34.65 -19.22
N ALA C 304 -28.10 -35.54 -20.15
CA ALA C 304 -27.09 -36.26 -20.92
C ALA C 304 -27.21 -35.96 -22.41
N ALA C 305 -28.23 -35.19 -22.78
CA ALA C 305 -28.42 -34.80 -24.16
C ALA C 305 -27.31 -33.84 -24.58
N PRO C 306 -26.95 -33.86 -25.88
CA PRO C 306 -25.98 -32.89 -26.38
C PRO C 306 -26.47 -31.45 -26.19
N GLY C 307 -25.66 -30.62 -25.56
CA GLY C 307 -26.03 -29.23 -25.33
C GLY C 307 -26.94 -29.05 -24.13
N SER C 308 -26.93 -30.00 -23.21
CA SER C 308 -27.73 -29.90 -22.00
C SER C 308 -26.98 -29.11 -20.91
N MET C 309 -25.71 -28.84 -21.17
CA MET C 309 -24.92 -27.92 -20.35
C MET C 309 -24.87 -28.28 -18.86
N ILE C 310 -24.69 -29.56 -18.56
CA ILE C 310 -24.75 -30.02 -17.18
C ILE C 310 -23.67 -29.38 -16.29
N ASP C 311 -22.57 -28.97 -16.89
CA ASP C 311 -21.45 -28.40 -16.13
C ASP C 311 -21.72 -26.97 -15.67
N LEU C 312 -22.82 -26.39 -16.15
CA LEU C 312 -23.18 -25.02 -15.78
C LEU C 312 -24.33 -25.02 -14.77
N MET C 313 -24.59 -26.21 -14.29
CA MET C 313 -25.97 -26.38 -13.59
CA MET C 313 -25.80 -26.30 -13.51
C MET C 313 -25.96 -25.79 -12.02
N LYS C 314 -24.71 -25.34 -11.79
CA LYS C 314 -24.55 -24.67 -10.50
C LYS C 314 -25.31 -23.34 -10.53
N PHE C 315 -25.76 -22.96 -11.70
CA PHE C 315 -26.45 -21.72 -11.81
C PHE C 315 -27.95 -21.82 -11.47
N ASP C 316 -28.41 -22.99 -11.12
CA ASP C 316 -29.82 -23.21 -10.86
C ASP C 316 -30.25 -22.72 -9.48
N MET C 317 -29.33 -22.03 -8.82
CA MET C 317 -29.58 -21.43 -7.51
C MET C 317 -29.74 -19.92 -7.64
N SER C 318 -29.67 -19.44 -8.89
CA SER C 318 -29.64 -18.01 -9.16
C SER C 318 -30.83 -17.25 -8.62
N GLY C 319 -32.01 -17.85 -8.69
CA GLY C 319 -33.22 -17.24 -8.15
C GLY C 319 -33.06 -16.98 -6.66
N CYS C 320 -32.57 -18.00 -5.96
CA CYS C 320 -32.27 -17.89 -4.53
C CYS C 320 -31.24 -16.81 -4.27
N ALA C 321 -30.21 -16.76 -5.12
CA ALA C 321 -29.14 -15.78 -4.98
C ALA C 321 -29.68 -14.36 -5.12
N ALA C 322 -30.55 -14.17 -6.11
CA ALA C 322 -31.15 -12.87 -6.35
C ALA C 322 -31.96 -12.40 -5.15
N VAL C 323 -32.65 -13.35 -4.50
CA VAL C 323 -33.47 -13.04 -3.33
C VAL C 323 -32.60 -12.66 -2.14
N LEU C 324 -31.50 -13.38 -1.96
CA LEU C 324 -30.57 -13.07 -0.88
C LEU C 324 -29.84 -11.76 -1.15
N GLY C 325 -29.58 -11.48 -2.43
CA GLY C 325 -28.97 -10.22 -2.82
C GLY C 325 -29.91 -9.07 -2.54
N CYS C 326 -31.18 -9.27 -2.87
CA CYS C 326 -32.21 -8.30 -2.55
C CYS C 326 -32.33 -8.09 -1.05
N ALA C 327 -32.21 -9.19 -0.31
CA ALA C 327 -32.29 -9.16 1.15
C ALA C 327 -31.22 -8.26 1.75
N TYR C 328 -30.01 -8.34 1.19
CA TYR C 328 -28.93 -7.46 1.64
C TYR C 328 -29.27 -6.00 1.38
N CYS C 329 -29.76 -5.72 0.18
CA CYS C 329 -30.09 -4.36 -0.23
C CYS C 329 -31.19 -3.78 0.66
N VAL C 330 -32.27 -4.54 0.83
CA VAL C 330 -33.40 -4.11 1.64
C VAL C 330 -33.00 -3.93 3.10
N GLY C 331 -32.23 -4.88 3.62
CA GLY C 331 -31.76 -4.82 5.00
C GLY C 331 -30.81 -3.66 5.24
N THR C 332 -30.14 -3.21 4.19
CA THR C 332 -29.17 -2.12 4.31
C THR C 332 -29.82 -0.76 4.13
N LEU C 333 -30.70 -0.64 3.14
CA LEU C 333 -31.37 0.62 2.86
C LEU C 333 -32.54 0.86 3.79
N LYS C 334 -33.06 -0.22 4.37
CA LYS C 334 -34.14 -0.17 5.36
C LYS C 334 -35.34 0.67 4.93
N PRO C 335 -36.12 0.19 3.95
CA PRO C 335 -37.33 0.90 3.52
C PRO C 335 -38.42 0.82 4.58
N GLU C 336 -39.38 1.72 4.52
CA GLU C 336 -40.40 1.81 5.56
C GLU C 336 -41.76 1.31 5.08
N ASN C 337 -42.63 1.00 6.04
CA ASN C 337 -44.01 0.60 5.79
C ASN C 337 -44.16 -0.67 4.94
N VAL C 338 -43.13 -1.51 4.92
CA VAL C 338 -43.23 -2.80 4.25
C VAL C 338 -42.72 -3.94 5.13
N GLU C 339 -43.22 -5.13 4.86
CA GLU C 339 -42.75 -6.34 5.50
C GLU C 339 -42.40 -7.35 4.42
N ILE C 340 -41.13 -7.74 4.34
CA ILE C 340 -40.66 -8.60 3.26
C ILE C 340 -40.19 -9.96 3.75
N HIS C 341 -40.75 -11.01 3.16
CA HIS C 341 -40.33 -12.38 3.46
C HIS C 341 -39.47 -12.93 2.32
N PHE C 342 -38.25 -13.32 2.65
CA PHE C 342 -37.32 -13.85 1.66
C PHE C 342 -37.28 -15.38 1.77
N LEU C 343 -37.78 -16.05 0.73
CA LEU C 343 -37.97 -17.49 0.78
C LEU C 343 -37.19 -18.23 -0.30
N SER C 344 -36.73 -19.43 0.03
CA SER C 344 -36.07 -20.30 -0.93
C SER C 344 -36.00 -21.74 -0.41
N ALA C 345 -36.75 -22.62 -1.06
CA ALA C 345 -36.67 -24.05 -0.77
C ALA C 345 -35.42 -24.64 -1.41
N VAL C 346 -34.32 -24.66 -0.65
CA VAL C 346 -33.04 -25.05 -1.20
C VAL C 346 -32.81 -26.56 -1.14
N CYS C 347 -32.36 -27.13 -2.26
CA CYS C 347 -31.99 -28.54 -2.31
C CYS C 347 -31.11 -28.83 -3.52
N GLU C 348 -30.80 -30.11 -3.70
CA GLU C 348 -29.95 -30.54 -4.80
C GLU C 348 -30.64 -31.69 -5.54
N ASN C 349 -30.53 -31.69 -6.86
CA ASN C 349 -31.21 -32.70 -7.68
C ASN C 349 -30.22 -33.75 -8.19
N MET C 350 -30.17 -34.90 -7.53
CA MET C 350 -29.12 -35.88 -7.76
C MET C 350 -29.62 -37.25 -8.19
N VAL C 351 -28.69 -38.09 -8.65
CA VAL C 351 -29.02 -39.47 -9.00
C VAL C 351 -28.51 -40.42 -7.91
N SER C 352 -29.41 -41.28 -7.43
CA SER C 352 -29.12 -42.14 -6.29
C SER C 352 -30.15 -43.26 -6.20
N LYS C 353 -29.95 -44.16 -5.23
CA LYS C 353 -30.95 -45.19 -4.95
C LYS C 353 -32.13 -44.59 -4.20
N ASN C 354 -31.92 -43.37 -3.67
CA ASN C 354 -32.93 -42.71 -2.87
C ASN C 354 -33.70 -41.64 -3.64
N SER C 355 -33.34 -41.46 -4.91
CA SER C 355 -33.90 -40.37 -5.71
C SER C 355 -35.36 -40.61 -6.10
N TYR C 356 -36.05 -39.52 -6.37
CA TYR C 356 -37.40 -39.60 -6.86
C TYR C 356 -37.33 -40.09 -8.32
N ARG C 357 -38.35 -40.77 -8.79
CA ARG C 357 -38.35 -41.35 -10.13
C ARG C 357 -39.37 -40.69 -11.05
N PRO C 358 -39.11 -40.74 -12.36
CA PRO C 358 -40.15 -40.39 -13.31
C PRO C 358 -41.35 -41.30 -13.12
N GLY C 359 -42.52 -40.73 -12.84
CA GLY C 359 -43.71 -41.54 -12.66
C GLY C 359 -44.22 -41.53 -11.23
N ASP C 360 -43.39 -41.08 -10.30
CA ASP C 360 -43.79 -40.96 -8.90
C ASP C 360 -44.97 -40.02 -8.76
N ILE C 361 -45.93 -40.39 -7.91
CA ILE C 361 -47.00 -39.47 -7.57
C ILE C 361 -46.77 -38.93 -6.16
N ILE C 362 -46.44 -37.65 -6.10
CA ILE C 362 -46.10 -37.01 -4.84
C ILE C 362 -47.21 -36.06 -4.41
N THR C 363 -47.24 -35.72 -3.12
CA THR C 363 -48.29 -34.86 -2.60
C THR C 363 -47.74 -33.53 -2.11
N ALA C 364 -48.29 -32.44 -2.63
CA ALA C 364 -47.88 -31.10 -2.21
C ALA C 364 -48.52 -30.72 -0.88
N SER C 365 -48.01 -29.67 -0.26
CA SER C 365 -48.46 -29.26 1.08
C SER C 365 -49.90 -28.72 1.08
N ASN C 366 -50.44 -28.45 -0.10
CA ASN C 366 -51.83 -28.03 -0.20
C ASN C 366 -52.74 -29.20 -0.56
N GLY C 367 -52.19 -30.42 -0.51
CA GLY C 367 -52.96 -31.62 -0.69
C GLY C 367 -53.06 -32.15 -2.10
N LYS C 368 -52.62 -31.37 -3.08
CA LYS C 368 -52.70 -31.79 -4.47
C LYS C 368 -51.67 -32.86 -4.80
N THR C 369 -52.13 -33.96 -5.38
CA THR C 369 -51.26 -35.03 -5.83
C THR C 369 -50.69 -34.70 -7.21
N ILE C 370 -49.38 -34.89 -7.37
CA ILE C 370 -48.70 -34.56 -8.61
C ILE C 370 -48.02 -35.77 -9.20
N GLU C 371 -48.26 -36.04 -10.48
CA GLU C 371 -47.56 -37.12 -11.17
C GLU C 371 -46.29 -36.59 -11.82
N VAL C 372 -45.15 -37.15 -11.42
CA VAL C 372 -43.87 -36.69 -11.93
C VAL C 372 -43.58 -37.26 -13.31
N GLY C 373 -43.64 -36.40 -14.32
CA GLY C 373 -43.35 -36.83 -15.68
C GLY C 373 -41.87 -36.76 -16.01
N ASN C 374 -41.19 -35.75 -15.48
CA ASN C 374 -39.78 -35.56 -15.73
C ASN C 374 -39.06 -35.06 -14.48
N THR C 375 -38.02 -35.78 -14.07
CA THR C 375 -37.27 -35.43 -12.86
C THR C 375 -36.48 -34.14 -13.05
N ASP C 376 -36.26 -33.75 -14.30
CA ASP C 376 -35.47 -32.57 -14.61
C ASP C 376 -36.33 -31.30 -14.55
N ALA C 377 -37.64 -31.48 -14.35
CA ALA C 377 -38.53 -30.35 -14.11
C ALA C 377 -38.80 -30.25 -12.62
N GLU C 378 -37.73 -30.27 -11.83
CA GLU C 378 -37.82 -30.35 -10.38
C GLU C 378 -38.04 -28.98 -9.76
N GLY C 379 -37.68 -27.94 -10.50
CA GLY C 379 -37.80 -26.58 -10.00
C GLY C 379 -39.22 -26.19 -9.64
N ARG C 380 -40.18 -26.57 -10.48
CA ARG C 380 -41.58 -26.21 -10.25
C ARG C 380 -42.16 -27.00 -9.08
N LEU C 381 -41.53 -28.13 -8.76
CA LEU C 381 -41.95 -28.93 -7.62
C LEU C 381 -41.58 -28.24 -6.30
N THR C 382 -40.36 -27.73 -6.24
CA THR C 382 -39.89 -27.03 -5.06
C THR C 382 -40.60 -25.69 -4.91
N LEU C 383 -40.86 -25.04 -6.04
CA LEU C 383 -41.58 -23.77 -6.04
C LEU C 383 -43.03 -23.96 -5.60
N ALA C 384 -43.59 -25.12 -5.90
CA ALA C 384 -44.98 -25.43 -5.53
C ALA C 384 -45.19 -25.33 -4.02
N ASP C 385 -44.34 -26.03 -3.27
CA ASP C 385 -44.43 -26.00 -1.80
C ASP C 385 -44.06 -24.63 -1.26
N ALA C 386 -43.11 -23.97 -1.92
CA ALA C 386 -42.67 -22.64 -1.49
C ALA C 386 -43.76 -21.59 -1.67
N LEU C 387 -44.51 -21.72 -2.78
CA LEU C 387 -45.59 -20.79 -3.07
C LEU C 387 -46.76 -20.97 -2.11
N VAL C 388 -46.98 -22.21 -1.66
CA VAL C 388 -48.03 -22.51 -0.70
C VAL C 388 -47.67 -21.96 0.66
N TYR C 389 -46.43 -22.19 1.07
CA TYR C 389 -45.88 -21.65 2.30
C TYR C 389 -46.01 -20.13 2.30
N ALA C 390 -45.68 -19.52 1.17
CA ALA C 390 -45.72 -18.07 1.03
C ALA C 390 -47.13 -17.52 1.17
N GLU C 391 -48.09 -18.17 0.53
CA GLU C 391 -49.48 -17.73 0.60
C GLU C 391 -50.03 -17.85 2.02
N LYS C 392 -49.49 -18.80 2.78
CA LYS C 392 -49.88 -19.01 4.17
C LYS C 392 -49.43 -17.85 5.07
N LEU C 393 -48.57 -16.98 4.55
CA LEU C 393 -48.05 -15.85 5.31
C LEU C 393 -48.97 -14.64 5.24
N GLY C 394 -50.05 -14.76 4.46
CA GLY C 394 -51.01 -13.68 4.33
C GLY C 394 -50.41 -12.42 3.75
N VAL C 395 -49.68 -12.56 2.65
CA VAL C 395 -49.00 -11.43 2.03
C VAL C 395 -49.86 -10.82 0.92
N ASP C 396 -49.48 -9.64 0.47
CA ASP C 396 -50.19 -8.96 -0.61
C ASP C 396 -49.66 -9.39 -1.98
N TYR C 397 -48.35 -9.53 -2.08
CA TYR C 397 -47.72 -9.92 -3.33
C TYR C 397 -46.79 -11.11 -3.17
N ILE C 398 -46.87 -12.05 -4.10
CA ILE C 398 -45.88 -13.10 -4.21
C ILE C 398 -45.14 -12.98 -5.53
N VAL C 399 -43.83 -12.76 -5.45
CA VAL C 399 -43.01 -12.71 -6.65
C VAL C 399 -41.94 -13.78 -6.58
N ASP C 400 -41.99 -14.74 -7.50
CA ASP C 400 -40.97 -15.78 -7.54
C ASP C 400 -40.03 -15.55 -8.72
N ILE C 401 -38.75 -15.84 -8.49
CA ILE C 401 -37.74 -15.68 -9.52
C ILE C 401 -36.97 -17.00 -9.64
N ALA C 402 -36.77 -17.45 -10.88
CA ALA C 402 -36.27 -18.82 -11.08
C ALA C 402 -35.63 -19.07 -12.43
N THR C 403 -34.56 -19.86 -12.42
CA THR C 403 -33.97 -20.39 -13.64
C THR C 403 -34.75 -21.64 -14.04
N LEU C 404 -35.97 -21.44 -14.52
CA LEU C 404 -36.93 -22.53 -14.65
C LEU C 404 -36.78 -23.33 -15.94
N THR C 405 -37.06 -22.70 -17.07
CA THR C 405 -37.12 -23.44 -18.34
C THR C 405 -36.10 -22.96 -19.37
N GLY C 406 -35.42 -23.91 -19.99
CA GLY C 406 -34.46 -23.61 -21.04
C GLY C 406 -35.14 -23.07 -22.29
N ALA C 407 -36.46 -23.20 -22.33
CA ALA C 407 -37.26 -22.69 -23.43
C ALA C 407 -37.15 -21.17 -23.54
N MET C 408 -36.77 -20.53 -22.44
CA MET C 408 -36.59 -19.08 -22.41
C MET C 408 -35.51 -18.61 -23.38
N LEU C 409 -34.52 -19.46 -23.63
CA LEU C 409 -33.45 -19.14 -24.56
C LEU C 409 -33.96 -19.00 -26.00
N TYR C 410 -35.08 -19.64 -26.29
CA TYR C 410 -35.64 -19.62 -27.63
C TYR C 410 -36.74 -18.58 -27.80
N SER C 411 -37.18 -17.98 -26.68
CA SER C 411 -38.25 -16.99 -26.73
C SER C 411 -37.72 -15.57 -26.60
N LEU C 412 -37.04 -15.28 -25.50
CA LEU C 412 -36.52 -13.93 -25.24
C LEU C 412 -35.01 -13.87 -25.35
N GLY C 413 -34.35 -15.02 -25.16
CA GLY C 413 -32.91 -15.08 -25.29
C GLY C 413 -32.16 -14.82 -24.00
N THR C 414 -31.01 -14.17 -24.12
CA THR C 414 -30.09 -14.01 -22.99
C THR C 414 -30.09 -12.61 -22.39
N SER C 415 -30.95 -11.73 -22.90
CA SER C 415 -31.01 -10.36 -22.38
C SER C 415 -32.24 -10.13 -21.51
N TYR C 416 -33.41 -10.45 -22.06
CA TYR C 416 -34.68 -10.18 -21.39
C TYR C 416 -35.20 -11.36 -20.58
N ALA C 417 -35.58 -11.09 -19.34
CA ALA C 417 -36.26 -12.08 -18.53
C ALA C 417 -37.74 -12.09 -18.87
N GLY C 418 -38.40 -13.21 -18.62
CA GLY C 418 -39.83 -13.29 -18.86
C GLY C 418 -40.60 -13.20 -17.56
N VAL C 419 -41.73 -12.50 -17.59
CA VAL C 419 -42.57 -12.42 -16.41
C VAL C 419 -44.00 -12.90 -16.73
N PHE C 420 -44.50 -13.79 -15.88
CA PHE C 420 -45.86 -14.28 -15.98
C PHE C 420 -46.58 -13.87 -14.71
N GLY C 421 -47.89 -14.09 -14.64
CA GLY C 421 -48.64 -13.76 -13.44
C GLY C 421 -50.13 -13.94 -13.54
N ASN C 422 -50.81 -13.75 -12.40
CA ASN C 422 -52.26 -13.86 -12.33
C ASN C 422 -52.92 -12.50 -12.08
N ASN C 423 -52.09 -11.47 -11.99
CA ASN C 423 -52.56 -10.14 -11.62
C ASN C 423 -51.85 -9.05 -12.44
N GLU C 424 -52.64 -8.25 -13.16
CA GLU C 424 -52.09 -7.28 -14.08
C GLU C 424 -51.40 -6.11 -13.37
N GLU C 425 -51.92 -5.73 -12.20
CA GLU C 425 -51.33 -4.65 -11.42
C GLU C 425 -49.94 -5.04 -10.92
N LEU C 426 -49.79 -6.29 -10.49
CA LEU C 426 -48.50 -6.77 -10.01
C LEU C 426 -47.49 -6.85 -11.15
N ILE C 427 -47.95 -7.29 -12.32
CA ILE C 427 -47.10 -7.40 -13.50
C ILE C 427 -46.56 -6.04 -13.93
N ASN C 428 -47.43 -5.05 -13.97
CA ASN C 428 -47.03 -3.69 -14.32
C ASN C 428 -45.97 -3.12 -13.36
N LYS C 429 -46.13 -3.42 -12.07
CA LYS C 429 -45.16 -2.99 -11.07
C LYS C 429 -43.79 -3.61 -11.34
N ILE C 430 -43.80 -4.88 -11.73
CA ILE C 430 -42.57 -5.57 -12.11
C ILE C 430 -41.98 -4.94 -13.36
N LEU C 431 -42.84 -4.61 -14.32
CA LEU C 431 -42.40 -3.95 -15.55
C LEU C 431 -41.83 -2.57 -15.25
N GLN C 432 -42.46 -1.86 -14.31
CA GLN C 432 -42.00 -0.53 -13.93
C GLN C 432 -40.63 -0.62 -13.24
N SER C 433 -40.48 -1.62 -12.37
CA SER C 433 -39.23 -1.81 -11.66
C SER C 433 -38.13 -2.30 -12.61
N SER C 434 -38.54 -2.92 -13.70
CA SER C 434 -37.61 -3.31 -14.75
C SER C 434 -37.03 -2.07 -15.41
N LYS C 435 -37.88 -1.05 -15.56
CA LYS C 435 -37.47 0.20 -16.21
C LYS C 435 -36.50 1.00 -15.34
N THR C 436 -36.70 0.96 -14.03
CA THR C 436 -35.91 1.78 -13.13
C THR C 436 -34.65 1.07 -12.62
N SER C 437 -34.70 -0.26 -12.56
CA SER C 437 -33.53 -1.05 -12.22
C SER C 437 -32.68 -1.28 -13.46
N ASN C 438 -33.24 -0.92 -14.61
CA ASN C 438 -32.63 -1.17 -15.91
C ASN C 438 -32.32 -2.65 -16.14
N GLU C 439 -33.18 -3.51 -15.62
CA GLU C 439 -33.07 -4.94 -15.87
C GLU C 439 -34.24 -5.38 -16.73
N PRO C 440 -33.96 -5.69 -18.01
CA PRO C 440 -34.98 -5.92 -19.03
C PRO C 440 -35.87 -7.13 -18.73
N VAL C 441 -37.17 -6.89 -18.76
CA VAL C 441 -38.16 -7.92 -18.45
C VAL C 441 -39.34 -7.78 -19.40
N TRP C 442 -39.79 -8.89 -19.97
CA TRP C 442 -40.91 -8.86 -20.90
C TRP C 442 -42.08 -9.71 -20.42
N TRP C 443 -43.28 -9.17 -20.56
CA TRP C 443 -44.49 -9.86 -20.11
C TRP C 443 -44.90 -10.94 -21.10
N LEU C 444 -44.89 -12.18 -20.65
CA LEU C 444 -45.34 -13.31 -21.45
C LEU C 444 -46.64 -13.85 -20.87
N PRO C 445 -47.54 -14.37 -21.73
CA PRO C 445 -48.88 -14.75 -21.28
C PRO C 445 -48.96 -16.14 -20.66
N ILE C 446 -49.87 -16.29 -19.69
CA ILE C 446 -50.23 -17.60 -19.21
C ILE C 446 -51.46 -18.06 -19.98
N ILE C 447 -51.25 -18.93 -20.96
CA ILE C 447 -52.31 -19.36 -21.86
C ILE C 447 -53.13 -20.51 -21.26
N ASN C 448 -54.38 -20.22 -20.94
CA ASN C 448 -55.23 -21.17 -20.22
C ASN C 448 -55.66 -22.38 -21.04
N GLU C 449 -55.57 -22.29 -22.36
CA GLU C 449 -55.95 -23.41 -23.22
C GLU C 449 -55.04 -24.62 -22.98
N TYR C 450 -53.80 -24.36 -22.56
CA TYR C 450 -52.83 -25.43 -22.36
C TYR C 450 -53.03 -26.17 -21.04
N ARG C 451 -53.90 -25.66 -20.18
CA ARG C 451 -54.14 -26.24 -18.87
C ARG C 451 -54.57 -27.71 -18.94
N ALA C 452 -55.26 -28.05 -20.03
CA ALA C 452 -55.77 -29.41 -20.22
C ALA C 452 -54.66 -30.44 -20.35
N THR C 453 -53.52 -30.02 -20.89
CA THR C 453 -52.40 -30.94 -21.11
C THR C 453 -51.76 -31.38 -19.79
N LEU C 454 -52.12 -30.72 -18.70
CA LEU C 454 -51.63 -31.08 -17.38
C LEU C 454 -52.61 -31.97 -16.63
N ASN C 455 -53.76 -32.23 -17.24
CA ASN C 455 -54.74 -33.13 -16.65
C ASN C 455 -54.17 -34.54 -16.54
N SER C 456 -54.05 -35.04 -15.32
CA SER C 456 -53.46 -36.36 -15.09
C SER C 456 -54.54 -37.43 -14.96
N LYS C 457 -54.19 -38.65 -15.36
CA LYS C 457 -55.11 -39.77 -15.31
C LYS C 457 -55.30 -40.28 -13.89
N TYR C 458 -54.27 -40.12 -13.06
CA TYR C 458 -54.30 -40.71 -11.72
C TYR C 458 -54.16 -39.69 -10.60
N ALA C 459 -53.21 -38.78 -10.72
CA ALA C 459 -53.02 -37.73 -9.73
C ALA C 459 -53.95 -36.56 -10.04
N ASP C 460 -53.92 -35.53 -9.19
CA ASP C 460 -54.72 -34.34 -9.43
C ASP C 460 -54.23 -33.55 -10.62
N ILE C 461 -52.91 -33.58 -10.84
CA ILE C 461 -52.31 -32.81 -11.92
C ILE C 461 -50.98 -33.41 -12.37
N ASN C 462 -50.64 -33.17 -13.63
CA ASN C 462 -49.33 -33.55 -14.15
C ASN C 462 -48.29 -32.49 -13.85
N GLN C 463 -47.05 -32.92 -13.67
CA GLN C 463 -45.93 -32.02 -13.47
C GLN C 463 -45.57 -31.36 -14.80
N ILE C 464 -45.47 -32.16 -15.85
CA ILE C 464 -45.16 -31.66 -17.19
C ILE C 464 -46.24 -32.04 -18.19
N SER C 465 -46.25 -31.34 -19.32
CA SER C 465 -47.16 -31.64 -20.41
C SER C 465 -46.52 -32.60 -21.40
N SER C 466 -46.89 -33.88 -21.31
CA SER C 466 -46.32 -34.90 -22.18
C SER C 466 -47.40 -35.55 -23.04
N LYS C 469 -45.21 -27.84 -25.89
CA LYS C 469 -43.79 -27.54 -26.01
C LYS C 469 -43.47 -26.14 -25.49
N ALA C 470 -44.50 -25.35 -25.24
CA ALA C 470 -44.32 -24.05 -24.62
C ALA C 470 -44.03 -24.25 -23.14
N SER C 471 -42.81 -24.68 -22.84
CA SER C 471 -42.41 -25.08 -21.49
C SER C 471 -42.63 -23.99 -20.45
N SER C 472 -42.20 -22.78 -20.77
CA SER C 472 -42.29 -21.65 -19.85
C SER C 472 -43.73 -21.38 -19.44
N ILE C 473 -44.63 -21.42 -20.42
CA ILE C 473 -46.05 -21.16 -20.16
C ILE C 473 -46.68 -22.28 -19.35
N VAL C 474 -46.36 -23.52 -19.72
CA VAL C 474 -46.88 -24.69 -19.02
C VAL C 474 -46.42 -24.71 -17.57
N ALA C 475 -45.16 -24.37 -17.35
CA ALA C 475 -44.59 -24.33 -16.01
C ALA C 475 -45.32 -23.29 -15.15
N SER C 476 -45.76 -22.21 -15.79
CA SER C 476 -46.48 -21.15 -15.09
C SER C 476 -47.90 -21.58 -14.75
N LEU C 477 -48.53 -22.33 -15.66
CA LEU C 477 -49.85 -22.90 -15.42
C LEU C 477 -49.81 -23.82 -14.21
N PHE C 478 -48.71 -24.53 -14.07
CA PHE C 478 -48.51 -25.43 -12.94
C PHE C 478 -48.42 -24.66 -11.64
N LEU C 479 -47.61 -23.60 -11.63
CA LEU C 479 -47.39 -22.80 -10.43
C LEU C 479 -48.64 -22.04 -10.02
N LYS C 480 -49.48 -21.71 -10.99
CA LYS C 480 -50.73 -21.00 -10.73
C LYS C 480 -51.66 -21.84 -9.85
N GLU C 481 -51.51 -23.15 -9.95
CA GLU C 481 -52.34 -24.10 -9.21
C GLU C 481 -52.04 -24.09 -7.71
N PHE C 482 -50.96 -23.43 -7.32
CA PHE C 482 -50.54 -23.42 -5.93
C PHE C 482 -50.61 -22.03 -5.33
N VAL C 483 -51.20 -21.10 -6.07
CA VAL C 483 -51.53 -19.79 -5.55
C VAL C 483 -53.05 -19.61 -5.63
N GLN C 484 -53.72 -19.73 -4.50
CA GLN C 484 -55.18 -19.77 -4.46
C GLN C 484 -55.82 -18.41 -4.70
N ASN C 485 -55.51 -17.44 -3.84
CA ASN C 485 -56.16 -16.14 -3.91
C ASN C 485 -55.23 -14.99 -3.51
N THR C 486 -54.10 -14.88 -4.21
CA THR C 486 -53.14 -13.82 -3.96
C THR C 486 -52.55 -13.34 -5.28
N ALA C 487 -52.30 -12.04 -5.40
CA ALA C 487 -51.59 -11.50 -6.54
C ALA C 487 -50.22 -12.15 -6.62
N TRP C 488 -49.94 -12.80 -7.75
CA TRP C 488 -48.71 -13.57 -7.90
C TRP C 488 -48.05 -13.31 -9.25
N ALA C 489 -46.73 -13.15 -9.23
CA ALA C 489 -45.95 -12.94 -10.44
C ALA C 489 -44.77 -13.91 -10.48
N HIS C 490 -44.36 -14.27 -11.69
CA HIS C 490 -43.32 -15.27 -11.89
C HIS C 490 -42.26 -14.81 -12.88
N ILE C 491 -41.02 -14.69 -12.41
CA ILE C 491 -39.94 -14.23 -13.27
C ILE C 491 -39.00 -15.37 -13.64
N ASP C 492 -39.02 -15.74 -14.92
CA ASP C 492 -38.16 -16.82 -15.42
C ASP C 492 -36.85 -16.24 -15.94
N ILE C 493 -35.76 -16.54 -15.24
CA ILE C 493 -34.46 -15.98 -15.59
C ILE C 493 -33.47 -17.04 -16.08
N ALA C 494 -33.99 -18.15 -16.59
CA ALA C 494 -33.15 -19.27 -17.03
C ALA C 494 -32.23 -18.88 -18.18
N GLY C 495 -32.64 -17.90 -18.96
CA GLY C 495 -31.88 -17.50 -20.13
C GLY C 495 -30.93 -16.34 -19.92
N VAL C 496 -31.21 -15.53 -18.90
CA VAL C 496 -30.48 -14.29 -18.71
C VAL C 496 -29.59 -14.30 -17.47
N SER C 497 -29.58 -15.42 -16.75
CA SER C 497 -28.83 -15.50 -15.51
C SER C 497 -27.32 -15.51 -15.73
N TRP C 498 -26.90 -16.14 -16.83
CA TRP C 498 -25.48 -16.37 -17.06
C TRP C 498 -24.93 -15.59 -18.25
N ASN C 499 -23.79 -14.93 -18.04
CA ASN C 499 -23.09 -14.22 -19.10
C ASN C 499 -22.09 -15.13 -19.77
N PHE C 500 -22.49 -15.72 -20.90
CA PHE C 500 -21.65 -16.70 -21.60
C PHE C 500 -20.42 -16.06 -22.22
N LYS C 501 -20.55 -14.80 -22.61
CA LYS C 501 -19.42 -14.08 -23.21
C LYS C 501 -18.32 -13.86 -22.16
N ALA C 502 -18.73 -13.46 -20.96
CA ALA C 502 -17.79 -13.16 -19.89
C ALA C 502 -17.51 -14.37 -19.00
N ARG C 503 -18.27 -15.45 -19.22
CA ARG C 503 -18.13 -16.69 -18.44
C ARG C 503 -18.35 -16.46 -16.95
N LYS C 504 -19.39 -15.71 -16.60
CA LYS C 504 -19.66 -15.39 -15.21
C LYS C 504 -21.14 -15.08 -14.98
N PRO C 505 -21.61 -15.19 -13.74
CA PRO C 505 -23.01 -14.83 -13.42
C PRO C 505 -23.27 -13.35 -13.60
N LYS C 506 -24.53 -12.99 -13.85
CA LYS C 506 -24.91 -11.59 -13.93
C LYS C 506 -25.41 -11.08 -12.58
N GLY C 507 -25.91 -12.01 -11.76
CA GLY C 507 -26.57 -11.63 -10.53
C GLY C 507 -27.89 -10.96 -10.87
N PHE C 508 -28.50 -11.42 -11.96
CA PHE C 508 -29.72 -10.82 -12.49
C PHE C 508 -30.88 -10.90 -11.50
N GLY C 509 -31.59 -9.79 -11.33
CA GLY C 509 -32.80 -9.79 -10.53
C GLY C 509 -32.68 -9.07 -9.20
N VAL C 510 -31.46 -8.90 -8.72
CA VAL C 510 -31.23 -8.27 -7.42
C VAL C 510 -31.76 -6.84 -7.41
N ARG C 511 -31.33 -6.04 -8.39
CA ARG C 511 -31.75 -4.66 -8.50
C ARG C 511 -33.23 -4.56 -8.86
N LEU C 512 -33.71 -5.50 -9.64
CA LEU C 512 -35.12 -5.54 -10.04
C LEU C 512 -36.03 -5.74 -8.84
N LEU C 513 -35.72 -6.75 -8.03
CA LEU C 513 -36.51 -7.04 -6.83
C LEU C 513 -36.42 -5.93 -5.79
N THR C 514 -35.25 -5.29 -5.70
CA THR C 514 -35.06 -4.23 -4.73
C THR C 514 -35.85 -2.98 -5.13
N GLU C 515 -35.84 -2.66 -6.42
CA GLU C 515 -36.61 -1.52 -6.94
C GLU C 515 -38.11 -1.76 -6.75
N PHE C 516 -38.53 -3.01 -6.87
CA PHE C 516 -39.92 -3.38 -6.67
C PHE C 516 -40.34 -3.14 -5.22
N VAL C 517 -39.49 -3.54 -4.29
CA VAL C 517 -39.77 -3.38 -2.86
C VAL C 517 -39.72 -1.92 -2.45
N LEU C 518 -38.70 -1.20 -2.93
CA LEU C 518 -38.46 0.18 -2.51
C LEU C 518 -39.51 1.16 -3.02
N ASN C 519 -39.87 1.06 -4.30
CA ASN C 519 -40.77 2.02 -4.91
C ASN C 519 -42.24 1.66 -4.71
N ASP C 520 -42.50 0.64 -3.91
CA ASP C 520 -43.87 0.23 -3.60
C ASP C 520 -44.36 0.93 -2.34
N ALA D 2 -52.99 -16.84 -66.59
CA ALA D 2 -52.76 -18.20 -66.12
C ALA D 2 -51.54 -18.83 -66.80
N SER D 3 -50.55 -19.19 -66.01
CA SER D 3 -49.34 -19.84 -66.53
C SER D 3 -49.51 -21.34 -66.57
N GLU D 4 -48.77 -21.99 -67.46
CA GLU D 4 -48.82 -23.45 -67.57
C GLU D 4 -48.03 -24.10 -66.42
N VAL D 5 -48.65 -25.08 -65.79
CA VAL D 5 -48.00 -25.81 -64.70
C VAL D 5 -47.18 -26.97 -65.27
N PRO D 6 -45.86 -26.93 -65.05
CA PRO D 6 -44.96 -27.97 -65.58
C PRO D 6 -45.22 -29.34 -64.94
N GLN D 7 -44.89 -30.39 -65.66
CA GLN D 7 -45.15 -31.75 -65.21
C GLN D 7 -43.94 -32.67 -65.43
N VAL D 8 -43.81 -33.66 -64.56
CA VAL D 8 -42.81 -34.70 -64.76
C VAL D 8 -43.46 -35.87 -65.49
N VAL D 9 -44.66 -36.23 -65.03
CA VAL D 9 -45.49 -37.21 -65.71
C VAL D 9 -46.84 -36.60 -66.03
N SER D 10 -47.61 -37.23 -66.90
CA SER D 10 -48.90 -36.71 -67.31
C SER D 10 -49.93 -36.81 -66.19
N LEU D 11 -49.58 -37.53 -65.13
CA LEU D 11 -50.49 -37.76 -64.02
C LEU D 11 -50.38 -36.68 -62.94
N ASP D 12 -49.36 -35.85 -63.03
CA ASP D 12 -49.21 -34.72 -62.12
C ASP D 12 -50.30 -33.68 -62.38
N PRO D 13 -51.01 -33.25 -61.32
CA PRO D 13 -52.09 -32.27 -61.44
C PRO D 13 -51.61 -30.89 -61.90
N THR D 14 -52.50 -30.13 -62.52
CA THR D 14 -52.13 -28.82 -63.07
C THR D 14 -52.93 -27.67 -62.48
N SER D 15 -53.67 -27.94 -61.41
CA SER D 15 -54.39 -26.90 -60.69
C SER D 15 -54.81 -27.37 -59.31
N ILE D 16 -55.12 -26.41 -58.45
CA ILE D 16 -55.64 -26.71 -57.12
C ILE D 16 -57.15 -26.80 -57.16
N PRO D 17 -57.71 -27.94 -56.71
CA PRO D 17 -59.16 -28.03 -56.61
C PRO D 17 -59.68 -27.06 -55.55
N ILE D 18 -60.67 -26.25 -55.91
CA ILE D 18 -61.22 -25.25 -55.00
C ILE D 18 -62.74 -25.29 -54.96
N GLU D 19 -63.30 -25.45 -53.77
CA GLU D 19 -64.75 -25.41 -53.61
C GLU D 19 -65.18 -24.02 -53.13
N TYR D 20 -65.89 -23.29 -53.98
CA TYR D 20 -66.40 -21.98 -53.62
C TYR D 20 -67.78 -22.10 -52.98
N ASN D 21 -68.69 -22.77 -53.69
CA ASN D 21 -70.02 -23.02 -53.16
C ASN D 21 -70.04 -24.21 -52.21
N THR D 22 -70.17 -23.92 -50.92
CA THR D 22 -70.20 -24.96 -49.90
C THR D 22 -71.60 -25.05 -49.30
N PRO D 23 -71.93 -26.20 -48.69
CA PRO D 23 -73.25 -26.36 -48.06
C PRO D 23 -73.55 -25.32 -46.98
N ILE D 24 -72.49 -24.76 -46.39
CA ILE D 24 -72.62 -23.72 -45.38
C ILE D 24 -73.36 -22.50 -45.95
N HIS D 25 -73.09 -22.18 -47.21
CA HIS D 25 -73.71 -21.04 -47.87
C HIS D 25 -75.19 -21.27 -48.12
N ASP D 26 -75.66 -22.50 -47.91
CA ASP D 26 -77.06 -22.84 -48.13
C ASP D 26 -77.85 -22.83 -46.82
N ILE D 27 -77.16 -22.63 -45.71
CA ILE D 27 -77.80 -22.62 -44.41
C ILE D 27 -78.53 -21.31 -44.14
N LYS D 28 -79.85 -21.38 -44.01
CA LYS D 28 -80.64 -20.20 -43.65
C LYS D 28 -80.59 -19.98 -42.14
N VAL D 29 -80.19 -18.79 -41.72
CA VAL D 29 -79.97 -18.50 -40.31
C VAL D 29 -81.00 -17.52 -39.75
N GLN D 30 -81.70 -17.96 -38.70
CA GLN D 30 -82.67 -17.10 -38.01
C GLN D 30 -82.22 -16.86 -36.58
N VAL D 31 -82.27 -15.61 -36.15
CA VAL D 31 -81.90 -15.25 -34.78
C VAL D 31 -83.11 -14.71 -34.02
N TYR D 32 -83.59 -15.47 -33.04
CA TYR D 32 -84.73 -15.05 -32.25
C TYR D 32 -84.28 -14.59 -30.87
N ASP D 33 -85.16 -13.88 -30.17
CA ASP D 33 -84.86 -13.41 -28.82
C ASP D 33 -85.29 -14.47 -27.81
N ILE D 34 -84.42 -14.73 -26.83
CA ILE D 34 -84.64 -15.82 -25.88
C ILE D 34 -85.70 -15.49 -24.84
N LYS D 35 -86.03 -14.20 -24.70
CA LYS D 35 -87.03 -13.77 -23.73
C LYS D 35 -88.43 -14.22 -24.10
N GLY D 36 -88.63 -14.59 -25.37
CA GLY D 36 -89.93 -14.97 -25.86
C GLY D 36 -90.23 -16.45 -25.74
N GLY D 37 -89.22 -17.23 -25.36
CA GLY D 37 -89.37 -18.67 -25.30
C GLY D 37 -88.96 -19.29 -26.62
N CYS D 38 -88.90 -20.62 -26.67
CA CYS D 38 -88.40 -21.31 -27.85
C CYS D 38 -89.43 -22.26 -28.45
N ASN D 39 -89.40 -22.39 -29.76
CA ASN D 39 -90.17 -23.41 -30.46
C ASN D 39 -89.26 -24.56 -30.86
N VAL D 40 -89.59 -25.75 -30.39
CA VAL D 40 -88.75 -26.92 -30.63
C VAL D 40 -89.53 -28.02 -31.35
N GLU D 41 -90.04 -27.70 -32.53
CA GLU D 41 -90.88 -28.63 -33.27
C GLU D 41 -90.20 -29.18 -34.53
N GLU D 42 -88.89 -28.98 -34.66
CA GLU D 42 -88.19 -29.41 -35.86
C GLU D 42 -86.69 -29.62 -35.64
N GLY D 43 -86.22 -30.84 -35.87
CA GLY D 43 -84.80 -31.15 -35.89
C GLY D 43 -84.12 -31.19 -34.54
N LEU D 44 -82.86 -30.74 -34.53
CA LEU D 44 -82.03 -30.80 -33.33
C LEU D 44 -81.96 -29.46 -32.60
N THR D 45 -82.37 -29.45 -31.34
CA THR D 45 -82.26 -28.27 -30.50
C THR D 45 -81.24 -28.50 -29.38
N ILE D 46 -80.24 -27.62 -29.31
CA ILE D 46 -79.19 -27.76 -28.31
C ILE D 46 -79.10 -26.55 -27.40
N PHE D 47 -79.18 -26.78 -26.09
CA PHE D 47 -79.05 -25.72 -25.10
C PHE D 47 -77.61 -25.56 -24.64
N LEU D 48 -77.10 -24.33 -24.69
CA LEU D 48 -75.78 -24.05 -24.13
C LEU D 48 -75.96 -23.56 -22.70
N VAL D 49 -75.63 -24.42 -21.74
CA VAL D 49 -75.89 -24.13 -20.34
C VAL D 49 -74.64 -24.24 -19.49
N ASN D 50 -74.58 -23.46 -18.42
CA ASN D 50 -73.49 -23.53 -17.47
C ASN D 50 -74.00 -23.66 -16.04
N ASN D 51 -73.08 -23.64 -15.08
CA ASN D 51 -73.44 -23.63 -13.68
C ASN D 51 -72.36 -22.90 -12.88
N PRO D 52 -72.45 -21.55 -12.85
CA PRO D 52 -71.46 -20.69 -12.19
C PRO D 52 -71.26 -21.01 -10.72
N GLY D 53 -72.28 -21.58 -10.07
CA GLY D 53 -72.24 -21.85 -8.65
C GLY D 53 -71.49 -23.12 -8.26
N LYS D 54 -71.56 -24.14 -9.13
CA LYS D 54 -70.95 -25.42 -8.81
C LYS D 54 -70.12 -25.98 -9.96
N GLU D 55 -68.83 -26.20 -9.71
CA GLU D 55 -67.95 -26.81 -10.69
C GLU D 55 -68.46 -28.20 -11.05
N ASN D 56 -68.64 -28.44 -12.35
CA ASN D 56 -69.26 -29.68 -12.84
C ASN D 56 -70.65 -29.89 -12.25
N GLY D 57 -71.32 -28.78 -11.96
CA GLY D 57 -72.65 -28.83 -11.37
C GLY D 57 -73.71 -29.34 -12.32
N PRO D 58 -74.90 -29.67 -11.77
CA PRO D 58 -76.00 -30.25 -12.55
C PRO D 58 -76.51 -29.31 -13.65
N VAL D 59 -77.11 -29.90 -14.68
CA VAL D 59 -77.70 -29.14 -15.76
C VAL D 59 -79.10 -28.67 -15.40
N LYS D 60 -79.39 -27.40 -15.65
CA LYS D 60 -80.73 -26.86 -15.45
C LYS D 60 -81.11 -25.92 -16.59
N ILE D 61 -82.18 -26.27 -17.29
CA ILE D 61 -82.66 -25.44 -18.40
C ILE D 61 -83.66 -24.41 -17.92
N SER D 62 -83.40 -23.14 -18.23
CA SER D 62 -84.23 -22.04 -17.76
C SER D 62 -85.33 -21.68 -18.76
N SER D 63 -84.99 -21.70 -20.04
CA SER D 63 -85.92 -21.32 -21.10
C SER D 63 -87.20 -22.13 -21.07
N LYS D 64 -88.32 -21.47 -21.40
CA LYS D 64 -89.58 -22.19 -21.57
C LYS D 64 -89.74 -22.57 -23.03
N VAL D 65 -90.08 -23.82 -23.28
CA VAL D 65 -90.29 -24.28 -24.64
C VAL D 65 -91.78 -24.51 -24.89
N ASN D 66 -92.21 -24.29 -26.13
CA ASN D 66 -93.63 -24.34 -26.46
C ASN D 66 -94.10 -25.73 -26.85
N ASP D 67 -93.44 -26.75 -26.32
CA ASP D 67 -93.82 -28.13 -26.57
C ASP D 67 -93.89 -28.93 -25.27
N LYS D 68 -95.03 -29.56 -25.02
CA LYS D 68 -95.28 -30.26 -23.76
C LYS D 68 -94.36 -31.46 -23.56
N GLN D 69 -94.08 -32.20 -24.63
CA GLN D 69 -93.22 -33.37 -24.55
C GLN D 69 -91.79 -32.98 -24.16
N VAL D 70 -91.28 -31.93 -24.79
CA VAL D 70 -89.92 -31.47 -24.52
C VAL D 70 -89.84 -30.78 -23.16
N SER D 71 -90.93 -30.13 -22.77
CA SER D 71 -91.01 -29.49 -21.47
C SER D 71 -90.84 -30.52 -20.35
N GLU D 72 -91.43 -31.69 -20.56
CA GLU D 72 -91.30 -32.79 -19.61
C GLU D 72 -89.88 -33.33 -19.60
N PHE D 73 -89.29 -33.45 -20.78
CA PHE D 73 -87.93 -33.93 -20.93
C PHE D 73 -86.93 -32.99 -20.27
N LEU D 74 -87.23 -31.70 -20.32
CA LEU D 74 -86.30 -30.69 -19.83
C LEU D 74 -86.50 -30.30 -18.37
N LYS D 75 -87.32 -31.05 -17.64
CA LYS D 75 -87.58 -30.73 -16.25
C LYS D 75 -86.32 -30.99 -15.41
N ASP D 76 -86.21 -30.30 -14.28
CA ASP D 76 -84.99 -30.31 -13.48
C ASP D 76 -84.62 -31.69 -12.96
N GLU D 77 -85.63 -32.53 -12.72
CA GLU D 77 -85.39 -33.89 -12.26
C GLU D 77 -84.58 -34.67 -13.28
N ASN D 78 -84.91 -34.49 -14.55
CA ASN D 78 -84.20 -35.16 -15.63
C ASN D 78 -82.81 -34.59 -15.87
N MET D 79 -82.75 -33.29 -16.08
CA MET D 79 -81.51 -32.62 -16.49
C MET D 79 -80.41 -32.68 -15.43
N GLU D 80 -80.79 -32.87 -14.17
CA GLU D 80 -79.81 -32.88 -13.09
C GLU D 80 -79.00 -34.17 -13.07
N LYS D 81 -79.39 -35.11 -13.93
CA LYS D 81 -78.61 -36.35 -14.10
C LYS D 81 -77.35 -36.05 -14.90
N PHE D 82 -77.34 -34.91 -15.59
CA PHE D 82 -76.22 -34.51 -16.41
C PHE D 82 -75.50 -33.31 -15.80
N ASN D 83 -74.24 -33.12 -16.19
CA ASN D 83 -73.46 -32.00 -15.68
C ASN D 83 -72.93 -31.10 -16.80
N VAL D 84 -72.37 -29.95 -16.41
CA VAL D 84 -72.00 -28.92 -17.38
C VAL D 84 -70.50 -28.86 -17.67
N LYS D 85 -69.77 -29.90 -17.30
CA LYS D 85 -68.33 -29.96 -17.55
C LYS D 85 -68.03 -29.60 -19.00
N LEU D 86 -67.13 -28.64 -19.19
CA LEU D 86 -66.90 -28.01 -20.50
C LEU D 86 -66.69 -29.02 -21.63
N GLY D 87 -67.63 -29.04 -22.57
CA GLY D 87 -67.54 -29.91 -23.73
C GLY D 87 -68.45 -31.13 -23.65
N THR D 88 -68.88 -31.48 -22.44
CA THR D 88 -69.75 -32.63 -22.25
C THR D 88 -71.10 -32.39 -22.92
N SER D 89 -71.63 -33.43 -23.57
CA SER D 89 -72.90 -33.30 -24.26
C SER D 89 -73.72 -34.58 -24.23
N LYS D 90 -75.04 -34.40 -24.25
CA LYS D 90 -76.00 -35.49 -24.39
C LYS D 90 -77.12 -35.01 -25.30
N HIS D 91 -77.68 -35.89 -26.11
CA HIS D 91 -78.87 -35.52 -26.87
C HIS D 91 -79.78 -36.73 -27.09
N PHE D 92 -81.09 -36.48 -27.04
CA PHE D 92 -82.09 -37.54 -27.09
C PHE D 92 -83.09 -37.33 -28.22
N TYR D 93 -83.45 -38.42 -28.89
CA TYR D 93 -84.52 -38.37 -29.89
C TYR D 93 -85.86 -38.65 -29.24
N MET D 94 -86.88 -37.93 -29.67
CA MET D 94 -88.22 -38.06 -29.10
C MET D 94 -89.26 -37.50 -30.07
N PHE D 95 -90.53 -37.72 -29.74
CA PHE D 95 -91.62 -37.13 -30.51
C PHE D 95 -92.15 -35.90 -29.78
N ASN D 96 -92.40 -34.83 -30.53
CA ASN D 96 -93.00 -33.63 -29.94
C ASN D 96 -94.52 -33.80 -29.84
N ASP D 97 -95.21 -32.69 -29.57
CA ASP D 97 -96.66 -32.74 -29.38
C ASP D 97 -97.40 -33.17 -30.64
N ASN D 98 -96.83 -32.84 -31.79
CA ASN D 98 -97.46 -33.17 -33.07
C ASN D 98 -96.94 -34.48 -33.64
N LYS D 99 -96.37 -35.31 -32.76
CA LYS D 99 -95.84 -36.62 -33.12
C LYS D 99 -94.76 -36.56 -34.20
N ASN D 100 -94.07 -35.43 -34.29
CA ASN D 100 -92.92 -35.30 -35.18
C ASN D 100 -91.64 -35.65 -34.45
N SER D 101 -90.69 -36.25 -35.17
CA SER D 101 -89.41 -36.62 -34.59
C SER D 101 -88.52 -35.40 -34.39
N VAL D 102 -88.13 -35.14 -33.15
CA VAL D 102 -87.19 -34.08 -32.84
C VAL D 102 -86.05 -34.61 -31.98
N ALA D 103 -84.97 -33.83 -31.89
CA ALA D 103 -83.85 -34.19 -31.03
C ALA D 103 -83.50 -33.02 -30.13
N VAL D 104 -83.37 -33.29 -28.83
CA VAL D 104 -83.03 -32.25 -27.87
C VAL D 104 -81.82 -32.65 -27.04
N GLY D 105 -80.90 -31.71 -26.87
CA GLY D 105 -79.71 -31.95 -26.08
C GLY D 105 -79.09 -30.69 -25.53
N TYR D 106 -77.85 -30.81 -25.08
CA TYR D 106 -77.14 -29.67 -24.49
C TYR D 106 -75.63 -29.80 -24.69
N VAL D 107 -74.93 -28.70 -24.47
CA VAL D 107 -73.47 -28.72 -24.35
C VAL D 107 -73.07 -27.95 -23.10
N GLY D 108 -72.33 -28.61 -22.20
CA GLY D 108 -71.85 -27.97 -21.00
C GLY D 108 -70.87 -26.86 -21.31
N CYS D 109 -71.08 -25.69 -20.73
CA CYS D 109 -70.22 -24.55 -21.00
C CYS D 109 -69.40 -24.17 -19.76
N GLY D 110 -69.17 -25.13 -18.88
CA GLY D 110 -68.33 -24.93 -17.72
C GLY D 110 -69.02 -24.18 -16.59
N SER D 111 -68.22 -23.62 -15.69
CA SER D 111 -68.74 -22.90 -14.54
C SER D 111 -68.25 -21.47 -14.49
N VAL D 112 -67.54 -21.06 -15.54
CA VAL D 112 -67.09 -19.67 -15.65
C VAL D 112 -67.99 -18.91 -16.62
N ALA D 113 -68.58 -17.82 -16.13
CA ALA D 113 -69.52 -17.04 -16.92
C ALA D 113 -68.87 -16.44 -18.16
N ASP D 114 -67.59 -16.08 -18.04
CA ASP D 114 -66.85 -15.54 -19.17
C ASP D 114 -66.20 -16.66 -19.97
N LEU D 115 -66.66 -16.84 -21.20
CA LEU D 115 -66.11 -17.87 -22.08
C LEU D 115 -64.99 -17.30 -22.95
N SER D 116 -63.82 -17.91 -22.88
CA SER D 116 -62.73 -17.57 -23.78
C SER D 116 -63.03 -18.15 -25.16
N GLU D 117 -62.27 -17.75 -26.17
CA GLU D 117 -62.47 -18.30 -27.50
C GLU D 117 -62.01 -19.76 -27.52
N ALA D 118 -61.09 -20.09 -26.62
CA ALA D 118 -60.63 -21.46 -26.48
C ALA D 118 -61.75 -22.34 -25.93
N ASP D 119 -62.48 -21.80 -24.95
CA ASP D 119 -63.63 -22.50 -24.37
C ASP D 119 -64.73 -22.67 -25.39
N MET D 120 -65.06 -21.57 -26.07
CA MET D 120 -66.10 -21.56 -27.09
C MET D 120 -65.81 -22.57 -28.20
N LYS D 121 -64.53 -22.72 -28.53
CA LYS D 121 -64.11 -23.66 -29.55
C LYS D 121 -64.41 -25.10 -29.11
N ARG D 122 -64.21 -25.37 -27.83
CA ARG D 122 -64.52 -26.69 -27.28
C ARG D 122 -66.03 -26.95 -27.32
N VAL D 123 -66.82 -25.91 -27.07
CA VAL D 123 -68.27 -26.02 -27.15
C VAL D 123 -68.72 -26.33 -28.57
N VAL D 124 -68.18 -25.60 -29.53
CA VAL D 124 -68.49 -25.79 -30.94
C VAL D 124 -68.12 -27.21 -31.41
N LEU D 125 -66.95 -27.67 -30.98
CA LEU D 125 -66.48 -29.01 -31.35
C LEU D 125 -67.43 -30.09 -30.87
N SER D 126 -67.94 -29.91 -29.65
CA SER D 126 -68.94 -30.81 -29.09
C SER D 126 -70.21 -30.77 -29.94
N LEU D 127 -70.58 -29.56 -30.36
CA LEU D 127 -71.75 -29.34 -31.20
C LEU D 127 -71.59 -30.02 -32.55
N VAL D 128 -70.43 -29.82 -33.16
CA VAL D 128 -70.14 -30.35 -34.49
C VAL D 128 -70.14 -31.88 -34.51
N THR D 129 -69.65 -32.48 -33.43
CA THR D 129 -69.63 -33.94 -33.31
C THR D 129 -71.04 -34.51 -33.40
N MET D 130 -72.01 -33.80 -32.82
CA MET D 130 -73.40 -34.19 -32.93
C MET D 130 -73.91 -33.99 -34.36
N LEU D 131 -73.47 -32.91 -34.99
CA LEU D 131 -73.87 -32.59 -36.36
C LEU D 131 -73.37 -33.62 -37.36
N HIS D 132 -72.22 -34.24 -37.08
CA HIS D 132 -71.64 -35.22 -37.99
C HIS D 132 -72.32 -36.57 -37.86
N ASP D 133 -73.25 -36.68 -36.92
CA ASP D 133 -74.07 -37.87 -36.76
C ASP D 133 -75.53 -37.48 -36.90
N ASN D 134 -75.76 -36.30 -37.48
CA ASN D 134 -77.11 -35.77 -37.63
C ASN D 134 -77.60 -35.79 -39.07
N LYS D 135 -78.84 -36.22 -39.26
CA LYS D 135 -79.46 -36.22 -40.58
C LYS D 135 -80.65 -35.27 -40.60
N LEU D 136 -80.86 -34.57 -39.48
CA LEU D 136 -81.95 -33.61 -39.37
C LEU D 136 -81.72 -32.40 -40.26
N SER D 137 -82.80 -31.70 -40.57
CA SER D 137 -82.74 -30.56 -41.50
C SER D 137 -82.40 -29.24 -40.79
N LYS D 138 -82.55 -29.22 -39.47
CA LYS D 138 -82.43 -27.98 -38.73
C LYS D 138 -81.68 -28.12 -37.42
N LEU D 139 -80.79 -27.17 -37.16
CA LEU D 139 -80.16 -27.05 -35.85
C LEU D 139 -80.60 -25.77 -35.18
N THR D 140 -81.08 -25.88 -33.94
CA THR D 140 -81.41 -24.70 -33.15
C THR D 140 -80.49 -24.62 -31.95
N VAL D 141 -79.81 -23.48 -31.80
CA VAL D 141 -78.91 -23.29 -30.68
C VAL D 141 -79.46 -22.25 -29.72
N VAL D 142 -79.79 -22.68 -28.51
CA VAL D 142 -80.33 -21.80 -27.50
C VAL D 142 -79.23 -21.35 -26.54
N PHE D 143 -78.90 -20.06 -26.57
CA PHE D 143 -77.84 -19.51 -25.74
C PHE D 143 -78.33 -19.15 -24.34
N GLU D 144 -78.17 -20.06 -23.39
CA GLU D 144 -78.46 -19.75 -22.00
C GLU D 144 -77.17 -19.40 -21.26
N ILE D 145 -76.27 -18.72 -21.97
CA ILE D 145 -75.03 -18.20 -21.39
C ILE D 145 -74.78 -16.79 -21.90
N ASN D 146 -73.66 -16.20 -21.50
CA ASN D 146 -73.34 -14.83 -21.86
C ASN D 146 -72.27 -14.70 -22.93
N VAL D 147 -72.67 -14.15 -24.08
CA VAL D 147 -71.72 -13.87 -25.15
C VAL D 147 -71.96 -12.48 -25.75
N ASP D 148 -70.88 -11.75 -25.99
CA ASP D 148 -70.97 -10.46 -26.65
C ASP D 148 -71.07 -10.67 -28.16
N LYS D 149 -71.18 -9.57 -28.90
CA LYS D 149 -71.36 -9.64 -30.35
C LYS D 149 -70.19 -10.28 -31.08
N ASN D 150 -68.99 -10.11 -30.54
CA ASN D 150 -67.79 -10.64 -31.18
C ASN D 150 -67.61 -12.14 -30.98
N LEU D 151 -67.82 -12.60 -29.75
CA LEU D 151 -67.69 -14.03 -29.45
C LEU D 151 -68.81 -14.82 -30.13
N PHE D 152 -69.96 -14.18 -30.32
CA PHE D 152 -71.07 -14.82 -31.00
C PHE D 152 -70.76 -15.01 -32.48
N ARG D 153 -70.14 -14.01 -33.09
CA ARG D 153 -69.73 -14.14 -34.48
C ARG D 153 -68.64 -15.20 -34.59
N PHE D 154 -67.75 -15.22 -33.61
CA PHE D 154 -66.71 -16.23 -33.54
C PHE D 154 -67.34 -17.61 -33.47
N PHE D 155 -68.43 -17.73 -32.71
CA PHE D 155 -69.16 -18.98 -32.58
C PHE D 155 -69.68 -19.46 -33.93
N LEU D 156 -70.19 -18.54 -34.73
CA LEU D 156 -70.74 -18.88 -36.04
C LEU D 156 -69.65 -19.27 -37.03
N GLU D 157 -68.60 -18.45 -37.11
CA GLU D 157 -67.47 -18.73 -37.98
C GLU D 157 -66.86 -20.09 -37.67
N THR D 158 -66.67 -20.36 -36.38
CA THR D 158 -66.10 -21.62 -35.93
C THR D 158 -67.04 -22.78 -36.23
N LEU D 159 -68.32 -22.60 -35.92
CA LEU D 159 -69.32 -23.61 -36.20
C LEU D 159 -69.32 -23.97 -37.68
N PHE D 160 -69.31 -22.96 -38.54
CA PHE D 160 -69.27 -23.16 -39.98
C PHE D 160 -67.99 -23.88 -40.41
N TYR D 161 -66.85 -23.39 -39.94
CA TYR D 161 -65.55 -23.91 -40.35
C TYR D 161 -65.33 -25.37 -39.97
N GLU D 162 -65.65 -25.72 -38.72
CA GLU D 162 -65.42 -27.07 -38.23
C GLU D 162 -66.47 -28.05 -38.75
N TYR D 163 -67.64 -27.52 -39.09
CA TYR D 163 -68.73 -28.31 -39.67
C TYR D 163 -68.35 -28.78 -41.06
N MET D 164 -67.89 -27.84 -41.89
CA MET D 164 -67.50 -28.11 -43.26
C MET D 164 -66.33 -29.09 -43.33
N THR D 165 -66.45 -30.11 -44.18
CA THR D 165 -65.38 -31.09 -44.33
C THR D 165 -64.82 -31.11 -45.75
N ASP D 166 -63.50 -31.04 -45.86
CA ASP D 166 -62.79 -30.96 -47.13
C ASP D 166 -62.60 -32.35 -47.74
N GLU D 167 -63.20 -32.57 -48.91
CA GLU D 167 -63.16 -33.88 -49.54
C GLU D 167 -62.75 -33.81 -51.01
N ARG D 168 -61.92 -32.83 -51.36
CA ARG D 168 -61.46 -32.67 -52.72
C ARG D 168 -60.54 -33.81 -53.16
N PHE D 169 -59.96 -34.52 -52.19
CA PHE D 169 -58.97 -35.54 -52.50
C PHE D 169 -59.43 -36.94 -52.12
N LYS D 170 -60.69 -37.07 -51.73
CA LYS D 170 -61.31 -38.38 -51.56
C LYS D 170 -61.81 -38.87 -52.92
N SER D 171 -61.86 -40.18 -53.10
CA SER D 171 -62.35 -40.75 -54.36
C SER D 171 -63.72 -41.39 -54.16
N ASN D 177 -74.65 -41.57 -42.99
CA ASN D 177 -73.72 -40.76 -42.19
C ASN D 177 -74.39 -39.50 -41.66
N MET D 178 -74.37 -38.44 -42.47
CA MET D 178 -74.98 -37.17 -42.10
C MET D 178 -75.46 -36.40 -43.31
N GLU D 179 -76.24 -35.35 -43.08
CA GLU D 179 -76.61 -34.42 -44.12
C GLU D 179 -76.48 -32.99 -43.60
N TYR D 180 -76.00 -32.10 -44.46
CA TYR D 180 -75.84 -30.70 -44.09
C TYR D 180 -77.20 -30.05 -43.84
N ILE D 181 -77.34 -29.45 -42.66
CA ILE D 181 -78.55 -28.73 -42.30
C ILE D 181 -78.84 -27.60 -43.29
N LYS D 182 -80.11 -27.28 -43.45
CA LYS D 182 -80.51 -26.18 -44.33
C LYS D 182 -80.93 -24.97 -43.51
N HIS D 183 -81.18 -25.18 -42.23
CA HIS D 183 -81.61 -24.11 -41.34
C HIS D 183 -80.83 -24.09 -40.05
N LEU D 184 -80.50 -22.88 -39.58
CA LEU D 184 -79.89 -22.70 -38.28
C LEU D 184 -80.69 -21.67 -37.48
N GLY D 185 -81.25 -22.11 -36.36
CA GLY D 185 -81.99 -21.22 -35.48
C GLY D 185 -81.18 -20.87 -34.26
N VAL D 186 -81.22 -19.61 -33.84
CA VAL D 186 -80.48 -19.17 -32.67
C VAL D 186 -81.34 -18.33 -31.74
N TYR D 187 -81.44 -18.77 -30.49
CA TYR D 187 -82.13 -18.00 -29.45
C TYR D 187 -81.10 -17.35 -28.53
N ILE D 188 -81.11 -16.01 -28.50
CA ILE D 188 -80.15 -15.26 -27.72
C ILE D 188 -80.77 -13.95 -27.25
N ASN D 189 -80.30 -13.44 -26.12
CA ASN D 189 -80.77 -12.16 -25.61
C ASN D 189 -80.30 -11.02 -26.50
N ASN D 190 -81.19 -10.04 -26.73
CA ASN D 190 -80.92 -8.92 -27.62
C ASN D 190 -80.62 -9.37 -29.05
N ALA D 191 -81.47 -10.25 -29.57
CA ALA D 191 -81.26 -10.86 -30.88
C ALA D 191 -81.04 -9.85 -32.00
N ASP D 192 -81.77 -8.74 -31.95
CA ASP D 192 -81.69 -7.71 -32.98
C ASP D 192 -80.29 -7.14 -33.13
N THR D 193 -79.55 -7.08 -32.03
CA THR D 193 -78.19 -6.55 -32.05
C THR D 193 -77.19 -7.56 -32.61
N TYR D 194 -77.57 -8.84 -32.60
CA TYR D 194 -76.68 -9.91 -33.01
C TYR D 194 -76.86 -10.33 -34.47
N LYS D 195 -78.00 -9.97 -35.06
CA LYS D 195 -78.35 -10.39 -36.41
C LYS D 195 -77.32 -9.95 -37.45
N GLU D 196 -76.71 -8.80 -37.22
CA GLU D 196 -75.76 -8.23 -38.17
C GLU D 196 -74.47 -9.06 -38.26
N GLU D 197 -74.23 -9.88 -37.24
CA GLU D 197 -73.01 -10.67 -37.16
C GLU D 197 -73.08 -11.95 -37.96
N VAL D 198 -74.27 -12.29 -38.46
CA VAL D 198 -74.48 -13.55 -39.16
C VAL D 198 -73.80 -13.58 -40.53
N GLU D 199 -74.11 -12.60 -41.37
CA GLU D 199 -73.54 -12.56 -42.72
C GLU D 199 -72.07 -12.17 -42.70
N LYS D 200 -71.65 -11.50 -41.63
CA LYS D 200 -70.24 -11.20 -41.45
C LYS D 200 -69.50 -12.49 -41.11
N ALA D 201 -70.16 -13.35 -40.35
CA ALA D 201 -69.60 -14.65 -39.98
C ALA D 201 -69.48 -15.55 -41.20
N ARG D 202 -70.41 -15.42 -42.13
CA ARG D 202 -70.41 -16.25 -43.33
C ARG D 202 -69.27 -15.84 -44.26
N VAL D 203 -68.99 -14.54 -44.32
CA VAL D 203 -67.88 -14.05 -45.13
C VAL D 203 -66.54 -14.47 -44.52
N TYR D 204 -66.43 -14.28 -43.21
CA TYR D 204 -65.21 -14.65 -42.49
C TYR D 204 -64.97 -16.16 -42.57
N TYR D 205 -66.04 -16.94 -42.59
CA TYR D 205 -65.93 -18.38 -42.68
C TYR D 205 -65.24 -18.83 -43.96
N PHE D 206 -65.73 -18.35 -45.10
CA PHE D 206 -65.20 -18.81 -46.37
C PHE D 206 -63.80 -18.27 -46.61
N GLY D 207 -63.53 -17.06 -46.12
CA GLY D 207 -62.20 -16.49 -46.20
C GLY D 207 -61.21 -17.40 -45.49
N THR D 208 -61.65 -17.95 -44.36
CA THR D 208 -60.82 -18.85 -43.57
C THR D 208 -60.75 -20.23 -44.23
N TYR D 209 -61.89 -20.72 -44.71
CA TYR D 209 -61.93 -22.04 -45.34
C TYR D 209 -61.18 -22.05 -46.67
N TYR D 210 -61.22 -20.92 -47.38
CA TYR D 210 -60.49 -20.81 -48.65
C TYR D 210 -59.00 -20.92 -48.40
N ALA D 211 -58.51 -20.18 -47.40
CA ALA D 211 -57.12 -20.25 -47.00
C ALA D 211 -56.78 -21.67 -46.54
N SER D 212 -57.73 -22.29 -45.83
CA SER D 212 -57.59 -23.66 -45.38
C SER D 212 -57.42 -24.63 -46.55
N GLN D 213 -58.20 -24.41 -47.61
CA GLN D 213 -58.14 -25.27 -48.79
C GLN D 213 -56.79 -25.16 -49.49
N LEU D 214 -56.21 -23.97 -49.51
CA LEU D 214 -54.93 -23.75 -50.15
C LEU D 214 -53.80 -24.43 -49.37
N ILE D 215 -53.84 -24.29 -48.05
CA ILE D 215 -52.82 -24.88 -47.20
C ILE D 215 -52.85 -26.41 -47.25
N ALA D 216 -54.03 -26.97 -47.01
CA ALA D 216 -54.19 -28.42 -46.96
C ALA D 216 -53.86 -29.09 -48.29
N ALA D 217 -54.06 -28.36 -49.38
CA ALA D 217 -53.73 -28.86 -50.71
C ALA D 217 -52.24 -29.18 -50.80
N PRO D 218 -51.91 -30.45 -51.06
CA PRO D 218 -50.54 -30.96 -51.09
C PRO D 218 -49.64 -30.25 -52.11
N SER D 219 -48.33 -30.41 -51.94
CA SER D 219 -47.35 -29.67 -52.74
C SER D 219 -47.32 -30.09 -54.20
N ASN D 220 -47.80 -31.28 -54.51
CA ASN D 220 -47.90 -31.71 -55.90
C ASN D 220 -49.12 -31.07 -56.56
N TYR D 221 -50.05 -30.60 -55.74
CA TYR D 221 -51.22 -29.87 -56.22
C TYR D 221 -50.99 -28.36 -56.13
N CYS D 222 -50.49 -27.92 -54.98
CA CYS D 222 -50.28 -26.50 -54.73
C CYS D 222 -48.81 -26.10 -54.90
N ASN D 223 -48.48 -25.66 -56.11
CA ASN D 223 -47.13 -25.20 -56.44
C ASN D 223 -47.16 -23.70 -56.77
N PRO D 224 -46.00 -23.07 -56.95
CA PRO D 224 -46.01 -21.63 -57.24
C PRO D 224 -46.85 -21.23 -58.46
N VAL D 225 -46.91 -22.09 -59.47
CA VAL D 225 -47.65 -21.77 -60.69
C VAL D 225 -49.16 -21.90 -60.48
N SER D 226 -49.57 -22.96 -59.79
CA SER D 226 -50.99 -23.21 -59.58
C SER D 226 -51.55 -22.33 -58.47
N LEU D 227 -50.71 -22.01 -57.49
CA LEU D 227 -51.13 -21.14 -56.39
C LEU D 227 -51.39 -19.73 -56.90
N SER D 228 -50.53 -19.29 -57.82
CA SER D 228 -50.68 -17.95 -58.41
C SER D 228 -51.82 -17.94 -59.43
N ASN D 229 -52.07 -19.08 -60.05
CA ASN D 229 -53.21 -19.22 -60.95
C ASN D 229 -54.53 -19.07 -60.21
N ALA D 230 -54.60 -19.67 -59.03
CA ALA D 230 -55.80 -19.60 -58.19
C ALA D 230 -55.99 -18.17 -57.67
N ALA D 231 -54.88 -17.48 -57.45
CA ALA D 231 -54.92 -16.08 -57.00
C ALA D 231 -55.54 -15.20 -58.08
N VAL D 232 -55.15 -15.45 -59.32
CA VAL D 232 -55.71 -14.74 -60.47
C VAL D 232 -57.21 -14.97 -60.57
N GLU D 233 -57.62 -16.23 -60.40
CA GLU D 233 -59.02 -16.60 -60.50
C GLU D 233 -59.86 -15.98 -59.39
N LEU D 234 -59.28 -15.89 -58.19
CA LEU D 234 -59.96 -15.27 -57.06
C LEU D 234 -60.15 -13.78 -57.32
N ALA D 235 -59.11 -13.13 -57.84
CA ALA D 235 -59.14 -11.71 -58.12
C ALA D 235 -60.19 -11.37 -59.18
N GLN D 236 -60.32 -12.23 -60.17
CA GLN D 236 -61.29 -12.03 -61.24
C GLN D 236 -62.71 -12.16 -60.72
N LYS D 237 -62.92 -13.09 -59.79
CA LYS D 237 -64.24 -13.29 -59.19
C LYS D 237 -64.66 -12.13 -58.31
N LEU D 238 -63.67 -11.40 -57.79
CA LEU D 238 -63.94 -10.32 -56.85
C LEU D 238 -63.73 -8.94 -57.47
N ASN D 239 -63.36 -8.93 -58.76
CA ASN D 239 -63.04 -7.70 -59.49
C ASN D 239 -61.89 -6.93 -58.84
N LEU D 240 -60.82 -7.64 -58.50
CA LEU D 240 -59.62 -7.00 -57.98
C LEU D 240 -58.60 -6.84 -59.10
N GLU D 241 -57.85 -5.75 -59.07
CA GLU D 241 -56.72 -5.59 -59.97
C GLU D 241 -55.64 -6.58 -59.55
N TYR D 242 -54.98 -7.21 -60.53
CA TYR D 242 -53.99 -8.21 -60.20
C TYR D 242 -52.78 -8.18 -61.14
N LYS D 243 -51.73 -8.89 -60.72
CA LYS D 243 -50.49 -8.96 -61.48
C LYS D 243 -49.63 -10.10 -60.95
N ILE D 244 -49.17 -10.96 -61.86
CA ILE D 244 -48.26 -12.03 -61.48
C ILE D 244 -46.90 -11.82 -62.12
N LEU D 245 -45.92 -11.48 -61.30
CA LEU D 245 -44.57 -11.20 -61.78
C LEU D 245 -43.81 -12.50 -62.00
N GLY D 246 -43.32 -12.71 -63.22
CA GLY D 246 -42.55 -13.89 -63.55
C GLY D 246 -41.07 -13.71 -63.32
N VAL D 247 -40.31 -14.77 -63.55
CA VAL D 247 -38.86 -14.77 -63.32
C VAL D 247 -38.14 -13.61 -64.00
N LYS D 248 -38.55 -13.31 -65.23
CA LYS D 248 -37.90 -12.26 -66.01
C LYS D 248 -38.12 -10.87 -65.40
N GLU D 249 -39.33 -10.60 -64.94
CA GLU D 249 -39.63 -9.34 -64.27
C GLU D 249 -38.95 -9.28 -62.90
N LEU D 250 -38.86 -10.43 -62.25
CA LEU D 250 -38.21 -10.54 -60.95
C LEU D 250 -36.72 -10.26 -61.07
N GLU D 251 -36.11 -10.77 -62.14
CA GLU D 251 -34.70 -10.52 -62.41
C GLU D 251 -34.46 -9.04 -62.70
N GLU D 252 -35.38 -8.43 -63.42
CA GLU D 252 -35.30 -6.99 -63.72
C GLU D 252 -35.35 -6.16 -62.44
N LEU D 253 -36.18 -6.60 -61.49
CA LEU D 253 -36.31 -5.90 -60.21
C LEU D 253 -35.21 -6.31 -59.23
N LYS D 254 -34.35 -7.21 -59.68
CA LYS D 254 -33.17 -7.65 -58.91
C LYS D 254 -33.51 -8.31 -57.58
N MET D 255 -34.61 -9.04 -57.52
CA MET D 255 -34.97 -9.78 -56.30
C MET D 255 -34.13 -11.03 -56.16
N GLY D 256 -32.83 -10.85 -55.93
CA GLY D 256 -31.88 -11.95 -55.89
C GLY D 256 -32.02 -12.87 -54.71
N ALA D 257 -32.51 -12.35 -53.59
CA ALA D 257 -32.73 -13.17 -52.40
C ALA D 257 -33.91 -14.10 -52.62
N TYR D 258 -35.01 -13.54 -53.09
CA TYR D 258 -36.22 -14.28 -53.42
C TYR D 258 -35.91 -15.37 -54.45
N LEU D 259 -35.24 -14.99 -55.54
CA LEU D 259 -34.96 -15.91 -56.64
C LEU D 259 -34.00 -17.03 -56.25
N SER D 260 -33.11 -16.76 -55.30
CA SER D 260 -32.13 -17.75 -54.88
C SER D 260 -32.81 -18.94 -54.20
N VAL D 261 -33.89 -18.66 -53.48
CA VAL D 261 -34.65 -19.72 -52.82
C VAL D 261 -35.28 -20.67 -53.84
N GLY D 262 -35.85 -20.10 -54.91
CA GLY D 262 -36.56 -20.87 -55.90
C GLY D 262 -35.71 -21.62 -56.91
N LYS D 263 -34.44 -21.23 -57.04
CA LYS D 263 -33.52 -21.80 -58.03
C LYS D 263 -33.62 -23.31 -58.20
N GLY D 264 -33.64 -24.03 -57.09
CA GLY D 264 -33.64 -25.48 -57.12
C GLY D 264 -34.97 -26.14 -57.45
N SER D 265 -35.98 -25.33 -57.74
CA SER D 265 -37.31 -25.85 -58.02
C SER D 265 -37.58 -26.01 -59.51
N MET D 266 -38.45 -26.96 -59.84
CA MET D 266 -38.88 -27.16 -61.22
C MET D 266 -39.98 -26.17 -61.58
N TYR D 267 -40.47 -25.47 -60.58
CA TYR D 267 -41.52 -24.47 -60.77
C TYR D 267 -40.94 -23.07 -60.74
N PRO D 268 -41.24 -22.26 -61.76
CA PRO D 268 -40.78 -20.87 -61.83
C PRO D 268 -41.37 -20.03 -60.71
N ASN D 269 -40.57 -19.17 -60.12
CA ASN D 269 -41.06 -18.26 -59.08
C ASN D 269 -42.18 -17.37 -59.60
N LYS D 270 -43.19 -17.16 -58.77
CA LYS D 270 -44.30 -16.27 -59.11
C LYS D 270 -44.59 -15.32 -57.97
N PHE D 271 -44.60 -14.02 -58.25
CA PHE D 271 -44.94 -13.01 -57.26
C PHE D 271 -46.38 -12.55 -57.46
N ILE D 272 -47.20 -12.72 -56.43
CA ILE D 272 -48.61 -12.37 -56.50
C ILE D 272 -48.85 -10.95 -55.99
N HIS D 273 -49.56 -10.15 -56.77
CA HIS D 273 -49.91 -8.79 -56.39
C HIS D 273 -51.38 -8.52 -56.66
N LEU D 274 -52.20 -8.63 -55.62
CA LEU D 274 -53.63 -8.31 -55.73
C LEU D 274 -53.88 -6.94 -55.11
N THR D 275 -54.82 -6.19 -55.70
CA THR D 275 -55.11 -4.85 -55.22
C THR D 275 -56.60 -4.56 -55.09
N TYR D 276 -57.02 -4.19 -53.88
CA TYR D 276 -58.34 -3.65 -53.67
C TYR D 276 -58.23 -2.14 -53.48
N LYS D 277 -59.08 -1.39 -54.15
CA LYS D 277 -59.13 0.06 -53.96
C LYS D 277 -60.56 0.53 -53.79
N SER D 278 -60.79 1.35 -52.77
CA SER D 278 -62.12 1.87 -52.48
C SER D 278 -62.59 2.82 -53.56
N LYS D 279 -63.90 2.91 -53.75
CA LYS D 279 -64.48 3.76 -54.77
C LYS D 279 -64.32 5.24 -54.43
N GLY D 280 -64.44 5.57 -53.15
CA GLY D 280 -64.35 6.95 -52.70
C GLY D 280 -62.92 7.45 -52.62
N ASP D 281 -62.68 8.33 -51.65
CA ASP D 281 -61.35 8.89 -51.45
C ASP D 281 -60.47 7.94 -50.62
N VAL D 282 -59.27 7.68 -51.11
CA VAL D 282 -58.34 6.80 -50.42
C VAL D 282 -57.61 7.55 -49.31
N LYS D 283 -57.82 7.12 -48.07
CA LYS D 283 -57.25 7.80 -46.91
C LYS D 283 -56.13 7.01 -46.27
N LYS D 284 -56.23 5.69 -46.30
CA LYS D 284 -55.20 4.81 -45.77
C LYS D 284 -54.76 3.78 -46.81
N LYS D 285 -53.46 3.56 -46.90
CA LYS D 285 -52.92 2.54 -47.79
C LYS D 285 -52.22 1.44 -46.99
N ILE D 286 -52.50 0.19 -47.35
CA ILE D 286 -51.98 -0.95 -46.62
C ILE D 286 -51.38 -2.00 -47.56
N ALA D 287 -50.29 -2.62 -47.13
CA ALA D 287 -49.74 -3.76 -47.85
C ALA D 287 -49.72 -4.98 -46.94
N LEU D 288 -50.49 -6.01 -47.31
CA LEU D 288 -50.47 -7.27 -46.59
C LEU D 288 -49.55 -8.25 -47.31
N VAL D 289 -48.54 -8.74 -46.62
CA VAL D 289 -47.53 -9.60 -47.22
C VAL D 289 -47.53 -10.99 -46.61
N GLY D 290 -47.62 -12.02 -47.45
CA GLY D 290 -47.67 -13.38 -46.96
C GLY D 290 -46.55 -14.25 -47.48
N LYS D 291 -45.89 -14.97 -46.58
CA LYS D 291 -44.88 -15.93 -46.98
C LYS D 291 -45.52 -17.07 -47.77
N GLY D 292 -44.97 -17.36 -48.94
CA GLY D 292 -45.56 -18.35 -49.82
C GLY D 292 -44.62 -19.45 -50.25
N ILE D 293 -44.11 -20.22 -49.29
CA ILE D 293 -43.32 -21.40 -49.62
C ILE D 293 -44.26 -22.60 -49.76
N THR D 294 -44.48 -23.03 -51.00
CA THR D 294 -45.43 -24.10 -51.27
C THR D 294 -44.94 -25.44 -50.73
N PHE D 295 -43.63 -25.59 -50.63
CA PHE D 295 -43.04 -26.72 -49.92
C PHE D 295 -41.63 -26.39 -49.46
N ASP D 296 -41.36 -26.72 -48.21
CA ASP D 296 -40.06 -26.43 -47.60
C ASP D 296 -39.34 -27.71 -47.25
N SER D 297 -38.47 -28.17 -48.15
CA SER D 297 -37.67 -29.36 -47.90
C SER D 297 -36.52 -29.04 -46.95
N GLY D 298 -36.16 -27.76 -46.89
CA GLY D 298 -35.05 -27.31 -46.07
C GLY D 298 -33.84 -27.00 -46.93
N GLY D 299 -33.94 -27.32 -48.22
CA GLY D 299 -32.83 -27.13 -49.13
C GLY D 299 -31.69 -28.07 -48.78
N TYR D 300 -30.47 -27.65 -49.06
CA TYR D 300 -29.31 -28.47 -48.75
C TYR D 300 -29.12 -28.62 -47.24
N ASN D 301 -29.70 -27.70 -46.48
CA ASN D 301 -29.88 -27.90 -45.04
C ASN D 301 -31.16 -28.72 -44.83
N LEU D 302 -31.18 -29.91 -45.39
CA LEU D 302 -32.36 -30.76 -45.45
C LEU D 302 -32.97 -31.04 -44.08
N LYS D 303 -34.30 -31.00 -44.02
CA LYS D 303 -35.02 -31.33 -42.79
C LYS D 303 -34.93 -32.83 -42.52
N ALA D 304 -33.82 -33.26 -41.94
CA ALA D 304 -33.60 -34.68 -41.68
C ALA D 304 -33.53 -34.98 -40.18
N ALA D 305 -33.44 -33.93 -39.38
CA ALA D 305 -33.40 -34.09 -37.93
C ALA D 305 -34.72 -34.64 -37.42
N PRO D 306 -34.67 -35.42 -36.33
CA PRO D 306 -35.89 -35.93 -35.69
C PRO D 306 -36.77 -34.78 -35.19
N GLY D 307 -38.01 -34.73 -35.66
CA GLY D 307 -38.93 -33.70 -35.24
C GLY D 307 -39.02 -32.52 -36.19
N SER D 308 -38.25 -32.58 -37.27
CA SER D 308 -38.28 -31.52 -38.28
C SER D 308 -39.58 -31.58 -39.09
N MET D 309 -40.24 -32.73 -39.04
CA MET D 309 -41.57 -32.93 -39.61
C MET D 309 -41.68 -32.47 -41.05
N ILE D 310 -40.88 -33.07 -41.93
CA ILE D 310 -40.83 -32.69 -43.32
C ILE D 310 -42.14 -32.97 -44.06
N ASP D 311 -42.95 -33.87 -43.49
CA ASP D 311 -44.18 -34.32 -44.14
C ASP D 311 -45.31 -33.29 -44.04
N LEU D 312 -45.07 -32.21 -43.31
CA LEU D 312 -46.10 -31.22 -43.04
C LEU D 312 -45.80 -29.90 -43.73
N MET D 313 -44.67 -29.84 -44.43
CA MET D 313 -44.16 -28.59 -44.97
C MET D 313 -44.90 -28.06 -46.21
N LYS D 314 -46.07 -28.61 -46.48
CA LYS D 314 -46.98 -28.01 -47.46
C LYS D 314 -47.62 -26.78 -46.84
N PHE D 315 -47.47 -26.64 -45.53
CA PHE D 315 -48.13 -25.61 -44.74
C PHE D 315 -47.37 -24.29 -44.70
N ASP D 316 -46.18 -24.26 -45.29
CA ASP D 316 -45.32 -23.09 -45.16
C ASP D 316 -45.72 -21.97 -46.13
N MET D 317 -46.90 -22.11 -46.73
CA MET D 317 -47.49 -21.02 -47.50
C MET D 317 -48.76 -20.55 -46.79
N SER D 318 -48.86 -20.85 -45.49
CA SER D 318 -50.01 -20.48 -44.68
C SER D 318 -50.17 -18.97 -44.60
N GLY D 319 -49.04 -18.27 -44.60
CA GLY D 319 -49.06 -16.82 -44.60
C GLY D 319 -49.69 -16.30 -45.87
N CYS D 320 -49.28 -16.88 -47.00
CA CYS D 320 -49.82 -16.51 -48.30
C CYS D 320 -51.32 -16.76 -48.39
N ALA D 321 -51.75 -17.91 -47.90
CA ALA D 321 -53.16 -18.29 -47.92
C ALA D 321 -54.02 -17.33 -47.10
N ALA D 322 -53.50 -16.95 -45.93
CA ALA D 322 -54.22 -16.05 -45.02
C ALA D 322 -54.44 -14.68 -45.66
N VAL D 323 -53.45 -14.24 -46.45
CA VAL D 323 -53.55 -12.97 -47.16
C VAL D 323 -54.59 -13.08 -48.28
N LEU D 324 -54.60 -14.21 -48.96
CA LEU D 324 -55.59 -14.46 -50.01
C LEU D 324 -56.97 -14.64 -49.40
N GLY D 325 -57.02 -15.25 -48.22
CA GLY D 325 -58.26 -15.40 -47.49
C GLY D 325 -58.82 -14.05 -47.08
N CYS D 326 -57.93 -13.18 -46.61
CA CYS D 326 -58.31 -11.82 -46.26
C CYS D 326 -58.78 -11.06 -47.48
N ALA D 327 -58.12 -11.32 -48.61
CA ALA D 327 -58.45 -10.66 -49.87
C ALA D 327 -59.89 -10.96 -50.28
N TYR D 328 -60.35 -12.19 -50.01
CA TYR D 328 -61.73 -12.55 -50.28
C TYR D 328 -62.70 -11.70 -49.47
N CYS D 329 -62.42 -11.58 -48.18
CA CYS D 329 -63.31 -10.87 -47.26
C CYS D 329 -63.39 -9.39 -47.58
N VAL D 330 -62.24 -8.79 -47.88
CA VAL D 330 -62.18 -7.37 -48.23
C VAL D 330 -62.94 -7.08 -49.52
N GLY D 331 -62.67 -7.88 -50.56
CA GLY D 331 -63.31 -7.71 -51.84
C GLY D 331 -64.81 -7.98 -51.80
N THR D 332 -65.26 -8.64 -50.74
CA THR D 332 -66.66 -8.98 -50.57
C THR D 332 -67.38 -7.95 -49.68
N LEU D 333 -66.72 -7.53 -48.62
CA LEU D 333 -67.31 -6.59 -47.68
C LEU D 333 -67.15 -5.14 -48.14
N LYS D 334 -66.18 -4.93 -49.03
CA LYS D 334 -65.96 -3.64 -49.69
C LYS D 334 -65.91 -2.43 -48.75
N PRO D 335 -64.88 -2.36 -47.89
CA PRO D 335 -64.73 -1.21 -47.00
C PRO D 335 -64.33 0.05 -47.74
N GLU D 336 -64.76 1.21 -47.26
CA GLU D 336 -64.46 2.48 -47.91
C GLU D 336 -63.13 3.07 -47.43
N ASN D 337 -62.64 4.05 -48.17
CA ASN D 337 -61.48 4.85 -47.78
C ASN D 337 -60.17 4.09 -47.62
N VAL D 338 -60.04 2.93 -48.27
CA VAL D 338 -58.83 2.13 -48.11
C VAL D 338 -58.31 1.59 -49.44
N GLU D 339 -56.99 1.43 -49.53
CA GLU D 339 -56.36 0.77 -50.66
C GLU D 339 -55.39 -0.30 -50.15
N ILE D 340 -55.72 -1.56 -50.42
CA ILE D 340 -54.95 -2.67 -49.88
C ILE D 340 -54.24 -3.46 -50.97
N HIS D 341 -52.95 -3.75 -50.73
CA HIS D 341 -52.18 -4.60 -51.62
C HIS D 341 -51.92 -5.96 -50.98
N PHE D 342 -52.28 -7.01 -51.71
CA PHE D 342 -52.06 -8.37 -51.24
C PHE D 342 -50.86 -8.97 -51.94
N LEU D 343 -49.77 -9.17 -51.20
CA LEU D 343 -48.51 -9.57 -51.78
C LEU D 343 -48.03 -10.92 -51.27
N SER D 344 -47.40 -11.68 -52.16
CA SER D 344 -46.74 -12.92 -51.77
C SER D 344 -45.70 -13.36 -52.81
N ALA D 345 -44.46 -13.49 -52.37
CA ALA D 345 -43.40 -14.01 -53.22
C ALA D 345 -43.36 -15.54 -53.11
N VAL D 346 -44.06 -16.21 -54.02
CA VAL D 346 -44.25 -17.65 -53.92
C VAL D 346 -43.16 -18.46 -54.63
N CYS D 347 -42.62 -19.45 -53.93
CA CYS D 347 -41.64 -20.35 -54.52
C CYS D 347 -41.55 -21.68 -53.77
N GLU D 348 -40.66 -22.55 -54.23
CA GLU D 348 -40.46 -23.86 -53.62
C GLU D 348 -39.00 -24.05 -53.25
N ASN D 349 -38.75 -24.55 -52.05
CA ASN D 349 -37.38 -24.73 -51.55
C ASN D 349 -36.93 -26.18 -51.66
N MET D 350 -36.17 -26.49 -52.71
CA MET D 350 -35.87 -27.88 -53.04
C MET D 350 -34.38 -28.19 -53.11
N VAL D 351 -34.06 -29.48 -53.05
CA VAL D 351 -32.70 -29.96 -53.20
C VAL D 351 -32.46 -30.34 -54.67
N SER D 352 -31.53 -29.64 -55.30
CA SER D 352 -31.23 -29.85 -56.71
C SER D 352 -29.77 -29.51 -56.99
N LYS D 353 -29.35 -29.69 -58.23
CA LYS D 353 -28.02 -29.24 -58.63
C LYS D 353 -28.06 -27.74 -58.88
N ASN D 354 -29.27 -27.20 -58.98
CA ASN D 354 -29.47 -25.79 -59.25
C ASN D 354 -29.75 -24.97 -58.00
N SER D 355 -29.91 -25.66 -56.86
CA SER D 355 -30.29 -25.01 -55.61
C SER D 355 -29.25 -24.00 -55.14
N TYR D 356 -29.63 -23.11 -54.28
CA TYR D 356 -28.74 -22.24 -53.64
C TYR D 356 -27.99 -23.05 -52.55
N ARG D 357 -26.81 -22.65 -52.20
CA ARG D 357 -26.00 -23.41 -51.25
C ARG D 357 -25.81 -22.67 -49.94
N PRO D 358 -25.63 -23.42 -48.86
CA PRO D 358 -25.21 -22.81 -47.60
C PRO D 358 -23.86 -22.12 -47.79
N GLY D 359 -23.80 -20.83 -47.51
CA GLY D 359 -22.56 -20.09 -47.69
C GLY D 359 -22.61 -19.12 -48.85
N ASP D 360 -23.61 -19.29 -49.72
CA ASP D 360 -23.81 -18.39 -50.84
C ASP D 360 -24.05 -16.96 -50.36
N ILE D 361 -23.42 -16.01 -51.03
CA ILE D 361 -23.71 -14.60 -50.78
C ILE D 361 -24.61 -14.08 -51.89
N ILE D 362 -25.81 -13.68 -51.53
CA ILE D 362 -26.81 -13.22 -52.49
C ILE D 362 -27.16 -11.76 -52.27
N THR D 363 -27.65 -11.11 -53.31
CA THR D 363 -27.95 -9.67 -53.24
C THR D 363 -29.45 -9.41 -53.34
N ALA D 364 -29.96 -8.55 -52.47
CA ALA D 364 -31.38 -8.23 -52.47
C ALA D 364 -31.69 -7.07 -53.42
N SER D 365 -32.99 -6.80 -53.60
CA SER D 365 -33.43 -5.75 -54.50
C SER D 365 -33.11 -4.35 -53.97
N ASN D 366 -32.84 -4.25 -52.67
CA ASN D 366 -32.44 -2.99 -52.07
C ASN D 366 -30.91 -2.86 -52.02
N GLY D 367 -30.22 -3.83 -52.60
CA GLY D 367 -28.78 -3.76 -52.74
C GLY D 367 -27.98 -4.46 -51.64
N LYS D 368 -28.66 -4.87 -50.57
CA LYS D 368 -27.98 -5.51 -49.46
C LYS D 368 -27.53 -6.92 -49.81
N THR D 369 -26.25 -7.19 -49.59
CA THR D 369 -25.71 -8.54 -49.76
C THR D 369 -25.94 -9.36 -48.51
N ILE D 370 -26.36 -10.61 -48.69
CA ILE D 370 -26.69 -11.50 -47.58
C ILE D 370 -25.86 -12.77 -47.65
N GLU D 371 -25.29 -13.18 -46.51
CA GLU D 371 -24.59 -14.46 -46.45
C GLU D 371 -25.52 -15.54 -45.93
N VAL D 372 -25.81 -16.53 -46.77
CA VAL D 372 -26.67 -17.63 -46.40
C VAL D 372 -25.95 -18.60 -45.46
N GLY D 373 -26.49 -18.82 -44.27
CA GLY D 373 -25.89 -19.73 -43.32
C GLY D 373 -26.70 -21.00 -43.18
N ASN D 374 -27.95 -20.95 -43.60
CA ASN D 374 -28.87 -22.07 -43.47
C ASN D 374 -29.98 -21.97 -44.51
N THR D 375 -30.01 -22.91 -45.45
CA THR D 375 -30.98 -22.86 -46.53
C THR D 375 -32.41 -23.08 -46.03
N ASP D 376 -32.54 -23.66 -44.85
CA ASP D 376 -33.86 -23.93 -44.27
C ASP D 376 -34.48 -22.67 -43.67
N ALA D 377 -33.73 -21.57 -43.69
CA ALA D 377 -34.25 -20.29 -43.24
C ALA D 377 -34.54 -19.39 -44.45
N GLU D 378 -35.26 -19.95 -45.42
CA GLU D 378 -35.44 -19.31 -46.71
C GLU D 378 -36.59 -18.30 -46.73
N GLY D 379 -37.53 -18.45 -45.80
CA GLY D 379 -38.71 -17.60 -45.77
C GLY D 379 -38.37 -16.14 -45.60
N ARG D 380 -37.41 -15.85 -44.73
CA ARG D 380 -37.03 -14.47 -44.46
C ARG D 380 -36.31 -13.86 -45.66
N LEU D 381 -35.74 -14.70 -46.50
CA LEU D 381 -35.07 -14.24 -47.72
C LEU D 381 -36.10 -13.73 -48.72
N THR D 382 -37.16 -14.53 -48.93
CA THR D 382 -38.21 -14.17 -49.86
C THR D 382 -39.01 -12.97 -49.34
N LEU D 383 -39.24 -12.94 -48.03
CA LEU D 383 -39.93 -11.81 -47.41
C LEU D 383 -39.12 -10.53 -47.53
N ALA D 384 -37.80 -10.66 -47.48
CA ALA D 384 -36.90 -9.51 -47.57
C ALA D 384 -37.15 -8.71 -48.85
N ASP D 385 -37.23 -9.41 -49.98
CA ASP D 385 -37.50 -8.77 -51.25
C ASP D 385 -38.96 -8.32 -51.35
N ALA D 386 -39.85 -9.10 -50.77
CA ALA D 386 -41.27 -8.75 -50.76
C ALA D 386 -41.52 -7.46 -49.99
N LEU D 387 -40.80 -7.27 -48.88
CA LEU D 387 -40.90 -6.06 -48.09
C LEU D 387 -40.38 -4.86 -48.87
N VAL D 388 -39.25 -5.03 -49.54
CA VAL D 388 -38.68 -3.98 -50.38
C VAL D 388 -39.67 -3.59 -51.48
N TYR D 389 -40.34 -4.59 -52.05
CA TYR D 389 -41.39 -4.35 -53.02
C TYR D 389 -42.57 -3.60 -52.39
N ALA D 390 -42.89 -3.98 -51.15
CA ALA D 390 -44.04 -3.43 -50.45
C ALA D 390 -43.87 -1.95 -50.11
N GLU D 391 -42.68 -1.58 -49.65
CA GLU D 391 -42.41 -0.20 -49.25
C GLU D 391 -42.32 0.72 -50.46
N LYS D 392 -42.08 0.14 -51.63
CA LYS D 392 -42.01 0.92 -52.86
C LYS D 392 -43.39 1.37 -53.31
N LEU D 393 -44.43 0.76 -52.76
CA LEU D 393 -45.81 1.11 -53.13
C LEU D 393 -46.26 2.40 -52.47
N GLY D 394 -45.56 2.81 -51.41
CA GLY D 394 -45.90 4.02 -50.68
C GLY D 394 -47.09 3.84 -49.78
N VAL D 395 -47.06 2.79 -48.96
CA VAL D 395 -48.16 2.48 -48.07
C VAL D 395 -47.91 3.02 -46.65
N ASP D 396 -48.96 3.05 -45.84
CA ASP D 396 -48.87 3.56 -44.48
C ASP D 396 -48.51 2.43 -43.52
N TYR D 397 -49.04 1.25 -43.79
CA TYR D 397 -48.77 0.08 -42.97
C TYR D 397 -48.28 -1.09 -43.82
N ILE D 398 -47.23 -1.75 -43.36
CA ILE D 398 -46.83 -3.04 -43.92
C ILE D 398 -46.99 -4.11 -42.86
N VAL D 399 -47.83 -5.11 -43.15
CA VAL D 399 -48.00 -6.22 -42.24
C VAL D 399 -47.68 -7.52 -42.96
N ASP D 400 -46.63 -8.20 -42.53
CA ASP D 400 -46.32 -9.51 -43.09
C ASP D 400 -46.75 -10.60 -42.13
N ILE D 401 -47.11 -11.75 -42.68
CA ILE D 401 -47.55 -12.88 -41.88
C ILE D 401 -46.92 -14.16 -42.44
N ALA D 402 -46.25 -14.90 -41.57
CA ALA D 402 -45.41 -16.00 -42.04
C ALA D 402 -45.22 -17.10 -41.01
N THR D 403 -45.08 -18.33 -41.50
CA THR D 403 -44.66 -19.44 -40.66
C THR D 403 -43.13 -19.48 -40.68
N LEU D 404 -42.53 -18.65 -39.84
CA LEU D 404 -41.10 -18.37 -39.96
C LEU D 404 -40.20 -19.26 -39.12
N THR D 405 -40.42 -19.26 -37.80
CA THR D 405 -39.49 -19.96 -36.90
C THR D 405 -40.17 -21.00 -36.03
N GLY D 406 -39.55 -22.18 -35.94
CA GLY D 406 -40.04 -23.24 -35.09
C GLY D 406 -39.95 -22.91 -33.62
N ALA D 407 -39.16 -21.88 -33.32
CA ALA D 407 -38.99 -21.42 -31.94
C ALA D 407 -40.30 -20.94 -31.32
N MET D 408 -41.25 -20.58 -32.17
CA MET D 408 -42.56 -20.11 -31.70
C MET D 408 -43.27 -21.19 -30.89
N LEU D 409 -43.02 -22.44 -31.26
CA LEU D 409 -43.59 -23.58 -30.55
C LEU D 409 -43.06 -23.67 -29.12
N TYR D 410 -41.85 -23.16 -28.91
CA TYR D 410 -41.23 -23.20 -27.59
C TYR D 410 -41.53 -21.92 -26.81
N SER D 411 -42.05 -20.91 -27.49
CA SER D 411 -42.31 -19.63 -26.86
C SER D 411 -43.78 -19.44 -26.49
N LEU D 412 -44.63 -19.37 -27.50
CA LEU D 412 -46.05 -19.11 -27.29
C LEU D 412 -46.90 -20.35 -27.50
N GLY D 413 -46.33 -21.34 -28.18
CA GLY D 413 -47.01 -22.60 -28.38
C GLY D 413 -47.85 -22.66 -29.64
N THR D 414 -48.96 -23.39 -29.57
CA THR D 414 -49.78 -23.66 -30.74
C THR D 414 -51.02 -22.76 -30.83
N SER D 415 -51.28 -21.96 -29.81
CA SER D 415 -52.50 -21.16 -29.75
C SER D 415 -52.29 -19.69 -30.07
N TYR D 416 -51.27 -19.08 -29.47
CA TYR D 416 -51.00 -17.67 -29.68
C TYR D 416 -49.91 -17.44 -30.72
N ALA D 417 -50.19 -16.56 -31.68
CA ALA D 417 -49.17 -16.14 -32.63
C ALA D 417 -48.35 -15.02 -32.00
N GLY D 418 -47.14 -14.81 -32.52
CA GLY D 418 -46.30 -13.73 -32.02
C GLY D 418 -46.25 -12.59 -33.01
N VAL D 419 -46.31 -11.37 -32.51
CA VAL D 419 -46.18 -10.20 -33.38
C VAL D 419 -44.97 -9.35 -32.97
N PHE D 420 -44.23 -8.91 -33.98
CA PHE D 420 -43.06 -8.05 -33.79
C PHE D 420 -43.24 -6.84 -34.69
N GLY D 421 -42.56 -5.74 -34.38
CA GLY D 421 -42.71 -4.55 -35.21
C GLY D 421 -41.77 -3.40 -34.89
N ASN D 422 -41.83 -2.38 -35.73
CA ASN D 422 -41.01 -1.18 -35.55
C ASN D 422 -41.85 0.02 -35.11
N ASN D 423 -43.16 -0.20 -35.06
CA ASN D 423 -44.10 0.88 -34.78
C ASN D 423 -45.17 0.43 -33.77
N GLU D 424 -45.11 1.01 -32.57
CA GLU D 424 -45.99 0.61 -31.47
C GLU D 424 -47.46 0.83 -31.78
N GLU D 425 -47.76 1.87 -32.55
CA GLU D 425 -49.14 2.19 -32.90
C GLU D 425 -49.73 1.12 -33.80
N LEU D 426 -48.94 0.66 -34.78
CA LEU D 426 -49.38 -0.41 -35.66
C LEU D 426 -49.58 -1.70 -34.87
N ILE D 427 -48.67 -1.95 -33.94
CA ILE D 427 -48.73 -3.14 -33.11
C ILE D 427 -50.00 -3.16 -32.26
N ASN D 428 -50.37 -2.01 -31.72
CA ASN D 428 -51.61 -1.88 -30.94
C ASN D 428 -52.86 -2.19 -31.78
N LYS D 429 -52.88 -1.69 -33.01
CA LYS D 429 -53.98 -1.97 -33.92
C LYS D 429 -54.06 -3.47 -34.23
N ILE D 430 -52.92 -4.11 -34.37
CA ILE D 430 -52.87 -5.56 -34.56
C ILE D 430 -53.47 -6.27 -33.35
N LEU D 431 -53.07 -5.81 -32.16
CA LEU D 431 -53.55 -6.41 -30.92
C LEU D 431 -55.06 -6.23 -30.75
N GLN D 432 -55.56 -5.05 -31.13
CA GLN D 432 -56.98 -4.77 -31.05
C GLN D 432 -57.75 -5.62 -32.07
N SER D 433 -57.14 -5.81 -33.23
CA SER D 433 -57.71 -6.67 -34.26
C SER D 433 -57.73 -8.12 -33.79
N SER D 434 -56.73 -8.48 -32.98
CA SER D 434 -56.64 -9.81 -32.41
C SER D 434 -57.78 -10.06 -31.44
N LYS D 435 -58.17 -9.02 -30.71
CA LYS D 435 -59.21 -9.13 -29.70
C LYS D 435 -60.61 -9.23 -30.31
N THR D 436 -60.87 -8.42 -31.34
CA THR D 436 -62.20 -8.41 -31.96
C THR D 436 -62.41 -9.62 -32.88
N SER D 437 -61.33 -10.21 -33.36
CA SER D 437 -61.42 -11.37 -34.25
C SER D 437 -61.26 -12.68 -33.49
N ASN D 438 -60.90 -12.59 -32.22
CA ASN D 438 -60.61 -13.75 -31.39
C ASN D 438 -59.52 -14.65 -31.97
N GLU D 439 -58.63 -14.07 -32.77
CA GLU D 439 -57.42 -14.76 -33.20
C GLU D 439 -56.26 -14.24 -32.35
N PRO D 440 -55.83 -15.05 -31.37
CA PRO D 440 -54.91 -14.61 -30.32
C PRO D 440 -53.49 -14.35 -30.80
N VAL D 441 -53.01 -13.14 -30.54
CA VAL D 441 -51.64 -12.75 -30.86
C VAL D 441 -51.01 -12.15 -29.60
N TRP D 442 -49.69 -12.30 -29.46
CA TRP D 442 -48.99 -11.68 -28.34
C TRP D 442 -47.78 -10.90 -28.82
N TRP D 443 -47.59 -9.72 -28.25
CA TRP D 443 -46.52 -8.82 -28.62
C TRP D 443 -45.18 -9.29 -28.06
N LEU D 444 -44.23 -9.59 -28.94
CA LEU D 444 -42.89 -9.98 -28.54
C LEU D 444 -41.89 -8.91 -28.96
N PRO D 445 -40.80 -8.74 -28.19
CA PRO D 445 -39.87 -7.64 -28.44
C PRO D 445 -38.88 -7.91 -29.57
N ILE D 446 -38.50 -6.86 -30.28
CA ILE D 446 -37.37 -6.91 -31.20
C ILE D 446 -36.16 -6.33 -30.47
N ILE D 447 -35.38 -7.21 -29.87
CA ILE D 447 -34.27 -6.80 -29.00
C ILE D 447 -33.04 -6.42 -29.80
N ASN D 448 -32.75 -5.13 -29.85
CA ASN D 448 -31.67 -4.57 -30.67
C ASN D 448 -30.28 -5.09 -30.33
N GLU D 449 -30.10 -5.59 -29.11
CA GLU D 449 -28.78 -6.04 -28.67
C GLU D 449 -28.32 -7.28 -29.45
N TYR D 450 -29.27 -7.97 -30.06
CA TYR D 450 -28.96 -9.19 -30.79
C TYR D 450 -28.52 -8.89 -32.22
N ARG D 451 -28.74 -7.66 -32.66
CA ARG D 451 -28.46 -7.25 -34.05
C ARG D 451 -27.02 -7.57 -34.48
N ALA D 452 -26.07 -7.41 -33.57
CA ALA D 452 -24.65 -7.59 -33.89
C ALA D 452 -24.33 -9.02 -34.37
N THR D 453 -25.17 -9.98 -33.98
CA THR D 453 -24.96 -11.37 -34.37
C THR D 453 -25.21 -11.56 -35.87
N LEU D 454 -25.83 -10.57 -36.50
CA LEU D 454 -26.14 -10.64 -37.92
C LEU D 454 -25.05 -9.98 -38.77
N ASN D 455 -24.02 -9.45 -38.11
CA ASN D 455 -22.89 -8.85 -38.82
C ASN D 455 -22.09 -9.91 -39.56
N SER D 456 -22.07 -9.83 -40.88
CA SER D 456 -21.33 -10.79 -41.70
C SER D 456 -19.90 -10.31 -41.94
N LYS D 457 -18.98 -11.26 -42.06
CA LYS D 457 -17.58 -10.93 -42.31
C LYS D 457 -17.38 -10.42 -43.73
N TYR D 458 -18.22 -10.89 -44.65
CA TYR D 458 -18.03 -10.59 -46.07
C TYR D 458 -19.21 -9.87 -46.70
N ALA D 459 -20.43 -10.24 -46.30
CA ALA D 459 -21.62 -9.59 -46.83
C ALA D 459 -22.07 -8.46 -45.91
N ASP D 460 -23.07 -7.70 -46.35
CA ASP D 460 -23.60 -6.61 -45.54
C ASP D 460 -24.23 -7.12 -44.25
N ILE D 461 -24.79 -8.32 -44.31
CA ILE D 461 -25.52 -8.88 -43.17
C ILE D 461 -25.65 -10.40 -43.30
N ASN D 462 -25.74 -11.07 -42.15
CA ASN D 462 -26.01 -12.50 -42.11
C ASN D 462 -27.48 -12.81 -42.22
N GLN D 463 -27.80 -13.91 -42.90
CA GLN D 463 -29.16 -14.40 -42.99
C GLN D 463 -29.64 -14.86 -41.62
N ILE D 464 -28.78 -15.59 -40.92
CA ILE D 464 -29.11 -16.11 -39.59
C ILE D 464 -28.01 -15.85 -38.59
N SER D 465 -28.27 -16.20 -37.33
CA SER D 465 -27.27 -16.11 -36.29
C SER D 465 -26.56 -17.45 -36.12
N SER D 466 -25.30 -17.43 -35.70
CA SER D 466 -24.61 -18.71 -35.45
C SER D 466 -24.97 -19.21 -34.06
N SER D 467 -25.10 -18.30 -33.11
CA SER D 467 -25.30 -18.71 -31.69
C SER D 467 -26.72 -18.45 -31.22
N VAL D 468 -27.07 -17.18 -31.07
CA VAL D 468 -28.42 -16.77 -30.57
C VAL D 468 -29.50 -17.78 -30.97
N LYS D 469 -30.17 -18.34 -29.96
CA LYS D 469 -31.26 -19.31 -30.19
C LYS D 469 -32.62 -18.58 -30.20
N ALA D 470 -32.64 -17.29 -29.90
CA ALA D 470 -33.87 -16.48 -29.97
C ALA D 470 -34.15 -16.20 -31.45
N SER D 471 -34.46 -17.25 -32.21
CA SER D 471 -34.58 -17.20 -33.66
C SER D 471 -35.69 -16.28 -34.15
N SER D 472 -36.83 -16.30 -33.46
CA SER D 472 -37.97 -15.47 -33.82
C SER D 472 -37.59 -13.99 -33.77
N ILE D 473 -36.78 -13.63 -32.76
CA ILE D 473 -36.31 -12.27 -32.60
C ILE D 473 -35.25 -11.94 -33.65
N VAL D 474 -34.34 -12.89 -33.89
CA VAL D 474 -33.25 -12.70 -34.86
C VAL D 474 -33.80 -12.53 -36.28
N ALA D 475 -34.80 -13.33 -36.63
CA ALA D 475 -35.43 -13.21 -37.94
C ALA D 475 -36.13 -11.86 -38.09
N SER D 476 -36.66 -11.35 -36.99
CA SER D 476 -37.34 -10.06 -36.99
C SER D 476 -36.34 -8.92 -37.25
N LEU D 477 -35.19 -9.00 -36.59
CA LEU D 477 -34.13 -8.02 -36.79
C LEU D 477 -33.65 -8.04 -38.24
N PHE D 478 -33.61 -9.23 -38.82
CA PHE D 478 -33.22 -9.38 -40.22
C PHE D 478 -34.20 -8.67 -41.15
N LEU D 479 -35.49 -8.96 -40.96
CA LEU D 479 -36.53 -8.38 -41.80
C LEU D 479 -36.63 -6.87 -41.63
N LYS D 480 -36.23 -6.40 -40.45
CA LYS D 480 -36.24 -4.97 -40.14
C LYS D 480 -35.30 -4.20 -41.05
N GLU D 481 -34.26 -4.87 -41.52
CA GLU D 481 -33.24 -4.26 -42.37
C GLU D 481 -33.74 -4.02 -43.80
N PHE D 482 -34.99 -4.37 -44.06
CA PHE D 482 -35.55 -4.23 -45.40
C PHE D 482 -36.81 -3.38 -45.40
N VAL D 483 -36.96 -2.57 -44.36
CA VAL D 483 -37.99 -1.54 -44.29
C VAL D 483 -37.35 -0.27 -43.76
N GLN D 484 -37.16 0.72 -44.64
CA GLN D 484 -36.41 1.92 -44.27
C GLN D 484 -37.17 2.85 -43.34
N ASN D 485 -38.32 3.36 -43.78
CA ASN D 485 -39.10 4.26 -42.93
C ASN D 485 -40.61 4.15 -43.18
N THR D 486 -41.15 2.96 -42.97
CA THR D 486 -42.59 2.73 -43.00
C THR D 486 -42.97 1.88 -41.80
N ALA D 487 -44.11 2.21 -41.18
CA ALA D 487 -44.63 1.41 -40.08
C ALA D 487 -44.80 -0.03 -40.53
N TRP D 488 -44.26 -0.96 -39.75
CA TRP D 488 -44.24 -2.37 -40.15
C TRP D 488 -44.39 -3.32 -38.97
N ALA D 489 -45.23 -4.33 -39.15
CA ALA D 489 -45.40 -5.38 -38.16
C ALA D 489 -45.19 -6.75 -38.79
N HIS D 490 -44.75 -7.70 -37.98
CA HIS D 490 -44.48 -9.06 -38.46
C HIS D 490 -45.16 -10.09 -37.56
N ILE D 491 -46.01 -10.91 -38.15
CA ILE D 491 -46.73 -11.93 -37.39
C ILE D 491 -46.21 -13.32 -37.74
N ASP D 492 -45.61 -13.98 -36.76
CA ASP D 492 -45.04 -15.31 -36.95
C ASP D 492 -46.05 -16.38 -36.52
N ILE D 493 -46.61 -17.08 -37.50
CA ILE D 493 -47.65 -18.07 -37.23
C ILE D 493 -47.16 -19.50 -37.39
N ALA D 494 -45.86 -19.71 -37.23
CA ALA D 494 -45.27 -21.03 -37.43
C ALA D 494 -45.81 -22.07 -36.45
N GLY D 495 -46.26 -21.61 -35.29
CA GLY D 495 -46.75 -22.50 -34.26
C GLY D 495 -48.25 -22.69 -34.24
N VAL D 496 -48.99 -21.73 -34.81
CA VAL D 496 -50.45 -21.73 -34.71
C VAL D 496 -51.15 -22.06 -36.02
N SER D 497 -50.37 -22.23 -37.09
CA SER D 497 -50.95 -22.41 -38.41
C SER D 497 -51.67 -23.75 -38.57
N TRP D 498 -51.09 -24.81 -38.01
CA TRP D 498 -51.63 -26.15 -38.22
C TRP D 498 -52.25 -26.74 -36.95
N ASN D 499 -53.51 -27.17 -37.07
CA ASN D 499 -54.17 -27.90 -36.00
C ASN D 499 -53.72 -29.36 -36.04
N PHE D 500 -52.96 -29.77 -35.02
CA PHE D 500 -52.39 -31.11 -35.01
C PHE D 500 -53.38 -32.16 -34.50
N LYS D 501 -54.24 -31.76 -33.56
CA LYS D 501 -55.21 -32.68 -32.99
C LYS D 501 -56.26 -33.08 -34.03
N ALA D 502 -56.60 -32.15 -34.91
CA ALA D 502 -57.61 -32.40 -35.94
C ALA D 502 -56.96 -32.68 -37.30
N ARG D 503 -55.64 -32.62 -37.34
CA ARG D 503 -54.87 -32.92 -38.56
C ARG D 503 -55.32 -32.08 -39.75
N LYS D 504 -55.39 -30.76 -39.56
CA LYS D 504 -55.87 -29.86 -40.61
C LYS D 504 -55.47 -28.42 -40.31
N PRO D 505 -55.52 -27.54 -41.34
CA PRO D 505 -55.21 -26.13 -41.13
C PRO D 505 -56.22 -25.44 -40.20
N LYS D 506 -55.82 -24.29 -39.66
CA LYS D 506 -56.74 -23.46 -38.89
C LYS D 506 -57.24 -22.30 -39.74
N GLY D 507 -56.51 -22.00 -40.81
CA GLY D 507 -56.79 -20.84 -41.63
C GLY D 507 -56.49 -19.58 -40.84
N PHE D 508 -55.50 -19.69 -39.96
CA PHE D 508 -55.16 -18.61 -39.03
C PHE D 508 -54.69 -17.35 -39.74
N GLY D 509 -55.26 -16.22 -39.35
CA GLY D 509 -54.78 -14.93 -39.85
C GLY D 509 -55.79 -14.17 -40.70
N VAL D 510 -56.65 -14.90 -41.41
CA VAL D 510 -57.64 -14.27 -42.29
C VAL D 510 -58.50 -13.24 -41.57
N ARG D 511 -59.14 -13.67 -40.49
CA ARG D 511 -60.05 -12.82 -39.76
C ARG D 511 -59.32 -11.70 -39.02
N LEU D 512 -58.13 -12.01 -38.51
CA LEU D 512 -57.29 -11.02 -37.84
C LEU D 512 -56.95 -9.87 -38.79
N LEU D 513 -56.52 -10.22 -40.00
CA LEU D 513 -56.14 -9.23 -41.01
C LEU D 513 -57.35 -8.45 -41.51
N THR D 514 -58.48 -9.13 -41.65
CA THR D 514 -59.69 -8.49 -42.15
C THR D 514 -60.23 -7.48 -41.15
N GLU D 515 -60.22 -7.84 -39.87
CA GLU D 515 -60.63 -6.93 -38.81
C GLU D 515 -59.68 -5.74 -38.74
N PHE D 516 -58.42 -5.97 -39.11
CA PHE D 516 -57.43 -4.91 -39.12
C PHE D 516 -57.76 -3.84 -40.15
N VAL D 517 -58.06 -4.27 -41.36
CA VAL D 517 -58.33 -3.32 -42.45
C VAL D 517 -59.73 -2.71 -42.35
N LEU D 518 -60.64 -3.40 -41.67
CA LEU D 518 -62.03 -2.99 -41.61
C LEU D 518 -62.30 -1.98 -40.50
N ASN D 519 -61.53 -2.07 -39.42
CA ASN D 519 -61.73 -1.20 -38.27
C ASN D 519 -60.56 -0.25 -38.04
N ASP D 520 -59.86 0.09 -39.11
CA ASP D 520 -58.74 1.03 -39.03
C ASP D 520 -59.12 2.38 -39.64
N SER E 3 -15.50 -22.57 -70.23
CA SER E 3 -15.03 -21.26 -69.82
C SER E 3 -16.19 -20.32 -69.52
N GLU E 4 -17.31 -20.54 -70.20
CA GLU E 4 -18.53 -19.77 -69.93
C GLU E 4 -19.24 -20.35 -68.71
N VAL E 5 -19.48 -19.48 -67.72
CA VAL E 5 -20.09 -19.93 -66.47
C VAL E 5 -21.61 -20.00 -66.59
N PRO E 6 -22.18 -21.20 -66.45
CA PRO E 6 -23.63 -21.42 -66.56
C PRO E 6 -24.40 -20.78 -65.41
N GLN E 7 -25.59 -20.27 -65.70
CA GLN E 7 -26.43 -19.60 -64.71
C GLN E 7 -27.81 -20.24 -64.63
N VAL E 8 -28.44 -20.15 -63.46
CA VAL E 8 -29.83 -20.54 -63.32
C VAL E 8 -30.70 -19.30 -63.53
N VAL E 9 -30.31 -18.21 -62.88
CA VAL E 9 -30.93 -16.91 -63.10
C VAL E 9 -29.89 -15.93 -63.60
N SER E 10 -30.35 -14.80 -64.14
CA SER E 10 -29.43 -13.81 -64.71
C SER E 10 -28.70 -13.04 -63.62
N LEU E 11 -29.02 -13.32 -62.37
CA LEU E 11 -28.39 -12.64 -61.24
C LEU E 11 -27.22 -13.44 -60.70
N ASP E 12 -27.15 -14.72 -61.07
CA ASP E 12 -26.04 -15.57 -60.68
C ASP E 12 -24.72 -15.02 -61.22
N PRO E 13 -23.72 -14.87 -60.33
CA PRO E 13 -22.41 -14.34 -60.71
C PRO E 13 -21.66 -15.26 -61.67
N THR E 14 -20.94 -14.67 -62.62
CA THR E 14 -20.25 -15.44 -63.64
C THR E 14 -18.73 -15.39 -63.48
N SER E 15 -18.25 -14.73 -62.42
CA SER E 15 -16.82 -14.68 -62.16
C SER E 15 -16.53 -14.35 -60.71
N ILE E 16 -15.37 -14.79 -60.24
CA ILE E 16 -14.90 -14.45 -58.90
C ILE E 16 -14.20 -13.11 -58.92
N PRO E 17 -14.67 -12.15 -58.11
CA PRO E 17 -13.97 -10.87 -57.99
C PRO E 17 -12.61 -11.06 -57.30
N ILE E 18 -11.56 -10.50 -57.88
CA ILE E 18 -10.22 -10.65 -57.32
C ILE E 18 -9.52 -9.31 -57.17
N GLU E 19 -9.03 -9.02 -55.96
CA GLU E 19 -8.20 -7.85 -55.74
C GLU E 19 -6.73 -8.20 -55.96
N TYR E 20 -6.11 -7.60 -56.96
CA TYR E 20 -4.69 -7.79 -57.18
C TYR E 20 -3.90 -6.65 -56.53
N ASN E 21 -4.35 -5.42 -56.77
CA ASN E 21 -3.70 -4.25 -56.19
C ASN E 21 -4.27 -3.90 -54.82
N THR E 22 -3.64 -4.42 -53.77
CA THR E 22 -4.08 -4.15 -52.41
C THR E 22 -3.32 -2.97 -51.80
N PRO E 23 -3.95 -2.27 -50.85
CA PRO E 23 -3.29 -1.14 -50.16
C PRO E 23 -1.98 -1.54 -49.46
N ILE E 24 -1.84 -2.83 -49.16
CA ILE E 24 -0.63 -3.34 -48.56
C ILE E 24 0.56 -3.16 -49.50
N HIS E 25 0.29 -3.23 -50.80
CA HIS E 25 1.33 -3.04 -51.81
C HIS E 25 1.80 -1.59 -51.89
N ASP E 26 1.05 -0.68 -51.25
CA ASP E 26 1.39 0.74 -51.27
C ASP E 26 2.17 1.17 -50.02
N ILE E 27 2.32 0.24 -49.08
CA ILE E 27 3.04 0.54 -47.83
C ILE E 27 4.54 0.57 -48.07
N LYS E 28 5.14 1.74 -47.91
CA LYS E 28 6.59 1.88 -48.04
C LYS E 28 7.26 1.40 -46.75
N VAL E 29 8.20 0.46 -46.89
CA VAL E 29 8.81 -0.16 -45.73
C VAL E 29 10.29 0.19 -45.58
N GLN E 30 10.64 0.73 -44.41
CA GLN E 30 12.02 1.02 -44.09
C GLN E 30 12.44 0.23 -42.84
N VAL E 31 13.61 -0.39 -42.91
CA VAL E 31 14.14 -1.12 -41.77
C VAL E 31 15.42 -0.47 -41.27
N TYR E 32 15.39 0.01 -40.02
CA TYR E 32 16.53 0.69 -39.43
C TYR E 32 17.19 -0.15 -38.34
N ASP E 33 18.48 0.05 -38.13
CA ASP E 33 19.16 -0.62 -37.04
C ASP E 33 18.77 0.05 -35.73
N ILE E 34 18.50 -0.75 -34.71
CA ILE E 34 17.99 -0.24 -33.44
C ILE E 34 19.09 0.55 -32.70
N LYS E 35 20.34 0.34 -33.09
CA LYS E 35 21.46 1.09 -32.53
C LYS E 35 21.50 2.48 -33.15
N GLY E 36 21.72 3.49 -32.31
CA GLY E 36 21.74 4.87 -32.77
C GLY E 36 20.52 5.64 -32.32
N GLY E 37 19.51 4.91 -31.83
CA GLY E 37 18.31 5.53 -31.31
C GLY E 37 17.14 5.46 -32.27
N CYS E 38 15.94 5.71 -31.74
CA CYS E 38 14.72 5.68 -32.53
C CYS E 38 14.12 7.08 -32.68
N ASN E 39 13.73 7.43 -33.90
CA ASN E 39 13.04 8.69 -34.14
C ASN E 39 11.53 8.52 -34.03
N VAL E 40 10.90 9.35 -33.20
CA VAL E 40 9.46 9.35 -33.06
C VAL E 40 8.91 10.68 -33.55
N GLU E 41 8.60 10.75 -34.85
CA GLU E 41 8.24 12.00 -35.48
C GLU E 41 6.75 12.09 -35.81
N GLU E 42 6.13 10.94 -36.11
CA GLU E 42 4.74 10.93 -36.51
C GLU E 42 4.11 9.54 -36.41
N GLY E 43 2.78 9.51 -36.42
CA GLY E 43 2.04 8.26 -36.44
C GLY E 43 2.15 7.43 -35.18
N LEU E 44 2.02 6.12 -35.34
CA LEU E 44 2.07 5.20 -34.22
C LEU E 44 3.42 4.50 -34.11
N THR E 45 3.97 4.47 -32.91
CA THR E 45 5.20 3.74 -32.65
C THR E 45 4.96 2.68 -31.58
N ILE E 46 5.16 1.43 -31.96
CA ILE E 46 4.91 0.31 -31.05
C ILE E 46 6.19 -0.44 -30.69
N PHE E 47 6.44 -0.58 -29.39
CA PHE E 47 7.58 -1.35 -28.91
C PHE E 47 7.15 -2.78 -28.60
N LEU E 48 7.84 -3.75 -29.22
CA LEU E 48 7.60 -5.15 -28.92
C LEU E 48 8.48 -5.56 -27.74
N VAL E 49 7.85 -5.88 -26.62
CA VAL E 49 8.55 -6.01 -25.35
C VAL E 49 8.20 -7.30 -24.60
N ASN E 50 9.23 -7.98 -24.09
CA ASN E 50 9.01 -9.12 -23.22
C ASN E 50 9.67 -8.91 -21.86
N ASN E 51 9.51 -9.89 -20.97
CA ASN E 51 10.18 -9.87 -19.67
C ASN E 51 10.56 -11.30 -19.27
N PRO E 52 11.76 -11.73 -19.68
CA PRO E 52 12.25 -13.09 -19.40
C PRO E 52 12.34 -13.37 -17.90
N LYS E 54 8.77 -11.65 -13.60
CA LYS E 54 9.05 -12.02 -14.98
C LYS E 54 7.78 -12.40 -15.72
N GLU E 55 7.14 -13.49 -15.29
CA GLU E 55 5.86 -13.89 -15.86
C GLU E 55 4.83 -12.79 -15.61
N ASN E 56 4.27 -12.27 -16.70
CA ASN E 56 3.41 -11.09 -16.64
C ASN E 56 4.14 -9.91 -15.98
N GLY E 57 5.45 -9.86 -16.17
CA GLY E 57 6.27 -8.82 -15.57
C GLY E 57 6.02 -7.46 -16.16
N PRO E 58 6.59 -6.41 -15.54
CA PRO E 58 6.40 -5.02 -15.96
C PRO E 58 7.05 -4.71 -17.31
N VAL E 59 6.51 -3.72 -18.00
CA VAL E 59 7.06 -3.29 -19.28
C VAL E 59 8.29 -2.41 -19.06
N LYS E 60 9.36 -2.71 -19.78
CA LYS E 60 10.57 -1.91 -19.72
C LYS E 60 11.10 -1.66 -21.13
N ILE E 61 11.39 -0.40 -21.44
CA ILE E 61 11.91 -0.03 -22.75
C ILE E 61 13.42 0.15 -22.68
N SER E 62 14.14 -0.58 -23.51
CA SER E 62 15.59 -0.54 -23.53
C SER E 62 16.12 0.50 -24.52
N SER E 63 15.39 0.67 -25.63
CA SER E 63 15.85 1.53 -26.71
C SER E 63 15.91 3.01 -26.32
N LYS E 64 16.96 3.69 -26.76
CA LYS E 64 17.06 5.13 -26.63
C LYS E 64 16.18 5.79 -27.68
N VAL E 65 15.36 6.74 -27.25
CA VAL E 65 14.49 7.46 -28.17
C VAL E 65 14.96 8.91 -28.30
N ASN E 66 15.17 9.34 -29.53
CA ASN E 66 15.71 10.68 -29.80
C ASN E 66 14.63 11.76 -29.74
N ASP E 67 13.74 11.63 -28.76
CA ASP E 67 12.73 12.64 -28.47
C ASP E 67 12.53 12.70 -26.96
N LYS E 68 12.75 13.87 -26.38
CA LYS E 68 12.76 14.00 -24.93
C LYS E 68 11.36 13.89 -24.30
N GLN E 69 10.34 14.36 -25.01
CA GLN E 69 8.97 14.24 -24.53
C GLN E 69 8.55 12.77 -24.45
N VAL E 70 8.90 12.01 -25.48
CA VAL E 70 8.54 10.59 -25.55
C VAL E 70 9.41 9.77 -24.61
N SER E 71 10.67 10.16 -24.46
CA SER E 71 11.58 9.49 -23.55
C SER E 71 11.07 9.56 -22.12
N GLU E 72 10.49 10.70 -21.76
CA GLU E 72 9.91 10.88 -20.43
C GLU E 72 8.70 9.97 -20.25
N PHE E 73 7.96 9.75 -21.33
CA PHE E 73 6.81 8.87 -21.31
C PHE E 73 7.26 7.41 -21.16
N LEU E 74 8.40 7.08 -21.75
CA LEU E 74 8.89 5.71 -21.77
C LEU E 74 9.82 5.37 -20.61
N LYS E 75 9.92 6.26 -19.63
CA LYS E 75 10.76 6.00 -18.47
C LYS E 75 10.19 4.84 -17.65
N ASP E 76 11.05 4.17 -16.89
CA ASP E 76 10.67 2.94 -16.18
C ASP E 76 9.47 3.13 -15.24
N GLU E 77 9.38 4.30 -14.61
CA GLU E 77 8.32 4.56 -13.64
C GLU E 77 6.93 4.53 -14.28
N ASN E 78 6.85 4.90 -15.55
CA ASN E 78 5.57 4.92 -16.26
C ASN E 78 5.21 3.57 -16.85
N MET E 79 6.20 2.87 -17.39
CA MET E 79 5.95 1.64 -18.12
C MET E 79 5.74 0.44 -17.20
N GLU E 80 6.21 0.55 -15.96
CA GLU E 80 6.08 -0.56 -15.01
C GLU E 80 4.64 -0.73 -14.53
N LYS E 81 3.78 0.23 -14.88
CA LYS E 81 2.36 0.13 -14.56
C LYS E 81 1.65 -0.74 -15.59
N PHE E 82 2.38 -1.09 -16.64
CA PHE E 82 1.88 -2.01 -17.66
C PHE E 82 2.67 -3.31 -17.58
N ASN E 83 2.08 -4.40 -18.06
CA ASN E 83 2.75 -5.70 -18.01
C ASN E 83 2.86 -6.35 -19.38
N VAL E 84 3.66 -7.41 -19.46
CA VAL E 84 4.06 -7.99 -20.74
C VAL E 84 3.28 -9.24 -21.14
N LYS E 85 2.16 -9.50 -20.47
CA LYS E 85 1.30 -10.64 -20.79
C LYS E 85 1.03 -10.69 -22.29
N LEU E 86 1.22 -11.87 -22.88
CA LEU E 86 1.15 -12.04 -24.33
C LEU E 86 -0.10 -11.42 -24.96
N GLY E 87 0.12 -10.45 -25.84
CA GLY E 87 -0.98 -9.82 -26.55
C GLY E 87 -1.52 -8.55 -25.90
N THR E 88 -1.20 -8.36 -24.62
CA THR E 88 -1.62 -7.16 -23.91
C THR E 88 -0.97 -5.92 -24.51
N SER E 89 -1.77 -4.88 -24.75
CA SER E 89 -1.24 -3.67 -25.37
C SER E 89 -1.82 -2.39 -24.77
N LYS E 90 -1.02 -1.33 -24.83
CA LYS E 90 -1.45 0.02 -24.47
C LYS E 90 -0.84 0.99 -25.46
N HIS E 91 -1.50 2.11 -25.72
CA HIS E 91 -0.91 3.16 -26.53
C HIS E 91 -1.54 4.51 -26.21
N PHE E 92 -0.70 5.54 -26.14
CA PHE E 92 -1.14 6.86 -25.71
C PHE E 92 -0.87 7.90 -26.79
N TYR E 93 -1.71 8.92 -26.84
CA TYR E 93 -1.47 10.07 -27.71
C TYR E 93 -0.81 11.19 -26.93
N MET E 94 0.19 11.82 -27.55
CA MET E 94 0.96 12.87 -26.88
C MET E 94 1.64 13.76 -27.91
N PHE E 95 2.15 14.90 -27.47
CA PHE E 95 2.97 15.75 -28.33
C PHE E 95 4.43 15.39 -28.15
N ASN E 96 5.20 15.42 -29.23
CA ASN E 96 6.64 15.22 -29.12
C ASN E 96 7.36 16.56 -29.00
N ASP E 97 8.67 16.55 -29.20
CA ASP E 97 9.46 17.78 -29.08
C ASP E 97 9.03 18.85 -30.07
N ASN E 98 8.55 18.42 -31.23
CA ASN E 98 8.15 19.33 -32.29
C ASN E 98 6.69 19.77 -32.18
N LYS E 99 6.06 19.45 -31.05
CA LYS E 99 4.64 19.70 -30.85
C LYS E 99 3.79 19.03 -31.92
N ASN E 100 4.27 17.91 -32.45
CA ASN E 100 3.51 17.14 -33.41
C ASN E 100 2.80 15.97 -32.74
N SER E 101 1.55 15.75 -33.13
CA SER E 101 0.77 14.64 -32.60
C SER E 101 1.41 13.30 -32.93
N VAL E 102 1.70 12.53 -31.89
CA VAL E 102 2.23 11.18 -32.06
C VAL E 102 1.51 10.22 -31.13
N ALA E 103 1.62 8.93 -31.43
CA ALA E 103 1.05 7.90 -30.58
C ALA E 103 2.11 6.85 -30.26
N VAL E 104 2.33 6.62 -28.96
CA VAL E 104 3.36 5.68 -28.52
C VAL E 104 2.76 4.59 -27.65
N GLY E 105 3.14 3.36 -27.90
CA GLY E 105 2.64 2.24 -27.14
C GLY E 105 3.49 0.99 -27.24
N TYR E 106 2.94 -0.14 -26.81
CA TYR E 106 3.67 -1.39 -26.80
C TYR E 106 2.75 -2.58 -27.03
N VAL E 107 3.35 -3.73 -27.31
CA VAL E 107 2.64 -5.01 -27.30
C VAL E 107 3.44 -6.01 -26.48
N GLY E 108 2.80 -6.60 -25.47
CA GLY E 108 3.45 -7.59 -24.64
C GLY E 108 3.81 -8.84 -25.42
N CYS E 109 5.01 -9.35 -25.21
CA CYS E 109 5.47 -10.54 -25.92
C CYS E 109 5.79 -11.68 -24.95
N GLY E 110 5.25 -11.58 -23.74
CA GLY E 110 5.35 -12.67 -22.77
C GLY E 110 6.65 -12.71 -22.00
N SER E 111 6.97 -13.89 -21.49
CA SER E 111 8.16 -14.08 -20.65
C SER E 111 9.06 -15.18 -21.19
N VAL E 112 8.92 -15.49 -22.48
CA VAL E 112 9.77 -16.48 -23.14
C VAL E 112 10.57 -15.81 -24.25
N ALA E 113 11.88 -16.05 -24.25
CA ALA E 113 12.79 -15.44 -25.20
C ALA E 113 12.39 -15.71 -26.65
N ASP E 114 12.37 -16.98 -27.03
CA ASP E 114 12.04 -17.36 -28.39
C ASP E 114 10.53 -17.50 -28.58
N LEU E 115 9.96 -16.62 -29.42
CA LEU E 115 8.53 -16.67 -29.71
C LEU E 115 8.21 -17.71 -30.78
N SER E 116 7.13 -18.46 -30.54
CA SER E 116 6.63 -19.39 -31.55
C SER E 116 5.77 -18.63 -32.56
N GLU E 117 5.43 -19.29 -33.67
CA GLU E 117 4.61 -18.65 -34.70
C GLU E 117 3.22 -18.32 -34.17
N ALA E 118 2.74 -19.11 -33.22
CA ALA E 118 1.45 -18.86 -32.59
C ALA E 118 1.53 -17.63 -31.68
N ASP E 119 2.64 -17.52 -30.95
CA ASP E 119 2.87 -16.38 -30.08
C ASP E 119 2.99 -15.09 -30.88
N MET E 120 3.76 -15.15 -31.96
CA MET E 120 3.97 -14.00 -32.84
C MET E 120 2.64 -13.57 -33.47
N LYS E 121 1.80 -14.55 -33.78
CA LYS E 121 0.51 -14.27 -34.40
C LYS E 121 -0.39 -13.50 -33.44
N ARG E 122 -0.30 -13.81 -32.15
CA ARG E 122 -1.08 -13.09 -31.15
C ARG E 122 -0.56 -11.66 -30.97
N VAL E 123 0.77 -11.51 -31.05
CA VAL E 123 1.38 -10.19 -31.00
C VAL E 123 0.91 -9.35 -32.18
N VAL E 124 0.91 -9.95 -33.36
CA VAL E 124 0.49 -9.27 -34.58
C VAL E 124 -0.98 -8.86 -34.54
N LEU E 125 -1.85 -9.78 -34.09
CA LEU E 125 -3.27 -9.49 -33.99
C LEU E 125 -3.55 -8.31 -33.06
N SER E 126 -2.85 -8.28 -31.94
CA SER E 126 -2.97 -7.18 -30.98
C SER E 126 -2.52 -5.87 -31.63
N LEU E 127 -1.60 -5.98 -32.57
CA LEU E 127 -1.06 -4.81 -33.28
C LEU E 127 -2.04 -4.32 -34.36
N VAL E 128 -2.66 -5.26 -35.06
CA VAL E 128 -3.64 -4.93 -36.09
C VAL E 128 -4.88 -4.29 -35.47
N THR E 129 -5.21 -4.72 -34.25
CA THR E 129 -6.34 -4.13 -33.51
C THR E 129 -6.15 -2.63 -33.34
N MET E 130 -4.92 -2.22 -33.05
CA MET E 130 -4.60 -0.81 -32.93
C MET E 130 -4.66 -0.11 -34.28
N LEU E 131 -4.18 -0.78 -35.32
CA LEU E 131 -4.19 -0.23 -36.67
C LEU E 131 -5.60 0.03 -37.17
N HIS E 132 -6.51 -0.87 -36.83
CA HIS E 132 -7.90 -0.75 -37.27
C HIS E 132 -8.67 0.31 -36.48
N ASP E 133 -8.12 0.72 -35.34
CA ASP E 133 -8.80 1.67 -34.46
C ASP E 133 -8.22 3.08 -34.56
N ASN E 134 -7.22 3.25 -35.42
CA ASN E 134 -6.58 4.56 -35.57
C ASN E 134 -6.34 4.93 -37.02
N LYS E 135 -6.62 6.19 -37.36
CA LYS E 135 -6.35 6.70 -38.69
C LYS E 135 -4.91 7.20 -38.79
N LEU E 136 -4.01 6.32 -39.23
CA LEU E 136 -2.58 6.63 -39.23
C LEU E 136 -1.99 6.59 -40.62
N SER E 137 -0.96 7.41 -40.83
CA SER E 137 -0.24 7.41 -42.10
C SER E 137 1.02 6.56 -41.97
N LYS E 138 1.41 6.27 -40.74
CA LYS E 138 2.66 5.57 -40.50
C LYS E 138 2.67 4.75 -39.21
N LEU E 139 3.17 3.52 -39.32
CA LEU E 139 3.38 2.66 -38.17
C LEU E 139 4.86 2.33 -38.03
N THR E 140 5.37 2.45 -36.81
CA THR E 140 6.76 2.10 -36.54
C THR E 140 6.83 1.03 -35.47
N VAL E 141 7.52 -0.07 -35.76
CA VAL E 141 7.62 -1.17 -34.81
C VAL E 141 9.06 -1.33 -34.32
N VAL E 142 9.24 -1.24 -33.01
CA VAL E 142 10.56 -1.39 -32.41
C VAL E 142 10.70 -2.77 -31.78
N PHE E 143 11.55 -3.61 -32.35
CA PHE E 143 11.79 -4.95 -31.84
C PHE E 143 12.76 -4.96 -30.67
N GLU E 144 12.25 -5.11 -29.46
CA GLU E 144 13.09 -5.29 -28.29
C GLU E 144 13.03 -6.75 -27.86
N ILE E 145 12.82 -7.63 -28.83
CA ILE E 145 12.80 -9.06 -28.62
C ILE E 145 13.69 -9.77 -29.63
N ASN E 146 14.02 -11.02 -29.37
CA ASN E 146 14.85 -11.80 -30.27
C ASN E 146 14.00 -12.48 -31.35
N VAL E 147 14.44 -12.33 -32.60
CA VAL E 147 13.70 -12.85 -33.75
C VAL E 147 14.67 -13.18 -34.88
N ASP E 148 14.64 -14.42 -35.36
CA ASP E 148 15.50 -14.80 -36.49
C ASP E 148 14.85 -14.34 -37.79
N LYS E 149 15.58 -14.51 -38.90
CA LYS E 149 15.15 -13.95 -40.18
C LYS E 149 13.81 -14.52 -40.66
N ASN E 150 13.62 -15.83 -40.51
CA ASN E 150 12.37 -16.46 -40.91
C ASN E 150 11.17 -15.96 -40.12
N LEU E 151 11.37 -15.71 -38.82
CA LEU E 151 10.30 -15.23 -37.95
C LEU E 151 10.00 -13.76 -38.20
N PHE E 152 11.01 -13.01 -38.63
CA PHE E 152 10.82 -11.61 -38.99
C PHE E 152 9.98 -11.51 -40.26
N ARG E 153 10.26 -12.39 -41.21
CA ARG E 153 9.47 -12.44 -42.44
C ARG E 153 8.05 -12.85 -42.10
N PHE E 154 7.92 -13.83 -41.21
CA PHE E 154 6.61 -14.30 -40.76
C PHE E 154 5.81 -13.17 -40.11
N PHE E 155 6.52 -12.32 -39.36
CA PHE E 155 5.89 -11.17 -38.72
C PHE E 155 5.29 -10.21 -39.75
N LEU E 156 6.02 -10.00 -40.84
CA LEU E 156 5.59 -9.07 -41.88
C LEU E 156 4.45 -9.65 -42.72
N GLU E 157 4.60 -10.91 -43.11
CA GLU E 157 3.54 -11.61 -43.85
C GLU E 157 2.23 -11.58 -43.10
N THR E 158 2.29 -11.99 -41.84
CA THR E 158 1.11 -12.05 -40.97
C THR E 158 0.50 -10.67 -40.75
N LEU E 159 1.35 -9.69 -40.48
CA LEU E 159 0.88 -8.32 -40.29
C LEU E 159 0.14 -7.82 -41.52
N PHE E 160 0.75 -7.99 -42.69
CA PHE E 160 0.14 -7.61 -43.95
C PHE E 160 -1.21 -8.27 -44.17
N TYR E 161 -1.26 -9.58 -43.92
CA TYR E 161 -2.44 -10.39 -44.21
C TYR E 161 -3.62 -10.07 -43.29
N GLU E 162 -3.35 -9.98 -41.99
CA GLU E 162 -4.39 -9.73 -41.00
C GLU E 162 -4.87 -8.28 -41.04
N TYR E 163 -4.01 -7.39 -41.54
CA TYR E 163 -4.33 -5.96 -41.65
C TYR E 163 -5.27 -5.71 -42.81
N MET E 164 -5.14 -6.52 -43.86
CA MET E 164 -5.97 -6.38 -45.05
C MET E 164 -7.39 -6.88 -44.79
N THR E 165 -8.37 -6.15 -45.30
CA THR E 165 -9.78 -6.49 -45.10
C THR E 165 -10.50 -6.75 -46.42
N ASP E 166 -11.11 -7.92 -46.56
CA ASP E 166 -11.79 -8.31 -47.79
C ASP E 166 -13.18 -7.68 -47.88
N GLU E 167 -13.34 -6.72 -48.78
CA GLU E 167 -14.60 -6.00 -48.93
C GLU E 167 -15.28 -6.24 -50.28
N ARG E 168 -14.87 -7.30 -50.97
CA ARG E 168 -15.39 -7.62 -52.29
C ARG E 168 -16.91 -7.80 -52.32
N PHE E 169 -17.44 -8.43 -51.27
CA PHE E 169 -18.86 -8.77 -51.25
C PHE E 169 -19.67 -7.77 -50.44
N LYS E 170 -19.01 -6.70 -49.99
CA LYS E 170 -19.68 -5.59 -49.33
C LYS E 170 -20.29 -4.66 -50.38
N SER E 171 -21.43 -4.08 -50.06
CA SER E 171 -22.08 -3.13 -50.95
C SER E 171 -22.87 -2.09 -50.16
N GLU E 179 -8.91 3.81 -44.63
CA GLU E 179 -7.62 4.41 -44.97
C GLU E 179 -6.48 3.73 -44.21
N TYR E 180 -5.57 3.12 -44.95
CA TYR E 180 -4.45 2.38 -44.37
C TYR E 180 -3.23 3.26 -44.14
N ILE E 181 -2.22 2.69 -43.49
CA ILE E 181 -0.93 3.38 -43.35
C ILE E 181 -0.20 3.33 -44.69
N LYS E 182 0.63 4.35 -44.94
CA LYS E 182 1.39 4.41 -46.18
C LYS E 182 2.86 4.11 -45.92
N HIS E 183 3.25 4.15 -44.65
CA HIS E 183 4.63 3.93 -44.27
C HIS E 183 4.74 2.96 -43.09
N LEU E 184 5.66 2.01 -43.21
CA LEU E 184 5.98 1.12 -42.11
C LEU E 184 7.46 1.21 -41.79
N GLY E 185 7.77 1.59 -40.56
CA GLY E 185 9.14 1.64 -40.11
C GLY E 185 9.42 0.48 -39.17
N VAL E 186 10.64 -0.04 -39.22
CA VAL E 186 11.02 -1.17 -38.36
C VAL E 186 12.38 -0.96 -37.72
N TYR E 187 12.41 -0.91 -36.40
CA TYR E 187 13.66 -0.86 -35.66
C TYR E 187 14.02 -2.24 -35.11
N ILE E 188 15.16 -2.75 -35.54
CA ILE E 188 15.60 -4.09 -35.17
C ILE E 188 17.13 -4.17 -35.24
N ASN E 189 17.73 -4.92 -34.33
CA ASN E 189 19.18 -5.04 -34.28
C ASN E 189 19.73 -5.80 -35.49
N ASN E 190 20.85 -5.33 -36.02
CA ASN E 190 21.43 -5.87 -37.25
C ASN E 190 20.41 -5.88 -38.38
N ALA E 191 19.94 -4.68 -38.73
CA ALA E 191 18.82 -4.52 -39.66
C ALA E 191 19.15 -4.98 -41.08
N ASP E 192 20.41 -4.87 -41.47
CA ASP E 192 20.81 -5.15 -42.84
C ASP E 192 20.54 -6.60 -43.24
N THR E 193 20.65 -7.52 -42.28
CA THR E 193 20.39 -8.93 -42.55
C THR E 193 18.91 -9.18 -42.80
N TYR E 194 18.05 -8.32 -42.25
CA TYR E 194 16.60 -8.52 -42.31
C TYR E 194 15.96 -7.86 -43.52
N LYS E 195 16.68 -6.96 -44.18
CA LYS E 195 16.10 -6.15 -45.25
C LYS E 195 15.66 -6.97 -46.46
N GLU E 196 16.36 -8.06 -46.74
CA GLU E 196 16.04 -8.89 -47.89
C GLU E 196 14.73 -9.66 -47.66
N GLU E 197 14.25 -9.65 -46.43
CA GLU E 197 13.03 -10.37 -46.08
C GLU E 197 11.77 -9.55 -46.37
N VAL E 198 11.95 -8.26 -46.63
CA VAL E 198 10.82 -7.35 -46.77
C VAL E 198 10.01 -7.62 -48.04
N GLU E 199 10.65 -7.53 -49.20
CA GLU E 199 9.95 -7.72 -50.47
C GLU E 199 9.51 -9.17 -50.64
N LYS E 200 10.26 -10.10 -50.06
CA LYS E 200 9.87 -11.50 -50.05
C LYS E 200 8.60 -11.70 -49.23
N ALA E 201 8.51 -10.97 -48.11
CA ALA E 201 7.33 -11.03 -47.25
C ALA E 201 6.09 -10.52 -47.98
N ARG E 202 6.26 -9.50 -48.81
CA ARG E 202 5.15 -8.93 -49.54
C ARG E 202 4.62 -9.91 -50.58
N VAL E 203 5.52 -10.67 -51.19
CA VAL E 203 5.13 -11.69 -52.16
C VAL E 203 4.37 -12.82 -51.47
N TYR E 204 4.94 -13.30 -50.36
CA TYR E 204 4.30 -14.35 -49.59
C TYR E 204 2.94 -13.90 -49.04
N TYR E 205 2.85 -12.62 -48.69
CA TYR E 205 1.59 -12.04 -48.23
C TYR E 205 0.48 -12.25 -49.25
N PHE E 206 0.72 -11.81 -50.48
CA PHE E 206 -0.32 -11.86 -51.50
C PHE E 206 -0.62 -13.28 -51.91
N GLY E 207 0.40 -14.13 -51.91
CA GLY E 207 0.21 -15.55 -52.21
C GLY E 207 -0.80 -16.15 -51.25
N THR E 208 -0.66 -15.78 -49.98
CA THR E 208 -1.58 -16.22 -48.94
C THR E 208 -2.93 -15.52 -49.09
N TYR E 209 -2.90 -14.23 -49.40
CA TYR E 209 -4.12 -13.45 -49.51
C TYR E 209 -4.92 -13.79 -50.77
N TYR E 210 -4.23 -14.03 -51.87
CA TYR E 210 -4.91 -14.42 -53.11
C TYR E 210 -5.61 -15.76 -52.92
N ALA E 211 -4.94 -16.67 -52.22
CA ALA E 211 -5.53 -17.95 -51.86
C ALA E 211 -6.74 -17.74 -50.98
N SER E 212 -6.62 -16.79 -50.06
CA SER E 212 -7.69 -16.44 -49.14
C SER E 212 -8.93 -15.93 -49.88
N GLN E 213 -8.70 -15.15 -50.93
CA GLN E 213 -9.80 -14.60 -51.71
C GLN E 213 -10.60 -15.70 -52.42
N LEU E 214 -9.90 -16.77 -52.78
CA LEU E 214 -10.55 -17.91 -53.45
C LEU E 214 -11.38 -18.72 -52.46
N ILE E 215 -10.82 -18.95 -51.28
CA ILE E 215 -11.48 -19.76 -50.26
C ILE E 215 -12.69 -19.03 -49.68
N ALA E 216 -12.53 -17.75 -49.38
CA ALA E 216 -13.59 -16.96 -48.79
C ALA E 216 -14.75 -16.75 -49.76
N ALA E 217 -14.43 -16.71 -51.05
CA ALA E 217 -15.44 -16.55 -52.09
C ALA E 217 -16.44 -17.70 -52.06
N PRO E 218 -17.73 -17.37 -51.90
CA PRO E 218 -18.82 -18.35 -51.79
C PRO E 218 -18.92 -19.25 -53.03
N SER E 219 -19.62 -20.37 -52.88
CA SER E 219 -19.68 -21.39 -53.92
C SER E 219 -20.43 -20.92 -55.16
N ASN E 220 -21.35 -19.98 -54.98
CA ASN E 220 -22.09 -19.44 -56.12
C ASN E 220 -21.19 -18.52 -56.96
N TYR E 221 -20.17 -17.97 -56.31
CA TYR E 221 -19.15 -17.21 -57.00
C TYR E 221 -18.02 -18.13 -57.45
N CYS E 222 -17.44 -18.85 -56.50
CA CYS E 222 -16.34 -19.78 -56.79
C CYS E 222 -16.85 -21.18 -57.13
N ASN E 223 -16.91 -21.47 -58.43
CA ASN E 223 -17.32 -22.78 -58.93
C ASN E 223 -16.25 -23.31 -59.88
N PRO E 224 -16.32 -24.60 -60.26
CA PRO E 224 -15.28 -25.19 -61.12
C PRO E 224 -14.91 -24.37 -62.36
N VAL E 225 -15.88 -23.69 -62.96
CA VAL E 225 -15.63 -22.91 -64.16
C VAL E 225 -14.97 -21.58 -63.83
N SER E 226 -15.53 -20.88 -62.84
CA SER E 226 -14.99 -19.59 -62.42
C SER E 226 -13.61 -19.73 -61.79
N LEU E 227 -13.41 -20.80 -61.02
CA LEU E 227 -12.14 -21.04 -60.35
C LEU E 227 -11.04 -21.37 -61.37
N SER E 228 -11.39 -22.14 -62.39
CA SER E 228 -10.44 -22.47 -63.44
C SER E 228 -10.15 -21.25 -64.33
N ASN E 229 -11.18 -20.43 -64.55
CA ASN E 229 -10.99 -19.17 -65.28
C ASN E 229 -10.03 -18.26 -64.52
N ALA E 230 -10.19 -18.21 -63.20
CA ALA E 230 -9.31 -17.41 -62.35
C ALA E 230 -7.86 -17.87 -62.45
N ALA E 231 -7.66 -19.18 -62.50
CA ALA E 231 -6.32 -19.75 -62.58
C ALA E 231 -5.67 -19.43 -63.92
N VAL E 232 -6.50 -19.32 -64.96
CA VAL E 232 -6.02 -18.98 -66.29
C VAL E 232 -5.55 -17.52 -66.32
N GLU E 233 -6.39 -16.63 -65.80
CA GLU E 233 -6.06 -15.21 -65.73
C GLU E 233 -4.78 -14.98 -64.94
N LEU E 234 -4.63 -15.71 -63.84
CA LEU E 234 -3.42 -15.62 -63.03
C LEU E 234 -2.21 -16.14 -63.79
N ALA E 235 -2.40 -17.26 -64.49
CA ALA E 235 -1.32 -17.87 -65.27
C ALA E 235 -0.84 -16.92 -66.36
N GLN E 236 -1.78 -16.20 -66.95
CA GLN E 236 -1.47 -15.22 -68.00
C GLN E 236 -0.67 -14.05 -67.43
N LYS E 237 -1.04 -13.61 -66.24
CA LYS E 237 -0.35 -12.50 -65.58
C LYS E 237 1.08 -12.86 -65.21
N LEU E 238 1.31 -14.12 -64.90
CA LEU E 238 2.63 -14.58 -64.45
C LEU E 238 3.42 -15.23 -65.58
N ASN E 239 2.84 -15.27 -66.77
CA ASN E 239 3.44 -15.92 -67.94
C ASN E 239 3.74 -17.39 -67.71
N LEU E 240 2.85 -18.06 -66.97
CA LEU E 240 2.94 -19.50 -66.78
C LEU E 240 2.18 -20.22 -67.88
N GLU E 241 2.66 -21.41 -68.25
CA GLU E 241 1.90 -22.26 -69.16
C GLU E 241 0.65 -22.74 -68.44
N TYR E 242 -0.45 -22.87 -69.17
CA TYR E 242 -1.67 -23.38 -68.58
C TYR E 242 -2.46 -24.26 -69.54
N LYS E 243 -3.09 -25.29 -68.97
CA LYS E 243 -3.98 -26.15 -69.73
C LYS E 243 -5.20 -26.48 -68.87
N ILE E 244 -6.39 -26.26 -69.42
CA ILE E 244 -7.62 -26.57 -68.71
C ILE E 244 -8.33 -27.74 -69.36
N LEU E 245 -8.30 -28.88 -68.68
CA LEU E 245 -8.92 -30.10 -69.20
C LEU E 245 -10.41 -30.13 -68.89
N GLY E 246 -11.22 -30.25 -69.94
CA GLY E 246 -12.67 -30.34 -69.79
C GLY E 246 -13.14 -31.78 -69.83
N VAL E 247 -14.45 -31.96 -69.71
CA VAL E 247 -15.06 -33.29 -69.60
C VAL E 247 -14.63 -34.27 -70.69
N LYS E 248 -14.66 -33.81 -71.94
CA LYS E 248 -14.31 -34.65 -73.08
C LYS E 248 -12.89 -35.17 -72.96
N GLU E 249 -11.94 -34.28 -72.68
CA GLU E 249 -10.55 -34.65 -72.49
C GLU E 249 -10.41 -35.59 -71.29
N LEU E 250 -11.12 -35.27 -70.22
CA LEU E 250 -11.10 -36.08 -69.00
C LEU E 250 -11.67 -37.47 -69.25
N GLU E 251 -12.59 -37.57 -70.22
CA GLU E 251 -13.14 -38.86 -70.60
C GLU E 251 -12.12 -39.65 -71.42
N GLU E 252 -11.41 -38.96 -72.31
CA GLU E 252 -10.34 -39.57 -73.08
C GLU E 252 -9.26 -40.13 -72.17
N LEU E 253 -9.04 -39.45 -71.05
CA LEU E 253 -8.03 -39.87 -70.07
C LEU E 253 -8.60 -40.85 -69.06
N LYS E 254 -9.89 -41.15 -69.20
CA LYS E 254 -10.57 -42.14 -68.37
C LYS E 254 -10.49 -41.86 -66.88
N MET E 255 -10.61 -40.58 -66.50
CA MET E 255 -10.58 -40.21 -65.10
C MET E 255 -11.98 -40.36 -64.47
N GLY E 256 -12.36 -41.60 -64.25
CA GLY E 256 -13.71 -41.94 -63.81
C GLY E 256 -14.00 -41.73 -62.34
N ALA E 257 -12.95 -41.66 -61.52
CA ALA E 257 -13.14 -41.37 -60.10
C ALA E 257 -13.45 -39.89 -59.93
N TYR E 258 -12.66 -39.07 -60.62
CA TYR E 258 -12.84 -37.62 -60.61
C TYR E 258 -14.18 -37.21 -61.22
N LEU E 259 -14.44 -37.68 -62.44
CA LEU E 259 -15.67 -37.33 -63.15
C LEU E 259 -16.94 -37.77 -62.42
N SER E 260 -16.85 -38.85 -61.65
CA SER E 260 -18.00 -39.33 -60.90
C SER E 260 -18.45 -38.33 -59.83
N VAL E 261 -17.47 -37.73 -59.16
CA VAL E 261 -17.73 -36.79 -58.09
C VAL E 261 -18.58 -35.60 -58.54
N GLY E 262 -18.32 -35.11 -59.74
CA GLY E 262 -19.01 -33.94 -60.25
C GLY E 262 -20.15 -34.24 -61.20
N LYS E 263 -20.59 -35.49 -61.23
CA LYS E 263 -21.69 -35.91 -62.10
C LYS E 263 -22.96 -35.12 -61.84
N GLY E 264 -23.27 -34.92 -60.56
CA GLY E 264 -24.50 -34.25 -60.17
C GLY E 264 -24.36 -32.75 -59.99
N SER E 265 -23.41 -32.14 -60.69
CA SER E 265 -23.20 -30.71 -60.63
C SER E 265 -23.69 -30.03 -61.91
N MET E 266 -24.16 -28.79 -61.79
CA MET E 266 -24.54 -28.01 -62.95
C MET E 266 -23.31 -27.42 -63.62
N TYR E 267 -22.20 -27.42 -62.89
CA TYR E 267 -20.93 -26.95 -63.42
C TYR E 267 -20.10 -28.13 -63.90
N PRO E 268 -19.59 -28.05 -65.14
CA PRO E 268 -18.74 -29.10 -65.69
C PRO E 268 -17.44 -29.24 -64.92
N ASN E 269 -16.92 -30.47 -64.83
CA ASN E 269 -15.61 -30.70 -64.22
C ASN E 269 -14.52 -29.95 -64.98
N LYS E 270 -13.56 -29.42 -64.24
CA LYS E 270 -12.46 -28.67 -64.86
C LYS E 270 -11.13 -29.01 -64.17
N PHE E 271 -10.18 -29.51 -64.95
CA PHE E 271 -8.87 -29.87 -64.42
C PHE E 271 -7.87 -28.76 -64.71
N ILE E 272 -7.21 -28.26 -63.67
CA ILE E 272 -6.26 -27.16 -63.81
C ILE E 272 -4.82 -27.67 -63.87
N HIS E 273 -4.10 -27.29 -64.93
CA HIS E 273 -2.70 -27.66 -65.07
C HIS E 273 -1.84 -26.44 -65.41
N LEU E 274 -1.25 -25.85 -64.38
CA LEU E 274 -0.33 -24.74 -64.56
C LEU E 274 1.10 -25.24 -64.47
N THR E 275 1.97 -24.70 -65.31
CA THR E 275 3.37 -25.12 -65.33
C THR E 275 4.33 -23.96 -65.24
N TYR E 276 5.27 -24.05 -64.30
CA TYR E 276 6.41 -23.14 -64.28
C TYR E 276 7.67 -23.89 -64.67
N LYS E 277 8.39 -23.36 -65.64
CA LYS E 277 9.69 -23.92 -65.99
C LYS E 277 10.77 -22.86 -65.85
N SER E 278 11.88 -23.22 -65.22
CA SER E 278 12.99 -22.31 -65.04
C SER E 278 13.72 -22.10 -66.37
N LYS E 279 14.34 -20.94 -66.52
CA LYS E 279 15.03 -20.57 -67.76
C LYS E 279 16.17 -21.52 -68.09
N GLY E 280 16.98 -21.85 -67.09
CA GLY E 280 18.13 -22.72 -67.30
C GLY E 280 17.78 -24.18 -67.39
N ASP E 281 18.72 -25.03 -67.00
CA ASP E 281 18.51 -26.48 -67.02
C ASP E 281 17.65 -26.93 -65.84
N VAL E 282 16.77 -27.88 -66.09
CA VAL E 282 15.90 -28.42 -65.04
C VAL E 282 16.59 -29.55 -64.28
N LYS E 283 16.67 -29.40 -62.96
CA LYS E 283 17.33 -30.40 -62.13
C LYS E 283 16.33 -31.13 -61.24
N LYS E 284 15.21 -30.47 -60.94
CA LYS E 284 14.13 -31.09 -60.17
C LYS E 284 12.79 -30.83 -60.84
N LYS E 285 11.98 -31.89 -60.92
CA LYS E 285 10.62 -31.76 -61.44
C LYS E 285 9.62 -32.05 -60.34
N ILE E 286 8.72 -31.10 -60.08
CA ILE E 286 7.79 -31.19 -58.97
C ILE E 286 6.34 -30.99 -59.42
N ALA E 287 5.45 -31.83 -58.91
CA ALA E 287 4.03 -31.67 -59.16
C ALA E 287 3.30 -31.34 -57.86
N LEU E 288 2.67 -30.18 -57.80
CA LEU E 288 1.88 -29.79 -56.63
C LEU E 288 0.39 -30.01 -56.93
N VAL E 289 -0.24 -30.86 -56.12
CA VAL E 289 -1.64 -31.23 -56.34
C VAL E 289 -2.54 -30.70 -55.24
N GLY E 290 -3.61 -30.01 -55.62
CA GLY E 290 -4.52 -29.45 -54.65
C GLY E 290 -5.96 -29.93 -54.81
N LYS E 291 -6.58 -30.30 -53.71
CA LYS E 291 -7.98 -30.69 -53.72
C LYS E 291 -8.85 -29.48 -54.04
N GLY E 292 -9.69 -29.60 -55.05
CA GLY E 292 -10.49 -28.47 -55.51
C GLY E 292 -11.98 -28.73 -55.56
N ILE E 293 -12.59 -28.93 -54.40
CA ILE E 293 -14.04 -29.03 -54.32
C ILE E 293 -14.62 -27.67 -53.95
N THR E 294 -15.25 -27.01 -54.92
CA THR E 294 -15.75 -25.65 -54.72
C THR E 294 -16.90 -25.62 -53.73
N PHE E 295 -17.69 -26.69 -53.70
CA PHE E 295 -18.66 -26.89 -52.64
C PHE E 295 -18.86 -28.37 -52.38
N ASP E 296 -18.81 -28.75 -51.11
CA ASP E 296 -19.01 -30.13 -50.73
C ASP E 296 -20.27 -30.27 -49.89
N SER E 297 -21.36 -30.64 -50.53
CA SER E 297 -22.63 -30.86 -49.84
C SER E 297 -22.61 -32.20 -49.12
N GLY E 298 -21.74 -33.09 -49.59
CA GLY E 298 -21.66 -34.43 -49.06
C GLY E 298 -22.20 -35.45 -50.05
N GLY E 299 -23.05 -34.98 -50.96
CA GLY E 299 -23.71 -35.86 -51.89
C GLY E 299 -24.88 -36.55 -51.21
N TYR E 300 -25.19 -37.77 -51.64
CA TYR E 300 -26.30 -38.50 -51.03
C TYR E 300 -25.97 -38.88 -49.59
N ASN E 301 -24.67 -38.96 -49.28
CA ASN E 301 -24.23 -38.91 -47.90
C ASN E 301 -24.17 -37.45 -47.48
N LEU E 302 -25.34 -36.82 -47.39
CA LEU E 302 -25.44 -35.40 -47.12
C LEU E 302 -24.90 -35.02 -45.75
N LYS E 303 -24.22 -33.89 -45.68
CA LYS E 303 -23.77 -33.34 -44.41
C LYS E 303 -24.98 -32.80 -43.65
N ALA E 304 -25.72 -33.70 -43.01
CA ALA E 304 -26.97 -33.33 -42.34
C ALA E 304 -26.90 -33.62 -40.84
N ALA E 305 -25.79 -34.21 -40.41
CA ALA E 305 -25.58 -34.50 -39.00
C ALA E 305 -25.13 -33.24 -38.26
N PRO E 306 -25.40 -33.18 -36.93
CA PRO E 306 -24.94 -32.04 -36.13
C PRO E 306 -23.43 -31.86 -36.18
N GLY E 307 -22.98 -30.63 -36.39
CA GLY E 307 -21.56 -30.33 -36.42
C GLY E 307 -20.87 -30.66 -37.73
N SER E 308 -21.67 -30.95 -38.75
CA SER E 308 -21.11 -31.26 -40.07
C SER E 308 -20.73 -29.97 -40.81
N MET E 309 -21.31 -28.86 -40.36
CA MET E 309 -20.95 -27.52 -40.85
C MET E 309 -20.99 -27.41 -42.37
N ILE E 310 -22.16 -27.65 -42.95
CA ILE E 310 -22.31 -27.62 -44.40
C ILE E 310 -22.13 -26.22 -44.96
N ASP E 311 -22.34 -25.20 -44.13
CA ASP E 311 -22.28 -23.82 -44.58
C ASP E 311 -20.85 -23.28 -44.66
N LEU E 312 -19.89 -24.10 -44.22
CA LEU E 312 -18.48 -23.72 -44.31
C LEU E 312 -17.80 -24.41 -45.48
N MET E 313 -18.54 -25.30 -46.14
CA MET E 313 -17.97 -26.20 -47.14
C MET E 313 -17.60 -25.52 -48.47
N LYS E 314 -17.48 -24.20 -48.44
CA LYS E 314 -16.87 -23.49 -49.56
C LYS E 314 -15.35 -23.57 -49.41
N PHE E 315 -14.92 -24.01 -48.23
CA PHE E 315 -13.51 -24.06 -47.87
C PHE E 315 -12.84 -25.34 -48.38
N ASP E 316 -13.62 -26.22 -49.00
CA ASP E 316 -13.12 -27.54 -49.38
C ASP E 316 -12.28 -27.50 -50.65
N MET E 317 -11.93 -26.30 -51.10
CA MET E 317 -11.03 -26.13 -52.23
C MET E 317 -9.78 -25.37 -51.79
N SER E 318 -9.50 -25.40 -50.49
CA SER E 318 -8.37 -24.70 -49.92
C SER E 318 -7.04 -25.26 -50.43
N GLY E 319 -7.02 -26.54 -50.75
CA GLY E 319 -5.83 -27.16 -51.31
C GLY E 319 -5.51 -26.57 -52.66
N CYS E 320 -6.54 -26.41 -53.48
CA CYS E 320 -6.39 -25.81 -54.79
C CYS E 320 -5.93 -24.36 -54.69
N ALA E 321 -6.49 -23.64 -53.73
CA ALA E 321 -6.12 -22.25 -53.50
C ALA E 321 -4.67 -22.15 -53.02
N ALA E 322 -4.26 -23.09 -52.19
CA ALA E 322 -2.89 -23.11 -51.67
C ALA E 322 -1.88 -23.33 -52.80
N VAL E 323 -2.26 -24.18 -53.74
CA VAL E 323 -1.40 -24.49 -54.88
C VAL E 323 -1.33 -23.30 -55.85
N LEU E 324 -2.46 -22.65 -56.07
CA LEU E 324 -2.51 -21.48 -56.95
C LEU E 324 -1.79 -20.29 -56.33
N GLY E 325 -1.89 -20.14 -55.01
CA GLY E 325 -1.17 -19.10 -54.30
C GLY E 325 0.33 -19.37 -54.38
N CYS E 326 0.69 -20.65 -54.32
CA CYS E 326 2.08 -21.06 -54.46
C CYS E 326 2.57 -20.71 -55.86
N ALA E 327 1.68 -20.87 -56.84
CA ALA E 327 2.01 -20.55 -58.23
C ALA E 327 2.30 -19.08 -58.40
N TYR E 328 1.59 -18.23 -57.65
CA TYR E 328 1.85 -16.80 -57.68
C TYR E 328 3.25 -16.49 -57.17
N CYS E 329 3.58 -17.06 -56.01
CA CYS E 329 4.87 -16.81 -55.38
C CYS E 329 6.02 -17.34 -56.23
N VAL E 330 5.86 -18.56 -56.73
CA VAL E 330 6.87 -19.18 -57.59
C VAL E 330 7.06 -18.39 -58.88
N GLY E 331 5.95 -18.05 -59.53
CA GLY E 331 5.98 -17.30 -60.78
C GLY E 331 6.58 -15.91 -60.63
N THR E 332 6.43 -15.32 -59.44
CA THR E 332 6.94 -13.99 -59.18
C THR E 332 8.41 -14.01 -58.80
N LEU E 333 8.77 -14.93 -57.91
CA LEU E 333 10.15 -15.02 -57.42
C LEU E 333 11.07 -15.71 -58.43
N LYS E 334 10.48 -16.53 -59.28
CA LYS E 334 11.19 -17.20 -60.37
C LYS E 334 12.44 -17.96 -59.93
N PRO E 335 12.26 -19.11 -59.27
CA PRO E 335 13.41 -19.91 -58.84
C PRO E 335 14.13 -20.55 -60.03
N GLU E 336 15.35 -21.04 -59.81
CA GLU E 336 16.14 -21.60 -60.89
C GLU E 336 16.17 -23.13 -60.85
N ASN E 337 16.39 -23.72 -62.01
CA ASN E 337 16.63 -25.16 -62.15
C ASN E 337 15.47 -26.06 -61.70
N VAL E 338 14.25 -25.52 -61.72
CA VAL E 338 13.09 -26.32 -61.35
C VAL E 338 11.97 -26.24 -62.39
N GLU E 339 11.18 -27.30 -62.46
CA GLU E 339 9.96 -27.31 -63.24
C GLU E 339 8.80 -27.70 -62.33
N ILE E 340 7.86 -26.78 -62.14
CA ILE E 340 6.76 -27.01 -61.22
C ILE E 340 5.42 -27.10 -61.94
N HIS E 341 4.71 -28.20 -61.72
CA HIS E 341 3.36 -28.36 -62.25
C HIS E 341 2.34 -28.12 -61.16
N PHE E 342 1.38 -27.23 -61.43
CA PHE E 342 0.35 -26.90 -60.46
C PHE E 342 -0.97 -27.55 -60.88
N LEU E 343 -1.36 -28.59 -60.15
CA LEU E 343 -2.49 -29.41 -60.54
C LEU E 343 -3.65 -29.33 -59.56
N SER E 344 -4.87 -29.36 -60.09
CA SER E 344 -6.07 -29.42 -59.27
C SER E 344 -7.26 -29.92 -60.07
N ALA E 345 -7.80 -31.06 -59.67
CA ALA E 345 -9.01 -31.60 -60.28
C ALA E 345 -10.22 -30.97 -59.63
N VAL E 346 -10.71 -29.89 -60.22
CA VAL E 346 -11.78 -29.10 -59.61
C VAL E 346 -13.18 -29.55 -60.00
N CYS E 347 -14.04 -29.74 -58.99
CA CYS E 347 -15.43 -30.07 -59.23
C CYS E 347 -16.31 -29.67 -58.05
N GLU E 348 -17.59 -30.05 -58.12
CA GLU E 348 -18.56 -29.74 -57.07
C GLU E 348 -19.31 -31.00 -56.68
N ASN E 349 -19.52 -31.20 -55.39
CA ASN E 349 -20.17 -32.43 -54.90
C ASN E 349 -21.60 -32.18 -54.43
N MET E 350 -22.57 -32.53 -55.28
CA MET E 350 -23.96 -32.13 -55.04
C MET E 350 -24.96 -33.28 -55.01
N VAL E 351 -26.17 -32.99 -54.54
CA VAL E 351 -27.27 -33.93 -54.55
C VAL E 351 -28.15 -33.69 -55.76
N SER E 352 -28.29 -34.71 -56.59
CA SER E 352 -29.01 -34.58 -57.85
C SER E 352 -29.46 -35.95 -58.34
N LYS E 353 -30.31 -35.96 -59.35
CA LYS E 353 -30.69 -37.21 -59.99
C LYS E 353 -29.47 -37.83 -60.68
N ASN E 354 -28.47 -36.99 -60.94
CA ASN E 354 -27.30 -37.38 -61.71
C ASN E 354 -26.08 -37.72 -60.85
N SER E 355 -26.20 -37.51 -59.54
CA SER E 355 -25.07 -37.72 -58.63
C SER E 355 -24.70 -39.20 -58.52
N TYR E 356 -23.44 -39.46 -58.23
CA TYR E 356 -22.92 -40.80 -57.96
C TYR E 356 -23.53 -41.32 -56.65
N ARG E 357 -23.76 -42.60 -56.52
CA ARG E 357 -24.44 -43.15 -55.37
C ARG E 357 -23.50 -43.89 -54.43
N PRO E 358 -23.89 -43.96 -53.14
CA PRO E 358 -23.20 -44.87 -52.22
C PRO E 358 -23.33 -46.31 -52.72
N GLY E 359 -22.23 -47.03 -52.81
CA GLY E 359 -22.25 -48.41 -53.27
C GLY E 359 -21.80 -48.55 -54.72
N ASP E 360 -21.70 -47.43 -55.42
CA ASP E 360 -21.27 -47.43 -56.81
C ASP E 360 -19.83 -47.96 -56.95
N ILE E 361 -19.57 -48.62 -58.07
CA ILE E 361 -18.21 -49.04 -58.38
C ILE E 361 -17.71 -48.30 -59.61
N ILE E 362 -16.67 -47.50 -59.42
CA ILE E 362 -16.14 -46.65 -60.47
C ILE E 362 -14.69 -47.00 -60.81
N THR E 363 -14.26 -46.63 -62.01
CA THR E 363 -12.94 -46.99 -62.48
C THR E 363 -12.02 -45.78 -62.60
N ALA E 364 -10.89 -45.81 -61.90
CA ALA E 364 -9.90 -44.75 -61.98
C ALA E 364 -9.05 -44.89 -63.24
N SER E 365 -8.26 -43.86 -63.53
CA SER E 365 -7.50 -43.81 -64.77
C SER E 365 -6.39 -44.86 -64.86
N ASN E 366 -6.00 -45.42 -63.72
CA ASN E 366 -4.97 -46.47 -63.74
C ASN E 366 -5.57 -47.87 -63.81
N GLY E 367 -6.89 -47.94 -63.98
CA GLY E 367 -7.57 -49.21 -64.17
C GLY E 367 -8.12 -49.85 -62.91
N LYS E 368 -7.84 -49.25 -61.76
CA LYS E 368 -8.35 -49.77 -60.50
C LYS E 368 -9.83 -49.49 -60.33
N THR E 369 -10.60 -50.51 -59.98
CA THR E 369 -12.01 -50.35 -59.68
C THR E 369 -12.19 -50.01 -58.21
N ILE E 370 -13.07 -49.04 -57.94
CA ILE E 370 -13.25 -48.54 -56.59
C ILE E 370 -14.71 -48.63 -56.14
N GLU E 371 -14.96 -49.25 -54.99
CA GLU E 371 -16.30 -49.29 -54.44
C GLU E 371 -16.54 -48.11 -53.51
N VAL E 372 -17.38 -47.18 -53.95
CA VAL E 372 -17.73 -46.01 -53.14
C VAL E 372 -18.55 -46.43 -51.92
N GLY E 373 -18.04 -46.14 -50.73
CA GLY E 373 -18.74 -46.44 -49.50
C GLY E 373 -19.43 -45.22 -48.94
N ASN E 374 -18.88 -44.04 -49.24
CA ASN E 374 -19.42 -42.78 -48.76
C ASN E 374 -19.15 -41.68 -49.76
N THR E 375 -20.21 -41.03 -50.24
CA THR E 375 -20.07 -39.99 -51.26
C THR E 375 -19.44 -38.71 -50.69
N ASP E 376 -19.35 -38.61 -49.37
CA ASP E 376 -18.75 -37.44 -48.74
C ASP E 376 -17.24 -37.62 -48.58
N ALA E 377 -16.74 -38.81 -48.91
CA ALA E 377 -15.30 -39.02 -48.99
C ALA E 377 -14.85 -38.80 -50.43
N GLU E 378 -15.22 -37.65 -50.98
CA GLU E 378 -15.07 -37.39 -52.41
C GLU E 378 -13.69 -36.85 -52.76
N GLY E 379 -12.96 -36.36 -51.77
CA GLY E 379 -11.66 -35.76 -52.00
C GLY E 379 -10.63 -36.76 -52.47
N ARG E 380 -10.62 -37.94 -51.85
CA ARG E 380 -9.65 -38.98 -52.19
C ARG E 380 -9.92 -39.56 -53.58
N LEU E 381 -11.13 -39.37 -54.08
CA LEU E 381 -11.48 -39.87 -55.42
C LEU E 381 -10.93 -38.96 -56.51
N THR E 382 -11.05 -37.65 -56.32
CA THR E 382 -10.51 -36.71 -57.30
C THR E 382 -8.98 -36.70 -57.23
N LEU E 383 -8.45 -36.79 -56.02
CA LEU E 383 -7.01 -36.86 -55.82
C LEU E 383 -6.41 -38.10 -56.47
N ALA E 384 -7.16 -39.19 -56.47
CA ALA E 384 -6.71 -40.45 -57.05
C ALA E 384 -6.33 -40.28 -58.52
N ASP E 385 -7.22 -39.65 -59.29
CA ASP E 385 -6.98 -39.42 -60.71
C ASP E 385 -5.95 -38.32 -60.94
N ALA E 386 -5.85 -37.39 -60.00
CA ALA E 386 -4.87 -36.32 -60.11
C ALA E 386 -3.46 -36.84 -59.84
N LEU E 387 -3.35 -37.81 -58.93
CA LEU E 387 -2.07 -38.41 -58.60
C LEU E 387 -1.56 -39.27 -59.76
N VAL E 388 -2.48 -39.99 -60.41
CA VAL E 388 -2.13 -40.78 -61.58
C VAL E 388 -1.67 -39.86 -62.70
N TYR E 389 -2.40 -38.76 -62.89
CA TYR E 389 -2.04 -37.75 -63.87
C TYR E 389 -0.66 -37.18 -63.56
N ALA E 390 -0.41 -36.91 -62.29
CA ALA E 390 0.83 -36.30 -61.85
C ALA E 390 2.04 -37.20 -62.11
N GLU E 391 1.88 -38.50 -61.84
CA GLU E 391 2.98 -39.43 -62.01
C GLU E 391 3.34 -39.61 -63.48
N LYS E 392 2.34 -39.51 -64.36
CA LYS E 392 2.57 -39.59 -65.79
C LYS E 392 3.50 -38.49 -66.28
N LEU E 393 3.48 -37.35 -65.60
CA LEU E 393 4.31 -36.20 -65.97
C LEU E 393 5.79 -36.50 -65.80
N GLY E 394 6.12 -37.55 -65.07
CA GLY E 394 7.49 -37.93 -64.84
C GLY E 394 8.22 -36.91 -63.98
N VAL E 395 7.78 -36.78 -62.73
CA VAL E 395 8.38 -35.81 -61.81
C VAL E 395 9.17 -36.51 -60.72
N ASP E 396 9.96 -35.75 -59.98
CA ASP E 396 10.75 -36.27 -58.89
C ASP E 396 9.93 -36.36 -57.60
N TYR E 397 9.13 -35.33 -57.34
CA TYR E 397 8.28 -35.30 -56.17
C TYR E 397 6.82 -35.00 -56.51
N ILE E 398 5.91 -35.68 -55.83
CA ILE E 398 4.50 -35.32 -55.88
C ILE E 398 4.03 -34.92 -54.49
N VAL E 399 3.53 -33.69 -54.37
CA VAL E 399 3.03 -33.21 -53.09
C VAL E 399 1.58 -32.76 -53.22
N ASP E 400 0.67 -33.48 -52.57
CA ASP E 400 -0.73 -33.08 -52.59
C ASP E 400 -1.13 -32.44 -51.27
N ILE E 401 -1.95 -31.40 -51.36
CA ILE E 401 -2.47 -30.74 -50.18
C ILE E 401 -3.99 -30.68 -50.28
N ALA E 402 -4.68 -30.97 -49.18
CA ALA E 402 -6.12 -31.20 -49.24
C ALA E 402 -6.81 -31.06 -47.88
N THR E 403 -8.04 -30.57 -47.91
CA THR E 403 -8.93 -30.64 -46.75
C THR E 403 -9.67 -31.97 -46.79
N LEU E 404 -8.97 -33.04 -46.43
CA LEU E 404 -9.44 -34.39 -46.73
C LEU E 404 -10.33 -34.99 -45.64
N THR E 405 -9.80 -35.14 -44.43
CA THR E 405 -10.54 -35.84 -43.38
C THR E 405 -10.80 -34.97 -42.16
N GLY E 406 -12.02 -35.05 -41.63
CA GLY E 406 -12.41 -34.30 -40.45
C GLY E 406 -11.79 -34.85 -39.18
N ALA E 407 -11.18 -36.03 -39.29
CA ALA E 407 -10.51 -36.66 -38.15
C ALA E 407 -9.33 -35.84 -37.67
N MET E 408 -8.76 -35.04 -38.58
CA MET E 408 -7.59 -34.22 -38.27
C MET E 408 -7.86 -33.24 -37.12
N LEU E 409 -9.13 -32.88 -36.94
CA LEU E 409 -9.51 -32.02 -35.84
C LEU E 409 -9.31 -32.69 -34.49
N TYR E 410 -9.31 -34.02 -34.50
CA TYR E 410 -9.17 -34.79 -33.26
C TYR E 410 -7.72 -35.20 -33.00
N SER E 411 -6.92 -35.28 -34.06
CA SER E 411 -5.53 -35.68 -33.92
C SER E 411 -4.61 -34.50 -33.59
N LEU E 412 -4.59 -33.51 -34.48
CA LEU E 412 -3.66 -32.39 -34.33
C LEU E 412 -4.37 -31.06 -34.08
N GLY E 413 -5.68 -31.02 -34.29
CA GLY E 413 -6.46 -29.83 -34.03
C GLY E 413 -6.46 -28.81 -35.15
N THR E 414 -6.39 -27.54 -34.79
CA THR E 414 -6.54 -26.45 -35.76
C THR E 414 -5.25 -25.70 -36.07
N SER E 415 -4.16 -26.08 -35.42
CA SER E 415 -2.88 -25.40 -35.62
C SER E 415 -1.93 -26.17 -36.54
N TYR E 416 -1.79 -27.47 -36.28
CA TYR E 416 -0.84 -28.30 -37.02
C TYR E 416 -1.51 -29.14 -38.10
N ALA E 417 -1.00 -29.05 -39.32
CA ALA E 417 -1.45 -29.92 -40.39
C ALA E 417 -0.67 -31.24 -40.31
N GLY E 418 -1.28 -32.31 -40.80
CA GLY E 418 -0.61 -33.61 -40.80
C GLY E 418 -0.04 -33.92 -42.16
N VAL E 419 1.18 -34.48 -42.19
CA VAL E 419 1.77 -34.89 -43.44
C VAL E 419 2.01 -36.41 -43.46
N PHE E 420 1.57 -37.04 -44.54
CA PHE E 420 1.76 -38.46 -44.76
C PHE E 420 2.63 -38.63 -46.01
N GLY E 421 3.29 -39.77 -46.14
CA GLY E 421 4.14 -39.99 -47.30
C GLY E 421 4.72 -41.38 -47.46
N ASN E 422 5.33 -41.64 -48.61
CA ASN E 422 5.94 -42.93 -48.90
C ASN E 422 7.47 -42.83 -49.00
N ASN E 423 7.98 -41.63 -48.76
CA ASN E 423 9.42 -41.37 -48.89
C ASN E 423 9.90 -40.43 -47.78
N GLU E 424 10.78 -40.93 -46.93
CA GLU E 424 11.22 -40.19 -45.74
C GLU E 424 12.01 -38.94 -46.08
N GLU E 425 12.73 -38.96 -47.19
CA GLU E 425 13.50 -37.79 -47.62
C GLU E 425 12.57 -36.63 -47.98
N LEU E 426 11.53 -36.93 -48.74
CA LEU E 426 10.55 -35.93 -49.14
C LEU E 426 9.81 -35.37 -47.93
N ILE E 427 9.45 -36.25 -47.00
CA ILE E 427 8.77 -35.85 -45.77
C ILE E 427 9.61 -34.87 -44.97
N ASN E 428 10.90 -35.18 -44.82
CA ASN E 428 11.82 -34.33 -44.06
C ASN E 428 12.01 -32.97 -44.71
N LYS E 429 11.96 -32.93 -46.04
CA LYS E 429 12.04 -31.67 -46.77
C LYS E 429 10.86 -30.78 -46.43
N ILE E 430 9.66 -31.36 -46.42
CA ILE E 430 8.44 -30.63 -46.09
C ILE E 430 8.48 -30.16 -44.64
N LEU E 431 9.00 -31.00 -43.76
CA LEU E 431 9.14 -30.63 -42.35
C LEU E 431 10.09 -29.43 -42.20
N GLN E 432 11.16 -29.43 -42.99
CA GLN E 432 12.09 -28.31 -43.02
C GLN E 432 11.39 -27.07 -43.56
N SER E 433 10.59 -27.25 -44.59
CA SER E 433 9.83 -26.16 -45.20
C SER E 433 8.84 -25.59 -44.20
N SER E 434 8.26 -26.47 -43.38
CA SER E 434 7.35 -26.06 -42.32
C SER E 434 8.05 -25.14 -41.33
N LYS E 435 9.31 -25.48 -41.00
CA LYS E 435 10.09 -24.72 -40.04
C LYS E 435 10.43 -23.31 -40.53
N THR E 436 10.84 -23.21 -41.80
CA THR E 436 11.29 -21.93 -42.34
C THR E 436 10.14 -21.05 -42.79
N SER E 437 8.96 -21.63 -42.96
CA SER E 437 7.78 -20.87 -43.37
C SER E 437 6.86 -20.57 -42.19
N ASN E 438 7.13 -21.25 -41.08
CA ASN E 438 6.34 -21.13 -39.85
C ASN E 438 4.87 -21.47 -40.04
N GLU E 439 4.59 -22.39 -40.96
CA GLU E 439 3.28 -23.03 -41.04
C GLU E 439 3.42 -24.45 -40.51
N PRO E 440 3.05 -24.66 -39.24
CA PRO E 440 3.33 -25.89 -38.50
C PRO E 440 2.73 -27.14 -39.14
N VAL E 441 3.53 -28.20 -39.20
CA VAL E 441 3.14 -29.47 -39.80
C VAL E 441 3.73 -30.62 -38.98
N TRP E 442 2.97 -31.68 -38.80
CA TRP E 442 3.46 -32.83 -38.05
C TRP E 442 3.41 -34.12 -38.88
N TRP E 443 4.47 -34.93 -38.76
CA TRP E 443 4.56 -36.18 -39.48
C TRP E 443 3.67 -37.25 -38.84
N LEU E 444 2.75 -37.80 -39.65
CA LEU E 444 1.86 -38.85 -39.19
C LEU E 444 2.09 -40.13 -39.99
N PRO E 445 1.94 -41.30 -39.35
CA PRO E 445 2.30 -42.56 -39.99
C PRO E 445 1.25 -43.08 -40.97
N ILE E 446 1.70 -43.79 -42.00
CA ILE E 446 0.80 -44.55 -42.84
C ILE E 446 0.91 -46.01 -42.42
N ILE E 447 0.04 -46.42 -41.51
CA ILE E 447 0.11 -47.74 -40.91
C ILE E 447 -0.43 -48.83 -41.84
N ASN E 448 0.47 -49.66 -42.35
CA ASN E 448 0.13 -50.69 -43.32
C ASN E 448 -0.84 -51.75 -42.79
N GLU E 449 -0.91 -51.88 -41.47
CA GLU E 449 -1.76 -52.89 -40.85
C GLU E 449 -3.25 -52.62 -41.11
N TYR E 450 -3.57 -51.39 -41.49
CA TYR E 450 -4.96 -51.01 -41.71
C TYR E 450 -5.37 -51.20 -43.17
N ARG E 451 -4.38 -51.35 -44.06
CA ARG E 451 -4.62 -51.45 -45.50
C ARG E 451 -5.65 -52.52 -45.89
N ALA E 452 -5.73 -53.58 -45.11
CA ALA E 452 -6.62 -54.69 -45.41
C ALA E 452 -8.10 -54.31 -45.34
N THR E 453 -8.41 -53.18 -44.72
CA THR E 453 -9.79 -52.74 -44.59
C THR E 453 -10.27 -52.06 -45.87
N LEU E 454 -9.36 -51.88 -46.82
CA LEU E 454 -9.72 -51.31 -48.11
C LEU E 454 -9.95 -52.41 -49.13
N ASN E 455 -9.71 -53.66 -48.73
CA ASN E 455 -10.00 -54.81 -49.58
C ASN E 455 -11.48 -54.93 -49.88
N SER E 456 -11.87 -54.56 -51.10
CA SER E 456 -13.26 -54.62 -51.50
C SER E 456 -13.68 -56.04 -51.83
N LYS E 457 -14.94 -56.35 -51.60
CA LYS E 457 -15.48 -57.67 -51.90
C LYS E 457 -15.65 -57.85 -53.41
N TYR E 458 -15.93 -56.76 -54.11
CA TYR E 458 -16.22 -56.81 -55.54
C TYR E 458 -15.27 -55.97 -56.38
N ALA E 459 -14.90 -54.80 -55.88
CA ALA E 459 -13.98 -53.92 -56.59
C ALA E 459 -12.53 -54.25 -56.25
N ASP E 460 -11.59 -53.57 -56.89
CA ASP E 460 -10.18 -53.75 -56.58
C ASP E 460 -9.87 -53.20 -55.20
N ILE E 461 -10.57 -52.14 -54.82
CA ILE E 461 -10.30 -51.49 -53.54
C ILE E 461 -11.50 -50.68 -53.06
N ASN E 462 -11.67 -50.61 -51.74
CA ASN E 462 -12.68 -49.77 -51.14
C ASN E 462 -12.23 -48.32 -51.09
N GLN E 463 -13.18 -47.40 -51.23
CA GLN E 463 -12.90 -45.98 -51.07
C GLN E 463 -12.65 -45.68 -49.60
N ILE E 464 -13.52 -46.21 -48.74
CA ILE E 464 -13.41 -45.99 -47.30
C ILE E 464 -13.31 -47.31 -46.56
N SER E 465 -12.89 -47.22 -45.30
CA SER E 465 -12.96 -48.36 -44.40
C SER E 465 -14.32 -48.37 -43.71
N SER E 466 -14.90 -49.55 -43.55
CA SER E 466 -16.19 -49.65 -42.87
C SER E 466 -16.04 -49.35 -41.38
N SER E 467 -14.89 -49.75 -40.81
CA SER E 467 -14.60 -49.49 -39.41
C SER E 467 -13.34 -48.63 -39.25
N VAL E 468 -12.49 -49.02 -38.29
CA VAL E 468 -11.15 -48.45 -38.08
C VAL E 468 -11.11 -47.05 -37.46
N LYS E 469 -11.85 -46.11 -38.06
CA LYS E 469 -12.00 -44.73 -37.57
C LYS E 469 -10.75 -43.86 -37.75
N ALA E 470 -9.59 -44.47 -37.96
CA ALA E 470 -8.38 -43.70 -38.26
C ALA E 470 -8.42 -43.21 -39.70
N SER E 471 -9.31 -42.25 -39.96
CA SER E 471 -9.66 -41.84 -41.32
C SER E 471 -8.52 -41.15 -42.08
N SER E 472 -7.72 -40.35 -41.38
CA SER E 472 -6.61 -39.65 -42.01
C SER E 472 -5.59 -40.65 -42.56
N ILE E 473 -5.40 -41.73 -41.81
CA ILE E 473 -4.46 -42.78 -42.19
C ILE E 473 -5.02 -43.65 -43.31
N VAL E 474 -6.29 -44.04 -43.17
CA VAL E 474 -6.96 -44.86 -44.18
C VAL E 474 -6.99 -44.14 -45.53
N ALA E 475 -7.33 -42.85 -45.51
CA ALA E 475 -7.34 -42.03 -46.72
C ALA E 475 -5.96 -42.00 -47.36
N SER E 476 -4.92 -41.88 -46.54
CA SER E 476 -3.55 -41.90 -47.02
C SER E 476 -3.21 -43.25 -47.64
N LEU E 477 -3.73 -44.32 -47.03
CA LEU E 477 -3.55 -45.66 -47.56
C LEU E 477 -4.20 -45.80 -48.93
N PHE E 478 -5.35 -45.15 -49.10
CA PHE E 478 -6.05 -45.14 -50.38
C PHE E 478 -5.22 -44.39 -51.42
N LEU E 479 -4.79 -43.19 -51.07
CA LEU E 479 -4.02 -42.34 -51.97
C LEU E 479 -2.71 -42.98 -52.39
N LYS E 480 -2.12 -43.75 -51.47
CA LYS E 480 -0.84 -44.42 -51.73
C LYS E 480 -0.94 -45.41 -52.88
N GLU E 481 -2.12 -46.02 -53.02
CA GLU E 481 -2.36 -47.02 -54.06
C GLU E 481 -2.35 -46.42 -55.46
N PHE E 482 -2.33 -45.09 -55.55
CA PHE E 482 -2.40 -44.41 -56.85
C PHE E 482 -1.09 -43.72 -57.22
N VAL E 483 -0.04 -44.02 -56.46
CA VAL E 483 1.31 -43.55 -56.78
C VAL E 483 2.25 -44.75 -56.83
N GLN E 484 2.66 -45.14 -58.02
CA GLN E 484 3.41 -46.38 -58.20
C GLN E 484 4.89 -46.27 -57.87
N ASN E 485 5.57 -45.29 -58.48
CA ASN E 485 7.03 -45.25 -58.38
C ASN E 485 7.59 -43.83 -58.24
N THR E 486 6.98 -43.02 -57.39
CA THR E 486 7.43 -41.65 -57.20
C THR E 486 7.35 -41.26 -55.72
N ALA E 487 8.35 -40.51 -55.25
CA ALA E 487 8.32 -39.95 -53.92
C ALA E 487 7.11 -39.05 -53.77
N TRP E 488 6.19 -39.44 -52.89
CA TRP E 488 4.93 -38.73 -52.73
C TRP E 488 4.66 -38.38 -51.27
N ALA E 489 4.07 -37.20 -51.06
CA ALA E 489 3.67 -36.79 -49.72
C ALA E 489 2.30 -36.12 -49.75
N HIS E 490 1.57 -36.25 -48.65
CA HIS E 490 0.19 -35.79 -48.58
C HIS E 490 -0.04 -34.95 -47.31
N ILE E 491 -0.44 -33.70 -47.52
CA ILE E 491 -0.67 -32.78 -46.40
C ILE E 491 -2.16 -32.56 -46.20
N ASP E 492 -2.69 -33.05 -45.08
CA ASP E 492 -4.10 -32.90 -44.76
C ASP E 492 -4.34 -31.64 -43.94
N ILE E 493 -5.03 -30.67 -44.53
CA ILE E 493 -5.21 -29.37 -43.91
C ILE E 493 -6.66 -29.09 -43.51
N ALA E 494 -7.45 -30.14 -43.35
CA ALA E 494 -8.87 -29.99 -43.06
C ALA E 494 -9.09 -29.30 -41.71
N GLY E 495 -8.15 -29.47 -40.79
CA GLY E 495 -8.27 -28.90 -39.46
C GLY E 495 -7.71 -27.50 -39.33
N VAL E 496 -6.78 -27.13 -40.19
CA VAL E 496 -6.05 -25.87 -40.04
C VAL E 496 -6.37 -24.84 -41.12
N SER E 497 -7.26 -25.17 -42.03
CA SER E 497 -7.52 -24.30 -43.17
C SER E 497 -8.32 -23.06 -42.79
N TRP E 498 -9.31 -23.23 -41.92
CA TRP E 498 -10.23 -22.15 -41.58
C TRP E 498 -9.96 -21.57 -40.20
N ASN E 499 -9.98 -20.24 -40.10
CA ASN E 499 -9.81 -19.54 -38.84
C ASN E 499 -11.18 -19.23 -38.23
N PHE E 500 -11.62 -20.07 -37.30
CA PHE E 500 -12.98 -19.97 -36.77
C PHE E 500 -13.20 -18.76 -35.87
N LYS E 501 -12.19 -18.39 -35.10
CA LYS E 501 -12.30 -17.25 -34.21
C LYS E 501 -12.40 -15.96 -35.01
N ALA E 502 -11.69 -15.90 -36.13
CA ALA E 502 -11.68 -14.71 -36.97
C ALA E 502 -12.63 -14.82 -38.16
N ARG E 503 -13.27 -15.99 -38.30
CA ARG E 503 -14.27 -16.23 -39.33
C ARG E 503 -13.76 -15.93 -40.74
N LYS E 504 -12.63 -16.52 -41.11
CA LYS E 504 -12.00 -16.24 -42.38
C LYS E 504 -10.94 -17.30 -42.70
N PRO E 505 -10.52 -17.40 -43.97
CA PRO E 505 -9.50 -18.40 -44.28
C PRO E 505 -8.13 -18.05 -43.69
N LYS E 506 -7.26 -19.03 -43.55
CA LYS E 506 -5.87 -18.78 -43.16
C LYS E 506 -4.99 -18.67 -44.39
N GLY E 507 -5.44 -19.29 -45.48
CA GLY E 507 -4.62 -19.39 -46.68
C GLY E 507 -3.45 -20.31 -46.40
N PHE E 508 -3.68 -21.28 -45.53
CA PHE E 508 -2.64 -22.20 -45.08
C PHE E 508 -2.02 -23.00 -46.23
N GLY E 509 -0.70 -23.14 -46.18
CA GLY E 509 -0.01 -24.01 -47.12
C GLY E 509 0.75 -23.30 -48.23
N VAL E 510 0.37 -22.08 -48.54
CA VAL E 510 1.01 -21.31 -49.61
C VAL E 510 2.50 -21.13 -49.34
N ARG E 511 2.83 -20.45 -48.25
CA ARG E 511 4.21 -20.20 -47.87
C ARG E 511 4.95 -21.52 -47.63
N LEU E 512 4.24 -22.50 -47.09
CA LEU E 512 4.79 -23.84 -46.89
C LEU E 512 5.27 -24.45 -48.19
N LEU E 513 4.36 -24.58 -49.16
CA LEU E 513 4.69 -25.15 -50.46
C LEU E 513 5.78 -24.35 -51.17
N THR E 514 5.70 -23.03 -51.04
CA THR E 514 6.65 -22.13 -51.71
C THR E 514 8.07 -22.33 -51.19
N GLU E 515 8.21 -22.43 -49.87
CA GLU E 515 9.51 -22.65 -49.25
C GLU E 515 10.08 -24.02 -49.65
N PHE E 516 9.20 -24.98 -49.91
CA PHE E 516 9.63 -26.29 -50.36
C PHE E 516 10.23 -26.22 -51.75
N VAL E 517 9.71 -25.32 -52.58
CA VAL E 517 10.14 -25.19 -53.96
C VAL E 517 11.39 -24.31 -54.07
N LEU E 518 11.39 -23.20 -53.33
CA LEU E 518 12.51 -22.27 -53.37
C LEU E 518 13.79 -22.88 -52.81
N ASN E 519 13.63 -23.71 -51.77
CA ASN E 519 14.77 -24.32 -51.11
C ASN E 519 14.82 -25.83 -51.29
N SER F 3 -34.67 -48.73 -74.38
CA SER F 3 -33.86 -49.81 -73.83
C SER F 3 -32.39 -49.40 -73.69
N GLU F 4 -32.05 -48.26 -74.27
CA GLU F 4 -30.72 -47.68 -74.10
C GLU F 4 -30.65 -46.95 -72.77
N VAL F 5 -29.59 -47.15 -72.01
CA VAL F 5 -29.51 -46.51 -70.70
C VAL F 5 -28.94 -45.11 -70.87
N PRO F 6 -29.47 -44.16 -70.10
CA PRO F 6 -28.95 -42.79 -70.13
C PRO F 6 -27.59 -42.70 -69.41
N GLN F 7 -26.73 -41.82 -69.89
CA GLN F 7 -25.41 -41.62 -69.29
C GLN F 7 -25.21 -40.17 -68.89
N VAL F 8 -24.65 -39.96 -67.69
CA VAL F 8 -24.21 -38.62 -67.30
C VAL F 8 -22.89 -38.34 -68.01
N VAL F 9 -21.94 -39.25 -67.85
CA VAL F 9 -20.67 -39.17 -68.56
C VAL F 9 -20.48 -40.42 -69.42
N SER F 10 -19.52 -40.36 -70.33
CA SER F 10 -19.27 -41.46 -71.26
C SER F 10 -18.71 -42.68 -70.56
N LEU F 11 -18.24 -42.50 -69.33
CA LEU F 11 -17.65 -43.59 -68.57
C LEU F 11 -18.70 -44.35 -67.77
N ASP F 12 -19.94 -43.83 -67.76
CA ASP F 12 -21.04 -44.52 -67.11
C ASP F 12 -21.35 -45.83 -67.82
N PRO F 13 -21.42 -46.93 -67.06
CA PRO F 13 -21.72 -48.25 -67.62
C PRO F 13 -23.11 -48.32 -68.23
N THR F 14 -23.27 -49.11 -69.29
CA THR F 14 -24.55 -49.17 -69.98
C THR F 14 -25.24 -50.53 -69.84
N SER F 15 -24.66 -51.43 -69.06
CA SER F 15 -25.26 -52.74 -68.85
C SER F 15 -24.66 -53.46 -67.65
N ILE F 16 -25.43 -54.39 -67.10
CA ILE F 16 -24.96 -55.25 -66.02
C ILE F 16 -24.19 -56.43 -66.57
N PRO F 17 -22.89 -56.53 -66.21
CA PRO F 17 -22.14 -57.73 -66.59
C PRO F 17 -22.75 -58.97 -65.93
N ILE F 18 -22.99 -60.02 -66.72
CA ILE F 18 -23.60 -61.23 -66.19
C ILE F 18 -22.81 -62.45 -66.58
N GLU F 19 -22.38 -63.23 -65.58
CA GLU F 19 -21.69 -64.48 -65.83
C GLU F 19 -22.69 -65.62 -65.90
N TYR F 20 -22.87 -66.19 -67.09
CA TYR F 20 -23.81 -67.28 -67.29
C TYR F 20 -23.14 -68.64 -67.14
N ASN F 21 -22.00 -68.79 -67.78
CA ASN F 21 -21.24 -70.05 -67.69
C ASN F 21 -20.19 -69.99 -66.59
N THR F 22 -20.54 -70.52 -65.42
CA THR F 22 -19.66 -70.52 -64.27
C THR F 22 -18.80 -71.78 -64.24
N PRO F 23 -17.65 -71.71 -63.56
CA PRO F 23 -16.81 -72.89 -63.32
C PRO F 23 -17.59 -74.03 -62.66
N ILE F 24 -18.63 -73.68 -61.90
CA ILE F 24 -19.48 -74.66 -61.23
C ILE F 24 -20.14 -75.59 -62.25
N HIS F 25 -20.50 -75.05 -63.41
CA HIS F 25 -21.16 -75.81 -64.45
C HIS F 25 -20.24 -76.83 -65.11
N ASP F 26 -18.93 -76.65 -64.94
CA ASP F 26 -17.95 -77.54 -65.55
C ASP F 26 -17.70 -78.77 -64.67
N ILE F 27 -18.18 -78.71 -63.44
CA ILE F 27 -17.95 -79.78 -62.47
C ILE F 27 -18.80 -81.01 -62.74
N LYS F 28 -18.15 -82.15 -63.00
CA LYS F 28 -18.85 -83.42 -63.16
C LYS F 28 -19.09 -84.06 -61.80
N VAL F 29 -20.35 -84.39 -61.52
CA VAL F 29 -20.71 -84.92 -60.20
C VAL F 29 -21.06 -86.40 -60.25
N GLN F 30 -20.49 -87.17 -59.33
CA GLN F 30 -20.77 -88.59 -59.23
C GLN F 30 -21.22 -88.97 -57.82
N VAL F 31 -22.28 -89.77 -57.73
CA VAL F 31 -22.82 -90.19 -56.45
C VAL F 31 -22.69 -91.69 -56.24
N TYR F 32 -21.91 -92.10 -55.25
CA TYR F 32 -21.68 -93.52 -54.98
C TYR F 32 -22.26 -93.95 -53.63
N ASP F 33 -22.46 -95.25 -53.48
CA ASP F 33 -22.89 -95.82 -52.22
C ASP F 33 -21.69 -95.98 -51.29
N ILE F 34 -21.92 -95.82 -49.98
CA ILE F 34 -20.85 -95.93 -49.01
C ILE F 34 -20.62 -97.38 -48.60
N LYS F 35 -21.43 -98.28 -49.12
CA LYS F 35 -21.38 -99.68 -48.76
C LYS F 35 -20.11 -100.37 -49.27
N GLY F 36 -19.77 -100.14 -50.53
CA GLY F 36 -18.63 -100.79 -51.14
C GLY F 36 -17.30 -100.15 -50.85
N GLY F 37 -17.28 -99.25 -49.86
CA GLY F 37 -16.06 -98.56 -49.48
C GLY F 37 -15.79 -97.35 -50.36
N CYS F 38 -14.82 -96.53 -49.95
CA CYS F 38 -14.47 -95.32 -50.69
C CYS F 38 -13.11 -95.45 -51.34
N ASN F 39 -12.99 -94.96 -52.57
CA ASN F 39 -11.71 -94.92 -53.26
C ASN F 39 -11.05 -93.55 -53.14
N VAL F 40 -9.83 -93.53 -52.61
CA VAL F 40 -9.09 -92.28 -52.47
C VAL F 40 -7.91 -92.28 -53.45
N GLU F 41 -8.18 -91.87 -54.68
CA GLU F 41 -7.17 -91.89 -55.73
C GLU F 41 -6.55 -90.53 -55.97
N GLU F 42 -7.37 -89.48 -55.94
CA GLU F 42 -6.89 -88.13 -56.23
C GLU F 42 -7.63 -87.07 -55.44
N GLY F 43 -7.10 -85.85 -55.46
CA GLY F 43 -7.74 -84.70 -54.86
C GLY F 43 -8.02 -84.80 -53.37
N LEU F 44 -8.93 -83.94 -52.91
CA LEU F 44 -9.28 -83.87 -51.49
C LEU F 44 -10.47 -84.75 -51.15
N THR F 45 -10.35 -85.53 -50.09
CA THR F 45 -11.44 -86.38 -49.62
C THR F 45 -11.84 -85.99 -48.19
N ILE F 46 -13.09 -85.59 -48.02
CA ILE F 46 -13.56 -85.08 -46.73
C ILE F 46 -14.71 -85.93 -46.16
N PHE F 47 -14.58 -86.29 -44.89
CA PHE F 47 -15.61 -87.05 -44.19
C PHE F 47 -16.48 -86.17 -43.30
N LEU F 48 -17.78 -86.11 -43.61
CA LEU F 48 -18.72 -85.40 -42.77
C LEU F 48 -19.10 -86.27 -41.57
N VAL F 49 -18.55 -85.93 -40.40
CA VAL F 49 -18.72 -86.78 -39.22
C VAL F 49 -19.40 -86.06 -38.07
N ASN F 50 -20.08 -86.84 -37.22
CA ASN F 50 -20.65 -86.31 -35.99
C ASN F 50 -20.41 -87.24 -34.80
N ASN F 51 -20.87 -86.83 -33.63
CA ASN F 51 -20.73 -87.65 -32.43
C ASN F 51 -21.87 -87.41 -31.45
N PRO F 52 -22.97 -88.20 -31.55
CA PRO F 52 -24.04 -88.15 -30.57
C PRO F 52 -23.43 -88.78 -29.32
N GLY F 53 -23.68 -88.17 -28.17
CA GLY F 53 -23.07 -88.63 -26.92
C GLY F 53 -21.65 -88.10 -26.86
N LYS F 54 -21.51 -86.79 -27.03
CA LYS F 54 -20.13 -86.28 -27.14
C LYS F 54 -19.94 -84.90 -26.58
N GLU F 55 -20.76 -83.94 -27.00
CA GLU F 55 -20.49 -82.54 -26.63
C GLU F 55 -19.07 -82.23 -27.10
N ASN F 56 -18.88 -82.00 -28.41
CA ASN F 56 -17.54 -81.71 -28.98
C ASN F 56 -16.65 -82.94 -28.80
N GLY F 57 -17.22 -84.11 -29.05
CA GLY F 57 -16.48 -85.36 -28.88
C GLY F 57 -15.48 -85.63 -29.97
N PRO F 58 -14.79 -86.77 -29.92
CA PRO F 58 -13.72 -87.07 -30.87
C PRO F 58 -14.20 -87.57 -32.24
N VAL F 59 -13.31 -87.54 -33.21
CA VAL F 59 -13.68 -87.98 -34.54
C VAL F 59 -13.38 -89.46 -34.74
N LYS F 60 -14.35 -90.20 -35.27
CA LYS F 60 -14.16 -91.60 -35.58
C LYS F 60 -14.85 -91.94 -36.90
N ILE F 61 -14.06 -92.34 -37.89
CA ILE F 61 -14.59 -92.67 -39.21
C ILE F 61 -15.03 -94.12 -39.27
N SER F 62 -16.25 -94.35 -39.75
CA SER F 62 -16.84 -95.69 -39.80
C SER F 62 -16.66 -96.36 -41.16
N SER F 63 -16.75 -95.56 -42.22
CA SER F 63 -16.69 -96.09 -43.58
C SER F 63 -15.36 -96.76 -43.89
N LYS F 64 -15.42 -97.87 -44.64
CA LYS F 64 -14.22 -98.56 -45.08
C LYS F 64 -13.59 -97.83 -46.26
N VAL F 65 -12.27 -97.79 -46.29
CA VAL F 65 -11.54 -97.11 -47.36
C VAL F 65 -10.57 -98.05 -48.05
N ASN F 66 -10.67 -98.14 -49.37
CA ASN F 66 -9.88 -99.08 -50.15
C ASN F 66 -8.46 -98.60 -50.42
N ASP F 67 -7.78 -98.14 -49.37
CA ASP F 67 -6.40 -97.71 -49.48
C ASP F 67 -5.70 -97.83 -48.12
N LYS F 68 -4.74 -98.75 -48.04
CA LYS F 68 -4.08 -99.09 -46.79
C LYS F 68 -3.43 -97.88 -46.11
N GLN F 69 -2.83 -97.01 -46.91
CA GLN F 69 -2.17 -95.82 -46.38
C GLN F 69 -3.17 -94.90 -45.70
N VAL F 70 -4.19 -94.48 -46.44
CA VAL F 70 -5.22 -93.60 -45.90
C VAL F 70 -5.96 -94.25 -44.74
N SER F 71 -6.18 -95.56 -44.85
CA SER F 71 -6.83 -96.33 -43.78
C SER F 71 -6.09 -96.18 -42.47
N GLU F 72 -4.76 -96.31 -42.54
CA GLU F 72 -3.91 -96.16 -41.37
C GLU F 72 -4.01 -94.75 -40.80
N PHE F 73 -4.08 -93.76 -41.68
CA PHE F 73 -4.24 -92.37 -41.28
C PHE F 73 -5.57 -92.17 -40.56
N LEU F 74 -6.58 -92.92 -40.98
CA LEU F 74 -7.94 -92.73 -40.48
C LEU F 74 -8.29 -93.61 -39.29
N LYS F 75 -7.30 -94.27 -38.70
CA LYS F 75 -7.56 -95.16 -37.56
C LYS F 75 -7.98 -94.36 -36.33
N ASP F 76 -8.70 -95.02 -35.42
CA ASP F 76 -9.28 -94.36 -34.26
C ASP F 76 -8.25 -93.68 -33.36
N GLU F 77 -7.05 -94.27 -33.27
CA GLU F 77 -6.00 -93.75 -32.42
C GLU F 77 -5.56 -92.35 -32.85
N ASN F 78 -5.58 -92.11 -34.16
CA ASN F 78 -5.17 -90.82 -34.70
C ASN F 78 -6.30 -89.80 -34.70
N MET F 79 -7.47 -90.21 -35.16
CA MET F 79 -8.60 -89.30 -35.33
C MET F 79 -9.22 -88.86 -34.01
N GLU F 80 -8.93 -89.59 -32.94
CA GLU F 80 -9.43 -89.26 -31.62
C GLU F 80 -8.81 -87.96 -31.12
N LYS F 81 -7.68 -87.57 -31.72
CA LYS F 81 -7.02 -86.33 -31.38
C LYS F 81 -7.71 -85.14 -32.04
N PHE F 82 -8.73 -85.43 -32.84
CA PHE F 82 -9.54 -84.41 -33.49
C PHE F 82 -10.96 -84.45 -32.95
N ASN F 83 -11.56 -83.28 -32.72
CA ASN F 83 -12.92 -83.23 -32.19
C ASN F 83 -13.92 -82.82 -33.26
N VAL F 84 -15.21 -82.96 -32.93
CA VAL F 84 -16.25 -82.92 -33.94
C VAL F 84 -17.13 -81.66 -33.88
N LYS F 85 -16.64 -80.64 -33.17
CA LYS F 85 -17.34 -79.36 -33.07
C LYS F 85 -17.80 -78.85 -34.44
N LEU F 86 -18.99 -78.28 -34.49
CA LEU F 86 -19.62 -77.89 -35.75
C LEU F 86 -18.76 -76.90 -36.54
N GLY F 87 -18.34 -77.32 -37.73
CA GLY F 87 -17.57 -76.46 -38.60
C GLY F 87 -16.07 -76.60 -38.42
N THR F 88 -15.66 -77.36 -37.41
CA THR F 88 -14.24 -77.61 -37.18
C THR F 88 -13.73 -78.60 -38.22
N SER F 89 -12.54 -78.33 -38.77
CA SER F 89 -11.99 -79.21 -39.79
C SER F 89 -10.47 -79.34 -39.69
N LYS F 90 -9.97 -80.46 -40.19
CA LYS F 90 -8.54 -80.70 -40.36
C LYS F 90 -8.37 -81.47 -41.66
N HIS F 91 -7.32 -81.17 -42.41
CA HIS F 91 -7.01 -81.97 -43.59
C HIS F 91 -5.50 -82.07 -43.81
N PHE F 92 -5.04 -83.27 -44.14
CA PHE F 92 -3.62 -83.57 -44.28
C PHE F 92 -3.29 -84.01 -45.70
N TYR F 93 -2.06 -83.75 -46.12
CA TYR F 93 -1.56 -84.26 -47.40
C TYR F 93 -0.68 -85.48 -47.16
N MET F 94 -0.87 -86.50 -47.99
CA MET F 94 -0.14 -87.77 -47.81
C MET F 94 -0.12 -88.58 -49.11
N PHE F 95 0.73 -89.61 -49.14
CA PHE F 95 0.78 -90.52 -50.28
C PHE F 95 -0.08 -91.75 -50.01
N ASN F 96 -0.76 -92.22 -51.05
CA ASN F 96 -1.59 -93.42 -50.93
C ASN F 96 -0.83 -94.67 -51.36
N ASP F 97 -1.56 -95.77 -51.58
CA ASP F 97 -0.95 -97.04 -51.93
C ASP F 97 -0.17 -96.97 -53.25
N ASN F 98 -0.65 -96.16 -54.17
CA ASN F 98 -0.04 -96.07 -55.50
C ASN F 98 0.94 -94.92 -55.61
N LYS F 99 1.48 -94.50 -54.47
CA LYS F 99 2.48 -93.42 -54.41
C LYS F 99 1.97 -92.13 -55.06
N ASN F 100 0.69 -91.84 -54.87
CA ASN F 100 0.11 -90.61 -55.40
C ASN F 100 -0.28 -89.65 -54.27
N SER F 101 -0.23 -88.36 -54.57
CA SER F 101 -0.55 -87.34 -53.57
C SER F 101 -2.06 -87.17 -53.41
N VAL F 102 -2.53 -87.36 -52.18
CA VAL F 102 -3.94 -87.15 -51.87
C VAL F 102 -4.09 -86.33 -50.58
N ALA F 103 -5.20 -85.63 -50.46
CA ALA F 103 -5.51 -84.89 -49.24
C ALA F 103 -6.75 -85.48 -48.58
N VAL F 104 -6.63 -85.79 -47.29
CA VAL F 104 -7.73 -86.42 -46.56
C VAL F 104 -8.02 -85.65 -45.27
N GLY F 105 -9.30 -85.39 -45.03
CA GLY F 105 -9.70 -84.67 -43.84
C GLY F 105 -11.12 -84.94 -43.41
N TYR F 106 -11.65 -84.06 -42.56
CA TYR F 106 -13.00 -84.22 -42.02
C TYR F 106 -13.62 -82.85 -41.73
N VAL F 107 -14.93 -82.84 -41.59
CA VAL F 107 -15.63 -81.66 -41.07
C VAL F 107 -16.58 -82.09 -39.97
N GLY F 108 -16.44 -81.47 -38.79
CA GLY F 108 -17.28 -81.79 -37.66
C GLY F 108 -18.70 -81.30 -37.85
N CYS F 109 -19.67 -82.16 -37.56
CA CYS F 109 -21.08 -81.81 -37.71
C CYS F 109 -21.82 -81.83 -36.38
N GLY F 110 -21.09 -81.60 -35.29
CA GLY F 110 -21.70 -81.48 -33.98
C GLY F 110 -22.12 -82.81 -33.36
N SER F 111 -23.13 -82.75 -32.50
CA SER F 111 -23.56 -83.92 -31.75
C SER F 111 -25.02 -84.31 -32.01
N VAL F 112 -25.78 -83.41 -32.61
CA VAL F 112 -27.19 -83.69 -32.90
C VAL F 112 -27.34 -84.36 -34.25
N ALA F 113 -28.00 -85.52 -34.27
CA ALA F 113 -28.13 -86.32 -35.48
C ALA F 113 -28.97 -85.65 -36.56
N ASP F 114 -29.87 -84.76 -36.14
CA ASP F 114 -30.70 -84.03 -37.09
C ASP F 114 -30.09 -82.66 -37.38
N LEU F 115 -29.42 -82.55 -38.52
CA LEU F 115 -28.71 -81.33 -38.88
C LEU F 115 -29.65 -80.33 -39.57
N SER F 116 -29.63 -79.09 -39.10
CA SER F 116 -30.53 -78.06 -39.64
C SER F 116 -29.88 -77.26 -40.77
N GLU F 117 -30.68 -76.39 -41.38
CA GLU F 117 -30.23 -75.54 -42.46
C GLU F 117 -29.01 -74.69 -42.07
N ALA F 118 -29.07 -74.09 -40.89
CA ALA F 118 -27.98 -73.25 -40.40
C ALA F 118 -26.74 -74.09 -40.08
N ASP F 119 -26.97 -75.24 -39.46
CA ASP F 119 -25.88 -76.18 -39.15
C ASP F 119 -25.19 -76.64 -40.42
N MET F 120 -25.99 -77.06 -41.40
CA MET F 120 -25.48 -77.55 -42.68
C MET F 120 -24.68 -76.46 -43.39
N LYS F 121 -25.11 -75.20 -43.21
CA LYS F 121 -24.45 -74.07 -43.83
C LYS F 121 -23.05 -73.85 -43.26
N ARG F 122 -22.90 -74.12 -41.96
CA ARG F 122 -21.60 -73.95 -41.31
C ARG F 122 -20.64 -75.06 -41.72
N VAL F 123 -21.18 -76.23 -42.02
CA VAL F 123 -20.38 -77.35 -42.50
C VAL F 123 -19.83 -77.04 -43.89
N VAL F 124 -20.68 -76.46 -44.73
CA VAL F 124 -20.32 -76.13 -46.11
C VAL F 124 -19.26 -75.03 -46.19
N LEU F 125 -19.41 -73.99 -45.38
CA LEU F 125 -18.46 -72.89 -45.35
C LEU F 125 -17.06 -73.38 -44.97
N SER F 126 -17.00 -74.31 -44.02
CA SER F 126 -15.74 -74.91 -43.60
C SER F 126 -15.15 -75.74 -44.74
N LEU F 127 -16.03 -76.33 -45.53
CA LEU F 127 -15.63 -77.12 -46.69
C LEU F 127 -15.07 -76.20 -47.79
N VAL F 128 -15.74 -75.07 -47.99
CA VAL F 128 -15.34 -74.10 -49.01
C VAL F 128 -14.00 -73.45 -48.64
N THR F 129 -13.79 -73.20 -47.36
CA THR F 129 -12.52 -72.65 -46.87
C THR F 129 -11.35 -73.53 -47.32
N MET F 130 -11.53 -74.84 -47.20
CA MET F 130 -10.50 -75.78 -47.63
C MET F 130 -10.35 -75.76 -49.15
N LEU F 131 -11.45 -75.49 -49.85
CA LEU F 131 -11.43 -75.45 -51.32
C LEU F 131 -10.72 -74.22 -51.85
N HIS F 132 -10.95 -73.07 -51.20
CA HIS F 132 -10.35 -71.82 -51.63
C HIS F 132 -8.85 -71.81 -51.31
N ASP F 133 -8.43 -72.76 -50.47
CA ASP F 133 -7.03 -72.82 -50.01
C ASP F 133 -6.22 -73.92 -50.68
N ASN F 134 -6.84 -74.67 -51.57
CA ASN F 134 -6.20 -75.86 -52.11
C ASN F 134 -6.37 -75.99 -53.62
N LYS F 135 -5.25 -76.11 -54.32
CA LYS F 135 -5.27 -76.37 -55.76
C LYS F 135 -5.64 -77.82 -55.99
N LEU F 136 -6.89 -78.05 -56.38
CA LEU F 136 -7.42 -79.40 -56.51
C LEU F 136 -8.12 -79.62 -57.84
N SER F 137 -8.00 -80.85 -58.35
CA SER F 137 -8.73 -81.26 -59.53
C SER F 137 -10.04 -81.91 -59.13
N LYS F 138 -10.05 -82.49 -57.93
CA LYS F 138 -11.19 -83.27 -57.48
C LYS F 138 -11.48 -83.07 -55.99
N LEU F 139 -12.77 -83.02 -55.67
CA LEU F 139 -13.21 -83.05 -54.28
C LEU F 139 -14.22 -84.17 -54.09
N THR F 140 -13.97 -85.03 -53.10
CA THR F 140 -14.92 -86.09 -52.79
C THR F 140 -15.42 -85.94 -51.36
N VAL F 141 -16.74 -86.04 -51.20
CA VAL F 141 -17.36 -85.88 -49.89
C VAL F 141 -18.02 -87.17 -49.43
N VAL F 142 -17.64 -87.62 -48.24
CA VAL F 142 -18.19 -88.86 -47.68
C VAL F 142 -19.18 -88.56 -46.55
N PHE F 143 -20.46 -88.83 -46.80
CA PHE F 143 -21.51 -88.58 -45.82
C PHE F 143 -21.57 -89.66 -44.75
N GLU F 144 -21.07 -89.34 -43.56
CA GLU F 144 -21.20 -90.23 -42.41
C GLU F 144 -22.24 -89.67 -41.46
N ILE F 145 -23.14 -88.86 -42.02
CA ILE F 145 -24.27 -88.31 -41.29
C ILE F 145 -25.54 -88.63 -42.05
N ASN F 146 -26.68 -88.61 -41.36
CA ASN F 146 -27.95 -88.90 -42.02
C ASN F 146 -28.69 -87.63 -42.44
N VAL F 147 -28.77 -87.41 -43.75
CA VAL F 147 -29.51 -86.30 -44.31
C VAL F 147 -30.54 -86.81 -45.33
N ASP F 148 -31.62 -86.07 -45.49
CA ASP F 148 -32.66 -86.47 -46.44
C ASP F 148 -32.49 -85.78 -47.79
N LYS F 149 -33.34 -86.14 -48.75
CA LYS F 149 -33.20 -85.69 -50.14
C LYS F 149 -33.12 -84.17 -50.28
N ASN F 150 -34.00 -83.46 -49.59
CA ASN F 150 -34.03 -82.00 -49.68
C ASN F 150 -32.75 -81.37 -49.11
N LEU F 151 -32.34 -81.82 -47.94
CA LEU F 151 -31.17 -81.25 -47.28
C LEU F 151 -29.89 -81.60 -48.02
N PHE F 152 -29.88 -82.76 -48.68
CA PHE F 152 -28.74 -83.14 -49.50
C PHE F 152 -28.62 -82.21 -50.70
N ARG F 153 -29.76 -81.85 -51.28
CA ARG F 153 -29.77 -80.90 -52.38
C ARG F 153 -29.34 -79.53 -51.87
N PHE F 154 -29.82 -79.18 -50.68
CA PHE F 154 -29.43 -77.94 -50.02
C PHE F 154 -27.92 -77.87 -49.84
N PHE F 155 -27.33 -79.00 -49.47
CA PHE F 155 -25.88 -79.10 -49.31
C PHE F 155 -25.17 -78.75 -50.61
N LEU F 156 -25.64 -79.32 -51.71
CA LEU F 156 -25.02 -79.10 -53.02
C LEU F 156 -25.21 -77.66 -53.49
N GLU F 157 -26.44 -77.15 -53.39
CA GLU F 157 -26.74 -75.77 -53.75
C GLU F 157 -25.82 -74.78 -53.04
N THR F 158 -25.73 -74.95 -51.72
CA THR F 158 -24.93 -74.06 -50.88
C THR F 158 -23.44 -74.20 -51.19
N LEU F 159 -23.00 -75.45 -51.38
CA LEU F 159 -21.61 -75.72 -51.71
C LEU F 159 -21.23 -75.02 -53.00
N PHE F 160 -22.04 -75.21 -54.04
CA PHE F 160 -21.82 -74.57 -55.33
C PHE F 160 -21.79 -73.05 -55.18
N TYR F 161 -22.81 -72.51 -54.52
CA TYR F 161 -22.97 -71.07 -54.38
C TYR F 161 -21.83 -70.41 -53.60
N GLU F 162 -21.44 -71.04 -52.49
CA GLU F 162 -20.40 -70.47 -51.63
C GLU F 162 -19.00 -70.71 -52.19
N TYR F 163 -18.89 -71.65 -53.12
CA TYR F 163 -17.62 -71.94 -53.79
C TYR F 163 -17.35 -70.88 -54.86
N MET F 164 -18.39 -70.52 -55.58
CA MET F 164 -18.30 -69.52 -56.64
C MET F 164 -18.01 -68.14 -56.08
N THR F 165 -17.11 -67.40 -56.75
CA THR F 165 -16.81 -66.03 -56.34
C THR F 165 -16.95 -65.05 -57.51
N ASP F 166 -17.65 -63.94 -57.24
CA ASP F 166 -17.95 -62.93 -58.25
C ASP F 166 -16.74 -62.04 -58.54
N GLU F 167 -16.15 -62.20 -59.71
CA GLU F 167 -14.99 -61.41 -60.11
C GLU F 167 -15.31 -60.38 -61.19
N ARG F 168 -16.59 -60.09 -61.39
CA ARG F 168 -17.04 -59.24 -62.48
C ARG F 168 -16.47 -57.82 -62.45
N PHE F 169 -16.37 -57.24 -61.25
CA PHE F 169 -15.92 -55.86 -61.12
C PHE F 169 -14.47 -55.78 -60.67
N LYS F 170 -13.77 -56.92 -60.70
CA LYS F 170 -12.34 -56.96 -60.42
C LYS F 170 -11.56 -56.58 -61.67
N SER F 171 -10.52 -55.78 -61.50
CA SER F 171 -9.73 -55.31 -62.63
C SER F 171 -8.23 -55.43 -62.38
N THR F 172 -7.65 -54.42 -61.77
CA THR F 172 -6.21 -54.41 -61.49
C THR F 172 -5.92 -54.15 -60.02
N GLU F 179 -8.54 -73.40 -62.06
CA GLU F 179 -8.41 -73.05 -60.65
C GLU F 179 -9.48 -73.73 -59.80
N TYR F 180 -10.64 -73.97 -60.40
CA TYR F 180 -11.72 -74.69 -59.73
C TYR F 180 -11.60 -76.19 -59.95
N ILE F 181 -12.17 -76.97 -59.05
CA ILE F 181 -12.21 -78.42 -59.22
C ILE F 181 -13.04 -78.77 -60.44
N LYS F 182 -12.72 -79.89 -61.08
CA LYS F 182 -13.42 -80.30 -62.29
C LYS F 182 -14.29 -81.52 -62.04
N HIS F 183 -14.16 -82.11 -60.85
CA HIS F 183 -14.92 -83.29 -60.49
C HIS F 183 -15.39 -83.27 -59.04
N LEU F 184 -16.57 -83.80 -58.79
CA LEU F 184 -17.12 -83.91 -57.44
C LEU F 184 -17.62 -85.32 -57.17
N GLY F 185 -17.09 -85.95 -56.13
CA GLY F 185 -17.51 -87.29 -55.76
C GLY F 185 -18.27 -87.29 -54.45
N VAL F 186 -19.38 -88.02 -54.41
CA VAL F 186 -20.18 -88.10 -53.20
C VAL F 186 -20.45 -89.54 -52.81
N TYR F 187 -20.14 -89.87 -51.55
CA TYR F 187 -20.44 -91.19 -51.00
C TYR F 187 -21.52 -91.07 -49.94
N ILE F 188 -22.66 -91.70 -50.20
CA ILE F 188 -23.81 -91.61 -49.32
C ILE F 188 -24.62 -92.90 -49.35
N ASN F 189 -25.28 -93.21 -48.23
CA ASN F 189 -26.15 -94.38 -48.17
C ASN F 189 -27.36 -94.20 -49.07
N ASN F 190 -27.79 -95.28 -49.72
CA ASN F 190 -28.88 -95.25 -50.67
C ASN F 190 -28.63 -94.21 -51.76
N ALA F 191 -27.48 -94.33 -52.42
CA ALA F 191 -27.01 -93.33 -53.37
C ALA F 191 -28.00 -93.07 -54.51
N ASP F 192 -28.70 -94.12 -54.93
CA ASP F 192 -29.65 -94.01 -56.03
C ASP F 192 -30.79 -93.04 -55.71
N THR F 193 -31.10 -92.91 -54.42
CA THR F 193 -32.17 -92.04 -53.95
C THR F 193 -31.81 -90.56 -54.16
N TYR F 194 -30.54 -90.24 -54.07
CA TYR F 194 -30.08 -88.85 -54.08
C TYR F 194 -29.65 -88.31 -55.44
N LYS F 195 -29.44 -89.20 -56.40
CA LYS F 195 -28.87 -88.81 -57.70
C LYS F 195 -29.72 -87.79 -58.46
N GLU F 196 -31.02 -87.78 -58.21
CA GLU F 196 -31.92 -86.86 -58.90
C GLU F 196 -31.79 -85.44 -58.37
N GLU F 197 -31.26 -85.31 -57.15
CA GLU F 197 -31.13 -84.01 -56.51
C GLU F 197 -29.93 -83.22 -57.07
N VAL F 198 -29.06 -83.92 -57.78
CA VAL F 198 -27.80 -83.33 -58.26
C VAL F 198 -28.01 -82.21 -59.27
N GLU F 199 -28.72 -82.50 -60.35
CA GLU F 199 -28.92 -81.50 -61.40
C GLU F 199 -29.87 -80.40 -60.96
N LYS F 200 -30.81 -80.75 -60.09
CA LYS F 200 -31.74 -79.76 -59.54
C LYS F 200 -31.00 -78.78 -58.65
N ALA F 201 -29.97 -79.27 -57.97
CA ALA F 201 -29.14 -78.43 -57.12
C ALA F 201 -28.33 -77.45 -57.97
N ARG F 202 -27.91 -77.91 -59.14
CA ARG F 202 -27.15 -77.06 -60.05
C ARG F 202 -28.02 -75.94 -60.59
N VAL F 203 -29.27 -76.27 -60.89
CA VAL F 203 -30.24 -75.29 -61.35
C VAL F 203 -30.54 -74.27 -60.26
N TYR F 204 -30.83 -74.77 -59.05
CA TYR F 204 -31.12 -73.90 -57.91
C TYR F 204 -29.91 -73.05 -57.56
N TYR F 205 -28.71 -73.57 -57.81
CA TYR F 205 -27.49 -72.82 -57.58
C TYR F 205 -27.46 -71.56 -58.42
N PHE F 206 -27.61 -71.72 -59.74
CA PHE F 206 -27.42 -70.60 -60.64
C PHE F 206 -28.54 -69.58 -60.55
N GLY F 207 -29.75 -70.05 -60.29
CA GLY F 207 -30.88 -69.16 -60.09
C GLY F 207 -30.60 -68.21 -58.94
N THR F 208 -30.02 -68.76 -57.88
CA THR F 208 -29.63 -67.98 -56.72
C THR F 208 -28.44 -67.08 -57.05
N TYR F 209 -27.46 -67.63 -57.75
CA TYR F 209 -26.25 -66.88 -58.09
C TYR F 209 -26.54 -65.80 -59.14
N TYR F 210 -27.53 -66.06 -60.00
CA TYR F 210 -27.96 -65.06 -60.97
C TYR F 210 -28.60 -63.88 -60.24
N ALA F 211 -29.48 -64.20 -59.30
CA ALA F 211 -30.11 -63.19 -58.46
C ALA F 211 -29.04 -62.40 -57.71
N SER F 212 -28.10 -63.13 -57.13
CA SER F 212 -27.00 -62.51 -56.38
C SER F 212 -26.18 -61.58 -57.26
N GLN F 213 -26.04 -61.93 -58.54
CA GLN F 213 -25.29 -61.10 -59.48
C GLN F 213 -25.99 -59.76 -59.70
N LEU F 214 -27.31 -59.80 -59.82
CA LEU F 214 -28.11 -58.59 -60.00
C LEU F 214 -28.06 -57.71 -58.75
N ILE F 215 -28.11 -58.36 -57.59
CA ILE F 215 -28.12 -57.63 -56.33
C ILE F 215 -26.77 -56.99 -56.04
N ALA F 216 -25.71 -57.79 -56.10
CA ALA F 216 -24.37 -57.30 -55.85
C ALA F 216 -23.95 -56.22 -56.84
N ALA F 217 -24.58 -56.24 -58.02
CA ALA F 217 -24.33 -55.21 -59.03
C ALA F 217 -24.75 -53.84 -58.52
N PRO F 218 -23.80 -52.90 -58.47
CA PRO F 218 -24.00 -51.53 -57.97
C PRO F 218 -25.04 -50.76 -58.77
N SER F 219 -25.58 -49.70 -58.17
CA SER F 219 -26.69 -48.95 -58.76
C SER F 219 -26.32 -48.24 -60.06
N ASN F 220 -25.04 -47.90 -60.23
CA ASN F 220 -24.61 -47.27 -61.46
C ASN F 220 -24.57 -48.28 -62.61
N TYR F 221 -24.42 -49.55 -62.26
CA TYR F 221 -24.48 -50.63 -63.24
C TYR F 221 -25.89 -51.17 -63.35
N CYS F 222 -26.54 -51.37 -62.21
CA CYS F 222 -27.90 -51.90 -62.18
C CYS F 222 -28.92 -50.79 -61.93
N ASN F 223 -29.46 -50.26 -63.02
CA ASN F 223 -30.47 -49.21 -62.98
C ASN F 223 -31.78 -49.77 -63.54
N PRO F 224 -32.89 -49.02 -63.44
CA PRO F 224 -34.15 -49.53 -63.98
C PRO F 224 -34.08 -50.00 -65.43
N VAL F 225 -33.24 -49.35 -66.23
CA VAL F 225 -33.13 -49.69 -67.65
C VAL F 225 -32.30 -50.96 -67.87
N SER F 226 -31.07 -50.96 -67.34
CA SER F 226 -30.16 -52.08 -67.55
C SER F 226 -30.68 -53.36 -66.91
N LEU F 227 -31.44 -53.21 -65.83
CA LEU F 227 -32.03 -54.37 -65.16
C LEU F 227 -33.13 -54.98 -66.01
N SER F 228 -33.98 -54.13 -66.59
CA SER F 228 -35.04 -54.61 -67.47
C SER F 228 -34.44 -55.17 -68.76
N ASN F 229 -33.32 -54.59 -69.19
CA ASN F 229 -32.56 -55.13 -70.31
C ASN F 229 -32.06 -56.52 -70.00
N ALA F 230 -31.56 -56.69 -68.77
CA ALA F 230 -31.08 -57.99 -68.31
C ALA F 230 -32.22 -59.00 -68.25
N ALA F 231 -33.39 -58.54 -67.83
CA ALA F 231 -34.56 -59.39 -67.73
C ALA F 231 -34.97 -59.90 -69.11
N VAL F 232 -34.90 -59.03 -70.11
CA VAL F 232 -35.23 -59.40 -71.48
C VAL F 232 -34.27 -60.47 -72.00
N GLU F 233 -32.97 -60.27 -71.76
CA GLU F 233 -31.96 -61.20 -72.24
C GLU F 233 -32.17 -62.59 -71.63
N LEU F 234 -32.49 -62.63 -70.35
CA LEU F 234 -32.79 -63.89 -69.68
C LEU F 234 -34.01 -64.55 -70.30
N ALA F 235 -35.04 -63.75 -70.54
CA ALA F 235 -36.29 -64.24 -71.12
C ALA F 235 -36.06 -64.83 -72.51
N GLN F 236 -35.25 -64.16 -73.31
CA GLN F 236 -34.95 -64.62 -74.66
C GLN F 236 -34.13 -65.91 -74.63
N LYS F 237 -33.21 -66.00 -73.66
CA LYS F 237 -32.39 -67.20 -73.49
C LYS F 237 -33.22 -68.39 -73.01
N LEU F 238 -34.38 -68.11 -72.42
CA LEU F 238 -35.19 -69.14 -71.80
C LEU F 238 -36.50 -69.40 -72.51
N ASN F 239 -36.69 -68.76 -73.66
CA ASN F 239 -37.92 -68.89 -74.44
C ASN F 239 -39.17 -68.54 -73.63
N LEU F 240 -39.01 -67.56 -72.74
CA LEU F 240 -40.15 -67.02 -72.00
C LEU F 240 -40.70 -65.81 -72.73
N GLU F 241 -42.02 -65.67 -72.73
CA GLU F 241 -42.62 -64.45 -73.24
C GLU F 241 -42.26 -63.32 -72.30
N TYR F 242 -42.10 -62.11 -72.84
CA TYR F 242 -41.67 -60.98 -72.03
C TYR F 242 -42.29 -59.68 -72.52
N LYS F 243 -42.35 -58.69 -71.62
CA LYS F 243 -42.99 -57.43 -71.92
C LYS F 243 -42.49 -56.34 -70.97
N ILE F 244 -41.92 -55.28 -71.53
CA ILE F 244 -41.44 -54.16 -70.72
C ILE F 244 -42.34 -52.94 -70.90
N LEU F 245 -43.06 -52.58 -69.84
CA LEU F 245 -43.92 -51.41 -69.89
C LEU F 245 -43.10 -50.13 -69.64
N GLY F 246 -43.14 -49.23 -70.62
CA GLY F 246 -42.46 -47.96 -70.51
C GLY F 246 -43.33 -46.91 -69.83
N VAL F 247 -42.78 -45.72 -69.65
CA VAL F 247 -43.49 -44.65 -68.95
C VAL F 247 -44.81 -44.27 -69.64
N LYS F 248 -44.79 -44.18 -70.95
CA LYS F 248 -45.98 -43.82 -71.73
C LYS F 248 -47.12 -44.81 -71.48
N GLU F 249 -46.80 -46.10 -71.49
CA GLU F 249 -47.81 -47.13 -71.24
C GLU F 249 -48.24 -47.14 -69.78
N LEU F 250 -47.32 -46.77 -68.89
CA LEU F 250 -47.61 -46.73 -67.46
C LEU F 250 -48.54 -45.57 -67.13
N GLU F 251 -48.43 -44.49 -67.89
CA GLU F 251 -49.33 -43.35 -67.74
C GLU F 251 -50.73 -43.74 -68.21
N GLU F 252 -50.79 -44.54 -69.27
CA GLU F 252 -52.06 -45.03 -69.81
C GLU F 252 -52.81 -45.85 -68.76
N LEU F 253 -52.06 -46.66 -68.02
CA LEU F 253 -52.64 -47.52 -66.98
C LEU F 253 -52.80 -46.75 -65.66
N LYS F 254 -52.32 -45.51 -65.65
CA LYS F 254 -52.49 -44.60 -64.51
C LYS F 254 -51.89 -45.14 -63.21
N MET F 255 -50.67 -45.65 -63.29
CA MET F 255 -49.97 -46.15 -62.11
C MET F 255 -49.26 -45.01 -61.38
N GLY F 256 -50.05 -44.11 -60.80
CA GLY F 256 -49.53 -42.91 -60.17
C GLY F 256 -48.59 -43.15 -59.00
N ALA F 257 -48.86 -44.19 -58.22
CA ALA F 257 -48.03 -44.50 -57.07
C ALA F 257 -46.65 -45.00 -57.50
N TYR F 258 -46.63 -45.80 -58.55
CA TYR F 258 -45.39 -46.32 -59.10
C TYR F 258 -44.59 -45.22 -59.80
N LEU F 259 -45.29 -44.39 -60.56
CA LEU F 259 -44.63 -43.33 -61.34
C LEU F 259 -44.12 -42.19 -60.46
N SER F 260 -44.82 -41.90 -59.37
CA SER F 260 -44.39 -40.87 -58.43
C SER F 260 -43.01 -41.20 -57.86
N VAL F 261 -42.84 -42.44 -57.46
CA VAL F 261 -41.58 -42.91 -56.89
C VAL F 261 -40.41 -42.69 -57.86
N GLY F 262 -40.66 -42.93 -59.15
CA GLY F 262 -39.63 -42.82 -60.15
C GLY F 262 -39.40 -41.42 -60.70
N LYS F 263 -40.25 -40.48 -60.29
CA LYS F 263 -40.22 -39.11 -60.80
C LYS F 263 -38.85 -38.42 -60.66
N GLY F 264 -38.16 -38.71 -59.55
CA GLY F 264 -36.91 -38.03 -59.27
C GLY F 264 -35.67 -38.65 -59.89
N SER F 265 -35.86 -39.74 -60.63
CA SER F 265 -34.74 -40.48 -61.20
C SER F 265 -34.44 -40.06 -62.65
N MET F 266 -33.20 -40.25 -63.07
CA MET F 266 -32.81 -39.97 -64.45
C MET F 266 -33.12 -41.17 -65.33
N TYR F 267 -33.34 -42.33 -64.70
CA TYR F 267 -33.72 -43.53 -65.43
C TYR F 267 -35.24 -43.67 -65.46
N PRO F 268 -35.82 -43.75 -66.67
CA PRO F 268 -37.26 -43.93 -66.84
C PRO F 268 -37.77 -45.21 -66.17
N ASN F 269 -38.97 -45.17 -65.61
CA ASN F 269 -39.57 -46.34 -64.99
C ASN F 269 -39.73 -47.49 -65.99
N LYS F 270 -39.52 -48.72 -65.51
CA LYS F 270 -39.70 -49.90 -66.34
C LYS F 270 -40.45 -50.98 -65.57
N PHE F 271 -41.56 -51.46 -66.15
CA PHE F 271 -42.33 -52.52 -65.54
C PHE F 271 -42.04 -53.84 -66.24
N ILE F 272 -41.46 -54.79 -65.50
CA ILE F 272 -41.10 -56.09 -66.06
C ILE F 272 -42.24 -57.08 -65.98
N HIS F 273 -42.63 -57.65 -67.12
CA HIS F 273 -43.66 -58.67 -67.16
C HIS F 273 -43.16 -59.88 -67.94
N LEU F 274 -42.66 -60.87 -67.22
CA LEU F 274 -42.30 -62.15 -67.82
C LEU F 274 -43.38 -63.16 -67.50
N THR F 275 -43.61 -64.10 -68.41
CA THR F 275 -44.60 -65.14 -68.16
C THR F 275 -44.17 -66.50 -68.68
N TYR F 276 -44.41 -67.53 -67.87
CA TYR F 276 -44.15 -68.90 -68.24
C TYR F 276 -45.46 -69.66 -68.39
N LYS F 277 -45.59 -70.41 -69.46
CA LYS F 277 -46.77 -71.24 -69.67
C LYS F 277 -46.37 -72.70 -69.85
N SER F 278 -46.95 -73.56 -69.02
CA SER F 278 -46.66 -74.99 -69.09
C SER F 278 -47.34 -75.64 -70.27
N LYS F 279 -46.89 -76.84 -70.62
CA LYS F 279 -47.63 -77.69 -71.54
C LYS F 279 -48.69 -78.43 -70.73
N GLY F 280 -49.78 -78.80 -71.38
CA GLY F 280 -50.90 -79.40 -70.68
C GLY F 280 -51.82 -78.33 -70.13
N ASP F 281 -52.98 -78.73 -69.62
CA ASP F 281 -53.96 -77.77 -69.12
C ASP F 281 -53.47 -77.06 -67.87
N VAL F 282 -53.83 -75.79 -67.75
CA VAL F 282 -53.43 -74.98 -66.59
C VAL F 282 -54.31 -75.31 -65.39
N LYS F 283 -53.68 -75.71 -64.29
CA LYS F 283 -54.42 -76.03 -63.07
C LYS F 283 -54.24 -74.95 -62.03
N LYS F 284 -53.29 -74.05 -62.25
CA LYS F 284 -53.02 -72.96 -61.33
C LYS F 284 -52.23 -71.83 -61.97
N LYS F 285 -52.79 -70.62 -61.94
CA LYS F 285 -52.09 -69.44 -62.40
C LYS F 285 -51.49 -68.68 -61.22
N ILE F 286 -50.22 -68.29 -61.34
CA ILE F 286 -49.53 -67.61 -60.26
C ILE F 286 -48.87 -66.31 -60.75
N ALA F 287 -48.97 -65.26 -59.94
CA ALA F 287 -48.26 -64.02 -60.21
C ALA F 287 -47.23 -63.76 -59.12
N LEU F 288 -45.96 -63.76 -59.51
CA LEU F 288 -44.88 -63.48 -58.57
C LEU F 288 -44.41 -62.04 -58.71
N VAL F 289 -44.64 -61.24 -57.66
CA VAL F 289 -44.33 -59.81 -57.70
C VAL F 289 -43.09 -59.47 -56.91
N GLY F 290 -42.04 -59.00 -57.60
CA GLY F 290 -40.81 -58.63 -56.92
C GLY F 290 -40.66 -57.13 -56.78
N LYS F 291 -40.20 -56.69 -55.61
CA LYS F 291 -39.89 -55.28 -55.42
C LYS F 291 -38.54 -54.96 -56.03
N GLY F 292 -38.53 -54.00 -56.94
CA GLY F 292 -37.31 -53.67 -57.67
C GLY F 292 -36.93 -52.21 -57.60
N ILE F 293 -36.47 -51.76 -56.44
CA ILE F 293 -35.87 -50.43 -56.32
C ILE F 293 -34.36 -50.57 -56.51
N THR F 294 -33.86 -50.12 -57.65
CA THR F 294 -32.45 -50.28 -57.97
C THR F 294 -31.55 -49.49 -57.01
N PHE F 295 -32.07 -48.39 -56.47
CA PHE F 295 -31.39 -47.68 -55.39
C PHE F 295 -32.35 -46.87 -54.55
N ASP F 296 -32.28 -47.07 -53.23
CA ASP F 296 -33.16 -46.35 -52.32
C ASP F 296 -32.38 -45.31 -51.52
N SER F 297 -32.43 -44.07 -51.98
CA SER F 297 -31.79 -42.97 -51.26
C SER F 297 -32.69 -42.49 -50.14
N GLY F 298 -33.94 -42.96 -50.15
CA GLY F 298 -34.92 -42.56 -49.18
C GLY F 298 -35.80 -41.43 -49.69
N GLY F 299 -35.38 -40.83 -50.80
CA GLY F 299 -36.06 -39.66 -51.33
C GLY F 299 -35.76 -38.45 -50.48
N TYR F 300 -36.71 -37.54 -50.37
CA TYR F 300 -36.53 -36.35 -49.55
C TYR F 300 -36.51 -36.71 -48.07
N ASN F 301 -37.09 -37.85 -47.74
CA ASN F 301 -36.82 -38.48 -46.45
C ASN F 301 -35.52 -39.26 -46.55
N LEU F 302 -34.43 -38.52 -46.74
CA LEU F 302 -33.12 -39.09 -47.02
C LEU F 302 -32.64 -40.02 -45.90
N LYS F 303 -31.99 -41.11 -46.28
CA LYS F 303 -31.35 -42.00 -45.32
C LYS F 303 -30.09 -41.34 -44.77
N ALA F 304 -30.29 -40.35 -43.91
CA ALA F 304 -29.17 -39.59 -43.33
C ALA F 304 -29.00 -39.92 -41.85
N ALA F 305 -29.95 -40.65 -41.30
CA ALA F 305 -29.88 -41.05 -39.90
C ALA F 305 -28.81 -42.13 -39.71
N PRO F 306 -28.12 -42.11 -38.57
CA PRO F 306 -27.11 -43.11 -38.23
C PRO F 306 -27.68 -44.52 -38.26
N GLY F 307 -27.02 -45.43 -38.96
CA GLY F 307 -27.43 -46.81 -39.03
C GLY F 307 -28.49 -47.10 -40.08
N SER F 308 -28.69 -46.17 -41.00
CA SER F 308 -29.65 -46.35 -42.08
C SER F 308 -28.99 -46.96 -43.31
N MET F 309 -27.73 -47.35 -43.14
CA MET F 309 -26.84 -47.91 -44.17
C MET F 309 -27.25 -47.62 -45.62
N ILE F 310 -27.00 -46.39 -46.07
CA ILE F 310 -27.40 -45.99 -47.41
C ILE F 310 -26.52 -46.61 -48.48
N ASP F 311 -25.31 -47.03 -48.09
CA ASP F 311 -24.37 -47.62 -49.03
C ASP F 311 -24.73 -49.05 -49.38
N LEU F 312 -25.76 -49.59 -48.72
CA LEU F 312 -26.20 -50.95 -48.95
C LEU F 312 -27.42 -50.98 -49.87
N MET F 313 -28.06 -49.82 -50.04
CA MET F 313 -29.37 -49.74 -50.66
C MET F 313 -29.41 -50.04 -52.16
N LYS F 314 -28.31 -50.59 -52.68
CA LYS F 314 -28.34 -51.19 -54.00
C LYS F 314 -29.07 -52.52 -53.90
N PHE F 315 -29.23 -53.01 -52.67
CA PHE F 315 -29.83 -54.31 -52.41
C PHE F 315 -31.36 -54.25 -52.41
N ASP F 316 -31.90 -53.07 -52.69
CA ASP F 316 -33.33 -52.83 -52.54
C ASP F 316 -34.16 -53.37 -53.71
N MET F 317 -33.56 -54.21 -54.53
CA MET F 317 -34.25 -54.87 -55.62
CA MET F 317 -34.29 -54.87 -55.60
C MET F 317 -34.11 -56.39 -55.51
N SER F 318 -33.82 -56.85 -54.29
CA SER F 318 -33.64 -58.27 -54.01
C SER F 318 -34.92 -59.05 -54.31
N GLY F 319 -36.07 -58.43 -54.08
CA GLY F 319 -37.34 -59.03 -54.39
C GLY F 319 -37.46 -59.30 -55.88
N CYS F 320 -37.04 -58.32 -56.67
CA CYS F 320 -37.03 -58.45 -58.12
C CYS F 320 -36.06 -59.56 -58.56
N ALA F 321 -34.84 -59.49 -58.07
CA ALA F 321 -33.81 -60.46 -58.43
C ALA F 321 -34.22 -61.88 -58.07
N ALA F 322 -34.93 -62.02 -56.95
CA ALA F 322 -35.43 -63.31 -56.53
C ALA F 322 -36.48 -63.84 -57.51
N VAL F 323 -37.32 -62.93 -58.01
CA VAL F 323 -38.34 -63.30 -58.97
C VAL F 323 -37.71 -63.71 -60.30
N LEU F 324 -36.64 -63.02 -60.69
CA LEU F 324 -35.94 -63.35 -61.92
C LEU F 324 -35.16 -64.66 -61.79
N GLY F 325 -34.54 -64.87 -60.63
CA GLY F 325 -33.83 -66.10 -60.36
C GLY F 325 -34.77 -67.29 -60.42
N CYS F 326 -35.97 -67.12 -59.87
CA CYS F 326 -37.01 -68.12 -59.93
C CYS F 326 -37.40 -68.41 -61.39
N ALA F 327 -37.47 -67.34 -62.18
CA ALA F 327 -37.82 -67.46 -63.59
C ALA F 327 -36.82 -68.32 -64.35
N TYR F 328 -35.54 -68.21 -64.00
CA TYR F 328 -34.53 -69.07 -64.59
C TYR F 328 -34.81 -70.52 -64.23
N CYS F 329 -35.05 -70.76 -62.95
CA CYS F 329 -35.31 -72.10 -62.44
C CYS F 329 -36.54 -72.71 -63.09
N VAL F 330 -37.65 -71.98 -63.07
CA VAL F 330 -38.90 -72.46 -63.66
C VAL F 330 -38.75 -72.70 -65.16
N GLY F 331 -38.05 -71.79 -65.83
CA GLY F 331 -37.82 -71.90 -67.25
C GLY F 331 -36.92 -73.07 -67.62
N THR F 332 -36.06 -73.46 -66.68
CA THR F 332 -35.14 -74.57 -66.90
C THR F 332 -35.77 -75.91 -66.54
N LEU F 333 -36.37 -75.98 -65.35
CA LEU F 333 -36.97 -77.22 -64.87
C LEU F 333 -38.29 -77.52 -65.59
N LYS F 334 -38.93 -76.48 -66.10
CA LYS F 334 -40.13 -76.59 -66.91
C LYS F 334 -41.25 -77.43 -66.25
N PRO F 335 -41.79 -76.96 -65.12
CA PRO F 335 -42.88 -77.70 -64.48
C PRO F 335 -44.16 -77.62 -65.31
N GLU F 336 -45.08 -78.55 -65.08
CA GLU F 336 -46.28 -78.63 -65.91
C GLU F 336 -47.55 -78.18 -65.18
N ASN F 337 -48.60 -77.94 -65.96
CA ASN F 337 -49.92 -77.58 -65.46
C ASN F 337 -49.92 -76.31 -64.62
N VAL F 338 -49.06 -75.37 -64.96
CA VAL F 338 -48.99 -74.10 -64.23
C VAL F 338 -48.57 -72.95 -65.14
N GLU F 339 -49.31 -71.84 -65.04
CA GLU F 339 -48.94 -70.62 -65.75
C GLU F 339 -48.44 -69.60 -64.72
N ILE F 340 -47.26 -69.04 -64.98
CA ILE F 340 -46.62 -68.18 -63.99
C ILE F 340 -46.21 -66.83 -64.57
N HIS F 341 -46.64 -65.76 -63.90
CA HIS F 341 -46.26 -64.41 -64.29
C HIS F 341 -45.19 -63.85 -63.36
N PHE F 342 -44.14 -63.30 -63.94
CA PHE F 342 -43.05 -62.71 -63.18
C PHE F 342 -43.09 -61.20 -63.32
N LEU F 343 -43.44 -60.51 -62.23
CA LEU F 343 -43.65 -59.08 -62.27
C LEU F 343 -42.72 -58.31 -61.34
N SER F 344 -42.34 -57.11 -61.76
CA SER F 344 -41.56 -56.22 -60.92
C SER F 344 -41.60 -54.79 -61.45
N ALA F 345 -42.13 -53.88 -60.64
CA ALA F 345 -42.18 -52.47 -60.99
C ALA F 345 -40.85 -51.80 -60.65
N VAL F 346 -39.97 -51.69 -61.63
CA VAL F 346 -38.61 -51.22 -61.39
C VAL F 346 -38.47 -49.70 -61.50
N CYS F 347 -37.82 -49.11 -60.50
CA CYS F 347 -37.49 -47.69 -60.54
C CYS F 347 -36.40 -47.36 -59.52
N GLU F 348 -36.02 -46.09 -59.46
CA GLU F 348 -34.97 -45.63 -58.56
C GLU F 348 -35.51 -44.48 -57.71
N ASN F 349 -35.24 -44.51 -56.41
CA ASN F 349 -35.78 -43.50 -55.49
C ASN F 349 -34.75 -42.42 -55.17
N MET F 350 -34.69 -41.40 -56.01
CA MET F 350 -33.65 -40.37 -55.90
C MET F 350 -34.16 -39.04 -55.39
N VAL F 351 -33.22 -38.16 -55.06
CA VAL F 351 -33.52 -36.81 -54.63
C VAL F 351 -33.29 -35.85 -55.78
N SER F 352 -34.32 -35.09 -56.14
CA SER F 352 -34.25 -34.19 -57.28
C SER F 352 -35.30 -33.09 -57.18
N LYS F 353 -35.23 -32.14 -58.10
CA LYS F 353 -36.27 -31.12 -58.22
C LYS F 353 -37.57 -31.76 -58.72
N ASN F 354 -37.45 -32.96 -59.26
CA ASN F 354 -38.59 -33.67 -59.83
C ASN F 354 -39.14 -34.75 -58.90
N SER F 355 -38.44 -34.98 -57.79
CA SER F 355 -38.85 -36.01 -56.83
C SER F 355 -40.24 -35.72 -56.26
N TYR F 356 -40.92 -36.76 -55.81
CA TYR F 356 -42.20 -36.64 -55.13
C TYR F 356 -41.96 -36.15 -53.68
N ARG F 357 -42.79 -35.29 -53.19
CA ARG F 357 -42.58 -34.73 -51.86
C ARG F 357 -43.36 -35.47 -50.79
N PRO F 358 -42.85 -35.45 -49.55
CA PRO F 358 -43.66 -35.92 -48.44
C PRO F 358 -44.90 -35.04 -48.31
N GLY F 359 -46.07 -35.66 -48.20
CA GLY F 359 -47.31 -34.90 -48.13
C GLY F 359 -48.08 -34.94 -49.44
N ASP F 360 -47.42 -35.38 -50.50
CA ASP F 360 -48.07 -35.50 -51.80
C ASP F 360 -49.26 -36.46 -51.73
N ILE F 361 -50.36 -36.08 -52.38
CA ILE F 361 -51.47 -37.00 -52.53
C ILE F 361 -51.46 -37.54 -53.96
N ILE F 362 -51.19 -38.84 -54.08
CA ILE F 362 -51.06 -39.48 -55.37
C ILE F 362 -52.18 -40.50 -55.57
N THR F 363 -52.46 -40.81 -56.83
CA THR F 363 -53.59 -41.68 -57.15
C THR F 363 -53.14 -43.03 -57.69
N ALA F 364 -53.53 -44.10 -57.00
CA ALA F 364 -53.20 -45.45 -57.43
C ALA F 364 -54.03 -45.84 -58.65
N SER F 365 -53.62 -46.90 -59.33
CA SER F 365 -54.26 -47.30 -60.58
C SER F 365 -55.62 -47.96 -60.37
N ASN F 366 -56.06 -48.06 -59.12
CA ASN F 366 -57.39 -48.58 -58.83
C ASN F 366 -58.32 -47.48 -58.37
N GLY F 367 -57.82 -46.25 -58.37
CA GLY F 367 -58.62 -45.10 -58.00
C GLY F 367 -58.33 -44.56 -56.62
N LYS F 368 -57.64 -45.34 -55.80
CA LYS F 368 -57.36 -44.96 -54.42
C LYS F 368 -56.34 -43.83 -54.34
N THR F 369 -56.69 -42.77 -53.62
CA THR F 369 -55.76 -41.68 -53.39
C THR F 369 -54.93 -41.96 -52.14
N ILE F 370 -53.64 -41.69 -52.22
CA ILE F 370 -52.71 -42.00 -51.15
C ILE F 370 -51.97 -40.74 -50.69
N GLU F 371 -52.01 -40.46 -49.40
CA GLU F 371 -51.21 -39.36 -48.86
C GLU F 371 -49.83 -39.89 -48.49
N VAL F 372 -48.80 -39.34 -49.13
CA VAL F 372 -47.44 -39.74 -48.83
C VAL F 372 -46.99 -39.12 -47.51
N GLY F 373 -46.65 -39.97 -46.54
CA GLY F 373 -46.17 -39.50 -45.27
C GLY F 373 -44.65 -39.55 -45.20
N ASN F 374 -44.08 -40.48 -45.96
CA ASN F 374 -42.64 -40.72 -45.94
C ASN F 374 -42.16 -41.27 -47.29
N THR F 375 -41.31 -40.50 -47.96
CA THR F 375 -40.82 -40.89 -49.29
C THR F 375 -39.90 -42.11 -49.24
N ASP F 376 -39.46 -42.47 -48.04
CA ASP F 376 -38.56 -43.61 -47.86
C ASP F 376 -39.36 -44.90 -47.68
N ALA F 377 -40.68 -44.77 -47.66
CA ALA F 377 -41.56 -45.93 -47.75
C ALA F 377 -42.04 -46.06 -49.18
N GLU F 378 -41.09 -46.01 -50.12
CA GLU F 378 -41.40 -45.96 -51.54
C GLU F 378 -41.81 -47.33 -52.08
N GLY F 379 -41.41 -48.38 -51.38
CA GLY F 379 -41.62 -49.75 -51.84
C GLY F 379 -43.08 -50.14 -51.94
N ARG F 380 -43.86 -49.82 -50.90
CA ARG F 380 -45.26 -50.21 -50.86
C ARG F 380 -46.09 -49.45 -51.88
N LEU F 381 -45.57 -48.32 -52.36
CA LEU F 381 -46.24 -47.53 -53.38
C LEU F 381 -46.11 -48.19 -54.74
N THR F 382 -44.91 -48.66 -55.07
CA THR F 382 -44.67 -49.34 -56.33
C THR F 382 -45.34 -50.70 -56.35
N LEU F 383 -45.48 -51.31 -55.17
CA LEU F 383 -46.12 -52.61 -55.04
C LEU F 383 -47.65 -52.51 -55.14
N ALA F 384 -48.19 -51.38 -54.68
CA ALA F 384 -49.62 -51.14 -54.75
C ALA F 384 -50.13 -51.22 -56.18
N ASP F 385 -49.43 -50.56 -57.10
CA ASP F 385 -49.78 -50.60 -58.51
C ASP F 385 -49.44 -51.94 -59.13
N ALA F 386 -48.38 -52.57 -58.62
CA ALA F 386 -47.96 -53.88 -59.11
C ALA F 386 -49.01 -54.95 -58.79
N LEU F 387 -49.65 -54.80 -57.63
CA LEU F 387 -50.66 -55.74 -57.19
C LEU F 387 -51.97 -55.55 -57.96
N VAL F 388 -52.30 -54.31 -58.26
CA VAL F 388 -53.48 -53.98 -59.04
C VAL F 388 -53.36 -54.53 -60.46
N TYR F 389 -52.16 -54.38 -61.03
CA TYR F 389 -51.85 -54.92 -62.34
C TYR F 389 -51.94 -56.44 -62.33
N ALA F 390 -51.48 -57.04 -61.23
CA ALA F 390 -51.40 -58.49 -61.11
C ALA F 390 -52.75 -59.15 -60.91
N GLU F 391 -53.65 -58.48 -60.19
CA GLU F 391 -54.96 -59.05 -59.91
C GLU F 391 -55.83 -59.01 -61.16
N LYS F 392 -55.49 -58.15 -62.11
CA LYS F 392 -56.20 -58.07 -63.37
C LYS F 392 -55.83 -59.23 -64.29
N LEU F 393 -54.83 -60.01 -63.89
CA LEU F 393 -54.34 -61.12 -64.70
C LEU F 393 -55.15 -62.39 -64.47
N GLY F 394 -56.06 -62.34 -63.49
CA GLY F 394 -56.92 -63.47 -63.18
C GLY F 394 -56.16 -64.68 -62.68
N VAL F 395 -55.19 -64.45 -61.79
CA VAL F 395 -54.41 -65.54 -61.23
C VAL F 395 -55.07 -66.08 -59.97
N ASP F 396 -54.65 -67.28 -59.56
CA ASP F 396 -55.19 -67.88 -58.35
C ASP F 396 -54.42 -67.41 -57.12
N TYR F 397 -53.11 -67.28 -57.27
CA TYR F 397 -52.24 -66.80 -56.19
C TYR F 397 -51.44 -65.58 -56.61
N ILE F 398 -51.36 -64.61 -55.73
CA ILE F 398 -50.39 -63.52 -55.87
C ILE F 398 -49.40 -63.58 -54.72
N VAL F 399 -48.13 -63.78 -55.03
CA VAL F 399 -47.11 -63.75 -54.00
C VAL F 399 -46.10 -62.66 -54.31
N ASP F 400 -46.02 -61.66 -53.45
CA ASP F 400 -45.00 -60.63 -53.61
C ASP F 400 -43.87 -60.83 -52.62
N ILE F 401 -42.66 -60.45 -53.02
CA ILE F 401 -41.49 -60.57 -52.18
C ILE F 401 -40.71 -59.26 -52.23
N ALA F 402 -40.34 -58.73 -51.06
CA ALA F 402 -39.83 -57.37 -50.99
C ALA F 402 -38.96 -57.10 -49.77
N THR F 403 -37.92 -56.30 -49.96
CA THR F 403 -37.16 -55.74 -48.84
C THR F 403 -37.88 -54.49 -48.36
N LEU F 404 -39.03 -54.68 -47.72
CA LEU F 404 -39.94 -53.59 -47.44
C LEU F 404 -39.58 -52.79 -46.18
N THR F 405 -39.69 -53.43 -45.02
CA THR F 405 -39.52 -52.72 -43.76
C THR F 405 -38.28 -53.14 -42.99
N GLY F 406 -37.52 -52.16 -42.50
CA GLY F 406 -36.34 -52.43 -41.70
C GLY F 406 -36.67 -53.04 -40.35
N ALA F 407 -37.95 -53.04 -40.00
CA ALA F 407 -38.41 -53.58 -38.72
C ALA F 407 -38.21 -55.09 -38.63
N MET F 408 -38.08 -55.75 -39.78
CA MET F 408 -37.86 -57.19 -39.82
C MET F 408 -36.59 -57.61 -39.08
N LEU F 409 -35.61 -56.70 -39.05
CA LEU F 409 -34.36 -56.95 -38.36
C LEU F 409 -34.55 -57.07 -36.85
N TYR F 410 -35.68 -56.54 -36.36
CA TYR F 410 -35.98 -56.59 -34.94
C TYR F 410 -36.99 -57.68 -34.63
N SER F 411 -37.68 -58.15 -35.67
CA SER F 411 -38.65 -59.23 -35.53
C SER F 411 -37.97 -60.59 -35.60
N LEU F 412 -37.69 -61.03 -36.83
CA LEU F 412 -37.13 -62.35 -37.06
C LEU F 412 -35.62 -62.31 -37.28
N GLY F 413 -35.09 -61.10 -37.48
CA GLY F 413 -33.67 -60.94 -37.66
C GLY F 413 -33.19 -61.20 -39.07
N THR F 414 -32.02 -61.80 -39.20
CA THR F 414 -31.36 -61.95 -40.49
C THR F 414 -31.42 -63.35 -41.08
N SER F 415 -32.12 -64.26 -40.40
CA SER F 415 -32.16 -65.65 -40.85
C SER F 415 -33.54 -66.10 -41.31
N TYR F 416 -34.58 -65.58 -40.66
CA TYR F 416 -35.95 -65.94 -41.01
C TYR F 416 -36.69 -64.79 -41.68
N ALA F 417 -37.29 -65.05 -42.83
CA ALA F 417 -38.11 -64.04 -43.49
C ALA F 417 -39.53 -64.11 -42.96
N GLY F 418 -40.32 -63.06 -43.19
CA GLY F 418 -41.68 -63.01 -42.71
C GLY F 418 -42.69 -63.02 -43.84
N VAL F 419 -43.72 -63.87 -43.71
CA VAL F 419 -44.78 -63.91 -44.70
C VAL F 419 -46.10 -63.40 -44.12
N PHE F 420 -46.74 -62.49 -44.85
CA PHE F 420 -48.06 -61.97 -44.49
C PHE F 420 -49.04 -62.35 -45.59
N GLY F 421 -50.32 -62.46 -45.25
CA GLY F 421 -51.31 -62.83 -46.24
C GLY F 421 -52.76 -62.74 -45.81
N ASN F 422 -53.66 -62.78 -46.78
CA ASN F 422 -55.09 -62.77 -46.52
C ASN F 422 -55.70 -64.17 -46.59
N ASN F 423 -54.88 -65.14 -46.96
CA ASN F 423 -55.36 -66.49 -47.24
C ASN F 423 -54.48 -67.56 -46.59
N GLU F 424 -55.04 -68.24 -45.60
CA GLU F 424 -54.26 -69.20 -44.81
C GLU F 424 -53.77 -70.39 -45.62
N GLU F 425 -54.57 -70.81 -46.61
CA GLU F 425 -54.18 -71.94 -47.45
C GLU F 425 -52.92 -71.60 -48.24
N LEU F 426 -52.86 -70.37 -48.76
CA LEU F 426 -51.68 -69.91 -49.48
C LEU F 426 -50.50 -69.75 -48.54
N ILE F 427 -50.79 -69.29 -47.31
CA ILE F 427 -49.75 -69.14 -46.29
C ILE F 427 -49.08 -70.48 -46.01
N ASN F 428 -49.89 -71.51 -45.82
CA ASN F 428 -49.37 -72.84 -45.50
C ASN F 428 -48.53 -73.43 -46.63
N LYS F 429 -48.85 -73.07 -47.87
CA LYS F 429 -48.07 -73.53 -49.02
C LYS F 429 -46.69 -72.88 -49.02
N ILE F 430 -46.62 -71.63 -48.60
CA ILE F 430 -45.34 -70.94 -48.48
C ILE F 430 -44.52 -71.57 -47.36
N LEU F 431 -45.15 -71.81 -46.22
CA LEU F 431 -44.48 -72.45 -45.08
C LEU F 431 -43.97 -73.83 -45.47
N GLN F 432 -44.76 -74.54 -46.27
CA GLN F 432 -44.37 -75.85 -46.75
C GLN F 432 -43.22 -75.75 -47.75
N SER F 433 -43.25 -74.68 -48.55
CA SER F 433 -42.20 -74.45 -49.55
C SER F 433 -40.90 -74.01 -48.88
N SER F 434 -41.03 -73.41 -47.69
CA SER F 434 -39.86 -73.01 -46.92
C SER F 434 -39.19 -74.24 -46.32
N LYS F 435 -40.01 -75.23 -45.96
CA LYS F 435 -39.52 -76.47 -45.38
C LYS F 435 -38.69 -77.28 -46.37
N THR F 436 -39.11 -77.29 -47.63
CA THR F 436 -38.46 -78.10 -48.65
C THR F 436 -37.26 -77.38 -49.29
N SER F 437 -37.36 -76.07 -49.43
CA SER F 437 -36.27 -75.29 -50.01
C SER F 437 -35.20 -75.01 -48.96
N ASN F 438 -35.53 -75.28 -47.71
CA ASN F 438 -34.66 -74.99 -46.56
C ASN F 438 -34.25 -73.51 -46.50
N GLU F 439 -35.13 -72.64 -47.00
CA GLU F 439 -35.01 -71.21 -46.79
C GLU F 439 -36.08 -70.79 -45.79
N PRO F 440 -35.68 -70.58 -44.53
CA PRO F 440 -36.64 -70.47 -43.43
C PRO F 440 -37.50 -69.21 -43.47
N VAL F 441 -38.81 -69.42 -43.33
CA VAL F 441 -39.79 -68.33 -43.36
C VAL F 441 -40.73 -68.49 -42.16
N TRP F 442 -41.21 -67.37 -41.62
CA TRP F 442 -42.13 -67.42 -40.49
C TRP F 442 -43.38 -66.57 -40.74
N TRP F 443 -44.53 -67.14 -40.40
CA TRP F 443 -45.81 -66.48 -40.61
C TRP F 443 -46.08 -65.43 -39.53
N LEU F 444 -46.31 -64.19 -39.97
CA LEU F 444 -46.62 -63.10 -39.07
C LEU F 444 -48.03 -62.57 -39.37
N PRO F 445 -48.73 -62.08 -38.33
CA PRO F 445 -50.15 -61.71 -38.50
C PRO F 445 -50.36 -60.32 -39.10
N ILE F 446 -51.44 -60.18 -39.86
CA ILE F 446 -51.90 -58.87 -40.28
C ILE F 446 -53.01 -58.42 -39.33
N ILE F 447 -52.64 -57.59 -38.35
CA ILE F 447 -53.56 -57.18 -37.31
C ILE F 447 -54.46 -56.04 -37.76
N ASN F 448 -55.76 -56.34 -37.92
CA ASN F 448 -56.71 -55.42 -38.52
C ASN F 448 -57.06 -54.21 -37.64
N GLU F 449 -56.74 -54.29 -36.36
CA GLU F 449 -57.04 -53.17 -35.46
C GLU F 449 -56.15 -51.97 -35.78
N TYR F 450 -55.01 -52.25 -36.41
CA TYR F 450 -54.06 -51.19 -36.75
C TYR F 450 -54.48 -50.44 -38.02
N ARG F 451 -55.53 -50.93 -38.68
CA ARG F 451 -55.99 -50.37 -39.94
C ARG F 451 -56.42 -48.91 -39.83
N ALA F 452 -57.00 -48.56 -38.69
CA ALA F 452 -57.51 -47.20 -38.47
C ALA F 452 -56.39 -46.16 -38.48
N THR F 453 -55.15 -46.62 -38.26
CA THR F 453 -54.00 -45.72 -38.26
C THR F 453 -53.62 -45.31 -39.68
N LEU F 454 -54.31 -45.87 -40.66
CA LEU F 454 -54.07 -45.54 -42.06
C LEU F 454 -55.17 -44.66 -42.63
N ASN F 455 -56.14 -44.31 -41.80
CA ASN F 455 -57.23 -43.41 -42.21
C ASN F 455 -56.73 -41.98 -42.39
N SER F 456 -56.54 -41.59 -43.65
CA SER F 456 -56.08 -40.24 -43.97
C SER F 456 -57.20 -39.22 -43.79
N LYS F 457 -56.82 -37.97 -43.53
CA LYS F 457 -57.78 -36.90 -43.37
C LYS F 457 -58.28 -36.39 -44.71
N TYR F 458 -57.41 -36.41 -45.73
CA TYR F 458 -57.74 -35.82 -47.02
C TYR F 458 -57.82 -36.83 -48.14
N ALA F 459 -56.97 -37.85 -48.10
CA ALA F 459 -57.00 -38.90 -49.12
C ALA F 459 -57.78 -40.11 -48.59
N ASP F 460 -57.97 -41.10 -49.45
CA ASP F 460 -58.67 -42.32 -49.05
C ASP F 460 -57.88 -43.09 -48.00
N ILE F 461 -56.55 -43.04 -48.13
CA ILE F 461 -55.69 -43.82 -47.24
C ILE F 461 -54.30 -43.19 -47.08
N ASN F 462 -53.69 -43.43 -45.92
CA ASN F 462 -52.33 -43.00 -45.68
C ASN F 462 -51.31 -44.03 -46.14
N GLN F 463 -50.15 -43.56 -46.60
CA GLN F 463 -49.07 -44.44 -46.98
C GLN F 463 -48.48 -45.13 -45.76
N ILE F 464 -48.24 -44.36 -44.71
CA ILE F 464 -47.66 -44.90 -43.48
C ILE F 464 -48.50 -44.52 -42.26
N SER F 465 -48.21 -45.18 -41.14
CA SER F 465 -48.81 -44.80 -39.87
C SER F 465 -47.88 -43.88 -39.11
N SER F 466 -48.43 -42.80 -38.56
CA SER F 466 -47.65 -41.87 -37.77
C SER F 466 -47.46 -42.41 -36.35
N SER F 467 -48.39 -43.27 -35.92
CA SER F 467 -48.40 -43.78 -34.56
C SER F 467 -47.72 -45.15 -34.43
N VAL F 468 -48.37 -46.18 -34.97
CA VAL F 468 -47.95 -47.56 -34.79
C VAL F 468 -46.54 -47.85 -35.28
N LYS F 469 -45.73 -48.46 -34.41
CA LYS F 469 -44.35 -48.79 -34.74
C LYS F 469 -44.21 -50.14 -35.45
N ALA F 470 -45.25 -50.97 -35.35
CA ALA F 470 -45.24 -52.27 -36.03
C ALA F 470 -45.30 -52.06 -37.54
N SER F 471 -44.17 -51.63 -38.11
CA SER F 471 -44.10 -51.23 -39.51
C SER F 471 -44.42 -52.36 -40.48
N SER F 472 -43.97 -53.57 -40.17
CA SER F 472 -44.16 -54.71 -41.06
C SER F 472 -45.63 -55.02 -41.23
N ILE F 473 -46.38 -54.96 -40.13
CA ILE F 473 -47.81 -55.25 -40.15
C ILE F 473 -48.59 -54.16 -40.88
N VAL F 474 -48.29 -52.91 -40.56
CA VAL F 474 -48.94 -51.76 -41.20
C VAL F 474 -48.72 -51.79 -42.71
N ALA F 475 -47.48 -52.04 -43.12
CA ALA F 475 -47.14 -52.12 -44.54
C ALA F 475 -47.97 -53.20 -45.23
N SER F 476 -48.24 -54.29 -44.52
CA SER F 476 -49.08 -55.37 -45.03
C SER F 476 -50.52 -54.92 -45.12
N LEU F 477 -50.97 -54.19 -44.10
CA LEU F 477 -52.33 -53.65 -44.08
C LEU F 477 -52.56 -52.72 -45.27
N PHE F 478 -51.54 -51.96 -45.62
CA PHE F 478 -51.59 -51.07 -46.77
C PHE F 478 -51.67 -51.88 -48.06
N LEU F 479 -50.78 -52.86 -48.19
CA LEU F 479 -50.72 -53.70 -49.37
C LEU F 479 -52.03 -54.48 -49.58
N LYS F 480 -52.68 -54.82 -48.48
CA LYS F 480 -53.91 -55.61 -48.55
C LYS F 480 -55.05 -54.81 -49.19
N GLU F 481 -54.93 -53.49 -49.18
CA GLU F 481 -55.94 -52.61 -49.74
C GLU F 481 -55.93 -52.59 -51.26
N PHE F 482 -55.02 -53.36 -51.86
CA PHE F 482 -54.88 -53.36 -53.31
C PHE F 482 -55.01 -54.77 -53.88
N VAL F 483 -55.46 -55.69 -53.04
CA VAL F 483 -55.89 -57.01 -53.47
C VAL F 483 -57.34 -57.19 -53.03
N GLN F 484 -58.22 -57.40 -54.01
CA GLN F 484 -59.66 -57.37 -53.74
C GLN F 484 -60.27 -58.74 -53.54
N ASN F 485 -60.01 -59.65 -54.47
CA ASN F 485 -60.64 -60.97 -54.43
C ASN F 485 -59.70 -62.07 -54.88
N THR F 486 -58.51 -62.10 -54.31
CA THR F 486 -57.48 -63.06 -54.72
C THR F 486 -56.59 -63.47 -53.56
N ALA F 487 -56.29 -64.76 -53.47
CA ALA F 487 -55.33 -65.27 -52.49
C ALA F 487 -53.98 -64.59 -52.69
N TRP F 488 -53.51 -63.92 -51.64
CA TRP F 488 -52.30 -63.11 -51.74
C TRP F 488 -51.41 -63.25 -50.52
N ALA F 489 -50.10 -63.35 -50.76
CA ALA F 489 -49.13 -63.46 -49.67
C ALA F 489 -47.96 -62.51 -49.88
N HIS F 490 -47.42 -62.00 -48.77
CA HIS F 490 -46.36 -60.99 -48.81
C HIS F 490 -45.13 -61.42 -48.03
N ILE F 491 -44.02 -61.61 -48.74
CA ILE F 491 -42.77 -62.05 -48.12
C ILE F 491 -41.80 -60.90 -47.92
N ASP F 492 -41.63 -60.47 -46.67
CA ASP F 492 -40.72 -59.37 -46.37
C ASP F 492 -39.30 -59.91 -46.13
N ILE F 493 -38.39 -59.58 -47.03
CA ILE F 493 -37.03 -60.08 -46.99
C ILE F 493 -36.01 -58.98 -46.69
N ALA F 494 -36.43 -57.96 -45.96
CA ALA F 494 -35.56 -56.82 -45.68
C ALA F 494 -34.41 -57.21 -44.75
N GLY F 495 -34.65 -58.19 -43.89
CA GLY F 495 -33.65 -58.62 -42.93
C GLY F 495 -32.74 -59.73 -43.40
N VAL F 496 -33.25 -60.60 -44.27
CA VAL F 496 -32.54 -61.82 -44.65
C VAL F 496 -31.86 -61.76 -46.01
N SER F 497 -32.02 -60.65 -46.71
CA SER F 497 -31.50 -60.52 -48.06
C SER F 497 -29.98 -60.47 -48.12
N TRP F 498 -29.37 -59.78 -47.17
CA TRP F 498 -27.94 -59.53 -47.22
C TRP F 498 -27.13 -60.31 -46.20
N ASN F 499 -26.02 -60.87 -46.64
CA ASN F 499 -25.07 -61.56 -45.77
C ASN F 499 -23.99 -60.58 -45.30
N PHE F 500 -24.18 -60.02 -44.12
CA PHE F 500 -23.28 -58.98 -43.61
C PHE F 500 -21.92 -59.55 -43.19
N LYS F 501 -21.91 -60.82 -42.79
CA LYS F 501 -20.67 -61.46 -42.40
C LYS F 501 -19.73 -61.62 -43.59
N ALA F 502 -20.29 -61.95 -44.75
CA ALA F 502 -19.49 -62.25 -45.93
C ALA F 502 -19.53 -61.12 -46.97
N ARG F 503 -20.24 -60.04 -46.65
CA ARG F 503 -20.31 -58.87 -47.52
C ARG F 503 -20.86 -59.19 -48.91
N LYS F 504 -21.99 -59.89 -48.97
CA LYS F 504 -22.55 -60.31 -50.25
C LYS F 504 -24.04 -60.63 -50.14
N PRO F 505 -24.74 -60.74 -51.28
CA PRO F 505 -26.16 -61.14 -51.21
C PRO F 505 -26.32 -62.63 -50.96
N LYS F 506 -27.43 -63.02 -50.34
CA LYS F 506 -27.76 -64.43 -50.17
C LYS F 506 -28.52 -64.95 -51.39
N GLY F 507 -29.16 -64.03 -52.11
CA GLY F 507 -30.02 -64.41 -53.22
C GLY F 507 -31.27 -65.08 -52.68
N PHE F 508 -31.73 -64.58 -51.53
CA PHE F 508 -32.83 -65.20 -50.79
C PHE F 508 -34.14 -65.19 -51.57
N GLY F 509 -34.85 -66.30 -51.53
CA GLY F 509 -36.19 -66.37 -52.07
C GLY F 509 -36.36 -67.17 -53.34
N VAL F 510 -35.28 -67.29 -54.12
CA VAL F 510 -35.33 -68.00 -55.40
C VAL F 510 -35.76 -69.45 -55.20
N ARG F 511 -35.04 -70.16 -54.34
CA ARG F 511 -35.32 -71.57 -54.08
C ARG F 511 -36.68 -71.74 -53.38
N LEU F 512 -37.06 -70.75 -52.59
CA LEU F 512 -38.35 -70.76 -51.90
C LEU F 512 -39.51 -70.70 -52.90
N LEU F 513 -39.45 -69.73 -53.81
CA LEU F 513 -40.52 -69.51 -54.77
C LEU F 513 -40.57 -70.60 -55.84
N THR F 514 -39.41 -71.19 -56.13
CA THR F 514 -39.35 -72.26 -57.12
C THR F 514 -39.91 -73.55 -56.55
N GLU F 515 -39.61 -73.82 -55.28
CA GLU F 515 -40.21 -74.98 -54.60
C GLU F 515 -41.71 -74.79 -54.46
N PHE F 516 -42.13 -73.53 -54.39
CA PHE F 516 -43.55 -73.20 -54.25
C PHE F 516 -44.34 -73.51 -55.51
N VAL F 517 -43.75 -73.27 -56.68
CA VAL F 517 -44.44 -73.52 -57.93
C VAL F 517 -44.30 -74.98 -58.35
N LEU F 518 -43.21 -75.62 -57.93
CA LEU F 518 -42.97 -77.02 -58.25
C LEU F 518 -43.84 -77.95 -57.43
N ASN F 519 -43.95 -77.67 -56.12
CA ASN F 519 -44.75 -78.51 -55.23
C ASN F 519 -46.24 -78.23 -55.37
N ASP F 520 -46.61 -77.43 -56.36
CA ASP F 520 -48.00 -77.08 -56.60
C ASP F 520 -48.44 -77.54 -57.99
N ALA G 2 12.69 16.45 70.38
CA ALA G 2 12.98 17.56 69.47
C ALA G 2 14.22 18.31 69.90
N SER G 3 14.86 19.00 68.95
CA SER G 3 16.09 19.73 69.23
C SER G 3 15.86 21.25 69.21
N GLU G 4 16.69 21.97 69.95
CA GLU G 4 16.60 23.42 70.03
C GLU G 4 17.19 24.09 68.80
N VAL G 5 16.45 25.03 68.23
CA VAL G 5 16.91 25.78 67.07
C VAL G 5 17.81 26.94 67.48
N PRO G 6 19.05 26.94 66.97
CA PRO G 6 20.00 28.02 67.30
C PRO G 6 19.55 29.36 66.76
N GLN G 7 19.87 30.43 67.49
CA GLN G 7 19.51 31.79 67.09
C GLN G 7 20.72 32.70 67.07
N VAL G 8 20.76 33.64 66.14
CA VAL G 8 21.77 34.67 66.15
C VAL G 8 21.26 35.84 66.98
N VAL G 9 19.98 36.15 66.80
CA VAL G 9 19.29 37.12 67.63
C VAL G 9 17.98 36.51 68.13
N SER G 10 17.44 37.04 69.21
CA SER G 10 16.24 36.47 69.83
C SER G 10 15.01 36.60 68.94
N LEU G 11 15.11 37.45 67.93
CA LEU G 11 14.00 37.66 67.00
C LEU G 11 13.94 36.58 65.93
N ASP G 12 14.99 35.75 65.86
CA ASP G 12 15.01 34.64 64.93
C ASP G 12 13.94 33.60 65.29
N PRO G 13 13.11 33.21 64.32
CA PRO G 13 12.07 32.20 64.53
C PRO G 13 12.67 30.84 64.90
N THR G 14 11.99 30.09 65.76
CA THR G 14 12.53 28.83 66.27
C THR G 14 11.68 27.62 65.86
N SER G 15 10.73 27.84 64.95
CA SER G 15 9.90 26.76 64.46
C SER G 15 9.16 27.15 63.19
N ILE G 16 8.68 26.14 62.46
CA ILE G 16 7.87 26.38 61.28
C ILE G 16 6.39 26.39 61.66
N PRO G 17 5.71 27.52 61.43
CA PRO G 17 4.27 27.55 61.64
C PRO G 17 3.55 26.67 60.62
N ILE G 18 2.76 25.73 61.10
CA ILE G 18 2.04 24.81 60.21
C ILE G 18 0.54 24.89 60.47
N GLU G 19 -0.23 25.02 59.40
CA GLU G 19 -1.68 25.00 59.50
C GLU G 19 -2.21 23.61 59.19
N TYR G 20 -2.57 22.87 60.23
CA TYR G 20 -3.13 21.53 60.07
C TYR G 20 -4.62 21.60 59.76
N ASN G 21 -5.36 22.30 60.62
CA ASN G 21 -6.81 22.41 60.46
C ASN G 21 -7.18 23.54 59.51
N THR G 22 -7.18 23.25 58.22
CA THR G 22 -7.48 24.24 57.19
C THR G 22 -8.98 24.39 56.98
N PRO G 23 -9.42 25.54 56.45
CA PRO G 23 -10.82 25.76 56.10
C PRO G 23 -11.38 24.67 55.19
N ILE G 24 -10.52 24.11 54.35
CA ILE G 24 -10.90 23.02 53.46
C ILE G 24 -11.40 21.81 54.24
N HIS G 25 -10.80 21.57 55.41
CA HIS G 25 -11.18 20.43 56.24
C HIS G 25 -12.54 20.62 56.92
N ASP G 26 -13.08 21.84 56.83
CA ASP G 26 -14.36 22.14 57.44
C ASP G 26 -15.49 22.15 56.41
N ILE G 27 -15.13 21.96 55.14
CA ILE G 27 -16.13 21.87 54.08
C ILE G 27 -16.82 20.51 54.10
N LYS G 28 -18.14 20.52 54.18
CA LYS G 28 -18.91 19.28 54.09
C LYS G 28 -19.26 18.98 52.64
N VAL G 29 -18.76 17.85 52.15
CA VAL G 29 -18.94 17.48 50.75
C VAL G 29 -20.05 16.45 50.57
N GLN G 30 -20.95 16.72 49.62
CA GLN G 30 -22.04 15.81 49.30
C GLN G 30 -22.05 15.52 47.80
N VAL G 31 -22.01 14.24 47.45
CA VAL G 31 -22.07 13.84 46.04
C VAL G 31 -23.45 13.29 45.70
N TYR G 32 -24.08 13.87 44.67
CA TYR G 32 -25.38 13.40 44.21
C TYR G 32 -25.31 12.94 42.76
N ASP G 33 -26.27 12.10 42.38
CA ASP G 33 -26.37 11.62 41.00
C ASP G 33 -27.24 12.57 40.18
N ILE G 34 -26.78 12.95 38.99
CA ILE G 34 -27.51 13.91 38.17
C ILE G 34 -28.82 13.33 37.65
N LYS G 35 -28.97 12.01 37.74
CA LYS G 35 -30.20 11.34 37.30
C LYS G 35 -31.40 11.85 38.09
N GLY G 36 -31.17 12.24 39.34
CA GLY G 36 -32.25 12.72 40.19
C GLY G 36 -32.54 14.20 40.00
N GLY G 37 -31.70 14.88 39.22
CA GLY G 37 -31.90 16.29 38.96
C GLY G 37 -31.16 17.17 39.95
N CYS G 38 -31.01 18.44 39.62
CA CYS G 38 -30.25 19.37 40.43
C CYS G 38 -31.13 20.36 41.21
N ASN G 39 -30.93 20.42 42.51
CA ASN G 39 -31.55 21.45 43.33
C ASN G 39 -30.71 22.72 43.28
N VAL G 40 -31.31 23.81 42.83
CA VAL G 40 -30.59 25.07 42.69
C VAL G 40 -31.10 26.11 43.68
N GLU G 41 -30.40 26.26 44.79
CA GLU G 41 -30.78 27.26 45.80
C GLU G 41 -29.57 28.08 46.27
N GLU G 42 -29.35 28.12 47.58
CA GLU G 42 -28.36 29.05 48.15
C GLU G 42 -26.95 28.76 47.65
N GLY G 43 -26.09 29.78 47.70
CA GLY G 43 -24.72 29.66 47.26
C GLY G 43 -24.55 29.91 45.78
N LEU G 44 -23.65 29.15 45.16
CA LEU G 44 -23.37 29.30 43.73
C LEU G 44 -23.33 27.95 43.04
N THR G 45 -24.07 27.83 41.94
CA THR G 45 -24.12 26.57 41.19
C THR G 45 -23.41 26.71 39.85
N ILE G 46 -22.38 25.90 39.65
CA ILE G 46 -21.59 25.95 38.42
C ILE G 46 -21.69 24.66 37.62
N PHE G 47 -22.09 24.79 36.36
CA PHE G 47 -22.14 23.65 35.45
C PHE G 47 -20.81 23.53 34.70
N LEU G 48 -20.26 22.32 34.68
CA LEU G 48 -19.07 22.05 33.87
C LEU G 48 -19.50 21.51 32.52
N VAL G 49 -19.46 22.35 31.50
CA VAL G 49 -20.02 22.00 30.20
C VAL G 49 -19.02 22.14 29.06
N ASN G 50 -19.14 21.25 28.08
CA ASN G 50 -18.33 21.30 26.88
C ASN G 50 -19.17 21.14 25.62
N ASN G 51 -18.54 21.29 24.46
CA ASN G 51 -19.19 21.00 23.20
C ASN G 51 -18.20 20.27 22.28
N PRO G 52 -18.17 18.93 22.37
CA PRO G 52 -17.25 18.09 21.62
C PRO G 52 -17.29 18.35 20.12
N GLY G 53 -16.13 18.59 19.52
CA GLY G 53 -16.04 18.81 18.09
C GLY G 53 -16.12 20.28 17.71
N LYS G 54 -17.22 20.92 18.09
CA LYS G 54 -17.46 22.32 17.75
C LYS G 54 -16.57 23.26 18.56
N GLU G 55 -15.48 23.71 17.95
CA GLU G 55 -14.60 24.69 18.58
C GLU G 55 -15.37 25.96 18.90
N ASN G 56 -15.40 26.31 20.19
CA ASN G 56 -16.15 27.46 20.68
C ASN G 56 -17.65 27.35 20.35
N GLY G 57 -18.18 26.15 20.46
CA GLY G 57 -19.60 25.92 20.22
C GLY G 57 -20.46 26.50 21.32
N PRO G 58 -21.80 26.46 21.14
CA PRO G 58 -22.72 27.05 22.10
C PRO G 58 -22.86 26.24 23.39
N VAL G 59 -23.28 26.91 24.45
CA VAL G 59 -23.52 26.24 25.74
C VAL G 59 -24.88 25.57 25.76
N LYS G 60 -24.91 24.31 26.17
CA LYS G 60 -26.17 23.59 26.34
C LYS G 60 -26.18 22.88 27.70
N ILE G 61 -27.26 23.03 28.44
CA ILE G 61 -27.40 22.37 29.74
C ILE G 61 -28.23 21.10 29.61
N SER G 62 -27.57 19.96 29.68
CA SER G 62 -28.24 18.67 29.49
C SER G 62 -29.03 18.24 30.72
N SER G 63 -28.42 18.43 31.89
CA SER G 63 -28.99 17.93 33.14
C SER G 63 -30.38 18.45 33.45
N LYS G 64 -31.15 17.65 34.19
CA LYS G 64 -32.45 18.06 34.67
C LYS G 64 -32.29 18.92 35.91
N VAL G 65 -32.98 20.06 35.94
CA VAL G 65 -32.95 20.94 37.11
C VAL G 65 -34.33 21.00 37.74
N ASN G 66 -34.42 20.58 38.99
CA ASN G 66 -35.70 20.52 39.70
C ASN G 66 -36.23 21.89 40.10
N ASP G 67 -36.41 22.76 39.11
CA ASP G 67 -36.96 24.09 39.32
C ASP G 67 -37.37 24.69 37.99
N LYS G 68 -38.65 24.96 37.83
CA LYS G 68 -39.19 25.43 36.55
C LYS G 68 -38.62 26.78 36.14
N GLN G 69 -38.41 27.66 37.13
CA GLN G 69 -37.84 28.98 36.87
C GLN G 69 -36.41 28.86 36.33
N VAL G 70 -35.59 28.07 37.03
CA VAL G 70 -34.20 27.90 36.65
C VAL G 70 -34.07 27.13 35.33
N SER G 71 -34.95 26.16 35.14
CA SER G 71 -34.98 25.38 33.91
C SER G 71 -35.23 26.26 32.69
N GLU G 72 -36.16 27.19 32.83
CA GLU G 72 -36.48 28.12 31.75
C GLU G 72 -35.32 29.05 31.45
N PHE G 73 -34.68 29.52 32.51
CA PHE G 73 -33.51 30.39 32.39
C PHE G 73 -32.39 29.69 31.61
N LEU G 74 -32.27 28.38 31.82
CA LEU G 74 -31.15 27.62 31.28
C LEU G 74 -31.49 26.84 30.01
N LYS G 75 -32.62 27.16 29.38
CA LYS G 75 -33.00 26.50 28.14
C LYS G 75 -32.02 26.90 27.03
N ASP G 76 -31.94 26.09 25.98
CA ASP G 76 -30.95 26.27 24.93
C ASP G 76 -31.00 27.64 24.26
N GLU G 77 -32.19 28.17 24.08
CA GLU G 77 -32.37 29.46 23.41
C GLU G 77 -31.68 30.59 24.17
N ASN G 78 -31.63 30.47 25.50
CA ASN G 78 -31.02 31.48 26.34
C ASN G 78 -29.50 31.32 26.42
N MET G 79 -29.02 30.09 26.28
CA MET G 79 -27.61 29.79 26.50
C MET G 79 -26.77 29.85 25.22
N GLU G 80 -27.42 29.92 24.08
CA GLU G 80 -26.72 29.81 22.79
C GLU G 80 -25.77 30.97 22.53
N LYS G 81 -25.96 32.09 23.21
CA LYS G 81 -25.08 33.23 23.03
C LYS G 81 -23.83 33.11 23.90
N PHE G 82 -23.77 32.03 24.67
CA PHE G 82 -22.58 31.73 25.47
C PHE G 82 -21.87 30.51 24.90
N ASN G 83 -20.54 30.54 24.88
CA ASN G 83 -19.78 29.44 24.29
C ASN G 83 -18.97 28.67 25.33
N VAL G 84 -18.39 27.56 24.90
CA VAL G 84 -17.79 26.59 25.82
C VAL G 84 -16.27 26.68 25.90
N LYS G 85 -15.70 27.79 25.41
CA LYS G 85 -14.25 27.93 25.33
C LYS G 85 -13.58 27.66 26.67
N LEU G 86 -12.47 26.93 26.63
CA LEU G 86 -11.74 26.52 27.83
C LEU G 86 -11.38 27.70 28.72
N GLY G 87 -11.90 27.68 29.95
CA GLY G 87 -11.59 28.72 30.91
C GLY G 87 -12.66 29.79 31.00
N THR G 88 -13.56 29.82 30.03
CA THR G 88 -14.66 30.79 30.03
C THR G 88 -15.61 30.52 31.18
N SER G 89 -16.18 31.58 31.74
CA SER G 89 -17.16 31.44 32.80
C SER G 89 -18.15 32.60 32.78
N LYS G 90 -19.39 32.32 33.15
CA LYS G 90 -20.41 33.34 33.24
C LYS G 90 -21.16 33.26 34.57
N HIS G 91 -21.72 34.38 34.99
CA HIS G 91 -22.52 34.42 36.21
C HIS G 91 -23.98 34.72 35.87
N PHE G 92 -24.89 33.93 36.43
CA PHE G 92 -26.32 34.14 36.21
C PHE G 92 -27.01 34.48 37.53
N TYR G 93 -28.05 35.31 37.45
CA TYR G 93 -28.83 35.69 38.63
C TYR G 93 -30.32 35.58 38.32
N MET G 94 -31.06 34.90 39.19
CA MET G 94 -32.47 34.63 38.94
C MET G 94 -33.23 34.22 40.20
N PHE G 95 -34.55 34.19 40.11
CA PHE G 95 -35.39 33.70 41.20
C PHE G 95 -35.87 32.29 40.90
N ASN G 96 -36.03 31.47 41.94
CA ASN G 96 -36.50 30.10 41.76
C ASN G 96 -38.00 29.95 42.07
N ASP G 97 -38.45 28.71 42.18
CA ASP G 97 -39.86 28.41 42.40
C ASP G 97 -40.38 28.92 43.75
N ASN G 98 -39.47 29.03 44.71
CA ASN G 98 -39.84 29.49 46.05
C ASN G 98 -39.61 30.99 46.21
N LYS G 99 -39.53 31.69 45.09
CA LYS G 99 -39.31 33.14 45.06
C LYS G 99 -38.04 33.53 45.80
N ASN G 100 -37.02 32.67 45.71
CA ASN G 100 -35.71 32.96 46.26
C ASN G 100 -34.70 33.22 45.15
N SER G 101 -33.82 34.19 45.35
CA SER G 101 -32.80 34.51 44.36
C SER G 101 -31.65 33.53 44.46
N VAL G 102 -31.26 32.96 43.32
CA VAL G 102 -30.14 32.02 43.28
C VAL G 102 -29.07 32.48 42.30
N ALA G 103 -27.83 32.10 42.59
CA ALA G 103 -26.72 32.41 41.69
C ALA G 103 -26.27 31.16 40.97
N VAL G 104 -26.28 31.21 39.64
CA VAL G 104 -25.90 30.07 38.82
C VAL G 104 -24.82 30.51 37.82
N GLY G 105 -24.06 29.56 37.29
CA GLY G 105 -23.07 29.86 36.27
C GLY G 105 -22.55 28.61 35.60
N TYR G 106 -21.49 28.77 34.82
CA TYR G 106 -20.84 27.62 34.18
C TYR G 106 -19.38 27.92 33.92
N VAL G 107 -18.59 26.86 33.77
CA VAL G 107 -17.21 26.98 33.31
C VAL G 107 -17.02 26.14 32.06
N GLY G 108 -16.63 26.78 30.97
CA GLY G 108 -16.45 26.09 29.70
C GLY G 108 -15.26 25.15 29.72
N CYS G 109 -15.48 23.93 29.24
CA CYS G 109 -14.43 22.91 29.28
C CYS G 109 -13.94 22.54 27.88
N GLY G 110 -14.17 23.42 26.92
CA GLY G 110 -13.61 23.27 25.58
C GLY G 110 -14.35 22.30 24.68
N SER G 111 -13.63 21.71 23.74
CA SER G 111 -14.21 20.81 22.75
C SER G 111 -13.60 19.43 22.79
N VAL G 112 -12.40 19.32 23.37
CA VAL G 112 -11.72 18.04 23.50
C VAL G 112 -12.46 17.17 24.51
N ALA G 113 -12.86 15.97 24.08
CA ALA G 113 -13.64 15.05 24.92
C ALA G 113 -12.91 14.71 26.21
N ASP G 114 -11.73 14.12 26.08
CA ASP G 114 -10.94 13.74 27.25
C ASP G 114 -10.09 14.92 27.72
N LEU G 115 -10.52 15.57 28.79
CA LEU G 115 -9.75 16.66 29.39
C LEU G 115 -8.43 16.14 29.93
N SER G 116 -7.34 16.81 29.57
CA SER G 116 -6.03 16.44 30.10
C SER G 116 -5.82 17.12 31.45
N GLU G 117 -4.74 16.71 32.13
CA GLU G 117 -4.43 17.24 33.45
C GLU G 117 -4.30 18.76 33.47
N ALA G 118 -3.59 19.30 32.50
CA ALA G 118 -3.38 20.74 32.39
C ALA G 118 -4.69 21.47 32.07
N ASP G 119 -5.52 20.82 31.27
CA ASP G 119 -6.82 21.39 30.90
C ASP G 119 -7.72 21.48 32.13
N MET G 120 -7.76 20.42 32.92
CA MET G 120 -8.58 20.36 34.12
C MET G 120 -8.13 21.43 35.12
N LYS G 121 -6.83 21.69 35.16
CA LYS G 121 -6.28 22.73 36.03
C LYS G 121 -6.80 24.10 35.61
N ARG G 122 -6.88 24.32 34.30
CA ARG G 122 -7.40 25.57 33.76
C ARG G 122 -8.86 25.77 34.14
N VAL G 123 -9.62 24.67 34.12
CA VAL G 123 -11.03 24.72 34.51
C VAL G 123 -11.16 25.07 35.99
N VAL G 124 -10.35 24.41 36.82
CA VAL G 124 -10.36 24.66 38.25
C VAL G 124 -10.02 26.12 38.55
N LEU G 125 -8.98 26.63 37.89
CA LEU G 125 -8.55 28.01 38.10
C LEU G 125 -9.65 29.01 37.74
N SER G 126 -10.47 28.66 36.76
CA SER G 126 -11.61 29.49 36.40
C SER G 126 -12.65 29.46 37.52
N LEU G 127 -12.86 28.28 38.08
CA LEU G 127 -13.82 28.09 39.16
C LEU G 127 -13.37 28.81 40.43
N VAL G 128 -12.07 28.81 40.69
CA VAL G 128 -11.52 29.46 41.88
C VAL G 128 -11.72 30.97 41.83
N THR G 129 -11.59 31.56 40.63
CA THR G 129 -11.79 32.99 40.45
C THR G 129 -13.23 33.38 40.70
N MET G 130 -14.15 32.42 40.56
CA MET G 130 -15.55 32.64 40.87
C MET G 130 -15.76 32.56 42.37
N LEU G 131 -14.89 31.81 43.04
CA LEU G 131 -14.96 31.66 44.50
C LEU G 131 -14.35 32.88 45.19
N HIS G 132 -13.28 33.41 44.63
CA HIS G 132 -12.61 34.57 45.21
C HIS G 132 -13.44 35.84 45.07
N ASP G 133 -13.34 36.71 46.07
CA ASP G 133 -14.06 37.99 46.09
C ASP G 133 -15.57 37.81 46.01
N ASN G 134 -16.07 36.72 46.58
CA ASN G 134 -17.50 36.48 46.66
C ASN G 134 -17.81 35.61 47.88
N LYS G 135 -18.33 36.25 48.93
CA LYS G 135 -18.61 35.55 50.18
C LYS G 135 -19.77 34.57 50.02
N LEU G 136 -19.42 33.31 49.76
CA LEU G 136 -20.41 32.25 49.56
C LEU G 136 -20.39 31.27 50.73
N SER G 137 -21.53 30.65 51.00
CA SER G 137 -21.61 29.63 52.05
C SER G 137 -21.59 28.23 51.44
N LYS G 138 -21.98 28.14 50.16
CA LYS G 138 -22.01 26.85 49.47
C LYS G 138 -21.65 26.97 48.00
N LEU G 139 -20.90 25.99 47.51
CA LEU G 139 -20.66 25.84 46.08
C LEU G 139 -21.22 24.50 45.61
N THR G 140 -21.91 24.51 44.47
CA THR G 140 -22.40 23.28 43.87
C THR G 140 -21.87 23.15 42.44
N VAL G 141 -21.22 22.03 42.15
CA VAL G 141 -20.62 21.82 40.83
C VAL G 141 -21.29 20.67 40.09
N VAL G 142 -21.80 20.96 38.89
CA VAL G 142 -22.48 19.95 38.08
C VAL G 142 -21.58 19.47 36.94
N PHE G 143 -21.18 18.21 37.01
CA PHE G 143 -20.36 17.61 35.97
C PHE G 143 -21.20 17.15 34.78
N GLU G 144 -21.21 17.97 33.73
CA GLU G 144 -21.83 17.58 32.47
C GLU G 144 -20.75 17.21 31.47
N ILE G 145 -19.62 16.74 31.99
CA ILE G 145 -18.52 16.26 31.17
C ILE G 145 -18.07 14.91 31.70
N ASN G 146 -17.35 14.16 30.89
CA ASN G 146 -16.89 12.83 31.27
C ASN G 146 -15.49 12.83 31.88
N VAL G 147 -15.42 12.47 33.14
CA VAL G 147 -14.13 12.29 33.81
C VAL G 147 -14.08 10.92 34.48
N ASP G 148 -12.90 10.32 34.51
CA ASP G 148 -12.74 9.07 35.25
C ASP G 148 -12.49 9.39 36.71
N LYS G 149 -12.52 8.37 37.56
CA LYS G 149 -12.39 8.55 39.00
C LYS G 149 -11.12 9.32 39.39
N ASN G 150 -10.02 9.04 38.69
CA ASN G 150 -8.76 9.72 38.96
C ASN G 150 -8.80 11.20 38.60
N LEU G 151 -9.40 11.51 37.46
CA LEU G 151 -9.52 12.89 37.02
C LEU G 151 -10.52 13.64 37.90
N PHE G 152 -11.51 12.92 38.41
CA PHE G 152 -12.47 13.49 39.34
C PHE G 152 -11.78 13.81 40.66
N ARG G 153 -10.95 12.90 41.14
CA ARG G 153 -10.20 13.11 42.36
C ARG G 153 -9.22 14.27 42.17
N PHE G 154 -8.62 14.34 40.98
CA PHE G 154 -7.70 15.41 40.65
C PHE G 154 -8.40 16.77 40.61
N PHE G 155 -9.69 16.76 40.29
CA PHE G 155 -10.47 17.97 40.27
C PHE G 155 -10.63 18.54 41.68
N LEU G 156 -10.95 17.66 42.63
CA LEU G 156 -11.17 18.07 44.01
C LEU G 156 -9.88 18.54 44.67
N GLU G 157 -8.81 17.76 44.51
CA GLU G 157 -7.51 18.11 45.07
C GLU G 157 -7.02 19.46 44.57
N THR G 158 -7.10 19.65 43.26
CA THR G 158 -6.66 20.88 42.64
C THR G 158 -7.54 22.04 43.08
N LEU G 159 -8.83 21.77 43.24
CA LEU G 159 -9.77 22.78 43.73
C LEU G 159 -9.41 23.17 45.16
N PHE G 160 -9.26 22.16 46.02
CA PHE G 160 -8.92 22.39 47.42
C PHE G 160 -7.60 23.15 47.56
N TYR G 161 -6.61 22.72 46.80
CA TYR G 161 -5.26 23.31 46.88
C TYR G 161 -5.25 24.76 46.41
N GLU G 162 -5.87 25.03 45.26
CA GLU G 162 -5.86 26.37 44.69
C GLU G 162 -6.79 27.32 45.44
N TYR G 163 -7.83 26.76 46.05
CA TYR G 163 -8.76 27.55 46.85
C TYR G 163 -8.07 28.11 48.09
N MET G 164 -7.23 27.28 48.68
CA MET G 164 -6.55 27.62 49.92
C MET G 164 -5.60 28.79 49.75
N THR G 165 -5.50 29.62 50.78
CA THR G 165 -4.59 30.76 50.78
C THR G 165 -3.70 30.75 52.03
N ASP G 166 -2.39 30.71 51.81
CA ASP G 166 -1.43 30.69 52.90
C ASP G 166 -1.19 32.09 53.44
N GLU G 167 -1.65 32.35 54.67
CA GLU G 167 -1.47 33.65 55.29
C GLU G 167 -0.60 33.56 56.55
N ARG G 168 0.21 32.52 56.63
CA ARG G 168 1.04 32.27 57.81
C ARG G 168 2.02 33.40 58.10
N PHE G 169 2.49 34.07 57.05
CA PHE G 169 3.52 35.09 57.21
C PHE G 169 2.99 36.49 56.92
N LYS G 170 1.68 36.60 56.73
CA LYS G 170 1.03 37.90 56.67
C LYS G 170 0.85 38.42 58.09
N SER G 171 0.89 39.73 58.26
CA SER G 171 0.72 40.33 59.59
C SER G 171 -0.19 41.55 59.53
N THR G 172 0.22 42.55 58.77
CA THR G 172 -0.56 43.77 58.63
C THR G 172 -1.26 43.80 57.27
N ASP G 173 -1.18 42.70 56.54
CA ASP G 173 -1.73 42.64 55.18
C ASP G 173 -2.62 41.41 54.99
N LYS G 174 -3.23 40.94 56.08
CA LYS G 174 -4.16 39.83 55.97
C LYS G 174 -5.42 40.24 55.22
N ASN G 175 -5.90 39.37 54.35
CA ASN G 175 -7.10 39.64 53.57
C ASN G 175 -8.32 39.74 54.49
N VAL G 176 -8.95 40.91 54.50
CA VAL G 176 -10.07 41.18 55.40
C VAL G 176 -11.35 40.46 54.96
N ASN G 177 -11.43 40.12 53.68
CA ASN G 177 -12.64 39.51 53.13
C ASN G 177 -12.49 38.01 52.89
N MET G 178 -11.53 37.39 53.60
CA MET G 178 -11.27 35.97 53.44
C MET G 178 -12.34 35.11 54.12
N GLU G 179 -13.30 34.64 53.33
CA GLU G 179 -14.31 33.71 53.81
C GLU G 179 -14.40 32.50 52.90
N TYR G 180 -14.44 31.31 53.48
CA TYR G 180 -14.50 30.07 52.71
C TYR G 180 -15.90 29.47 52.75
N ILE G 181 -16.27 28.77 51.68
CA ILE G 181 -17.54 28.05 51.64
C ILE G 181 -17.54 26.97 52.71
N LYS G 182 -18.73 26.61 53.18
CA LYS G 182 -18.85 25.61 54.24
C LYS G 182 -19.38 24.29 53.70
N HIS G 183 -19.96 24.32 52.50
CA HIS G 183 -20.53 23.14 51.89
C HIS G 183 -20.20 23.03 50.42
N LEU G 184 -19.94 21.81 49.97
CA LEU G 184 -19.67 21.56 48.56
C LEU G 184 -20.51 20.41 48.03
N GLY G 185 -21.44 20.70 47.13
CA GLY G 185 -22.26 19.69 46.51
C GLY G 185 -21.76 19.35 45.11
N VAL G 186 -21.74 18.07 44.78
CA VAL G 186 -21.30 17.64 43.47
C VAL G 186 -22.35 16.75 42.79
N TYR G 187 -22.81 17.19 41.63
CA TYR G 187 -23.71 16.39 40.80
C TYR G 187 -22.93 15.74 39.67
N ILE G 188 -22.94 14.41 39.64
CA ILE G 188 -22.23 13.67 38.60
C ILE G 188 -22.95 12.36 38.31
N ASN G 189 -22.83 11.89 37.07
CA ASN G 189 -23.39 10.59 36.69
C ASN G 189 -22.68 9.46 37.44
N ASN G 190 -23.45 8.44 37.82
CA ASN G 190 -22.93 7.31 38.58
C ASN G 190 -22.20 7.76 39.84
N ALA G 191 -22.88 8.56 40.65
CA ALA G 191 -22.27 9.24 41.78
C ALA G 191 -21.66 8.31 42.82
N ASP G 192 -22.29 7.17 43.04
CA ASP G 192 -21.82 6.22 44.05
C ASP G 192 -20.42 5.69 43.72
N THR G 193 -20.10 5.68 42.43
CA THR G 193 -18.77 5.26 41.97
C THR G 193 -17.70 6.26 42.41
N TYR G 194 -18.07 7.54 42.46
CA TYR G 194 -17.11 8.62 42.70
C TYR G 194 -17.00 9.05 44.16
N LYS G 195 -17.87 8.52 45.02
CA LYS G 195 -17.88 8.93 46.42
C LYS G 195 -16.60 8.51 47.16
N GLU G 196 -15.97 7.45 46.70
CA GLU G 196 -14.76 6.94 47.33
C GLU G 196 -13.59 7.91 47.15
N GLU G 197 -13.65 8.71 46.09
CA GLU G 197 -12.55 9.61 45.76
C GLU G 197 -12.54 10.88 46.61
N VAL G 198 -13.65 11.17 47.26
CA VAL G 198 -13.80 12.43 48.00
C VAL G 198 -12.81 12.56 49.15
N GLU G 199 -12.83 11.61 50.09
CA GLU G 199 -11.96 11.70 51.26
C GLU G 199 -10.51 11.44 50.88
N LYS G 200 -10.29 10.68 49.81
CA LYS G 200 -8.95 10.48 49.30
C LYS G 200 -8.40 11.79 48.74
N ALA G 201 -9.30 12.57 48.14
CA ALA G 201 -8.93 13.87 47.59
C ALA G 201 -8.61 14.88 48.69
N ARG G 202 -9.30 14.75 49.82
CA ARG G 202 -9.05 15.64 50.95
C ARG G 202 -7.68 15.33 51.56
N VAL G 203 -7.38 14.05 51.69
CA VAL G 203 -6.08 13.62 52.20
C VAL G 203 -4.95 14.05 51.28
N TYR G 204 -5.11 13.78 49.98
CA TYR G 204 -4.11 14.16 48.99
C TYR G 204 -3.92 15.68 48.94
N TYR G 205 -5.02 16.42 49.15
CA TYR G 205 -4.95 17.87 49.20
C TYR G 205 -3.97 18.33 50.28
N PHE G 206 -4.16 17.84 51.50
CA PHE G 206 -3.37 18.32 52.61
C PHE G 206 -1.92 17.88 52.51
N GLY G 207 -1.70 16.64 52.06
CA GLY G 207 -0.35 16.14 51.87
C GLY G 207 0.42 17.03 50.91
N THR G 208 -0.26 17.45 49.85
CA THR G 208 0.33 18.37 48.89
C THR G 208 0.40 19.77 49.50
N TYR G 209 -0.59 20.12 50.31
CA TYR G 209 -0.63 21.44 50.93
C TYR G 209 0.40 21.54 52.07
N TYR G 210 0.59 20.44 52.79
CA TYR G 210 1.58 20.39 53.86
C TYR G 210 2.98 20.59 53.30
N ALA G 211 3.28 19.87 52.21
CA ALA G 211 4.56 20.03 51.54
C ALA G 211 4.74 21.47 51.06
N SER G 212 3.68 22.03 50.49
CA SER G 212 3.69 23.39 50.00
C SER G 212 4.05 24.39 51.09
N GLN G 213 3.54 24.16 52.29
CA GLN G 213 3.80 25.04 53.42
C GLN G 213 5.27 25.01 53.84
N LEU G 214 5.84 23.80 53.86
CA LEU G 214 7.25 23.65 54.23
C LEU G 214 8.16 24.31 53.20
N ILE G 215 7.77 24.23 51.93
CA ILE G 215 8.57 24.81 50.86
C ILE G 215 8.48 26.33 50.87
N ALA G 216 7.27 26.86 51.00
CA ALA G 216 7.05 28.29 51.01
C ALA G 216 7.70 28.94 52.23
N ALA G 217 7.77 28.20 53.32
CA ALA G 217 8.43 28.68 54.54
C ALA G 217 9.87 29.06 54.26
N PRO G 218 10.23 30.31 54.56
CA PRO G 218 11.58 30.86 54.33
C PRO G 218 12.66 30.11 55.11
N SER G 219 13.91 30.27 54.70
CA SER G 219 15.00 29.49 55.26
C SER G 219 15.39 29.93 56.67
N ASN G 220 15.00 31.13 57.07
CA ASN G 220 15.21 31.56 58.45
C ASN G 220 14.18 30.92 59.37
N TYR G 221 13.07 30.49 58.76
CA TYR G 221 12.04 29.74 59.48
C TYR G 221 12.28 28.24 59.37
N CYS G 222 12.47 27.78 58.14
CA CYS G 222 12.67 26.36 57.87
C CYS G 222 14.15 26.03 57.70
N ASN G 223 14.77 25.58 58.78
CA ASN G 223 16.18 25.19 58.79
C ASN G 223 16.27 23.71 59.14
N PRO G 224 17.47 23.09 59.07
CA PRO G 224 17.58 21.66 59.38
C PRO G 224 16.92 21.23 60.69
N VAL G 225 17.11 22.01 61.75
CA VAL G 225 16.58 21.64 63.06
C VAL G 225 15.06 21.85 63.11
N SER G 226 14.59 22.98 62.60
CA SER G 226 13.16 23.28 62.62
C SER G 226 12.37 22.36 61.70
N LEU G 227 12.97 21.99 60.57
CA LEU G 227 12.31 21.09 59.62
C LEU G 227 12.24 19.66 60.18
N SER G 228 13.32 19.22 60.82
CA SER G 228 13.33 17.90 61.44
C SER G 228 12.41 17.86 62.65
N ASN G 229 12.32 18.98 63.36
CA ASN G 229 11.37 19.12 64.46
C ASN G 229 9.93 18.96 63.97
N ALA G 230 9.64 19.56 62.83
CA ALA G 230 8.31 19.47 62.23
C ALA G 230 7.99 18.04 61.81
N ALA G 231 9.02 17.33 61.35
CA ALA G 231 8.86 15.93 60.95
C ALA G 231 8.48 15.07 62.15
N VAL G 232 9.11 15.32 63.28
CA VAL G 232 8.84 14.58 64.51
C VAL G 232 7.40 14.83 64.97
N GLU G 233 6.96 16.07 64.91
CA GLU G 233 5.61 16.43 65.28
C GLU G 233 4.59 15.73 64.37
N LEU G 234 4.92 15.67 63.08
CA LEU G 234 4.06 15.00 62.12
C LEU G 234 3.96 13.51 62.42
N ALA G 235 5.09 12.91 62.79
CA ALA G 235 5.15 11.48 63.09
C ALA G 235 4.39 11.14 64.37
N GLN G 236 4.44 12.05 65.34
CA GLN G 236 3.74 11.86 66.59
C GLN G 236 2.23 11.90 66.39
N LYS G 237 1.77 12.77 65.51
CA LYS G 237 0.35 12.90 65.20
C LYS G 237 -0.16 11.69 64.41
N LEU G 238 0.70 11.14 63.56
CA LEU G 238 0.31 10.06 62.67
C LEU G 238 0.67 8.68 63.19
N ASN G 239 1.25 8.63 64.39
CA ASN G 239 1.70 7.38 64.99
C ASN G 239 2.69 6.61 64.12
N LEU G 240 3.66 7.34 63.57
CA LEU G 240 4.75 6.71 62.84
C LEU G 240 5.95 6.54 63.76
N GLU G 241 6.78 5.55 63.48
CA GLU G 241 8.07 5.45 64.15
C GLU G 241 8.98 6.51 63.56
N TYR G 242 9.87 7.07 64.36
CA TYR G 242 10.78 8.08 63.84
C TYR G 242 12.12 8.08 64.55
N LYS G 243 13.14 8.56 63.84
CA LYS G 243 14.47 8.72 64.38
C LYS G 243 15.16 9.89 63.71
N ILE G 244 15.61 10.85 64.51
CA ILE G 244 16.38 11.97 63.99
C ILE G 244 17.85 11.78 64.34
N LEU G 245 18.68 11.56 63.33
CA LEU G 245 20.10 11.33 63.56
C LEU G 245 20.87 12.64 63.63
N GLY G 246 21.63 12.82 64.71
CA GLY G 246 22.44 14.00 64.89
C GLY G 246 23.86 13.78 64.41
N VAL G 247 24.70 14.81 64.55
CA VAL G 247 26.07 14.77 64.03
C VAL G 247 26.88 13.62 64.62
N LYS G 248 26.75 13.40 65.92
CA LYS G 248 27.48 12.33 66.61
C LYS G 248 27.18 10.97 65.97
N GLU G 249 25.93 10.75 65.61
CA GLU G 249 25.52 9.50 65.00
C GLU G 249 25.91 9.46 63.53
N LEU G 250 25.91 10.61 62.89
CA LEU G 250 26.31 10.72 61.49
C LEU G 250 27.80 10.47 61.33
N GLU G 251 28.59 11.01 62.25
CA GLU G 251 30.03 10.77 62.26
C GLU G 251 30.33 9.29 62.44
N GLU G 252 29.55 8.64 63.30
CA GLU G 252 29.70 7.22 63.55
C GLU G 252 29.42 6.40 62.29
N LEU G 253 28.41 6.81 61.54
CA LEU G 253 28.03 6.12 60.32
C LEU G 253 28.90 6.55 59.14
N LYS G 254 29.82 7.48 59.41
CA LYS G 254 30.82 7.92 58.43
C LYS G 254 30.22 8.56 57.19
N MET G 255 29.19 9.38 57.37
CA MET G 255 28.56 10.06 56.24
C MET G 255 29.33 11.33 55.86
N GLY G 256 30.56 11.14 55.40
CA GLY G 256 31.45 12.24 55.08
C GLY G 256 30.95 13.14 53.96
N ALA G 257 30.21 12.58 53.02
CA ALA G 257 29.65 13.35 51.92
C ALA G 257 28.55 14.28 52.42
N TYR G 258 27.65 13.72 53.22
CA TYR G 258 26.54 14.45 53.80
C TYR G 258 27.02 15.53 54.77
N LEU G 259 27.95 15.15 55.64
CA LEU G 259 28.46 16.06 56.66
C LEU G 259 29.27 17.20 56.07
N SER G 260 30.02 16.91 55.01
CA SER G 260 30.83 17.93 54.35
C SER G 260 29.97 19.09 53.90
N VAL G 261 28.82 18.78 53.29
CA VAL G 261 27.91 19.80 52.77
C VAL G 261 27.44 20.76 53.87
N GLY G 262 27.08 20.23 55.02
CA GLY G 262 26.52 21.05 56.08
C GLY G 262 27.53 21.76 56.97
N LYS G 263 28.81 21.44 56.81
CA LYS G 263 29.88 21.98 57.66
C LYS G 263 29.79 23.50 57.89
N GLY G 264 29.54 24.24 56.81
CA GLY G 264 29.54 25.69 56.88
C GLY G 264 28.24 26.30 57.36
N SER G 265 27.37 25.49 57.95
CA SER G 265 26.08 25.97 58.42
C SER G 265 26.05 26.12 59.94
N MET G 266 25.24 27.07 60.42
CA MET G 266 25.08 27.29 61.86
C MET G 266 24.10 26.26 62.44
N TYR G 267 23.36 25.60 61.55
CA TYR G 267 22.42 24.56 61.96
C TYR G 267 23.04 23.18 61.77
N PRO G 268 23.05 22.38 62.83
CA PRO G 268 23.59 21.00 62.77
C PRO G 268 22.80 20.14 61.80
N ASN G 269 23.47 19.23 61.11
CA ASN G 269 22.80 18.31 60.20
C ASN G 269 21.79 17.43 60.94
N LYS G 270 20.62 17.27 60.35
CA LYS G 270 19.58 16.42 60.92
C LYS G 270 19.10 15.41 59.88
N PHE G 271 19.29 14.13 60.17
CA PHE G 271 18.85 13.06 59.26
C PHE G 271 17.49 12.53 59.69
N ILE G 272 16.48 12.77 58.86
CA ILE G 272 15.11 12.34 59.15
C ILE G 272 14.87 10.89 58.75
N HIS G 273 14.30 10.11 59.67
CA HIS G 273 13.97 8.73 59.39
C HIS G 273 12.60 8.36 59.95
N LEU G 274 11.57 8.51 59.12
CA LEU G 274 10.21 8.13 59.49
C LEU G 274 9.90 6.73 58.95
N THR G 275 9.13 5.96 59.70
CA THR G 275 8.79 4.61 59.28
C THR G 275 7.32 4.27 59.49
N TYR G 276 6.66 3.86 58.41
CA TYR G 276 5.33 3.29 58.50
C TYR G 276 5.40 1.78 58.29
N LYS G 277 4.84 1.02 59.23
CA LYS G 277 4.77 -0.42 59.10
C LYS G 277 3.32 -0.89 59.22
N SER G 278 2.89 -1.73 58.30
CA SER G 278 1.54 -2.27 58.34
C SER G 278 1.38 -3.27 59.48
N LYS G 279 0.15 -3.41 59.98
CA LYS G 279 -0.11 -4.30 61.09
C LYS G 279 0.05 -5.77 60.70
N GLY G 280 -0.45 -6.13 59.52
CA GLY G 280 -0.38 -7.50 59.06
C GLY G 280 0.99 -7.90 58.53
N ASP G 281 1.02 -8.93 57.70
CA ASP G 281 2.27 -9.42 57.13
C ASP G 281 2.77 -8.45 56.05
N VAL G 282 4.06 -8.12 56.12
CA VAL G 282 4.66 -7.19 55.17
C VAL G 282 5.19 -7.92 53.94
N LYS G 283 4.75 -7.49 52.76
CA LYS G 283 5.14 -8.13 51.51
C LYS G 283 6.09 -7.29 50.67
N LYS G 284 6.15 -5.99 50.98
CA LYS G 284 7.00 -5.06 50.23
C LYS G 284 7.65 -4.02 51.13
N LYS G 285 8.93 -3.78 50.92
CA LYS G 285 9.67 -2.76 51.67
C LYS G 285 10.13 -1.65 50.74
N ILE G 286 9.87 -0.41 51.15
CA ILE G 286 10.13 0.75 50.29
C ILE G 286 10.84 1.87 51.04
N ALA G 287 11.85 2.45 50.41
CA ALA G 287 12.54 3.61 50.97
C ALA G 287 12.34 4.83 50.08
N LEU G 288 11.67 5.84 50.61
CA LEU G 288 11.51 7.10 49.90
C LEU G 288 12.53 8.11 50.40
N VAL G 289 13.33 8.64 49.48
CA VAL G 289 14.41 9.54 49.86
C VAL G 289 14.20 10.94 49.29
N GLY G 290 14.12 11.92 50.19
CA GLY G 290 13.93 13.30 49.78
C GLY G 290 15.17 14.14 49.98
N LYS G 291 15.48 14.98 49.00
CA LYS G 291 16.57 15.94 49.14
C LYS G 291 16.15 17.07 50.06
N GLY G 292 16.92 17.27 51.13
CA GLY G 292 16.55 18.25 52.13
C GLY G 292 17.57 19.36 52.35
N ILE G 293 17.70 20.24 51.36
CA ILE G 293 18.57 21.41 51.50
C ILE G 293 17.73 22.66 51.76
N THR G 294 17.70 23.10 53.00
CA THR G 294 16.82 24.20 53.42
C THR G 294 17.18 25.51 52.74
N PHE G 295 18.47 25.73 52.47
CA PHE G 295 18.89 26.84 51.64
C PHE G 295 20.14 26.48 50.87
N ASP G 296 20.20 26.93 49.61
CA ASP G 296 21.31 26.62 48.74
C ASP G 296 21.94 27.89 48.18
N SER G 297 22.95 28.40 48.86
CA SER G 297 23.68 29.55 48.38
C SER G 297 24.67 29.13 47.29
N GLY G 298 24.94 27.83 47.25
CA GLY G 298 25.89 27.27 46.31
C GLY G 298 27.20 26.94 46.99
N GLY G 299 27.38 27.43 48.21
CA GLY G 299 28.64 27.28 48.91
C GLY G 299 29.66 28.25 48.34
N TYR G 300 30.93 27.87 48.33
CA TYR G 300 31.96 28.74 47.79
C TYR G 300 31.80 28.90 46.28
N ASN G 301 31.18 27.92 45.63
CA ASN G 301 30.64 28.14 44.30
C ASN G 301 29.30 28.85 44.45
N LEU G 302 29.38 30.12 44.84
CA LEU G 302 28.21 30.91 45.16
C LEU G 302 27.30 31.10 43.94
N LYS G 303 25.99 31.07 44.17
CA LYS G 303 25.03 31.37 43.12
C LYS G 303 25.03 32.88 42.86
N ALA G 304 26.02 33.34 42.10
CA ALA G 304 26.20 34.77 41.86
C ALA G 304 25.97 35.11 40.39
N ALA G 305 25.93 34.08 39.55
CA ALA G 305 25.69 34.26 38.12
C ALA G 305 24.28 34.78 37.89
N PRO G 306 24.08 35.55 36.81
CA PRO G 306 22.75 36.08 36.46
C PRO G 306 21.73 34.97 36.22
N GLY G 307 20.60 35.05 36.93
CA GLY G 307 19.53 34.09 36.74
C GLY G 307 19.67 32.83 37.55
N SER G 308 20.62 32.82 38.50
CA SER G 308 20.82 31.66 39.36
C SER G 308 19.70 31.56 40.41
N MET G 309 18.90 32.61 40.50
CA MET G 309 17.70 32.65 41.34
C MET G 309 17.98 32.23 42.79
N ILE G 310 19.00 32.83 43.38
CA ILE G 310 19.40 32.48 44.75
C ILE G 310 18.28 32.82 45.75
N ASP G 311 17.43 33.78 45.40
CA ASP G 311 16.35 34.20 46.30
C ASP G 311 15.18 33.23 46.30
N LEU G 312 15.26 32.18 45.49
CA LEU G 312 14.23 31.16 45.45
C LEU G 312 14.74 29.86 46.08
N MET G 313 16.03 29.85 46.43
CA MET G 313 16.70 28.63 46.85
C MET G 313 16.22 28.03 48.17
N LYS G 314 15.15 28.58 48.72
CA LYS G 314 14.47 27.96 49.84
C LYS G 314 13.74 26.70 49.36
N PHE G 315 13.50 26.56 48.07
CA PHE G 315 12.78 25.44 47.50
C PHE G 315 13.62 24.19 47.33
N ASP G 316 14.81 24.26 47.84
CA ASP G 316 15.73 23.16 47.60
C ASP G 316 15.52 21.96 48.52
N MET G 317 14.44 21.97 49.29
CA MET G 317 14.08 20.79 50.08
CA MET G 317 14.05 20.83 50.11
C MET G 317 12.65 20.33 49.74
N SER G 318 12.27 20.58 48.49
CA SER G 318 10.97 20.17 47.98
C SER G 318 10.85 18.65 47.96
N GLY G 319 11.97 17.98 47.72
CA GLY G 319 12.03 16.53 47.75
C GLY G 319 11.68 16.03 49.13
N CYS G 320 12.27 16.66 50.14
CA CYS G 320 11.99 16.33 51.53
C CYS G 320 10.52 16.59 51.86
N ALA G 321 10.02 17.73 51.39
CA ALA G 321 8.63 18.11 51.62
C ALA G 321 7.68 17.13 50.94
N ALA G 322 8.05 16.69 49.74
CA ALA G 322 7.23 15.73 49.01
C ALA G 322 7.15 14.40 49.74
N VAL G 323 8.26 14.01 50.37
CA VAL G 323 8.30 12.75 51.11
C VAL G 323 7.50 12.85 52.40
N LEU G 324 7.69 13.94 53.14
CA LEU G 324 6.94 14.16 54.37
C LEU G 324 5.45 14.28 54.08
N GLY G 325 5.12 14.88 52.94
CA GLY G 325 3.74 14.97 52.50
C GLY G 325 3.18 13.59 52.25
N CYS G 326 4.00 12.73 51.66
CA CYS G 326 3.62 11.35 51.41
C CYS G 326 3.45 10.58 52.72
N ALA G 327 4.26 10.95 53.72
CA ALA G 327 4.17 10.34 55.04
C ALA G 327 2.80 10.63 55.66
N TYR G 328 2.28 11.83 55.43
CA TYR G 328 0.95 12.17 55.93
C TYR G 328 -0.11 11.30 55.27
N CYS G 329 -0.05 11.20 53.95
CA CYS G 329 -1.04 10.45 53.19
C CYS G 329 -1.05 8.98 53.59
N VAL G 330 0.13 8.37 53.57
CA VAL G 330 0.28 6.96 53.92
C VAL G 330 -0.10 6.70 55.37
N GLY G 331 0.38 7.56 56.27
CA GLY G 331 0.06 7.44 57.68
C GLY G 331 -1.42 7.63 57.98
N THR G 332 -2.11 8.33 57.09
CA THR G 332 -3.54 8.57 57.26
C THR G 332 -4.37 7.46 56.63
N LEU G 333 -4.07 7.15 55.36
CA LEU G 333 -4.82 6.14 54.62
C LEU G 333 -4.50 4.73 55.12
N LYS G 334 -3.27 4.55 55.59
CA LYS G 334 -2.82 3.29 56.17
C LYS G 334 -2.98 2.09 55.24
N PRO G 335 -2.16 2.02 54.18
CA PRO G 335 -2.16 0.84 53.30
C PRO G 335 -1.59 -0.38 54.02
N GLU G 336 -1.91 -1.57 53.52
CA GLU G 336 -1.49 -2.82 54.15
C GLU G 336 -0.37 -3.50 53.39
N ASN G 337 0.18 -4.57 53.99
CA ASN G 337 1.21 -5.41 53.39
C ASN G 337 2.52 -4.67 53.09
N VAL G 338 2.67 -3.46 53.59
CA VAL G 338 3.78 -2.63 53.15
C VAL G 338 4.55 -1.97 54.30
N GLU G 339 5.83 -1.69 54.06
CA GLU G 339 6.67 -0.97 55.01
C GLU G 339 7.41 0.15 54.29
N ILE G 340 7.15 1.39 54.71
CA ILE G 340 7.72 2.55 54.05
C ILE G 340 8.68 3.33 54.94
N HIS G 341 9.91 3.46 54.49
CA HIS G 341 10.88 4.32 55.17
C HIS G 341 10.89 5.67 54.48
N PHE G 342 10.73 6.73 55.27
CA PHE G 342 10.76 8.08 54.75
C PHE G 342 12.06 8.74 55.19
N LEU G 343 12.92 9.04 54.22
CA LEU G 343 14.27 9.50 54.52
C LEU G 343 14.57 10.90 53.99
N SER G 344 15.41 11.63 54.71
CA SER G 344 15.90 12.92 54.26
C SER G 344 17.17 13.35 54.99
N ALA G 345 18.25 13.50 54.23
CA ALA G 345 19.50 14.01 54.79
C ALA G 345 19.48 15.53 54.76
N VAL G 346 18.91 16.13 55.80
CA VAL G 346 18.67 17.57 55.82
C VAL G 346 19.88 18.36 56.29
N CYS G 347 20.21 19.42 55.55
CA CYS G 347 21.29 20.33 55.91
C CYS G 347 21.19 21.63 55.13
N GLU G 348 22.11 22.55 55.41
CA GLU G 348 22.12 23.86 54.77
C GLU G 348 23.47 24.08 54.08
N ASN G 349 23.44 24.68 52.89
CA ASN G 349 24.65 24.88 52.10
C ASN G 349 25.12 26.33 52.13
N MET G 350 26.03 26.64 53.04
CA MET G 350 26.39 28.03 53.33
C MET G 350 27.87 28.34 53.10
N VAL G 351 28.17 29.63 53.05
CA VAL G 351 29.54 30.10 52.90
C VAL G 351 30.10 30.49 54.26
N SER G 352 31.23 29.89 54.63
CA SER G 352 31.82 30.11 55.95
C SER G 352 33.28 29.68 55.99
N LYS G 353 33.96 30.03 57.08
CA LYS G 353 35.32 29.56 57.31
C LYS G 353 35.32 28.05 57.55
N ASN G 354 34.14 27.51 57.83
CA ASN G 354 33.99 26.09 58.13
C ASN G 354 33.41 25.28 56.97
N SER G 355 33.13 25.94 55.85
CA SER G 355 32.48 25.30 54.72
C SER G 355 33.42 24.35 53.98
N TYR G 356 32.85 23.42 53.23
CA TYR G 356 33.64 22.54 52.42
C TYR G 356 34.17 23.36 51.24
N ARG G 357 35.30 23.01 50.71
CA ARG G 357 35.91 23.75 49.62
C ARG G 357 35.86 22.98 48.31
N PRO G 358 35.83 23.72 47.19
CA PRO G 358 35.99 23.08 45.88
C PRO G 358 37.39 22.45 45.78
N GLY G 359 37.44 21.16 45.44
CA GLY G 359 38.70 20.46 45.35
C GLY G 359 38.89 19.50 46.51
N ASP G 360 38.08 19.67 47.55
CA ASP G 360 38.10 18.77 48.69
C ASP G 360 37.78 17.34 48.26
N ILE G 361 38.57 16.39 48.75
CA ILE G 361 38.25 14.98 48.55
C ILE G 361 37.64 14.43 49.83
N ILE G 362 36.42 13.91 49.70
CA ILE G 362 35.66 13.43 50.86
C ILE G 362 35.27 11.97 50.70
N THR G 363 34.97 11.31 51.80
CA THR G 363 34.65 9.89 51.78
C THR G 363 33.21 9.62 52.20
N ALA G 364 32.44 9.00 51.32
CA ALA G 364 31.06 8.64 51.62
C ALA G 364 31.01 7.47 52.60
N SER G 365 29.81 7.13 53.05
CA SER G 365 29.63 6.08 54.06
C SER G 365 29.85 4.67 53.51
N ASN G 366 30.05 4.55 52.21
CA ASN G 366 30.33 3.25 51.62
C ASN G 366 31.80 3.10 51.25
N GLY G 367 32.62 4.04 51.73
CA GLY G 367 34.05 3.97 51.55
C GLY G 367 34.59 4.71 50.34
N LYS G 368 33.71 5.04 49.40
CA LYS G 368 34.13 5.73 48.18
C LYS G 368 34.61 7.15 48.45
N THR G 369 35.77 7.49 47.90
CA THR G 369 36.29 8.85 47.98
C THR G 369 35.74 9.68 46.82
N ILE G 370 35.41 10.95 47.10
CA ILE G 370 34.79 11.82 46.12
C ILE G 370 35.52 13.14 46.00
N GLU G 371 35.88 13.53 44.77
CA GLU G 371 36.51 14.82 44.54
C GLU G 371 35.48 15.89 44.21
N VAL G 372 35.34 16.86 45.10
CA VAL G 372 34.40 17.94 44.90
C VAL G 372 34.88 18.90 43.81
N GLY G 373 34.09 19.02 42.75
CA GLY G 373 34.42 19.94 41.68
C GLY G 373 33.60 21.21 41.77
N ASN G 374 32.42 21.11 42.37
CA ASN G 374 31.51 22.24 42.50
C ASN G 374 30.67 22.13 43.76
N THR G 375 30.79 23.12 44.63
CA THR G 375 30.07 23.13 45.91
C THR G 375 28.58 23.33 45.71
N ASP G 376 28.18 23.78 44.53
CA ASP G 376 26.77 24.03 44.25
C ASP G 376 26.07 22.75 43.78
N ALA G 377 26.82 21.66 43.71
CA ALA G 377 26.24 20.36 43.40
C ALA G 377 26.19 19.52 44.68
N GLU G 378 25.62 20.12 45.72
CA GLU G 378 25.66 19.53 47.05
C GLU G 378 24.61 18.43 47.23
N GLY G 379 23.52 18.51 46.46
CA GLY G 379 22.43 17.56 46.57
C GLY G 379 22.84 16.12 46.36
N ARG G 380 23.63 15.89 45.31
CA ARG G 380 24.07 14.53 44.97
C ARG G 380 25.04 13.99 46.02
N LEU G 381 25.68 14.89 46.75
CA LEU G 381 26.57 14.49 47.84
C LEU G 381 25.75 13.98 49.02
N THR G 382 24.71 14.74 49.37
CA THR G 382 23.84 14.37 50.49
C THR G 382 23.03 13.12 50.15
N LEU G 383 22.52 13.06 48.92
CA LEU G 383 21.74 11.91 48.46
C LEU G 383 22.58 10.65 48.48
N ALA G 384 23.87 10.77 48.15
CA ALA G 384 24.78 9.65 48.09
C ALA G 384 24.83 8.89 49.42
N ASP G 385 25.01 9.63 50.50
CA ASP G 385 25.02 9.04 51.84
C ASP G 385 23.65 8.48 52.20
N ALA G 386 22.61 9.19 51.83
CA ALA G 386 21.24 8.78 52.14
C ALA G 386 20.87 7.48 51.43
N LEU G 387 21.38 7.29 50.23
CA LEU G 387 21.09 6.08 49.45
C LEU G 387 21.82 4.87 50.03
N VAL G 388 23.01 5.09 50.56
CA VAL G 388 23.76 4.04 51.24
C VAL G 388 22.99 3.59 52.49
N TYR G 389 22.55 4.57 53.27
CA TYR G 389 21.72 4.32 54.43
C TYR G 389 20.44 3.58 54.03
N ALA G 390 19.85 4.01 52.91
CA ALA G 390 18.61 3.41 52.42
C ALA G 390 18.78 1.94 52.06
N GLU G 391 19.86 1.63 51.35
CA GLU G 391 20.08 0.26 50.90
C GLU G 391 20.45 -0.65 52.08
N LYS G 392 21.00 -0.06 53.13
CA LYS G 392 21.36 -0.82 54.32
C LYS G 392 20.11 -1.23 55.10
N LEU G 393 18.98 -0.61 54.80
CA LEU G 393 17.72 -0.94 55.45
C LEU G 393 17.18 -2.27 54.92
N GLY G 394 17.57 -2.62 53.70
CA GLY G 394 17.14 -3.86 53.09
C GLY G 394 15.73 -3.77 52.52
N VAL G 395 15.53 -2.82 51.61
CA VAL G 395 14.23 -2.63 50.98
C VAL G 395 14.20 -3.19 49.57
N ASP G 396 13.02 -3.24 48.97
CA ASP G 396 12.85 -3.74 47.62
C ASP G 396 13.02 -2.62 46.59
N TYR G 397 12.54 -1.43 46.94
CA TYR G 397 12.66 -0.26 46.08
C TYR G 397 13.25 0.93 46.82
N ILE G 398 14.25 1.57 46.20
CA ILE G 398 14.68 2.88 46.66
C ILE G 398 14.26 3.93 45.63
N VAL G 399 13.41 4.85 46.06
CA VAL G 399 13.01 5.95 45.18
C VAL G 399 13.37 7.29 45.80
N ASP G 400 14.18 8.07 45.09
CA ASP G 400 14.54 9.38 45.59
C ASP G 400 13.91 10.46 44.72
N ILE G 401 13.68 11.62 45.31
CA ILE G 401 13.09 12.75 44.61
C ILE G 401 13.82 14.02 45.03
N ALA G 402 14.23 14.83 44.05
CA ALA G 402 15.15 15.93 44.34
C ALA G 402 15.12 17.06 43.31
N THR G 403 15.29 18.28 43.80
CA THR G 403 15.54 19.43 42.94
C THR G 403 17.04 19.49 42.66
N LEU G 404 17.51 18.63 41.75
CA LEU G 404 18.93 18.39 41.60
C LEU G 404 19.62 19.28 40.58
N THR G 405 19.10 19.31 39.36
CA THR G 405 19.77 20.02 38.27
C THR G 405 18.91 21.08 37.61
N GLY G 406 19.50 22.26 37.38
CA GLY G 406 18.81 23.33 36.70
C GLY G 406 18.61 23.02 35.22
N ALA G 407 19.31 22.00 34.74
CA ALA G 407 19.21 21.58 33.35
C ALA G 407 17.85 20.95 33.04
N MET G 408 17.09 20.60 34.08
CA MET G 408 15.77 20.02 33.89
C MET G 408 14.82 21.04 33.26
N LEU G 409 15.10 22.32 33.46
CA LEU G 409 14.33 23.39 32.84
C LEU G 409 14.56 23.40 31.32
N TYR G 410 15.74 22.98 30.91
CA TYR G 410 16.10 22.98 29.50
C TYR G 410 15.69 21.69 28.79
N SER G 411 15.45 20.64 29.57
CA SER G 411 15.03 19.37 29.00
C SER G 411 13.52 19.23 28.98
N LEU G 412 12.90 19.23 30.15
CA LEU G 412 11.47 18.93 30.25
C LEU G 412 10.59 20.11 30.65
N GLY G 413 11.21 21.22 31.06
CA GLY G 413 10.46 22.42 31.38
C GLY G 413 9.89 22.46 32.78
N THR G 414 8.70 23.05 32.93
CA THR G 414 8.13 23.31 34.25
C THR G 414 6.95 22.40 34.59
N SER G 415 6.53 21.56 33.66
CA SER G 415 5.36 20.71 33.88
C SER G 415 5.73 19.26 34.15
N TYR G 416 6.69 18.74 33.39
CA TYR G 416 7.06 17.33 33.50
C TYR G 416 8.33 17.12 34.30
N ALA G 417 8.24 16.24 35.30
CA ALA G 417 9.41 15.81 36.04
C ALA G 417 10.10 14.69 35.27
N GLY G 418 11.38 14.47 35.54
CA GLY G 418 12.12 13.41 34.89
C GLY G 418 12.50 12.31 35.86
N VAL G 419 12.41 11.06 35.42
CA VAL G 419 12.81 9.94 36.25
C VAL G 419 13.93 9.13 35.60
N PHE G 420 14.94 8.81 36.39
CA PHE G 420 16.05 7.96 35.97
C PHE G 420 16.07 6.73 36.86
N GLY G 421 16.64 5.63 36.38
CA GLY G 421 16.67 4.41 37.18
C GLY G 421 17.60 3.32 36.70
N ASN G 422 17.80 2.33 37.57
CA ASN G 422 18.60 1.16 37.23
C ASN G 422 17.72 -0.04 36.92
N ASN G 423 16.42 0.11 37.17
CA ASN G 423 15.48 -0.99 37.04
C ASN G 423 14.22 -0.57 36.28
N GLU G 424 13.95 -1.24 35.16
CA GLU G 424 12.85 -0.86 34.29
C GLU G 424 11.47 -1.15 34.90
N GLU G 425 11.36 -2.22 35.67
CA GLU G 425 10.09 -2.53 36.33
C GLU G 425 9.70 -1.42 37.30
N LEU G 426 10.68 -0.93 38.05
CA LEU G 426 10.45 0.15 39.00
C LEU G 426 10.09 1.44 38.27
N ILE G 427 10.80 1.73 37.18
CA ILE G 427 10.54 2.91 36.37
C ILE G 427 9.12 2.89 35.81
N ASN G 428 8.68 1.72 35.35
CA ASN G 428 7.31 1.57 34.86
C ASN G 428 6.29 1.72 35.98
N LYS G 429 6.66 1.32 37.18
CA LYS G 429 5.80 1.50 38.34
C LYS G 429 5.73 2.97 38.73
N ILE G 430 6.80 3.70 38.43
CA ILE G 430 6.82 5.15 38.63
C ILE G 430 5.93 5.82 37.59
N LEU G 431 6.08 5.42 36.33
CA LEU G 431 5.32 6.01 35.23
C LEU G 431 3.83 5.73 35.36
N GLN G 432 3.48 4.60 35.95
CA GLN G 432 2.08 4.26 36.17
C GLN G 432 1.47 5.12 37.26
N SER G 433 2.30 5.46 38.25
CA SER G 433 1.87 6.36 39.32
C SER G 433 1.62 7.75 38.78
N SER G 434 2.44 8.16 37.80
CA SER G 434 2.31 9.47 37.19
C SER G 434 0.98 9.63 36.46
N LYS G 435 0.56 8.57 35.79
CA LYS G 435 -0.69 8.59 35.03
C LYS G 435 -1.91 8.67 35.95
N THR G 436 -1.82 7.99 37.10
CA THR G 436 -2.96 7.92 38.02
C THR G 436 -3.05 9.13 38.95
N SER G 437 -1.91 9.62 39.43
CA SER G 437 -1.89 10.77 40.31
C SER G 437 -2.04 12.07 39.53
N ASN G 438 -1.91 11.96 38.20
CA ASN G 438 -1.90 13.12 37.30
C ASN G 438 -0.77 14.10 37.61
N GLU G 439 0.35 13.56 38.06
CA GLU G 439 1.58 14.33 38.18
C GLU G 439 2.56 13.83 37.11
N PRO G 440 2.76 14.62 36.05
CA PRO G 440 3.49 14.24 34.85
C PRO G 440 4.97 13.92 35.09
N VAL G 441 5.39 12.74 34.64
CA VAL G 441 6.78 12.31 34.74
C VAL G 441 7.22 11.70 33.41
N TRP G 442 8.48 11.92 33.02
CA TRP G 442 8.99 11.38 31.76
C TRP G 442 10.31 10.64 31.97
N TRP G 443 10.38 9.43 31.40
CA TRP G 443 11.55 8.58 31.53
C TRP G 443 12.75 9.14 30.77
N LEU G 444 13.84 9.38 31.48
CA LEU G 444 15.08 9.87 30.88
C LEU G 444 16.19 8.86 31.09
N PRO G 445 17.15 8.79 30.15
CA PRO G 445 18.16 7.72 30.20
C PRO G 445 19.35 8.02 31.12
N ILE G 446 19.90 6.97 31.72
CA ILE G 446 21.19 7.05 32.38
C ILE G 446 22.24 6.55 31.41
N ILE G 447 22.82 7.48 30.64
CA ILE G 447 23.74 7.13 29.57
C ILE G 447 25.12 6.74 30.12
N ASN G 448 25.50 5.49 29.90
CA ASN G 448 26.71 4.94 30.49
C ASN G 448 28.00 5.44 29.86
N GLU G 449 27.91 5.97 28.64
CA GLU G 449 29.09 6.48 27.95
C GLU G 449 29.69 7.68 28.68
N TYR G 450 28.85 8.40 29.42
CA TYR G 450 29.28 9.61 30.12
C TYR G 450 30.01 9.31 31.43
N ARG G 451 29.97 8.05 31.86
CA ARG G 451 30.53 7.63 33.14
C ARG G 451 32.03 7.95 33.27
N ALA G 452 32.74 7.85 32.16
CA ALA G 452 34.19 8.07 32.16
C ALA G 452 34.57 9.47 32.61
N THR G 453 33.68 10.44 32.35
CA THR G 453 33.95 11.83 32.71
C THR G 453 33.95 12.03 34.22
N LEU G 454 33.52 11.02 34.95
CA LEU G 454 33.51 11.06 36.42
C LEU G 454 34.72 10.33 37.00
N ASN G 455 35.61 9.86 36.13
CA ASN G 455 36.85 9.26 36.58
C ASN G 455 37.76 10.31 37.23
N SER G 456 38.05 10.13 38.51
CA SER G 456 38.90 11.06 39.23
C SER G 456 40.35 10.61 39.21
N LYS G 457 41.25 11.57 39.00
CA LYS G 457 42.68 11.29 38.97
C LYS G 457 43.18 10.78 40.32
N TYR G 458 42.66 11.36 41.40
CA TYR G 458 43.15 11.05 42.74
C TYR G 458 42.14 10.29 43.59
N ALA G 459 40.87 10.70 43.53
CA ALA G 459 39.83 10.07 44.32
C ALA G 459 39.19 8.92 43.53
N ASP G 460 38.29 8.20 44.17
CA ASP G 460 37.57 7.10 43.52
C ASP G 460 36.70 7.61 42.38
N ILE G 461 36.12 8.79 42.57
CA ILE G 461 35.15 9.31 41.62
C ILE G 461 35.01 10.83 41.75
N ASN G 462 34.68 11.48 40.64
CA ASN G 462 34.35 12.91 40.63
C ASN G 462 32.90 13.15 41.00
N GLN G 463 32.65 14.25 41.69
CA GLN G 463 31.29 14.69 42.00
C GLN G 463 30.60 15.15 40.72
N ILE G 464 31.34 15.90 39.90
CA ILE G 464 30.80 16.45 38.66
C ILE G 464 31.69 16.13 37.47
N SER G 465 31.13 16.25 36.27
CA SER G 465 31.90 16.18 35.05
C SER G 465 32.40 17.58 34.70
N SER G 466 33.43 17.65 33.87
CA SER G 466 33.96 18.96 33.46
C SER G 466 33.66 19.24 32.00
N SER G 467 33.19 18.22 31.28
CA SER G 467 33.02 18.31 29.84
C SER G 467 31.61 17.98 29.35
N VAL G 468 30.89 17.18 30.12
CA VAL G 468 29.64 16.56 29.66
C VAL G 468 28.49 17.56 29.41
N LYS G 469 28.21 18.39 30.42
CA LYS G 469 27.14 19.40 30.38
C LYS G 469 25.72 18.80 30.44
N ALA G 470 25.61 17.49 30.25
CA ALA G 470 24.32 16.81 30.44
C ALA G 470 24.10 16.55 31.92
N SER G 471 23.94 17.63 32.68
CA SER G 471 23.96 17.60 34.15
C SER G 471 23.04 16.57 34.79
N SER G 472 21.79 16.54 34.36
CA SER G 472 20.80 15.63 34.92
C SER G 472 21.24 14.18 34.75
N ILE G 473 21.77 13.87 33.58
CA ILE G 473 22.25 12.52 33.28
C ILE G 473 23.52 12.21 34.09
N VAL G 474 24.45 13.15 34.12
CA VAL G 474 25.69 12.97 34.86
C VAL G 474 25.44 12.73 36.34
N ALA G 475 24.56 13.55 36.92
CA ALA G 475 24.22 13.43 38.33
C ALA G 475 23.61 12.07 38.64
N SER G 476 22.79 11.57 37.72
CA SER G 476 22.16 10.26 37.88
C SER G 476 23.21 9.15 37.86
N LEU G 477 24.24 9.32 37.04
CA LEU G 477 25.34 8.37 36.98
C LEU G 477 26.09 8.35 38.31
N PHE G 478 26.17 9.50 38.95
CA PHE G 478 26.86 9.62 40.23
C PHE G 478 26.09 8.87 41.32
N LEU G 479 24.80 9.14 41.40
CA LEU G 479 23.94 8.53 42.41
C LEU G 479 23.88 7.02 42.27
N LYS G 480 23.93 6.55 41.02
CA LYS G 480 23.87 5.13 40.71
C LYS G 480 25.05 4.37 41.35
N GLU G 481 26.15 5.08 41.56
CA GLU G 481 27.35 4.49 42.13
C GLU G 481 27.21 4.16 43.61
N PHE G 482 26.12 4.59 44.22
CA PHE G 482 25.93 4.40 45.65
C PHE G 482 24.74 3.49 45.96
N VAL G 483 24.25 2.81 44.93
CA VAL G 483 23.28 1.74 45.10
C VAL G 483 23.82 0.48 44.42
N GLN G 484 24.23 -0.48 45.23
CA GLN G 484 24.92 -1.66 44.72
C GLN G 484 23.98 -2.71 44.13
N ASN G 485 22.95 -3.09 44.89
CA ASN G 485 22.16 -4.26 44.54
C ASN G 485 20.65 -4.11 44.78
N THR G 486 20.12 -2.92 44.58
CA THR G 486 18.70 -2.67 44.82
C THR G 486 18.06 -1.87 43.69
N ALA G 487 16.84 -2.24 43.32
CA ALA G 487 16.05 -1.49 42.35
C ALA G 487 15.90 -0.05 42.82
N TRP G 488 16.35 0.89 42.00
CA TRP G 488 16.38 2.29 42.40
C TRP G 488 15.95 3.23 41.29
N ALA G 489 15.13 4.21 41.64
CA ALA G 489 14.69 5.23 40.70
C ALA G 489 14.94 6.63 41.27
N HIS G 490 15.29 7.56 40.37
CA HIS G 490 15.60 8.93 40.78
C HIS G 490 14.71 9.92 40.05
N ILE G 491 13.99 10.74 40.81
CA ILE G 491 13.07 11.72 40.22
C ILE G 491 13.59 13.15 40.40
N ASP G 492 13.94 13.79 39.29
CA ASP G 492 14.44 15.16 39.34
C ASP G 492 13.30 16.17 39.17
N ILE G 493 12.98 16.89 40.23
CA ILE G 493 11.85 17.81 40.23
C ILE G 493 12.27 19.27 40.28
N ALA G 494 13.48 19.56 39.81
CA ALA G 494 14.03 20.91 39.90
C ALA G 494 13.24 21.91 39.05
N GLY G 495 12.65 21.44 37.97
CA GLY G 495 11.93 22.32 37.06
C GLY G 495 10.45 22.46 37.38
N VAL G 496 9.89 21.48 38.08
CA VAL G 496 8.44 21.41 38.27
C VAL G 496 7.96 21.79 39.67
N SER G 497 8.90 22.03 40.57
CA SER G 497 8.55 22.26 41.97
C SER G 497 7.88 23.61 42.22
N TRP G 498 8.39 24.65 41.57
CA TRP G 498 7.90 26.01 41.81
C TRP G 498 6.99 26.51 40.69
N ASN G 499 5.84 27.08 41.09
CA ASN G 499 4.92 27.70 40.15
C ASN G 499 5.26 29.18 40.00
N PHE G 500 5.83 29.56 38.87
CA PHE G 500 6.36 30.91 38.67
C PHE G 500 5.31 31.95 38.31
N LYS G 501 4.17 31.50 37.81
CA LYS G 501 3.09 32.42 37.48
C LYS G 501 2.25 32.75 38.71
N ALA G 502 2.18 31.79 39.63
CA ALA G 502 1.38 31.96 40.85
C ALA G 502 2.24 32.29 42.07
N ARG G 503 3.56 32.23 41.89
CA ARG G 503 4.52 32.56 42.94
C ARG G 503 4.36 31.69 44.19
N LYS G 504 4.24 30.38 44.00
CA LYS G 504 4.04 29.47 45.11
C LYS G 504 4.51 28.06 44.78
N PRO G 505 4.76 27.23 45.80
CA PRO G 505 5.12 25.83 45.53
C PRO G 505 3.97 25.05 44.91
N LYS G 506 4.28 23.95 44.23
CA LYS G 506 3.24 23.07 43.70
C LYS G 506 2.98 21.92 44.68
N GLY G 507 3.95 21.66 45.55
CA GLY G 507 3.90 20.48 46.40
C GLY G 507 4.02 19.24 45.55
N PHE G 508 4.73 19.37 44.43
CA PHE G 508 4.87 18.29 43.46
C PHE G 508 5.54 17.05 44.07
N GLY G 509 4.96 15.89 43.79
CA GLY G 509 5.56 14.63 44.21
C GLY G 509 4.75 13.85 45.22
N VAL G 510 4.01 14.55 46.06
CA VAL G 510 3.24 13.91 47.13
C VAL G 510 2.26 12.87 46.59
N ARG G 511 1.44 13.29 45.62
CA ARG G 511 0.46 12.40 45.03
C ARG G 511 1.13 11.30 44.19
N LEU G 512 2.17 11.68 43.47
CA LEU G 512 2.94 10.72 42.68
C LEU G 512 3.50 9.59 43.55
N LEU G 513 4.13 9.97 44.66
CA LEU G 513 4.74 9.01 45.56
C LEU G 513 3.71 8.16 46.29
N THR G 514 2.64 8.79 46.75
CA THR G 514 1.60 8.08 47.50
C THR G 514 0.89 7.06 46.63
N GLU G 515 0.55 7.46 45.40
CA GLU G 515 -0.05 6.53 44.44
C GLU G 515 0.87 5.34 44.19
N PHE G 516 2.17 5.60 44.14
CA PHE G 516 3.16 4.54 43.98
C PHE G 516 3.09 3.55 45.12
N VAL G 517 3.01 4.05 46.35
CA VAL G 517 2.95 3.20 47.53
C VAL G 517 1.63 2.42 47.60
N LEU G 518 0.51 3.11 47.43
CA LEU G 518 -0.80 2.50 47.54
C LEU G 518 -1.02 1.39 46.52
N ASN G 519 -0.73 1.68 45.25
CA ASN G 519 -0.98 0.74 44.17
C ASN G 519 0.01 -0.43 44.13
N ASP G 520 0.62 -0.73 45.27
CA ASP G 520 1.52 -1.86 45.39
C ASP G 520 1.10 -2.77 46.55
N SER H 3 49.99 22.77 66.32
CA SER H 3 50.31 21.42 65.91
C SER H 3 49.05 20.59 65.68
N GLU H 4 48.09 20.74 66.57
CA GLU H 4 46.83 20.02 66.46
C GLU H 4 45.91 20.68 65.43
N VAL H 5 45.47 19.91 64.45
CA VAL H 5 44.63 20.44 63.37
C VAL H 5 43.18 20.57 63.81
N PRO H 6 42.63 21.79 63.74
CA PRO H 6 41.23 22.02 64.08
C PRO H 6 40.28 21.34 63.10
N GLN H 7 39.26 20.67 63.62
CA GLN H 7 38.27 20.00 62.80
C GLN H 7 36.90 20.63 62.99
N VAL H 8 36.03 20.48 62.01
CA VAL H 8 34.63 20.87 62.16
C VAL H 8 33.82 19.65 62.57
N VAL H 9 34.08 18.53 61.90
CA VAL H 9 33.53 17.24 62.29
C VAL H 9 34.66 16.25 62.48
N SER H 10 34.38 15.10 63.10
CA SER H 10 35.41 14.13 63.43
C SER H 10 35.95 13.41 62.20
N LEU H 11 35.22 13.49 61.08
CA LEU H 11 35.65 12.82 59.86
C LEU H 11 36.66 13.67 59.09
N ASP H 12 36.81 14.93 59.49
CA ASP H 12 37.81 15.81 58.89
C ASP H 12 39.22 15.33 59.18
N PRO H 13 40.05 15.19 58.14
CA PRO H 13 41.41 14.68 58.27
C PRO H 13 42.33 15.64 59.03
N THR H 14 43.30 15.09 59.74
CA THR H 14 44.18 15.92 60.57
C THR H 14 45.66 15.80 60.18
N SER H 15 45.92 15.32 58.97
CA SER H 15 47.28 15.28 58.44
C SER H 15 47.30 15.01 56.94
N ILE H 16 48.39 15.39 56.30
CA ILE H 16 48.60 15.10 54.89
C ILE H 16 49.24 13.73 54.72
N PRO H 17 48.60 12.83 53.97
CA PRO H 17 49.25 11.55 53.69
C PRO H 17 50.46 11.76 52.79
N ILE H 18 51.63 11.29 53.23
CA ILE H 18 52.86 11.46 52.47
C ILE H 18 53.57 10.13 52.27
N GLU H 19 53.75 9.74 51.03
CA GLU H 19 54.51 8.53 50.71
C GLU H 19 55.99 8.87 50.58
N TYR H 20 56.81 8.32 51.48
CA TYR H 20 58.23 8.62 51.48
C TYR H 20 59.04 7.60 50.69
N ASN H 21 58.80 6.32 50.93
CA ASN H 21 59.44 5.30 50.11
C ASN H 21 58.53 4.88 48.96
N THR H 22 58.78 5.46 47.79
CA THR H 22 58.03 5.15 46.60
C THR H 22 58.55 3.86 45.96
N PRO H 23 57.72 3.20 45.13
CA PRO H 23 58.17 2.04 44.37
C PRO H 23 59.41 2.34 43.51
N ILE H 24 59.57 3.59 43.13
CA ILE H 24 60.74 4.02 42.37
C ILE H 24 62.03 3.77 43.14
N HIS H 25 61.99 4.00 44.44
CA HIS H 25 63.16 3.85 45.29
C HIS H 25 63.63 2.40 45.40
N ASP H 26 62.73 1.46 45.13
CA ASP H 26 63.05 0.04 45.22
C ASP H 26 63.59 -0.49 43.90
N ILE H 27 63.81 0.40 42.95
CA ILE H 27 64.35 0.02 41.64
C ILE H 27 65.88 0.02 41.66
N LYS H 28 66.47 -1.16 41.48
CA LYS H 28 67.92 -1.24 41.38
C LYS H 28 68.38 -0.81 40.00
N VAL H 29 69.18 0.25 39.94
CA VAL H 29 69.60 0.83 38.67
C VAL H 29 71.08 0.56 38.38
N GLN H 30 71.35 0.03 37.18
CA GLN H 30 72.71 -0.23 36.75
C GLN H 30 73.02 0.49 35.44
N VAL H 31 74.23 1.03 35.33
CA VAL H 31 74.66 1.70 34.12
C VAL H 31 75.91 1.02 33.55
N TYR H 32 75.75 0.39 32.39
CA TYR H 32 76.86 -0.25 31.71
C TYR H 32 77.30 0.60 30.53
N ASP H 33 78.50 0.34 30.02
CA ASP H 33 78.97 1.04 28.84
C ASP H 33 78.50 0.30 27.58
N ILE H 34 77.98 1.05 26.62
CA ILE H 34 77.40 0.47 25.42
C ILE H 34 78.47 -0.27 24.60
N LYS H 35 79.71 0.17 24.72
CA LYS H 35 80.83 -0.59 24.20
C LYS H 35 81.06 -1.77 25.12
N GLY H 36 80.96 -2.98 24.57
CA GLY H 36 80.96 -4.18 25.39
C GLY H 36 79.65 -4.92 25.16
N GLY H 37 78.80 -4.33 24.33
CA GLY H 37 77.57 -4.97 23.91
C GLY H 37 76.46 -4.98 24.95
N CYS H 38 75.24 -5.16 24.47
CA CYS H 38 74.08 -5.28 25.35
C CYS H 38 73.68 -6.73 25.55
N ASN H 39 73.33 -7.08 26.77
CA ASN H 39 72.74 -8.39 27.05
C ASN H 39 71.22 -8.28 27.08
N VAL H 40 70.56 -9.10 26.27
CA VAL H 40 69.11 -9.09 26.17
C VAL H 40 68.54 -10.40 26.71
N GLU H 41 68.21 -10.42 28.00
CA GLU H 41 67.88 -11.68 28.66
C GLU H 41 66.52 -11.70 29.34
N GLU H 42 66.10 -10.57 29.90
CA GLU H 42 64.86 -10.55 30.68
C GLU H 42 64.14 -9.21 30.61
N GLY H 43 62.81 -9.26 30.68
CA GLY H 43 61.99 -8.07 30.70
C GLY H 43 61.85 -7.41 29.34
N LEU H 44 61.90 -6.07 29.33
CA LEU H 44 61.74 -5.31 28.11
C LEU H 44 62.98 -4.46 27.82
N THR H 45 63.55 -4.64 26.64
CA THR H 45 64.75 -3.89 26.25
C THR H 45 64.39 -2.86 25.19
N ILE H 46 64.55 -1.59 25.54
CA ILE H 46 64.16 -0.50 24.65
C ILE H 46 65.36 0.26 24.10
N PHE H 47 65.45 0.33 22.77
CA PHE H 47 66.50 1.09 22.12
C PHE H 47 66.01 2.48 21.76
N LEU H 48 66.73 3.51 22.20
CA LEU H 48 66.40 4.88 21.84
C LEU H 48 67.13 5.27 20.56
N VAL H 49 66.43 5.25 19.44
CA VAL H 49 67.06 5.50 18.16
C VAL H 49 66.55 6.77 17.47
N ASN H 50 67.47 7.49 16.85
CA ASN H 50 67.11 8.58 15.95
C ASN H 50 67.66 8.28 14.56
N ASN H 51 67.55 9.27 13.67
CA ASN H 51 68.20 9.18 12.37
C ASN H 51 68.37 10.59 11.81
N PRO H 52 69.51 11.22 12.11
CA PRO H 52 69.81 12.61 11.76
C PRO H 52 69.60 12.91 10.28
N GLY H 53 68.93 14.02 9.99
CA GLY H 53 68.69 14.43 8.62
C GLY H 53 67.32 14.01 8.11
N LYS H 54 67.19 12.73 7.77
CA LYS H 54 65.95 12.19 7.24
C LYS H 54 64.77 12.44 8.18
N GLU H 55 63.68 12.95 7.62
CA GLU H 55 62.49 13.32 8.39
C GLU H 55 62.03 12.17 9.28
N ASN H 56 61.49 11.13 8.67
CA ASN H 56 61.14 9.92 9.40
C ASN H 56 61.99 8.75 8.90
N GLY H 57 63.29 8.87 9.09
CA GLY H 57 64.25 7.89 8.61
C GLY H 57 64.04 6.51 9.20
N PRO H 58 64.59 5.49 8.52
CA PRO H 58 64.48 4.09 8.96
C PRO H 58 65.21 3.84 10.28
N VAL H 59 64.74 2.88 11.05
CA VAL H 59 65.37 2.52 12.32
C VAL H 59 66.59 1.63 12.08
N LYS H 60 67.74 2.06 12.59
CA LYS H 60 68.97 1.27 12.47
C LYS H 60 69.62 1.11 13.84
N ILE H 61 69.56 -0.10 14.38
CA ILE H 61 70.15 -0.37 15.68
C ILE H 61 71.67 -0.50 15.55
N SER H 62 72.37 0.47 16.13
CA SER H 62 73.81 0.62 15.87
C SER H 62 74.69 -0.08 16.90
N SER H 63 74.07 -0.70 17.89
CA SER H 63 74.82 -1.23 19.03
C SER H 63 75.06 -2.72 18.94
N LYS H 64 76.20 -3.15 19.48
CA LYS H 64 76.51 -4.58 19.54
C LYS H 64 75.59 -5.28 20.53
N VAL H 65 74.99 -6.38 20.08
CA VAL H 65 74.14 -7.18 20.95
C VAL H 65 74.80 -8.54 21.18
N ASN H 66 75.11 -8.85 22.44
CA ASN H 66 75.82 -10.08 22.77
C ASN H 66 74.93 -11.32 22.69
N ASP H 67 74.20 -11.42 21.59
CA ASP H 67 73.25 -12.51 21.37
C ASP H 67 73.03 -12.66 19.89
N LYS H 68 73.28 -13.85 19.39
CA LYS H 68 73.18 -14.10 17.96
C LYS H 68 71.77 -13.82 17.37
N GLN H 69 70.71 -14.39 17.95
CA GLN H 69 69.34 -14.26 17.42
C GLN H 69 68.91 -12.78 17.42
N VAL H 70 69.18 -12.11 18.55
CA VAL H 70 68.67 -10.78 18.77
C VAL H 70 69.39 -9.86 17.81
N SER H 71 70.65 -10.19 17.52
CA SER H 71 71.43 -9.46 16.52
C SER H 71 70.86 -9.62 15.11
N GLU H 72 70.52 -10.86 14.76
CA GLU H 72 69.95 -11.15 13.45
C GLU H 72 68.56 -10.55 13.32
N PHE H 73 67.80 -10.57 14.42
CA PHE H 73 66.48 -9.96 14.45
C PHE H 73 66.57 -8.46 14.21
N LEU H 74 67.56 -7.83 14.83
CA LEU H 74 67.71 -6.38 14.77
C LEU H 74 68.57 -5.94 13.60
N LYS H 75 68.71 -6.81 12.60
CA LYS H 75 69.43 -6.47 11.38
C LYS H 75 68.72 -5.32 10.66
N ASP H 76 69.48 -4.55 9.89
CA ASP H 76 68.96 -3.34 9.25
C ASP H 76 67.78 -3.63 8.31
N GLU H 77 67.88 -4.72 7.55
CA GLU H 77 66.84 -5.09 6.61
C GLU H 77 65.51 -5.35 7.31
N ASN H 78 65.58 -5.95 8.49
CA ASN H 78 64.38 -6.24 9.28
C ASN H 78 63.76 -4.99 9.89
N MET H 79 64.62 -4.04 10.27
CA MET H 79 64.18 -2.84 10.96
C MET H 79 63.80 -1.72 9.98
N GLU H 80 63.98 -1.98 8.69
CA GLU H 80 63.74 -0.97 7.66
C GLU H 80 62.27 -0.53 7.61
N LYS H 81 61.37 -1.41 8.02
CA LYS H 81 59.95 -1.12 8.00
C LYS H 81 59.57 0.01 8.95
N PHE H 82 60.29 0.10 10.07
CA PHE H 82 59.97 1.07 11.11
C PHE H 82 60.73 2.38 10.92
N ASN H 83 60.10 3.49 11.29
CA ASN H 83 60.73 4.80 11.19
C ASN H 83 60.98 5.40 12.57
N VAL H 84 61.59 6.59 12.60
CA VAL H 84 62.05 7.19 13.85
C VAL H 84 61.32 8.45 14.26
N LYS H 85 60.07 8.61 13.83
CA LYS H 85 59.27 9.78 14.21
C LYS H 85 59.23 9.91 15.73
N LEU H 86 59.42 11.14 16.22
CA LEU H 86 59.52 11.40 17.65
C LEU H 86 58.31 10.90 18.42
N GLY H 87 58.55 10.06 19.41
CA GLY H 87 57.49 9.55 20.26
C GLY H 87 56.84 8.28 19.77
N THR H 88 57.29 7.78 18.63
CA THR H 88 56.76 6.52 18.10
C THR H 88 57.50 5.35 18.72
N SER H 89 56.81 4.22 18.87
CA SER H 89 57.39 3.06 19.52
C SER H 89 56.76 1.75 19.06
N LYS H 90 57.57 0.70 18.98
CA LYS H 90 57.11 -0.62 18.57
C LYS H 90 57.59 -1.71 19.52
N HIS H 91 56.86 -2.83 19.54
CA HIS H 91 57.21 -3.97 20.38
C HIS H 91 57.65 -5.17 19.54
N PHE H 92 58.68 -5.87 20.02
CA PHE H 92 59.17 -7.07 19.34
C PHE H 92 59.15 -8.28 20.27
N TYR H 93 59.15 -9.47 19.69
CA TYR H 93 59.15 -10.71 20.46
C TYR H 93 60.01 -11.77 19.77
N MET H 94 60.89 -12.41 20.54
CA MET H 94 61.81 -13.40 19.97
C MET H 94 62.44 -14.27 21.07
N PHE H 95 63.24 -15.26 20.65
CA PHE H 95 63.96 -16.14 21.59
C PHE H 95 65.47 -15.87 21.54
N ASN H 96 66.19 -15.97 22.66
CA ASN H 96 67.62 -15.65 22.68
C ASN H 96 68.50 -16.91 22.57
N ASP H 97 69.81 -16.76 22.44
CA ASP H 97 70.75 -17.89 22.55
C ASP H 97 70.40 -18.97 23.59
N ASN H 98 69.79 -18.59 24.72
CA ASN H 98 69.40 -19.54 25.75
C ASN H 98 68.02 -20.14 25.44
N LYS H 99 67.54 -19.90 24.22
CA LYS H 99 66.23 -20.35 23.76
C LYS H 99 65.12 -19.81 24.66
N ASN H 100 65.32 -18.62 25.20
CA ASN H 100 64.35 -17.99 26.08
C ASN H 100 63.70 -16.78 25.42
N SER H 101 62.41 -16.60 25.63
CA SER H 101 61.67 -15.49 25.04
C SER H 101 62.06 -14.16 25.68
N VAL H 102 62.33 -13.16 24.84
CA VAL H 102 62.68 -11.84 25.32
C VAL H 102 61.90 -10.76 24.58
N ALA H 103 61.50 -9.72 25.31
CA ALA H 103 60.78 -8.60 24.71
C ALA H 103 61.74 -7.45 24.42
N VAL H 104 61.74 -6.99 23.18
CA VAL H 104 62.58 -5.88 22.76
C VAL H 104 61.73 -4.85 22.03
N GLY H 105 62.12 -3.58 22.08
CA GLY H 105 61.40 -2.54 21.38
C GLY H 105 62.28 -1.35 21.06
N TYR H 106 61.65 -0.24 20.68
CA TYR H 106 62.39 0.99 20.43
C TYR H 106 61.47 2.20 20.58
N VAL H 107 62.07 3.36 20.81
CA VAL H 107 61.34 4.62 20.84
C VAL H 107 61.99 5.62 19.90
N GLY H 108 61.22 6.11 18.93
CA GLY H 108 61.73 7.08 17.96
C GLY H 108 62.11 8.39 18.62
N CYS H 109 63.34 8.83 18.40
CA CYS H 109 63.84 10.07 18.99
C CYS H 109 64.04 11.17 17.96
N GLY H 110 63.41 11.02 16.80
CA GLY H 110 63.29 12.12 15.85
C GLY H 110 64.42 12.27 14.85
N SER H 111 64.51 13.48 14.29
CA SER H 111 65.46 13.76 13.21
C SER H 111 66.59 14.65 13.71
N VAL H 112 66.37 15.29 14.85
CA VAL H 112 67.31 16.26 15.39
C VAL H 112 68.30 15.58 16.34
N ALA H 113 69.59 15.87 16.16
CA ALA H 113 70.64 15.25 16.97
C ALA H 113 70.72 15.86 18.36
N ASP H 114 69.90 16.87 18.61
CA ASP H 114 69.85 17.53 19.91
C ASP H 114 68.40 17.68 20.38
N LEU H 115 67.94 16.74 21.20
CA LEU H 115 66.58 16.76 21.70
C LEU H 115 66.41 17.75 22.85
N SER H 116 65.47 18.69 22.70
CA SER H 116 65.18 19.64 23.75
C SER H 116 64.42 18.96 24.90
N GLU H 117 64.22 19.68 25.99
CA GLU H 117 63.56 19.10 27.16
C GLU H 117 62.11 18.75 26.88
N ALA H 118 61.49 19.48 25.97
CA ALA H 118 60.14 19.17 25.54
C ALA H 118 60.15 17.91 24.67
N ASP H 119 61.18 17.79 23.84
CA ASP H 119 61.34 16.63 22.97
C ASP H 119 61.62 15.36 23.79
N MET H 120 62.47 15.51 24.80
CA MET H 120 62.84 14.37 25.65
C MET H 120 61.65 13.89 26.47
N LYS H 121 60.78 14.82 26.85
CA LYS H 121 59.61 14.49 27.65
C LYS H 121 58.66 13.58 26.86
N ARG H 122 58.54 13.84 25.56
CA ARG H 122 57.70 13.00 24.70
C ARG H 122 58.27 11.59 24.59
N VAL H 123 59.60 11.50 24.54
CA VAL H 123 60.28 10.22 24.49
C VAL H 123 59.99 9.40 25.75
N VAL H 124 60.13 10.05 26.90
CA VAL H 124 59.86 9.41 28.17
C VAL H 124 58.39 9.00 28.29
N LEU H 125 57.50 9.86 27.81
CA LEU H 125 56.06 9.57 27.82
C LEU H 125 55.71 8.33 27.01
N SER H 126 56.43 8.13 25.91
CA SER H 126 56.23 6.93 25.09
C SER H 126 56.74 5.70 25.83
N LEU H 127 57.88 5.86 26.49
CA LEU H 127 58.49 4.77 27.26
C LEU H 127 57.62 4.36 28.43
N VAL H 128 56.96 5.35 29.05
CA VAL H 128 56.08 5.09 30.19
C VAL H 128 54.85 4.29 29.74
N THR H 129 54.34 4.62 28.56
CA THR H 129 53.21 3.90 27.99
C THR H 129 53.54 2.41 27.85
N MET H 130 54.77 2.11 27.48
CA MET H 130 55.23 0.74 27.32
C MET H 130 55.34 0.02 28.68
N LEU H 131 55.41 0.80 29.75
CA LEU H 131 55.53 0.23 31.09
C LEU H 131 54.16 -0.03 31.72
N HIS H 132 53.21 0.85 31.43
CA HIS H 132 51.83 0.68 31.88
C HIS H 132 51.19 -0.51 31.17
N ASP H 133 50.29 -1.20 31.89
CA ASP H 133 49.59 -2.36 31.36
C ASP H 133 50.53 -3.45 30.85
N ASN H 134 51.68 -3.57 31.50
CA ASN H 134 52.64 -4.61 31.17
C ASN H 134 53.48 -4.95 32.40
N LYS H 135 53.14 -6.07 33.03
CA LYS H 135 53.84 -6.50 34.24
C LYS H 135 55.24 -7.01 33.91
N LEU H 136 56.22 -6.09 33.99
CA LEU H 136 57.60 -6.41 33.70
C LEU H 136 58.45 -6.30 34.97
N SER H 137 59.42 -7.20 35.10
CA SER H 137 60.31 -7.17 36.26
C SER H 137 61.50 -6.25 36.00
N LYS H 138 61.80 -6.02 34.73
CA LYS H 138 62.99 -5.28 34.37
C LYS H 138 62.83 -4.49 33.07
N LEU H 139 63.31 -3.25 33.08
CA LEU H 139 63.38 -2.44 31.88
C LEU H 139 64.84 -2.11 31.56
N THR H 140 65.23 -2.36 30.31
CA THR H 140 66.57 -1.98 29.86
C THR H 140 66.46 -0.91 28.78
N VAL H 141 67.18 0.18 28.99
CA VAL H 141 67.20 1.27 28.01
C VAL H 141 68.59 1.42 27.40
N VAL H 142 68.66 1.31 26.08
CA VAL H 142 69.93 1.44 25.37
C VAL H 142 69.97 2.76 24.60
N PHE H 143 70.91 3.62 24.95
CA PHE H 143 71.02 4.94 24.34
C PHE H 143 71.82 4.92 23.04
N GLU H 144 71.12 5.05 21.92
CA GLU H 144 71.77 5.20 20.63
C GLU H 144 71.59 6.64 20.15
N ILE H 145 71.44 7.54 21.10
CA ILE H 145 71.35 8.97 20.83
C ILE H 145 72.35 9.72 21.69
N ASN H 146 72.55 11.01 21.40
CA ASN H 146 73.52 11.80 22.14
C ASN H 146 72.88 12.67 23.22
N VAL H 147 73.25 12.41 24.47
CA VAL H 147 72.74 13.17 25.60
C VAL H 147 73.85 13.43 26.61
N ASP H 148 74.00 14.69 27.02
CA ASP H 148 74.98 15.05 28.03
C ASP H 148 74.49 14.62 29.41
N LYS H 149 75.29 14.92 30.44
CA LYS H 149 74.97 14.48 31.80
C LYS H 149 73.66 15.08 32.31
N ASN H 150 73.43 16.35 32.01
CA ASN H 150 72.22 17.04 32.47
C ASN H 150 70.95 16.52 31.82
N LEU H 151 71.01 16.27 30.51
CA LEU H 151 69.84 15.79 29.78
C LEU H 151 69.57 14.33 30.12
N PHE H 152 70.62 13.59 30.43
CA PHE H 152 70.48 12.20 30.87
C PHE H 152 69.80 12.15 32.24
N ARG H 153 70.19 13.06 33.12
CA ARG H 153 69.58 13.14 34.44
C ARG H 153 68.11 13.50 34.33
N PHE H 154 67.80 14.45 33.44
CA PHE H 154 66.43 14.86 33.18
C PHE H 154 65.60 13.68 32.69
N PHE H 155 66.22 12.81 31.91
CA PHE H 155 65.57 11.61 31.40
C PHE H 155 65.12 10.70 32.55
N LEU H 156 66.03 10.43 33.47
CA LEU H 156 65.74 9.57 34.61
C LEU H 156 64.70 10.17 35.54
N GLU H 157 64.88 11.45 35.88
CA GLU H 157 63.93 12.17 36.73
C GLU H 157 62.53 12.14 36.15
N THR H 158 62.43 12.43 34.86
CA THR H 158 61.15 12.49 34.18
C THR H 158 60.53 11.10 34.07
N LEU H 159 61.39 10.09 33.85
CA LEU H 159 60.93 8.72 33.83
C LEU H 159 60.30 8.36 35.17
N PHE H 160 61.08 8.55 36.24
CA PHE H 160 60.63 8.23 37.60
C PHE H 160 59.32 8.95 37.96
N TYR H 161 59.28 10.25 37.72
CA TYR H 161 58.14 11.08 38.06
C TYR H 161 56.86 10.66 37.32
N GLU H 162 56.98 10.46 36.01
CA GLU H 162 55.82 10.11 35.20
C GLU H 162 55.40 8.65 35.41
N TYR H 163 56.37 7.79 35.70
CA TYR H 163 56.10 6.39 36.00
C TYR H 163 55.31 6.26 37.30
N MET H 164 55.62 7.14 38.25
CA MET H 164 55.01 7.10 39.57
C MET H 164 53.54 7.52 39.53
N THR H 165 52.69 6.79 40.25
CA THR H 165 51.26 7.06 40.29
C THR H 165 50.76 7.28 41.71
N ASP H 166 50.20 8.45 41.96
CA ASP H 166 49.70 8.83 43.29
C ASP H 166 48.37 8.13 43.58
N GLU H 167 48.34 7.33 44.65
CA GLU H 167 47.13 6.59 45.01
C GLU H 167 46.69 6.85 46.45
N ARG H 168 47.24 7.88 47.06
CA ARG H 168 46.94 8.20 48.46
C ARG H 168 45.45 8.39 48.74
N PHE H 169 44.70 8.82 47.73
CA PHE H 169 43.30 9.17 47.92
C PHE H 169 42.33 8.23 47.20
N LYS H 170 42.83 7.05 46.83
CA LYS H 170 41.98 6.00 46.29
C LYS H 170 41.57 5.04 47.40
N SER H 171 40.56 4.22 47.14
CA SER H 171 40.13 3.17 48.06
C SER H 171 39.19 2.19 47.38
N THR H 172 38.48 2.68 46.36
CA THR H 172 37.51 1.88 45.61
C THR H 172 36.46 1.24 46.51
N LYS H 174 41.61 2.05 43.21
CA LYS H 174 43.01 1.68 43.08
C LYS H 174 43.23 0.69 41.94
N ASN H 175 44.30 0.88 41.19
CA ASN H 175 44.64 -0.01 40.08
C ASN H 175 45.10 -1.36 40.59
N VAL H 176 44.33 -2.40 40.30
CA VAL H 176 44.65 -3.75 40.75
C VAL H 176 45.81 -4.35 39.95
N ASN H 177 46.05 -3.80 38.77
CA ASN H 177 47.15 -4.26 37.93
C ASN H 177 48.38 -3.36 38.03
N MET H 178 48.58 -2.79 39.20
CA MET H 178 49.71 -1.88 39.42
C MET H 178 50.95 -2.63 39.87
N GLU H 179 51.81 -2.97 38.92
CA GLU H 179 53.07 -3.64 39.22
C GLU H 179 54.25 -2.85 38.67
N TYR H 180 55.21 -2.55 39.54
CA TYR H 180 56.37 -1.78 39.15
C TYR H 180 57.57 -2.67 38.85
N ILE H 181 58.39 -2.26 37.88
CA ILE H 181 59.65 -2.95 37.61
C ILE H 181 60.56 -2.85 38.82
N LYS H 182 61.42 -3.84 39.00
CA LYS H 182 62.34 -3.84 40.15
C LYS H 182 63.77 -3.60 39.70
N HIS H 183 63.99 -3.56 38.39
CA HIS H 183 65.32 -3.34 37.85
C HIS H 183 65.30 -2.43 36.62
N LEU H 184 66.21 -1.46 36.59
CA LEU H 184 66.40 -0.62 35.42
C LEU H 184 67.84 -0.71 34.94
N GLY H 185 68.02 -1.18 33.71
CA GLY H 185 69.35 -1.26 33.12
C GLY H 185 69.55 -0.19 32.07
N VAL H 186 70.69 0.48 32.12
CA VAL H 186 70.98 1.54 31.16
C VAL H 186 72.32 1.32 30.44
N TYR H 187 72.26 1.22 29.13
CA TYR H 187 73.45 1.15 28.30
C TYR H 187 73.71 2.49 27.62
N ILE H 188 74.91 3.02 27.79
CA ILE H 188 75.26 4.33 27.25
C ILE H 188 76.78 4.44 27.10
N ASN H 189 77.23 5.22 26.12
CA ASN H 189 78.66 5.42 25.92
C ASN H 189 79.25 6.33 26.99
N ASN H 190 80.55 6.14 27.28
CA ASN H 190 81.22 6.85 28.36
C ASN H 190 80.42 6.75 29.65
N ALA H 191 80.01 5.53 29.98
CA ALA H 191 79.06 5.27 31.07
C ALA H 191 79.51 5.82 32.41
N ASP H 192 80.80 5.69 32.71
CA ASP H 192 81.34 6.10 34.00
C ASP H 192 81.13 7.60 34.27
N THR H 193 80.90 8.37 33.22
CA THR H 193 80.57 9.78 33.37
C THR H 193 79.14 9.96 33.87
N TYR H 194 78.27 9.03 33.47
CA TYR H 194 76.84 9.18 33.71
C TYR H 194 76.33 8.54 35.00
N LYS H 195 77.18 7.76 35.66
CA LYS H 195 76.75 7.02 36.84
C LYS H 195 76.39 7.90 38.02
N GLU H 196 77.10 9.01 38.18
CA GLU H 196 76.83 9.94 39.27
C GLU H 196 75.47 10.61 39.12
N GLU H 197 75.01 10.70 37.87
CA GLU H 197 73.74 11.36 37.57
C GLU H 197 72.54 10.53 38.01
N VAL H 198 72.78 9.25 38.30
CA VAL H 198 71.69 8.34 38.64
C VAL H 198 71.04 8.64 39.99
N GLU H 199 71.85 8.72 41.04
CA GLU H 199 71.31 8.97 42.37
C GLU H 199 70.91 10.44 42.54
N LYS H 200 71.54 11.33 41.78
CA LYS H 200 71.15 12.73 41.80
C LYS H 200 69.77 12.89 41.15
N ALA H 201 69.52 12.11 40.11
CA ALA H 201 68.22 12.10 39.47
C ALA H 201 67.16 11.56 40.42
N ARG H 202 67.55 10.58 41.22
CA ARG H 202 66.67 9.94 42.19
C ARG H 202 66.23 10.93 43.26
N VAL H 203 67.17 11.75 43.71
CA VAL H 203 66.88 12.77 44.71
C VAL H 203 66.04 13.89 44.10
N TYR H 204 66.42 14.33 42.90
CA TYR H 204 65.66 15.36 42.19
C TYR H 204 64.26 14.87 41.86
N TYR H 205 64.13 13.57 41.62
CA TYR H 205 62.82 12.98 41.37
C TYR H 205 61.91 13.15 42.57
N PHE H 206 62.36 12.72 43.74
CA PHE H 206 61.50 12.71 44.91
C PHE H 206 61.22 14.12 45.43
N GLY H 207 62.19 15.01 45.28
CA GLY H 207 61.99 16.41 45.64
C GLY H 207 60.85 16.96 44.82
N THR H 208 60.82 16.61 43.55
CA THR H 208 59.75 17.00 42.66
C THR H 208 58.45 16.29 43.02
N TYR H 209 58.55 15.00 43.34
CA TYR H 209 57.35 14.22 43.64
C TYR H 209 56.78 14.53 45.02
N TYR H 210 57.63 14.92 45.95
CA TYR H 210 57.17 15.30 47.28
C TYR H 210 56.39 16.61 47.23
N ALA H 211 56.88 17.54 46.41
CA ALA H 211 56.18 18.81 46.19
C ALA H 211 54.83 18.54 45.53
N SER H 212 54.83 17.65 44.55
CA SER H 212 53.62 17.27 43.84
C SER H 212 52.58 16.68 44.78
N GLN H 213 53.04 15.90 45.75
CA GLN H 213 52.16 15.28 46.73
C GLN H 213 51.44 16.34 47.56
N LEU H 214 52.18 17.36 47.98
CA LEU H 214 51.61 18.44 48.78
C LEU H 214 50.60 19.23 47.97
N ILE H 215 50.96 19.58 46.74
CA ILE H 215 50.09 20.33 45.85
C ILE H 215 48.80 19.57 45.54
N ALA H 216 48.95 18.31 45.15
CA ALA H 216 47.81 17.48 44.77
C ALA H 216 46.87 17.24 45.94
N ALA H 217 47.42 17.24 47.15
CA ALA H 217 46.62 17.07 48.36
C ALA H 217 45.58 18.17 48.47
N PRO H 218 44.30 17.77 48.67
CA PRO H 218 43.18 18.69 48.75
C PRO H 218 43.26 19.61 49.97
N SER H 219 42.55 20.72 49.93
CA SER H 219 42.67 21.76 50.96
C SER H 219 42.17 21.31 52.32
N ASN H 220 41.28 20.31 52.36
CA ASN H 220 40.81 19.78 53.63
C ASN H 220 41.85 18.85 54.26
N TYR H 221 42.74 18.33 53.42
CA TYR H 221 43.90 17.59 53.89
C TYR H 221 45.07 18.53 54.12
N CYS H 222 45.35 19.35 53.12
CA CYS H 222 46.46 20.29 53.18
C CYS H 222 46.00 21.68 53.61
N ASN H 223 46.21 21.98 54.88
CA ASN H 223 45.86 23.28 55.46
C ASN H 223 47.11 23.84 56.16
N PRO H 224 47.07 25.13 56.59
CA PRO H 224 48.27 25.71 57.20
C PRO H 224 48.87 24.90 58.35
N VAL H 225 48.02 24.29 59.17
CA VAL H 225 48.51 23.49 60.29
C VAL H 225 49.13 22.18 59.81
N SER H 226 48.39 21.45 58.97
CA SER H 226 48.85 20.16 58.47
C SER H 226 50.08 20.29 57.59
N LEU H 227 50.12 21.36 56.80
CA LEU H 227 51.26 21.61 55.92
C LEU H 227 52.51 21.93 56.74
N SER H 228 52.34 22.76 57.77
CA SER H 228 53.45 23.12 58.65
C SER H 228 53.87 21.92 59.49
N ASN H 229 52.92 21.03 59.80
CA ASN H 229 53.23 19.77 60.45
C ASN H 229 54.12 18.91 59.57
N ALA H 230 53.83 18.90 58.27
CA ALA H 230 54.57 18.10 57.31
C ALA H 230 55.99 18.62 57.14
N ALA H 231 56.13 19.95 57.09
CA ALA H 231 57.44 20.57 56.93
C ALA H 231 58.35 20.23 58.10
N VAL H 232 57.77 20.13 59.30
CA VAL H 232 58.51 19.77 60.50
C VAL H 232 58.97 18.32 60.44
N GLU H 233 58.08 17.44 60.03
CA GLU H 233 58.40 16.02 59.89
C GLU H 233 59.52 15.83 58.87
N LEU H 234 59.46 16.61 57.79
CA LEU H 234 60.51 16.59 56.77
C LEU H 234 61.84 17.06 57.36
N ALA H 235 61.79 18.15 58.10
CA ALA H 235 62.99 18.74 58.70
C ALA H 235 63.64 17.78 59.69
N GLN H 236 62.81 17.08 60.47
CA GLN H 236 63.31 16.13 61.47
C GLN H 236 64.03 14.95 60.83
N LYS H 237 63.50 14.48 59.70
CA LYS H 237 64.13 13.39 58.96
C LYS H 237 65.46 13.81 58.35
N LEU H 238 65.50 15.04 57.86
CA LEU H 238 66.69 15.56 57.17
C LEU H 238 67.68 16.21 58.12
N ASN H 239 67.34 16.21 59.41
CA ASN H 239 68.14 16.89 60.43
CA ASN H 239 68.14 16.89 60.43
C ASN H 239 68.32 18.36 60.08
N LEU H 240 67.24 19.01 59.68
CA LEU H 240 67.27 20.43 59.38
C LEU H 240 66.84 21.21 60.61
N GLU H 241 67.41 22.40 60.79
CA GLU H 241 66.94 23.32 61.82
C GLU H 241 65.59 23.87 61.37
N TYR H 242 64.63 23.92 62.29
CA TYR H 242 63.31 24.38 61.93
C TYR H 242 62.67 25.23 63.03
N LYS H 243 61.68 26.03 62.63
CA LYS H 243 60.95 26.87 63.54
C LYS H 243 59.62 27.24 62.92
N ILE H 244 58.53 26.92 63.61
CA ILE H 244 57.20 27.30 63.14
C ILE H 244 56.67 28.47 63.94
N LEU H 245 56.44 29.59 63.27
CA LEU H 245 55.93 30.79 63.91
C LEU H 245 54.40 30.76 63.93
N GLY H 246 53.83 30.97 65.12
CA GLY H 246 52.39 30.98 65.28
C GLY H 246 51.85 32.39 65.41
N VAL H 247 50.53 32.51 65.56
CA VAL H 247 49.84 33.79 65.59
C VAL H 247 50.45 34.78 66.60
N LYS H 248 50.77 34.29 67.79
CA LYS H 248 51.31 35.14 68.84
C LYS H 248 52.64 35.77 68.44
N GLU H 249 53.52 34.98 67.83
CA GLU H 249 54.83 35.45 67.42
C GLU H 249 54.75 36.37 66.21
N LEU H 250 53.87 36.03 65.28
CA LEU H 250 53.67 36.83 64.07
C LEU H 250 53.15 38.22 64.42
N GLU H 251 52.32 38.28 65.46
CA GLU H 251 51.79 39.55 65.96
C GLU H 251 52.88 40.40 66.60
N GLU H 252 53.81 39.75 67.28
CA GLU H 252 54.95 40.43 67.88
C GLU H 252 55.85 41.01 66.79
N LEU H 253 55.96 40.29 65.69
CA LEU H 253 56.76 40.73 64.55
C LEU H 253 55.95 41.66 63.65
N LYS H 254 54.71 41.89 64.04
CA LYS H 254 53.82 42.86 63.37
C LYS H 254 53.58 42.55 61.89
N MET H 255 53.45 41.26 61.57
CA MET H 255 53.15 40.86 60.20
C MET H 255 51.67 41.05 59.90
N GLY H 256 51.25 42.29 59.74
CA GLY H 256 49.84 42.62 59.55
C GLY H 256 49.30 42.21 58.20
N ALA H 257 50.10 42.38 57.15
CA ALA H 257 49.68 42.01 55.80
C ALA H 257 49.41 40.52 55.71
N TYR H 258 50.34 39.73 56.25
CA TYR H 258 50.22 38.28 56.30
C TYR H 258 49.01 37.83 57.11
N LEU H 259 48.86 38.38 58.31
CA LEU H 259 47.80 37.97 59.22
C LEU H 259 46.40 38.39 58.74
N SER H 260 46.33 39.48 57.98
CA SER H 260 45.10 39.95 57.44
C SER H 260 44.48 38.97 56.45
N VAL H 261 45.32 38.36 55.66
CA VAL H 261 44.88 37.38 54.67
C VAL H 261 44.24 36.17 55.32
N GLY H 262 44.86 35.67 56.39
CA GLY H 262 44.39 34.48 57.06
C GLY H 262 43.32 34.71 58.10
N LYS H 263 42.93 35.97 58.27
CA LYS H 263 41.96 36.37 59.29
C LYS H 263 40.66 35.57 59.22
N GLY H 264 40.16 35.37 58.01
CA GLY H 264 38.89 34.71 57.82
C GLY H 264 38.94 33.19 57.82
N SER H 265 40.12 32.64 58.07
CA SER H 265 40.29 31.18 58.03
C SER H 265 40.09 30.55 59.40
N MET H 266 39.66 29.29 59.40
CA MET H 266 39.51 28.53 60.64
C MET H 266 40.85 27.98 61.09
N TYR H 267 41.81 27.99 60.17
CA TYR H 267 43.17 27.53 60.48
C TYR H 267 44.09 28.70 60.78
N PRO H 268 44.74 28.67 61.95
CA PRO H 268 45.68 29.72 62.35
C PRO H 268 46.86 29.79 61.38
N ASN H 269 47.38 30.98 61.14
CA ASN H 269 48.56 31.14 60.30
C ASN H 269 49.76 30.41 60.90
N LYS H 270 50.54 29.77 60.03
CA LYS H 270 51.77 29.11 60.45
C LYS H 270 52.91 29.50 59.51
N PHE H 271 53.90 30.22 60.05
CA PHE H 271 55.05 30.61 59.26
C PHE H 271 56.14 29.54 59.36
N ILE H 272 56.52 29.00 58.20
CA ILE H 272 57.52 27.94 58.14
C ILE H 272 58.92 28.50 57.93
N HIS H 273 59.85 28.11 58.78
CA HIS H 273 61.25 28.52 58.66
C HIS H 273 62.18 27.33 58.87
N LEU H 274 62.68 26.78 57.77
CA LEU H 274 63.69 25.74 57.82
C LEU H 274 65.07 26.31 57.54
N THR H 275 66.12 25.60 57.97
CA THR H 275 67.48 26.06 57.73
C THR H 275 68.44 24.91 57.45
N TYR H 276 69.16 25.02 56.35
CA TYR H 276 70.31 24.14 56.11
C TYR H 276 71.59 24.95 56.28
N LYS H 277 72.54 24.41 57.03
CA LYS H 277 73.82 25.07 57.22
C LYS H 277 74.96 24.08 57.02
N SER H 278 75.89 24.44 56.13
CA SER H 278 77.01 23.57 55.81
C SER H 278 78.03 23.49 56.94
N LYS H 279 78.81 22.42 56.94
CA LYS H 279 79.79 22.19 58.00
C LYS H 279 80.92 23.22 57.97
N GLY H 280 81.41 23.52 56.77
CA GLY H 280 82.58 24.39 56.61
C GLY H 280 82.29 25.87 56.72
N ASP H 281 83.05 26.66 55.96
CA ASP H 281 82.92 28.11 55.97
C ASP H 281 81.80 28.58 55.04
N VAL H 282 80.80 29.24 55.61
CA VAL H 282 79.66 29.72 54.84
C VAL H 282 80.04 30.88 53.94
N LYS H 283 79.97 30.67 52.62
CA LYS H 283 80.33 31.69 51.65
C LYS H 283 79.10 32.45 51.15
N LYS H 284 77.98 31.74 51.01
CA LYS H 284 76.75 32.33 50.52
C LYS H 284 75.56 32.00 51.40
N LYS H 285 74.78 33.02 51.74
CA LYS H 285 73.55 32.81 52.49
C LYS H 285 72.35 33.09 51.60
N ILE H 286 71.44 32.11 51.51
CA ILE H 286 70.33 32.19 50.57
C ILE H 286 68.98 32.04 51.27
N ALA H 287 68.03 32.89 50.89
CA ALA H 287 66.67 32.81 51.42
C ALA H 287 65.68 32.45 50.30
N LEU H 288 65.08 31.27 50.41
CA LEU H 288 64.08 30.83 49.44
C LEU H 288 62.68 30.93 50.03
N VAL H 289 61.84 31.77 49.44
CA VAL H 289 60.50 32.01 49.96
C VAL H 289 59.42 31.42 49.05
N GLY H 290 58.59 30.57 49.61
CA GLY H 290 57.50 29.98 48.84
C GLY H 290 56.15 30.51 49.28
N LYS H 291 55.33 30.92 48.32
CA LYS H 291 53.96 31.31 48.61
C LYS H 291 53.16 30.07 48.99
N GLY H 292 52.52 30.11 50.15
CA GLY H 292 51.79 28.96 50.65
C GLY H 292 50.35 29.26 51.02
N ILE H 293 49.54 29.57 50.04
CA ILE H 293 48.10 29.71 50.25
C ILE H 293 47.46 28.35 49.97
N THR H 294 47.11 27.63 51.04
CA THR H 294 46.62 26.25 50.91
C THR H 294 45.33 26.20 50.10
N PHE H 295 44.41 27.13 50.37
CA PHE H 295 43.27 27.33 49.47
C PHE H 295 43.00 28.80 49.24
N ASP H 296 42.68 29.13 47.99
CA ASP H 296 42.39 30.50 47.62
C ASP H 296 40.97 30.63 47.06
N SER H 297 40.07 31.16 47.87
CA SER H 297 38.71 31.40 47.44
C SER H 297 38.61 32.75 46.75
N GLY H 298 39.55 33.62 47.06
CA GLY H 298 39.54 34.97 46.56
C GLY H 298 39.11 35.95 47.63
N GLY H 299 38.59 35.41 48.73
CA GLY H 299 38.06 36.23 49.80
C GLY H 299 36.75 36.86 49.36
N TYR H 300 36.47 38.07 49.83
CA TYR H 300 35.24 38.75 49.47
C TYR H 300 35.22 39.14 47.99
N ASN H 301 36.40 39.23 47.39
CA ASN H 301 36.51 39.25 45.94
C ASN H 301 36.51 37.81 45.43
N LEU H 302 35.41 37.12 45.70
CA LEU H 302 35.29 35.68 45.44
C LEU H 302 35.53 35.32 43.98
N LYS H 303 36.14 34.15 43.77
CA LYS H 303 36.37 33.64 42.42
C LYS H 303 35.08 33.11 41.82
N ALA H 304 34.19 34.04 41.42
CA ALA H 304 32.89 33.65 40.90
C ALA H 304 32.79 33.94 39.39
N ALA H 305 33.83 34.59 38.86
CA ALA H 305 33.87 34.90 37.43
C ALA H 305 34.07 33.64 36.60
N PRO H 306 33.55 33.64 35.37
CA PRO H 306 33.74 32.51 34.44
C PRO H 306 35.20 32.22 34.16
N GLY H 307 35.62 30.98 34.42
CA GLY H 307 36.98 30.56 34.12
C GLY H 307 37.99 30.88 35.21
N SER H 308 37.50 31.26 36.38
CA SER H 308 38.40 31.58 37.49
C SER H 308 38.92 30.31 38.15
N MET H 309 38.29 29.17 37.81
CA MET H 309 38.74 27.84 38.24
C MET H 309 39.03 27.74 39.73
N ILE H 310 38.02 27.98 40.55
CA ILE H 310 38.17 27.98 42.00
C ILE H 310 38.47 26.56 42.53
N ASP H 311 38.06 25.55 41.77
CA ASP H 311 38.21 24.17 42.20
C ASP H 311 39.65 23.66 42.14
N LEU H 312 40.51 24.40 41.45
CA LEU H 312 41.91 24.01 41.33
C LEU H 312 42.79 24.76 42.31
N MET H 313 42.19 25.68 43.07
CA MET H 313 42.94 26.61 43.90
C MET H 313 43.59 26.00 45.14
N LYS H 314 43.67 24.69 45.17
CA LYS H 314 44.48 24.01 46.18
C LYS H 314 45.94 24.10 45.77
N PHE H 315 46.16 24.45 44.51
CA PHE H 315 47.50 24.50 43.92
C PHE H 315 48.24 25.77 44.31
N ASP H 316 47.57 26.63 45.08
CA ASP H 316 48.11 27.96 45.37
C ASP H 316 49.19 27.93 46.45
N MET H 317 49.62 26.74 46.84
CA MET H 317 50.75 26.60 47.76
C MET H 317 51.86 25.83 47.06
N SER H 318 51.87 25.88 45.74
CA SER H 318 52.88 25.21 44.93
C SER H 318 54.26 25.84 45.14
N GLY H 319 54.28 27.13 45.41
CA GLY H 319 55.53 27.83 45.67
C GLY H 319 56.17 27.30 46.94
N CYS H 320 55.34 27.10 47.96
CA CYS H 320 55.79 26.52 49.22
C CYS H 320 56.27 25.08 49.04
N ALA H 321 55.53 24.32 48.23
CA ALA H 321 55.87 22.93 47.97
C ALA H 321 57.23 22.82 47.29
N ALA H 322 57.49 23.70 46.34
CA ALA H 322 58.75 23.72 45.61
C ALA H 322 59.92 24.04 46.54
N VAL H 323 59.65 24.87 47.55
CA VAL H 323 60.66 25.21 48.54
C VAL H 323 60.93 24.02 49.45
N LEU H 324 59.87 23.36 49.89
CA LEU H 324 59.99 22.17 50.73
C LEU H 324 60.60 21.02 49.97
N GLY H 325 60.31 20.95 48.68
CA GLY H 325 60.90 19.94 47.81
C GLY H 325 62.39 20.21 47.65
N CYS H 326 62.75 21.48 47.56
CA CYS H 326 64.15 21.87 47.48
C CYS H 326 64.87 21.56 48.79
N ALA H 327 64.17 21.77 49.89
CA ALA H 327 64.72 21.50 51.22
C ALA H 327 65.10 20.03 51.36
N TYR H 328 64.35 19.17 50.69
CA TYR H 328 64.67 17.73 50.69
C TYR H 328 65.96 17.46 49.93
N CYS H 329 66.03 17.95 48.69
CA CYS H 329 67.18 17.71 47.83
C CYS H 329 68.46 18.30 48.41
N VAL H 330 68.35 19.51 48.96
CA VAL H 330 69.49 20.17 49.57
C VAL H 330 69.95 19.42 50.82
N GLY H 331 68.99 19.01 51.65
CA GLY H 331 69.28 18.27 52.85
C GLY H 331 69.88 16.90 52.58
N THR H 332 69.53 16.33 51.43
CA THR H 332 70.02 15.01 51.05
C THR H 332 71.44 15.07 50.48
N LEU H 333 71.64 15.95 49.51
CA LEU H 333 72.92 16.06 48.82
C LEU H 333 73.97 16.77 49.68
N LYS H 334 73.51 17.56 50.64
CA LYS H 334 74.36 18.28 51.57
C LYS H 334 75.48 19.06 50.88
N PRO H 335 75.14 20.16 50.19
CA PRO H 335 76.18 21.01 49.61
C PRO H 335 76.95 21.73 50.71
N GLU H 336 78.18 22.16 50.43
CA GLU H 336 78.97 22.82 51.45
C GLU H 336 79.21 24.31 51.15
N ASN H 337 79.69 25.01 52.17
CA ASN H 337 79.96 26.45 52.11
C ASN H 337 78.71 27.29 51.85
N VAL H 338 77.56 26.79 52.25
CA VAL H 338 76.30 27.49 52.00
C VAL H 338 75.36 27.41 53.20
N GLU H 339 74.50 28.42 53.32
CA GLU H 339 73.46 28.46 54.35
C GLU H 339 72.14 28.85 53.72
N ILE H 340 71.18 27.91 53.70
CA ILE H 340 69.89 28.16 53.07
C ILE H 340 68.75 28.22 54.07
N HIS H 341 67.97 29.29 54.00
CA HIS H 341 66.73 29.40 54.77
C HIS H 341 65.54 29.10 53.88
N PHE H 342 64.68 28.19 54.33
CA PHE H 342 63.48 27.83 53.59
C PHE H 342 62.25 28.44 54.24
N LEU H 343 61.67 29.45 53.60
CA LEU H 343 60.59 30.23 54.20
C LEU H 343 59.26 30.05 53.47
N SER H 344 58.18 30.18 54.23
CA SER H 344 56.83 30.16 53.66
C SER H 344 55.79 30.68 54.65
N ALA H 345 55.12 31.76 54.27
CA ALA H 345 54.01 32.29 55.06
C ALA H 345 52.72 31.56 54.68
N VAL H 346 52.39 30.53 55.43
CA VAL H 346 51.29 29.65 55.09
C VAL H 346 49.97 30.06 55.75
N CYS H 347 48.94 30.26 54.92
CA CYS H 347 47.60 30.55 55.43
C CYS H 347 46.55 30.15 54.41
N GLU H 348 45.31 30.56 54.65
CA GLU H 348 44.19 30.20 53.79
C GLU H 348 43.28 31.41 53.59
N ASN H 349 42.90 31.68 52.33
CA ASN H 349 42.11 32.86 52.00
C ASN H 349 40.63 32.54 51.87
N MET H 350 39.88 32.78 52.95
CA MET H 350 38.48 32.35 53.02
C MET H 350 37.50 33.51 53.20
N VAL H 351 36.21 33.21 53.03
CA VAL H 351 35.15 34.20 53.21
C VAL H 351 34.45 33.96 54.55
N SER H 352 34.37 35.01 55.36
CA SER H 352 33.84 34.87 56.71
C SER H 352 33.41 36.20 57.30
N LYS H 353 32.87 36.15 58.50
CA LYS H 353 32.61 37.35 59.29
C LYS H 353 33.94 37.99 59.66
N ASN H 354 34.97 37.17 59.76
CA ASN H 354 36.27 37.60 60.27
C ASN H 354 37.25 37.94 59.16
N SER H 355 36.81 37.83 57.94
CA SER H 355 37.66 38.11 56.84
C SER H 355 38.04 39.51 56.63
N TYR H 356 39.20 39.68 56.07
CA TYR H 356 39.65 40.99 55.73
C TYR H 356 38.87 41.41 54.53
N ARG H 357 38.69 42.69 54.42
CA ARG H 357 37.91 43.28 53.37
C ARG H 357 38.58 44.14 52.31
N PRO H 358 37.85 44.18 51.11
CA PRO H 358 38.34 45.14 50.11
C PRO H 358 38.24 46.55 50.65
N GLY H 359 39.32 47.32 50.59
CA GLY H 359 39.33 48.67 51.11
C GLY H 359 40.08 48.78 52.42
N ASP H 360 40.26 47.64 53.10
CA ASP H 360 41.00 47.59 54.36
C ASP H 360 42.41 48.14 54.21
N ILE H 361 42.85 48.93 55.19
CA ILE H 361 44.22 49.38 55.22
C ILE H 361 44.99 48.63 56.31
N ILE H 362 46.00 47.88 55.87
CA ILE H 362 46.76 47.02 56.76
C ILE H 362 48.22 47.44 56.80
N THR H 363 48.90 47.15 57.90
CA THR H 363 50.29 47.55 58.07
C THR H 363 51.24 46.35 58.01
N ALA H 364 52.19 46.41 57.07
CA ALA H 364 53.20 45.37 56.97
C ALA H 364 54.19 45.45 58.13
N SER H 365 55.05 44.45 58.24
CA SER H 365 56.00 44.38 59.35
C SER H 365 57.20 45.29 59.15
N ASN H 366 57.19 46.05 58.05
CA ASN H 366 58.24 47.04 57.81
C ASN H 366 57.70 48.45 57.95
N GLY H 367 56.45 48.56 58.38
CA GLY H 367 55.84 49.84 58.69
C GLY H 367 55.00 50.45 57.58
N LYS H 368 55.10 49.89 56.38
CA LYS H 368 54.36 50.43 55.24
C LYS H 368 52.89 50.05 55.33
N THR H 369 52.02 51.04 55.14
CA THR H 369 50.57 50.79 55.14
C THR H 369 50.11 50.44 53.73
N ILE H 370 49.16 49.52 53.65
CA ILE H 370 48.69 49.01 52.36
C ILE H 370 47.17 49.10 52.24
N GLU H 371 46.71 49.74 51.17
CA GLU H 371 45.27 49.77 50.87
C GLU H 371 44.89 48.55 50.05
N VAL H 372 44.17 47.62 50.68
CA VAL H 372 43.72 46.41 50.01
C VAL H 372 42.64 46.74 48.97
N GLY H 373 42.95 46.48 47.71
CA GLY H 373 42.02 46.76 46.64
C GLY H 373 41.25 45.53 46.18
N ASN H 374 41.94 44.39 46.22
CA ASN H 374 41.34 43.12 45.81
C ASN H 374 41.84 41.99 46.71
N THR H 375 40.94 41.42 47.46
CA THR H 375 41.27 40.36 48.39
C THR H 375 41.78 39.10 47.74
N ASP H 376 41.61 38.97 46.44
CA ASP H 376 42.07 37.80 45.69
C ASP H 376 43.52 38.00 45.24
N ALA H 377 44.06 39.18 45.49
CA ALA H 377 45.48 39.42 45.28
C ALA H 377 46.19 39.29 46.62
N GLU H 378 45.95 38.18 47.28
CA GLU H 378 46.45 37.95 48.59
C GLU H 378 47.85 37.44 48.71
N GLY H 379 48.35 36.89 47.63
CA GLY H 379 49.68 36.32 47.60
C GLY H 379 50.77 37.32 47.87
N ARG H 380 50.67 38.49 47.26
CA ARG H 380 51.68 39.53 47.41
C ARG H 380 51.67 40.14 48.81
N LEU H 381 50.56 39.96 49.53
CA LEU H 381 50.47 40.44 50.90
C LEU H 381 51.26 39.55 51.85
N THR H 382 51.14 38.25 51.66
CA THR H 382 51.87 37.28 52.48
C THR H 382 53.35 37.28 52.13
N LEU H 383 53.65 37.42 50.85
CA LEU H 383 55.03 37.50 50.39
C LEU H 383 55.74 38.72 50.95
N ALA H 384 55.02 39.85 51.01
CA ALA H 384 55.57 41.10 51.51
C ALA H 384 56.12 40.94 52.93
N ASP H 385 55.32 40.39 53.83
CA ASP H 385 55.75 40.15 55.20
C ASP H 385 56.84 39.08 55.25
N ALA H 386 56.76 38.11 54.36
CA ALA H 386 57.75 37.04 54.29
C ALA H 386 59.08 37.56 53.76
N LEU H 387 59.02 38.53 52.85
CA LEU H 387 60.23 39.13 52.28
C LEU H 387 60.96 39.98 53.30
N VAL H 388 60.21 40.76 54.08
CA VAL H 388 60.79 41.60 55.12
C VAL H 388 61.48 40.73 56.17
N TYR H 389 60.86 39.59 56.46
CA TYR H 389 61.44 38.60 57.36
C TYR H 389 62.75 38.06 56.77
N ALA H 390 62.69 37.67 55.50
CA ALA H 390 63.84 37.10 54.79
C ALA H 390 65.05 38.01 54.84
N GLU H 391 64.83 39.30 54.60
CA GLU H 391 65.92 40.26 54.55
C GLU H 391 66.53 40.48 55.93
N LYS H 392 65.72 40.35 56.97
CA LYS H 392 66.20 40.49 58.35
C LYS H 392 67.22 39.42 58.70
N LEU H 393 67.17 38.29 58.00
CA LEU H 393 68.10 37.19 58.21
C LEU H 393 69.51 37.56 57.75
N GLY H 394 69.61 38.56 56.88
CA GLY H 394 70.88 39.03 56.38
C GLY H 394 71.51 38.09 55.37
N VAL H 395 70.75 37.75 54.33
CA VAL H 395 71.22 36.82 53.31
C VAL H 395 71.81 37.55 52.10
N ASP H 396 72.42 36.79 51.20
CA ASP H 396 72.96 37.33 49.97
C ASP H 396 71.91 37.38 48.88
N TYR H 397 71.11 36.31 48.79
CA TYR H 397 70.08 36.20 47.77
C TYR H 397 68.71 35.93 48.40
N ILE H 398 67.70 36.63 47.89
CA ILE H 398 66.32 36.29 48.21
C ILE H 398 65.59 35.90 46.94
N VAL H 399 65.15 34.66 46.87
CA VAL H 399 64.38 34.18 45.73
C VAL H 399 63.02 33.66 46.18
N ASP H 400 61.97 34.37 45.83
CA ASP H 400 60.64 33.87 46.12
C ASP H 400 60.05 33.19 44.89
N ILE H 401 59.18 32.21 45.12
CA ILE H 401 58.55 31.47 44.05
C ILE H 401 57.07 31.29 44.39
N ALA H 402 56.20 31.64 43.45
CA ALA H 402 54.79 31.80 43.75
C ALA H 402 53.87 31.66 42.54
N THR H 403 52.70 31.06 42.77
CA THR H 403 51.62 31.10 41.79
C THR H 403 50.86 32.41 42.00
N LEU H 404 51.38 33.48 41.40
CA LEU H 404 50.93 34.82 41.76
C LEU H 404 49.86 35.38 40.84
N THR H 405 50.15 35.46 39.55
CA THR H 405 49.25 36.15 38.62
C THR H 405 48.77 35.25 37.48
N GLY H 406 47.45 35.21 37.30
CA GLY H 406 46.86 34.45 36.22
C GLY H 406 47.23 34.99 34.85
N ALA H 407 47.73 36.22 34.82
CA ALA H 407 48.17 36.86 33.59
C ALA H 407 49.37 36.16 32.97
N MET H 408 50.05 35.33 33.76
CA MET H 408 51.19 34.56 33.25
C MET H 408 50.75 33.60 32.15
N LEU H 409 49.49 33.16 32.23
CA LEU H 409 48.92 32.29 31.21
C LEU H 409 48.83 32.99 29.86
N TYR H 410 48.74 34.32 29.89
CA TYR H 410 48.61 35.11 28.67
C TYR H 410 49.96 35.60 28.17
N SER H 411 50.97 35.55 29.02
CA SER H 411 52.29 36.04 28.64
C SER H 411 53.23 34.93 28.19
N LEU H 412 53.50 33.98 29.08
CA LEU H 412 54.45 32.90 28.78
C LEU H 412 53.76 31.57 28.58
N GLY H 413 52.56 31.42 29.11
CA GLY H 413 51.78 30.21 28.93
C GLY H 413 52.02 29.17 30.00
N THR H 414 51.98 27.90 29.60
CA THR H 414 52.00 26.80 30.55
C THR H 414 53.37 26.12 30.69
N SER H 415 54.32 26.51 29.84
CA SER H 415 55.62 25.83 29.81
C SER H 415 56.73 26.64 30.49
N TYR H 416 56.80 27.93 30.19
CA TYR H 416 57.87 28.79 30.72
C TYR H 416 57.43 29.59 31.94
N ALA H 417 58.19 29.49 33.02
CA ALA H 417 57.96 30.33 34.18
C ALA H 417 58.53 31.72 33.94
N GLY H 418 58.07 32.69 34.71
CA GLY H 418 58.55 34.05 34.56
C GLY H 418 59.35 34.49 35.78
N VAL H 419 60.55 35.02 35.54
CA VAL H 419 61.34 35.52 36.65
C VAL H 419 61.47 37.06 36.59
N PHE H 420 61.23 37.69 37.73
CA PHE H 420 61.42 39.12 37.89
C PHE H 420 62.47 39.33 38.96
N GLY H 421 63.16 40.46 38.95
CA GLY H 421 64.19 40.70 39.93
C GLY H 421 64.74 42.12 40.00
N ASN H 422 65.53 42.39 41.04
CA ASN H 422 66.17 43.68 41.21
C ASN H 422 67.68 43.61 41.06
N ASN H 423 68.17 42.42 40.67
CA ASN H 423 69.60 42.21 40.49
C ASN H 423 69.89 41.34 39.28
N GLU H 424 70.63 41.89 38.32
CA GLU H 424 70.90 41.22 37.05
C GLU H 424 71.78 39.99 37.21
N GLU H 425 72.71 40.03 38.15
CA GLU H 425 73.58 38.88 38.41
C GLU H 425 72.76 37.71 38.94
N LEU H 426 71.81 38.01 39.84
CA LEU H 426 70.95 36.98 40.40
C LEU H 426 70.05 36.37 39.34
N ILE H 427 69.50 37.22 38.46
CA ILE H 427 68.64 36.76 37.38
C ILE H 427 69.37 35.76 36.48
N ASN H 428 70.60 36.08 36.12
CA ASN H 428 71.41 35.20 35.28
C ASN H 428 71.70 33.85 35.92
N LYS H 429 71.85 33.85 37.24
CA LYS H 429 72.08 32.61 37.97
C LYS H 429 70.84 31.73 37.94
N ILE H 430 69.66 32.35 38.08
CA ILE H 430 68.40 31.64 37.97
C ILE H 430 68.21 31.11 36.55
N LEU H 431 68.61 31.93 35.57
CA LEU H 431 68.52 31.54 34.17
C LEU H 431 69.46 30.39 33.86
N GLN H 432 70.68 30.44 34.40
CA GLN H 432 71.65 29.37 34.25
C GLN H 432 71.11 28.09 34.89
N SER H 433 70.49 28.23 36.06
CA SER H 433 69.91 27.10 36.77
C SER H 433 68.72 26.53 35.99
N SER H 434 68.05 27.40 35.23
CA SER H 434 66.94 26.97 34.40
C SER H 434 67.43 26.03 33.29
N LYS H 435 68.59 26.35 32.74
CA LYS H 435 69.19 25.56 31.67
C LYS H 435 69.61 24.18 32.15
N THR H 436 70.18 24.12 33.35
CA THR H 436 70.74 22.87 33.88
C THR H 436 69.68 21.98 34.52
N SER H 437 68.64 22.58 35.07
CA SER H 437 67.56 21.81 35.69
C SER H 437 66.52 21.41 34.63
N ASN H 438 66.63 22.01 33.46
CA ASN H 438 65.65 21.85 32.38
C ASN H 438 64.25 22.24 32.83
N GLU H 439 64.17 23.29 33.64
CA GLU H 439 62.90 23.91 33.96
C GLU H 439 62.91 25.32 33.39
N PRO H 440 62.25 25.50 32.23
CA PRO H 440 62.32 26.72 31.42
C PRO H 440 61.77 27.96 32.13
N VAL H 441 62.58 29.02 32.16
CA VAL H 441 62.19 30.29 32.75
C VAL H 441 62.55 31.43 31.78
N TRP H 442 61.71 32.45 31.72
CA TRP H 442 61.99 33.61 30.88
C TRP H 442 62.06 34.88 31.71
N TRP H 443 63.04 35.72 31.42
CA TRP H 443 63.23 36.97 32.14
C TRP H 443 62.26 38.04 31.66
N LEU H 444 61.42 38.51 32.57
CA LEU H 444 60.46 39.57 32.27
C LEU H 444 60.84 40.85 33.01
N PRO H 445 60.45 42.01 32.48
CA PRO H 445 60.90 43.29 33.05
C PRO H 445 60.04 43.83 34.18
N ILE H 446 60.67 44.38 35.20
CA ILE H 446 59.97 45.19 36.19
C ILE H 446 59.95 46.63 35.70
N ILE H 447 58.81 47.04 35.14
CA ILE H 447 58.71 48.34 34.49
C ILE H 447 58.29 49.43 35.49
N ASN H 448 59.24 50.30 35.81
CA ASN H 448 59.07 51.29 36.87
C ASN H 448 58.01 52.35 36.58
N GLU H 449 57.65 52.51 35.31
CA GLU H 449 56.64 53.49 34.92
C GLU H 449 55.28 53.17 35.56
N TYR H 450 55.03 51.88 35.82
CA TYR H 450 53.76 51.43 36.35
C TYR H 450 53.64 51.64 37.87
N ARG H 451 54.72 52.09 38.50
CA ARG H 451 54.76 52.26 39.95
C ARG H 451 53.79 53.35 40.42
N ALA H 452 53.56 54.33 39.56
CA ALA H 452 52.68 55.46 39.90
C ALA H 452 51.24 55.01 40.14
N THR H 453 50.88 53.85 39.60
CA THR H 453 49.52 53.35 39.75
C THR H 453 49.32 52.63 41.08
N LEU H 454 50.41 52.46 41.82
CA LEU H 454 50.33 51.88 43.15
C LEU H 454 50.32 52.97 44.23
N ASN H 455 50.22 54.21 43.80
CA ASN H 455 50.12 55.33 44.73
C ASN H 455 48.73 55.40 45.37
N SER H 456 48.68 55.21 46.68
CA SER H 456 47.41 55.25 47.40
C SER H 456 47.15 56.66 47.94
N LYS H 457 45.88 57.06 47.91
CA LYS H 457 45.48 58.37 48.41
C LYS H 457 45.61 58.45 49.93
N TYR H 458 45.48 57.31 50.60
CA TYR H 458 45.42 57.29 52.06
C TYR H 458 46.51 56.43 52.71
N ALA H 459 46.76 55.26 52.13
CA ALA H 459 47.84 54.40 52.62
C ALA H 459 49.16 54.77 51.97
N ASP H 460 50.23 54.10 52.36
CA ASP H 460 51.54 54.32 51.74
C ASP H 460 51.56 53.81 50.31
N ILE H 461 50.79 52.76 50.05
CA ILE H 461 50.85 52.09 48.75
C ILE H 461 49.61 51.23 48.51
N ASN H 462 49.19 51.13 47.25
CA ASN H 462 48.10 50.25 46.86
C ASN H 462 48.58 48.82 46.66
N GLN H 463 47.80 47.88 47.18
CA GLN H 463 48.05 46.46 46.93
C GLN H 463 48.04 46.18 45.43
N ILE H 464 47.05 46.73 44.75
CA ILE H 464 46.86 46.49 43.33
C ILE H 464 46.68 47.78 42.54
N SER H 465 46.90 47.69 41.23
CA SER H 465 46.58 48.79 40.34
C SER H 465 45.12 48.69 39.90
N SER H 466 44.48 49.83 39.69
CA SER H 466 43.12 49.84 39.19
C SER H 466 43.14 49.92 37.66
N SER H 467 44.02 50.74 37.13
CA SER H 467 44.12 50.97 35.69
C SER H 467 44.92 49.89 34.99
N VAL H 468 46.25 49.99 35.10
CA VAL H 468 47.16 49.10 34.39
C VAL H 468 46.85 47.62 34.58
N LYS H 469 46.72 46.90 33.47
CA LYS H 469 46.67 45.45 33.51
C LYS H 469 48.09 44.95 33.82
N ALA H 470 48.54 43.94 33.06
CA ALA H 470 49.88 43.40 33.24
C ALA H 470 50.18 43.14 34.71
N SER H 471 49.30 42.39 35.36
CA SER H 471 49.32 42.22 36.80
C SER H 471 50.61 41.58 37.32
N SER H 472 51.32 40.85 36.46
CA SER H 472 52.56 40.19 36.85
C SER H 472 53.65 41.21 37.17
N ILE H 473 53.73 42.26 36.35
CA ILE H 473 54.73 43.29 36.53
C ILE H 473 54.35 44.20 37.69
N VAL H 474 53.06 44.51 37.80
CA VAL H 474 52.56 45.35 38.89
C VAL H 474 52.81 44.67 40.23
N ALA H 475 52.52 43.37 40.29
CA ALA H 475 52.75 42.59 41.51
C ALA H 475 54.23 42.57 41.86
N SER H 476 55.08 42.44 40.85
CA SER H 476 56.52 42.47 41.04
C SER H 476 56.96 43.81 41.62
N LEU H 477 56.45 44.89 41.03
CA LEU H 477 56.69 46.24 41.52
C LEU H 477 56.27 46.38 42.98
N PHE H 478 55.15 45.78 43.33
CA PHE H 478 54.66 45.82 44.71
C PHE H 478 55.62 45.11 45.65
N LEU H 479 56.05 43.91 45.28
CA LEU H 479 56.95 43.11 46.10
C LEU H 479 58.30 43.80 46.28
N LYS H 480 58.73 44.51 45.25
CA LYS H 480 60.00 45.23 45.26
C LYS H 480 60.08 46.23 46.41
N GLU H 481 58.93 46.75 46.82
CA GLU H 481 58.84 47.72 47.90
C GLU H 481 59.13 47.12 49.28
N PHE H 482 59.40 45.82 49.32
CA PHE H 482 59.61 45.15 50.60
C PHE H 482 61.00 44.51 50.65
N VAL H 483 61.83 44.84 49.68
CA VAL H 483 63.24 44.49 49.70
C VAL H 483 64.07 45.76 49.60
N GLN H 484 64.65 46.18 50.72
CA GLN H 484 65.34 47.46 50.79
C GLN H 484 66.72 47.43 50.15
N ASN H 485 67.52 46.40 50.45
CA ASN H 485 68.90 46.36 49.97
C ASN H 485 69.47 44.95 49.85
N THR H 486 68.74 44.06 49.19
CA THR H 486 69.22 42.71 48.96
C THR H 486 68.93 42.28 47.53
N ALA H 487 69.86 41.56 46.91
CA ALA H 487 69.63 40.96 45.61
C ALA H 487 68.40 40.05 45.69
N TRP H 488 67.40 40.35 44.87
CA TRP H 488 66.12 39.68 44.96
C TRP H 488 65.56 39.30 43.60
N ALA H 489 65.06 38.07 43.49
CA ALA H 489 64.43 37.60 42.27
C ALA H 489 63.08 36.96 42.59
N HIS H 490 62.11 37.15 41.70
CA HIS H 490 60.77 36.63 41.91
C HIS H 490 60.33 35.76 40.73
N ILE H 491 59.98 34.51 41.02
CA ILE H 491 59.59 33.58 39.97
C ILE H 491 58.09 33.27 40.04
N ASP H 492 57.37 33.70 39.02
CA ASP H 492 55.92 33.50 38.96
C ASP H 492 55.59 32.22 38.22
N ILE H 493 55.06 31.24 38.95
CA ILE H 493 54.78 29.92 38.38
C ILE H 493 53.27 29.63 38.32
N ALA H 494 52.48 30.69 38.23
CA ALA H 494 51.02 30.54 38.20
C ALA H 494 50.55 29.80 36.95
N GLY H 495 51.34 29.87 35.88
CA GLY H 495 50.96 29.26 34.62
C GLY H 495 51.56 27.89 34.36
N VAL H 496 52.67 27.58 35.02
CA VAL H 496 53.40 26.36 34.72
C VAL H 496 53.30 25.31 35.82
N SER H 497 52.73 25.68 36.96
CA SER H 497 52.67 24.79 38.12
C SER H 497 51.82 23.55 37.86
N TRP H 498 50.74 23.71 37.10
CA TRP H 498 49.76 22.64 36.94
C TRP H 498 49.74 22.07 35.52
N ASN H 499 49.77 20.74 35.42
CA ASN H 499 49.69 20.05 34.15
C ASN H 499 48.24 19.69 33.83
N PHE H 500 47.62 20.46 32.96
CA PHE H 500 46.18 20.31 32.69
C PHE H 500 45.86 19.10 31.84
N LYS H 501 46.78 18.71 30.96
CA LYS H 501 46.57 17.54 30.12
C LYS H 501 46.58 16.25 30.94
N ALA H 502 47.46 16.19 31.93
CA ALA H 502 47.60 15.00 32.76
C ALA H 502 46.83 15.13 34.07
N ARG H 503 46.27 16.33 34.31
CA ARG H 503 45.47 16.60 35.51
C ARG H 503 46.25 16.38 36.80
N LYS H 504 47.47 16.90 36.85
CA LYS H 504 48.32 16.72 38.03
C LYS H 504 49.37 17.82 38.12
N PRO H 505 49.95 18.05 39.32
CA PRO H 505 51.01 19.05 39.44
C PRO H 505 52.27 18.65 38.67
N LYS H 506 53.10 19.64 38.35
CA LYS H 506 54.39 19.36 37.74
C LYS H 506 55.47 19.29 38.81
N GLY H 507 55.15 19.82 39.99
CA GLY H 507 56.13 19.93 41.06
C GLY H 507 57.18 20.95 40.67
N PHE H 508 56.79 21.87 39.80
CA PHE H 508 57.70 22.84 39.19
C PHE H 508 58.47 23.66 40.22
N GLY H 509 59.76 23.85 39.96
CA GLY H 509 60.57 24.74 40.78
C GLY H 509 61.59 24.02 41.66
N VAL H 510 61.31 22.77 42.00
CA VAL H 510 62.19 22.00 42.88
C VAL H 510 63.59 21.86 42.32
N ARG H 511 63.68 21.34 41.10
CA ARG H 511 64.97 21.14 40.43
C ARG H 511 65.66 22.47 40.15
N LEU H 512 64.86 23.47 39.73
CA LEU H 512 65.37 24.79 39.44
C LEU H 512 66.06 25.41 40.66
N LEU H 513 65.39 25.35 41.80
CA LEU H 513 65.93 25.92 43.03
C LEU H 513 67.17 25.17 43.52
N THR H 514 67.15 23.86 43.41
CA THR H 514 68.28 23.05 43.86
C THR H 514 69.52 23.32 43.03
N GLU H 515 69.36 23.39 41.71
CA GLU H 515 70.46 23.71 40.81
C GLU H 515 71.03 25.08 41.11
N PHE H 516 70.17 25.99 41.56
CA PHE H 516 70.59 27.32 41.96
C PHE H 516 71.45 27.25 43.22
N VAL H 517 71.02 26.43 44.18
CA VAL H 517 71.74 26.26 45.42
C VAL H 517 73.05 25.53 45.22
N LEU H 518 72.99 24.42 44.50
CA LEU H 518 74.15 23.55 44.33
C LEU H 518 75.27 24.17 43.49
N ASN H 519 74.91 24.96 42.50
CA ASN H 519 75.89 25.55 41.59
C ASN H 519 76.22 27.00 41.94
N ASP H 520 76.17 27.32 43.23
CA ASP H 520 76.51 28.65 43.71
C ASP H 520 77.41 28.58 44.93
N SER I 3 30.81 48.51 73.47
CA SER I 3 31.76 49.60 73.68
C SER I 3 33.16 49.19 73.27
N GLU I 4 33.54 47.96 73.62
CA GLU I 4 34.86 47.43 73.26
C GLU I 4 34.81 46.81 71.87
N VAL I 5 35.73 47.22 71.01
CA VAL I 5 35.78 46.72 69.64
C VAL I 5 36.47 45.36 69.57
N PRO I 6 35.76 44.36 69.03
CA PRO I 6 36.30 42.99 68.90
C PRO I 6 37.39 42.89 67.84
N GLN I 7 38.38 42.04 68.08
CA GLN I 7 39.47 41.82 67.14
C GLN I 7 39.60 40.34 66.80
N VAL I 8 40.17 40.05 65.63
CA VAL I 8 40.52 38.69 65.27
C VAL I 8 41.98 38.45 65.65
N VAL I 9 42.82 39.44 65.34
CA VAL I 9 44.21 39.45 65.78
C VAL I 9 44.47 40.74 66.56
N SER I 10 45.57 40.77 67.30
CA SER I 10 45.88 41.92 68.14
C SER I 10 46.25 43.16 67.30
N LEU I 11 46.52 42.94 66.02
CA LEU I 11 46.92 44.04 65.13
C LEU I 11 45.72 44.79 64.57
N ASP I 12 44.53 44.23 64.74
CA ASP I 12 43.30 44.90 64.31
C ASP I 12 43.07 46.18 65.11
N PRO I 13 42.81 47.30 64.41
CA PRO I 13 42.56 48.58 65.07
C PRO I 13 41.29 48.56 65.91
N THR I 14 41.28 49.31 67.00
CA THR I 14 40.13 49.36 67.89
C THR I 14 39.51 50.75 67.95
N SER I 15 39.92 51.62 67.04
CA SER I 15 39.37 52.97 67.00
C SER I 15 39.57 53.62 65.64
N ILE I 16 38.67 54.56 65.31
CA ILE I 16 38.85 55.40 64.13
C ILE I 16 39.72 56.58 64.49
N PRO I 17 40.90 56.69 63.87
CA PRO I 17 41.72 57.89 64.09
C PRO I 17 41.03 59.13 63.56
N ILE I 18 40.90 60.16 64.38
CA ILE I 18 40.21 61.37 63.98
C ILE I 18 41.02 62.62 64.31
N GLU I 19 41.19 63.48 63.32
CA GLU I 19 41.86 64.75 63.49
C GLU I 19 40.84 65.85 63.79
N TYR I 20 40.84 66.34 65.02
CA TYR I 20 39.96 67.43 65.40
C TYR I 20 40.65 68.77 65.17
N ASN I 21 41.75 68.98 65.88
CA ASN I 21 42.55 70.18 65.70
C ASN I 21 43.37 70.10 64.41
N THR I 22 42.71 70.41 63.29
CA THR I 22 43.35 70.38 61.98
C THR I 22 44.17 71.64 61.75
N PRO I 23 45.11 71.61 60.80
CA PRO I 23 45.89 72.81 60.44
C PRO I 23 45.03 74.00 60.03
N ILE I 24 43.86 73.75 59.45
CA ILE I 24 42.95 74.81 59.04
C ILE I 24 42.52 75.65 60.24
N HIS I 25 42.38 75.01 61.39
CA HIS I 25 41.95 75.69 62.60
C HIS I 25 43.02 76.66 63.14
N ASP I 26 44.27 76.46 62.73
CA ASP I 26 45.36 77.32 63.16
C ASP I 26 45.49 78.56 62.28
N ILE I 27 44.70 78.62 61.21
CA ILE I 27 44.77 79.73 60.28
C ILE I 27 44.09 80.98 60.82
N LYS I 28 44.86 82.04 61.02
CA LYS I 28 44.30 83.32 61.42
C LYS I 28 43.71 84.02 60.21
N VAL I 29 42.39 84.23 60.25
CA VAL I 29 41.69 84.80 59.10
C VAL I 29 41.18 86.21 59.39
N GLN I 30 41.63 87.16 58.57
CA GLN I 30 41.19 88.55 58.67
C GLN I 30 40.47 88.97 57.39
N VAL I 31 39.38 89.71 57.55
CA VAL I 31 38.65 90.24 56.40
C VAL I 31 38.74 91.76 56.39
N TYR I 32 39.11 92.32 55.25
CA TYR I 32 39.23 93.77 55.11
C TYR I 32 38.32 94.29 54.00
N ASP I 33 37.85 95.52 54.15
CA ASP I 33 37.04 96.14 53.11
C ASP I 33 37.94 96.61 51.98
N ILE I 34 37.57 96.26 50.75
CA ILE I 34 38.40 96.51 49.58
C ILE I 34 38.51 98.00 49.24
N LYS I 35 37.73 98.82 49.92
CA LYS I 35 37.75 100.26 49.71
C LYS I 35 39.04 100.89 50.24
N GLY I 36 39.55 100.36 51.34
CA GLY I 36 40.75 100.89 51.97
C GLY I 36 42.03 100.53 51.23
N GLY I 37 41.90 99.76 50.16
CA GLY I 37 43.05 99.36 49.37
C GLY I 37 43.74 98.13 49.92
N CYS I 38 44.48 97.43 49.06
CA CYS I 38 45.15 96.20 49.43
C CYS I 38 46.61 96.43 49.82
N ASN I 39 46.98 95.96 51.01
CA ASN I 39 48.39 95.93 51.39
C ASN I 39 49.03 94.62 50.93
N VAL I 40 50.17 94.73 50.25
CA VAL I 40 50.85 93.56 49.73
C VAL I 40 52.28 93.51 50.24
N GLU I 41 52.53 92.65 51.23
CA GLU I 41 53.82 92.65 51.91
C GLU I 41 54.48 91.27 52.00
N GLU I 42 53.67 90.22 52.10
CA GLU I 42 54.22 88.89 52.33
C GLU I 42 53.36 87.77 51.75
N GLY I 43 53.92 86.57 51.71
CA GLY I 43 53.22 85.40 51.23
C GLY I 43 52.76 85.53 49.80
N LEU I 44 51.54 85.07 49.53
CA LEU I 44 50.98 85.09 48.19
C LEU I 44 49.67 85.86 48.16
N THR I 45 49.55 86.80 47.23
CA THR I 45 48.33 87.59 47.09
C THR I 45 47.64 87.28 45.76
N ILE I 46 46.43 86.74 45.84
CA ILE I 46 45.71 86.30 44.64
C ILE I 46 44.47 87.15 44.37
N PHE I 47 44.40 87.70 43.17
CA PHE I 47 43.22 88.44 42.73
C PHE I 47 42.24 87.51 42.02
N LEU I 48 40.99 87.49 42.49
CA LEU I 48 39.93 86.78 41.79
C LEU I 48 39.30 87.73 40.79
N VAL I 49 39.46 87.44 39.50
CA VAL I 49 39.11 88.40 38.46
C VAL I 49 38.29 87.80 37.32
N ASN I 50 37.40 88.62 36.77
CA ASN I 50 36.63 88.22 35.60
C ASN I 50 36.64 89.32 34.53
N ASN I 51 35.97 89.05 33.41
CA ASN I 51 35.76 90.06 32.39
C ASN I 51 34.40 89.83 31.73
N PRO I 52 33.36 90.49 32.27
CA PRO I 52 31.96 90.31 31.87
C PRO I 52 31.73 90.44 30.36
N GLY I 53 31.13 89.44 29.76
CA GLY I 53 30.84 89.45 28.34
C GLY I 53 32.01 88.96 27.50
N LYS I 54 33.14 89.66 27.61
CA LYS I 54 34.33 89.32 26.85
C LYS I 54 34.90 87.97 27.25
N GLU I 55 34.49 86.93 26.52
CA GLU I 55 35.02 85.58 26.76
C GLU I 55 36.52 85.55 26.48
N ASN I 56 37.27 85.02 27.44
CA ASN I 56 38.73 85.02 27.39
C ASN I 56 39.29 86.43 27.27
N GLY I 57 38.59 87.38 27.89
CA GLY I 57 39.02 88.77 27.88
C GLY I 57 40.24 88.98 28.76
N PRO I 58 40.89 90.15 28.62
CA PRO I 58 42.11 90.45 29.36
C PRO I 58 41.90 90.60 30.86
N VAL I 59 42.99 90.53 31.62
CA VAL I 59 42.95 90.76 33.05
C VAL I 59 43.17 92.24 33.35
N LYS I 60 42.25 92.83 34.10
CA LYS I 60 42.40 94.22 34.54
C LYS I 60 42.07 94.33 36.02
N ILE I 61 43.10 94.63 36.82
CA ILE I 61 42.95 94.74 38.26
C ILE I 61 42.32 96.08 38.63
N SER I 62 41.15 96.03 39.25
CA SER I 62 40.39 97.24 39.56
C SER I 62 40.70 97.79 40.94
N SER I 63 41.09 96.90 41.85
CA SER I 63 41.36 97.29 43.24
C SER I 63 42.52 98.26 43.35
N LYS I 64 42.47 99.11 44.37
CA LYS I 64 43.58 100.00 44.68
C LYS I 64 44.59 99.25 45.54
N VAL I 65 45.86 99.31 45.14
CA VAL I 65 46.92 98.67 45.90
C VAL I 65 47.78 99.73 46.57
N ASN I 66 47.88 99.65 47.90
CA ASN I 66 48.65 100.62 48.67
C ASN I 66 50.15 100.39 48.58
N ASP I 67 50.64 100.28 47.35
CA ASP I 67 52.05 100.06 47.09
C ASP I 67 52.33 100.41 45.63
N LYS I 68 53.17 101.42 45.41
CA LYS I 68 53.41 101.96 44.07
C LYS I 68 54.07 100.94 43.13
N GLN I 69 55.06 100.22 43.65
CA GLN I 69 55.79 99.24 42.83
C GLN I 69 54.89 98.09 42.39
N VAL I 70 54.07 97.59 43.31
CA VAL I 70 53.15 96.51 42.98
C VAL I 70 52.04 97.02 42.07
N SER I 71 51.63 98.27 42.29
CA SER I 71 50.59 98.89 41.46
C SER I 71 51.03 99.02 40.00
N GLU I 72 52.28 99.43 39.79
CA GLU I 72 52.79 99.61 38.44
C GLU I 72 52.93 98.28 37.72
N PHE I 73 53.31 97.24 38.46
CA PHE I 73 53.38 95.90 37.91
C PHE I 73 51.99 95.45 37.47
N LEU I 74 50.98 95.87 38.21
CA LEU I 74 49.60 95.43 37.96
C LEU I 74 48.83 96.35 37.02
N LYS I 75 49.53 97.22 36.31
CA LYS I 75 48.88 98.12 35.36
C LYS I 75 48.26 97.33 34.20
N ASP I 76 47.30 97.95 33.52
CA ASP I 76 46.58 97.31 32.43
C ASP I 76 47.52 96.84 31.32
N GLU I 77 48.53 97.65 31.03
CA GLU I 77 49.50 97.34 29.98
C GLU I 77 50.21 96.02 30.24
N ASN I 78 50.59 95.79 31.51
CA ASN I 78 51.30 94.58 31.88
C ASN I 78 50.38 93.37 31.97
N MET I 79 49.15 93.59 32.40
CA MET I 79 48.21 92.49 32.64
C MET I 79 47.42 92.11 31.39
N GLU I 80 47.59 92.88 30.33
CA GLU I 80 46.86 92.65 29.07
C GLU I 80 47.17 91.30 28.45
N LYS I 81 48.39 90.81 28.66
CA LYS I 81 48.83 89.56 28.06
C LYS I 81 48.16 88.34 28.68
N PHE I 82 47.55 88.51 29.85
CA PHE I 82 46.87 87.41 30.53
C PHE I 82 45.35 87.56 30.39
N ASN I 83 44.65 86.42 30.37
CA ASN I 83 43.20 86.44 30.19
C ASN I 83 42.45 85.79 31.35
N VAL I 84 41.12 85.95 31.35
CA VAL I 84 40.28 85.58 32.49
C VAL I 84 39.62 84.21 32.37
N LYS I 85 40.16 83.35 31.53
CA LYS I 85 39.60 82.00 31.33
C LYS I 85 39.43 81.28 32.66
N LEU I 86 38.26 80.66 32.84
CA LEU I 86 37.90 80.03 34.11
C LEU I 86 38.89 78.93 34.49
N GLY I 87 39.51 79.09 35.66
CA GLY I 87 40.47 78.12 36.14
C GLY I 87 41.91 78.44 35.80
N THR I 88 42.10 79.52 35.06
CA THR I 88 43.45 79.97 34.68
C THR I 88 44.11 80.71 35.83
N SER I 89 45.40 80.46 36.04
CA SER I 89 46.14 81.12 37.10
C SER I 89 47.56 81.47 36.68
N LYS I 90 48.05 82.61 37.15
CA LYS I 90 49.43 83.03 36.90
C LYS I 90 50.14 83.40 38.19
N HIS I 91 51.46 83.21 38.22
CA HIS I 91 52.28 83.62 39.35
C HIS I 91 53.14 84.82 38.98
N PHE I 92 53.15 85.83 39.84
CA PHE I 92 53.97 87.01 39.61
C PHE I 92 55.01 87.19 40.73
N TYR I 93 56.16 87.75 40.37
CA TYR I 93 57.22 87.99 41.35
C TYR I 93 57.75 89.42 41.23
N MET I 94 57.75 90.14 42.34
CA MET I 94 58.17 91.54 42.32
C MET I 94 58.57 92.04 43.71
N PHE I 95 59.23 93.20 43.74
CA PHE I 95 59.59 93.84 45.00
C PHE I 95 58.62 94.97 45.33
N ASN I 96 58.14 95.01 46.57
CA ASN I 96 57.25 96.08 46.99
C ASN I 96 58.02 97.34 47.35
N ASP I 97 57.33 98.34 47.88
CA ASP I 97 57.96 99.62 48.19
C ASP I 97 59.02 99.49 49.28
N ASN I 98 58.86 98.51 50.17
CA ASN I 98 59.84 98.26 51.22
C ASN I 98 61.00 97.40 50.72
N LYS I 99 61.12 97.30 49.39
CA LYS I 99 62.18 96.52 48.75
C LYS I 99 62.15 95.05 49.15
N ASN I 100 60.99 94.58 49.61
CA ASN I 100 60.80 93.17 49.91
C ASN I 100 60.21 92.43 48.72
N SER I 101 60.77 91.27 48.41
CA SER I 101 60.21 90.44 47.34
C SER I 101 58.80 90.02 47.72
N VAL I 102 57.94 89.87 46.72
CA VAL I 102 56.55 89.56 46.98
C VAL I 102 55.96 88.75 45.84
N ALA I 103 55.11 87.79 46.18
CA ALA I 103 54.44 86.98 45.18
C ALA I 103 52.98 87.42 45.02
N VAL I 104 52.64 87.83 43.81
CA VAL I 104 51.26 88.17 43.48
C VAL I 104 50.79 87.21 42.40
N GLY I 105 49.48 87.05 42.26
CA GLY I 105 48.94 86.21 41.22
C GLY I 105 47.45 86.43 41.06
N TYR I 106 46.83 85.67 40.17
CA TYR I 106 45.39 85.77 39.97
C TYR I 106 44.81 84.43 39.55
N VAL I 107 43.51 84.29 39.73
CA VAL I 107 42.78 83.14 39.20
C VAL I 107 41.60 83.64 38.39
N GLY I 108 41.51 83.21 37.13
CA GLY I 108 40.45 83.64 36.24
C GLY I 108 39.10 83.09 36.64
N CYS I 109 38.07 83.93 36.54
CA CYS I 109 36.72 83.53 36.93
C CYS I 109 35.74 83.69 35.76
N GLY I 110 36.27 83.66 34.54
CA GLY I 110 35.43 83.63 33.35
C GLY I 110 34.83 84.96 32.95
N SER I 111 33.75 84.88 32.17
CA SER I 111 33.06 86.08 31.67
C SER I 111 31.61 86.11 32.15
N VAL I 112 31.26 85.21 33.04
CA VAL I 112 29.90 85.14 33.58
C VAL I 112 29.83 85.83 34.93
N ALA I 113 28.85 86.73 35.08
CA ALA I 113 28.74 87.56 36.27
C ALA I 113 28.26 86.79 37.49
N ASP I 114 27.66 85.63 37.27
CA ASP I 114 27.15 84.81 38.37
C ASP I 114 27.77 83.42 38.34
N LEU I 115 28.68 83.16 39.28
CA LEU I 115 29.36 81.87 39.35
C LEU I 115 28.48 80.81 39.98
N SER I 116 28.29 79.70 39.26
CA SER I 116 27.58 78.56 39.80
C SER I 116 28.45 77.85 40.84
N GLU I 117 27.87 76.86 41.51
CA GLU I 117 28.61 76.07 42.48
C GLU I 117 29.80 75.38 41.82
N ALA I 118 29.60 74.91 40.59
CA ALA I 118 30.66 74.25 39.84
C ALA I 118 31.73 75.26 39.41
N ASP I 119 31.30 76.46 39.02
CA ASP I 119 32.20 77.53 38.64
C ASP I 119 33.16 77.87 39.77
N MET I 120 32.59 78.19 40.94
CA MET I 120 33.36 78.57 42.11
C MET I 120 34.29 77.44 42.56
N LYS I 121 33.89 76.21 42.29
CA LYS I 121 34.67 75.04 42.68
C LYS I 121 35.96 74.95 41.86
N ARG I 122 35.87 75.24 40.57
CA ARG I 122 37.05 75.22 39.71
C ARG I 122 37.98 76.37 40.03
N VAL I 123 37.42 77.48 40.51
CA VAL I 123 38.22 78.62 40.95
C VAL I 123 39.02 78.25 42.18
N VAL I 124 38.34 77.69 43.18
CA VAL I 124 38.98 77.27 44.42
C VAL I 124 40.05 76.20 44.16
N LEU I 125 39.75 75.27 43.26
CA LEU I 125 40.68 74.21 42.91
C LEU I 125 41.98 74.75 42.34
N SER I 126 41.87 75.77 41.48
CA SER I 126 43.04 76.40 40.89
C SER I 126 43.87 77.10 41.95
N LEU I 127 43.19 77.77 42.87
CA LEU I 127 43.84 78.46 43.98
C LEU I 127 44.66 77.50 44.82
N VAL I 128 44.11 76.31 45.05
CA VAL I 128 44.77 75.29 45.86
C VAL I 128 46.06 74.78 45.20
N THR I 129 46.05 74.65 43.87
CA THR I 129 47.24 74.21 43.14
C THR I 129 48.39 75.18 43.32
N MET I 130 48.07 76.45 43.58
CA MET I 130 49.08 77.46 43.85
C MET I 130 49.59 77.32 45.28
N LEU I 131 48.75 76.72 46.14
CA LEU I 131 49.10 76.54 47.55
C LEU I 131 49.90 75.26 47.77
N HIS I 132 49.73 74.29 46.88
CA HIS I 132 50.47 73.04 46.99
C HIS I 132 51.87 73.18 46.40
N ASP I 133 52.82 72.47 47.01
CA ASP I 133 54.22 72.50 46.58
C ASP I 133 54.81 73.91 46.61
N ASN I 134 54.34 74.70 47.57
CA ASN I 134 54.89 76.02 47.82
C ASN I 134 54.80 76.35 49.29
N LYS I 135 55.94 76.41 49.96
CA LYS I 135 55.97 76.68 51.39
C LYS I 135 55.70 78.16 51.66
N LEU I 136 54.42 78.46 51.86
CA LEU I 136 53.96 79.83 52.08
C LEU I 136 53.41 79.99 53.49
N SER I 137 53.62 81.17 54.07
CA SER I 137 53.14 81.44 55.42
C SER I 137 51.81 82.17 55.40
N LYS I 138 51.54 82.90 54.31
CA LYS I 138 50.34 83.72 54.23
C LYS I 138 49.72 83.73 52.84
N LEU I 139 48.40 83.68 52.79
CA LEU I 139 47.66 83.83 51.55
C LEU I 139 46.66 84.99 51.65
N THR I 140 46.64 85.84 50.64
CA THR I 140 45.67 86.93 50.58
C THR I 140 44.82 86.81 49.32
N VAL I 141 43.51 86.80 49.51
CA VAL I 141 42.58 86.70 48.40
C VAL I 141 41.81 87.99 48.22
N VAL I 142 41.90 88.57 47.02
CA VAL I 142 41.20 89.82 46.71
C VAL I 142 40.03 89.57 45.77
N PHE I 143 38.81 89.72 46.30
CA PHE I 143 37.60 89.47 45.51
C PHE I 143 37.25 90.64 44.62
N GLU I 144 37.50 90.48 43.32
CA GLU I 144 37.08 91.46 42.34
C GLU I 144 35.97 90.88 41.47
N ILE I 145 35.23 89.95 42.06
CA ILE I 145 34.00 89.42 41.48
C ILE I 145 32.89 89.64 42.50
N ASN I 146 31.65 89.68 42.04
CA ASN I 146 30.53 89.86 42.95
C ASN I 146 29.99 88.52 43.45
N VAL I 147 30.05 88.34 44.76
CA VAL I 147 29.51 87.14 45.40
C VAL I 147 28.55 87.52 46.51
N ASP I 148 27.45 86.79 46.63
CA ASP I 148 26.55 86.99 47.77
C ASP I 148 27.13 86.25 48.96
N LYS I 149 26.50 86.43 50.12
CA LYS I 149 27.05 85.92 51.38
C LYS I 149 27.22 84.41 51.39
N ASN I 150 26.28 83.69 50.77
CA ASN I 150 26.34 82.23 50.74
C ASN I 150 27.49 81.71 49.88
N LEU I 151 27.78 82.40 48.79
CA LEU I 151 28.82 81.95 47.88
C LEU I 151 30.21 82.25 48.45
N PHE I 152 30.33 83.36 49.18
CA PHE I 152 31.57 83.70 49.85
C PHE I 152 31.90 82.65 50.90
N ARG I 153 30.89 82.20 51.62
CA ARG I 153 31.05 81.17 52.63
C ARG I 153 31.46 79.86 51.99
N PHE I 154 30.71 79.44 50.97
CA PHE I 154 31.01 78.23 50.22
C PHE I 154 32.44 78.23 49.69
N PHE I 155 32.90 79.41 49.26
CA PHE I 155 34.28 79.59 48.81
C PHE I 155 35.26 79.19 49.91
N LEU I 156 35.05 79.70 51.11
CA LEU I 156 35.91 79.40 52.25
C LEU I 156 35.82 77.93 52.64
N GLU I 157 34.60 77.42 52.74
CA GLU I 157 34.37 76.01 53.05
C GLU I 157 35.13 75.11 52.08
N THR I 158 35.00 75.42 50.80
CA THR I 158 35.62 74.64 49.74
C THR I 158 37.14 74.78 49.78
N LEU I 159 37.61 76.00 50.02
CA LEU I 159 39.04 76.27 50.12
C LEU I 159 39.66 75.45 51.26
N PHE I 160 39.03 75.51 52.42
CA PHE I 160 39.53 74.80 53.60
C PHE I 160 39.55 73.28 53.38
N TYR I 161 38.46 72.76 52.85
CA TYR I 161 38.31 71.32 52.64
C TYR I 161 39.32 70.77 51.64
N GLU I 162 39.45 71.44 50.49
CA GLU I 162 40.33 70.97 49.43
C GLU I 162 41.81 71.19 49.76
N TYR I 163 42.07 72.13 50.66
CA TYR I 163 43.44 72.44 51.08
C TYR I 163 43.96 71.39 52.07
N MET I 164 43.03 70.86 52.86
CA MET I 164 43.38 69.91 53.92
C MET I 164 43.68 68.52 53.37
N THR I 165 44.73 67.90 53.89
CA THR I 165 45.15 66.58 53.43
C THR I 165 45.09 65.54 54.55
N ASP I 166 44.42 64.42 54.27
CA ASP I 166 44.28 63.34 55.24
C ASP I 166 45.50 62.41 55.20
N GLU I 167 46.23 62.34 56.30
CA GLU I 167 47.43 61.51 56.39
C GLU I 167 47.40 60.55 57.57
N ARG I 168 46.21 60.29 58.11
CA ARG I 168 46.06 59.43 59.27
C ARG I 168 46.57 58.02 59.02
N PHE I 169 46.53 57.59 57.76
CA PHE I 169 46.91 56.22 57.42
C PHE I 169 48.23 56.18 56.66
N LYS I 170 48.88 57.34 56.56
CA LYS I 170 50.24 57.42 56.04
C LYS I 170 51.23 57.02 57.13
N SER I 171 52.29 56.32 56.75
CA SER I 171 53.31 55.92 57.71
C SER I 171 54.70 56.26 57.18
N THR I 172 55.22 55.42 56.29
CA THR I 172 56.53 55.64 55.69
C THR I 172 56.43 56.59 54.51
N ASP I 173 55.24 57.11 54.26
CA ASP I 173 55.00 57.94 53.07
C ASP I 173 54.23 59.22 53.39
N LYS I 174 54.57 59.85 54.51
CA LYS I 174 54.03 61.18 54.81
C LYS I 174 54.69 62.20 53.89
N ASN I 175 53.92 63.18 53.42
CA ASN I 175 54.47 64.25 52.62
C ASN I 175 55.42 65.10 53.46
N VAL I 176 56.71 64.96 53.23
CA VAL I 176 57.73 65.65 54.01
C VAL I 176 57.71 67.16 53.78
N ASN I 177 57.01 67.59 52.74
CA ASN I 177 56.95 69.01 52.38
C ASN I 177 55.63 69.67 52.74
N MET I 178 54.75 68.93 53.41
CA MET I 178 53.43 69.44 53.75
C MET I 178 53.52 70.59 54.75
N GLU I 179 53.39 71.81 54.24
CA GLU I 179 53.39 73.01 55.07
C GLU I 179 52.14 73.83 54.83
N TYR I 180 51.48 74.27 55.90
CA TYR I 180 50.25 75.02 55.77
C TYR I 180 50.44 76.50 56.13
N ILE I 181 49.69 77.36 55.47
CA ILE I 181 49.69 78.78 55.80
C ILE I 181 49.13 78.99 57.20
N LYS I 182 49.58 80.04 57.87
CA LYS I 182 49.09 80.36 59.21
C LYS I 182 48.20 81.60 59.18
N HIS I 183 48.14 82.24 58.01
CA HIS I 183 47.39 83.47 57.87
C HIS I 183 46.61 83.55 56.56
N LEU I 184 45.36 83.96 56.64
CA LEU I 184 44.54 84.18 55.45
C LEU I 184 43.94 85.58 55.47
N GLY I 185 44.23 86.36 54.44
CA GLY I 185 43.66 87.69 54.30
C GLY I 185 42.65 87.72 53.18
N VAL I 186 41.53 88.40 53.40
CA VAL I 186 40.49 88.50 52.38
C VAL I 186 40.02 89.93 52.19
N TYR I 187 40.15 90.42 50.96
CA TYR I 187 39.61 91.74 50.60
C TYR I 187 38.33 91.58 49.79
N ILE I 188 37.32 92.35 50.15
CA ILE I 188 36.02 92.27 49.48
C ILE I 188 35.15 93.50 49.79
N ASN I 189 34.26 93.84 48.88
CA ASN I 189 33.30 94.92 49.09
C ASN I 189 32.39 94.63 50.28
N ASN I 190 32.04 95.67 51.04
CA ASN I 190 31.13 95.55 52.17
C ASN I 190 31.55 94.46 53.15
N ALA I 191 32.83 94.45 53.51
CA ALA I 191 33.42 93.37 54.31
C ALA I 191 32.73 93.14 55.64
N ASP I 192 32.12 94.19 56.20
CA ASP I 192 31.43 94.06 57.49
C ASP I 192 30.28 93.08 57.42
N THR I 193 29.69 92.92 56.24
CA THR I 193 28.56 92.02 56.06
C THR I 193 29.01 90.58 55.79
N TYR I 194 30.30 90.38 55.59
CA TYR I 194 30.82 89.05 55.26
C TYR I 194 31.57 88.40 56.42
N LYS I 195 31.94 89.18 57.42
CA LYS I 195 32.79 88.70 58.50
C LYS I 195 32.16 87.57 59.30
N GLU I 196 30.83 87.58 59.42
CA GLU I 196 30.12 86.54 60.15
C GLU I 196 30.21 85.19 59.44
N GLU I 197 30.41 85.24 58.12
CA GLU I 197 30.45 84.03 57.30
C GLU I 197 31.74 83.24 57.52
N VAL I 198 32.79 83.94 57.94
CA VAL I 198 34.11 83.35 58.09
C VAL I 198 34.14 82.17 59.05
N GLU I 199 33.69 82.38 60.28
CA GLU I 199 33.71 81.33 61.28
C GLU I 199 32.66 80.26 60.99
N LYS I 200 31.53 80.68 60.45
CA LYS I 200 30.50 79.74 60.05
C LYS I 200 31.06 78.78 59.00
N ALA I 201 31.92 79.31 58.12
CA ALA I 201 32.56 78.50 57.11
C ALA I 201 33.55 77.52 57.72
N ARG I 202 34.18 77.93 58.81
CA ARG I 202 35.14 77.06 59.50
C ARG I 202 34.39 75.94 60.21
N VAL I 203 33.19 76.24 60.70
CA VAL I 203 32.34 75.24 61.32
C VAL I 203 31.81 74.27 60.26
N TYR I 204 31.33 74.83 59.15
CA TYR I 204 30.83 74.01 58.05
C TYR I 204 31.94 73.16 57.46
N TYR I 205 33.15 73.70 57.39
CA TYR I 205 34.31 72.96 56.90
C TYR I 205 34.55 71.70 57.72
N PHE I 206 34.65 71.84 59.05
CA PHE I 206 35.00 70.70 59.88
C PHE I 206 33.86 69.69 59.95
N GLY I 207 32.63 70.15 59.83
CA GLY I 207 31.49 69.26 59.79
C GLY I 207 31.64 68.31 58.61
N THR I 208 31.98 68.90 57.46
CA THR I 208 32.21 68.13 56.24
C THR I 208 33.46 67.25 56.36
N TYR I 209 34.52 67.81 56.91
CA TYR I 209 35.79 67.09 57.02
C TYR I 209 35.72 65.95 58.03
N TYR I 210 34.98 66.17 59.11
CA TYR I 210 34.75 65.11 60.09
C TYR I 210 34.00 63.96 59.45
N ALA I 211 33.04 64.30 58.59
CA ALA I 211 32.25 63.31 57.88
C ALA I 211 33.14 62.48 56.95
N SER I 212 34.04 63.16 56.23
CA SER I 212 34.92 62.48 55.29
C SER I 212 35.94 61.61 56.00
N GLN I 213 36.40 62.03 57.17
CA GLN I 213 37.32 61.24 57.98
C GLN I 213 36.71 59.89 58.34
N LEU I 214 35.41 59.90 58.62
CA LEU I 214 34.69 58.67 58.92
C LEU I 214 34.48 57.84 57.66
N ILE I 215 34.20 58.52 56.55
CA ILE I 215 33.95 57.84 55.29
C ILE I 215 35.22 57.26 54.69
N ALA I 216 36.27 58.08 54.60
CA ALA I 216 37.53 57.65 54.02
C ALA I 216 38.18 56.53 54.84
N ALA I 217 37.85 56.47 56.13
CA ALA I 217 38.37 55.43 57.00
C ALA I 217 37.84 54.06 56.61
N PRO I 218 38.76 53.12 56.35
CA PRO I 218 38.44 51.76 55.89
C PRO I 218 37.60 50.97 56.90
N SER I 219 36.96 49.91 56.43
CA SER I 219 36.00 49.17 57.23
C SER I 219 36.61 48.40 58.39
N ASN I 220 37.92 48.19 58.37
CA ASN I 220 38.59 47.53 59.48
C ASN I 220 38.87 48.52 60.62
N TYR I 221 38.97 49.80 60.27
CA TYR I 221 39.05 50.86 61.26
C TYR I 221 37.65 51.32 61.66
N CYS I 222 36.80 51.50 60.66
CA CYS I 222 35.45 51.99 60.88
C CYS I 222 34.43 50.85 60.82
N ASN I 223 33.95 50.45 61.98
CA ASN I 223 32.99 49.37 62.12
C ASN I 223 31.85 49.82 63.05
N PRO I 224 30.76 49.02 63.15
CA PRO I 224 29.63 49.42 64.02
C PRO I 224 30.01 49.92 65.41
N VAL I 225 30.94 49.26 66.09
CA VAL I 225 31.30 49.65 67.44
C VAL I 225 32.15 50.91 67.49
N SER I 226 33.21 50.94 66.67
CA SER I 226 34.13 52.07 66.66
C SER I 226 33.47 53.34 66.14
N LEU I 227 32.52 53.20 65.22
CA LEU I 227 31.82 54.34 64.66
C LEU I 227 30.88 54.95 65.70
N SER I 228 30.22 54.09 66.47
CA SER I 228 29.32 54.56 67.52
C SER I 228 30.12 55.12 68.70
N ASN I 229 31.33 54.63 68.87
CA ASN I 229 32.24 55.17 69.89
C ASN I 229 32.66 56.59 69.53
N ALA I 230 32.92 56.81 68.24
CA ALA I 230 33.27 58.14 67.74
C ALA I 230 32.11 59.10 67.93
N ALA I 231 30.90 58.60 67.74
CA ALA I 231 29.69 59.41 67.90
C ALA I 231 29.50 59.83 69.35
N VAL I 232 29.83 58.95 70.28
CA VAL I 232 29.76 59.25 71.70
C VAL I 232 30.80 60.28 72.08
N GLU I 233 32.04 60.03 71.65
CA GLU I 233 33.15 60.95 71.88
C GLU I 233 32.83 62.34 71.34
N LEU I 234 32.22 62.38 70.16
CA LEU I 234 31.78 63.63 69.56
C LEU I 234 30.70 64.31 70.41
N ALA I 235 29.76 63.52 70.90
CA ALA I 235 28.63 64.02 71.67
C ALA I 235 29.07 64.60 73.00
N GLN I 236 30.14 64.05 73.57
CA GLN I 236 30.67 64.53 74.83
C GLN I 236 31.34 65.88 74.67
N LYS I 237 32.00 66.07 73.53
CA LYS I 237 32.71 67.31 73.25
C LYS I 237 31.77 68.47 72.97
N LEU I 238 30.54 68.15 72.58
CA LEU I 238 29.55 69.17 72.25
C LEU I 238 28.46 69.28 73.32
N ASN I 239 28.56 68.42 74.34
CA ASN I 239 27.55 68.33 75.38
C ASN I 239 26.15 68.05 74.83
N LEU I 240 26.08 67.11 73.90
CA LEU I 240 24.79 66.62 73.41
C LEU I 240 24.41 65.38 74.20
N GLU I 241 23.12 65.23 74.47
CA GLU I 241 22.63 63.98 75.05
C GLU I 241 22.81 62.87 74.03
N TYR I 242 23.24 61.71 74.49
CA TYR I 242 23.48 60.60 73.58
C TYR I 242 23.01 59.27 74.17
N LYS I 243 22.59 58.38 73.28
CA LYS I 243 22.17 57.04 73.68
C LYS I 243 22.53 56.05 72.57
N ILE I 244 23.39 55.09 72.90
CA ILE I 244 23.75 54.03 71.96
C ILE I 244 22.99 52.77 72.30
N LEU I 245 22.13 52.33 71.39
CA LEU I 245 21.30 51.16 71.63
C LEU I 245 22.00 49.88 71.23
N GLY I 246 22.23 49.00 72.21
CA GLY I 246 22.84 47.71 71.95
C GLY I 246 21.83 46.70 71.45
N VAL I 247 22.32 45.55 71.02
CA VAL I 247 21.49 44.49 70.44
C VAL I 247 20.31 44.10 71.33
N LYS I 248 20.53 44.04 72.64
CA LYS I 248 19.49 43.62 73.56
C LYS I 248 18.32 44.61 73.59
N GLU I 249 18.63 45.90 73.56
CA GLU I 249 17.59 46.92 73.51
C GLU I 249 16.90 46.91 72.15
N LEU I 250 17.65 46.52 71.13
CA LEU I 250 17.11 46.46 69.77
C LEU I 250 16.16 45.26 69.63
N GLU I 251 16.40 44.23 70.43
CA GLU I 251 15.56 43.04 70.41
C GLU I 251 14.23 43.31 71.10
N GLU I 252 14.26 44.12 72.15
CA GLU I 252 13.05 44.50 72.87
C GLU I 252 12.20 45.46 72.03
N LEU I 253 12.88 46.33 71.29
CA LEU I 253 12.18 47.25 70.39
C LEU I 253 11.76 46.52 69.11
N LYS I 254 12.17 45.26 69.01
CA LYS I 254 11.76 44.37 67.93
C LYS I 254 12.12 44.90 66.55
N MET I 255 13.34 45.41 66.42
CA MET I 255 13.86 45.86 65.14
C MET I 255 14.43 44.69 64.35
N GLY I 256 13.55 43.81 63.86
CA GLY I 256 13.97 42.62 63.17
C GLY I 256 14.60 42.85 61.81
N ALA I 257 14.22 43.94 61.15
CA ALA I 257 14.75 44.25 59.83
C ALA I 257 16.20 44.71 59.94
N TYR I 258 16.44 45.65 60.83
CA TYR I 258 17.78 46.18 61.08
C TYR I 258 18.70 45.12 61.68
N LEU I 259 18.19 44.36 62.64
CA LEU I 259 18.98 43.32 63.29
C LEU I 259 19.38 42.19 62.33
N SER I 260 18.53 41.92 61.35
CA SER I 260 18.78 40.86 60.38
C SER I 260 20.02 41.17 59.53
N VAL I 261 20.14 42.43 59.11
CA VAL I 261 21.25 42.87 58.28
C VAL I 261 22.60 42.61 58.95
N GLY I 262 22.64 42.76 60.27
CA GLY I 262 23.88 42.65 61.01
C GLY I 262 24.17 41.29 61.63
N LYS I 263 23.28 40.32 61.40
CA LYS I 263 23.46 38.98 61.97
C LYS I 263 24.78 38.34 61.58
N GLY I 264 25.17 38.53 60.33
CA GLY I 264 26.37 37.89 59.79
C GLY I 264 27.66 38.67 60.02
N SER I 265 27.59 39.71 60.83
CA SER I 265 28.77 40.52 61.14
C SER I 265 29.41 40.07 62.46
N MET I 266 30.72 40.26 62.56
CA MET I 266 31.42 39.98 63.81
C MET I 266 31.24 41.15 64.78
N TYR I 267 30.78 42.28 64.25
CA TYR I 267 30.50 43.46 65.05
C TYR I 267 29.01 43.55 65.36
N PRO I 268 28.67 43.67 66.65
CA PRO I 268 27.26 43.80 67.04
C PRO I 268 26.64 45.11 66.56
N ASN I 269 25.33 45.11 66.34
CA ASN I 269 24.63 46.31 65.91
C ASN I 269 24.65 47.40 66.98
N LYS I 270 24.90 48.63 66.54
CA LYS I 270 24.87 49.79 67.43
C LYS I 270 24.02 50.89 66.82
N PHE I 271 22.95 51.27 67.52
CA PHE I 271 22.07 52.33 67.05
C PHE I 271 22.42 53.66 67.70
N ILE I 272 22.83 54.63 66.88
CA ILE I 272 23.25 55.93 67.38
C ILE I 272 22.06 56.88 67.54
N HIS I 273 21.92 57.45 68.74
CA HIS I 273 20.88 58.44 68.99
C HIS I 273 21.45 59.67 69.69
N LEU I 274 21.64 60.74 68.93
CA LEU I 274 22.14 62.00 69.48
C LEU I 274 21.04 63.05 69.45
N THR I 275 20.97 63.88 70.48
CA THR I 275 19.91 64.89 70.58
C THR I 275 20.43 66.26 70.96
N TYR I 276 20.10 67.25 70.13
CA TYR I 276 20.31 68.65 70.48
C TYR I 276 18.97 69.30 70.81
N LYS I 277 18.88 69.93 71.97
CA LYS I 277 17.68 70.67 72.32
C LYS I 277 18.04 72.10 72.70
N SER I 278 17.34 73.05 72.09
CA SER I 278 17.55 74.46 72.38
C SER I 278 17.09 74.77 73.80
N LYS I 279 17.83 75.63 74.48
CA LYS I 279 17.34 76.22 75.73
C LYS I 279 16.27 77.22 75.35
N GLY I 280 15.04 76.97 75.78
CA GLY I 280 13.91 77.81 75.41
C GLY I 280 12.78 76.99 74.81
N ASP I 281 11.88 77.67 74.11
CA ASP I 281 10.70 77.01 73.55
C ASP I 281 11.00 76.32 72.23
N VAL I 282 10.81 75.00 72.20
CA VAL I 282 11.02 74.23 70.98
C VAL I 282 9.83 74.37 70.04
N LYS I 283 10.04 75.05 68.91
CA LYS I 283 8.97 75.28 67.96
C LYS I 283 8.96 74.21 66.87
N LYS I 284 10.10 73.54 66.70
CA LYS I 284 10.25 72.53 65.66
C LYS I 284 11.07 71.33 66.15
N LYS I 285 10.51 70.14 65.98
CA LYS I 285 11.23 68.91 66.29
C LYS I 285 11.58 68.16 65.01
N ILE I 286 12.84 67.77 64.88
CA ILE I 286 13.33 67.13 63.67
C ILE I 286 14.11 65.85 63.96
N ALA I 287 13.88 64.82 63.16
CA ALA I 287 14.69 63.61 63.22
C ALA I 287 15.51 63.45 61.94
N LEU I 288 16.83 63.41 62.08
CA LEU I 288 17.71 63.18 60.96
C LEU I 288 18.25 61.75 60.98
N VAL I 289 17.92 60.97 59.96
CA VAL I 289 18.32 59.57 59.91
C VAL I 289 19.37 59.31 58.83
N GLY I 290 20.49 58.72 59.23
CA GLY I 290 21.54 58.38 58.28
C GLY I 290 21.73 56.88 58.16
N LYS I 291 21.99 56.41 56.94
CA LYS I 291 22.30 55.01 56.71
C LYS I 291 23.72 54.71 57.17
N GLY I 292 23.87 53.70 58.03
CA GLY I 292 25.14 53.44 58.66
C GLY I 292 25.73 52.06 58.39
N ILE I 293 25.80 51.68 57.12
CA ILE I 293 26.45 50.43 56.75
C ILE I 293 27.96 50.64 56.62
N THR I 294 28.71 50.20 57.63
CA THR I 294 30.15 50.43 57.67
C THR I 294 30.87 49.71 56.53
N PHE I 295 30.39 48.50 56.22
CA PHE I 295 30.83 47.82 55.01
C PHE I 295 29.67 47.06 54.39
N ASP I 296 29.55 47.15 53.08
CA ASP I 296 28.50 46.45 52.35
C ASP I 296 29.10 45.48 51.36
N SER I 297 29.25 44.22 51.78
CA SER I 297 29.74 43.17 50.90
C SER I 297 28.64 42.74 49.94
N GLY I 298 27.40 43.06 50.31
CA GLY I 298 26.24 42.68 49.53
C GLY I 298 25.51 41.51 50.16
N GLY I 299 26.19 40.85 51.09
CA GLY I 299 25.65 39.65 51.71
C GLY I 299 25.78 38.48 50.76
N TYR I 300 24.88 37.51 50.88
CA TYR I 300 24.91 36.35 50.00
C TYR I 300 24.61 36.74 48.56
N ASN I 301 23.93 37.87 48.38
CA ASN I 301 23.89 38.52 47.08
C ASN I 301 25.18 39.32 46.90
N LEU I 302 26.29 38.60 46.85
CA LEU I 302 27.62 39.19 46.90
C LEU I 302 27.87 40.16 45.75
N LYS I 303 28.58 41.24 46.05
CA LYS I 303 29.03 42.16 45.02
C LYS I 303 30.19 41.52 44.25
N ALA I 304 29.86 40.51 43.46
CA ALA I 304 30.87 39.77 42.71
C ALA I 304 30.76 40.07 41.22
N ALA I 305 29.78 40.88 40.85
CA ALA I 305 29.56 41.25 39.46
C ALA I 305 30.55 42.32 39.01
N PRO I 306 30.89 42.33 37.71
CA PRO I 306 31.78 43.36 37.16
C PRO I 306 31.22 44.77 37.35
N GLY I 307 32.04 45.68 37.88
CA GLY I 307 31.64 47.05 38.04
C GLY I 307 30.83 47.33 39.29
N SER I 308 30.71 46.32 40.16
CA SER I 308 29.98 46.48 41.41
C SER I 308 30.82 47.27 42.41
N MET I 309 32.11 47.37 42.15
CA MET I 309 33.05 48.18 42.94
C MET I 309 32.96 47.91 44.44
N ILE I 310 33.22 46.67 44.82
CA ILE I 310 33.11 46.26 46.22
C ILE I 310 34.17 46.94 47.10
N ASP I 311 35.28 47.35 46.49
CA ASP I 311 36.40 47.90 47.25
C ASP I 311 36.17 49.35 47.68
N LEU I 312 35.03 49.92 47.27
CA LEU I 312 34.69 51.28 47.68
C LEU I 312 33.59 51.25 48.73
N MET I 313 33.26 50.06 49.12
CA MET I 313 31.94 49.85 49.85
CA MET I 313 32.11 50.05 49.93
C MET I 313 31.95 50.38 51.45
N LYS I 314 33.18 50.88 51.68
CA LYS I 314 33.30 51.57 52.97
C LYS I 314 32.50 52.86 52.94
N PHE I 315 32.15 53.36 51.79
CA PHE I 315 31.47 54.62 51.70
C PHE I 315 30.00 54.54 52.05
N ASP I 316 29.59 53.41 52.53
CA ASP I 316 28.16 53.13 52.68
C ASP I 316 27.54 53.69 53.96
N MET I 317 28.37 54.16 54.87
CA MET I 317 27.90 54.82 56.09
CA MET I 317 27.84 54.82 56.07
C MET I 317 27.95 56.34 55.93
N SER I 318 28.03 56.79 54.68
CA SER I 318 28.12 58.21 54.37
C SER I 318 26.91 58.98 54.89
N GLY I 319 25.75 58.33 54.86
CA GLY I 319 24.54 58.91 55.39
C GLY I 319 24.69 59.17 56.87
N CYS I 320 25.26 58.18 57.57
CA CYS I 320 25.53 58.30 58.99
C CYS I 320 26.56 59.39 59.27
N ALA I 321 27.55 59.50 58.38
CA ALA I 321 28.62 60.47 58.55
C ALA I 321 28.10 61.89 58.37
N ALA I 322 27.19 62.08 57.41
CA ALA I 322 26.60 63.38 57.16
C ALA I 322 25.80 63.86 58.36
N VAL I 323 25.08 62.95 59.01
CA VAL I 323 24.27 63.28 60.16
C VAL I 323 25.15 63.65 61.36
N LEU I 324 26.22 62.88 61.56
CA LEU I 324 27.16 63.17 62.64
C LEU I 324 27.93 64.46 62.39
N GLY I 325 28.24 64.72 61.13
CA GLY I 325 28.89 65.97 60.75
C GLY I 325 27.97 67.14 61.00
N CYS I 326 26.69 66.95 60.69
CA CYS I 326 25.67 67.95 60.97
C CYS I 326 25.54 68.16 62.47
N ALA I 327 25.64 67.07 63.23
CA ALA I 327 25.57 67.12 64.68
C ALA I 327 26.68 68.00 65.25
N TYR I 328 27.82 68.01 64.59
CA TYR I 328 28.91 68.90 64.99
C TYR I 328 28.53 70.36 64.81
N CYS I 329 28.02 70.68 63.62
CA CYS I 329 27.66 72.06 63.28
C CYS I 329 26.52 72.56 64.14
N VAL I 330 25.52 71.71 64.35
CA VAL I 330 24.38 72.07 65.19
C VAL I 330 24.81 72.19 66.66
N GLY I 331 25.66 71.28 67.09
CA GLY I 331 26.18 71.30 68.45
C GLY I 331 27.08 72.49 68.70
N THR I 332 27.67 73.02 67.63
CA THR I 332 28.58 74.16 67.74
C THR I 332 27.84 75.49 67.62
N LEU I 333 27.13 75.67 66.51
CA LEU I 333 26.43 76.92 66.23
C LEU I 333 25.28 77.17 67.20
N LYS I 334 24.72 76.09 67.74
CA LYS I 334 23.65 76.16 68.74
C LYS I 334 22.47 77.02 68.32
N PRO I 335 21.68 76.54 67.35
CA PRO I 335 20.50 77.28 66.91
C PRO I 335 19.38 77.25 67.95
N GLU I 336 18.39 78.12 67.81
CA GLU I 336 17.34 78.26 68.81
C GLU I 336 16.00 77.70 68.35
N ASN I 337 15.17 77.34 69.32
CA ASN I 337 13.81 76.86 69.09
C ASN I 337 13.71 75.60 68.25
N VAL I 338 14.70 74.73 68.35
CA VAL I 338 14.65 73.44 67.67
C VAL I 338 15.16 72.31 68.55
N GLU I 339 14.54 71.13 68.39
CA GLU I 339 15.05 69.90 68.99
C GLU I 339 15.39 68.93 67.87
N ILE I 340 16.68 68.60 67.74
CA ILE I 340 17.13 67.76 66.64
C ILE I 340 17.60 66.40 67.13
N HIS I 341 17.06 65.34 66.53
CA HIS I 341 17.47 63.98 66.85
C HIS I 341 18.36 63.42 65.75
N PHE I 342 19.55 62.96 66.14
CA PHE I 342 20.49 62.41 65.18
C PHE I 342 20.52 60.89 65.28
N LEU I 343 19.93 60.23 64.29
CA LEU I 343 19.72 58.79 64.34
C LEU I 343 20.52 58.05 63.27
N SER I 344 21.02 56.86 63.62
CA SER I 344 21.67 55.99 62.65
C SER I 344 21.72 54.55 63.15
N ALA I 345 21.15 53.64 62.36
CA ALA I 345 21.22 52.22 62.64
C ALA I 345 22.47 51.63 62.01
N VAL I 346 23.56 51.60 62.77
CA VAL I 346 24.86 51.20 62.23
C VAL I 346 25.08 49.68 62.29
N CYS I 347 25.50 49.12 61.17
CA CYS I 347 25.82 47.70 61.10
C CYS I 347 26.70 47.37 59.89
N GLU I 348 27.00 46.08 59.73
CA GLU I 348 27.85 45.63 58.63
C GLU I 348 27.18 44.46 57.89
N ASN I 349 27.13 44.56 56.57
CA ASN I 349 26.51 43.51 55.75
C ASN I 349 27.55 42.50 55.30
N MET I 350 27.58 41.34 55.97
CA MET I 350 28.66 40.39 55.77
C MET I 350 28.18 38.98 55.42
N VAL I 351 29.11 38.18 54.88
CA VAL I 351 28.81 36.80 54.51
C VAL I 351 29.32 35.83 55.58
N SER I 352 28.41 35.04 56.12
CA SER I 352 28.72 34.15 57.23
C SER I 352 27.67 33.05 57.33
N LYS I 353 27.91 32.09 58.22
CA LYS I 353 26.90 31.08 58.50
C LYS I 353 25.73 31.69 59.27
N ASN I 354 25.96 32.88 59.82
CA ASN I 354 24.95 33.58 60.61
C ASN I 354 24.18 34.62 59.81
N SER I 355 24.62 34.87 58.58
CA SER I 355 24.01 35.91 57.75
C SER I 355 22.55 35.61 57.43
N TYR I 356 21.83 36.64 57.06
CA TYR I 356 20.46 36.54 56.62
C TYR I 356 20.43 36.06 55.15
N ARG I 357 19.49 35.25 54.76
CA ARG I 357 19.49 34.70 53.41
C ARG I 357 18.48 35.39 52.52
N PRO I 358 18.75 35.40 51.20
CA PRO I 358 17.72 35.77 50.24
C PRO I 358 16.50 34.87 50.42
N GLY I 359 15.31 35.45 50.52
CA GLY I 359 14.10 34.67 50.71
C GLY I 359 13.57 34.70 52.12
N ASP I 360 14.41 35.13 53.06
CA ASP I 360 13.99 35.22 54.46
C ASP I 360 12.89 36.25 54.66
N ILE I 361 11.89 35.89 55.46
CA ILE I 361 10.85 36.85 55.84
C ILE I 361 11.12 37.36 57.24
N ILE I 362 11.22 38.69 57.37
CA ILE I 362 11.57 39.31 58.64
C ILE I 362 10.50 40.28 59.11
N THR I 363 10.45 40.53 60.41
CA THR I 363 9.44 41.40 60.99
C THR I 363 10.03 42.71 61.49
N ALA I 364 9.48 43.82 61.04
CA ALA I 364 9.97 45.14 61.43
C ALA I 364 9.33 45.63 62.73
N SER I 365 9.76 46.80 63.18
CA SER I 365 9.30 47.38 64.45
C SER I 365 7.79 47.64 64.47
N ASN I 366 7.22 47.94 63.31
CA ASN I 366 5.79 48.24 63.23
C ASN I 366 4.95 46.98 62.93
N GLY I 367 5.59 45.82 62.99
CA GLY I 367 4.88 44.57 62.84
C GLY I 367 4.78 44.05 61.42
N LYS I 368 5.19 44.87 60.45
CA LYS I 368 5.12 44.49 59.05
C LYS I 368 6.16 43.44 58.69
N THR I 369 5.72 42.38 58.02
CA THR I 369 6.62 41.34 57.55
C THR I 369 7.19 41.69 56.19
N ILE I 370 8.49 41.47 56.03
CA ILE I 370 9.19 41.79 54.80
C ILE I 370 9.85 40.56 54.21
N GLU I 371 9.60 40.28 52.93
CA GLU I 371 10.29 39.19 52.26
C GLU I 371 11.54 39.72 51.54
N VAL I 372 12.71 39.25 51.98
CA VAL I 372 13.97 39.65 51.38
C VAL I 372 14.17 38.99 50.03
N GLY I 373 14.40 39.79 49.00
CA GLY I 373 14.65 39.27 47.66
C GLY I 373 16.09 39.50 47.23
N ASN I 374 16.79 40.37 47.96
CA ASN I 374 18.17 40.69 47.66
C ASN I 374 18.86 41.28 48.88
N THR I 375 19.85 40.56 49.41
CA THR I 375 20.53 40.99 50.63
C THR I 375 21.36 42.24 50.42
N ASP I 376 21.62 42.58 49.16
CA ASP I 376 22.41 43.76 48.84
C ASP I 376 21.53 45.01 48.82
N ALA I 377 20.25 44.83 49.12
CA ALA I 377 19.34 45.96 49.33
C ALA I 377 19.11 46.11 50.83
N GLU I 378 20.21 46.14 51.58
CA GLU I 378 20.16 46.09 53.03
C GLU I 378 19.89 47.47 53.65
N GLY I 379 20.12 48.52 52.87
CA GLY I 379 19.96 49.88 53.36
C GLY I 379 18.54 50.19 53.77
N ARG I 380 17.59 49.90 52.90
CA ARG I 380 16.18 50.18 53.16
C ARG I 380 15.66 49.39 54.34
N LEU I 381 16.29 48.26 54.63
CA LEU I 381 15.90 47.40 55.74
C LEU I 381 16.22 48.05 57.08
N THR I 382 17.46 48.53 57.21
CA THR I 382 17.89 49.20 58.44
C THR I 382 17.16 50.53 58.59
N LEU I 383 17.01 51.26 57.49
CA LEU I 383 16.34 52.55 57.49
C LEU I 383 14.90 52.45 57.97
N ALA I 384 14.18 51.44 57.49
CA ALA I 384 12.78 51.26 57.84
C ALA I 384 12.60 51.15 59.35
N ASP I 385 13.47 50.38 60.00
CA ASP I 385 13.45 50.26 61.46
C ASP I 385 13.81 51.58 62.12
N ALA I 386 14.69 52.34 61.47
CA ALA I 386 15.11 53.63 61.99
C ALA I 386 14.03 54.69 61.79
N LEU I 387 13.21 54.50 60.77
CA LEU I 387 12.12 55.43 60.49
C LEU I 387 10.96 55.23 61.47
N VAL I 388 10.77 54.00 61.90
CA VAL I 388 9.75 53.69 62.90
C VAL I 388 10.16 54.25 64.26
N TYR I 389 11.45 54.15 64.55
CA TYR I 389 12.02 54.72 65.77
C TYR I 389 11.86 56.23 65.77
N ALA I 390 12.13 56.85 64.63
CA ALA I 390 12.06 58.31 64.48
C ALA I 390 10.64 58.84 64.64
N GLU I 391 9.68 58.17 64.02
CA GLU I 391 8.29 58.62 64.10
C GLU I 391 7.77 58.48 65.52
N LYS I 392 8.23 57.44 66.23
CA LYS I 392 7.86 57.22 67.61
C LYS I 392 8.33 58.36 68.52
N LEU I 393 9.31 59.13 68.04
CA LEU I 393 9.82 60.26 68.80
C LEU I 393 8.90 61.47 68.71
N GLY I 394 7.88 61.37 67.85
CA GLY I 394 6.90 62.44 67.71
C GLY I 394 7.51 63.73 67.21
N VAL I 395 8.07 63.70 66.01
CA VAL I 395 8.72 64.87 65.44
C VAL I 395 7.91 65.47 64.30
N ASP I 396 8.32 66.66 63.85
CA ASP I 396 7.62 67.35 62.76
C ASP I 396 8.12 66.91 61.40
N TYR I 397 9.44 66.83 61.25
CA TYR I 397 10.05 66.38 60.01
C TYR I 397 11.00 65.21 60.25
N ILE I 398 10.84 64.15 59.47
CA ILE I 398 11.85 63.09 59.43
C ILE I 398 12.60 63.19 58.12
N VAL I 399 13.91 63.42 58.20
CA VAL I 399 14.74 63.48 57.01
C VAL I 399 15.80 62.39 57.05
N ASP I 400 15.78 61.52 56.04
CA ASP I 400 16.81 60.49 55.94
C ASP I 400 17.74 60.77 54.77
N ILE I 401 19.00 60.38 54.93
CA ILE I 401 20.00 60.54 53.89
C ILE I 401 20.84 59.26 53.81
N ALA I 402 21.02 58.75 52.60
CA ALA I 402 21.58 57.41 52.44
C ALA I 402 22.19 57.16 51.06
N THR I 403 23.27 56.39 51.03
CA THR I 403 23.81 55.87 49.78
C THR I 403 23.04 54.60 49.43
N LEU I 404 21.85 54.78 48.87
CA LEU I 404 20.90 53.69 48.74
C LEU I 404 20.98 52.92 47.42
N THR I 405 20.84 53.62 46.30
CA THR I 405 20.72 52.96 45.01
C THR I 405 21.74 53.45 43.99
N GLY I 406 22.36 52.51 43.29
CA GLY I 406 23.32 52.83 42.24
C GLY I 406 22.64 53.43 41.03
N ALA I 407 21.32 53.29 40.98
CA ALA I 407 20.53 53.85 39.88
C ALA I 407 20.63 55.37 39.83
N MET I 408 21.10 55.98 40.92
CA MET I 408 21.28 57.42 40.98
C MET I 408 22.36 57.88 40.00
N LEU I 409 23.36 57.03 39.79
CA LEU I 409 24.42 57.33 38.83
C LEU I 409 23.88 57.41 37.42
N TYR I 410 22.76 56.74 37.18
CA TYR I 410 22.16 56.69 35.86
C TYR I 410 21.04 57.73 35.71
N SER I 411 20.61 58.30 36.82
CA SER I 411 19.52 59.28 36.78
C SER I 411 20.04 60.70 36.91
N LEU I 412 20.84 60.96 37.94
CA LEU I 412 21.31 62.31 38.23
C LEU I 412 22.82 62.42 38.13
N GLY I 413 23.52 61.29 38.23
CA GLY I 413 24.96 61.28 38.09
C GLY I 413 25.71 61.50 39.40
N THR I 414 26.83 62.20 39.30
CA THR I 414 27.75 62.34 40.43
C THR I 414 27.69 63.72 41.10
N SER I 415 26.92 64.63 40.54
CA SER I 415 26.87 66.00 41.06
C SER I 415 25.61 66.28 41.87
N TYR I 416 24.46 65.90 41.33
CA TYR I 416 23.18 66.19 41.97
C TYR I 416 22.63 64.99 42.72
N ALA I 417 22.19 65.21 43.96
CA ALA I 417 21.52 64.17 44.73
C ALA I 417 20.02 64.24 44.47
N GLY I 418 19.33 63.13 44.72
CA GLY I 418 17.90 63.07 44.51
C GLY I 418 17.14 63.07 45.83
N VAL I 419 16.02 63.78 45.87
CA VAL I 419 15.19 63.78 47.07
C VAL I 419 13.77 63.27 46.78
N PHE I 420 13.28 62.42 47.68
CA PHE I 420 11.94 61.86 47.58
C PHE I 420 11.18 62.20 48.86
N GLY I 421 9.88 62.39 48.78
CA GLY I 421 9.11 62.75 49.96
C GLY I 421 7.61 62.51 49.90
N ASN I 422 6.98 62.49 51.07
CA ASN I 422 5.53 62.38 51.15
C ASN I 422 4.90 63.73 51.47
N ASN I 423 5.73 64.77 51.46
CA ASN I 423 5.29 66.11 51.82
C ASN I 423 6.00 67.17 50.98
N GLU I 424 5.21 67.98 50.27
CA GLU I 424 5.77 68.95 49.34
C GLU I 424 6.40 70.14 50.05
N GLU I 425 5.87 70.50 51.22
CA GLU I 425 6.45 71.59 52.00
C GLU I 425 7.83 71.23 52.51
N LEU I 426 7.99 70.01 53.03
CA LEU I 426 9.27 69.54 53.51
C LEU I 426 10.29 69.50 52.37
N ILE I 427 9.86 68.99 51.22
CA ILE I 427 10.73 68.89 50.05
C ILE I 427 11.25 70.25 49.61
N ASN I 428 10.34 71.22 49.54
CA ASN I 428 10.72 72.59 49.19
C ASN I 428 11.71 73.19 50.19
N LYS I 429 11.62 72.77 51.44
CA LYS I 429 12.56 73.21 52.46
C LYS I 429 13.94 72.59 52.22
N ILE I 430 13.96 71.36 51.70
CA ILE I 430 15.20 70.70 51.35
C ILE I 430 15.84 71.37 50.14
N LEU I 431 15.01 71.70 49.16
CA LEU I 431 15.47 72.37 47.94
C LEU I 431 16.04 73.74 48.25
N GLN I 432 15.38 74.47 49.16
CA GLN I 432 15.86 75.77 49.60
C GLN I 432 17.22 75.64 50.26
N SER I 433 17.35 74.64 51.13
CA SER I 433 18.60 74.37 51.82
C SER I 433 19.69 73.98 50.82
N SER I 434 19.28 73.39 49.71
CA SER I 434 20.23 73.02 48.66
C SER I 434 20.85 74.27 48.03
N LYS I 435 20.02 75.29 47.82
CA LYS I 435 20.47 76.53 47.18
C LYS I 435 21.43 77.31 48.08
N THR I 436 21.12 77.39 49.36
CA THR I 436 21.93 78.17 50.29
C THR I 436 23.20 77.44 50.72
N SER I 437 23.15 76.12 50.75
CA SER I 437 24.32 75.32 51.13
C SER I 437 25.20 74.98 49.93
N ASN I 438 24.65 75.18 48.73
CA ASN I 438 25.32 74.84 47.47
C ASN I 438 25.69 73.36 47.35
N GLU I 439 24.87 72.51 47.95
CA GLU I 439 24.96 71.07 47.71
C GLU I 439 23.76 70.65 46.85
N PRO I 440 23.96 70.58 45.53
CA PRO I 440 22.90 70.40 44.53
C PRO I 440 22.01 69.18 44.79
N VAL I 441 20.70 69.41 44.78
CA VAL I 441 19.71 68.36 45.02
C VAL I 441 18.56 68.51 44.01
N TRP I 442 18.09 67.40 43.47
CA TRP I 442 16.97 67.43 42.53
C TRP I 442 15.79 66.60 43.03
N TRP I 443 14.58 67.13 42.86
CA TRP I 443 13.38 66.46 43.30
C TRP I 443 12.95 65.36 42.33
N LEU I 444 12.81 64.15 42.84
CA LEU I 444 12.38 63.01 42.04
C LEU I 444 11.07 62.44 42.60
N PRO I 445 10.24 61.83 41.74
CA PRO I 445 8.90 61.43 42.17
C PRO I 445 8.84 60.05 42.83
N ILE I 446 7.90 59.89 43.76
CA ILE I 446 7.56 58.57 44.26
C ILE I 446 6.33 58.07 43.51
N ILE I 447 6.58 57.34 42.43
CA ILE I 447 5.52 56.92 41.52
C ILE I 447 4.71 55.76 42.09
N ASN I 448 3.48 56.05 42.50
CA ASN I 448 2.63 55.08 43.19
C ASN I 448 2.25 53.87 42.35
N GLU I 449 2.40 53.98 41.03
CA GLU I 449 2.03 52.87 40.14
C GLU I 449 2.93 51.66 40.36
N TYR I 450 4.15 51.90 40.83
CA TYR I 450 5.13 50.83 41.02
C TYR I 450 4.91 50.08 42.34
N ARG I 451 4.04 50.61 43.18
CA ARG I 451 3.80 50.05 44.51
C ARG I 451 3.34 48.58 44.45
N ALA I 452 2.56 48.24 43.42
CA ALA I 452 2.04 46.88 43.28
C ALA I 452 3.15 45.84 43.14
N THR I 453 4.31 46.26 42.66
CA THR I 453 5.43 45.35 42.47
C THR I 453 6.03 44.91 43.80
N LEU I 454 5.66 45.59 44.87
CA LEU I 454 6.15 45.23 46.21
C LEU I 454 5.15 44.33 46.94
N ASN I 455 4.09 43.93 46.25
CA ASN I 455 3.11 43.01 46.82
C ASN I 455 3.71 41.61 46.95
N SER I 456 3.86 41.15 48.19
CA SER I 456 4.40 39.82 48.46
C SER I 456 3.30 38.79 48.59
N LYS I 457 3.54 37.60 48.06
CA LYS I 457 2.59 36.50 48.13
C LYS I 457 2.42 36.02 49.57
N TYR I 458 3.47 36.12 50.36
CA TYR I 458 3.47 35.57 51.71
C TYR I 458 3.67 36.64 52.78
N ALA I 459 4.62 37.54 52.56
CA ALA I 459 4.88 38.62 53.51
C ALA I 459 3.90 39.77 53.29
N ASP I 460 3.99 40.78 54.15
CA ASP I 460 3.18 41.98 53.98
C ASP I 460 3.67 42.79 52.80
N ILE I 461 4.96 42.73 52.53
CA ILE I 461 5.56 43.51 51.47
C ILE I 461 6.90 42.92 51.01
N ASN I 462 7.19 43.08 49.71
CA ASN I 462 8.48 42.71 49.17
C ASN I 462 9.53 43.77 49.47
N GLN I 463 10.75 43.34 49.75
CA GLN I 463 11.86 44.25 49.97
C GLN I 463 12.22 44.97 48.67
N ILE I 464 12.30 44.20 47.59
CA ILE I 464 12.62 44.76 46.28
C ILE I 464 11.55 44.43 45.24
N SER I 465 11.66 45.06 44.08
CA SER I 465 10.77 44.78 42.96
C SER I 465 11.46 43.84 41.97
N SER I 466 10.80 42.72 41.65
CA SER I 466 11.34 41.77 40.69
C SER I 466 10.76 42.01 39.31
N SER I 467 10.86 43.26 38.85
CA SER I 467 10.38 43.66 37.53
C SER I 467 10.84 45.06 37.18
N VAL I 468 10.42 46.03 37.99
CA VAL I 468 10.74 47.44 37.75
C VAL I 468 12.21 47.75 38.01
N LYS I 469 12.83 48.49 37.10
CA LYS I 469 14.24 48.83 37.20
C LYS I 469 14.47 50.20 37.84
N ALA I 470 13.39 50.98 37.98
CA ALA I 470 13.48 52.28 38.64
C ALA I 470 13.74 52.10 40.14
N SER I 471 14.94 51.62 40.45
CA SER I 471 15.29 51.15 41.79
C SER I 471 15.22 52.23 42.86
N SER I 472 15.58 53.46 42.51
CA SER I 472 15.57 54.56 43.46
C SER I 472 14.15 54.87 43.91
N ILE I 473 13.22 54.80 42.98
CA ILE I 473 11.82 55.08 43.25
C ILE I 473 11.18 53.97 44.09
N VAL I 474 11.42 52.73 43.68
CA VAL I 474 10.90 51.57 44.40
C VAL I 474 11.36 51.58 45.87
N ALA I 475 12.62 51.89 46.08
CA ALA I 475 13.18 51.98 47.42
C ALA I 475 12.44 53.02 48.26
N SER I 476 12.12 54.16 47.65
CA SER I 476 11.39 55.21 48.33
C SER I 476 9.97 54.78 48.68
N LEU I 477 9.37 53.96 47.82
CA LEU I 477 8.05 53.40 48.07
C LEU I 477 8.08 52.49 49.29
N PHE I 478 9.17 51.73 49.42
CA PHE I 478 9.35 50.85 50.56
C PHE I 478 9.43 51.63 51.86
N LEU I 479 10.30 52.63 51.90
CA LEU I 479 10.50 53.43 53.10
C LEU I 479 9.22 54.17 53.50
N LYS I 480 8.43 54.54 52.50
CA LYS I 480 7.18 55.26 52.72
C LYS I 480 6.22 54.42 53.57
N GLU I 481 6.37 53.11 53.50
CA GLU I 481 5.50 52.18 54.23
C GLU I 481 5.82 52.12 55.72
N PHE I 482 6.84 52.86 56.14
CA PHE I 482 7.26 52.83 57.53
C PHE I 482 7.21 54.22 58.16
N VAL I 483 6.44 55.10 57.53
CA VAL I 483 6.11 56.42 58.07
C VAL I 483 4.60 56.60 57.98
N GLN I 484 3.92 56.50 59.11
CA GLN I 484 2.46 56.48 59.13
C GLN I 484 1.85 57.86 58.86
N ASN I 485 2.21 58.84 59.66
CA ASN I 485 1.59 60.16 59.55
C ASN I 485 2.53 61.29 59.95
N THR I 486 3.66 61.38 59.25
CA THR I 486 4.63 62.45 59.51
C THR I 486 5.30 62.89 58.21
N ALA I 487 5.52 64.19 58.07
CA ALA I 487 6.25 64.72 56.92
C ALA I 487 7.61 64.08 56.84
N TRP I 488 7.92 63.51 55.67
CA TRP I 488 9.14 62.73 55.50
C TRP I 488 9.76 62.95 54.13
N ALA I 489 11.07 63.19 54.11
CA ALA I 489 11.82 63.34 52.86
C ALA I 489 13.01 62.40 52.83
N HIS I 490 13.32 61.89 51.63
CA HIS I 490 14.39 60.90 51.48
C HIS I 490 15.46 61.39 50.50
N ILE I 491 16.69 61.47 50.99
CA ILE I 491 17.80 61.94 50.16
C ILE I 491 18.75 60.80 49.81
N ASP I 492 18.71 60.37 48.54
CA ASP I 492 19.60 59.31 48.05
C ASP I 492 20.88 59.93 47.52
N ILE I 493 21.99 59.64 48.19
CA ILE I 493 23.28 60.23 47.83
C ILE I 493 24.29 59.20 47.34
N ALA I 494 23.79 58.06 46.87
CA ALA I 494 24.66 56.97 46.45
C ALA I 494 25.54 57.35 45.26
N GLY I 495 25.12 58.39 44.53
CA GLY I 495 25.86 58.84 43.36
C GLY I 495 26.84 59.97 43.64
N VAL I 496 26.49 60.83 44.59
CA VAL I 496 27.28 62.04 44.84
C VAL I 496 28.23 61.93 46.02
N SER I 497 28.14 60.83 46.78
CA SER I 497 28.90 60.69 48.01
C SER I 497 30.41 60.67 47.77
N TRP I 498 30.84 59.92 46.76
CA TRP I 498 32.27 59.72 46.50
C TRP I 498 32.76 60.58 45.35
N ASN I 499 33.97 61.12 45.50
CA ASN I 499 34.60 61.93 44.47
C ASN I 499 35.69 61.13 43.77
N PHE I 500 35.33 60.51 42.65
CA PHE I 500 36.20 59.57 41.95
C PHE I 500 37.42 60.23 41.33
N LYS I 501 37.29 61.46 40.87
CA LYS I 501 38.39 62.16 40.24
C LYS I 501 39.53 62.42 41.23
N ALA I 502 39.17 62.69 42.48
CA ALA I 502 40.15 62.98 43.52
C ALA I 502 40.36 61.79 44.45
N ARG I 503 39.60 60.72 44.22
CA ARG I 503 39.70 59.49 45.01
C ARG I 503 39.49 59.73 46.50
N LYS I 504 38.42 60.45 46.84
CA LYS I 504 38.15 60.80 48.23
C LYS I 504 36.67 61.14 48.44
N PRO I 505 36.22 61.15 49.70
CA PRO I 505 34.82 61.52 49.97
C PRO I 505 34.55 63.02 49.75
N LYS I 506 33.29 63.36 49.54
CA LYS I 506 32.90 64.76 49.38
C LYS I 506 32.42 65.34 50.71
N GLY I 507 31.95 64.47 51.60
CA GLY I 507 31.32 64.91 52.84
C GLY I 507 29.95 65.50 52.53
N PHE I 508 29.34 65.01 51.45
CA PHE I 508 28.04 65.51 51.01
C PHE I 508 26.97 65.26 52.06
N GLY I 509 26.17 66.29 52.33
CA GLY I 509 25.06 66.15 53.26
C GLY I 509 25.17 67.02 54.50
N VAL I 510 26.39 67.23 54.98
CA VAL I 510 26.61 67.97 56.23
C VAL I 510 26.01 69.38 56.20
N ARG I 511 26.35 70.13 55.15
CA ARG I 511 25.91 71.51 55.04
C ARG I 511 24.42 71.62 54.71
N LEU I 512 23.97 70.77 53.79
CA LEU I 512 22.57 70.74 53.39
C LEU I 512 21.65 70.55 54.59
N LEU I 513 22.00 69.60 55.45
CA LEU I 513 21.22 69.31 56.64
C LEU I 513 21.32 70.45 57.66
N THR I 514 22.50 71.02 57.79
CA THR I 514 22.71 72.11 58.74
C THR I 514 21.91 73.36 58.34
N GLU I 515 21.96 73.70 57.06
CA GLU I 515 21.19 74.82 56.55
C GLU I 515 19.70 74.58 56.72
N PHE I 516 19.30 73.31 56.66
CA PHE I 516 17.91 72.93 56.87
C PHE I 516 17.50 73.14 58.32
N VAL I 517 18.38 72.75 59.24
CA VAL I 517 18.11 72.90 60.66
C VAL I 517 18.13 74.37 61.09
N LEU I 518 19.08 75.12 60.52
CA LEU I 518 19.26 76.52 60.89
C LEU I 518 18.15 77.43 60.34
N ASN I 519 18.05 77.52 59.02
CA ASN I 519 17.06 78.37 58.38
C ASN I 519 15.65 77.78 58.43
N ASP I 520 15.20 77.46 59.63
CA ASP I 520 13.90 76.84 59.83
C ASP I 520 12.99 77.72 60.68
N ALA J 2 4.87 59.48 -3.33
CA ALA J 2 4.95 58.08 -2.94
C ALA J 2 6.18 57.41 -3.52
N SER J 3 7.19 57.17 -2.68
CA SER J 3 8.41 56.51 -3.11
C SER J 3 8.26 55.00 -3.08
N GLU J 4 8.98 54.31 -3.96
CA GLU J 4 8.91 52.87 -4.05
C GLU J 4 9.70 52.19 -2.93
N VAL J 5 9.08 51.21 -2.29
CA VAL J 5 9.74 50.45 -1.23
C VAL J 5 10.56 49.30 -1.82
N PRO J 6 11.89 49.35 -1.62
CA PRO J 6 12.79 48.32 -2.15
C PRO J 6 12.58 46.96 -1.49
N GLN J 7 12.69 45.89 -2.27
CA GLN J 7 12.50 44.54 -1.76
C GLN J 7 13.75 43.69 -1.96
N VAL J 8 13.95 42.72 -1.07
CA VAL J 8 15.01 41.74 -1.24
C VAL J 8 14.44 40.56 -2.03
N VAL J 9 13.25 40.13 -1.63
CA VAL J 9 12.49 39.15 -2.40
C VAL J 9 11.06 39.67 -2.54
N SER J 10 10.31 39.11 -3.50
CA SER J 10 8.98 39.64 -3.84
C SER J 10 7.97 39.50 -2.70
N LEU J 11 8.32 38.75 -1.66
CA LEU J 11 7.42 38.55 -0.54
C LEU J 11 7.62 39.59 0.55
N ASP J 12 8.51 40.55 0.30
CA ASP J 12 8.70 41.67 1.22
C ASP J 12 7.57 42.68 1.06
N PRO J 13 6.91 43.03 2.18
CA PRO J 13 5.81 44.00 2.15
C PRO J 13 6.27 45.39 1.68
N THR J 14 5.41 46.09 0.94
CA THR J 14 5.77 47.38 0.37
C THR J 14 4.94 48.53 0.93
N SER J 15 4.22 48.27 2.01
CA SER J 15 3.47 49.33 2.68
C SER J 15 3.06 48.92 4.09
N ILE J 16 2.68 49.90 4.90
CA ILE J 16 2.17 49.64 6.24
C ILE J 16 0.64 49.60 6.20
N PRO J 17 0.06 48.47 6.64
CA PRO J 17 -1.40 48.39 6.75
C PRO J 17 -1.91 49.34 7.84
N ILE J 18 -2.83 50.23 7.47
CA ILE J 18 -3.38 51.19 8.40
C ILE J 18 -4.89 51.12 8.46
N GLU J 19 -5.44 50.98 9.66
CA GLU J 19 -6.88 50.98 9.86
C GLU J 19 -7.34 52.37 10.29
N TYR J 20 -8.11 53.02 9.43
CA TYR J 20 -8.63 54.34 9.74
C TYR J 20 -10.02 54.25 10.37
N ASN J 21 -10.90 53.48 9.74
CA ASN J 21 -12.22 53.24 10.27
C ASN J 21 -12.22 52.07 11.25
N THR J 22 -12.31 52.39 12.54
CA THR J 22 -12.33 51.36 13.58
C THR J 22 -13.75 51.24 14.14
N PRO J 23 -14.07 50.09 14.75
CA PRO J 23 -15.38 49.89 15.39
C PRO J 23 -15.69 50.94 16.46
N ILE J 24 -14.65 51.61 16.98
CA ILE J 24 -14.84 52.64 17.99
C ILE J 24 -15.53 53.87 17.42
N HIS J 25 -15.26 54.17 16.15
CA HIS J 25 -15.88 55.32 15.50
C HIS J 25 -17.36 55.10 15.23
N ASP J 26 -17.82 53.87 15.43
CA ASP J 26 -19.23 53.52 15.20
C ASP J 26 -20.03 53.56 16.50
N ILE J 27 -19.34 53.66 17.62
CA ILE J 27 -20.00 53.70 18.92
C ILE J 27 -20.68 55.04 19.16
N LYS J 28 -21.99 55.01 19.39
CA LYS J 28 -22.73 56.22 19.73
C LYS J 28 -22.70 56.41 21.25
N VAL J 29 -22.22 57.58 21.68
CA VAL J 29 -22.02 57.84 23.11
C VAL J 29 -23.09 58.76 23.68
N GLN J 30 -23.66 58.36 24.82
CA GLN J 30 -24.68 59.15 25.49
C GLN J 30 -24.27 59.43 26.94
N VAL J 31 -24.35 60.69 27.35
CA VAL J 31 -24.02 61.07 28.72
C VAL J 31 -25.25 61.60 29.44
N TYR J 32 -25.72 60.85 30.44
CA TYR J 32 -26.88 61.26 31.22
C TYR J 32 -26.47 61.70 32.61
N ASP J 33 -27.27 62.57 33.23
CA ASP J 33 -26.99 63.01 34.59
C ASP J 33 -27.43 61.92 35.56
N ILE J 34 -26.60 61.67 36.57
CA ILE J 34 -26.83 60.56 37.49
C ILE J 34 -27.89 60.90 38.54
N LYS J 35 -28.20 62.18 38.68
CA LYS J 35 -29.19 62.61 39.67
C LYS J 35 -30.61 62.19 39.28
N GLY J 36 -30.79 61.80 38.01
CA GLY J 36 -32.11 61.44 37.52
C GLY J 36 -32.45 59.98 37.63
N GLY J 37 -31.48 59.17 38.04
CA GLY J 37 -31.69 57.73 38.13
C GLY J 37 -31.26 57.03 36.84
N CYS J 38 -31.00 55.74 36.93
CA CYS J 38 -30.45 55.00 35.80
C CYS J 38 -31.45 54.04 35.15
N ASN J 39 -31.43 53.98 33.83
CA ASN J 39 -32.18 52.98 33.08
C ASN J 39 -31.32 51.77 32.77
N VAL J 40 -31.79 50.59 33.14
CA VAL J 40 -31.00 49.37 33.00
C VAL J 40 -31.76 48.25 32.29
N GLU J 41 -32.25 48.53 31.10
CA GLU J 41 -33.04 47.54 30.37
C GLU J 41 -32.42 47.14 29.03
N GLU J 42 -31.11 47.32 28.91
CA GLU J 42 -30.40 46.91 27.70
C GLU J 42 -28.91 46.70 27.94
N GLY J 43 -28.40 45.55 27.49
CA GLY J 43 -26.97 45.29 27.48
C GLY J 43 -26.29 45.19 28.83
N LEU J 44 -25.03 45.59 28.85
CA LEU J 44 -24.20 45.50 30.05
C LEU J 44 -24.14 46.83 30.80
N THR J 45 -24.54 46.81 32.07
CA THR J 45 -24.46 48.00 32.91
C THR J 45 -23.46 47.79 34.04
N ILE J 46 -22.45 48.66 34.09
CA ILE J 46 -21.40 48.54 35.10
C ILE J 46 -21.36 49.77 36.01
N PHE J 47 -21.34 49.53 37.31
CA PHE J 47 -21.23 50.60 38.30
C PHE J 47 -19.79 50.77 38.78
N LEU J 48 -19.24 51.96 38.60
CA LEU J 48 -17.92 52.26 39.15
C LEU J 48 -18.10 52.71 40.60
N VAL J 49 -17.62 51.88 41.53
CA VAL J 49 -17.95 52.04 42.93
C VAL J 49 -16.72 51.96 43.85
N ASN J 50 -16.66 52.86 44.82
CA ASN J 50 -15.60 52.83 45.82
C ASN J 50 -16.14 52.81 47.25
N ASN J 51 -15.24 52.78 48.22
CA ASN J 51 -15.60 52.80 49.63
C ASN J 51 -14.54 53.54 50.43
N PRO J 52 -14.69 54.87 50.56
CA PRO J 52 -13.69 55.76 51.17
C PRO J 52 -13.36 55.41 52.62
N GLY J 53 -14.34 54.92 53.37
CA GLY J 53 -14.15 54.64 54.77
C GLY J 53 -13.91 53.18 55.10
N LYS J 54 -13.38 52.43 54.15
CA LYS J 54 -13.08 51.01 54.36
C LYS J 54 -12.17 50.46 53.27
N GLU J 55 -10.93 50.14 53.64
CA GLU J 55 -10.01 49.50 52.71
C GLU J 55 -10.55 48.12 52.34
N ASN J 56 -10.69 47.88 51.03
CA ASN J 56 -11.32 46.66 50.52
C ASN J 56 -12.71 46.46 51.10
N GLY J 57 -13.39 47.57 51.38
CA GLY J 57 -14.72 47.53 51.96
C GLY J 57 -15.76 47.00 51.00
N PRO J 58 -16.95 46.67 51.51
CA PRO J 58 -18.03 46.07 50.72
C PRO J 58 -18.57 47.01 49.65
N VAL J 59 -19.15 46.44 48.60
CA VAL J 59 -19.76 47.22 47.53
C VAL J 59 -21.16 47.66 47.93
N LYS J 60 -21.46 48.94 47.68
CA LYS J 60 -22.79 49.46 47.92
C LYS J 60 -23.21 50.41 46.79
N ILE J 61 -24.27 50.07 46.09
CA ILE J 61 -24.76 50.88 44.97
C ILE J 61 -25.82 51.87 45.45
N SER J 62 -25.63 53.14 45.10
CA SER J 62 -26.53 54.20 45.57
C SER J 62 -27.56 54.63 44.53
N SER J 63 -27.20 54.56 43.25
CA SER J 63 -28.11 54.98 42.19
C SER J 63 -29.39 54.15 42.14
N LYS J 64 -30.52 54.83 42.08
CA LYS J 64 -31.79 54.14 41.87
C LYS J 64 -31.89 53.75 40.40
N VAL J 65 -32.34 52.52 40.15
CA VAL J 65 -32.54 52.05 38.79
C VAL J 65 -34.02 51.76 38.54
N ASN J 66 -34.44 51.94 37.28
CA ASN J 66 -35.86 51.89 36.93
C ASN J 66 -36.41 50.48 36.81
N ASP J 67 -35.61 49.48 37.14
CA ASP J 67 -36.01 48.09 37.00
C ASP J 67 -36.12 47.39 38.33
N LYS J 68 -37.27 46.77 38.59
CA LYS J 68 -37.52 46.10 39.87
C LYS J 68 -36.60 44.89 40.07
N GLN J 69 -36.37 44.14 39.00
CA GLN J 69 -35.52 42.96 39.07
C GLN J 69 -34.07 43.32 39.36
N VAL J 70 -33.57 44.33 38.65
CA VAL J 70 -32.20 44.79 38.83
C VAL J 70 -32.04 45.48 40.18
N SER J 71 -33.11 46.12 40.64
CA SER J 71 -33.12 46.76 41.96
C SER J 71 -32.88 45.74 43.06
N GLU J 72 -33.57 44.60 42.97
CA GLU J 72 -33.43 43.53 43.93
C GLU J 72 -32.01 42.96 43.89
N PHE J 73 -31.44 42.90 42.70
CA PHE J 73 -30.09 42.40 42.52
C PHE J 73 -29.07 43.31 43.20
N LEU J 74 -29.37 44.60 43.25
CA LEU J 74 -28.42 45.60 43.73
C LEU J 74 -28.57 45.97 45.21
N LYS J 75 -29.50 45.34 45.90
CA LYS J 75 -29.73 45.67 47.31
C LYS J 75 -28.49 45.37 48.14
N ASP J 76 -28.27 46.16 49.19
CA ASP J 76 -27.05 46.12 49.98
C ASP J 76 -26.71 44.73 50.51
N GLU J 77 -27.74 43.91 50.68
CA GLU J 77 -27.57 42.57 51.23
C GLU J 77 -26.84 41.65 50.24
N ASN J 78 -27.06 41.85 48.95
CA ASN J 78 -26.37 41.08 47.94
C ASN J 78 -24.98 41.62 47.65
N MET J 79 -24.88 42.94 47.53
CA MET J 79 -23.65 43.58 47.08
C MET J 79 -22.52 43.52 48.10
N GLU J 80 -22.86 43.40 49.38
CA GLU J 80 -21.85 43.39 50.43
C GLU J 80 -21.05 42.07 50.42
N LYS J 81 -21.49 41.13 49.59
CA LYS J 81 -20.74 39.91 49.33
C LYS J 81 -19.48 40.23 48.52
N PHE J 82 -19.48 41.40 47.88
CA PHE J 82 -18.36 41.84 47.06
C PHE J 82 -17.61 43.00 47.73
N ASN J 83 -16.43 43.31 47.22
CA ASN J 83 -15.65 44.43 47.76
C ASN J 83 -15.09 45.32 46.64
N VAL J 84 -14.65 46.52 47.03
CA VAL J 84 -14.28 47.54 46.06
C VAL J 84 -12.78 47.61 45.75
N LYS J 85 -12.06 46.53 46.01
CA LYS J 85 -10.62 46.47 45.73
C LYS J 85 -10.35 46.88 44.29
N LEU J 86 -9.38 47.76 44.10
CA LEU J 86 -9.10 48.35 42.79
C LEU J 86 -8.90 47.29 41.70
N GLY J 87 -9.78 47.31 40.70
CA GLY J 87 -9.66 46.41 39.56
C GLY J 87 -10.53 45.18 39.66
N THR J 88 -11.02 44.87 40.86
CA THR J 88 -11.88 43.71 41.07
C THR J 88 -13.24 43.93 40.43
N SER J 89 -13.76 42.91 39.76
CA SER J 89 -15.05 43.04 39.07
C SER J 89 -15.90 41.79 39.12
N LYS J 90 -17.21 42.00 39.25
CA LYS J 90 -18.21 40.94 39.08
C LYS J 90 -19.25 41.45 38.10
N HIS J 91 -19.90 40.54 37.39
CA HIS J 91 -21.06 40.91 36.58
C HIS J 91 -21.93 39.69 36.29
N PHE J 92 -23.24 39.88 36.40
CA PHE J 92 -24.20 38.78 36.31
C PHE J 92 -25.20 39.00 35.17
N TYR J 93 -25.58 37.92 34.52
CA TYR J 93 -26.63 37.97 33.51
C TYR J 93 -27.98 37.67 34.16
N MET J 94 -28.99 38.45 33.80
CA MET J 94 -30.31 38.32 34.40
C MET J 94 -31.39 38.86 33.47
N PHE J 95 -32.64 38.63 33.82
CA PHE J 95 -33.76 39.20 33.09
C PHE J 95 -34.26 40.46 33.78
N ASN J 96 -34.64 41.47 32.99
CA ASN J 96 -35.23 42.67 33.56
C ASN J 96 -36.74 42.53 33.66
N ASP J 97 -37.42 43.62 34.01
CA ASP J 97 -38.87 43.60 34.18
C ASP J 97 -39.60 43.23 32.90
N ASN J 98 -39.00 43.59 31.76
CA ASN J 98 -39.60 43.29 30.46
C ASN J 98 -39.10 41.97 29.89
N LYS J 99 -38.54 41.14 30.77
CA LYS J 99 -38.03 39.81 30.41
C LYS J 99 -36.99 39.85 29.30
N ASN J 100 -36.24 40.96 29.25
CA ASN J 100 -35.11 41.06 28.34
C ASN J 100 -33.81 40.67 29.04
N SER J 101 -32.84 40.17 28.28
CA SER J 101 -31.58 39.72 28.85
C SER J 101 -30.58 40.85 29.03
N VAL J 102 -30.30 41.19 30.28
CA VAL J 102 -29.32 42.24 30.59
C VAL J 102 -28.20 41.70 31.46
N ALA J 103 -27.13 42.48 31.59
CA ALA J 103 -26.02 42.14 32.46
C ALA J 103 -25.71 43.30 33.39
N VAL J 104 -25.52 43.00 34.68
CA VAL J 104 -25.26 44.03 35.67
C VAL J 104 -24.07 43.64 36.55
N GLY J 105 -23.19 44.59 36.80
CA GLY J 105 -22.03 44.35 37.64
C GLY J 105 -21.38 45.62 38.15
N TYR J 106 -20.13 45.50 38.58
CA TYR J 106 -19.40 46.63 39.12
C TYR J 106 -17.90 46.49 38.87
N VAL J 107 -17.18 47.60 39.02
CA VAL J 107 -15.72 47.58 39.06
C VAL J 107 -15.26 48.32 40.32
N GLY J 108 -14.41 47.67 41.10
CA GLY J 108 -13.89 48.28 42.31
C GLY J 108 -12.94 49.43 42.00
N CYS J 109 -13.14 50.56 42.67
CA CYS J 109 -12.30 51.74 42.45
C CYS J 109 -11.51 52.12 43.71
N GLY J 110 -11.29 51.14 44.58
CA GLY J 110 -10.47 51.34 45.76
C GLY J 110 -11.16 52.08 46.89
N SER J 111 -10.36 52.58 47.82
CA SER J 111 -10.88 53.31 48.97
C SER J 111 -10.34 54.73 49.02
N VAL J 112 -9.73 55.16 47.92
CA VAL J 112 -9.21 56.52 47.80
C VAL J 112 -10.03 57.31 46.79
N ALA J 113 -10.58 58.44 47.22
CA ALA J 113 -11.46 59.24 46.39
C ALA J 113 -10.77 59.78 45.14
N ASP J 114 -9.61 60.40 45.33
CA ASP J 114 -8.85 60.96 44.21
C ASP J 114 -8.16 59.85 43.41
N LEU J 115 -8.68 59.59 42.21
CA LEU J 115 -8.13 58.54 41.35
C LEU J 115 -7.07 59.07 40.40
N SER J 116 -5.87 58.51 40.49
CA SER J 116 -4.79 58.84 39.57
C SER J 116 -5.06 58.21 38.20
N GLU J 117 -4.24 58.54 37.21
CA GLU J 117 -4.43 57.97 35.88
C GLU J 117 -4.06 56.49 35.89
N ALA J 118 -3.22 56.09 36.84
CA ALA J 118 -2.82 54.70 36.96
C ALA J 118 -3.98 53.87 37.52
N ASP J 119 -4.71 54.45 38.46
CA ASP J 119 -5.86 53.78 39.05
C ASP J 119 -6.99 53.68 38.04
N MET J 120 -7.20 54.75 37.28
CA MET J 120 -8.25 54.78 36.28
C MET J 120 -7.95 53.79 35.15
N LYS J 121 -6.67 53.58 34.88
CA LYS J 121 -6.25 52.64 33.84
C LYS J 121 -6.54 51.20 34.25
N ARG J 122 -6.41 50.92 35.54
CA ARG J 122 -6.71 49.59 36.07
C ARG J 122 -8.21 49.33 36.05
N VAL J 123 -8.99 50.38 36.30
CA VAL J 123 -10.44 50.30 36.26
C VAL J 123 -10.90 50.01 34.83
N VAL J 124 -10.32 50.74 33.87
CA VAL J 124 -10.65 50.57 32.46
C VAL J 124 -10.30 49.15 31.98
N LEU J 125 -9.15 48.64 32.41
CA LEU J 125 -8.69 47.32 31.99
C LEU J 125 -9.59 46.22 32.53
N SER J 126 -10.12 46.41 33.72
CA SER J 126 -11.07 45.47 34.30
C SER J 126 -12.36 45.50 33.48
N LEU J 127 -12.68 46.67 32.95
CA LEU J 127 -13.88 46.87 32.14
C LEU J 127 -13.70 46.27 30.75
N VAL J 128 -12.54 46.50 30.16
CA VAL J 128 -12.22 45.99 28.83
C VAL J 128 -12.20 44.46 28.81
N THR J 129 -11.77 43.87 29.92
CA THR J 129 -11.78 42.42 30.08
C THR J 129 -13.19 41.86 29.92
N MET J 130 -14.15 42.51 30.57
CA MET J 130 -15.55 42.12 30.46
C MET J 130 -16.07 42.32 29.04
N LEU J 131 -15.61 43.38 28.39
CA LEU J 131 -16.06 43.71 27.04
C LEU J 131 -15.55 42.72 26.00
N HIS J 132 -14.40 42.09 26.29
CA HIS J 132 -13.85 41.08 25.40
C HIS J 132 -14.52 39.73 25.62
N ASP J 133 -15.53 39.72 26.48
CA ASP J 133 -16.29 38.52 26.78
C ASP J 133 -17.77 38.79 26.53
N ASN J 134 -18.07 40.00 26.07
CA ASN J 134 -19.44 40.47 25.90
C ASN J 134 -19.87 40.49 24.43
N LYS J 135 -21.15 40.21 24.19
CA LYS J 135 -21.70 40.28 22.85
C LYS J 135 -22.91 41.21 22.79
N LEU J 136 -23.36 41.67 23.95
CA LEU J 136 -24.47 42.63 24.03
C LEU J 136 -24.07 43.94 23.35
N SER J 137 -25.03 44.58 22.69
CA SER J 137 -24.74 45.72 21.83
C SER J 137 -24.49 47.03 22.58
N LYS J 138 -24.65 47.00 23.90
CA LYS J 138 -24.59 48.24 24.66
C LYS J 138 -23.82 48.11 25.97
N LEU J 139 -23.07 49.16 26.31
CA LEU J 139 -22.39 49.24 27.59
C LEU J 139 -22.82 50.52 28.30
N THR J 140 -23.24 50.37 29.56
CA THR J 140 -23.60 51.54 30.37
C THR J 140 -22.68 51.64 31.58
N VAL J 141 -22.03 52.79 31.70
CA VAL J 141 -21.08 53.01 32.80
C VAL J 141 -21.61 54.04 33.78
N VAL J 142 -21.86 53.60 35.02
CA VAL J 142 -22.38 54.50 36.05
C VAL J 142 -21.28 54.93 37.00
N PHE J 143 -20.99 56.24 37.01
CA PHE J 143 -19.94 56.80 37.86
C PHE J 143 -20.47 57.14 39.25
N GLU J 144 -20.23 56.24 40.20
CA GLU J 144 -20.54 56.53 41.60
C GLU J 144 -19.27 57.01 42.30
N ILE J 145 -18.37 57.58 41.50
CA ILE J 145 -17.10 58.11 41.99
C ILE J 145 -16.89 59.53 41.50
N ASN J 146 -15.83 60.19 41.97
CA ASN J 146 -15.52 61.55 41.54
C ASN J 146 -14.43 61.63 40.50
N VAL J 147 -14.78 62.13 39.33
CA VAL J 147 -13.80 62.38 38.28
C VAL J 147 -14.03 63.75 37.65
N ASP J 148 -12.95 64.47 37.35
CA ASP J 148 -13.07 65.77 36.70
C ASP J 148 -13.22 65.59 35.20
N LYS J 149 -13.37 66.70 34.48
CA LYS J 149 -13.56 66.67 33.04
C LYS J 149 -12.39 66.03 32.31
N ASN J 150 -11.18 66.32 32.75
CA ASN J 150 -9.97 65.77 32.14
C ASN J 150 -9.83 64.27 32.38
N LEU J 151 -10.02 63.84 33.61
CA LEU J 151 -9.90 62.43 33.97
C LEU J 151 -11.00 61.61 33.31
N PHE J 152 -12.15 62.22 33.10
CA PHE J 152 -13.25 61.53 32.43
C PHE J 152 -12.97 61.33 30.96
N ARG J 153 -12.33 62.33 30.33
CA ARG J 153 -11.93 62.18 28.94
C ARG J 153 -10.83 61.14 28.82
N PHE J 154 -9.98 61.07 29.85
CA PHE J 154 -8.95 60.05 29.90
C PHE J 154 -9.55 58.66 30.00
N PHE J 155 -10.65 58.56 30.76
CA PHE J 155 -11.39 57.31 30.90
C PHE J 155 -11.89 56.82 29.54
N LEU J 156 -12.44 57.73 28.76
CA LEU J 156 -12.99 57.40 27.44
C LEU J 156 -11.88 56.97 26.47
N GLU J 157 -10.85 57.81 26.36
CA GLU J 157 -9.71 57.52 25.49
C GLU J 157 -9.11 56.15 25.79
N THR J 158 -8.86 55.91 27.07
CA THR J 158 -8.24 54.67 27.51
C THR J 158 -9.16 53.48 27.25
N LEU J 159 -10.44 53.65 27.51
CA LEU J 159 -11.42 52.62 27.21
C LEU J 159 -11.38 52.29 25.72
N PHE J 160 -11.44 53.32 24.89
CA PHE J 160 -11.42 53.15 23.45
C PHE J 160 -10.15 52.47 22.93
N TYR J 161 -9.00 52.97 23.39
CA TYR J 161 -7.71 52.44 22.94
C TYR J 161 -7.50 50.99 23.33
N GLU J 162 -7.81 50.65 24.59
CA GLU J 162 -7.61 49.30 25.09
C GLU J 162 -8.67 48.33 24.55
N TYR J 163 -9.88 48.83 24.33
CA TYR J 163 -10.97 48.04 23.75
C TYR J 163 -10.54 47.51 22.40
N MET J 164 -10.04 48.42 21.56
CA MET J 164 -9.60 48.09 20.21
C MET J 164 -8.46 47.09 20.20
N THR J 165 -8.55 46.10 19.30
CA THR J 165 -7.47 45.14 19.13
C THR J 165 -6.92 45.21 17.70
N ASP J 166 -5.61 45.11 17.57
CA ASP J 166 -4.94 45.19 16.28
C ASP J 166 -4.83 43.80 15.65
N GLU J 167 -5.52 43.60 14.53
CA GLU J 167 -5.53 42.30 13.87
C GLU J 167 -4.91 42.34 12.48
N ARG J 168 -4.23 43.44 12.16
CA ARG J 168 -3.67 43.65 10.83
C ARG J 168 -2.76 42.52 10.36
N PHE J 169 -2.07 41.87 11.30
CA PHE J 169 -1.09 40.85 10.95
C PHE J 169 -1.57 39.45 11.32
N LYS J 170 -2.84 39.33 11.68
CA LYS J 170 -3.46 38.03 11.85
C LYS J 170 -4.02 37.55 10.52
N SER J 171 -3.91 36.25 10.27
CA SER J 171 -4.46 35.69 9.04
C SER J 171 -5.80 35.00 9.33
N THR J 172 -6.26 35.12 10.57
CA THR J 172 -7.50 34.48 11.00
C THR J 172 -8.38 35.43 11.79
N ASN J 177 -16.94 34.69 21.05
CA ASN J 177 -15.96 35.65 21.55
C ASN J 177 -16.60 36.97 21.92
N MET J 178 -16.44 37.96 21.04
CA MET J 178 -17.00 39.28 21.25
C MET J 178 -17.51 39.91 19.96
N GLU J 179 -18.41 40.89 20.10
CA GLU J 179 -18.71 41.82 19.02
C GLU J 179 -18.63 43.22 19.61
N TYR J 180 -18.08 44.15 18.84
CA TYR J 180 -17.94 45.53 19.32
C TYR J 180 -19.29 46.18 19.58
N ILE J 181 -19.41 46.85 20.72
CA ILE J 181 -20.63 47.54 21.07
C ILE J 181 -20.93 48.67 20.09
N LYS J 182 -22.20 49.05 20.01
CA LYS J 182 -22.62 50.12 19.12
C LYS J 182 -23.14 51.32 19.92
N HIS J 183 -23.24 51.14 21.23
CA HIS J 183 -23.77 52.19 22.09
C HIS J 183 -23.06 52.22 23.45
N LEU J 184 -22.59 53.41 23.82
CA LEU J 184 -22.00 53.63 25.13
C LEU J 184 -22.80 54.65 25.92
N GLY J 185 -23.41 54.21 27.01
CA GLY J 185 -24.14 55.10 27.89
C GLY J 185 -23.30 55.41 29.12
N VAL J 186 -23.32 56.66 29.56
CA VAL J 186 -22.58 57.06 30.74
C VAL J 186 -23.44 57.90 31.68
N TYR J 187 -23.57 57.45 32.92
CA TYR J 187 -24.24 58.23 33.95
C TYR J 187 -23.22 58.86 34.88
N ILE J 188 -23.33 60.17 35.09
CA ILE J 188 -22.36 60.90 35.89
C ILE J 188 -22.92 62.25 36.31
N ASN J 189 -22.48 62.75 37.46
CA ASN J 189 -22.92 64.06 37.96
C ASN J 189 -22.43 65.19 37.06
N ASN J 190 -23.30 66.18 36.84
CA ASN J 190 -23.01 67.32 35.96
C ASN J 190 -22.74 66.88 34.52
N ALA J 191 -23.59 66.02 33.99
CA ALA J 191 -23.40 65.40 32.68
C ALA J 191 -23.18 66.40 31.54
N ASP J 192 -23.88 67.52 31.58
CA ASP J 192 -23.85 68.48 30.49
C ASP J 192 -22.47 69.09 30.26
N THR J 193 -21.65 69.17 31.31
CA THR J 193 -20.32 69.73 31.21
C THR J 193 -19.32 68.70 30.67
N TYR J 194 -19.69 67.43 30.75
CA TYR J 194 -18.79 66.35 30.31
C TYR J 194 -18.99 65.98 28.85
N LYS J 195 -20.11 66.40 28.28
CA LYS J 195 -20.50 66.00 26.93
C LYS J 195 -19.50 66.46 25.86
N GLU J 196 -18.84 67.58 26.11
CA GLU J 196 -17.87 68.12 25.16
C GLU J 196 -16.59 67.30 25.13
N GLU J 197 -16.35 66.52 26.18
CA GLU J 197 -15.15 65.71 26.29
C GLU J 197 -15.21 64.47 25.41
N VAL J 198 -16.42 64.08 25.01
CA VAL J 198 -16.64 62.84 24.28
C VAL J 198 -15.98 62.83 22.90
N GLU J 199 -16.40 63.75 22.03
CA GLU J 199 -15.89 63.77 20.66
C GLU J 199 -14.45 64.29 20.60
N LYS J 200 -13.95 64.80 21.72
CA LYS J 200 -12.54 65.12 21.83
C LYS J 200 -11.77 63.85 22.19
N ALA J 201 -12.34 63.05 23.07
CA ALA J 201 -11.75 61.79 23.47
C ALA J 201 -11.59 60.85 22.27
N ARG J 202 -12.60 60.84 21.41
CA ARG J 202 -12.58 59.96 20.25
C ARG J 202 -11.47 60.35 19.29
N VAL J 203 -11.15 61.63 19.23
CA VAL J 203 -10.06 62.12 18.41
C VAL J 203 -8.72 61.77 19.05
N TYR J 204 -8.61 61.99 20.36
CA TYR J 204 -7.41 61.63 21.10
C TYR J 204 -7.19 60.13 21.06
N TYR J 205 -8.29 59.39 20.99
CA TYR J 205 -8.24 57.94 20.84
C TYR J 205 -7.48 57.52 19.58
N PHE J 206 -7.98 57.96 18.42
CA PHE J 206 -7.43 57.49 17.16
C PHE J 206 -6.02 57.99 16.92
N GLY J 207 -5.73 59.20 17.41
CA GLY J 207 -4.39 59.75 17.33
C GLY J 207 -3.41 58.82 18.03
N THR J 208 -3.80 58.38 19.23
CA THR J 208 -2.99 57.45 20.00
C THR J 208 -2.94 56.08 19.31
N TYR J 209 -4.06 55.66 18.75
CA TYR J 209 -4.14 54.36 18.10
C TYR J 209 -3.39 54.36 16.76
N TYR J 210 -3.43 55.48 16.05
CA TYR J 210 -2.70 55.60 14.80
C TYR J 210 -1.21 55.47 15.05
N ALA J 211 -0.74 56.11 16.11
CA ALA J 211 0.64 56.00 16.54
C ALA J 211 0.95 54.56 16.92
N SER J 212 0.02 53.94 17.65
CA SER J 212 0.15 52.56 18.07
C SER J 212 0.34 51.62 16.88
N GLN J 213 -0.37 51.87 15.79
CA GLN J 213 -0.30 51.04 14.60
C GLN J 213 1.05 51.15 13.90
N LEU J 214 1.64 52.34 13.92
CA LEU J 214 2.94 52.55 13.31
C LEU J 214 4.05 51.90 14.15
N ILE J 215 3.92 52.00 15.46
CA ILE J 215 4.92 51.43 16.37
C ILE J 215 4.83 49.90 16.40
N ALA J 216 3.62 49.38 16.42
CA ALA J 216 3.40 47.93 16.48
C ALA J 216 3.83 47.25 15.19
N ALA J 217 3.68 47.95 14.07
CA ALA J 217 4.07 47.42 12.77
C ALA J 217 5.57 47.09 12.75
N PRO J 218 5.91 45.87 12.33
CA PRO J 218 7.28 45.36 12.30
C PRO J 218 8.15 46.12 11.31
N SER J 219 9.48 46.02 11.48
CA SER J 219 10.41 46.80 10.68
C SER J 219 10.40 46.44 9.20
N ASN J 220 10.07 45.19 8.88
CA ASN J 220 9.98 44.79 7.49
C ASN J 220 8.73 45.38 6.83
N TYR J 221 7.77 45.78 7.65
CA TYR J 221 6.62 46.54 7.17
C TYR J 221 6.91 48.03 7.28
N CYS J 222 7.35 48.45 8.47
CA CYS J 222 7.61 49.85 8.75
C CYS J 222 9.08 50.19 8.57
N ASN J 223 9.42 50.68 7.38
CA ASN J 223 10.78 51.09 7.04
C ASN J 223 10.75 52.58 6.67
N PRO J 224 11.93 53.21 6.48
CA PRO J 224 11.94 54.64 6.14
C PRO J 224 11.06 55.04 4.96
N VAL J 225 11.01 54.20 3.92
CA VAL J 225 10.23 54.52 2.73
C VAL J 225 8.72 54.42 2.99
N SER J 226 8.31 53.37 3.68
CA SER J 226 6.89 53.10 3.90
C SER J 226 6.30 53.95 5.02
N LEU J 227 7.13 54.39 5.95
CA LEU J 227 6.68 55.23 7.05
C LEU J 227 6.42 56.65 6.55
N SER J 228 7.26 57.12 5.63
CA SER J 228 7.08 58.43 5.05
C SER J 228 5.94 58.42 4.02
N ASN J 229 5.74 57.27 3.39
CA ASN J 229 4.59 57.09 2.50
C ASN J 229 3.28 57.16 3.25
N ALA J 230 3.27 56.57 4.45
CA ALA J 230 2.09 56.59 5.31
C ALA J 230 1.84 58.00 5.85
N ALA J 231 2.93 58.72 6.12
CA ALA J 231 2.85 60.09 6.59
C ALA J 231 2.22 60.98 5.52
N VAL J 232 2.59 60.72 4.26
CA VAL J 232 2.03 61.46 3.14
C VAL J 232 0.53 61.22 3.02
N GLU J 233 0.11 59.96 3.18
CA GLU J 233 -1.29 59.61 3.07
C GLU J 233 -2.12 60.28 4.16
N LEU J 234 -1.57 60.32 5.37
CA LEU J 234 -2.24 60.98 6.49
C LEU J 234 -2.38 62.48 6.23
N ALA J 235 -1.31 63.08 5.69
CA ALA J 235 -1.30 64.51 5.39
C ALA J 235 -2.37 64.86 4.36
N GLN J 236 -2.45 64.06 3.31
CA GLN J 236 -3.43 64.27 2.25
C GLN J 236 -4.86 64.12 2.77
N LYS J 237 -5.08 63.12 3.62
CA LYS J 237 -6.40 62.91 4.22
C LYS J 237 -6.81 64.08 5.10
N LEU J 238 -5.82 64.74 5.70
CA LEU J 238 -6.07 65.83 6.63
C LEU J 238 -5.91 67.20 5.97
N ASN J 239 -5.55 67.19 4.69
CA ASN J 239 -5.26 68.40 3.94
C ASN J 239 -4.12 69.20 4.56
N LEU J 240 -3.14 68.49 5.11
CA LEU J 240 -1.92 69.13 5.61
C LEU J 240 -0.92 69.28 4.48
N GLU J 241 -0.17 70.38 4.51
CA GLU J 241 0.93 70.55 3.56
C GLU J 241 2.05 69.59 3.95
N TYR J 242 2.69 68.98 2.95
CA TYR J 242 3.72 68.00 3.23
C TYR J 242 4.91 68.07 2.29
N LYS J 243 6.01 67.47 2.71
CA LYS J 243 7.24 67.43 1.93
C LYS J 243 8.16 66.35 2.48
N ILE J 244 8.55 65.41 1.63
CA ILE J 244 9.49 64.37 2.01
C ILE J 244 10.85 64.67 1.41
N LEU J 245 11.88 64.74 2.26
CA LEU J 245 13.21 65.09 1.81
C LEU J 245 14.02 63.83 1.53
N GLY J 246 14.43 63.67 0.27
CA GLY J 246 15.21 62.51 -0.14
C GLY J 246 16.71 62.73 0.04
N VAL J 247 17.48 61.69 -0.27
CA VAL J 247 18.92 61.68 0.00
C VAL J 247 19.67 62.86 -0.63
N LYS J 248 19.38 63.16 -1.90
CA LYS J 248 20.10 64.22 -2.60
C LYS J 248 19.90 65.59 -1.95
N GLU J 249 18.67 65.88 -1.54
CA GLU J 249 18.39 67.16 -0.86
C GLU J 249 18.98 67.15 0.54
N LEU J 250 18.96 65.98 1.18
CA LEU J 250 19.57 65.81 2.50
C LEU J 250 21.08 66.03 2.41
N GLU J 251 21.67 65.55 1.31
CA GLU J 251 23.09 65.77 1.06
C GLU J 251 23.37 67.25 0.84
N GLU J 252 22.47 67.91 0.11
CA GLU J 252 22.62 69.33 -0.18
C GLU J 252 22.49 70.16 1.10
N LEU J 253 21.58 69.76 1.97
CA LEU J 253 21.41 70.43 3.27
C LEU J 253 22.50 70.00 4.25
N LYS J 254 23.38 69.12 3.79
CA LYS J 254 24.60 68.72 4.50
C LYS J 254 24.33 68.05 5.85
N MET J 255 23.29 67.22 5.91
CA MET J 255 22.96 66.50 7.14
C MET J 255 23.85 65.27 7.31
N GLY J 256 25.13 65.49 7.57
CA GLY J 256 26.10 64.41 7.67
C GLY J 256 25.81 63.42 8.79
N ALA J 257 25.41 63.92 9.95
CA ALA J 257 25.10 63.07 11.09
C ALA J 257 23.91 62.17 10.79
N TYR J 258 22.83 62.78 10.29
CA TYR J 258 21.63 62.05 9.90
C TYR J 258 21.93 61.00 8.84
N LEU J 259 22.56 61.42 7.75
CA LEU J 259 22.84 60.53 6.62
C LEU J 259 23.80 59.40 7.00
N SER J 260 24.72 59.68 7.92
CA SER J 260 25.68 58.67 8.35
C SER J 260 24.97 57.49 9.01
N VAL J 261 23.98 57.79 9.83
CA VAL J 261 23.24 56.76 10.55
C VAL J 261 22.53 55.80 9.60
N GLY J 262 22.05 56.33 8.47
CA GLY J 262 21.32 55.52 7.50
C GLY J 262 22.18 54.87 6.44
N LYS J 263 23.49 55.02 6.54
CA LYS J 263 24.42 54.51 5.52
C LYS J 263 24.35 52.99 5.34
N GLY J 264 24.13 52.27 6.44
CA GLY J 264 24.15 50.82 6.41
C GLY J 264 22.81 50.18 6.13
N SER J 265 21.84 50.98 5.70
CA SER J 265 20.50 50.47 5.43
C SER J 265 20.25 50.28 3.93
N MET J 266 19.38 49.32 3.60
CA MET J 266 18.96 49.13 2.22
C MET J 266 17.85 50.12 1.89
N TYR J 267 17.33 50.77 2.92
CA TYR J 267 16.28 51.76 2.77
C TYR J 267 16.84 53.17 2.80
N PRO J 268 16.55 53.96 1.77
CA PRO J 268 17.01 55.35 1.69
C PRO J 268 16.45 56.20 2.82
N ASN J 269 17.25 57.12 3.35
CA ASN J 269 16.78 58.05 4.37
C ASN J 269 15.61 58.89 3.86
N LYS J 270 14.65 59.14 4.73
CA LYS J 270 13.49 59.96 4.39
C LYS J 270 13.19 60.95 5.51
N PHE J 271 13.15 62.23 5.16
CA PHE J 271 12.87 63.27 6.15
C PHE J 271 11.42 63.74 6.02
N ILE J 272 10.64 63.55 7.07
CA ILE J 272 9.22 63.89 7.04
C ILE J 272 8.98 65.32 7.54
N HIS J 273 8.28 66.10 6.73
CA HIS J 273 7.95 67.48 7.09
C HIS J 273 6.49 67.78 6.76
N LEU J 274 5.65 67.77 7.79
CA LEU J 274 4.24 68.13 7.65
C LEU J 274 4.00 69.51 8.25
N THR J 275 3.00 70.22 7.73
CA THR J 275 2.71 71.57 8.20
C THR J 275 1.21 71.84 8.35
N TYR J 276 0.80 72.18 9.57
CA TYR J 276 -0.54 72.68 9.78
C TYR J 276 -0.49 74.19 9.99
N LYS J 277 -1.27 74.93 9.22
CA LYS J 277 -1.34 76.38 9.39
C LYS J 277 -2.78 76.81 9.63
N SER J 278 -2.99 77.56 10.71
CA SER J 278 -4.32 78.04 11.06
C SER J 278 -4.84 79.02 10.01
N LYS J 279 -6.15 79.04 9.83
CA LYS J 279 -6.77 79.87 8.80
C LYS J 279 -6.60 81.37 9.08
N GLY J 280 -6.44 81.72 10.36
CA GLY J 280 -6.28 83.11 10.75
C GLY J 280 -4.83 83.57 10.79
N ASP J 281 -4.56 84.54 11.65
CA ASP J 281 -3.21 85.09 11.79
C ASP J 281 -2.37 84.26 12.75
N VAL J 282 -1.17 83.89 12.33
CA VAL J 282 -0.27 83.06 13.13
C VAL J 282 0.33 83.84 14.30
N LYS J 283 0.09 83.37 15.52
CA LYS J 283 0.59 84.04 16.70
C LYS J 283 1.72 83.27 17.37
N LYS J 284 1.79 81.97 17.11
CA LYS J 284 2.90 81.16 17.59
C LYS J 284 3.22 80.02 16.62
N LYS J 285 4.51 79.77 16.43
CA LYS J 285 4.97 78.70 15.55
C LYS J 285 5.64 77.60 16.36
N ILE J 286 5.18 76.37 16.18
CA ILE J 286 5.73 75.23 16.92
C ILE J 286 6.33 74.20 15.98
N ALA J 287 7.45 73.61 16.39
CA ALA J 287 8.05 72.50 15.67
C ALA J 287 8.11 71.26 16.54
N LEU J 288 7.42 70.20 16.11
CA LEU J 288 7.44 68.93 16.83
C LEU J 288 8.37 67.96 16.12
N VAL J 289 9.40 67.51 16.83
CA VAL J 289 10.41 66.62 16.25
C VAL J 289 10.36 65.24 16.89
N GLY J 290 10.23 64.20 16.06
CA GLY J 290 10.17 62.85 16.58
C GLY J 290 11.29 61.96 16.04
N LYS J 291 11.93 61.23 16.94
CA LYS J 291 12.95 60.26 16.54
C LYS J 291 12.32 59.13 15.75
N GLY J 292 12.81 58.92 14.54
CA GLY J 292 12.23 57.94 13.65
C GLY J 292 13.19 56.87 13.18
N ILE J 293 13.67 56.07 14.12
CA ILE J 293 14.50 54.91 13.76
C ILE J 293 13.60 53.70 13.61
N THR J 294 13.36 53.30 12.36
CA THR J 294 12.40 52.23 12.06
C THR J 294 12.86 50.89 12.62
N PHE J 295 14.17 50.72 12.70
CA PHE J 295 14.75 49.59 13.41
C PHE J 295 16.15 49.93 13.91
N ASP J 296 16.45 49.52 15.14
CA ASP J 296 17.73 49.83 15.75
C ASP J 296 18.47 48.59 16.20
N SER J 297 19.35 48.08 15.35
CA SER J 297 20.16 46.92 15.70
C SER J 297 21.34 47.34 16.57
N GLY J 298 21.65 48.63 16.53
CA GLY J 298 22.80 49.16 17.26
C GLY J 298 23.95 49.50 16.34
N GLY J 299 23.91 48.95 15.12
CA GLY J 299 25.01 49.10 14.19
C GLY J 299 26.14 48.20 14.64
N TYR J 300 27.38 48.58 14.34
CA TYR J 300 28.53 47.76 14.72
C TYR J 300 28.66 47.64 16.23
N ASN J 301 28.09 48.61 16.96
CA ASN J 301 27.81 48.41 18.37
C ASN J 301 26.49 47.65 18.51
N LEU J 302 26.49 46.40 18.06
CA LEU J 302 25.28 45.60 17.98
C LEU J 302 24.67 45.31 19.36
N LYS J 303 23.37 45.49 19.46
CA LYS J 303 22.64 45.11 20.66
C LYS J 303 22.71 43.59 20.84
N ALA J 304 23.83 43.12 21.36
CA ALA J 304 24.08 41.69 21.54
C ALA J 304 24.27 41.33 23.01
N ALA J 305 24.14 42.34 23.87
CA ALA J 305 24.29 42.13 25.30
C ALA J 305 22.97 41.69 25.93
N PRO J 306 23.03 41.00 27.08
CA PRO J 306 21.82 40.58 27.78
C PRO J 306 20.92 41.76 28.16
N GLY J 307 19.64 41.67 27.82
CA GLY J 307 18.67 42.68 28.19
C GLY J 307 18.65 43.89 27.26
N SER J 308 19.30 43.75 26.11
CA SER J 308 19.34 44.83 25.13
C SER J 308 18.09 44.85 24.26
N MET J 309 17.29 43.78 24.37
CA MET J 309 15.97 43.68 23.73
C MET J 309 15.97 44.07 22.25
N ILE J 310 16.80 43.41 21.46
CA ILE J 310 16.96 43.78 20.06
C ILE J 310 15.69 43.50 19.25
N ASP J 311 14.84 42.62 19.74
CA ASP J 311 13.62 42.27 19.01
C ASP J 311 12.49 43.28 19.25
N LEU J 312 12.72 44.19 20.20
CA LEU J 312 11.75 45.24 20.51
C LEU J 312 12.00 46.47 19.66
N MET J 313 13.18 46.53 19.06
CA MET J 313 13.73 47.76 18.49
C MET J 313 13.00 48.34 17.28
N LYS J 314 11.83 47.79 16.96
CA LYS J 314 10.94 48.42 16.00
C LYS J 314 10.27 49.63 16.63
N PHE J 315 10.34 49.69 17.95
CA PHE J 315 9.69 50.73 18.75
C PHE J 315 10.45 52.04 18.73
N ASP J 316 11.58 52.07 18.04
CA ASP J 316 12.48 53.21 18.10
C ASP J 316 12.05 54.36 17.18
N MET J 317 10.85 54.23 16.62
CA MET J 317 10.24 55.34 15.89
C MET J 317 8.95 55.75 16.58
N SER J 318 8.88 55.50 17.89
CA SER J 318 7.72 55.86 18.69
C SER J 318 7.56 57.37 18.75
N GLY J 319 8.67 58.09 18.79
CA GLY J 319 8.66 59.53 18.80
C GLY J 319 8.05 60.07 17.52
N CYS J 320 8.42 59.46 16.40
CA CYS J 320 7.86 59.82 15.10
C CYS J 320 6.36 59.56 15.07
N ALA J 321 5.95 58.42 15.60
CA ALA J 321 4.54 58.04 15.63
C ALA J 321 3.72 58.97 16.51
N ALA J 322 4.31 59.44 17.60
CA ALA J 322 3.66 60.41 18.47
C ALA J 322 3.42 61.71 17.72
N VAL J 323 4.45 62.17 17.02
CA VAL J 323 4.38 63.38 16.21
C VAL J 323 3.32 63.26 15.13
N LEU J 324 3.33 62.14 14.41
CA LEU J 324 2.36 61.90 13.35
C LEU J 324 0.95 61.77 13.91
N GLY J 325 0.83 61.09 15.04
CA GLY J 325 -0.46 60.96 15.71
C GLY J 325 -0.97 62.31 16.13
N CYS J 326 -0.06 63.17 16.58
CA CYS J 326 -0.41 64.54 16.96
C CYS J 326 -0.88 65.32 15.74
N ALA J 327 -0.28 65.03 14.59
CA ALA J 327 -0.67 65.68 13.35
C ALA J 327 -2.13 65.38 13.03
N TYR J 328 -2.56 64.16 13.35
CA TYR J 328 -3.94 63.78 13.15
C TYR J 328 -4.89 64.62 14.00
N CYS J 329 -4.64 64.63 15.30
CA CYS J 329 -5.49 65.36 16.25
C CYS J 329 -5.57 66.85 15.90
N VAL J 330 -4.42 67.43 15.60
CA VAL J 330 -4.35 68.85 15.26
C VAL J 330 -5.06 69.16 13.95
N GLY J 331 -4.76 68.38 12.92
CA GLY J 331 -5.37 68.57 11.62
C GLY J 331 -6.88 68.38 11.64
N THR J 332 -7.36 67.68 12.66
CA THR J 332 -8.80 67.40 12.79
C THR J 332 -9.50 68.44 13.65
N LEU J 333 -8.91 68.76 14.79
CA LEU J 333 -9.51 69.71 15.72
C LEU J 333 -9.31 71.15 15.25
N LYS J 334 -8.31 71.35 14.40
CA LYS J 334 -8.07 72.63 13.72
C LYS J 334 -8.03 73.86 14.64
N PRO J 335 -6.98 73.96 15.46
CA PRO J 335 -6.82 75.12 16.35
C PRO J 335 -6.53 76.40 15.57
N GLU J 336 -6.73 77.56 16.21
CA GLU J 336 -6.55 78.83 15.53
C GLU J 336 -5.25 79.53 15.94
N ASN J 337 -4.81 80.45 15.10
CA ASN J 337 -3.64 81.29 15.37
C ASN J 337 -2.36 80.52 15.68
N VAL J 338 -2.19 79.36 15.05
CA VAL J 338 -1.02 78.54 15.30
C VAL J 338 -0.51 77.88 14.01
N GLU J 339 0.80 77.85 13.86
CA GLU J 339 1.44 77.16 12.74
C GLU J 339 2.36 76.06 13.27
N ILE J 340 2.03 74.80 12.97
CA ILE J 340 2.75 73.68 13.54
C ILE J 340 3.49 72.86 12.49
N HIS J 341 4.77 72.59 12.77
CA HIS J 341 5.58 71.73 11.91
C HIS J 341 5.83 70.38 12.55
N PHE J 342 5.47 69.32 11.83
CA PHE J 342 5.69 67.95 12.30
C PHE J 342 6.89 67.36 11.58
N LEU J 343 7.95 67.07 12.33
CA LEU J 343 9.21 66.68 11.74
C LEU J 343 9.72 65.34 12.26
N SER J 344 10.37 64.58 11.39
CA SER J 344 11.04 63.34 11.79
C SER J 344 12.09 62.91 10.77
N ALA J 345 13.32 62.71 11.27
CA ALA J 345 14.41 62.21 10.45
C ALA J 345 14.41 60.69 10.45
N VAL J 346 13.73 60.10 9.47
CA VAL J 346 13.53 58.65 9.46
C VAL J 346 14.67 57.91 8.77
N CYS J 347 15.16 56.86 9.44
CA CYS J 347 16.18 55.98 8.87
C CYS J 347 16.26 54.66 9.63
N GLU J 348 17.22 53.82 9.25
CA GLU J 348 17.39 52.51 9.85
C GLU J 348 18.85 52.31 10.26
N ASN J 349 19.07 51.77 11.45
CA ASN J 349 20.43 51.56 11.95
C ASN J 349 20.85 50.10 11.82
N MET J 350 21.56 49.79 10.73
CA MET J 350 21.85 48.40 10.39
C MET J 350 23.35 48.09 10.32
N VAL J 351 23.66 46.80 10.30
CA VAL J 351 25.05 46.35 10.20
C VAL J 351 25.34 45.93 8.76
N SER J 352 26.28 46.65 8.13
CA SER J 352 26.59 46.43 6.72
C SER J 352 28.02 46.86 6.41
N LYS J 353 28.47 46.57 5.20
CA LYS J 353 29.78 47.00 4.76
C LYS J 353 29.79 48.51 4.54
N ASN J 354 28.60 49.09 4.49
CA ASN J 354 28.44 50.52 4.22
C ASN J 354 28.11 51.32 5.47
N SER J 355 27.91 50.63 6.59
CA SER J 355 27.53 51.30 7.84
C SER J 355 28.64 52.19 8.36
N TYR J 356 28.25 53.18 9.15
CA TYR J 356 29.15 54.07 9.87
C TYR J 356 29.87 53.30 10.98
N ARG J 357 31.12 53.61 11.26
CA ARG J 357 31.85 52.87 12.27
C ARG J 357 31.97 53.65 13.58
N PRO J 358 32.22 52.93 14.68
CA PRO J 358 32.65 53.63 15.89
C PRO J 358 33.98 54.33 15.62
N GLY J 359 34.13 55.57 16.08
CA GLY J 359 35.35 56.32 15.87
C GLY J 359 35.26 57.28 14.69
N ASP J 360 34.25 57.10 13.85
CA ASP J 360 34.05 57.97 12.68
C ASP J 360 33.74 59.41 13.11
N ILE J 361 34.33 60.37 12.40
CA ILE J 361 34.03 61.77 12.63
C ILE J 361 33.17 62.32 11.50
N ILE J 362 31.98 62.80 11.85
CA ILE J 362 31.00 63.25 10.87
C ILE J 362 30.65 64.72 11.08
N THR J 363 30.22 65.38 10.01
CA THR J 363 29.91 66.81 10.08
C THR J 363 28.41 67.08 10.02
N ALA J 364 27.87 67.68 11.07
CA ALA J 364 26.45 68.01 11.13
C ALA J 364 26.12 69.17 10.20
N SER J 365 24.82 69.41 10.00
CA SER J 365 24.37 70.44 9.06
C SER J 365 24.65 71.86 9.54
N ASN J 366 25.14 72.01 10.76
CA ASN J 366 25.50 73.33 11.28
C ASN J 366 27.01 73.52 11.34
N GLY J 367 27.75 72.56 10.80
CA GLY J 367 29.19 72.67 10.71
C GLY J 367 29.97 71.93 11.79
N LYS J 368 29.29 71.59 12.88
CA LYS J 368 29.95 70.91 13.99
C LYS J 368 30.36 69.48 13.63
N THR J 369 31.60 69.13 13.95
CA THR J 369 32.08 67.77 13.73
C THR J 369 31.87 66.92 14.99
N ILE J 370 31.41 65.69 14.78
CA ILE J 370 31.04 64.80 15.89
C ILE J 370 31.84 63.50 15.85
N GLU J 371 32.45 63.15 16.97
CA GLU J 371 33.16 61.88 17.06
C GLU J 371 32.25 60.78 17.60
N VAL J 372 31.98 59.78 16.76
CA VAL J 372 31.11 58.68 17.13
C VAL J 372 31.80 57.68 18.05
N GLY J 373 31.35 57.59 19.29
CA GLY J 373 31.91 56.65 20.24
C GLY J 373 31.09 55.38 20.29
N ASN J 374 29.82 55.50 19.93
CA ASN J 374 28.91 54.36 19.96
C ASN J 374 27.85 54.47 18.88
N THR J 375 27.86 53.54 17.93
CA THR J 375 26.91 53.57 16.82
C THR J 375 25.48 53.32 17.29
N ASP J 376 25.34 52.77 18.49
CA ASP J 376 24.02 52.49 19.05
C ASP J 376 23.41 53.74 19.70
N ALA J 377 24.16 54.84 19.67
CA ALA J 377 23.64 56.13 20.11
C ALA J 377 23.29 56.98 18.89
N GLU J 378 22.55 56.38 17.97
CA GLU J 378 22.29 56.99 16.67
C GLU J 378 21.16 58.00 16.71
N GLY J 379 20.29 57.88 17.71
CA GLY J 379 19.13 58.75 17.83
C GLY J 379 19.49 60.22 17.94
N ARG J 380 20.47 60.53 18.77
CA ARG J 380 20.88 61.92 18.99
C ARG J 380 21.56 62.49 17.75
N LEU J 381 22.14 61.62 16.93
CA LEU J 381 22.78 62.05 15.70
C LEU J 381 21.74 62.50 14.68
N THR J 382 20.67 61.70 14.54
CA THR J 382 19.60 62.04 13.63
C THR J 382 18.81 63.25 14.14
N LEU J 383 18.66 63.33 15.46
CA LEU J 383 17.94 64.43 16.08
C LEU J 383 18.70 65.74 15.97
N ALA J 384 20.03 65.66 15.95
CA ALA J 384 20.87 66.85 15.87
C ALA J 384 20.62 67.61 14.57
N ASP J 385 20.59 66.89 13.46
CA ASP J 385 20.32 67.50 12.16
C ASP J 385 18.87 67.96 12.06
N ALA J 386 17.97 67.20 12.66
CA ALA J 386 16.56 67.56 12.67
C ALA J 386 16.32 68.85 13.45
N LEU J 387 17.01 68.99 14.58
CA LEU J 387 16.88 70.18 15.41
C LEU J 387 17.39 71.42 14.68
N VAL J 388 18.46 71.24 13.89
CA VAL J 388 19.02 72.33 13.10
C VAL J 388 18.03 72.76 12.01
N TYR J 389 17.46 71.78 11.33
CA TYR J 389 16.44 72.01 10.31
C TYR J 389 15.25 72.76 10.92
N ALA J 390 14.92 72.42 12.15
CA ALA J 390 13.79 73.00 12.84
C ALA J 390 14.02 74.48 13.19
N GLU J 391 15.22 74.79 13.69
CA GLU J 391 15.51 76.15 14.12
C GLU J 391 15.56 77.11 12.94
N LYS J 392 15.90 76.59 11.76
CA LYS J 392 15.96 77.40 10.55
C LYS J 392 14.56 77.80 10.08
N LEU J 393 13.53 77.17 10.66
CA LEU J 393 12.15 77.47 10.31
C LEU J 393 11.63 78.69 11.08
N GLY J 394 12.45 79.18 12.02
CA GLY J 394 12.11 80.39 12.76
C GLY J 394 10.93 80.24 13.70
N VAL J 395 10.78 79.06 14.30
CA VAL J 395 9.67 78.79 15.20
C VAL J 395 9.92 79.37 16.58
N ASP J 396 8.86 79.43 17.39
CA ASP J 396 8.95 79.94 18.76
C ASP J 396 9.34 78.81 19.71
N TYR J 397 8.79 77.63 19.48
CA TYR J 397 9.06 76.47 20.31
C TYR J 397 9.56 75.30 19.48
N ILE J 398 10.57 74.60 20.00
CA ILE J 398 10.97 73.31 19.45
C ILE J 398 10.84 72.26 20.54
N VAL J 399 10.02 71.23 20.29
CA VAL J 399 9.89 70.13 21.22
C VAL J 399 10.16 68.82 20.50
N ASP J 400 11.20 68.11 20.93
CA ASP J 400 11.49 66.80 20.35
C ASP J 400 11.03 65.70 21.30
N ILE J 401 10.59 64.59 20.73
CA ILE J 401 10.14 63.44 21.51
C ILE J 401 10.82 62.19 20.96
N ALA J 402 11.43 61.40 21.85
CA ALA J 402 12.33 60.34 21.39
C ALA J 402 12.54 59.20 22.39
N THR J 403 12.67 57.99 21.87
CA THR J 403 13.10 56.84 22.65
C THR J 403 14.62 56.82 22.72
N LEU J 404 15.18 57.79 23.44
CA LEU J 404 16.60 58.08 23.34
C LEU J 404 17.49 57.17 24.18
N THR J 405 17.38 57.27 25.50
CA THR J 405 18.30 56.59 26.40
C THR J 405 17.64 55.52 27.25
N GLY J 406 18.27 54.35 27.33
CA GLY J 406 17.76 53.25 28.11
C GLY J 406 17.84 53.46 29.61
N ALA J 407 18.61 54.48 30.01
CA ALA J 407 18.78 54.80 31.42
C ALA J 407 17.49 55.36 32.04
N MET J 408 16.55 55.74 31.18
CA MET J 408 15.26 56.23 31.64
C MET J 408 14.55 55.15 32.45
N LEU J 409 14.78 53.89 32.08
CA LEU J 409 14.22 52.75 32.79
C LEU J 409 14.68 52.69 34.24
N TYR J 410 15.88 53.23 34.50
CA TYR J 410 16.45 53.18 35.84
C TYR J 410 16.17 54.46 36.63
N SER J 411 15.73 55.51 35.93
CA SER J 411 15.46 56.78 36.59
C SER J 411 13.98 56.98 36.88
N LEU J 412 13.16 57.01 35.83
CA LEU J 412 11.73 57.28 36.01
C LEU J 412 10.86 56.05 35.72
N GLY J 413 11.49 54.99 35.20
CA GLY J 413 10.77 53.74 34.98
C GLY J 413 9.93 53.73 33.73
N THR J 414 8.80 53.04 33.81
CA THR J 414 7.96 52.78 32.64
C THR J 414 6.68 53.63 32.59
N SER J 415 6.47 54.47 33.61
CA SER J 415 5.25 55.25 33.68
C SER J 415 5.48 56.74 33.38
N TYR J 416 6.53 57.31 33.97
CA TYR J 416 6.82 58.73 33.79
C TYR J 416 7.92 58.95 32.75
N ALA J 417 7.64 59.79 31.77
CA ALA J 417 8.64 60.20 30.80
C ALA J 417 9.46 61.35 31.39
N GLY J 418 10.62 61.62 30.81
CA GLY J 418 11.46 62.70 31.28
C GLY J 418 11.48 63.86 30.30
N VAL J 419 11.45 65.08 30.82
CA VAL J 419 11.58 66.25 29.98
C VAL J 419 12.79 67.08 30.38
N PHE J 420 13.59 67.45 29.38
CA PHE J 420 14.74 68.32 29.57
C PHE J 420 14.52 69.55 28.70
N GLY J 421 15.27 70.62 28.94
CA GLY J 421 15.13 71.82 28.14
C GLY J 421 16.06 72.95 28.46
N ASN J 422 16.10 73.94 27.57
CA ASN J 422 16.90 75.15 27.78
C ASN J 422 16.04 76.34 28.18
N ASN J 423 14.74 76.11 28.29
CA ASN J 423 13.78 77.16 28.60
C ASN J 423 12.77 76.72 29.65
N GLU J 424 12.76 77.41 30.79
CA GLU J 424 11.94 77.02 31.92
C GLU J 424 10.45 77.15 31.64
N GLU J 425 10.07 78.18 30.90
CA GLU J 425 8.66 78.43 30.61
C GLU J 425 8.09 77.38 29.67
N LEU J 426 8.87 76.99 28.67
CA LEU J 426 8.47 75.94 27.75
C LEU J 426 8.29 74.62 28.49
N ILE J 427 9.15 74.38 29.47
CA ILE J 427 9.09 73.18 30.28
C ILE J 427 7.82 73.15 31.12
N ASN J 428 7.48 74.30 31.72
CA ASN J 428 6.25 74.42 32.50
C ASN J 428 5.01 74.22 31.64
N LYS J 429 5.09 74.65 30.38
CA LYS J 429 4.00 74.48 29.43
C LYS J 429 3.75 73.00 29.15
N ILE J 430 4.82 72.23 29.09
CA ILE J 430 4.73 70.80 28.84
C ILE J 430 4.26 70.05 30.07
N LEU J 431 4.76 70.45 31.24
CA LEU J 431 4.32 69.88 32.50
C LEU J 431 2.82 70.09 32.69
N GLN J 432 2.34 71.25 32.26
CA GLN J 432 0.92 71.57 32.28
C GLN J 432 0.15 70.63 31.36
N SER J 433 0.70 70.40 30.18
CA SER J 433 0.07 69.50 29.20
C SER J 433 0.06 68.07 29.71
N SER J 434 1.08 67.71 30.48
CA SER J 434 1.15 66.39 31.09
C SER J 434 0.00 66.21 32.08
N LYS J 435 -0.33 67.29 32.79
CA LYS J 435 -1.37 67.25 33.80
C LYS J 435 -2.76 67.07 33.19
N THR J 436 -3.02 67.76 32.09
CA THR J 436 -4.36 67.76 31.49
C THR J 436 -4.57 66.63 30.49
N SER J 437 -3.48 66.05 29.99
CA SER J 437 -3.58 64.91 29.08
C SER J 437 -3.41 63.61 29.86
N ASN J 438 -3.05 63.74 31.13
CA ASN J 438 -2.79 62.60 32.01
C ASN J 438 -1.75 61.64 31.47
N GLU J 439 -0.79 62.17 30.72
CA GLU J 439 0.40 61.42 30.36
C GLU J 439 1.57 61.96 31.18
N PRO J 440 1.92 61.24 32.25
CA PRO J 440 2.88 61.70 33.27
C PRO J 440 4.29 61.97 32.74
N VAL J 441 4.76 63.18 32.99
CA VAL J 441 6.11 63.59 32.66
C VAL J 441 6.76 64.20 33.90
N TRP J 442 8.06 63.97 34.09
CA TRP J 442 8.77 64.59 35.20
C TRP J 442 9.99 65.36 34.71
N TRP J 443 10.15 66.57 35.24
CA TRP J 443 11.25 67.44 34.83
C TRP J 443 12.59 66.96 35.37
N LEU J 444 13.52 66.67 34.46
CA LEU J 444 14.87 66.26 34.84
C LEU J 444 15.88 67.34 34.44
N PRO J 445 16.97 67.48 35.22
CA PRO J 445 17.90 68.59 34.99
C PRO J 445 18.91 68.35 33.87
N ILE J 446 19.26 69.42 33.18
CA ILE J 446 20.40 69.40 32.27
C ILE J 446 21.60 69.96 33.03
N ILE J 447 22.50 69.08 33.44
CA ILE J 447 23.61 69.47 34.29
C ILE J 447 24.82 69.86 33.45
N ASN J 448 25.11 71.16 33.42
CA ASN J 448 26.18 71.71 32.59
C ASN J 448 27.57 71.27 33.02
N GLU J 449 27.68 70.74 34.24
CA GLU J 449 28.97 70.29 34.75
C GLU J 449 29.41 69.01 34.06
N TYR J 450 28.48 68.34 33.40
CA TYR J 450 28.78 67.12 32.67
C TYR J 450 29.18 67.42 31.22
N ARG J 451 29.10 68.69 30.83
CA ARG J 451 29.37 69.09 29.46
C ARG J 451 30.79 68.75 29.01
N ALA J 452 31.75 68.86 29.91
CA ALA J 452 33.16 68.64 29.59
C ALA J 452 33.42 67.20 29.15
N THR J 453 32.53 66.29 29.50
CA THR J 453 32.67 64.89 29.13
C THR J 453 32.47 64.69 27.64
N LEU J 454 31.96 65.73 26.97
CA LEU J 454 31.70 65.67 25.54
C LEU J 454 32.80 66.36 24.73
N ASN J 455 33.81 66.88 25.43
CA ASN J 455 34.94 67.52 24.77
C ASN J 455 35.82 66.47 24.07
N SER J 456 35.74 66.45 22.75
CA SER J 456 36.50 65.50 21.96
C SER J 456 37.92 65.99 21.69
N LYS J 457 38.86 65.07 21.64
CA LYS J 457 40.26 65.38 21.36
C LYS J 457 40.43 65.87 19.92
N TYR J 458 39.64 65.31 19.00
CA TYR J 458 39.83 65.58 17.59
C TYR J 458 38.65 66.31 16.93
N ALA J 459 37.44 65.95 17.31
CA ALA J 459 36.25 66.59 16.74
C ALA J 459 35.79 67.74 17.62
N ASP J 460 34.82 68.52 17.12
CA ASP J 460 34.25 69.61 17.91
C ASP J 460 33.60 69.09 19.18
N ILE J 461 32.96 67.94 19.09
CA ILE J 461 32.23 67.39 20.23
C ILE J 461 32.13 65.86 20.15
N ASN J 462 32.09 65.22 21.32
CA ASN J 462 31.81 63.80 21.40
C ASN J 462 30.32 63.54 21.33
N GLN J 463 29.96 62.36 20.84
CA GLN J 463 28.57 61.93 20.76
C GLN J 463 28.13 61.36 22.09
N ILE J 464 29.02 60.61 22.73
CA ILE J 464 28.75 60.01 24.04
C ILE J 464 29.84 60.34 25.04
N SER J 465 29.60 59.95 26.29
CA SER J 465 30.59 60.10 27.35
C SER J 465 31.41 58.83 27.49
N SER J 466 32.63 58.97 27.98
CA SER J 466 33.49 57.82 28.22
C SER J 466 33.09 57.07 29.49
N SER J 467 32.61 57.82 30.48
CA SER J 467 32.41 57.26 31.80
C SER J 467 31.07 57.64 32.44
N VAL J 468 30.61 58.87 32.20
CA VAL J 468 29.38 59.36 32.84
C VAL J 468 28.18 58.47 32.52
N LYS J 469 27.60 57.90 33.57
CA LYS J 469 26.51 56.95 33.42
C LYS J 469 25.15 57.63 33.28
N ALA J 470 25.10 58.93 33.59
CA ALA J 470 23.88 59.70 33.45
C ALA J 470 23.63 60.04 31.98
N SER J 471 23.37 59.02 31.18
CA SER J 471 23.28 59.14 29.72
C SER J 471 22.18 60.09 29.27
N SER J 472 21.02 60.01 29.90
CA SER J 472 19.88 60.85 29.55
C SER J 472 20.23 62.32 29.64
N ILE J 473 21.00 62.69 30.67
CA ILE J 473 21.44 64.06 30.84
C ILE J 473 22.51 64.41 29.81
N VAL J 474 23.45 63.49 29.60
CA VAL J 474 24.51 63.69 28.62
C VAL J 474 23.95 63.82 27.22
N ALA J 475 22.95 63.00 26.89
CA ALA J 475 22.29 63.06 25.60
C ALA J 475 21.61 64.42 25.42
N SER J 476 21.05 64.95 26.50
CA SER J 476 20.40 66.26 26.46
C SER J 476 21.42 67.36 26.22
N LEU J 477 22.58 67.23 26.86
CA LEU J 477 23.67 68.17 26.67
C LEU J 477 24.12 68.20 25.22
N PHE J 478 24.16 67.02 24.59
CA PHE J 478 24.55 66.91 23.19
C PHE J 478 23.54 67.62 22.29
N LEU J 479 22.27 67.31 22.48
CA LEU J 479 21.20 67.89 21.66
C LEU J 479 21.13 69.40 21.85
N LYS J 480 21.42 69.85 23.06
CA LYS J 480 21.40 71.27 23.41
C LYS J 480 22.38 72.07 22.55
N GLU J 481 23.43 71.39 22.06
CA GLU J 481 24.46 72.02 21.26
C GLU J 481 24.01 72.30 19.83
N PHE J 482 22.83 71.81 19.47
CA PHE J 482 22.32 72.00 18.12
C PHE J 482 21.07 72.88 18.13
N VAL J 483 20.84 73.55 19.25
CA VAL J 483 19.79 74.56 19.37
C VAL J 483 20.41 75.84 19.93
N GLN J 484 20.56 76.85 19.08
CA GLN J 484 21.33 78.03 19.44
C GLN J 484 20.54 79.07 20.24
N ASN J 485 19.50 79.63 19.64
CA ASN J 485 18.69 80.63 20.33
C ASN J 485 17.19 80.45 20.12
N THR J 486 16.71 79.29 20.51
CA THR J 486 15.27 78.99 20.46
C THR J 486 14.87 78.18 21.67
N ALA J 487 13.72 78.52 22.26
CA ALA J 487 13.17 77.74 23.36
C ALA J 487 13.01 76.29 22.93
N TRP J 488 13.69 75.39 23.64
CA TRP J 488 13.74 73.99 23.24
C TRP J 488 13.50 73.04 24.41
N ALA J 489 12.78 71.96 24.13
CA ALA J 489 12.54 70.94 25.13
C ALA J 489 12.61 69.55 24.50
N HIS J 490 12.98 68.56 25.31
CA HIS J 490 13.24 67.22 24.82
C HIS J 490 12.61 66.19 25.74
N ILE J 491 11.71 65.39 25.18
CA ILE J 491 11.00 64.39 25.96
C ILE J 491 11.52 62.99 25.65
N ASP J 492 12.26 62.42 26.60
CA ASP J 492 12.80 61.07 26.44
C ASP J 492 11.75 60.04 26.86
N ILE J 493 11.24 59.30 25.89
CA ILE J 493 10.17 58.34 26.15
C ILE J 493 10.62 56.89 25.99
N ALA J 494 11.91 56.65 26.18
CA ALA J 494 12.47 55.31 25.97
C ALA J 494 11.93 54.28 26.98
N GLY J 495 11.54 54.75 28.15
CA GLY J 495 11.06 53.87 29.19
C GLY J 495 9.56 53.66 29.19
N VAL J 496 8.82 54.64 28.67
CA VAL J 496 7.35 54.63 28.76
C VAL J 496 6.66 54.31 27.46
N SER J 497 7.44 54.05 26.42
CA SER J 497 6.89 53.86 25.08
C SER J 497 6.22 52.50 24.88
N TRP J 498 6.67 51.51 25.64
CA TRP J 498 6.17 50.14 25.45
C TRP J 498 5.46 49.60 26.68
N ASN J 499 4.34 48.92 26.44
CA ASN J 499 3.59 48.27 27.51
C ASN J 499 3.97 46.79 27.58
N PHE J 500 4.90 46.47 28.48
CA PHE J 500 5.48 45.12 28.53
C PHE J 500 4.49 44.07 29.04
N LYS J 501 3.56 44.50 29.89
CA LYS J 501 2.55 43.58 30.41
C LYS J 501 1.57 43.17 29.31
N ALA J 502 1.06 44.15 28.57
CA ALA J 502 0.08 43.90 27.53
C ALA J 502 0.74 43.58 26.19
N ARG J 503 2.06 43.71 26.13
CA ARG J 503 2.85 43.42 24.94
C ARG J 503 2.40 44.24 23.73
N LYS J 504 2.41 45.56 23.88
CA LYS J 504 1.95 46.46 22.81
C LYS J 504 2.39 47.90 23.10
N PRO J 505 2.34 48.77 22.09
CA PRO J 505 2.68 50.19 22.34
C PRO J 505 1.65 50.90 23.20
N LYS J 506 2.02 52.07 23.72
CA LYS J 506 1.10 52.91 24.47
C LYS J 506 0.64 54.10 23.63
N GLY J 507 1.37 54.37 22.55
CA GLY J 507 1.12 55.55 21.75
C GLY J 507 1.39 56.80 22.57
N PHE J 508 2.45 56.73 23.38
CA PHE J 508 2.76 57.78 24.34
C PHE J 508 3.16 59.08 23.67
N GLY J 509 2.55 60.18 24.11
CA GLY J 509 2.96 61.49 23.66
C GLY J 509 2.01 62.17 22.71
N VAL J 510 1.12 61.40 22.08
CA VAL J 510 0.16 61.99 21.15
C VAL J 510 -0.74 62.99 21.87
N ARG J 511 -1.33 62.56 22.98
CA ARG J 511 -2.24 63.40 23.74
C ARG J 511 -1.49 64.49 24.50
N LEU J 512 -0.26 64.20 24.88
CA LEU J 512 0.57 65.19 25.56
C LEU J 512 0.87 66.36 24.64
N LEU J 513 1.35 66.05 23.43
CA LEU J 513 1.74 67.07 22.46
C LEU J 513 0.54 67.84 21.92
N THR J 514 -0.58 67.14 21.73
CA THR J 514 -1.79 67.78 21.22
C THR J 514 -2.32 68.81 22.21
N GLU J 515 -2.31 68.44 23.49
CA GLU J 515 -2.74 69.35 24.55
C GLU J 515 -1.78 70.53 24.67
N PHE J 516 -0.55 70.34 24.22
CA PHE J 516 0.45 71.40 24.23
C PHE J 516 0.14 72.47 23.20
N VAL J 517 -0.33 72.06 22.02
CA VAL J 517 -0.61 73.01 20.96
C VAL J 517 -2.02 73.59 21.07
N LEU J 518 -2.94 72.83 21.64
CA LEU J 518 -4.32 73.29 21.78
C LEU J 518 -4.45 74.27 22.93
N ASN J 519 -3.86 73.92 24.06
CA ASN J 519 -3.93 74.74 25.26
C ASN J 519 -2.69 75.61 25.44
N SER K 3 42.68 54.47 -6.91
CA SER K 3 42.83 55.80 -6.31
C SER K 3 41.48 56.45 -6.04
N GLU K 4 40.46 56.03 -6.78
CA GLU K 4 39.11 56.54 -6.58
C GLU K 4 38.50 55.97 -5.30
N VAL K 5 38.30 56.83 -4.31
CA VAL K 5 37.70 56.40 -3.05
C VAL K 5 36.19 56.30 -3.17
N PRO K 6 35.63 55.10 -2.96
CA PRO K 6 34.18 54.89 -3.05
C PRO K 6 33.44 55.57 -1.92
N GLN K 7 32.23 56.06 -2.20
CA GLN K 7 31.41 56.73 -1.20
C GLN K 7 30.03 56.09 -1.12
N VAL K 8 29.44 56.10 0.07
CA VAL K 8 28.05 55.68 0.22
C VAL K 8 27.16 56.90 -0.01
N VAL K 9 27.56 58.01 0.59
CA VAL K 9 26.90 59.29 0.35
C VAL K 9 27.96 60.31 -0.11
N SER K 10 27.51 61.40 -0.71
CA SER K 10 28.43 62.40 -1.26
C SER K 10 29.13 63.20 -0.16
N LEU K 11 28.73 62.98 1.09
CA LEU K 11 29.32 63.67 2.22
C LEU K 11 30.45 62.87 2.86
N ASP K 12 30.70 61.68 2.32
CA ASP K 12 31.81 60.86 2.79
C ASP K 12 33.13 61.37 2.22
N PRO K 13 34.14 61.56 3.09
CA PRO K 13 35.45 62.06 2.66
C PRO K 13 36.14 61.14 1.66
N THR K 14 37.02 61.71 0.84
CA THR K 14 37.70 60.93 -0.20
C THR K 14 39.22 61.00 -0.06
N SER K 15 39.70 61.57 1.04
CA SER K 15 41.14 61.61 1.32
C SER K 15 41.43 61.94 2.77
N ILE K 16 42.60 61.52 3.23
CA ILE K 16 43.05 61.83 4.58
C ILE K 16 43.72 63.20 4.62
N PRO K 17 43.18 64.12 5.43
CA PRO K 17 43.85 65.41 5.60
C PRO K 17 45.20 65.24 6.30
N ILE K 18 46.26 65.77 5.71
CA ILE K 18 47.60 65.64 6.26
C ILE K 18 48.29 66.99 6.41
N GLU K 19 48.85 67.23 7.59
CA GLU K 19 49.69 68.41 7.81
C GLU K 19 51.15 68.04 7.64
N TYR K 20 51.79 68.61 6.61
CA TYR K 20 53.22 68.41 6.40
C TYR K 20 54.02 69.52 7.05
N ASN K 21 53.66 70.76 6.72
CA ASN K 21 54.33 71.93 7.27
C ASN K 21 53.74 72.36 8.60
N THR K 22 54.32 71.88 9.70
CA THR K 22 53.83 72.15 11.04
C THR K 22 54.57 73.34 11.66
N PRO K 23 53.94 73.99 12.65
CA PRO K 23 54.59 75.10 13.37
C PRO K 23 55.94 74.73 13.98
N ILE K 24 56.11 73.46 14.32
CA ILE K 24 57.36 72.96 14.88
C ILE K 24 58.52 73.22 13.91
N HIS K 25 58.24 73.14 12.62
CA HIS K 25 59.25 73.38 11.59
C HIS K 25 59.69 74.84 11.54
N ASP K 26 58.96 75.71 12.20
CA ASP K 26 59.28 77.14 12.20
C ASP K 26 60.03 77.56 13.46
N ILE K 27 60.31 76.60 14.33
CA ILE K 27 60.99 76.89 15.59
C ILE K 27 62.51 76.85 15.43
N LYS K 28 63.14 78.01 15.61
CA LYS K 28 64.60 78.11 15.56
C LYS K 28 65.20 77.58 16.85
N VAL K 29 66.09 76.60 16.74
CA VAL K 29 66.66 75.95 17.91
C VAL K 29 68.16 76.20 18.05
N GLN K 30 68.54 76.82 19.16
CA GLN K 30 69.94 77.10 19.45
C GLN K 30 70.38 76.36 20.71
N VAL K 31 71.56 75.73 20.65
CA VAL K 31 72.12 75.07 21.81
C VAL K 31 73.32 75.85 22.34
N TYR K 32 73.26 76.24 23.60
CA TYR K 32 74.35 76.98 24.22
C TYR K 32 75.03 76.14 25.29
N ASP K 33 76.33 76.33 25.45
CA ASP K 33 77.04 75.66 26.53
C ASP K 33 76.70 76.34 27.84
N ILE K 34 76.46 75.53 28.86
CA ILE K 34 76.00 76.04 30.15
C ILE K 34 77.12 76.81 30.87
N LYS K 35 78.36 76.55 30.46
CA LYS K 35 79.48 77.34 30.95
C LYS K 35 79.44 78.73 30.33
N GLY K 36 79.60 79.76 31.15
CA GLY K 36 79.54 81.12 30.68
C GLY K 36 78.29 81.83 31.13
N GLY K 37 77.44 81.11 31.86
CA GLY K 37 76.22 81.68 32.39
C GLY K 37 75.08 81.71 31.39
N CYS K 38 73.85 81.82 31.90
CA CYS K 38 72.67 81.86 31.05
C CYS K 38 72.11 83.27 30.95
N ASN K 39 71.58 83.61 29.78
CA ASN K 39 70.90 84.88 29.59
C ASN K 39 69.39 84.71 29.69
N VAL K 40 68.75 85.61 30.43
CA VAL K 40 67.30 85.60 30.57
C VAL K 40 66.76 86.93 30.06
N GLU K 41 66.49 86.99 28.76
CA GLU K 41 66.12 88.25 28.11
C GLU K 41 64.64 88.31 27.75
N GLU K 42 64.06 87.16 27.43
CA GLU K 42 62.66 87.12 27.01
C GLU K 42 62.05 85.73 27.14
N GLY K 43 60.74 85.66 26.96
CA GLY K 43 60.03 84.39 26.95
C GLY K 43 60.07 83.64 28.27
N LEU K 44 60.13 82.32 28.17
CA LEU K 44 60.08 81.46 29.34
C LEU K 44 61.35 80.63 29.50
N THR K 45 62.04 80.82 30.62
CA THR K 45 63.23 80.03 30.92
C THR K 45 62.89 78.96 31.97
N ILE K 46 63.17 77.71 31.62
CA ILE K 46 62.86 76.59 32.51
C ILE K 46 64.12 75.81 32.89
N PHE K 47 64.28 75.58 34.19
CA PHE K 47 65.40 74.80 34.69
C PHE K 47 64.98 73.37 35.00
N LEU K 48 65.67 72.41 34.37
CA LEU K 48 65.45 71.01 34.68
C LEU K 48 66.32 70.63 35.88
N VAL K 49 65.68 70.37 37.01
CA VAL K 49 66.38 70.25 38.28
C VAL K 49 66.06 68.95 39.01
N ASN K 50 67.09 68.32 39.57
CA ASN K 50 66.90 67.17 40.44
C ASN K 50 67.56 67.38 41.80
N ASN K 51 67.36 66.44 42.71
CA ASN K 51 68.04 66.46 44.00
C ASN K 51 68.35 65.04 44.44
N PRO K 52 69.50 64.52 44.03
CA PRO K 52 69.93 63.15 44.34
C PRO K 52 70.35 63.01 45.81
N LYS K 54 68.06 63.29 47.96
CA LYS K 54 66.98 63.71 48.85
C LYS K 54 65.63 63.61 48.14
N GLU K 55 64.89 62.55 48.44
CA GLU K 55 63.59 62.30 47.82
C GLU K 55 62.65 63.48 48.05
N ASN K 56 62.16 64.04 46.94
CA ASN K 56 61.32 65.23 46.96
C ASN K 56 61.99 66.38 47.69
N GLY K 57 63.31 66.47 47.55
CA GLY K 57 64.09 67.51 48.18
C GLY K 57 63.89 68.86 47.52
N PRO K 58 64.47 69.91 48.12
CA PRO K 58 64.29 71.28 47.63
C PRO K 58 65.00 71.55 46.31
N VAL K 59 64.46 72.49 45.54
CA VAL K 59 65.09 72.93 44.31
C VAL K 59 66.28 73.82 44.62
N LYS K 60 67.38 73.61 43.91
CA LYS K 60 68.52 74.52 43.98
C LYS K 60 69.08 74.73 42.58
N ILE K 61 69.08 75.99 42.14
CA ILE K 61 69.61 76.34 40.83
C ILE K 61 71.13 76.48 40.90
N SER K 62 71.82 75.79 39.99
CA SER K 62 73.28 75.80 39.97
C SER K 62 73.86 76.83 39.02
N SER K 63 73.21 77.00 37.87
CA SER K 63 73.74 77.85 36.81
C SER K 63 73.75 79.33 37.17
N LYS K 64 74.82 80.01 36.79
CA LYS K 64 74.91 81.45 36.92
C LYS K 64 74.00 82.10 35.88
N VAL K 65 73.22 83.09 36.32
CA VAL K 65 72.33 83.80 35.41
C VAL K 65 72.78 85.23 35.24
N ASN K 66 72.93 85.67 33.99
CA ASN K 66 73.47 86.98 33.69
C ASN K 66 72.45 88.11 33.82
N ASP K 67 71.53 87.96 34.77
CA ASP K 67 70.55 89.00 35.06
C ASP K 67 70.37 89.13 36.57
N LYS K 68 70.52 90.34 37.09
CA LYS K 68 70.48 90.58 38.52
C LYS K 68 69.11 90.30 39.13
N GLN K 69 68.05 90.73 38.46
CA GLN K 69 66.69 90.53 38.94
C GLN K 69 66.34 89.04 39.02
N VAL K 70 66.64 88.32 37.94
CA VAL K 70 66.32 86.90 37.85
C VAL K 70 67.18 86.07 38.82
N SER K 71 68.45 86.41 38.93
CA SER K 71 69.35 85.73 39.86
C SER K 71 68.85 85.80 41.29
N GLU K 72 68.32 86.97 41.66
CA GLU K 72 67.77 87.17 43.00
C GLU K 72 66.57 86.25 43.23
N PHE K 73 65.76 86.07 42.18
CA PHE K 73 64.62 85.17 42.26
C PHE K 73 65.06 83.72 42.40
N LEU K 74 66.21 83.40 41.79
CA LEU K 74 66.69 82.03 41.74
C LEU K 74 67.58 81.66 42.91
N LYS K 75 67.71 82.56 43.89
CA LYS K 75 68.54 82.27 45.06
C LYS K 75 67.94 81.12 45.86
N ASP K 76 68.78 80.43 46.62
CA ASP K 76 68.38 79.22 47.33
C ASP K 76 67.21 79.44 48.30
N GLU K 77 67.20 80.59 48.96
CA GLU K 77 66.15 80.89 49.94
C GLU K 77 64.76 80.88 49.30
N ASN K 78 64.69 81.31 48.05
CA ASN K 78 63.42 81.34 47.32
C ASN K 78 63.08 79.99 46.71
N MET K 79 64.08 79.35 46.09
CA MET K 79 63.85 78.11 45.35
C MET K 79 63.59 76.92 46.26
N GLU K 80 64.11 76.97 47.49
CA GLU K 80 63.99 75.85 48.40
C GLU K 80 62.55 75.67 48.89
N LYS K 81 61.70 76.66 48.60
CA LYS K 81 60.28 76.55 48.92
C LYS K 81 59.60 75.61 47.93
N PHE K 82 60.28 75.33 46.82
CA PHE K 82 59.79 74.37 45.83
C PHE K 82 60.56 73.06 45.95
N ASN K 83 59.95 71.97 45.49
CA ASN K 83 60.59 70.66 45.56
C ASN K 83 60.75 70.00 44.19
N VAL K 84 61.59 68.98 44.11
CA VAL K 84 62.01 68.42 42.84
C VAL K 84 61.22 67.18 42.40
N LYS K 85 60.08 66.94 43.05
CA LYS K 85 59.23 65.81 42.73
C LYS K 85 58.98 65.73 41.22
N LEU K 86 59.24 64.56 40.64
CA LEU K 86 59.17 64.37 39.20
C LEU K 86 57.86 64.85 38.59
N GLY K 87 57.94 65.86 37.74
CA GLY K 87 56.78 66.43 37.09
C GLY K 87 56.32 67.75 37.68
N THR K 88 56.67 67.98 38.94
CA THR K 88 56.30 69.21 39.63
C THR K 88 56.92 70.43 38.97
N SER K 89 56.14 71.47 38.77
CA SER K 89 56.64 72.67 38.13
C SER K 89 56.03 73.95 38.72
N LYS K 90 56.83 75.01 38.70
CA LYS K 90 56.37 76.35 39.03
C LYS K 90 56.99 77.31 38.03
N HIS K 91 56.32 78.43 37.75
CA HIS K 91 56.92 79.47 36.93
C HIS K 91 56.27 80.82 37.23
N PHE K 92 57.11 81.84 37.31
CA PHE K 92 56.66 83.17 37.73
C PHE K 92 56.92 84.22 36.64
N TYR K 93 56.10 85.25 36.63
CA TYR K 93 56.33 86.39 35.74
C TYR K 93 56.94 87.56 36.51
N MET K 94 58.00 88.13 35.94
CA MET K 94 58.73 89.21 36.59
C MET K 94 59.47 90.06 35.56
N PHE K 95 60.01 91.19 36.01
CA PHE K 95 60.86 92.02 35.17
C PHE K 95 62.32 91.67 35.38
N ASN K 96 63.07 91.56 34.28
CA ASN K 96 64.51 91.35 34.36
C ASN K 96 65.22 92.70 34.51
N ASP K 97 66.53 92.72 34.31
CA ASP K 97 67.29 93.96 34.46
C ASP K 97 66.83 95.05 33.49
N ASN K 98 66.32 94.63 32.34
CA ASN K 98 65.90 95.56 31.29
C ASN K 98 64.45 96.00 31.44
N LYS K 99 63.84 95.63 32.56
CA LYS K 99 62.40 95.83 32.79
C LYS K 99 61.57 95.22 31.67
N ASN K 100 62.09 94.14 31.09
CA ASN K 100 61.32 93.37 30.12
C ASN K 100 60.62 92.22 30.83
N SER K 101 59.35 92.01 30.49
CA SER K 101 58.58 90.93 31.08
C SER K 101 59.12 89.58 30.67
N VAL K 102 59.61 88.80 31.63
CA VAL K 102 60.08 87.45 31.38
C VAL K 102 59.45 86.46 32.36
N ALA K 103 59.36 85.20 31.96
CA ALA K 103 58.86 84.15 32.82
C ALA K 103 59.98 83.16 33.14
N VAL K 104 60.14 82.86 34.42
CA VAL K 104 61.20 81.95 34.86
C VAL K 104 60.62 80.87 35.77
N GLY K 105 61.00 79.62 35.51
CA GLY K 105 60.51 78.51 36.31
C GLY K 105 61.37 77.25 36.25
N TYR K 106 60.80 76.15 36.72
CA TYR K 106 61.53 74.88 36.77
C TYR K 106 60.60 73.69 36.58
N VAL K 107 61.18 72.54 36.28
CA VAL K 107 60.46 71.28 36.30
C VAL K 107 61.28 70.26 37.09
N GLY K 108 60.66 69.67 38.11
CA GLY K 108 61.35 68.69 38.94
C GLY K 108 61.65 67.42 38.19
N CYS K 109 62.85 66.87 38.42
CA CYS K 109 63.28 65.67 37.72
C CYS K 109 63.63 64.55 38.70
N GLY K 110 63.05 64.61 39.89
CA GLY K 110 63.20 63.55 40.87
C GLY K 110 64.53 63.52 41.59
N SER K 111 64.90 62.34 42.07
CA SER K 111 66.12 62.18 42.86
C SER K 111 67.04 61.11 42.28
N VAL K 112 66.79 60.75 41.02
CA VAL K 112 67.61 59.76 40.34
C VAL K 112 68.36 60.39 39.17
N ALA K 113 69.67 60.25 39.16
CA ALA K 113 70.53 60.90 38.17
C ALA K 113 70.18 60.53 36.74
N ASP K 114 70.24 59.25 36.42
CA ASP K 114 69.94 58.77 35.07
C ASP K 114 68.43 58.67 34.83
N LEU K 115 67.90 59.60 34.07
CA LEU K 115 66.48 59.61 33.75
C LEU K 115 66.12 58.55 32.71
N SER K 116 65.06 57.80 32.97
CA SER K 116 64.53 56.87 32.00
C SER K 116 63.69 57.62 30.97
N GLU K 117 63.30 56.95 29.90
CA GLU K 117 62.47 57.59 28.87
C GLU K 117 61.09 57.91 29.42
N ALA K 118 60.63 57.10 30.37
CA ALA K 118 59.35 57.34 31.03
C ALA K 118 59.44 58.58 31.92
N ASP K 119 60.58 58.75 32.56
CA ASP K 119 60.82 59.92 33.41
C ASP K 119 60.87 61.20 32.58
N MET K 120 61.61 61.15 31.47
CA MET K 120 61.79 62.30 30.61
C MET K 120 60.46 62.74 29.99
N LYS K 121 59.61 61.77 29.66
CA LYS K 121 58.30 62.07 29.11
C LYS K 121 57.45 62.85 30.11
N ARG K 122 57.56 62.48 31.38
CA ARG K 122 56.85 63.17 32.46
C ARG K 122 57.34 64.61 32.58
N VAL K 123 58.64 64.80 32.46
CA VAL K 123 59.24 66.12 32.51
C VAL K 123 58.73 66.98 31.34
N VAL K 124 58.73 66.38 30.14
CA VAL K 124 58.29 67.07 28.94
C VAL K 124 56.80 67.47 29.00
N LEU K 125 55.96 66.57 29.52
CA LEU K 125 54.53 66.84 29.63
C LEU K 125 54.26 68.06 30.53
N SER K 126 55.03 68.17 31.60
CA SER K 126 54.93 69.33 32.49
C SER K 126 55.33 70.59 31.75
N LEU K 127 56.36 70.47 30.91
CA LEU K 127 56.87 71.60 30.13
C LEU K 127 55.85 72.05 29.09
N VAL K 128 55.25 71.08 28.39
CA VAL K 128 54.24 71.36 27.39
C VAL K 128 53.01 72.01 28.01
N THR K 129 52.68 71.60 29.23
CA THR K 129 51.57 72.18 29.96
C THR K 129 51.75 73.69 30.13
N MET K 130 52.98 74.12 30.37
CA MET K 130 53.28 75.53 30.48
C MET K 130 53.20 76.23 29.12
N LEU K 131 53.73 75.56 28.10
CA LEU K 131 53.70 76.11 26.75
C LEU K 131 52.27 76.33 26.25
N HIS K 132 51.38 75.40 26.62
CA HIS K 132 49.99 75.47 26.18
C HIS K 132 49.19 76.53 26.93
N ASP K 133 49.71 77.01 28.05
CA ASP K 133 48.99 77.98 28.86
C ASP K 133 49.62 79.38 28.85
N ASN K 134 50.62 79.56 27.99
CA ASN K 134 51.29 80.85 27.87
C ASN K 134 51.53 81.27 26.43
N LYS K 135 51.25 82.53 26.12
CA LYS K 135 51.54 83.08 24.80
C LYS K 135 52.98 83.58 24.75
N LEU K 136 53.87 82.76 24.21
CA LEU K 136 55.30 83.03 24.27
C LEU K 136 55.95 83.08 22.89
N SER K 137 57.05 83.82 22.79
CA SER K 137 57.83 83.88 21.57
C SER K 137 58.99 82.89 21.63
N LYS K 138 59.56 82.73 22.81
CA LYS K 138 60.72 81.86 22.99
C LYS K 138 60.62 80.99 24.23
N LEU K 139 61.09 79.75 24.10
CA LEU K 139 61.29 78.87 25.25
C LEU K 139 62.77 78.56 25.40
N THR K 140 63.30 78.74 26.61
CA THR K 140 64.69 78.39 26.89
C THR K 140 64.73 77.34 28.00
N VAL K 141 65.38 76.23 27.72
CA VAL K 141 65.49 75.14 28.69
C VAL K 141 66.93 74.99 29.16
N VAL K 142 67.13 75.06 30.47
CA VAL K 142 68.46 74.91 31.05
C VAL K 142 68.61 73.54 31.70
N PHE K 143 69.56 72.76 31.19
CA PHE K 143 69.79 71.41 31.68
C PHE K 143 70.75 71.36 32.87
N GLU K 144 70.20 71.19 34.06
CA GLU K 144 71.02 70.98 35.24
C GLU K 144 70.87 69.53 35.70
N ILE K 145 70.71 68.65 34.73
CA ILE K 145 70.65 67.22 34.94
C ILE K 145 71.56 66.52 33.93
N ASN K 146 71.77 65.22 34.11
CA ASN K 146 72.61 64.46 33.17
C ASN K 146 71.82 63.78 32.07
N VAL K 147 72.16 64.09 30.83
CA VAL K 147 71.47 63.53 29.67
C VAL K 147 72.46 63.23 28.55
N ASP K 148 72.44 62.01 28.03
CA ASP K 148 73.34 61.67 26.92
C ASP K 148 72.79 62.21 25.60
N LYS K 149 73.50 61.97 24.51
CA LYS K 149 73.10 62.48 23.20
C LYS K 149 71.76 61.91 22.75
N ASN K 150 71.54 60.62 22.99
CA ASN K 150 70.30 59.97 22.58
C ASN K 150 69.09 60.46 23.36
N LEU K 151 69.23 60.60 24.67
CA LEU K 151 68.13 61.03 25.52
C LEU K 151 67.82 62.51 25.29
N PHE K 152 68.83 63.27 24.84
CA PHE K 152 68.63 64.67 24.51
C PHE K 152 67.79 64.82 23.25
N ARG K 153 68.10 63.99 22.26
CA ARG K 153 67.32 63.96 21.04
C ARG K 153 65.90 63.49 21.36
N PHE K 154 65.81 62.54 22.28
CA PHE K 154 64.52 62.03 22.74
C PHE K 154 63.70 63.14 23.41
N PHE K 155 64.37 63.99 24.18
CA PHE K 155 63.72 65.11 24.84
C PHE K 155 63.11 66.07 23.84
N LEU K 156 63.85 66.32 22.75
CA LEU K 156 63.38 67.22 21.70
C LEU K 156 62.19 66.64 20.93
N GLU K 157 62.32 65.38 20.54
CA GLU K 157 61.25 64.68 19.82
C GLU K 157 59.95 64.67 20.62
N THR K 158 60.06 64.29 21.88
CA THR K 158 58.91 64.25 22.78
C THR K 158 58.30 65.64 22.96
N LEU K 159 59.16 66.63 23.16
CA LEU K 159 58.69 68.01 23.30
C LEU K 159 57.95 68.45 22.04
N PHE K 160 58.56 68.22 20.88
CA PHE K 160 57.93 68.57 19.61
C PHE K 160 56.60 67.86 19.40
N TYR K 161 56.59 66.55 19.65
CA TYR K 161 55.42 65.73 19.39
C TYR K 161 54.25 66.10 20.31
N GLU K 162 54.55 66.30 21.59
CA GLU K 162 53.50 66.62 22.56
C GLU K 162 53.04 68.07 22.43
N TYR K 163 53.94 68.95 22.00
CA TYR K 163 53.60 70.36 21.79
C TYR K 163 52.59 70.51 20.66
N MET K 164 52.73 69.66 19.64
CA MET K 164 51.87 69.73 18.47
C MET K 164 50.44 69.32 18.79
N THR K 165 49.48 70.12 18.33
CA THR K 165 48.07 69.83 18.54
C THR K 165 47.37 69.57 17.20
N ASP K 166 46.82 68.36 17.06
CA ASP K 166 46.17 67.94 15.82
C ASP K 166 44.78 68.54 15.67
N GLU K 167 44.62 69.46 14.72
CA GLU K 167 43.37 70.20 14.58
C GLU K 167 42.67 69.98 13.23
N ARG K 168 43.08 68.93 12.52
CA ARG K 168 42.54 68.67 11.19
C ARG K 168 41.03 68.43 11.16
N PHE K 169 40.46 68.01 12.29
CA PHE K 169 39.06 67.64 12.32
C PHE K 169 38.23 68.56 13.22
N LYS K 170 38.82 69.68 13.63
CA LYS K 170 38.09 70.73 14.32
C LYS K 170 37.43 71.65 13.30
N SER K 171 36.29 72.21 13.65
CA SER K 171 35.60 73.15 12.76
C SER K 171 34.66 74.06 13.53
N GLU K 179 49.09 80.14 18.81
CA GLU K 179 50.36 80.84 18.64
C GLU K 179 51.50 80.08 19.31
N TYR K 180 52.30 79.38 18.52
CA TYR K 180 53.44 78.62 19.03
C TYR K 180 54.67 79.50 19.19
N ILE K 181 55.61 79.04 20.00
CA ILE K 181 56.91 79.71 20.10
C ILE K 181 57.61 79.68 18.76
N LYS K 182 58.52 80.62 18.55
CA LYS K 182 59.28 80.68 17.30
C LYS K 182 60.75 80.38 17.57
N HIS K 183 61.12 80.35 18.85
CA HIS K 183 62.51 80.13 19.23
C HIS K 183 62.63 79.14 20.38
N LEU K 184 63.64 78.28 20.30
CA LEU K 184 63.94 77.34 21.37
C LEU K 184 65.43 77.39 21.73
N GLY K 185 65.72 77.78 22.96
CA GLY K 185 67.08 77.82 23.44
C GLY K 185 67.36 76.69 24.42
N VAL K 186 68.57 76.14 24.37
CA VAL K 186 68.94 75.06 25.27
C VAL K 186 70.33 75.28 25.85
N TYR K 187 70.40 75.37 27.18
CA TYR K 187 71.68 75.41 27.87
C TYR K 187 72.00 74.04 28.43
N ILE K 188 73.18 73.52 28.08
CA ILE K 188 73.59 72.18 28.47
C ILE K 188 75.10 72.11 28.49
N ASN K 189 75.67 71.19 29.26
CA ASN K 189 77.10 71.04 29.25
C ASN K 189 77.50 70.39 27.92
N ASN K 190 78.68 70.82 27.48
CA ASN K 190 79.36 70.50 26.22
C ASN K 190 78.32 70.39 25.10
N ALA K 191 77.78 71.57 24.81
CA ALA K 191 76.73 71.83 23.83
C ALA K 191 77.07 71.42 22.40
N ASP K 192 78.33 71.57 22.02
CA ASP K 192 78.78 71.25 20.67
C ASP K 192 78.48 69.80 20.33
N THR K 193 78.51 68.93 21.33
CA THR K 193 78.30 67.51 21.12
C THR K 193 76.82 67.16 20.92
N TYR K 194 75.94 68.09 21.27
CA TYR K 194 74.50 67.86 21.20
C TYR K 194 73.84 68.54 20.00
N LYS K 195 74.58 69.41 19.33
CA LYS K 195 74.02 70.25 18.27
C LYS K 195 73.49 69.46 17.07
N GLU K 196 74.16 68.37 16.72
CA GLU K 196 73.78 67.58 15.55
C GLU K 196 72.50 66.79 15.79
N GLU K 197 72.11 66.65 17.05
CA GLU K 197 70.92 65.89 17.40
C GLU K 197 69.64 66.68 17.11
N VAL K 198 69.77 68.00 17.03
CA VAL K 198 68.61 68.88 16.90
C VAL K 198 67.80 68.63 15.63
N GLU K 199 68.46 68.65 14.47
CA GLU K 199 67.75 68.46 13.22
C GLU K 199 67.32 67.01 13.04
N LYS K 200 68.09 66.08 13.59
CA LYS K 200 67.72 64.68 13.59
C LYS K 200 66.43 64.51 14.40
N ALA K 201 66.34 65.25 15.49
CA ALA K 201 65.16 65.23 16.34
C ALA K 201 63.92 65.71 15.59
N ARG K 202 64.10 66.74 14.77
CA ARG K 202 62.99 67.31 14.02
C ARG K 202 62.46 66.35 12.96
N VAL K 203 63.37 65.62 12.32
CA VAL K 203 62.99 64.61 11.34
C VAL K 203 62.21 63.49 12.00
N TYR K 204 62.77 62.97 13.09
CA TYR K 204 62.11 61.91 13.86
C TYR K 204 60.74 62.34 14.34
N TYR K 205 60.63 63.60 14.73
CA TYR K 205 59.36 64.13 15.21
C TYR K 205 58.27 64.06 14.14
N PHE K 206 58.55 64.58 12.94
CA PHE K 206 57.53 64.60 11.91
C PHE K 206 57.25 63.19 11.42
N GLY K 207 58.27 62.33 11.43
CA GLY K 207 58.08 60.93 11.10
C GLY K 207 57.09 60.30 12.06
N THR K 208 57.17 60.69 13.32
CA THR K 208 56.28 60.19 14.36
C THR K 208 54.92 60.87 14.29
N TYR K 209 54.92 62.18 14.09
CA TYR K 209 53.67 62.94 13.99
C TYR K 209 52.88 62.51 12.77
N TYR K 210 53.59 62.18 11.70
CA TYR K 210 52.95 61.70 10.48
C TYR K 210 52.21 60.39 10.72
N ALA K 211 52.88 59.45 11.37
CA ALA K 211 52.27 58.19 11.74
C ALA K 211 51.07 58.44 12.66
N SER K 212 51.24 59.41 13.55
CA SER K 212 50.17 59.79 14.47
C SER K 212 48.94 60.29 13.73
N GLN K 213 49.16 61.11 12.70
CA GLN K 213 48.08 61.66 11.91
C GLN K 213 47.28 60.56 11.20
N LEU K 214 47.98 59.58 10.65
CA LEU K 214 47.34 58.48 9.94
C LEU K 214 46.54 57.60 10.89
N ILE K 215 47.08 57.36 12.08
CA ILE K 215 46.41 56.54 13.08
C ILE K 215 45.16 57.23 13.63
N ALA K 216 45.32 58.49 14.04
CA ALA K 216 44.23 59.25 14.63
C ALA K 216 43.11 59.51 13.63
N ALA K 217 43.46 59.51 12.34
CA ALA K 217 42.49 59.69 11.28
C ALA K 217 41.43 58.59 11.34
N PRO K 218 40.16 58.98 11.49
CA PRO K 218 39.02 58.06 11.61
C PRO K 218 38.88 57.16 10.39
N SER K 219 38.17 56.05 10.56
CA SER K 219 38.08 55.02 9.53
C SER K 219 37.30 55.45 8.30
N ASN K 220 36.43 56.44 8.45
CA ASN K 220 35.71 56.98 7.30
C ASN K 220 36.62 57.89 6.48
N TYR K 221 37.67 58.39 7.12
CA TYR K 221 38.70 59.15 6.43
C TYR K 221 39.83 58.24 5.98
N CYS K 222 40.29 57.38 6.88
CA CYS K 222 41.43 56.51 6.62
C CYS K 222 40.99 55.10 6.23
N ASN K 223 40.69 54.92 4.96
CA ASN K 223 40.30 53.62 4.41
C ASN K 223 41.44 53.08 3.53
N PRO K 224 41.40 51.77 3.17
CA PRO K 224 42.46 51.17 2.34
C PRO K 224 42.82 51.96 1.08
N VAL K 225 41.87 52.66 0.49
CA VAL K 225 42.13 53.43 -0.73
C VAL K 225 42.77 54.77 -0.40
N SER K 226 42.22 55.47 0.59
CA SER K 226 42.73 56.77 0.99
C SER K 226 44.11 56.65 1.61
N LEU K 227 44.35 55.55 2.32
CA LEU K 227 45.64 55.33 2.98
C LEU K 227 46.74 55.05 1.97
N SER K 228 46.44 54.21 0.98
CA SER K 228 47.42 53.88 -0.05
C SER K 228 47.71 55.09 -0.93
N ASN K 229 46.71 55.93 -1.15
CA ASN K 229 46.90 57.19 -1.86
C ASN K 229 47.87 58.09 -1.12
N ALA K 230 47.71 58.15 0.20
CA ALA K 230 48.58 58.96 1.04
C ALA K 230 50.03 58.47 0.99
N ALA K 231 50.20 57.16 0.91
CA ALA K 231 51.53 56.57 0.80
C ALA K 231 52.19 56.95 -0.52
N VAL K 232 51.38 57.01 -1.58
CA VAL K 232 51.86 57.42 -2.89
C VAL K 232 52.30 58.88 -2.87
N GLU K 233 51.49 59.71 -2.24
CA GLU K 233 51.79 61.13 -2.08
C GLU K 233 53.12 61.32 -1.34
N LEU K 234 53.31 60.54 -0.28
CA LEU K 234 54.53 60.59 0.50
C LEU K 234 55.74 60.16 -0.34
N ALA K 235 55.55 59.11 -1.13
CA ALA K 235 56.61 58.57 -1.97
C ALA K 235 57.04 59.58 -3.03
N GLN K 236 56.08 60.25 -3.63
CA GLN K 236 56.35 61.27 -4.64
C GLN K 236 57.17 62.42 -4.06
N LYS K 237 56.83 62.82 -2.84
CA LYS K 237 57.50 63.93 -2.16
C LYS K 237 58.93 63.57 -1.77
N LEU K 238 59.19 62.27 -1.59
CA LEU K 238 60.49 61.81 -1.13
C LEU K 238 61.29 61.14 -2.24
N ASN K 239 60.74 61.13 -3.44
CA ASN K 239 61.35 60.47 -4.60
C ASN K 239 61.69 59.01 -4.32
N LEU K 240 60.80 58.34 -3.60
CA LEU K 240 60.91 56.89 -3.40
C LEU K 240 60.15 56.18 -4.51
N GLU K 241 60.61 54.99 -4.86
CA GLU K 241 59.86 54.15 -5.79
C GLU K 241 58.61 53.66 -5.08
N TYR K 242 57.50 53.57 -5.80
CA TYR K 242 56.26 53.12 -5.18
C TYR K 242 55.41 52.28 -6.13
N LYS K 243 54.68 51.35 -5.55
CA LYS K 243 53.78 50.48 -6.30
C LYS K 243 52.61 50.06 -5.41
N ILE K 244 51.40 50.28 -5.89
CA ILE K 244 50.21 49.86 -5.16
C ILE K 244 49.55 48.68 -5.87
N LEU K 245 49.53 47.54 -5.20
CA LEU K 245 48.94 46.34 -5.77
C LEU K 245 47.44 46.30 -5.52
N GLY K 246 46.66 46.23 -6.60
CA GLY K 246 45.22 46.16 -6.51
C GLY K 246 44.75 44.71 -6.43
N VAL K 247 43.43 44.53 -6.31
CA VAL K 247 42.84 43.21 -6.13
C VAL K 247 43.20 42.23 -7.25
N LYS K 248 43.19 42.71 -8.48
CA LYS K 248 43.53 41.89 -9.64
C LYS K 248 44.93 41.28 -9.49
N GLU K 249 45.92 42.12 -9.26
CA GLU K 249 47.29 41.67 -9.06
C GLU K 249 47.42 40.76 -7.84
N LEU K 250 46.67 41.07 -6.80
CA LEU K 250 46.69 40.27 -5.57
C LEU K 250 46.07 38.90 -5.79
N GLU K 251 45.10 38.83 -6.69
CA GLU K 251 44.48 37.55 -7.04
C GLU K 251 45.47 36.68 -7.81
N GLU K 252 46.23 37.29 -8.71
CA GLU K 252 47.18 36.54 -9.52
C GLU K 252 48.37 36.10 -8.68
N LEU K 253 48.62 36.83 -7.60
CA LEU K 253 49.69 36.46 -6.66
C LEU K 253 49.19 35.47 -5.62
N LYS K 254 47.91 35.10 -5.73
CA LYS K 254 47.30 34.07 -4.91
C LYS K 254 47.35 34.36 -3.41
N MET K 255 47.36 35.64 -3.05
CA MET K 255 47.36 36.03 -1.65
C MET K 255 45.96 35.85 -1.06
N GLY K 256 45.64 34.62 -0.69
CA GLY K 256 44.30 34.24 -0.29
C GLY K 256 43.89 34.59 1.12
N ALA K 257 44.86 34.72 2.02
CA ALA K 257 44.56 35.11 3.39
C ALA K 257 44.25 36.60 3.47
N TYR K 258 45.10 37.40 2.82
CA TYR K 258 44.94 38.85 2.79
C TYR K 258 43.65 39.26 2.09
N LEU K 259 43.38 38.66 0.94
CA LEU K 259 42.18 38.96 0.18
C LEU K 259 40.91 38.56 0.94
N SER K 260 40.98 37.46 1.68
CA SER K 260 39.84 36.99 2.45
C SER K 260 39.41 38.00 3.50
N VAL K 261 40.38 38.60 4.16
CA VAL K 261 40.12 39.59 5.21
C VAL K 261 39.33 40.79 4.67
N GLY K 262 39.66 41.21 3.46
CA GLY K 262 39.03 42.37 2.86
C GLY K 262 37.73 42.09 2.11
N LYS K 263 37.32 40.82 2.08
CA LYS K 263 36.13 40.40 1.35
C LYS K 263 34.87 41.20 1.74
N GLY K 264 34.69 41.41 3.04
CA GLY K 264 33.48 42.03 3.53
C GLY K 264 33.44 43.55 3.51
N SER K 265 34.54 44.16 3.08
CA SER K 265 34.62 45.63 3.06
C SER K 265 34.13 46.23 1.75
N MET K 266 33.75 47.50 1.79
CA MET K 266 33.34 48.23 0.59
C MET K 266 34.56 48.82 -0.11
N TYR K 267 35.68 48.84 0.62
CA TYR K 267 36.93 49.37 0.07
C TYR K 267 37.80 48.23 -0.45
N PRO K 268 38.27 48.34 -1.70
CA PRO K 268 39.17 47.34 -2.29
C PRO K 268 40.48 47.22 -1.53
N ASN K 269 41.04 46.01 -1.48
CA ASN K 269 42.34 45.80 -0.87
C ASN K 269 43.43 46.55 -1.63
N LYS K 270 44.35 47.16 -0.89
CA LYS K 270 45.48 47.86 -1.48
C LYS K 270 46.77 47.45 -0.78
N PHE K 271 47.68 46.84 -1.54
CA PHE K 271 48.97 46.43 -1.00
C PHE K 271 50.01 47.50 -1.29
N ILE K 272 50.56 48.09 -0.23
CA ILE K 272 51.51 49.18 -0.35
C ILE K 272 52.95 48.68 -0.44
N HIS K 273 53.66 49.14 -1.47
CA HIS K 273 55.07 48.77 -1.66
C HIS K 273 55.90 50.00 -2.00
N LEU K 274 56.57 50.55 -0.99
CA LEU K 274 57.51 51.64 -1.19
C LEU K 274 58.94 51.11 -1.09
N THR K 275 59.84 51.66 -1.88
CA THR K 275 61.23 51.22 -1.84
C THR K 275 62.19 52.40 -1.76
N TYR K 276 63.17 52.29 -0.87
CA TYR K 276 64.29 53.21 -0.84
C TYR K 276 65.56 52.47 -1.22
N LYS K 277 66.32 53.03 -2.16
CA LYS K 277 67.62 52.46 -2.51
C LYS K 277 68.71 53.52 -2.43
N SER K 278 69.83 53.15 -1.82
CA SER K 278 70.97 54.06 -1.71
C SER K 278 71.63 54.26 -3.07
N LYS K 279 72.20 55.44 -3.27
CA LYS K 279 72.81 55.79 -4.55
C LYS K 279 74.01 54.92 -4.90
N GLY K 280 74.67 54.39 -3.87
CA GLY K 280 75.87 53.60 -4.09
C GLY K 280 75.69 52.11 -3.96
N ASP K 281 76.72 51.44 -3.43
CA ASP K 281 76.72 49.99 -3.28
C ASP K 281 75.68 49.55 -2.25
N VAL K 282 74.93 48.49 -2.56
CA VAL K 282 73.94 47.96 -1.63
C VAL K 282 74.50 46.78 -0.85
N LYS K 283 74.56 46.92 0.47
CA LYS K 283 75.20 45.93 1.32
C LYS K 283 74.20 45.22 2.25
N LYS K 284 73.06 45.84 2.46
CA LYS K 284 72.02 45.24 3.29
C LYS K 284 70.62 45.52 2.72
N LYS K 285 69.82 44.47 2.58
CA LYS K 285 68.45 44.60 2.12
C LYS K 285 67.48 44.31 3.26
N ILE K 286 66.50 45.18 3.44
CA ILE K 286 65.60 45.11 4.58
C ILE K 286 64.13 45.28 4.18
N ALA K 287 63.28 44.37 4.64
CA ALA K 287 61.85 44.49 4.45
C ALA K 287 61.15 44.87 5.76
N LEU K 288 60.46 46.01 5.74
CA LEU K 288 59.68 46.45 6.89
C LEU K 288 58.19 46.27 6.61
N VAL K 289 57.57 45.35 7.33
CA VAL K 289 56.16 45.04 7.09
C VAL K 289 55.28 45.61 8.20
N GLY K 290 54.20 46.29 7.81
CA GLY K 290 53.31 46.89 8.78
C GLY K 290 51.88 46.42 8.62
N LYS K 291 51.23 46.11 9.74
CA LYS K 291 49.83 45.71 9.72
C LYS K 291 48.94 46.91 9.44
N GLY K 292 48.18 46.83 8.35
CA GLY K 292 47.35 47.95 7.93
C GLY K 292 45.87 47.65 7.89
N ILE K 293 45.30 47.21 9.02
CA ILE K 293 43.86 47.07 9.13
C ILE K 293 43.27 48.42 9.52
N THR K 294 42.75 49.15 8.53
CA THR K 294 42.26 50.50 8.75
C THR K 294 41.10 50.55 9.73
N PHE K 295 40.37 49.44 9.84
CA PHE K 295 39.38 49.30 10.89
C PHE K 295 39.09 47.84 11.16
N ASP K 296 39.05 47.47 12.44
CA ASP K 296 38.80 46.10 12.83
C ASP K 296 37.55 45.99 13.68
N SER K 297 36.44 45.62 13.05
CA SER K 297 35.20 45.39 13.77
C SER K 297 35.23 44.03 14.43
N GLY K 298 36.15 43.19 13.97
CA GLY K 298 36.28 41.83 14.47
C GLY K 298 35.69 40.82 13.50
N GLY K 299 35.02 41.32 12.46
CA GLY K 299 34.36 40.45 11.51
C GLY K 299 33.15 39.80 12.16
N TYR K 300 32.84 38.58 11.76
CA TYR K 300 31.71 37.87 12.33
C TYR K 300 31.97 37.50 13.79
N ASN K 301 33.25 37.44 14.15
CA ASN K 301 33.63 37.44 15.56
C ASN K 301 33.64 38.87 16.09
N LEU K 302 32.49 39.52 15.97
CA LEU K 302 32.34 40.94 16.27
C LEU K 302 32.85 41.32 17.65
N LYS K 303 33.47 42.49 17.73
CA LYS K 303 33.94 43.01 19.01
C LYS K 303 32.76 43.53 19.83
N ALA K 304 32.03 42.60 20.42
CA ALA K 304 30.82 42.93 21.17
C ALA K 304 30.98 42.65 22.66
N ALA K 305 32.09 42.01 23.02
CA ALA K 305 32.39 41.72 24.42
C ALA K 305 32.69 43.01 25.17
N PRO K 306 32.31 43.07 26.45
CA PRO K 306 32.56 44.26 27.27
C PRO K 306 34.05 44.53 27.46
N GLY K 307 34.52 45.67 26.94
CA GLY K 307 35.91 46.05 27.09
C GLY K 307 36.76 45.71 25.88
N SER K 308 36.12 45.27 24.80
CA SER K 308 36.82 44.96 23.57
C SER K 308 37.15 46.23 22.79
N MET K 309 36.61 47.35 23.27
CA MET K 309 36.92 48.68 22.75
C MET K 309 36.83 48.81 21.23
N ILE K 310 35.64 48.58 20.70
CA ILE K 310 35.43 48.65 19.25
C ILE K 310 35.61 50.07 18.72
N ASP K 311 35.43 51.06 19.59
CA ASP K 311 35.50 52.46 19.17
C ASP K 311 36.93 52.95 18.99
N LEU K 312 37.90 52.08 19.28
CA LEU K 312 39.30 52.47 19.23
C LEU K 312 40.01 51.82 18.05
N MET K 313 39.31 50.92 17.36
CA MET K 313 39.95 50.05 16.38
C MET K 313 40.35 50.71 15.06
N LYS K 314 40.31 52.04 15.01
CA LYS K 314 40.89 52.77 13.90
C LYS K 314 42.41 52.69 14.00
N PHE K 315 42.89 52.30 15.17
CA PHE K 315 44.32 52.26 15.49
C PHE K 315 45.00 51.00 14.97
N ASP K 316 44.21 50.10 14.39
CA ASP K 316 44.72 48.79 13.99
C ASP K 316 45.58 48.85 12.71
N MET K 317 45.92 50.07 12.29
CA MET K 317 46.86 50.25 11.20
C MET K 317 48.10 51.00 11.67
N SER K 318 48.30 51.00 12.99
CA SER K 318 49.44 51.67 13.61
C SER K 318 50.78 51.17 13.08
N GLY K 319 50.88 49.85 12.90
CA GLY K 319 52.09 49.25 12.36
C GLY K 319 52.39 49.77 10.97
N CYS K 320 51.35 49.92 10.17
CA CYS K 320 51.48 50.47 8.83
C CYS K 320 51.95 51.92 8.88
N ALA K 321 51.36 52.69 9.78
CA ALA K 321 51.73 54.10 9.95
C ALA K 321 53.16 54.23 10.42
N ALA K 322 53.59 53.34 11.31
CA ALA K 322 54.96 53.34 11.81
C ALA K 322 55.95 53.06 10.68
N VAL K 323 55.57 52.16 9.78
CA VAL K 323 56.40 51.82 8.63
C VAL K 323 56.49 53.00 7.66
N LEU K 324 55.36 53.67 7.45
CA LEU K 324 55.32 54.84 6.59
C LEU K 324 56.03 56.02 7.22
N GLY K 325 55.95 56.12 8.55
CA GLY K 325 56.66 57.15 9.28
C GLY K 325 58.15 56.98 9.12
N CYS K 326 58.58 55.72 9.09
CA CYS K 326 59.98 55.39 8.86
C CYS K 326 60.40 55.79 7.45
N ALA K 327 59.51 55.55 6.49
CA ALA K 327 59.77 55.90 5.10
C ALA K 327 60.09 57.38 4.95
N TYR K 328 59.39 58.23 5.71
CA TYR K 328 59.66 59.65 5.70
C TYR K 328 61.07 59.94 6.20
N CYS K 329 61.44 59.31 7.31
CA CYS K 329 62.75 59.54 7.92
C CYS K 329 63.88 59.06 7.01
N VAL K 330 63.81 57.81 6.58
CA VAL K 330 64.81 57.23 5.70
C VAL K 330 64.91 58.02 4.40
N GLY K 331 63.77 58.41 3.86
CA GLY K 331 63.73 59.20 2.65
C GLY K 331 64.35 60.57 2.85
N THR K 332 64.27 61.09 4.06
CA THR K 332 64.80 62.42 4.37
C THR K 332 66.27 62.36 4.79
N LEU K 333 66.64 61.35 5.57
CA LEU K 333 68.00 61.26 6.09
C LEU K 333 68.93 60.48 5.17
N LYS K 334 68.33 59.77 4.21
CA LYS K 334 69.07 59.09 3.14
C LYS K 334 70.31 58.31 3.57
N PRO K 335 70.11 57.19 4.28
CA PRO K 335 71.24 56.35 4.64
C PRO K 335 71.86 55.68 3.41
N GLU K 336 73.11 55.26 3.51
CA GLU K 336 73.79 54.63 2.38
C GLU K 336 73.91 53.12 2.59
N ASN K 337 74.29 52.43 1.52
CA ASN K 337 74.52 50.98 1.54
C ASN K 337 73.31 50.13 1.89
N VAL K 338 72.12 50.73 1.87
CA VAL K 338 70.90 49.98 2.17
C VAL K 338 69.85 50.08 1.08
N GLU K 339 69.07 49.02 0.94
CA GLU K 339 67.86 49.06 0.15
C GLU K 339 66.71 48.63 1.05
N ILE K 340 65.78 49.56 1.30
CA ILE K 340 64.69 49.29 2.22
C ILE K 340 63.35 49.20 1.49
N HIS K 341 62.63 48.11 1.71
CA HIS K 341 61.28 47.96 1.19
C HIS K 341 60.27 48.22 2.28
N PHE K 342 59.34 49.13 2.02
CA PHE K 342 58.29 49.46 2.97
C PHE K 342 56.97 48.84 2.51
N LEU K 343 56.51 47.82 3.24
CA LEU K 343 55.37 47.03 2.82
C LEU K 343 54.20 47.11 3.79
N SER K 344 52.98 47.10 3.26
CA SER K 344 51.79 47.06 4.08
C SER K 344 50.58 46.51 3.32
N ALA K 345 50.07 45.38 3.77
CA ALA K 345 48.87 44.79 3.20
C ALA K 345 47.64 45.43 3.84
N VAL K 346 47.16 46.51 3.24
CA VAL K 346 46.09 47.31 3.85
C VAL K 346 44.71 46.81 3.47
N CYS K 347 43.83 46.69 4.46
CA CYS K 347 42.43 46.37 4.22
C CYS K 347 41.56 46.73 5.42
N GLU K 348 40.34 46.19 5.44
CA GLU K 348 39.36 46.52 6.47
C GLU K 348 38.63 45.24 6.89
N ASN K 349 38.34 45.11 8.17
CA ASN K 349 37.66 43.92 8.69
C ASN K 349 36.20 44.21 9.03
N MET K 350 35.31 43.91 8.10
CA MET K 350 33.92 44.33 8.22
C MET K 350 32.93 43.16 8.21
N VAL K 351 31.71 43.43 8.67
CA VAL K 351 30.64 42.44 8.66
C VAL K 351 29.72 42.69 7.47
N SER K 352 29.50 41.65 6.67
CA SER K 352 28.77 41.79 5.42
C SER K 352 28.22 40.45 4.97
N LYS K 353 27.48 40.46 3.85
CA LYS K 353 27.07 39.22 3.22
C LYS K 353 28.27 38.59 2.56
N ASN K 354 29.31 39.40 2.34
CA ASN K 354 30.50 38.97 1.61
C ASN K 354 31.70 38.67 2.49
N SER K 355 31.55 38.84 3.80
CA SER K 355 32.66 38.63 4.73
C SER K 355 33.11 37.17 4.75
N TYR K 356 34.32 36.96 5.24
CA TYR K 356 34.87 35.64 5.49
C TYR K 356 34.25 35.11 6.78
N ARG K 357 33.96 33.83 6.87
CA ARG K 357 33.31 33.29 8.06
C ARG K 357 34.30 32.55 8.95
N PRO K 358 33.96 32.41 10.25
CA PRO K 358 34.73 31.51 11.10
C PRO K 358 34.54 30.07 10.62
N GLY K 359 35.63 29.32 10.52
CA GLY K 359 35.57 27.97 10.02
C GLY K 359 36.04 27.85 8.59
N ASP K 360 36.09 29.00 7.90
CA ASP K 360 36.60 29.06 6.53
C ASP K 360 38.01 28.50 6.43
N ILE K 361 38.27 27.78 5.34
CA ILE K 361 39.64 27.33 5.05
C ILE K 361 40.15 28.07 3.82
N ILE K 362 41.21 28.86 4.03
CA ILE K 362 41.74 29.69 2.97
C ILE K 362 43.18 29.29 2.64
N THR K 363 43.65 29.69 1.46
CA THR K 363 44.97 29.29 0.98
C THR K 363 45.90 30.48 0.82
N ALA K 364 46.99 30.49 1.58
CA ALA K 364 47.97 31.56 1.49
C ALA K 364 48.75 31.47 0.18
N SER K 365 49.54 32.50 -0.11
CA SER K 365 50.26 32.59 -1.37
C SER K 365 51.40 31.58 -1.49
N ASN K 366 51.81 31.00 -0.37
CA ASN K 366 52.85 29.97 -0.39
C ASN K 366 52.27 28.57 -0.48
N GLY K 367 50.96 28.48 -0.61
CA GLY K 367 50.29 27.20 -0.79
C GLY K 367 49.68 26.59 0.46
N LYS K 368 50.00 27.16 1.61
CA LYS K 368 49.49 26.62 2.88
C LYS K 368 48.02 26.93 3.09
N THR K 369 47.24 25.90 3.40
CA THR K 369 45.83 26.08 3.71
C THR K 369 45.64 26.40 5.19
N ILE K 370 44.81 27.39 5.47
CA ILE K 370 44.61 27.85 6.84
C ILE K 370 43.15 27.76 7.26
N GLU K 371 42.90 27.17 8.43
CA GLU K 371 41.55 27.13 8.98
C GLU K 371 41.31 28.31 9.91
N VAL K 372 40.42 29.20 9.51
CA VAL K 372 40.05 30.36 10.34
C VAL K 372 39.20 29.92 11.52
N GLY K 373 39.67 30.21 12.74
CA GLY K 373 38.92 29.89 13.94
C GLY K 373 38.32 31.13 14.56
N ASN K 374 38.78 32.29 14.10
CA ASN K 374 38.35 33.57 14.64
C ASN K 374 38.68 34.69 13.65
N THR K 375 37.65 35.34 13.12
CA THR K 375 37.85 36.38 12.12
C THR K 375 38.45 37.64 12.73
N ASP K 376 38.44 37.72 14.06
CA ASP K 376 39.01 38.87 14.76
C ASP K 376 40.51 38.66 14.98
N ALA K 377 41.07 37.63 14.34
CA ALA K 377 42.51 37.45 14.30
C ALA K 377 42.99 37.64 12.87
N GLU K 378 42.56 38.74 12.27
CA GLU K 378 42.77 39.00 10.86
C GLU K 378 44.20 39.47 10.54
N GLY K 379 44.85 40.06 11.53
CA GLY K 379 46.17 40.63 11.34
C GLY K 379 47.23 39.63 10.90
N ARG K 380 47.21 38.45 11.51
CA ARG K 380 48.20 37.42 11.19
C ARG K 380 47.98 36.86 9.79
N LEU K 381 46.74 36.95 9.30
CA LEU K 381 46.41 36.47 7.97
C LEU K 381 46.95 37.40 6.90
N THR K 382 46.77 38.70 7.12
CA THR K 382 47.30 39.71 6.21
C THR K 382 48.82 39.71 6.26
N LEU K 383 49.37 39.57 7.47
CA LEU K 383 50.82 39.54 7.65
C LEU K 383 51.44 38.31 7.00
N ALA K 384 50.69 37.20 7.00
CA ALA K 384 51.18 35.95 6.42
C ALA K 384 51.51 36.12 4.94
N ASP K 385 50.57 36.69 4.19
CA ASP K 385 50.77 36.93 2.76
C ASP K 385 51.81 38.03 2.53
N ALA K 386 51.84 39.01 3.43
CA ALA K 386 52.81 40.09 3.34
C ALA K 386 54.23 39.56 3.58
N LEU K 387 54.35 38.60 4.49
CA LEU K 387 55.65 38.00 4.80
C LEU K 387 56.17 37.15 3.65
N VAL K 388 55.26 36.45 2.97
CA VAL K 388 55.61 35.65 1.81
C VAL K 388 56.09 36.55 0.67
N TYR K 389 55.38 37.65 0.48
CA TYR K 389 55.73 38.66 -0.52
C TYR K 389 57.11 39.24 -0.25
N ALA K 390 57.38 39.51 1.02
CA ALA K 390 58.62 40.16 1.43
C ALA K 390 59.84 39.27 1.23
N GLU K 391 59.68 37.96 1.45
CA GLU K 391 60.79 37.03 1.34
C GLU K 391 61.19 36.82 -0.11
N LYS K 392 60.21 36.87 -1.01
CA LYS K 392 60.48 36.73 -2.44
C LYS K 392 61.32 37.89 -2.98
N LEU K 393 61.39 38.98 -2.21
CA LEU K 393 62.16 40.15 -2.60
C LEU K 393 63.67 39.91 -2.47
N GLY K 394 64.04 38.96 -1.62
CA GLY K 394 65.44 38.60 -1.44
C GLY K 394 66.18 39.53 -0.50
N VAL K 395 65.59 39.76 0.67
CA VAL K 395 66.18 40.66 1.65
C VAL K 395 67.00 39.90 2.70
N ASP K 396 67.76 40.64 3.49
CA ASP K 396 68.56 40.06 4.57
C ASP K 396 67.74 39.99 5.85
N TYR K 397 66.92 41.01 6.06
CA TYR K 397 66.12 41.10 7.28
C TYR K 397 64.65 41.39 6.97
N ILE K 398 63.76 40.70 7.67
CA ILE K 398 62.34 41.02 7.63
C ILE K 398 61.84 41.35 9.03
N VAL K 399 61.49 42.62 9.25
CA VAL K 399 60.92 43.03 10.52
C VAL K 399 59.48 43.50 10.30
N ASP K 400 58.54 42.85 10.97
CA ASP K 400 57.15 43.30 10.90
C ASP K 400 56.75 43.96 12.21
N ILE K 401 55.86 44.93 12.12
CA ILE K 401 55.35 45.62 13.29
C ILE K 401 53.82 45.69 13.20
N ALA K 402 53.15 45.29 14.28
CA ALA K 402 51.71 45.09 14.21
C ALA K 402 51.00 45.22 15.56
N THR K 403 49.77 45.73 15.52
CA THR K 403 48.88 45.69 16.68
C THR K 403 48.11 44.37 16.64
N LEU K 404 48.76 43.31 17.11
CA LEU K 404 48.30 41.96 16.83
C LEU K 404 47.43 41.33 17.93
N THR K 405 47.97 41.23 19.14
CA THR K 405 47.28 40.52 20.21
C THR K 405 47.05 41.37 21.46
N GLY K 406 45.82 41.34 21.96
CA GLY K 406 45.47 42.07 23.17
C GLY K 406 46.15 41.51 24.40
N ALA K 407 46.74 40.32 24.27
CA ALA K 407 47.45 39.68 25.37
C ALA K 407 48.66 40.49 25.80
N MET K 408 49.12 41.39 24.94
CA MET K 408 50.26 42.25 25.26
C MET K 408 49.96 43.18 26.43
N LEU K 409 48.67 43.52 26.60
CA LEU K 409 48.26 44.37 27.71
C LEU K 409 48.44 43.65 29.05
N TYR K 410 48.39 42.33 29.02
CA TYR K 410 48.51 41.53 30.24
C TYR K 410 49.95 41.06 30.48
N SER K 411 50.79 41.12 29.45
CA SER K 411 52.17 40.69 29.58
C SER K 411 53.10 41.87 29.87
N LEU K 412 53.29 42.74 28.89
CA LEU K 412 54.21 43.86 29.03
C LEU K 412 53.48 45.16 29.34
N GLY K 413 52.19 45.19 29.05
CA GLY K 413 51.38 46.36 29.36
C GLY K 413 51.40 47.43 28.27
N THR K 414 51.40 48.69 28.70
CA THR K 414 51.21 49.80 27.77
C THR K 414 52.46 50.61 27.48
N SER K 415 53.62 50.14 27.93
CA SER K 415 54.86 50.90 27.74
C SER K 415 55.89 50.13 26.90
N TYR K 416 56.08 48.85 27.21
CA TYR K 416 57.03 48.04 26.48
C TYR K 416 56.35 47.21 25.40
N ALA K 417 56.93 47.21 24.21
CA ALA K 417 56.47 46.34 23.13
C ALA K 417 57.21 45.01 23.22
N GLY K 418 56.65 43.98 22.58
CA GLY K 418 57.28 42.68 22.57
C GLY K 418 57.88 42.38 21.21
N VAL K 419 59.09 41.82 21.20
CA VAL K 419 59.70 41.41 19.94
C VAL K 419 59.91 39.89 19.90
N PHE K 420 59.57 39.30 18.77
CA PHE K 420 59.72 37.87 18.56
C PHE K 420 60.56 37.64 17.30
N GLY K 421 61.20 36.49 17.19
CA GLY K 421 62.02 36.22 16.03
C GLY K 421 62.61 34.83 15.92
N ASN K 422 63.11 34.51 14.73
CA ASN K 422 63.76 33.22 14.48
C ASN K 422 65.27 33.37 14.43
N ASN K 423 65.74 34.58 14.69
CA ASN K 423 67.17 34.90 14.58
C ASN K 423 67.60 35.85 15.69
N GLU K 424 68.56 35.42 16.49
CA GLU K 424 68.95 36.17 17.69
C GLU K 424 69.85 37.36 17.39
N GLU K 425 70.56 37.31 16.25
CA GLU K 425 71.34 38.46 15.82
C GLU K 425 70.41 39.62 15.48
N LEU K 426 69.35 39.30 14.75
CA LEU K 426 68.36 40.30 14.36
C LEU K 426 67.63 40.88 15.57
N ILE K 427 67.26 39.99 16.50
CA ILE K 427 66.55 40.41 17.71
C ILE K 427 67.40 41.36 18.55
N ASN K 428 68.70 41.09 18.63
CA ASN K 428 69.61 41.96 19.37
C ASN K 428 69.75 43.33 18.73
N LYS K 429 69.66 43.40 17.40
CA LYS K 429 69.77 44.67 16.70
C LYS K 429 68.56 45.57 16.99
N ILE K 430 67.38 44.96 17.07
CA ILE K 430 66.17 45.69 17.42
C ILE K 430 66.23 46.14 18.88
N LEU K 431 66.75 45.27 19.74
CA LEU K 431 66.91 45.60 21.16
C LEU K 431 67.88 46.76 21.33
N GLN K 432 68.90 46.81 20.48
CA GLN K 432 69.86 47.91 20.51
C GLN K 432 69.19 49.20 20.03
N SER K 433 68.38 49.08 18.98
CA SER K 433 67.66 50.23 18.43
C SER K 433 66.63 50.74 19.43
N SER K 434 66.14 49.85 20.28
CA SER K 434 65.20 50.22 21.34
C SER K 434 65.88 51.13 22.35
N LYS K 435 67.18 50.91 22.57
CA LYS K 435 67.92 51.69 23.55
C LYS K 435 68.31 53.07 23.03
N THR K 436 68.63 53.16 21.74
CA THR K 436 69.07 54.42 21.16
C THR K 436 67.90 55.31 20.74
N SER K 437 66.77 54.69 20.41
CA SER K 437 65.58 55.45 20.05
C SER K 437 64.72 55.71 21.28
N ASN K 438 65.06 55.02 22.36
CA ASN K 438 64.33 55.10 23.63
C ASN K 438 62.85 54.67 23.50
N GLU K 439 62.55 53.89 22.47
CA GLU K 439 61.24 53.24 22.36
C GLU K 439 61.37 51.82 22.88
N PRO K 440 60.92 51.61 24.13
CA PRO K 440 61.20 50.39 24.90
C PRO K 440 60.58 49.12 24.31
N VAL K 441 61.43 48.15 23.99
CA VAL K 441 61.02 46.84 23.51
C VAL K 441 61.58 45.78 24.43
N TRP K 442 60.86 44.68 24.62
CA TRP K 442 61.36 43.57 25.43
C TRP K 442 61.24 42.24 24.68
N TRP K 443 62.32 41.47 24.71
CA TRP K 443 62.39 40.20 23.99
C TRP K 443 61.50 39.14 24.64
N LEU K 444 60.68 38.50 23.82
CA LEU K 444 59.78 37.45 24.29
C LEU K 444 60.00 36.16 23.49
N PRO K 445 59.83 35.01 24.14
CA PRO K 445 60.20 33.73 23.53
C PRO K 445 59.15 33.17 22.57
N ILE K 446 59.62 32.57 21.48
CA ILE K 446 58.77 31.71 20.65
C ILE K 446 58.93 30.30 21.16
N ILE K 447 57.91 29.80 21.85
CA ILE K 447 57.99 28.49 22.49
C ILE K 447 57.46 27.41 21.56
N ASN K 448 58.38 26.62 21.00
CA ASN K 448 58.06 25.61 20.00
C ASN K 448 57.11 24.53 20.49
N GLU K 449 56.99 24.40 21.81
CA GLU K 449 56.12 23.36 22.38
C GLU K 449 54.65 23.66 22.11
N TYR K 450 54.32 24.93 21.93
CA TYR K 450 52.94 25.34 21.69
C TYR K 450 52.54 25.16 20.24
N ARG K 451 53.52 24.85 19.39
CA ARG K 451 53.30 24.74 17.94
C ARG K 451 52.22 23.70 17.59
N ALA K 452 52.21 22.59 18.31
CA ALA K 452 51.29 21.49 18.01
C ALA K 452 49.82 21.89 18.13
N THR K 453 49.55 22.99 18.84
CA THR K 453 48.18 23.45 19.03
C THR K 453 47.64 24.15 17.78
N LEU K 454 48.49 24.28 16.76
CA LEU K 454 48.09 24.84 15.49
C LEU K 454 47.91 23.76 14.44
N ASN K 455 47.95 22.50 14.88
CA ASN K 455 47.72 21.37 13.98
C ASN K 455 46.24 21.18 13.67
N SER K 456 45.83 21.67 12.50
CA SER K 456 44.44 21.57 12.09
C SER K 456 44.09 20.14 11.68
N LYS K 457 42.83 19.77 11.86
CA LYS K 457 42.35 18.46 11.49
C LYS K 457 42.21 18.35 9.97
N TYR K 458 41.92 19.47 9.33
CA TYR K 458 41.61 19.48 7.89
C TYR K 458 42.58 20.31 7.05
N ALA K 459 42.91 21.50 7.53
CA ALA K 459 43.84 22.36 6.79
C ALA K 459 45.28 22.05 7.21
N ASP K 460 46.24 22.72 6.58
CA ASP K 460 47.63 22.55 6.93
C ASP K 460 47.90 23.06 8.34
N ILE K 461 47.27 24.18 8.68
CA ILE K 461 47.55 24.85 9.95
C ILE K 461 46.33 25.60 10.48
N ASN K 462 46.18 25.61 11.81
CA ASN K 462 45.16 26.41 12.46
C ASN K 462 45.59 27.87 12.53
N GLN K 463 44.63 28.77 12.29
CA GLN K 463 44.89 30.19 12.43
C GLN K 463 45.18 30.55 13.88
N ILE K 464 44.31 30.08 14.77
CA ILE K 464 44.44 30.37 16.19
C ILE K 464 44.42 29.09 17.03
N SER K 465 44.81 29.22 18.29
CA SER K 465 44.76 28.10 19.22
C SER K 465 43.41 28.09 19.93
N SER K 466 42.82 26.91 20.04
CA SER K 466 41.51 26.77 20.67
C SER K 466 41.60 26.83 22.19
N SER K 467 42.79 26.55 22.72
CA SER K 467 42.97 26.40 24.15
C SER K 467 44.02 27.36 24.74
N VAL K 468 45.21 27.35 24.16
CA VAL K 468 46.34 28.12 24.68
C VAL K 468 46.03 29.61 24.77
N LYS K 469 46.18 30.18 25.96
CA LYS K 469 45.85 31.58 26.20
C LYS K 469 47.02 32.52 25.92
N ALA K 470 48.20 31.95 25.69
CA ALA K 470 49.38 32.75 25.35
C ALA K 470 49.35 33.14 23.88
N SER K 471 48.43 34.04 23.55
CA SER K 471 48.11 34.39 22.16
C SER K 471 49.29 34.98 21.38
N SER K 472 50.06 35.83 22.03
CA SER K 472 51.17 36.53 21.36
C SER K 472 52.22 35.54 20.87
N ILE K 473 52.50 34.52 21.68
CA ILE K 473 53.47 33.50 21.30
C ILE K 473 52.89 32.58 20.23
N VAL K 474 51.62 32.23 20.37
CA VAL K 474 50.93 31.41 19.37
C VAL K 474 50.89 32.13 18.02
N ALA K 475 50.62 33.42 18.05
CA ALA K 475 50.56 34.22 16.82
C ALA K 475 51.93 34.32 16.15
N SER K 476 52.99 34.35 16.96
CA SER K 476 54.35 34.36 16.42
C SER K 476 54.68 33.03 15.78
N LEU K 477 54.19 31.94 16.39
CA LEU K 477 54.36 30.60 15.86
C LEU K 477 53.70 30.47 14.49
N PHE K 478 52.55 31.13 14.33
CA PHE K 478 51.83 31.13 13.08
C PHE K 478 52.64 31.84 12.00
N LEU K 479 53.01 33.09 12.26
CA LEU K 479 53.75 33.91 11.31
C LEU K 479 55.08 33.28 10.90
N LYS K 480 55.68 32.53 11.82
CA LYS K 480 56.98 31.91 11.58
C LYS K 480 56.89 30.88 10.44
N GLU K 481 55.69 30.34 10.23
CA GLU K 481 55.46 29.35 9.19
C GLU K 481 55.45 29.98 7.79
N PHE K 482 55.59 31.30 7.71
CA PHE K 482 55.52 31.99 6.43
C PHE K 482 56.83 32.69 6.10
N VAL K 483 57.87 32.34 6.85
CA VAL K 483 59.24 32.74 6.52
C VAL K 483 60.12 31.51 6.62
N GLN K 484 60.73 31.10 5.51
CA GLN K 484 61.41 29.81 5.46
C GLN K 484 62.90 29.90 5.74
N ASN K 485 63.59 30.86 5.13
CA ASN K 485 65.03 30.96 5.30
C ASN K 485 65.54 32.40 5.33
N THR K 486 64.84 33.25 6.08
CA THR K 486 65.23 34.64 6.23
C THR K 486 65.20 35.04 7.70
N ALA K 487 66.16 35.86 8.12
CA ALA K 487 66.14 36.42 9.46
C ALA K 487 64.89 37.28 9.61
N TRP K 488 64.02 36.90 10.55
CA TRP K 488 62.73 37.57 10.70
C TRP K 488 62.45 37.97 12.13
N ALA K 489 61.93 39.18 12.31
CA ALA K 489 61.53 39.66 13.62
C ALA K 489 60.11 40.21 13.59
N HIS K 490 59.43 40.16 14.74
CA HIS K 490 58.04 40.56 14.84
C HIS K 490 57.81 41.38 16.10
N ILE K 491 57.31 42.60 15.94
CA ILE K 491 57.09 43.48 17.08
C ILE K 491 55.61 43.71 17.33
N ASP K 492 55.12 43.22 18.45
CA ASP K 492 53.70 43.34 18.80
C ASP K 492 53.46 44.64 19.58
N ILE K 493 52.86 45.62 18.91
CA ILE K 493 52.65 46.93 19.51
C ILE K 493 51.18 47.20 19.84
N ALA K 494 50.43 46.12 20.07
CA ALA K 494 49.01 46.24 20.40
C ALA K 494 48.83 47.03 21.69
N GLY K 495 49.71 46.81 22.65
CA GLY K 495 49.58 47.43 23.96
C GLY K 495 50.14 48.83 24.07
N VAL K 496 51.07 49.18 23.19
CA VAL K 496 51.81 50.43 23.34
C VAL K 496 51.46 51.51 22.31
N SER K 497 50.56 51.21 21.38
CA SER K 497 50.26 52.15 20.31
C SER K 497 49.44 53.35 20.77
N TRP K 498 48.48 53.12 21.67
CA TRP K 498 47.55 54.18 22.04
C TRP K 498 47.84 54.75 23.43
N ASN K 499 47.94 56.07 23.49
CA ASN K 499 48.07 56.78 24.76
C ASN K 499 46.69 57.06 25.34
N PHE K 500 46.24 56.17 26.22
CA PHE K 500 44.88 56.24 26.75
C PHE K 500 44.66 57.44 27.66
N LYS K 501 45.71 57.86 28.37
CA LYS K 501 45.61 59.00 29.24
C LYS K 501 45.45 60.29 28.43
N ALA K 502 46.16 60.38 27.31
CA ALA K 502 46.15 61.57 26.48
C ALA K 502 45.15 61.47 25.34
N ARG K 503 44.54 60.30 25.17
CA ARG K 503 43.53 60.05 24.14
C ARG K 503 44.05 60.36 22.74
N LYS K 504 45.22 59.83 22.42
CA LYS K 504 45.85 60.07 21.12
C LYS K 504 46.89 59.00 20.84
N PRO K 505 47.29 58.85 19.57
CA PRO K 505 48.33 57.85 19.25
C PRO K 505 49.69 58.23 19.81
N LYS K 506 50.63 57.28 19.81
CA LYS K 506 52.00 57.55 20.18
C LYS K 506 52.90 57.66 18.95
N GLY K 507 52.45 57.04 17.86
CA GLY K 507 53.28 56.92 16.67
C GLY K 507 54.42 55.98 16.94
N PHE K 508 54.19 55.05 17.86
CA PHE K 508 55.21 54.09 18.29
C PHE K 508 55.78 53.30 17.11
N GLY K 509 57.11 53.22 17.05
CA GLY K 509 57.76 52.39 16.05
C GLY K 509 58.57 53.15 15.02
N VAL K 510 58.21 54.40 14.76
CA VAL K 510 58.90 55.20 13.75
C VAL K 510 60.39 55.34 14.06
N ARG K 511 60.69 55.78 15.28
CA ARG K 511 62.08 56.00 15.68
C ARG K 511 62.83 54.70 15.89
N LEU K 512 62.14 53.69 16.42
CA LEU K 512 62.71 52.36 16.60
C LEU K 512 63.19 51.78 15.27
N LEU K 513 62.32 51.83 14.27
CA LEU K 513 62.63 51.28 12.95
C LEU K 513 63.69 52.09 12.22
N THR K 514 63.67 53.41 12.40
CA THR K 514 64.62 54.28 11.72
C THR K 514 66.02 54.08 12.26
N GLU K 515 66.14 53.96 13.58
CA GLU K 515 67.42 53.69 14.21
C GLU K 515 67.96 52.33 13.79
N PHE K 516 67.05 51.39 13.52
CA PHE K 516 67.44 50.08 13.04
C PHE K 516 68.03 50.15 11.64
N VAL K 517 67.40 50.94 10.78
CA VAL K 517 67.87 51.14 9.42
C VAL K 517 69.19 51.91 9.41
N LEU K 518 69.20 53.04 10.12
CA LEU K 518 70.36 53.92 10.16
C LEU K 518 71.58 53.25 10.79
N ASN K 519 71.40 52.73 11.99
CA ASN K 519 72.50 52.11 12.73
C ASN K 519 72.49 50.59 12.60
N SER L 3 22.96 27.42 -10.06
CA SER L 3 23.98 26.45 -10.46
C SER L 3 25.37 27.05 -10.37
N GLU L 4 25.52 28.29 -10.83
CA GLU L 4 26.80 28.99 -10.75
C GLU L 4 27.02 29.58 -9.37
N VAL L 5 28.17 29.28 -8.78
CA VAL L 5 28.49 29.75 -7.44
C VAL L 5 29.08 31.16 -7.47
N PRO L 6 28.45 32.10 -6.75
CA PRO L 6 28.94 33.49 -6.68
C PRO L 6 30.26 33.60 -5.92
N GLN L 7 31.16 34.43 -6.42
CA GLN L 7 32.44 34.68 -5.77
C GLN L 7 32.60 36.15 -5.43
N VAL L 8 33.27 36.43 -4.32
CA VAL L 8 33.65 37.80 -4.00
C VAL L 8 34.97 38.09 -4.71
N VAL L 9 35.93 37.18 -4.53
CA VAL L 9 37.21 37.27 -5.22
C VAL L 9 37.42 36.02 -6.07
N SER L 10 38.42 36.06 -6.96
CA SER L 10 38.66 34.96 -7.88
C SER L 10 39.18 33.72 -7.15
N LEU L 11 39.65 33.90 -5.93
CA LEU L 11 40.19 32.80 -5.14
C LEU L 11 39.11 32.07 -4.36
N ASP L 12 37.90 32.62 -4.37
CA ASP L 12 36.75 31.96 -3.75
C ASP L 12 36.46 30.66 -4.49
N PRO L 13 36.45 29.54 -3.75
CA PRO L 13 36.16 28.23 -4.34
C PRO L 13 34.73 28.14 -4.85
N THR L 14 34.50 27.30 -5.86
CA THR L 14 33.20 27.25 -6.51
C THR L 14 32.55 25.87 -6.43
N SER L 15 33.15 24.96 -5.67
CA SER L 15 32.57 23.63 -5.50
C SER L 15 33.13 22.94 -4.26
N ILE L 16 32.41 21.93 -3.78
CA ILE L 16 32.88 21.13 -2.67
C ILE L 16 33.69 19.96 -3.20
N PRO L 17 34.96 19.87 -2.77
CA PRO L 17 35.76 18.69 -3.12
C PRO L 17 35.14 17.44 -2.52
N ILE L 18 34.79 16.46 -3.35
CA ILE L 18 34.17 15.25 -2.86
C ILE L 18 34.96 14.02 -3.29
N GLU L 19 35.52 13.32 -2.31
CA GLU L 19 36.21 12.07 -2.57
C GLU L 19 35.20 10.92 -2.61
N TYR L 20 35.00 10.36 -3.80
CA TYR L 20 34.07 9.25 -3.97
C TYR L 20 34.77 7.92 -3.79
N ASN L 21 35.87 7.73 -4.52
CA ASN L 21 36.66 6.50 -4.41
C ASN L 21 37.65 6.57 -3.26
N THR L 22 37.30 5.93 -2.15
CA THR L 22 38.13 5.93 -0.96
C THR L 22 38.95 4.64 -0.88
N PRO L 23 40.12 4.70 -0.23
CA PRO L 23 40.96 3.52 0.01
C PRO L 23 40.19 2.35 0.65
N ILE L 24 39.16 2.68 1.42
CA ILE L 24 38.33 1.67 2.07
C ILE L 24 37.61 0.80 1.05
N HIS L 25 37.35 1.35 -0.13
CA HIS L 25 36.66 0.61 -1.19
C HIS L 25 37.60 -0.34 -1.93
N ASP L 26 38.88 -0.33 -1.55
CA ASP L 26 39.86 -1.23 -2.14
C ASP L 26 40.14 -2.43 -1.23
N ILE L 27 39.60 -2.38 -0.02
CA ILE L 27 39.89 -3.41 0.98
C ILE L 27 39.06 -4.67 0.77
N LYS L 28 39.74 -5.75 0.37
CA LYS L 28 39.09 -7.06 0.24
C LYS L 28 38.83 -7.66 1.61
N VAL L 29 37.58 -8.02 1.87
CA VAL L 29 37.20 -8.53 3.19
C VAL L 29 36.77 -9.99 3.14
N GLN L 30 37.38 -10.81 3.98
CA GLN L 30 37.04 -12.24 4.06
C GLN L 30 36.63 -12.61 5.48
N VAL L 31 35.57 -13.40 5.58
CA VAL L 31 35.08 -13.86 6.89
C VAL L 31 35.20 -15.36 7.03
N TYR L 32 36.00 -15.81 7.99
CA TYR L 32 36.19 -17.23 8.23
C TYR L 32 35.60 -17.64 9.57
N ASP L 33 35.28 -18.93 9.72
CA ASP L 33 34.78 -19.45 10.98
C ASP L 33 35.97 -19.75 11.89
N ILE L 34 35.82 -19.45 13.18
CA ILE L 34 36.91 -19.59 14.14
C ILE L 34 37.16 -21.05 14.49
N LYS L 35 36.24 -21.93 14.12
CA LYS L 35 36.29 -23.34 14.49
C LYS L 35 37.55 -24.05 14.01
N GLY L 36 38.01 -23.69 12.81
CA GLY L 36 39.16 -24.35 12.21
C GLY L 36 40.51 -23.78 12.58
N GLY L 37 40.50 -22.77 13.45
CA GLY L 37 41.73 -22.12 13.86
C GLY L 37 42.08 -20.96 12.94
N CYS L 38 43.02 -20.13 13.38
CA CYS L 38 43.39 -18.95 12.61
C CYS L 38 44.77 -19.08 11.99
N ASN L 39 44.91 -18.61 10.75
CA ASN L 39 46.21 -18.58 10.09
C ASN L 39 46.88 -17.23 10.29
N VAL L 40 48.13 -17.25 10.73
CA VAL L 40 48.90 -16.03 10.89
C VAL L 40 50.06 -16.01 9.90
N GLU L 41 49.76 -15.67 8.66
CA GLU L 41 50.75 -15.72 7.59
C GLU L 41 51.33 -14.34 7.28
N GLU L 42 50.59 -13.29 7.61
CA GLU L 42 51.02 -11.94 7.27
C GLU L 42 50.32 -10.85 8.08
N GLY L 43 50.73 -9.61 7.85
CA GLY L 43 50.08 -8.44 8.40
C GLY L 43 49.98 -8.37 9.91
N LEU L 44 48.91 -7.74 10.39
CA LEU L 44 48.64 -7.62 11.81
C LEU L 44 47.41 -8.45 12.19
N THR L 45 47.55 -9.26 13.23
CA THR L 45 46.44 -10.05 13.74
C THR L 45 46.04 -9.56 15.13
N ILE L 46 44.76 -9.29 15.32
CA ILE L 46 44.28 -8.73 16.57
C ILE L 46 43.12 -9.54 17.16
N PHE L 47 43.27 -9.91 18.43
CA PHE L 47 42.26 -10.68 19.14
C PHE L 47 41.37 -9.79 20.01
N LEU L 48 40.09 -9.76 19.71
CA LEU L 48 39.13 -9.07 20.56
C LEU L 48 38.76 -9.97 21.73
N VAL L 49 39.21 -9.62 22.93
CA VAL L 49 39.05 -10.48 24.09
C VAL L 49 38.49 -9.76 25.31
N ASN L 50 37.76 -10.49 26.14
CA ASN L 50 37.25 -9.94 27.40
C ASN L 50 37.54 -10.87 28.58
N ASN L 51 36.95 -10.57 29.72
CA ASN L 51 37.11 -11.43 30.93
C ASN L 51 35.86 -11.28 31.80
N PRO L 52 34.83 -12.13 31.62
CA PRO L 52 33.69 -12.09 32.52
C PRO L 52 34.25 -12.36 33.92
N GLY L 53 34.13 -11.39 34.82
CA GLY L 53 34.76 -11.57 36.15
C GLY L 53 36.13 -10.93 36.22
N LYS L 54 36.19 -9.60 36.11
CA LYS L 54 37.49 -8.89 36.06
C LYS L 54 37.29 -7.40 36.33
N ASN L 56 40.31 -4.63 35.28
CA ASN L 56 40.01 -5.73 34.34
C ASN L 56 41.13 -6.76 34.48
N GLY L 57 40.77 -8.04 34.36
CA GLY L 57 41.72 -9.11 34.64
C GLY L 57 42.57 -9.51 33.47
N PRO L 58 43.23 -10.68 33.57
CA PRO L 58 44.19 -11.08 32.54
C PRO L 58 43.61 -11.44 31.17
N VAL L 59 44.43 -11.24 30.14
CA VAL L 59 44.03 -11.62 28.75
C VAL L 59 44.26 -13.12 28.58
N LYS L 60 43.25 -13.82 28.07
CA LYS L 60 43.36 -15.24 27.76
C LYS L 60 42.78 -15.52 26.38
N ILE L 61 43.64 -15.97 25.47
CA ILE L 61 43.23 -16.20 24.07
C ILE L 61 42.65 -17.60 23.91
N SER L 62 41.43 -17.66 23.42
CA SER L 62 40.68 -18.91 23.34
C SER L 62 40.93 -19.68 22.04
N SER L 63 40.96 -18.96 20.92
CA SER L 63 41.04 -19.59 19.60
C SER L 63 42.34 -20.37 19.39
N LYS L 64 42.29 -21.33 18.46
CA LYS L 64 43.47 -22.09 18.09
C LYS L 64 44.26 -21.35 17.01
N VAL L 65 45.58 -21.47 17.06
CA VAL L 65 46.44 -20.82 16.08
C VAL L 65 47.34 -21.86 15.42
N ASN L 66 47.34 -21.88 14.08
CA ASN L 66 48.06 -22.89 13.32
C ASN L 66 49.53 -22.55 13.11
N ASP L 67 50.00 -21.53 13.82
CA ASP L 67 51.42 -21.17 13.79
C ASP L 67 52.05 -21.54 15.13
N LYS L 68 53.10 -22.35 15.08
CA LYS L 68 53.75 -22.86 16.29
C LYS L 68 54.39 -21.74 17.11
N GLN L 69 54.84 -20.70 16.43
CA GLN L 69 55.50 -19.57 17.10
C GLN L 69 54.45 -18.64 17.72
N VAL L 70 53.41 -18.33 16.97
CA VAL L 70 52.36 -17.45 17.45
C VAL L 70 51.63 -18.08 18.62
N SER L 71 51.43 -19.39 18.58
CA SER L 71 50.79 -20.12 19.66
C SER L 71 51.64 -20.03 20.94
N GLU L 72 52.95 -20.00 20.77
CA GLU L 72 53.88 -19.86 21.89
C GLU L 72 53.78 -18.47 22.51
N PHE L 73 53.69 -17.45 21.66
CA PHE L 73 53.55 -16.08 22.12
C PHE L 73 52.23 -15.88 22.85
N LEU L 74 51.22 -16.62 22.45
CA LEU L 74 49.87 -16.43 22.96
C LEU L 74 49.52 -17.34 24.14
N LYS L 75 50.54 -17.96 24.74
CA LYS L 75 50.31 -18.84 25.88
C LYS L 75 49.85 -18.05 27.10
N ASP L 76 49.18 -18.72 28.02
CA ASP L 76 48.51 -18.06 29.15
C ASP L 76 49.48 -17.31 30.07
N GLU L 77 50.67 -17.86 30.27
CA GLU L 77 51.64 -17.22 31.16
C GLU L 77 52.22 -15.95 30.55
N ASN L 78 52.31 -15.93 29.22
CA ASN L 78 52.82 -14.77 28.50
C ASN L 78 51.77 -13.68 28.37
N MET L 79 50.50 -14.10 28.26
CA MET L 79 49.40 -13.18 28.04
C MET L 79 48.78 -12.66 29.32
N GLU L 80 49.06 -13.34 30.43
CA GLU L 80 48.51 -12.96 31.73
C GLU L 80 49.06 -11.60 32.18
N LYS L 81 50.21 -11.23 31.65
CA LYS L 81 50.84 -9.96 31.98
C LYS L 81 50.06 -8.76 31.42
N PHE L 82 49.09 -9.04 30.57
CA PHE L 82 48.24 -8.01 29.99
C PHE L 82 46.82 -8.12 30.53
N ASN L 83 46.14 -6.98 30.66
CA ASN L 83 44.77 -6.97 31.17
C ASN L 83 43.76 -6.56 30.09
N VAL L 84 42.49 -6.87 30.34
CA VAL L 84 41.45 -6.70 29.32
C VAL L 84 40.60 -5.43 29.50
N LYS L 85 41.15 -4.42 30.18
CA LYS L 85 40.44 -3.17 30.39
C LYS L 85 40.01 -2.57 29.06
N LEU L 86 38.76 -2.10 29.01
CA LEU L 86 38.14 -1.63 27.77
C LEU L 86 38.99 -0.60 27.03
N GLY L 87 39.54 -0.98 25.89
CA GLY L 87 40.30 -0.08 25.06
C GLY L 87 41.80 -0.32 25.09
N THR L 88 42.26 -1.04 26.12
CA THR L 88 43.68 -1.36 26.26
C THR L 88 44.12 -2.30 25.15
N SER L 89 45.32 -2.07 24.61
CA SER L 89 45.83 -2.90 23.53
C SER L 89 47.35 -3.01 23.55
N LYS L 90 47.84 -4.17 23.11
CA LYS L 90 49.26 -4.40 22.92
C LYS L 90 49.44 -5.17 21.61
N HIS L 91 50.56 -4.96 20.92
CA HIS L 91 50.85 -5.74 19.73
C HIS L 91 52.36 -5.84 19.50
N PHE L 92 52.82 -7.04 19.18
CA PHE L 92 54.24 -7.33 19.03
C PHE L 92 54.58 -7.76 17.61
N TYR L 93 55.79 -7.43 17.17
CA TYR L 93 56.31 -7.95 15.92
C TYR L 93 57.21 -9.16 16.18
N MET L 94 57.09 -10.17 15.32
CA MET L 94 57.83 -11.41 15.50
C MET L 94 57.90 -12.19 14.19
N PHE L 95 58.63 -13.30 14.20
CA PHE L 95 58.68 -14.19 13.05
C PHE L 95 57.79 -15.41 13.28
N ASN L 96 57.15 -15.87 12.21
CA ASN L 96 56.30 -17.05 12.29
C ASN L 96 57.05 -18.31 11.86
N ASP L 97 56.31 -19.36 11.55
CA ASP L 97 56.90 -20.65 11.19
C ASP L 97 57.65 -20.61 9.86
N ASN L 98 57.33 -19.63 9.03
CA ASN L 98 57.96 -19.51 7.72
C ASN L 98 58.91 -18.31 7.63
N LYS L 99 59.40 -17.87 8.79
CA LYS L 99 60.34 -16.74 8.87
C LYS L 99 59.78 -15.47 8.23
N ASN L 100 58.47 -15.30 8.32
CA ASN L 100 57.83 -14.07 7.86
C ASN L 100 57.56 -13.13 9.02
N SER L 101 57.69 -11.84 8.78
CA SER L 101 57.39 -10.84 9.80
C SER L 101 55.89 -10.70 9.98
N VAL L 102 55.41 -11.01 11.18
CA VAL L 102 53.99 -10.86 11.50
C VAL L 102 53.82 -10.03 12.76
N ALA L 103 52.64 -9.46 12.93
CA ALA L 103 52.34 -8.69 14.13
C ALA L 103 51.10 -9.27 14.82
N VAL L 104 51.24 -9.60 16.09
CA VAL L 104 50.14 -10.20 16.85
C VAL L 104 49.85 -9.37 18.10
N GLY L 105 48.57 -9.23 18.42
CA GLY L 105 48.17 -8.48 19.60
C GLY L 105 46.70 -8.63 19.94
N TYR L 106 46.25 -7.86 20.93
CA TYR L 106 44.88 -7.93 21.39
C TYR L 106 44.29 -6.54 21.62
N VAL L 107 42.96 -6.47 21.66
CA VAL L 107 42.27 -5.30 22.17
C VAL L 107 41.28 -5.75 23.24
N GLY L 108 41.46 -5.23 24.45
CA GLY L 108 40.61 -5.60 25.57
C GLY L 108 39.19 -5.07 25.42
N CYS L 109 38.21 -5.87 25.83
CA CYS L 109 36.81 -5.51 25.66
C CYS L 109 36.04 -5.51 26.99
N GLY L 110 36.72 -5.14 28.07
CA GLY L 110 36.08 -5.02 29.36
C GLY L 110 35.68 -6.35 29.99
N SER L 111 34.77 -6.28 30.96
CA SER L 111 34.34 -7.47 31.69
C SER L 111 32.93 -7.90 31.30
N VAL L 112 32.18 -6.99 30.68
CA VAL L 112 30.82 -7.28 30.24
C VAL L 112 30.84 -8.26 29.06
N ALA L 113 29.75 -8.99 28.88
CA ALA L 113 29.62 -9.89 27.73
C ALA L 113 28.77 -9.23 26.64
N ASP L 114 27.80 -8.43 27.07
CA ASP L 114 26.95 -7.70 26.13
C ASP L 114 27.54 -6.32 25.86
N LEU L 115 28.43 -6.25 24.88
CA LEU L 115 29.14 -5.02 24.56
C LEU L 115 28.21 -3.97 23.96
N SER L 116 28.29 -2.75 24.48
CA SER L 116 27.44 -1.66 24.01
C SER L 116 28.02 -0.98 22.77
N GLU L 117 27.21 -0.13 22.15
CA GLU L 117 27.63 0.62 20.98
C GLU L 117 28.77 1.58 21.33
N ALA L 118 28.69 2.18 22.52
CA ALA L 118 29.73 3.08 22.99
C ALA L 118 31.02 2.32 23.29
N ASP L 119 30.87 1.11 23.84
CA ASP L 119 32.02 0.26 24.12
C ASP L 119 32.73 -0.17 22.85
N MET L 120 31.94 -0.68 21.90
CA MET L 120 32.46 -1.15 20.61
C MET L 120 33.21 -0.03 19.90
N LYS L 121 32.77 1.21 20.10
CA LYS L 121 33.44 2.36 19.52
C LYS L 121 34.85 2.53 20.07
N ARG L 122 34.99 2.34 21.38
CA ARG L 122 36.30 2.46 22.03
C ARG L 122 37.25 1.37 21.57
N VAL L 123 36.71 0.17 21.34
CA VAL L 123 37.51 -0.95 20.86
C VAL L 123 38.05 -0.66 19.46
N VAL L 124 37.18 -0.11 18.61
CA VAL L 124 37.55 0.23 17.24
C VAL L 124 38.65 1.30 17.21
N LEU L 125 38.49 2.34 18.03
CA LEU L 125 39.48 3.41 18.11
C LEU L 125 40.87 2.87 18.44
N SER L 126 40.92 2.00 19.44
CA SER L 126 42.17 1.35 19.84
C SER L 126 42.76 0.55 18.68
N LEU L 127 41.89 -0.08 17.91
CA LEU L 127 42.32 -0.85 16.74
C LEU L 127 42.83 0.08 15.64
N VAL L 128 42.14 1.20 15.46
CA VAL L 128 42.49 2.17 14.42
C VAL L 128 43.80 2.88 14.74
N THR L 129 44.06 3.08 16.03
CA THR L 129 45.30 3.70 16.46
C THR L 129 46.51 2.85 16.04
N MET L 130 46.35 1.53 16.10
CA MET L 130 47.40 0.64 15.65
C MET L 130 47.58 0.69 14.14
N LEU L 131 46.47 0.80 13.41
CA LEU L 131 46.50 0.87 11.95
C LEU L 131 47.20 2.13 11.46
N HIS L 132 46.93 3.25 12.14
CA HIS L 132 47.53 4.54 11.77
C HIS L 132 49.04 4.55 12.02
N ASP L 133 49.50 3.71 12.94
CA ASP L 133 50.90 3.68 13.31
C ASP L 133 51.67 2.53 12.66
N ASN L 134 51.02 1.79 11.77
CA ASN L 134 51.65 0.64 11.14
C ASN L 134 51.36 0.52 9.64
N LYS L 135 52.44 0.40 8.86
CA LYS L 135 52.31 0.09 7.44
C LYS L 135 52.01 -1.39 7.27
N LEU L 136 50.76 -1.70 6.93
CA LEU L 136 50.32 -3.08 6.86
C LEU L 136 49.59 -3.37 5.55
N SER L 137 49.78 -4.57 5.02
CA SER L 137 49.05 -5.00 3.84
C SER L 137 47.75 -5.67 4.28
N LYS L 138 47.75 -6.23 5.48
CA LYS L 138 46.63 -7.03 5.95
C LYS L 138 46.35 -6.83 7.44
N LEU L 139 45.07 -6.77 7.78
CA LEU L 139 44.62 -6.79 9.16
C LEU L 139 43.67 -7.96 9.37
N THR L 140 43.89 -8.72 10.43
CA THR L 140 43.02 -9.83 10.77
C THR L 140 42.44 -9.64 12.16
N VAL L 141 41.12 -9.67 12.25
CA VAL L 141 40.44 -9.53 13.54
C VAL L 141 39.84 -10.84 13.99
N VAL L 142 40.20 -11.28 15.19
CA VAL L 142 39.65 -12.51 15.75
C VAL L 142 38.67 -12.17 16.87
N PHE L 143 37.40 -12.50 16.65
CA PHE L 143 36.37 -12.25 17.64
C PHE L 143 36.31 -13.35 18.70
N GLU L 144 36.80 -13.05 19.89
CA GLU L 144 36.66 -13.96 21.02
C GLU L 144 35.62 -13.39 21.97
N ILE L 145 34.69 -12.61 21.40
CA ILE L 145 33.57 -12.05 22.14
C ILE L 145 32.29 -12.30 21.34
N ASN L 146 31.14 -12.01 21.96
CA ASN L 146 29.86 -12.24 21.30
C ASN L 146 29.22 -10.95 20.78
N VAL L 147 29.04 -10.89 19.46
CA VAL L 147 28.30 -9.79 18.85
C VAL L 147 27.24 -10.37 17.91
N ASP L 148 26.13 -9.66 17.74
CA ASP L 148 25.12 -10.11 16.80
C ASP L 148 25.42 -9.53 15.41
N LYS L 149 24.56 -9.81 14.44
CA LYS L 149 24.77 -9.35 13.07
C LYS L 149 24.83 -7.83 12.98
N ASN L 150 23.92 -7.15 13.70
CA ASN L 150 23.85 -5.70 13.67
C ASN L 150 25.07 -5.02 14.28
N LEU L 151 25.57 -5.56 15.38
CA LEU L 151 26.74 -5.00 16.04
C LEU L 151 28.01 -5.29 15.24
N PHE L 152 28.04 -6.45 14.59
CA PHE L 152 29.16 -6.80 13.73
C PHE L 152 29.27 -5.82 12.57
N ARG L 153 28.12 -5.46 12.00
CA ARG L 153 28.09 -4.49 10.93
C ARG L 153 28.57 -3.13 11.46
N PHE L 154 28.08 -2.76 12.64
CA PHE L 154 28.49 -1.53 13.29
C PHE L 154 29.99 -1.49 13.52
N PHE L 155 30.57 -2.64 13.83
CA PHE L 155 32.01 -2.76 14.01
C PHE L 155 32.75 -2.39 12.73
N LEU L 156 32.31 -2.97 11.61
CA LEU L 156 32.93 -2.71 10.32
C LEU L 156 32.75 -1.26 9.89
N GLU L 157 31.52 -0.76 9.95
CA GLU L 157 31.20 0.63 9.60
C GLU L 157 32.12 1.59 10.33
N THR L 158 32.17 1.43 11.65
CA THR L 158 32.95 2.30 12.52
C THR L 158 34.44 2.15 12.24
N LEU L 159 34.89 0.91 12.06
CA LEU L 159 36.28 0.64 11.69
C LEU L 159 36.62 1.38 10.41
N PHE L 160 35.82 1.18 9.38
CA PHE L 160 35.99 1.87 8.12
C PHE L 160 35.99 3.38 8.29
N TYR L 161 35.01 3.88 9.03
CA TYR L 161 34.82 5.31 9.20
C TYR L 161 36.01 5.98 9.91
N GLU L 162 36.42 5.41 11.04
CA GLU L 162 37.50 5.99 11.83
C GLU L 162 38.86 5.78 11.15
N TYR L 163 38.96 4.72 10.35
CA TYR L 163 40.20 4.43 9.63
C TYR L 163 40.48 5.51 8.59
N MET L 164 39.42 5.97 7.92
CA MET L 164 39.54 6.95 6.86
C MET L 164 39.95 8.32 7.40
N THR L 165 40.83 9.00 6.67
CA THR L 165 41.25 10.35 7.03
C THR L 165 41.00 11.33 5.88
N ASP L 166 40.29 12.42 6.18
CA ASP L 166 39.94 13.43 5.18
C ASP L 166 41.12 14.35 4.90
N GLU L 167 41.66 14.27 3.70
CA GLU L 167 42.82 15.10 3.32
C GLU L 167 42.50 16.09 2.20
N ARG L 168 41.22 16.35 1.98
CA ARG L 168 40.79 17.21 0.88
C ARG L 168 41.34 18.64 0.97
N PHE L 169 41.44 19.16 2.19
CA PHE L 169 41.86 20.54 2.38
C PHE L 169 43.31 20.62 2.86
N LYS L 170 44.02 19.50 2.73
CA LYS L 170 45.45 19.46 2.97
C LYS L 170 46.19 19.94 1.72
N SER L 171 47.35 20.55 1.92
CA SER L 171 48.15 21.05 0.81
C SER L 171 49.63 20.86 1.09
N THR L 172 50.28 21.91 1.58
CA THR L 172 51.70 21.85 1.91
C THR L 172 52.09 23.04 2.80
N GLU L 179 48.97 3.52 1.63
CA GLU L 179 49.30 3.47 3.05
C GLU L 179 48.25 2.67 3.84
N TYR L 180 47.14 2.36 3.17
CA TYR L 180 46.05 1.62 3.79
C TYR L 180 46.19 0.13 3.52
N ILE L 181 45.59 -0.69 4.39
CA ILE L 181 45.56 -2.12 4.16
C ILE L 181 44.73 -2.44 2.93
N LYS L 182 45.05 -3.54 2.27
CA LYS L 182 44.33 -3.96 1.08
C LYS L 182 43.45 -5.16 1.38
N HIS L 183 43.72 -5.81 2.51
CA HIS L 183 42.96 -6.99 2.91
C HIS L 183 42.55 -6.95 4.37
N LEU L 184 41.30 -7.32 4.63
CA LEU L 184 40.81 -7.47 6.00
C LEU L 184 40.23 -8.86 6.22
N GLY L 185 40.79 -9.59 7.17
CA GLY L 185 40.28 -10.89 7.54
C GLY L 185 39.55 -10.83 8.87
N VAL L 186 38.44 -11.56 8.96
CA VAL L 186 37.67 -11.63 10.21
C VAL L 186 37.40 -13.08 10.60
N TYR L 187 37.81 -13.45 11.80
CA TYR L 187 37.51 -14.78 12.34
C TYR L 187 36.42 -14.68 13.40
N ILE L 188 35.27 -15.27 13.11
CA ILE L 188 34.12 -15.17 14.01
C ILE L 188 33.28 -16.45 13.95
N ASN L 189 32.68 -16.81 15.08
CA ASN L 189 31.81 -17.98 15.15
C ASN L 189 30.56 -17.80 14.29
N ASN L 190 30.12 -18.89 13.66
CA ASN L 190 29.00 -18.86 12.72
C ASN L 190 29.22 -17.80 11.65
N ALA L 191 30.40 -17.84 11.03
CA ALA L 191 30.86 -16.80 10.13
C ALA L 191 29.96 -16.58 8.92
N ASP L 192 29.43 -17.66 8.36
CA ASP L 192 28.61 -17.59 7.16
C ASP L 192 27.36 -16.73 7.36
N THR L 193 26.97 -16.56 8.61
CA THR L 193 25.81 -15.75 8.96
C THR L 193 26.15 -14.25 8.86
N TYR L 194 27.40 -13.91 9.15
CA TYR L 194 27.83 -12.51 9.21
C TYR L 194 28.28 -11.96 7.86
N LYS L 195 28.41 -12.83 6.86
CA LYS L 195 28.96 -12.44 5.56
C LYS L 195 28.10 -11.40 4.84
N GLU L 196 26.79 -11.48 5.01
CA GLU L 196 25.87 -10.57 4.34
C GLU L 196 25.97 -9.13 4.88
N GLU L 197 26.59 -8.99 6.05
CA GLU L 197 26.70 -7.69 6.70
C GLU L 197 27.89 -6.90 6.16
N VAL L 198 28.83 -7.58 5.51
CA VAL L 198 30.06 -6.96 5.06
C VAL L 198 29.83 -5.82 4.07
N GLU L 199 29.20 -6.10 2.94
CA GLU L 199 29.02 -5.09 1.92
C GLU L 199 27.96 -4.05 2.31
N LYS L 200 27.08 -4.43 3.25
CA LYS L 200 26.12 -3.47 3.77
C LYS L 200 26.85 -2.41 4.59
N ALA L 201 27.86 -2.85 5.33
CA ALA L 201 28.69 -1.95 6.12
C ALA L 201 29.45 -0.98 5.24
N ARG L 202 29.93 -1.46 4.10
CA ARG L 202 30.70 -0.63 3.18
C ARG L 202 29.85 0.48 2.58
N VAL L 203 28.55 0.21 2.44
CA VAL L 203 27.63 1.23 1.95
C VAL L 203 27.29 2.22 3.07
N TYR L 204 26.98 1.68 4.25
CA TYR L 204 26.70 2.52 5.41
C TYR L 204 27.89 3.38 5.76
N TYR L 205 29.08 2.82 5.56
CA TYR L 205 30.30 3.57 5.80
C TYR L 205 30.38 4.82 4.93
N PHE L 206 30.27 4.64 3.62
CA PHE L 206 30.42 5.79 2.73
C PHE L 206 29.30 6.79 2.89
N GLY L 207 28.08 6.29 3.11
CA GLY L 207 26.95 7.16 3.37
C GLY L 207 27.21 8.02 4.59
N THR L 208 27.89 7.45 5.57
CA THR L 208 28.27 8.17 6.77
C THR L 208 29.45 9.10 6.46
N TYR L 209 30.42 8.60 5.71
CA TYR L 209 31.59 9.39 5.37
C TYR L 209 31.24 10.51 4.40
N TYR L 210 30.28 10.26 3.51
CA TYR L 210 29.84 11.28 2.57
C TYR L 210 29.20 12.45 3.31
N ALA L 211 28.29 12.14 4.22
CA ALA L 211 27.67 13.15 5.05
C ALA L 211 28.72 13.88 5.86
N SER L 212 29.72 13.13 6.31
CA SER L 212 30.85 13.70 7.03
C SER L 212 31.62 14.69 6.17
N GLN L 213 31.80 14.35 4.90
CA GLN L 213 32.52 15.21 3.97
C GLN L 213 31.81 16.54 3.75
N LEU L 214 30.48 16.50 3.76
CA LEU L 214 29.68 17.72 3.57
C LEU L 214 29.68 18.58 4.83
N ILE L 215 29.58 17.93 5.99
CA ILE L 215 29.58 18.64 7.27
C ILE L 215 30.94 19.28 7.53
N ALA L 216 32.00 18.53 7.25
CA ALA L 216 33.36 19.00 7.50
C ALA L 216 33.76 20.12 6.54
N ALA L 217 33.15 20.12 5.35
CA ALA L 217 33.43 21.14 4.35
C ALA L 217 33.05 22.53 4.87
N PRO L 218 34.01 23.46 4.88
CA PRO L 218 33.84 24.83 5.39
C PRO L 218 32.82 25.61 4.58
N SER L 219 32.29 26.68 5.16
CA SER L 219 31.17 27.43 4.59
C SER L 219 31.52 28.13 3.28
N ASN L 220 32.79 28.48 3.08
CA ASN L 220 33.19 29.10 1.82
C ASN L 220 33.25 28.05 0.71
N TYR L 221 33.50 26.81 1.08
CA TYR L 221 33.43 25.69 0.15
C TYR L 221 32.00 25.18 0.04
N CYS L 222 31.37 24.98 1.19
CA CYS L 222 30.02 24.44 1.25
C CYS L 222 28.99 25.54 1.51
N ASN L 223 28.36 26.01 0.42
CA ASN L 223 27.37 27.07 0.49
C ASN L 223 26.06 26.58 -0.13
N PRO L 224 24.97 27.38 -0.04
CA PRO L 224 23.69 26.93 -0.63
C PRO L 224 23.78 26.48 -2.09
N VAL L 225 24.53 27.21 -2.90
CA VAL L 225 24.66 26.86 -4.32
C VAL L 225 25.51 25.61 -4.49
N SER L 226 26.66 25.58 -3.83
CA SER L 226 27.61 24.47 -3.97
C SER L 226 27.05 23.17 -3.42
N LEU L 227 26.27 23.26 -2.35
CA LEU L 227 25.73 22.07 -1.69
C LEU L 227 24.61 21.44 -2.52
N SER L 228 23.81 22.28 -3.18
CA SER L 228 22.73 21.78 -4.03
C SER L 228 23.30 21.25 -5.35
N ASN L 229 24.42 21.79 -5.78
CA ASN L 229 25.14 21.24 -6.93
C ASN L 229 25.60 19.82 -6.65
N ALA L 230 26.10 19.60 -5.43
CA ALA L 230 26.60 18.29 -5.02
C ALA L 230 25.47 17.27 -4.92
N ALA L 231 24.30 17.74 -4.49
CA ALA L 231 23.13 16.87 -4.39
C ALA L 231 22.68 16.40 -5.77
N VAL L 232 22.79 17.30 -6.75
CA VAL L 232 22.47 16.96 -8.13
C VAL L 232 23.43 15.91 -8.65
N GLU L 233 24.72 16.14 -8.40
CA GLU L 233 25.76 15.20 -8.80
C GLU L 233 25.53 13.83 -8.18
N LEU L 234 25.20 13.82 -6.89
CA LEU L 234 24.93 12.58 -6.18
C LEU L 234 23.71 11.86 -6.76
N ALA L 235 22.69 12.63 -7.11
CA ALA L 235 21.45 12.07 -7.64
C ALA L 235 21.68 11.43 -9.00
N GLN L 236 22.49 12.10 -9.83
CA GLN L 236 22.78 11.62 -11.18
C GLN L 236 23.55 10.31 -11.15
N LYS L 237 24.40 10.15 -10.14
CA LYS L 237 25.23 8.95 -10.01
C LYS L 237 24.42 7.77 -9.52
N LEU L 238 23.38 8.06 -8.75
CA LEU L 238 22.53 7.02 -8.18
C LEU L 238 21.30 6.82 -9.05
N ASN L 239 21.24 7.57 -10.15
CA ASN L 239 20.10 7.54 -11.06
C ASN L 239 18.81 7.90 -10.34
N LEU L 240 18.87 8.95 -9.52
CA LEU L 240 17.70 9.41 -8.79
C LEU L 240 17.07 10.62 -9.46
N GLU L 241 15.74 10.68 -9.43
CA GLU L 241 15.04 11.88 -9.87
C GLU L 241 15.42 13.03 -8.94
N TYR L 242 15.61 14.22 -9.50
CA TYR L 242 16.01 15.36 -8.69
C TYR L 242 15.41 16.67 -9.19
N LYS L 243 15.12 17.56 -8.23
CA LYS L 243 14.59 18.87 -8.53
C LYS L 243 15.18 19.91 -7.57
N ILE L 244 15.81 20.94 -8.11
CA ILE L 244 16.33 22.02 -7.28
C ILE L 244 15.50 23.28 -7.48
N LEU L 245 14.87 23.74 -6.40
CA LEU L 245 14.00 24.90 -6.47
C LEU L 245 14.79 26.17 -6.16
N GLY L 246 14.62 27.18 -7.01
CA GLY L 246 15.31 28.45 -6.82
C GLY L 246 14.37 29.53 -6.34
N VAL L 247 14.93 30.70 -6.02
CA VAL L 247 14.17 31.82 -5.48
C VAL L 247 12.94 32.16 -6.32
N LYS L 248 13.09 32.11 -7.64
CA LYS L 248 11.98 32.37 -8.56
C LYS L 248 10.81 31.45 -8.28
N GLU L 249 11.11 30.16 -8.13
CA GLU L 249 10.05 29.17 -7.83
C GLU L 249 9.57 29.31 -6.39
N LEU L 250 10.51 29.50 -5.47
CA LEU L 250 10.20 29.57 -4.04
C LEU L 250 9.29 30.75 -3.70
N GLU L 251 9.46 31.87 -4.41
CA GLU L 251 8.60 33.03 -4.23
C GLU L 251 7.17 32.70 -4.63
N GLU L 252 7.02 31.97 -5.73
CA GLU L 252 5.70 31.58 -6.23
C GLU L 252 5.01 30.61 -5.28
N LEU L 253 5.81 29.79 -4.58
CA LEU L 253 5.27 28.88 -3.59
C LEU L 253 5.05 29.59 -2.26
N LYS L 254 5.42 30.87 -2.22
CA LYS L 254 5.19 31.75 -1.07
C LYS L 254 5.85 31.25 0.22
N MET L 255 7.03 30.64 0.09
CA MET L 255 7.79 30.20 1.25
C MET L 255 8.49 31.39 1.92
N GLY L 256 7.70 32.26 2.54
CA GLY L 256 8.22 33.49 3.11
C GLY L 256 9.11 33.32 4.32
N ALA L 257 8.89 32.24 5.08
CA ALA L 257 9.69 31.97 6.26
C ALA L 257 11.09 31.51 5.85
N TYR L 258 11.13 30.61 4.87
CA TYR L 258 12.38 30.08 4.35
C TYR L 258 13.16 31.16 3.60
N LEU L 259 12.47 31.93 2.76
CA LEU L 259 13.12 32.97 1.97
C LEU L 259 13.65 34.11 2.84
N SER L 260 12.99 34.36 3.97
CA SER L 260 13.43 35.42 4.89
C SER L 260 14.79 35.13 5.47
N VAL L 261 15.02 33.87 5.85
CA VAL L 261 16.27 33.46 6.48
C VAL L 261 17.46 33.73 5.55
N GLY L 262 17.29 33.40 4.27
CA GLY L 262 18.37 33.56 3.30
C GLY L 262 18.50 34.95 2.73
N LYS L 263 17.62 35.87 3.14
CA LYS L 263 17.60 37.23 2.61
C LYS L 263 18.95 37.94 2.76
N GLY L 264 19.69 37.59 3.81
CA GLY L 264 20.94 38.28 4.11
C GLY L 264 22.18 37.65 3.51
N SER L 265 22.01 36.56 2.78
CA SER L 265 23.15 35.84 2.22
C SER L 265 23.46 36.27 0.78
N MET L 266 24.72 36.10 0.38
CA MET L 266 25.13 36.37 -0.99
C MET L 266 24.80 35.17 -1.88
N TYR L 267 24.44 34.06 -1.24
CA TYR L 267 24.06 32.84 -1.95
C TYR L 267 22.54 32.70 -2.01
N PRO L 268 22.00 32.55 -3.23
CA PRO L 268 20.56 32.32 -3.41
C PRO L 268 20.09 31.02 -2.77
N ASN L 269 18.94 31.05 -2.11
CA ASN L 269 18.37 29.87 -1.47
C ASN L 269 18.15 28.72 -2.46
N LYS L 270 18.44 27.50 -2.01
CA LYS L 270 18.25 26.32 -2.84
C LYS L 270 17.46 25.25 -2.10
N PHE L 271 16.36 24.82 -2.68
CA PHE L 271 15.54 23.77 -2.09
C PHE L 271 15.83 22.44 -2.81
N ILE L 272 16.54 21.55 -2.11
CA ILE L 272 16.91 20.26 -2.67
C ILE L 272 15.77 19.27 -2.58
N HIS L 273 15.38 18.71 -3.72
CA HIS L 273 14.36 17.66 -3.77
C HIS L 273 14.85 16.47 -4.55
N LEU L 274 15.31 15.44 -3.84
CA LEU L 274 15.69 14.18 -4.43
C LEU L 274 14.58 13.15 -4.20
N THR L 275 14.48 12.17 -5.08
CA THR L 275 13.44 11.16 -4.96
C THR L 275 13.92 9.77 -5.34
N TYR L 276 13.65 8.79 -4.47
CA TYR L 276 13.84 7.39 -4.80
C TYR L 276 12.50 6.69 -4.81
N LYS L 277 12.29 5.85 -5.82
CA LYS L 277 11.11 5.00 -5.86
C LYS L 277 11.53 3.60 -6.24
N SER L 278 11.17 2.63 -5.40
CA SER L 278 11.46 1.23 -5.68
C SER L 278 10.81 0.81 -6.98
N LYS L 279 11.50 -0.03 -7.75
CA LYS L 279 10.91 -0.62 -8.94
C LYS L 279 9.72 -1.47 -8.51
N GLY L 280 8.58 -1.27 -9.16
CA GLY L 280 7.38 -2.02 -8.83
C GLY L 280 6.44 -1.27 -7.91
N ASP L 281 5.69 -2.01 -7.09
CA ASP L 281 4.65 -1.44 -6.26
C ASP L 281 5.20 -0.66 -5.07
N VAL L 282 4.52 0.42 -4.70
CA VAL L 282 4.91 1.24 -3.56
C VAL L 282 3.90 1.12 -2.43
N LYS L 283 4.36 0.67 -1.28
CA LYS L 283 3.50 0.51 -0.12
C LYS L 283 3.62 1.70 0.83
N LYS L 284 4.79 2.29 0.89
CA LYS L 284 5.05 3.40 1.80
C LYS L 284 5.68 4.59 1.10
N LYS L 285 5.10 5.77 1.31
CA LYS L 285 5.68 7.02 0.85
C LYS L 285 6.24 7.79 2.04
N ILE L 286 7.53 8.12 1.98
CA ILE L 286 8.19 8.76 3.12
C ILE L 286 8.97 10.01 2.72
N ALA L 287 8.78 11.09 3.47
CA ALA L 287 9.54 12.32 3.24
C ALA L 287 10.61 12.50 4.31
N LEU L 288 11.87 12.62 3.88
CA LEU L 288 12.96 12.89 4.80
C LEU L 288 13.41 14.33 4.66
N VAL L 289 13.33 15.09 5.74
CA VAL L 289 13.64 16.51 5.71
C VAL L 289 14.86 16.84 6.57
N GLY L 290 15.92 17.32 5.93
CA GLY L 290 17.12 17.69 6.64
C GLY L 290 17.35 19.20 6.63
N LYS L 291 17.55 19.77 7.81
CA LYS L 291 17.86 21.19 7.92
C LYS L 291 19.24 21.47 7.33
N GLY L 292 19.29 22.43 6.42
CA GLY L 292 20.53 22.72 5.72
C GLY L 292 20.96 24.17 5.78
N ILE L 293 21.38 24.62 6.95
CA ILE L 293 21.97 25.95 7.08
C ILE L 293 23.48 25.83 6.92
N THR L 294 23.98 26.26 5.77
CA THR L 294 25.38 26.10 5.42
C THR L 294 26.30 26.85 6.39
N PHE L 295 25.87 28.03 6.83
CA PHE L 295 26.52 28.71 7.94
C PHE L 295 25.51 29.48 8.76
N ASP L 296 25.64 29.32 10.05
CA ASP L 296 24.76 29.97 10.98
C ASP L 296 25.42 31.02 11.85
N SER L 297 25.51 32.22 11.34
CA SER L 297 26.13 33.30 12.09
C SER L 297 25.25 33.69 13.27
N GLY L 298 23.96 33.40 13.14
CA GLY L 298 22.99 33.76 14.16
C GLY L 298 22.10 34.91 13.71
N GLY L 299 22.47 35.52 12.59
CA GLY L 299 21.76 36.68 12.10
C GLY L 299 22.02 37.87 13.00
N TYR L 300 21.08 38.81 13.04
CA TYR L 300 21.22 39.99 13.87
C TYR L 300 21.19 39.64 15.36
N ASN L 301 20.65 38.46 15.67
CA ASN L 301 20.88 37.85 16.99
C ASN L 301 22.21 37.10 16.94
N LEU L 302 23.29 37.85 16.71
CA LEU L 302 24.61 37.28 16.44
C LEU L 302 25.12 36.38 17.57
N LYS L 303 25.75 35.27 17.18
CA LYS L 303 26.40 34.39 18.14
C LYS L 303 27.67 35.03 18.69
N ALA L 304 27.49 35.95 19.62
CA ALA L 304 28.62 36.70 20.18
C ALA L 304 28.86 36.31 21.64
N ALA L 305 27.87 35.69 22.26
CA ALA L 305 27.95 35.28 23.65
C ALA L 305 29.04 34.23 23.86
N PRO L 306 29.62 34.18 25.07
CA PRO L 306 30.64 33.18 25.39
C PRO L 306 30.13 31.75 25.22
N GLY L 307 30.86 30.95 24.47
CA GLY L 307 30.49 29.56 24.27
C GLY L 307 29.38 29.36 23.25
N SER L 308 29.26 30.28 22.31
CA SER L 308 28.28 30.16 21.27
C SER L 308 28.80 29.35 20.08
N MET L 309 30.10 29.11 20.04
CA MET L 309 30.74 28.29 19.02
C MET L 309 30.48 28.70 17.58
N ILE L 310 30.60 29.98 17.27
CA ILE L 310 30.35 30.42 15.93
C ILE L 310 31.23 29.72 14.88
N ASP L 311 32.45 29.40 15.22
CA ASP L 311 33.36 28.75 14.28
C ASP L 311 33.05 27.30 13.96
N LEU L 312 32.04 26.75 14.60
CA LEU L 312 31.56 25.41 14.35
C LEU L 312 30.31 25.42 13.47
N MET L 313 29.77 26.58 13.20
CA MET L 313 28.52 26.77 12.50
C MET L 313 28.37 26.27 11.06
N LYS L 314 29.47 25.80 10.55
CA LYS L 314 29.53 25.13 9.32
C LYS L 314 28.72 23.84 9.53
N PHE L 315 28.62 23.35 10.75
CA PHE L 315 27.91 22.12 11.06
C PHE L 315 26.38 22.17 11.03
N ASP L 316 25.85 23.35 10.85
CA ASP L 316 24.43 23.56 10.84
C ASP L 316 23.61 22.98 9.68
N MET L 317 24.29 22.30 8.76
CA MET L 317 23.63 21.62 7.66
C MET L 317 23.80 20.10 7.80
N SER L 318 24.04 19.67 9.04
CA SER L 318 24.24 18.25 9.34
C SER L 318 22.98 17.43 9.06
N GLY L 319 21.83 18.06 9.19
CA GLY L 319 20.57 17.42 8.88
C GLY L 319 20.48 17.12 7.40
N CYS L 320 20.78 18.13 6.59
CA CYS L 320 20.80 18.00 5.15
C CYS L 320 21.81 16.96 4.69
N ALA L 321 22.96 16.93 5.36
CA ALA L 321 24.02 15.99 5.01
C ALA L 321 23.62 14.56 5.33
N ALA L 322 22.96 14.38 6.47
CA ALA L 322 22.52 13.05 6.90
C ALA L 322 21.46 12.51 5.94
N VAL L 323 20.66 13.40 5.38
CA VAL L 323 19.62 13.01 4.43
C VAL L 323 20.22 12.61 3.09
N LEU L 324 21.17 13.43 2.61
CA LEU L 324 21.85 13.14 1.35
C LEU L 324 22.67 11.85 1.46
N GLY L 325 23.25 11.63 2.63
CA GLY L 325 23.99 10.40 2.88
C GLY L 325 23.06 9.21 2.89
N CYS L 326 21.82 9.45 3.30
CA CYS L 326 20.80 8.41 3.29
C CYS L 326 20.36 8.12 1.86
N ALA L 327 20.31 9.17 1.04
CA ALA L 327 19.97 9.02 -0.37
C ALA L 327 20.96 8.10 -1.07
N TYR L 328 22.24 8.22 -0.71
CA TYR L 328 23.25 7.32 -1.23
C TYR L 328 22.99 5.89 -0.80
N CYS L 329 22.79 5.69 0.49
CA CYS L 329 22.59 4.36 1.05
C CYS L 329 21.35 3.69 0.50
N VAL L 330 20.25 4.43 0.44
CA VAL L 330 18.99 3.91 -0.10
C VAL L 330 19.11 3.69 -1.61
N GLY L 331 19.77 4.62 -2.28
CA GLY L 331 19.94 4.53 -3.73
C GLY L 331 20.89 3.43 -4.17
N THR L 332 21.69 2.93 -3.22
CA THR L 332 22.66 1.88 -3.53
C THR L 332 22.10 0.50 -3.22
N LEU L 333 21.52 0.35 -2.04
CA LEU L 333 20.94 -0.92 -1.62
C LEU L 333 19.62 -1.19 -2.34
N LYS L 334 18.94 -0.12 -2.72
CA LYS L 334 17.69 -0.18 -3.48
C LYS L 334 16.62 -1.06 -2.83
N PRO L 335 16.02 -0.57 -1.73
CA PRO L 335 14.95 -1.32 -1.07
C PRO L 335 13.70 -1.38 -1.94
N GLU L 336 12.79 -2.29 -1.62
CA GLU L 336 11.55 -2.44 -2.38
C GLU L 336 10.38 -1.78 -1.65
N ASN L 337 9.22 -1.75 -2.32
CA ASN L 337 7.96 -1.34 -1.69
C ASN L 337 7.92 0.08 -1.13
N VAL L 338 8.84 0.94 -1.52
CA VAL L 338 8.92 2.25 -0.90
C VAL L 338 9.26 3.40 -1.86
N GLU L 339 8.69 4.56 -1.58
CA GLU L 339 8.99 5.80 -2.30
C GLU L 339 9.44 6.86 -1.29
N ILE L 340 10.66 7.37 -1.47
CA ILE L 340 11.22 8.29 -0.49
C ILE L 340 11.62 9.63 -1.09
N HIS L 341 11.18 10.71 -0.43
CA HIS L 341 11.55 12.05 -0.84
C HIS L 341 12.61 12.63 0.11
N PHE L 342 13.77 12.93 -0.44
CA PHE L 342 14.84 13.55 0.33
C PHE L 342 14.81 15.06 0.13
N LEU L 343 14.38 15.80 1.16
CA LEU L 343 14.18 17.23 1.05
C LEU L 343 15.11 18.04 1.94
N SER L 344 15.49 19.22 1.48
CA SER L 344 16.26 20.15 2.30
C SER L 344 16.16 21.58 1.79
N ALA L 345 15.62 22.45 2.63
CA ALA L 345 15.61 23.88 2.34
C ALA L 345 16.95 24.49 2.76
N VAL L 346 17.84 24.65 1.79
CA VAL L 346 19.21 25.07 2.09
C VAL L 346 19.40 26.59 1.95
N CYS L 347 20.00 27.20 2.96
CA CYS L 347 20.39 28.60 2.89
C CYS L 347 21.45 28.94 3.92
N GLU L 348 21.74 30.22 4.07
CA GLU L 348 22.78 30.70 4.98
C GLU L 348 22.22 31.81 5.85
N ASN L 349 22.52 31.76 7.15
CA ASN L 349 22.01 32.76 8.09
C ASN L 349 23.07 33.84 8.36
N MET L 350 22.96 34.96 7.65
CA MET L 350 24.02 35.97 7.66
C MET L 350 23.56 37.36 8.09
N VAL L 351 24.53 38.21 8.38
CA VAL L 351 24.26 39.58 8.78
C VAL L 351 24.54 40.55 7.63
N SER L 352 23.52 41.29 7.24
CA SER L 352 23.60 42.18 6.09
C SER L 352 22.59 43.30 6.19
N LYS L 353 22.63 44.23 5.24
CA LYS L 353 21.61 45.26 5.15
C LYS L 353 20.31 44.65 4.65
N ASN L 354 20.42 43.48 4.02
CA ASN L 354 19.27 42.80 3.43
C ASN L 354 18.67 41.74 4.36
N SER L 355 19.31 41.52 5.50
CA SER L 355 18.90 40.47 6.44
C SER L 355 17.52 40.73 7.04
N TYR L 356 16.89 39.67 7.56
CA TYR L 356 15.64 39.74 8.29
C TYR L 356 15.95 40.25 9.69
N ARG L 357 15.04 40.96 10.29
CA ARG L 357 15.28 41.52 11.60
C ARG L 357 14.51 40.79 12.70
N PRO L 358 15.02 40.82 13.93
CA PRO L 358 14.21 40.38 15.07
C PRO L 358 12.99 41.27 15.20
N GLY L 359 11.80 40.66 15.26
CA GLY L 359 10.57 41.44 15.33
C GLY L 359 9.82 41.46 14.02
N ASP L 360 10.47 41.03 12.94
CA ASP L 360 9.83 40.94 11.64
C ASP L 360 8.67 39.96 11.68
N ILE L 361 7.57 40.32 11.02
CA ILE L 361 6.46 39.39 10.85
C ILE L 361 6.47 38.87 9.42
N ILE L 362 6.58 37.55 9.29
CA ILE L 362 6.72 36.91 7.98
C ILE L 362 5.62 35.87 7.79
N THR L 363 5.33 35.53 6.55
CA THR L 363 4.26 34.59 6.25
C THR L 363 4.78 33.28 5.67
N ALA L 364 4.51 32.18 6.37
CA ALA L 364 4.86 30.86 5.87
C ALA L 364 3.97 30.51 4.67
N SER L 365 4.33 29.45 3.96
CA SER L 365 3.64 29.09 2.72
C SER L 365 2.25 28.49 2.95
N ASN L 366 1.88 28.25 4.22
CA ASN L 366 0.56 27.74 4.52
C ASN L 366 -0.36 28.82 5.06
N GLY L 367 0.09 30.07 4.94
CA GLY L 367 -0.71 31.22 5.33
C GLY L 367 -0.44 31.75 6.71
N LYS L 368 0.31 30.99 7.52
CA LYS L 368 0.58 31.38 8.90
C LYS L 368 1.62 32.48 9.01
N THR L 369 1.24 33.59 9.64
CA THR L 369 2.16 34.68 9.89
C THR L 369 2.94 34.39 11.18
N ILE L 370 4.23 34.74 11.17
CA ILE L 370 5.12 34.39 12.26
C ILE L 370 5.90 35.61 12.76
N GLU L 371 5.79 35.89 14.05
CA GLU L 371 6.61 36.95 14.64
C GLU L 371 7.98 36.39 15.03
N VAL L 372 9.02 36.91 14.38
CA VAL L 372 10.38 36.48 14.65
C VAL L 372 10.93 37.16 15.90
N GLY L 373 11.19 36.37 16.93
CA GLY L 373 11.71 36.90 18.17
C GLY L 373 13.21 36.75 18.28
N ASN L 374 13.78 35.89 17.46
CA ASN L 374 15.21 35.59 17.51
C ASN L 374 15.68 35.01 16.17
N THR L 375 16.56 35.75 15.51
CA THR L 375 17.04 35.36 14.19
C THR L 375 17.95 34.13 14.24
N ASP L 376 18.39 33.76 15.44
CA ASP L 376 19.27 32.61 15.60
C ASP L 376 18.46 31.33 15.77
N ALA L 377 17.14 31.46 15.78
CA ALA L 377 16.25 30.31 15.77
C ALA L 377 15.69 30.13 14.36
N GLU L 378 16.56 30.20 13.37
CA GLU L 378 16.16 30.23 11.97
C GLU L 378 15.87 28.84 11.42
N GLY L 379 16.40 27.82 12.09
CA GLY L 379 16.23 26.45 11.64
C GLY L 379 14.78 26.02 11.56
N ARG L 380 13.98 26.49 12.52
CA ARG L 380 12.57 26.12 12.57
C ARG L 380 11.75 26.91 11.55
N LEU L 381 12.30 28.02 11.07
CA LEU L 381 11.62 28.83 10.06
C LEU L 381 11.77 28.19 8.69
N THR L 382 12.94 27.65 8.40
CA THR L 382 13.19 26.98 7.14
C THR L 382 12.45 25.64 7.10
N LEU L 383 12.48 24.93 8.22
CA LEU L 383 11.79 23.65 8.35
C LEU L 383 10.29 23.80 8.18
N ALA L 384 9.77 24.95 8.62
CA ALA L 384 8.33 25.23 8.53
C ALA L 384 7.85 25.16 7.09
N ASP L 385 8.53 25.87 6.20
CA ASP L 385 8.17 25.88 4.79
C ASP L 385 8.50 24.55 4.13
N ALA L 386 9.47 23.83 4.69
CA ALA L 386 9.84 22.52 4.18
C ALA L 386 8.80 21.47 4.56
N LEU L 387 8.29 21.56 5.79
CA LEU L 387 7.28 20.63 6.27
C LEU L 387 5.96 20.80 5.52
N VAL L 388 5.64 22.05 5.18
CA VAL L 388 4.46 22.33 4.37
C VAL L 388 4.62 21.73 2.98
N TYR L 389 5.83 21.86 2.44
CA TYR L 389 6.16 21.28 1.15
C TYR L 389 6.05 19.76 1.17
N ALA L 390 6.49 19.16 2.27
CA ALA L 390 6.48 17.71 2.40
C ALA L 390 5.08 17.15 2.44
N GLU L 391 4.18 17.82 3.16
CA GLU L 391 2.81 17.33 3.31
C GLU L 391 2.04 17.41 2.00
N LYS L 392 2.47 18.28 1.09
CA LYS L 392 1.82 18.41 -0.21
C LYS L 392 2.23 17.28 -1.15
N LEU L 393 3.20 16.48 -0.73
CA LEU L 393 3.67 15.36 -1.54
C LEU L 393 2.84 14.11 -1.31
N GLY L 394 1.97 14.16 -0.30
CA GLY L 394 1.08 13.05 0.00
C GLY L 394 1.81 11.82 0.50
N VAL L 395 2.63 11.99 1.53
CA VAL L 395 3.39 10.87 2.09
C VAL L 395 2.73 10.31 3.34
N ASP L 396 3.17 9.12 3.75
CA ASP L 396 2.66 8.49 4.96
C ASP L 396 3.42 8.98 6.18
N TYR L 397 4.74 9.15 6.02
CA TYR L 397 5.60 9.59 7.10
C TYR L 397 6.42 10.81 6.72
N ILE L 398 6.47 11.80 7.61
CA ILE L 398 7.41 12.89 7.48
C ILE L 398 8.39 12.82 8.65
N VAL L 399 9.67 12.64 8.34
CA VAL L 399 10.70 12.64 9.36
C VAL L 399 11.69 13.76 9.09
N ASP L 400 11.85 14.66 10.06
CA ASP L 400 12.83 15.73 9.91
C ASP L 400 13.98 15.52 10.90
N ILE L 401 15.19 15.80 10.43
CA ILE L 401 16.38 15.69 11.27
C ILE L 401 17.13 17.01 11.19
N ALA L 402 17.53 17.53 12.34
CA ALA L 402 18.05 18.90 12.39
C ALA L 402 18.86 19.20 13.64
N THR L 403 19.95 19.94 13.46
CA THR L 403 20.71 20.51 14.57
C THR L 403 20.00 21.78 15.04
N LEU L 404 18.84 21.62 15.65
CA LEU L 404 17.94 22.74 15.91
C LEU L 404 18.26 23.52 17.18
N THR L 405 18.29 22.84 18.32
CA THR L 405 18.39 23.52 19.60
C THR L 405 19.59 23.07 20.44
N GLY L 406 20.32 24.04 20.99
CA GLY L 406 21.47 23.78 21.84
C GLY L 406 21.07 23.25 23.21
N ALA L 407 19.77 23.28 23.50
CA ALA L 407 19.25 22.76 24.76
C ALA L 407 19.46 21.26 24.86
N MET L 408 19.64 20.61 23.71
CA MET L 408 19.88 19.16 23.67
C MET L 408 21.17 18.78 24.39
N LEU L 409 22.13 19.69 24.38
CA LEU L 409 23.40 19.47 25.07
C LEU L 409 23.20 19.32 26.57
N TYR L 410 22.16 19.97 27.09
CA TYR L 410 21.88 19.91 28.53
C TYR L 410 20.85 18.84 28.87
N SER L 411 20.23 18.26 27.84
CA SER L 411 19.18 17.28 28.06
C SER L 411 19.66 15.85 27.84
N LEU L 412 20.13 15.55 26.63
CA LEU L 412 20.58 14.20 26.31
C LEU L 412 22.10 14.14 26.15
N GLY L 413 22.70 15.27 25.81
CA GLY L 413 24.16 15.34 25.70
C GLY L 413 24.69 15.08 24.31
N THR L 414 25.89 14.52 24.24
CA THR L 414 26.61 14.37 22.98
C THR L 414 26.41 13.00 22.32
N SER L 415 25.73 12.09 23.01
CA SER L 415 25.58 10.73 22.51
C SER L 415 24.20 10.46 21.90
N TYR L 416 23.16 10.88 22.61
CA TYR L 416 21.79 10.55 22.21
C TYR L 416 21.07 11.71 21.54
N ALA L 417 20.51 11.45 20.37
CA ALA L 417 19.65 12.43 19.72
C ALA L 417 18.26 12.35 20.36
N GLY L 418 17.49 13.41 20.22
CA GLY L 418 16.14 13.42 20.74
C GLY L 418 15.12 13.37 19.62
N VAL L 419 14.11 12.52 19.78
CA VAL L 419 13.04 12.46 18.79
C VAL L 419 11.71 12.90 19.40
N PHE L 420 11.01 13.75 18.67
CA PHE L 420 9.69 14.24 19.05
C PHE L 420 8.72 13.83 17.94
N GLY L 421 7.43 13.85 18.23
CA GLY L 421 6.46 13.47 17.21
C GLY L 421 5.00 13.62 17.60
N ASN L 422 4.12 13.53 16.61
CA ASN L 422 2.69 13.61 16.82
C ASN L 422 2.01 12.26 16.69
N ASN L 423 2.81 11.20 16.69
CA ASN L 423 2.32 9.87 16.36
C ASN L 423 3.23 8.79 16.95
N GLU L 424 2.69 8.00 17.88
CA GLU L 424 3.52 7.08 18.64
C GLU L 424 4.12 5.95 17.81
N GLU L 425 3.37 5.45 16.83
CA GLU L 425 3.85 4.31 16.04
C GLU L 425 5.05 4.71 15.19
N LEU L 426 5.02 5.93 14.65
CA LEU L 426 6.16 6.43 13.89
C LEU L 426 7.38 6.60 14.80
N ILE L 427 7.15 7.13 15.99
CA ILE L 427 8.19 7.28 17.00
C ILE L 427 8.84 5.94 17.30
N ASN L 428 8.02 4.91 17.46
CA ASN L 428 8.51 3.57 17.79
C ASN L 428 9.32 2.95 16.65
N LYS L 429 8.97 3.29 15.42
CA LYS L 429 9.73 2.82 14.26
C LYS L 429 11.11 3.46 14.23
N ILE L 430 11.18 4.73 14.65
CA ILE L 430 12.45 5.44 14.72
C ILE L 430 13.33 4.82 15.81
N LEU L 431 12.73 4.56 16.97
CA LEU L 431 13.45 3.94 18.08
C LEU L 431 13.94 2.54 17.71
N GLN L 432 13.13 1.81 16.96
CA GLN L 432 13.51 0.50 16.47
C GLN L 432 14.69 0.61 15.51
N SER L 433 14.64 1.62 14.65
CA SER L 433 15.72 1.90 13.71
C SER L 433 16.99 2.29 14.46
N SER L 434 16.80 2.94 15.60
CA SER L 434 17.92 3.35 16.44
C SER L 434 18.65 2.14 17.02
N LYS L 435 17.89 1.08 17.28
CA LYS L 435 18.44 -0.11 17.92
C LYS L 435 19.27 -0.98 16.97
N THR L 436 18.93 -0.96 15.68
CA THR L 436 19.61 -1.81 14.71
C THR L 436 20.71 -1.08 13.96
N SER L 437 20.65 0.25 13.96
CA SER L 437 21.69 1.06 13.33
C SER L 437 22.75 1.42 14.35
N ASN L 438 22.44 1.20 15.62
CA ASN L 438 23.29 1.57 16.74
C ASN L 438 23.66 3.06 16.74
N GLU L 439 22.71 3.88 16.30
CA GLU L 439 22.79 5.33 16.49
C GLU L 439 21.71 5.73 17.49
N PRO L 440 22.10 5.92 18.77
CA PRO L 440 21.20 6.02 19.92
C PRO L 440 20.26 7.22 19.89
N VAL L 441 18.97 6.96 20.12
CA VAL L 441 17.93 8.00 20.11
C VAL L 441 17.01 7.83 21.32
N TRP L 442 16.54 8.93 21.88
CA TRP L 442 15.62 8.88 23.01
C TRP L 442 14.37 9.71 22.76
N TRP L 443 13.21 9.12 23.04
CA TRP L 443 11.93 9.79 22.84
C TRP L 443 11.70 10.85 23.92
N LEU L 444 11.45 12.08 23.48
CA LEU L 444 11.14 13.18 24.39
C LEU L 444 9.72 13.68 24.11
N PRO L 445 9.05 14.25 25.13
CA PRO L 445 7.65 14.63 24.94
C PRO L 445 7.46 15.97 24.25
N ILE L 446 6.32 16.13 23.57
CA ILE L 446 5.89 17.44 23.10
C ILE L 446 4.83 17.94 24.07
N ILE L 447 5.24 18.79 25.01
CA ILE L 447 4.33 19.23 26.06
C ILE L 447 3.46 20.41 25.63
N ASN L 448 2.29 20.00 25.19
CA ASN L 448 1.08 20.77 24.98
C ASN L 448 0.78 21.99 25.85
N GLU L 449 1.10 21.93 27.13
CA GLU L 449 0.87 23.08 28.02
C GLU L 449 1.76 24.31 27.71
N TYR L 450 2.83 24.09 26.94
CA TYR L 450 3.77 25.16 26.61
C TYR L 450 3.36 25.90 25.35
N ARG L 451 2.34 25.39 24.66
CA ARG L 451 1.90 25.95 23.38
C ARG L 451 1.45 27.41 23.51
N ALA L 452 0.82 27.74 24.63
CA ALA L 452 0.27 29.08 24.85
C ALA L 452 1.34 30.17 24.79
N THR L 453 2.59 29.78 25.03
CA THR L 453 3.70 30.73 25.01
C THR L 453 4.07 31.17 23.59
N LEU L 454 3.48 30.51 22.60
CA LEU L 454 3.72 30.86 21.21
C LEU L 454 2.64 31.79 20.66
N ASN L 455 1.71 32.20 21.52
CA ASN L 455 0.62 33.07 21.09
C ASN L 455 1.06 34.51 20.90
N SER L 456 1.43 34.85 19.67
CA SER L 456 1.84 36.21 19.32
C SER L 456 0.69 37.20 19.49
N LYS L 457 1.03 38.41 19.93
CA LYS L 457 0.02 39.46 20.11
C LYS L 457 -0.47 39.97 18.76
N TYR L 458 0.39 39.91 17.75
CA TYR L 458 0.07 40.48 16.45
C TYR L 458 0.00 39.46 15.33
N ALA L 459 0.91 38.49 15.35
CA ALA L 459 0.92 37.45 14.32
C ALA L 459 0.10 36.25 14.78
N ASP L 460 0.00 35.25 13.91
CA ASP L 460 -0.72 34.02 14.25
C ASP L 460 0.03 33.24 15.31
N ILE L 461 1.36 33.25 15.25
CA ILE L 461 2.18 32.47 16.15
C ILE L 461 3.56 33.08 16.36
N ASN L 462 4.14 32.88 17.55
CA ASN L 462 5.51 33.25 17.83
C ASN L 462 6.49 32.20 17.35
N GLN L 463 7.66 32.66 16.91
CA GLN L 463 8.74 31.76 16.51
C GLN L 463 9.35 31.08 17.74
N ILE L 464 9.57 31.87 18.79
CA ILE L 464 10.14 31.36 20.03
C ILE L 464 9.35 31.80 21.24
N SER L 465 9.54 31.11 22.36
CA SER L 465 8.99 31.53 23.62
C SER L 465 9.95 32.50 24.30
N SER L 466 9.42 33.62 24.78
CA SER L 466 10.24 34.62 25.44
C SER L 466 10.58 34.18 26.87
N SER L 467 9.78 33.27 27.40
CA SER L 467 9.93 32.85 28.80
C SER L 467 10.42 31.41 28.97
N VAL L 468 9.66 30.46 28.43
CA VAL L 468 9.94 29.03 28.64
C VAL L 468 11.32 28.63 28.13
N LYS L 469 12.07 27.91 28.97
CA LYS L 469 13.44 27.54 28.68
C LYS L 469 13.58 26.16 28.04
N ALA L 470 12.47 25.42 27.96
CA ALA L 470 12.48 24.12 27.31
C ALA L 470 12.47 24.29 25.79
N SER L 471 13.60 24.76 25.26
CA SER L 471 13.70 25.20 23.87
C SER L 471 13.41 24.11 22.84
N SER L 472 13.89 22.90 23.09
CA SER L 472 13.71 21.80 22.15
C SER L 472 12.25 21.42 22.04
N ILE L 473 11.55 21.42 23.18
CA ILE L 473 10.13 21.12 23.21
C ILE L 473 9.32 22.21 22.52
N VAL L 474 9.65 23.46 22.80
CA VAL L 474 8.95 24.59 22.20
C VAL L 474 9.09 24.59 20.68
N ALA L 475 10.30 24.32 20.21
CA ALA L 475 10.56 24.24 18.77
C ALA L 475 9.75 23.12 18.13
N SER L 476 9.52 22.05 18.90
CA SER L 476 8.70 20.94 18.42
C SER L 476 7.24 21.37 18.31
N LEU L 477 6.78 22.14 19.28
CA LEU L 477 5.43 22.69 19.26
C LEU L 477 5.25 23.63 18.06
N PHE L 478 6.31 24.35 17.72
CA PHE L 478 6.27 25.27 16.58
C PHE L 478 6.14 24.51 15.27
N LEU L 479 7.03 23.56 15.04
CA LEU L 479 7.03 22.76 13.82
C LEU L 479 5.73 21.99 13.64
N LYS L 480 5.16 21.54 14.76
CA LYS L 480 3.92 20.78 14.74
C LYS L 480 2.77 21.56 14.12
N GLU L 481 2.80 22.88 14.30
CA GLU L 481 1.78 23.76 13.74
C GLU L 481 1.79 23.79 12.21
N PHE L 482 2.82 23.19 11.60
CA PHE L 482 2.95 23.21 10.16
C PHE L 482 2.81 21.81 9.55
N VAL L 483 2.24 20.90 10.34
CA VAL L 483 1.87 19.57 9.84
C VAL L 483 0.43 19.30 10.26
N GLN L 484 -0.48 19.29 9.29
CA GLN L 484 -1.90 19.26 9.59
C GLN L 484 -2.47 17.86 9.82
N ASN L 485 -2.08 16.90 9.00
CA ASN L 485 -2.74 15.59 9.04
C ASN L 485 -1.84 14.40 8.69
N THR L 486 -0.54 14.55 8.88
CA THR L 486 0.40 13.50 8.55
C THR L 486 1.17 13.04 9.79
N ALA L 487 1.49 11.75 9.86
CA ALA L 487 2.39 11.24 10.89
C ALA L 487 3.76 11.89 10.72
N TRP L 488 4.27 12.46 11.81
CA TRP L 488 5.47 13.28 11.72
C TRP L 488 6.40 13.10 12.92
N ALA L 489 7.70 13.01 12.64
CA ALA L 489 8.71 12.86 13.68
C ALA L 489 9.82 13.88 13.50
N HIS L 490 10.36 14.37 14.63
CA HIS L 490 11.41 15.38 14.62
C HIS L 490 12.62 14.92 15.42
N ILE L 491 13.76 14.77 14.75
CA ILE L 491 14.97 14.28 15.40
C ILE L 491 16.00 15.40 15.58
N ASP L 492 16.14 15.86 16.81
CA ASP L 492 17.08 16.95 17.13
C ASP L 492 18.47 16.39 17.37
N ILE L 493 19.41 16.70 16.47
CA ILE L 493 20.75 16.15 16.56
C ILE L 493 21.81 17.22 16.84
N ALA L 494 21.38 18.36 17.37
CA ALA L 494 22.27 19.48 17.63
C ALA L 494 23.42 19.11 18.59
N GLY L 495 23.15 18.18 19.49
CA GLY L 495 24.13 17.79 20.48
C GLY L 495 25.07 16.67 20.07
N VAL L 496 24.64 15.85 19.12
CA VAL L 496 25.38 14.62 18.79
C VAL L 496 26.02 14.64 17.42
N SER L 497 25.89 15.75 16.71
CA SER L 497 26.39 15.84 15.34
C SER L 497 27.91 15.87 15.28
N TRP L 498 28.53 16.62 16.18
CA TRP L 498 29.97 16.84 16.13
C TRP L 498 30.74 16.07 17.22
N ASN L 499 31.83 15.44 16.82
CA ASN L 499 32.73 14.78 17.75
C ASN L 499 33.80 15.77 18.22
N PHE L 500 33.60 16.33 19.41
CA PHE L 500 34.47 17.39 19.92
C PHE L 500 35.83 16.86 20.36
N LYS L 501 35.92 15.56 20.62
CA LYS L 501 37.18 14.96 21.04
C LYS L 501 38.10 14.75 19.83
N ALA L 502 37.53 14.30 18.72
CA ALA L 502 38.30 13.99 17.52
C ALA L 502 38.26 15.14 16.52
N ARG L 503 37.49 16.18 16.85
CA ARG L 503 37.40 17.38 16.02
C ARG L 503 36.90 17.10 14.61
N LYS L 504 35.83 16.32 14.50
CA LYS L 504 35.29 15.95 13.19
C LYS L 504 33.82 15.52 13.31
N PRO L 505 33.09 15.51 12.18
CA PRO L 505 31.69 15.09 12.21
C PRO L 505 31.51 13.60 12.52
N LYS L 506 30.34 13.23 13.01
CA LYS L 506 29.98 11.83 13.19
C LYS L 506 29.24 11.31 11.97
N GLY L 507 28.67 12.22 11.20
CA GLY L 507 27.79 11.86 10.10
C GLY L 507 26.53 11.22 10.67
N PHE L 508 26.09 11.74 11.82
CA PHE L 508 24.97 11.16 12.55
C PHE L 508 23.67 11.25 11.76
N GLY L 509 22.93 10.14 11.72
CA GLY L 509 21.62 10.13 11.12
C GLY L 509 21.51 9.35 9.82
N VAL L 510 22.63 9.17 9.14
CA VAL L 510 22.63 8.43 7.87
C VAL L 510 22.15 7.00 8.05
N ARG L 511 22.78 6.30 8.98
CA ARG L 511 22.44 4.91 9.24
C ARG L 511 21.07 4.77 9.92
N LEU L 512 20.72 5.76 10.74
CA LEU L 512 19.43 5.76 11.43
C LEU L 512 18.28 5.83 10.42
N LEU L 513 18.32 6.84 9.56
CA LEU L 513 17.27 7.04 8.57
C LEU L 513 17.22 5.90 7.56
N THR L 514 18.38 5.41 7.14
CA THR L 514 18.46 4.34 6.16
C THR L 514 17.85 3.04 6.71
N GLU L 515 18.21 2.70 7.94
CA GLU L 515 17.63 1.54 8.61
C GLU L 515 16.11 1.70 8.75
N PHE L 516 15.67 2.93 9.00
CA PHE L 516 14.27 3.24 9.09
C PHE L 516 13.55 2.93 7.78
N VAL L 517 14.19 3.31 6.68
CA VAL L 517 13.68 3.00 5.35
C VAL L 517 13.63 1.49 5.11
N LEU L 518 14.72 0.82 5.43
CA LEU L 518 14.91 -0.59 5.09
C LEU L 518 13.98 -1.53 5.86
N ASN L 519 13.78 -1.27 7.15
CA ASN L 519 12.94 -2.15 7.97
C ASN L 519 11.45 -1.97 7.69
N ASP L 520 11.11 -0.80 7.18
CA ASP L 520 9.71 -0.53 6.77
C ASP L 520 9.44 -1.26 5.44
N ALA L 521 10.48 -1.44 4.61
CA ALA L 521 10.42 -2.22 3.36
C ALA L 521 10.32 -3.73 3.63
C CO3 M . -34.49 -58.02 -20.63
O1 CO3 M . -35.40 -57.22 -20.15
O2 CO3 M . -33.81 -58.78 -19.83
O3 CO3 M . -34.26 -58.06 -21.90
ZN ZN N . -34.53 -52.72 -18.85
ZN ZN O . -37.23 -54.56 -17.60
CAA WRC P . -32.54 -55.29 -25.64
CBB WRC P . -32.29 -53.88 -25.13
CAB WRC P . -31.02 -53.32 -25.79
CAC WRC P . -32.08 -53.91 -23.61
CAP WRC P . -33.48 -52.96 -25.48
CAS WRC P . -34.78 -53.45 -24.82
OAD WRC P . -35.48 -54.31 -25.34
N WRC P . -35.10 -52.83 -23.67
CA WRC P . -36.29 -53.21 -22.91
C WRC P . -35.96 -53.16 -21.42
O WRC P . -35.34 -52.22 -20.94
NAQ WRC P . -36.36 -54.24 -20.73
OAF WRC P . -36.06 -54.26 -19.31
CAY WRC P . -37.38 -52.39 -23.22
CAM WRC P . -38.67 -52.83 -22.92
CAK WRC P . -39.77 -52.04 -23.21
CAL WRC P . -37.19 -51.16 -23.82
CAJ WRC P . -38.29 -50.36 -24.11
CAW WRC P . -39.58 -50.80 -23.81
CAX WRC P . -40.66 -49.99 -24.12
CAN WRC P . -40.43 -48.67 -24.50
CAU WRC P . -41.50 -47.85 -24.82
FAG WRC P . -41.28 -46.55 -25.19
CAZ WRC P . -42.79 -48.34 -24.77
FAI WRC P . -43.79 -47.54 -25.08
CAV WRC P . -43.03 -49.66 -24.39
FAH WRC P . -44.31 -50.15 -24.33
CAO WRC P . -41.95 -50.49 -24.07
C22 1PE Q . -61.87 -62.47 -0.85
OH3 1PE Q . -60.89 -61.56 -1.37
C13 1PE Q . -61.03 -59.67 -2.90
C23 1PE Q . -61.11 -61.22 -2.73
OH4 1PE Q . -62.07 -59.24 -3.77
C14 1PE Q . -64.41 -58.65 -4.15
C24 1PE Q . -63.33 -59.00 -3.11
OH5 1PE Q . -65.53 -58.09 -3.51
C25 1PE Q . -66.48 -59.06 -3.06
C14 1PE R . -92.90 -59.37 -17.66
C24 1PE R . -93.21 -59.38 -16.15
OH5 1PE R . -92.46 -60.65 -18.07
C15 1PE R . -90.18 -60.75 -18.92
C25 1PE R . -91.11 -60.94 -17.70
OH6 1PE R . -88.97 -60.14 -18.51
C12 1PE S . -57.84 -60.25 5.33
C22 1PE S . -56.45 -60.84 5.45
OH3 1PE S . -55.47 -59.89 5.04
C13 1PE S . -55.16 -57.49 5.23
C23 1PE S . -55.26 -58.85 5.97
OH4 1PE S . -56.46 -57.00 4.94
C14 1PE S . -57.90 -55.09 4.37
C24 1PE S . -56.46 -55.66 4.36
OH5 1PE S . -58.64 -55.64 3.30
C15 1PE S . -60.62 -55.59 1.90
C25 1PE S . -59.99 -55.21 3.26
OH6 1PE S . -61.15 -56.91 1.99
C16 1PE S . -61.92 -58.81 0.69
C26 1PE S . -60.84 -57.72 0.86
OH7 1PE S . -61.60 -59.93 1.52
S SO4 T . -61.92 -51.71 -0.16
O1 SO4 T . -60.74 -52.06 0.63
O2 SO4 T . -61.95 -50.26 -0.36
O3 SO4 T . -61.84 -52.37 -1.46
O4 SO4 T . -63.13 -52.13 0.54
S SO4 U . -26.04 -43.91 -3.70
O1 SO4 U . -25.86 -44.33 -2.31
O2 SO4 U . -26.35 -42.49 -3.75
O3 SO4 U . -27.14 -44.66 -4.30
O4 SO4 U . -24.81 -44.17 -4.44
C CO3 V . -9.10 -38.14 -19.43
O1 CO3 V . -8.86 -37.09 -18.71
O2 CO3 V . -9.32 -39.29 -18.87
O3 CO3 V . -9.15 -38.01 -20.73
ZN ZN W . -13.65 -41.17 -18.72
ZN ZN X . -10.95 -43.10 -18.02
CAA WRC Y . -12.26 -35.88 -23.41
CBB WRC Y . -13.67 -36.48 -23.41
CAB WRC Y . -14.65 -35.43 -23.93
CAC WRC Y . -14.05 -36.87 -21.98
CAP WRC Y . -13.73 -37.71 -24.32
CAS WRC Y . -12.69 -38.78 -23.95
OAD WRC Y . -11.54 -38.72 -24.38
N WRC Y . -13.14 -39.78 -23.17
CA WRC Y . -12.26 -40.87 -22.73
C WRC Y . -12.55 -41.20 -21.27
O WRC Y . -13.71 -41.26 -20.85
NAQ WRC Y . -11.46 -41.40 -20.51
OAF WRC Y . -11.67 -41.71 -19.15
CAY WRC Y . -12.45 -42.00 -23.51
CAM WRC Y . -11.41 -42.93 -23.67
CAK WRC Y . -11.60 -44.06 -24.45
CAL WRC Y . -13.67 -42.23 -24.13
CAJ WRC Y . -13.85 -43.36 -24.91
CAW WRC Y . -12.82 -44.28 -25.08
CAX WRC Y . -13.04 -45.40 -25.87
CAN WRC Y . -14.35 -45.70 -26.24
CAU WRC Y . -14.60 -46.82 -27.03
FAG WRC Y . -15.87 -47.11 -27.39
CAZ WRC Y . -13.56 -47.61 -27.46
FAI WRC Y . -13.82 -48.68 -28.24
CAV WRC Y . -12.26 -47.31 -27.09
FAH WRC Y . -11.23 -48.10 -27.53
CAO WRC Y . -11.99 -46.20 -26.30
C12 1PE Z . 6.71 -69.89 -12.63
C22 1PE Z . 5.68 -68.87 -13.12
OH3 1PE Z . 5.74 -67.71 -12.29
C13 1PE Z . 4.29 -66.09 -11.23
C23 1PE Z . 4.74 -66.75 -12.56
OH4 1PE Z . 5.29 -65.16 -10.80
C14 1PE Z . 6.74 -65.98 -9.02
C24 1PE Z . 5.49 -65.13 -9.38
OH5 1PE Z . 7.16 -65.68 -7.72
C25 1PE Z . 8.52 -66.02 -7.47
C12 1PE AA . 4.88 -67.81 -6.10
C22 1PE AA . 4.23 -68.29 -7.38
OH3 1PE AA . 3.12 -69.15 -7.08
C13 1PE AA . 0.77 -69.38 -6.56
C23 1PE AA . 1.86 -68.54 -7.26
OH4 1PE AA . 0.29 -68.69 -5.41
C14 1PE AA . -1.41 -67.28 -4.38
C24 1PE AA . -0.78 -67.75 -5.69
OH5 1PE AA . -0.46 -66.54 -3.63
C25 1PE AA . -0.71 -66.51 -2.23
C CO3 BA . -38.79 -26.67 -13.92
O1 CO3 BA . -37.62 -26.42 -13.42
O2 CO3 BA . -39.70 -27.25 -13.18
O3 CO3 BA . -39.07 -26.35 -15.14
ZN ZN CA . -33.85 -26.85 -12.17
ZN ZN DA . -33.95 -29.60 -13.85
CAA WRC EA . -39.04 -28.64 -19.29
CBB WRC EA . -37.87 -29.61 -19.47
CAB WRC EA . -38.29 -30.71 -20.44
CAC WRC EA . -37.52 -30.23 -18.12
CAP WRC EA . -36.65 -28.87 -20.06
CAS WRC EA . -36.26 -27.66 -19.19
OAD WRC EA . -36.78 -26.56 -19.37
N WRC EA . -35.30 -27.89 -18.27
CA WRC EA . -34.85 -26.81 -17.38
C WRC EA . -34.53 -27.40 -16.00
O WRC EA . -33.77 -28.36 -15.86
NAQ WRC EA . -35.18 -26.81 -15.00
OAF WRC EA . -34.97 -27.31 -13.68
CAY WRC EA . -33.77 -26.12 -17.92
CAM WRC EA . -33.51 -24.81 -17.52
CAK WRC EA . -32.44 -24.12 -18.08
CAL WRC EA . -32.97 -26.73 -18.89
CAJ WRC EA . -31.90 -26.03 -19.43
CAW WRC EA . -31.63 -24.72 -19.03
CAX WRC EA . -30.56 -24.04 -19.59
CAN WRC EA . -29.77 -24.69 -20.53
CAU WRC EA . -28.70 -24.04 -21.11
FAG WRC EA . -27.93 -24.67 -22.02
CAZ WRC EA . -28.41 -22.72 -20.76
FAI WRC EA . -27.37 -22.11 -21.33
CAV WRC EA . -29.20 -22.07 -19.83
FAH WRC EA . -28.91 -20.78 -19.49
CAO WRC EA . -30.28 -22.73 -19.24
C12 1PE FA . -21.55 -11.59 11.78
C22 1PE FA . -21.71 -13.10 11.82
OH3 1PE FA . -21.01 -13.68 10.73
C13 1PE FA . -19.07 -13.37 9.33
C23 1PE FA . -19.61 -13.52 10.77
OH4 1PE FA . -17.65 -13.23 9.34
C14 1PE FA . -16.69 -11.27 8.24
C24 1PE FA . -17.11 -12.74 8.08
OH5 1PE FA . -17.41 -10.47 7.34
C15 1PE FA . -18.22 -8.18 7.21
C25 1PE FA . -16.98 -9.11 7.31
OH6 1PE FA . -18.92 -8.20 8.44
C16 1PE FA . -19.92 -6.89 10.21
C26 1PE FA . -19.69 -7.04 8.69
OH7 1PE FA . -20.85 -7.86 10.64
C12 1PE GA . -22.56 -3.09 7.97
C22 1PE GA . -21.95 -4.46 7.67
OH3 1PE GA . -22.98 -5.45 7.64
C13 1PE GA . -22.91 -6.72 5.57
C23 1PE GA . -23.60 -5.59 6.38
OH4 1PE GA . -22.47 -6.22 4.32
C14 1PE GA . -20.65 -5.72 2.75
C24 1PE GA . -21.04 -6.32 4.12
OH5 1PE GA . -20.19 -4.40 2.91
C15 1PE GA . -18.44 -2.92 3.70
C25 1PE GA . -19.20 -4.24 3.92
C13 1PE HA . -8.07 19.07 -6.52
OH4 1PE HA . -9.30 18.65 -7.12
C14 1PE HA . -11.37 19.90 -6.70
C24 1PE HA . -10.44 18.75 -6.24
OH5 1PE HA . -12.31 19.41 -7.63
C15 1PE HA . -12.99 21.54 -8.57
C25 1PE HA . -13.43 20.26 -7.83
S SO4 IA . -13.97 -10.14 3.91
O1 SO4 IA . -13.20 -9.33 4.84
O2 SO4 IA . -14.72 -9.28 3.01
O3 SO4 IA . -13.07 -10.99 3.14
O4 SO4 IA . -14.91 -10.98 4.65
S SO4 JA . -3.09 14.93 -29.66
O1 SO4 JA . -1.76 14.61 -29.14
O2 SO4 JA . -3.59 16.14 -29.00
O3 SO4 JA . -3.01 15.17 -31.09
O4 SO4 JA . -4.00 13.83 -29.41
C CO3 KA . -37.09 -18.15 -41.69
O1 CO3 KA . -36.89 -18.06 -40.41
O2 CO3 KA . -38.11 -18.79 -42.15
O3 CO3 KA . -36.26 -17.58 -42.51
ZN ZN LA . -40.00 -21.99 -44.79
ZN ZN MA . -37.30 -23.40 -44.12
CAA WRC NA . -33.82 -20.90 -37.87
CBB WRC NA . -33.70 -22.37 -38.28
CAB WRC NA . -32.37 -22.92 -37.76
CAC WRC NA . -33.72 -22.49 -39.80
CAP WRC NA . -34.84 -23.20 -37.66
CAS WRC NA . -36.22 -22.67 -38.06
OAD WRC NA . -36.79 -21.80 -37.40
N WRC NA . -36.76 -23.22 -39.15
CA WRC NA . -38.07 -22.81 -39.66
C WRC NA . -38.11 -22.93 -41.18
O WRC NA . -37.65 -23.92 -41.75
NAQ WRC NA . -38.67 -21.89 -41.81
OAF WRC NA . -38.72 -21.95 -43.24
CAY WRC NA . -39.07 -23.60 -39.10
CAM WRC NA . -40.38 -23.12 -39.03
CAK WRC NA . -41.38 -23.91 -38.48
CAL WRC NA . -38.77 -24.87 -38.63
CAJ WRC NA . -39.77 -25.67 -38.08
CAW WRC NA . -41.08 -25.18 -38.00
CAX WRC NA . -42.07 -25.97 -37.46
CAN WRC NA . -41.74 -27.23 -36.95
CAU WRC NA . -42.74 -28.03 -36.40
FAG WRC NA . -42.43 -29.26 -35.91
CAZ WRC NA . -44.05 -27.56 -36.35
FAI WRC NA . -44.99 -28.34 -35.82
CAV WRC NA . -44.37 -26.32 -36.85
FAH WRC NA . -45.65 -25.87 -36.80
CAO WRC NA . -43.38 -25.52 -37.41
C13 1PE OA . -71.09 -17.18 -53.01
OH4 1PE OA . -70.29 -18.16 -52.34
C14 1PE OA . -67.95 -18.09 -52.99
C24 1PE OA . -68.99 -17.69 -51.93
OH5 1PE OA . -66.94 -17.10 -53.03
C15 1PE OA . -66.83 -15.15 -54.47
C25 1PE OA . -66.60 -16.68 -54.35
OH6 1PE OA . -66.90 -14.79 -55.84
C16 1PE OA . -69.24 -14.70 -56.41
C26 1PE OA . -67.95 -13.90 -56.16
OH7 1PE OA . -70.14 -13.93 -57.18
OH4 1PE PA . -63.38 -17.85 -63.27
C14 1PE PA . -64.51 -19.84 -62.45
C24 1PE PA . -63.30 -19.30 -63.22
OH5 1PE PA . -64.31 -21.20 -62.12
C15 1PE PA . -66.42 -21.32 -60.90
C25 1PE PA . -64.90 -21.60 -60.89
OH6 1PE PA . -66.86 -21.06 -59.57
C16 1PE PA . -68.18 -19.47 -58.32
C26 1PE PA . -68.15 -20.44 -59.50
OH7 1PE PA . -68.96 -20.03 -57.26
S SO4 QA . -87.51 -40.99 -33.43
O1 SO4 QA . -86.43 -41.58 -32.67
O2 SO4 QA . -88.13 -39.92 -32.66
O3 SO4 QA . -86.98 -40.43 -34.68
O4 SO4 QA . -88.51 -42.01 -33.75
C CO3 RA . -12.07 -37.57 -48.46
O1 CO3 RA . -11.67 -37.92 -47.27
O2 CO3 RA . -11.84 -38.35 -49.47
O3 CO3 RA . -12.67 -36.44 -48.63
ZN ZN SA . -14.18 -32.83 -49.34
ZN ZN TA . -16.82 -34.59 -48.14
CAA WRC UA . -14.19 -39.98 -43.95
CBB WRC UA . -15.62 -39.51 -43.70
CAB WRC UA . -16.43 -40.69 -43.14
CAC WRC UA . -16.24 -39.06 -45.03
CAP WRC UA . -15.65 -38.35 -42.68
CAS WRC UA . -14.70 -37.22 -43.10
OAD WRC UA . -13.53 -37.20 -42.72
N WRC UA . -15.25 -36.27 -43.87
CA WRC UA . -14.48 -35.14 -44.40
C WRC UA . -15.02 -34.80 -45.79
O WRC UA . -16.23 -34.75 -46.00
NAQ WRC UA . -14.08 -34.61 -46.73
OAF WRC UA . -14.54 -34.30 -48.06
CAY WRC UA . -14.53 -34.02 -43.57
CAM WRC UA . -13.56 -33.03 -43.71
CAK WRC UA . -13.59 -31.90 -42.90
CAL WRC UA . -15.53 -33.88 -42.62
CAJ WRC UA . -15.55 -32.76 -41.80
CAW WRC UA . -14.58 -31.77 -41.94
CAX WRC UA . -14.63 -30.65 -41.11
CAN WRC UA . -15.75 -30.45 -40.31
CAU WRC UA . -15.81 -29.34 -39.48
FAG WRC UA . -16.88 -29.15 -38.71
CAZ WRC UA . -14.76 -28.45 -39.44
FAI WRC UA . -14.82 -27.38 -38.62
CAV WRC UA . -13.63 -28.64 -40.23
FAH WRC UA . -12.62 -27.76 -40.20
CAO WRC UA . -13.57 -29.75 -41.08
OH3 1PE VA . -3.24 -6.91 -62.54
C13 1PE VA . -5.60 -6.36 -62.40
C23 1PE VA . -4.13 -5.84 -62.33
OH4 1PE VA . -5.88 -6.83 -63.72
C14 1PE VA . -7.35 -7.99 -65.29
C24 1PE VA . -7.07 -7.65 -63.81
OH5 1PE VA . -7.12 -9.36 -65.52
C15 1PE VA . -5.19 -8.98 -66.93
C25 1PE VA . -6.57 -9.65 -66.80
OH6 1PE VA . -4.21 -9.94 -67.31
C12 1PE WA . 2.85 -3.97 -59.60
C22 1PE WA . 1.43 -4.43 -59.32
OH3 1PE WA . 1.42 -5.36 -58.25
C13 1PE WA . 0.04 -6.89 -56.98
C23 1PE WA . 0.18 -5.47 -57.59
OH4 1PE WA . 0.27 -7.87 -57.99
C14 1PE WA . -0.60 -9.87 -59.09
C24 1PE WA . -0.40 -9.13 -57.75
OH5 1PE WA . 0.61 -9.89 -59.79
C15 1PE WA . 1.84 -10.18 -61.86
C25 1PE WA . 0.46 -10.00 -61.21
OH6 1PE WA . 2.14 -9.05 -62.67
C13 1PE XA . -22.97 -11.11 -64.35
OH4 1PE XA . -24.16 -10.95 -63.59
C14 1PE XA . -23.47 -10.32 -61.32
C24 1PE XA . -24.05 -11.43 -62.22
OH5 1PE XA . -23.32 -10.80 -60.02
C25 1PE XA . -22.54 -9.96 -59.17
C CO3 YA . -42.06 -49.66 -47.68
O1 CO3 YA . -42.37 -49.90 -46.45
O2 CO3 YA . -40.91 -50.05 -48.17
O3 CO3 YA . -42.89 -49.01 -48.44
ZN ZN ZA . -36.94 -49.81 -50.38
ZN ZN AB . -37.18 -46.78 -48.48
CAA WRC BB . -41.11 -47.45 -42.09
CBB WRC BB . -40.00 -46.48 -42.50
CAB WRC BB . -40.14 -45.21 -41.67
CAC WRC BB . -40.14 -46.13 -43.98
CAP WRC BB . -38.61 -47.10 -42.23
CAS WRC BB . -38.38 -48.34 -43.11
OAD WRC BB . -38.83 -49.44 -42.79
N WRC BB . -37.61 -48.15 -44.19
CA WRC BB . -37.32 -49.25 -45.11
C WRC BB . -37.15 -48.75 -46.54
O WRC BB . -36.32 -47.89 -46.82
NAQ WRC BB . -37.97 -49.33 -47.42
OAF WRC BB . -37.87 -48.91 -48.78
CAY WRC BB . -36.16 -49.91 -44.72
CAM WRC BB . -35.93 -51.18 -45.24
CAK WRC BB . -34.78 -51.87 -44.88
CAL WRC BB . -35.26 -49.32 -43.85
CAJ WRC BB . -34.12 -50.00 -43.49
CAW WRC BB . -33.88 -51.27 -44.00
CAX WRC BB . -32.72 -51.93 -43.61
CAN WRC BB . -31.92 -51.33 -42.66
CAU WRC BB . -30.75 -51.96 -42.24
FAG WRC BB . -29.97 -51.38 -41.31
CAZ WRC BB . -30.40 -53.20 -42.77
FAI WRC BB . -29.27 -53.80 -42.34
CAV WRC BB . -31.21 -53.81 -43.72
FAH WRC BB . -30.86 -55.01 -44.22
CAO WRC BB . -32.38 -53.17 -44.14
OH4 1PE CB . -24.68 -73.11 -70.34
C14 1PE CB . -24.92 -72.16 -68.10
C24 1PE CB . -25.39 -73.25 -69.09
OH5 1PE CB . -26.03 -71.42 -67.66
C15 1PE CB . -28.01 -70.12 -68.16
C25 1PE CB . -26.69 -70.69 -68.69
OH6 1PE CB . -28.79 -69.56 -69.21
C16 1PE CB . -29.74 -70.25 -71.32
C26 1PE CB . -29.70 -70.47 -69.80
OH7 1PE CB . -30.09 -71.47 -71.97
C12 1PE DB . -61.48 -46.12 -50.33
C22 1PE DB . -60.97 -46.12 -51.77
OH3 1PE DB . -61.93 -45.50 -52.62
C13 1PE DB . -61.25 -46.84 -54.53
C23 1PE DB . -62.42 -46.34 -53.65
OH4 1PE DB . -61.64 -47.99 -55.28
C14 1PE DB . -62.26 -49.88 -53.87
C24 1PE DB . -61.16 -49.25 -54.75
OH5 1PE DB . -61.75 -50.98 -53.17
C15 1PE DB . -62.02 -51.02 -50.75
C25 1PE DB . -62.61 -51.43 -52.12
OH6 1PE DB . -60.96 -51.91 -50.42
S SO4 EB . -31.74 -32.21 -60.59
O1 SO4 EB . -30.40 -32.03 -60.03
O2 SO4 EB . -32.67 -31.31 -59.91
O3 SO4 EB . -31.72 -31.89 -62.02
O4 SO4 EB . -32.16 -33.59 -60.40
C CO3 FB . 23.38 18.13 42.67
O1 CO3 FB . 24.08 17.61 43.63
O2 CO3 FB . 22.54 19.08 42.93
O3 CO3 FB . 23.51 17.67 41.46
ZN ZN GB . 20.60 21.95 45.51
ZN ZN HB . 23.29 23.64 44.66
CAA WRC IB . 25.45 21.01 38.03
CBB WRC IB . 25.66 22.49 38.39
CAB WRC IB . 26.93 22.99 37.70
CAC WRC IB . 25.83 22.62 39.90
CAP WRC IB . 24.46 23.32 37.91
CAS WRC IB . 23.17 22.88 38.60
OAD WRC IB . 22.50 21.94 38.17
N WRC IB . 22.80 23.61 39.66
CA WRC IB . 21.60 23.26 40.44
C WRC IB . 21.93 23.35 41.93
O WRC IB . 22.37 24.39 42.42
NAQ WRC IB . 21.73 22.22 42.60
OAF WRC IB . 22.02 22.23 44.00
CAY WRC IB . 20.50 24.08 40.12
CAM WRC IB . 19.23 23.62 40.41
CAK WRC IB . 18.12 24.40 40.12
CAL WRC IB . 20.67 25.31 39.52
CAJ WRC IB . 19.55 26.10 39.21
CAW WRC IB . 18.28 25.64 39.52
CAX WRC IB . 17.16 26.41 39.22
CAN WRC IB . 17.32 27.75 38.86
CAU WRC IB . 16.19 28.51 38.56
FAG WRC IB . 16.33 29.81 38.22
CAZ WRC IB . 14.93 27.93 38.60
FAI WRC IB . 13.89 28.66 38.32
CAV WRC IB . 14.78 26.60 38.95
FAH WRC IB . 13.54 26.04 38.99
CAO WRC IB . 15.90 25.83 39.26
C12 1PE JB . -7.56 17.49 60.37
C22 1PE JB . -6.35 17.26 59.48
OH3 1PE JB . -5.15 17.32 60.26
C13 1PE JB . -3.03 16.30 60.79
C23 1PE JB . -4.04 16.68 59.68
OH4 1PE JB . -3.24 14.95 61.20
C14 1PE JB . -3.41 13.29 62.99
C24 1PE JB . -2.96 14.70 62.60
OH5 1PE JB . -4.73 13.33 63.49
C22 1PE KB . 0.76 14.98 69.38
OH3 1PE KB . 0.51 16.18 68.67
C13 1PE KB . 0.94 18.54 68.96
C23 1PE KB . 1.55 17.13 68.74
OH4 1PE KB . 1.63 19.50 68.16
C14 1PE KB . -0.32 20.95 67.99
C24 1PE KB . 1.17 20.86 68.35
OH5 1PE KB . -0.47 21.27 66.63
C15 1PE KB . -2.79 20.64 66.28
C25 1PE KB . -1.77 21.79 66.30
OH6 1PE KB . -3.41 20.57 64.99
C26 1PE KB . -3.85 19.27 64.63
S SO4 LB . -4.01 24.40 63.40
O1 SO4 LB . -4.15 23.31 64.38
O2 SO4 LB . -3.42 25.56 64.04
O3 SO4 LB . -5.32 24.74 62.88
O4 SO4 LB . -3.15 23.94 62.31
S SO4 MB . -29.79 35.24 30.13
O1 SO4 MB . -28.84 34.89 31.18
O2 SO4 MB . -30.77 36.18 30.65
O3 SO4 MB . -29.06 35.86 29.03
O4 SO4 MB . -30.47 34.04 29.66
S SO4 NB . 31.79 32.37 59.82
O1 SO4 NB . 31.89 32.18 61.27
O2 SO4 NB . 31.52 33.76 59.53
O3 SO4 NB . 30.72 31.55 59.28
O4 SO4 NB . 33.05 31.97 59.20
C CO3 OB . 48.85 38.14 44.34
O1 CO3 OB . 48.93 38.89 45.39
O2 CO3 OB . 48.48 36.90 44.44
O3 CO3 OB . 49.16 38.64 43.17
ZN ZN PB . 46.82 33.20 45.57
ZN ZN QB . 44.06 35.07 44.82
CAA WRC RB . 45.68 40.44 39.83
CBB WRC RB . 44.28 39.84 39.98
CAB WRC RB . 43.25 40.89 39.55
CAC WRC RB . 44.03 39.47 41.44
CAP WRC RB . 44.13 38.60 39.08
CAS WRC RB . 45.15 37.52 39.44
OAD WRC RB . 46.29 37.53 38.97
N WRC RB . 44.70 36.54 40.24
CA WRC RB . 45.57 35.44 40.67
C WRC RB . 45.26 35.07 42.13
O WRC RB . 44.11 34.92 42.52
NAQ WRC RB . 46.36 34.94 42.91
OAF WRC RB . 46.14 34.61 44.28
CAY WRC RB . 45.41 34.32 39.86
CAM WRC RB . 46.38 33.31 39.87
CAK WRC RB . 46.23 32.19 39.05
CAL WRC RB . 44.29 34.19 39.04
CAJ WRC RB . 44.15 33.07 38.22
CAW WRC RB . 45.11 32.07 38.24
CAX WRC RB . 44.96 30.95 37.42
CAN WRC RB . 43.75 30.72 36.78
CAU WRC RB . 43.61 29.60 35.97
FAG WRC RB . 42.42 29.36 35.35
CAZ WRC RB . 44.67 28.73 35.78
FAI WRC RB . 44.53 27.67 35.00
CAV WRC RB . 45.88 28.97 36.42
FAH WRC RB . 46.92 28.13 36.23
CAO WRC RB . 46.03 30.09 37.23
C12 1PE SB . 67.31 10.57 55.56
C22 1PE SB . 65.97 10.32 56.26
OH3 1PE SB . 64.89 10.52 55.34
C13 1PE SB . 63.78 11.81 53.63
C23 1PE SB . 64.93 11.75 54.68
OH4 1PE SB . 63.54 10.49 53.14
C14 1PE SB . 62.89 9.49 51.01
C24 1PE SB . 62.47 10.42 52.17
OH5 1PE SB . 63.42 8.30 51.55
C25 1PE SB . 63.56 7.24 50.59
C12 1PE TB . 62.76 7.15 57.30
C22 1PE TB . 62.19 7.63 55.97
OH3 1PE TB . 60.87 8.13 56.16
C13 1PE TB . 59.13 7.16 57.56
C23 1PE TB . 59.88 7.14 56.19
OH4 1PE TB . 57.85 7.77 57.40
C14 1PE TB . 57.16 9.37 59.13
C24 1PE TB . 57.12 7.90 58.66
OH5 1PE TB . 56.79 9.45 60.48
C25 1PE TB . 57.56 10.38 61.23
C CO3 UB . 19.00 49.63 49.60
O1 CO3 UB . 20.25 49.80 49.92
O2 CO3 UB . 18.15 49.23 50.50
O3 CO3 UB . 18.60 49.83 48.38
ZN ZN VB . 24.50 49.80 50.88
ZN ZN WB . 23.91 47.01 49.20
CAA WRC XB . 18.83 47.49 44.35
CBB WRC XB . 20.05 46.64 43.97
CAB WRC XB . 19.61 45.50 43.05
CAC WRC XB . 20.68 46.05 45.24
CAP WRC XB . 21.09 47.50 43.22
CAS WRC XB . 21.48 48.74 44.04
OAD WRC XB . 20.86 49.80 43.92
N WRC XB . 22.52 48.58 44.85
CA WRC XB . 23.01 49.64 45.74
C WRC XB . 23.36 49.01 47.08
O WRC XB . 23.88 47.90 47.14
NAQ WRC XB . 23.01 49.73 48.15
OAF WRC XB . 23.31 49.15 49.44
CAY WRC XB . 24.12 50.26 45.19
CAM WRC XB . 24.42 51.58 45.55
CAK WRC XB . 25.53 52.22 45.00
CAL WRC XB . 24.93 49.60 44.27
CAJ WRC XB . 26.03 50.24 43.74
CAW WRC XB . 26.33 51.54 44.10
CAX WRC XB . 27.44 52.18 43.54
CAN WRC XB . 28.37 51.43 42.83
CAU WRC XB . 29.47 52.05 42.27
FAG WRC XB . 30.37 51.33 41.58
CAZ WRC XB . 29.62 53.42 42.40
FAI WRC XB . 30.68 54.00 41.85
CAV WRC XB . 28.69 54.17 43.10
FAH WRC XB . 28.86 55.52 43.23
CAO WRC XB . 27.59 53.55 43.67
C12 1PE YB . 35.93 65.24 75.66
C22 1PE YB . 36.98 64.14 75.71
OH3 1PE YB . 36.66 63.13 74.75
C13 1PE YB . 38.96 63.11 74.01
C23 1PE YB . 37.74 62.27 74.44
OH4 1PE YB . 39.81 62.35 73.15
C14 1PE YB . 40.70 64.39 72.12
C24 1PE YB . 40.10 63.00 71.88
OH5 1PE YB . 40.38 65.23 71.04
C15 1PE YB . 39.90 67.56 70.54
C25 1PE YB . 40.89 66.56 71.18
OH6 1PE YB . 39.05 68.09 71.54
C26 1PE YB . 38.39 69.29 71.16
C12 1PE ZB . 38.58 74.02 67.67
C22 1PE ZB . 38.96 72.69 67.03
OH3 1PE ZB . 37.78 72.03 66.54
C13 1PE ZB . 36.12 70.33 66.90
C23 1PE ZB . 37.61 70.73 67.05
OH4 1PE ZB . 35.69 69.60 68.04
C14 1PE ZB . 34.87 70.02 70.31
C24 1PE ZB . 34.65 70.27 68.80
OH5 1PE ZB . 34.58 71.20 71.03
C12 1PE AC . 45.34 96.10 58.28
C22 1PE AC . 45.75 95.12 57.18
OH3 1PE AC . 45.78 95.78 55.91
C13 1PE AC . 44.87 97.50 54.48
C23 1PE AC . 44.58 96.44 55.57
OH4 1PE AC . 44.08 98.65 54.70
C14 1PE AC . 45.75 100.34 55.27
C24 1PE AC . 44.69 99.89 54.25
OH5 1PE AC . 46.77 101.04 54.60
C CO3 BC . 20.78 57.88 21.41
O1 CO3 BC . 21.40 58.96 21.03
O2 CO3 BC . 21.06 57.35 22.56
O3 CO3 BC . 19.89 57.34 20.63
ZN ZN CC . 17.75 54.24 19.13
ZN ZN DC . 20.54 52.76 19.52
CAA WRC EC . 23.60 55.34 25.33
CBB WRC EC . 23.91 53.85 25.19
CAB WRC EC . 25.22 53.55 25.91
CAC WRC EC . 24.05 53.48 23.71
CAP WRC EC . 22.79 53.01 25.83
CAS WRC EC . 21.40 53.54 25.48
OAD WRC EC . 20.78 54.29 26.24
N WRC EC . 20.89 53.12 24.32
CA WRC EC . 19.57 53.54 23.83
C WRC EC . 19.55 53.49 22.30
O WRC EC . 19.67 52.43 21.69
NAQ WRC EC . 19.43 54.69 21.71
OAF WRC EC . 19.42 54.72 20.25
CAY WRC EC . 18.58 52.72 24.36
CAM WRC EC . 17.27 53.20 24.46
CAK WRC EC . 16.27 52.39 25.00
CAL WRC EC . 18.88 51.42 24.77
CAJ WRC EC . 17.88 50.62 25.29
CAW WRC EC . 16.58 51.09 25.41
CAX WRC EC . 15.60 50.26 25.94
CAN WRC EC . 15.96 48.96 26.27
CAU WRC EC . 15.02 48.09 26.81
FAG WRC EC . 15.36 46.83 27.13
CAZ WRC EC . 13.72 48.54 27.03
FAI WRC EC . 12.83 47.71 27.55
CAV WRC EC . 13.37 49.84 26.71
FAH WRC EC . 12.09 50.26 26.92
CAO WRC EC . 14.31 50.70 26.16
C12 1PE FC . -11.05 61.70 5.65
C22 1PE FC . -10.77 61.83 7.14
OH3 1PE FC . -9.35 61.73 7.37
C13 1PE FC . -8.66 59.98 8.89
C23 1PE FC . -9.01 61.49 8.71
OH4 1PE FC . -9.17 59.53 10.14
C14 1PE FC . -10.80 58.16 11.34
C24 1PE FC . -10.02 58.35 10.04
OH5 1PE FC . -12.16 58.47 11.12
C25 1PE FC . -12.88 57.47 10.41
C12 1PE GC . -7.17 59.68 0.37
C22 1PE GC . -5.83 59.04 0.68
OH3 1PE GC . -6.03 57.79 1.35
C13 1PE GC . -6.78 55.54 0.87
C23 1PE GC . -5.77 56.67 0.55
OH4 1PE GC . -6.80 55.27 2.27
C14 1PE GC . -9.13 55.06 2.96
C24 1PE GC . -7.81 54.32 2.68
OH5 1PE GC . -9.24 55.29 4.34
C25 1PE GC . -10.44 55.98 4.72
S SO4 HC . 26.15 44.17 2.84
O1 SO4 HC . 27.50 44.48 3.29
O2 SO4 HC . 25.24 45.22 3.30
O3 SO4 HC . 26.13 44.09 1.39
O4 SO4 HC . 25.74 42.89 3.41
C CO3 IC . 45.86 38.77 14.62
O1 CO3 IC . 45.46 40.00 14.76
O2 CO3 IC . 46.16 38.08 15.68
O3 CO3 IC . 45.95 38.24 13.45
ZN ZN JC . 43.76 43.67 14.22
ZN ZN KC . 41.16 41.56 15.05
CAA WRC LC . 43.37 36.32 19.49
CBB WRC LC . 41.97 36.89 19.75
CAB WRC LC . 41.11 35.80 20.40
CAC WRC LC . 41.33 37.30 18.43
CAP WRC LC . 42.06 38.09 20.72
CAS WRC LC . 43.06 39.15 20.22
OAD WRC LC . 44.24 39.11 20.54
N WRC LC . 42.53 40.12 19.45
CA WRC LC . 43.37 41.19 18.90
C WRC LC . 42.87 41.55 17.49
O WRC LC . 41.68 41.66 17.25
NAQ WRC LC . 43.85 41.72 16.59
OAF WRC LC . 43.46 42.05 15.28
CAY WRC LC . 43.35 42.30 19.72
CAM WRC LC . 44.39 43.23 19.65
CAK WRC LC . 44.38 44.35 20.48
CAL WRC LC . 42.29 42.50 20.59
CAJ WRC LC . 42.29 43.61 21.41
CAW WRC LC . 43.32 44.53 21.36
CAX WRC LC . 43.29 45.64 22.19
CAN WRC LC . 42.10 45.93 22.86
CAU WRC LC . 42.03 47.02 23.72
FAG WRC LC . 40.89 47.29 24.35
CAZ WRC LC . 43.15 47.82 23.90
FAI WRC LC . 43.08 48.85 24.72
CAV WRC LC . 44.34 47.53 23.24
FAH WRC LC . 45.43 48.31 23.43
CAO WRC LC . 44.40 46.43 22.38
C12 1PE MC . 57.81 70.95 6.66
C22 1PE MC . 58.95 70.01 6.31
OH3 1PE MC . 58.46 68.96 5.48
C13 1PE MC . 57.22 66.91 5.17
C23 1PE MC . 57.75 67.96 6.18
OH4 1PE MC . 58.26 66.54 4.26
C14 1PE MC . 57.99 66.50 1.83
C24 1PE MC . 57.80 65.73 3.16
OH5 1PE MC . 59.33 66.41 1.42
C15 1PE MC . 60.99 68.10 0.92
C25 1PE MC . 59.71 67.37 0.45
OH6 1PE MC . 61.10 69.35 0.25
S SO4 NC . 50.75 71.70 4.67
O1 SO4 NC . 51.92 72.00 3.85
O2 SO4 NC . 50.63 72.68 5.74
O3 SO4 NC . 49.55 71.73 3.84
O4 SO4 NC . 50.90 70.36 5.24
C CO3 OC . 16.09 26.69 15.62
O1 CO3 OC . 16.24 26.50 16.90
O2 CO3 OC . 17.11 26.63 14.82
O3 CO3 OC . 14.91 26.94 15.15
ZN ZN PC . 20.74 29.64 14.68
ZN ZN QC . 20.68 26.54 13.19
CAA WRC RC . 16.41 28.97 20.85
CBB WRC RC . 17.68 29.83 20.83
CAB WRC RC . 17.49 31.03 21.77
CAC WRC RC . 17.92 30.34 19.42
CAP WRC RC . 18.89 29.01 21.32
CAS WRC RC . 19.16 27.81 20.40
OAD WRC RC . 18.56 26.74 20.55
N WRC RC . 20.10 28.01 19.46
CA WRC RC . 20.44 26.97 18.48
C WRC RC . 20.59 27.62 17.11
O WRC RC . 21.22 28.68 16.98
NAQ WRC RC . 19.99 26.97 16.11
OAF WRC RC . 20.10 27.56 14.80
CAY WRC RC . 21.64 26.34 18.82
CAM WRC RC . 21.91 25.08 18.29
CAK WRC RC . 23.10 24.43 18.60
CAL WRC RC . 22.55 26.95 19.67
CAJ WRC RC . 23.74 26.30 19.98
CAW WRC RC . 24.01 25.04 19.46
CAX WRC RC . 25.20 24.40 19.77
CAN WRC RC . 26.19 25.11 20.44
CAU WRC RC . 27.38 24.48 20.78
FAG WRC RC . 28.35 25.15 21.41
CAZ WRC RC . 27.58 23.14 20.45
FAI WRC RC . 28.73 22.54 20.76
CAV WRC RC . 26.58 22.43 19.78
FAH WRC RC . 26.78 21.12 19.46
CAO WRC RC . 25.39 23.06 19.45
OH4 1PE SC . 28.08 4.92 -8.08
C14 1PE SC . 27.83 5.64 -5.76
C24 1PE SC . 27.22 5.66 -7.17
OH5 1PE SC . 28.62 6.78 -5.57
C15 1PE SC . 30.56 5.64 -4.66
C25 1PE SC . 29.48 6.72 -4.43
OH6 1PE SC . 30.17 4.43 -4.01
C16 1PE SC . 32.41 3.68 -4.57
C26 1PE SC . 31.25 3.62 -3.57
OH7 1PE SC . 32.33 2.56 -5.45
OH4 1PE TC . 27.83 11.60 -12.93
C14 1PE TC . 28.62 13.76 -12.12
C24 1PE TC . 27.41 12.95 -12.62
OH5 1PE TC . 29.72 13.54 -12.98
C15 1PE TC . 31.92 12.51 -12.75
C25 1PE TC . 31.00 13.69 -12.35
OH6 1PE TC . 32.21 11.74 -11.59
C16 1PE TC . 33.32 9.89 -10.49
C26 1PE TC . 32.88 10.50 -11.83
OH7 1PE TC . 32.62 8.68 -10.25
OH4 1PE UC . -2.88 29.95 12.60
C14 1PE UC . -3.52 30.53 10.33
C24 1PE UC . -3.81 29.64 11.54
OH5 1PE UC . -4.09 29.98 9.16
C15 1PE UC . -4.08 27.72 8.26
C25 1PE UC . -3.27 29.01 8.51
OH6 1PE UC . -3.24 26.59 8.49
C16 1PE UC . -4.42 25.69 10.39
C26 1PE UC . -3.96 25.45 8.95
OH7 1PE UC . -4.03 24.59 11.21
S SO4 VC . -1.35 12.11 13.07
O1 SO4 VC . -0.12 11.36 12.88
O2 SO4 VC . -1.05 13.49 13.39
O3 SO4 VC . -2.15 12.06 11.84
O4 SO4 VC . -2.11 11.51 14.16
#